data_9E2U
#
_entry.id   9E2U
#
_cell.length_a   208.590
_cell.length_b   279.059
_cell.length_c   286.298
_cell.angle_alpha   90.000
_cell.angle_beta   90.000
_cell.angle_gamma   90.000
#
_symmetry.space_group_name_H-M   'P 21 21 21'
#
loop_
_entity.id
_entity.type
_entity.pdbx_description
1 polymer 'DNA damage-binding protein 1'
2 polymer 'Protein cereblon'
3 polymer 'Zinc finger protein Helios'
4 non-polymer 3-[3-[[1-[(3~{S})-2,6-bis(oxidanylidene)piperidin-3-yl]-2,5-bis(oxidanylidene)pyrrol-3-yl]amino]phenyl]-~{N}-(3-chloranyl-4-methyl-phenyl)propanamide
5 non-polymer 'ZINC ION'
#
loop_
_entity_poly.entity_id
_entity_poly.type
_entity_poly.pdbx_seq_one_letter_code
_entity_poly.pdbx_strand_id
1 'polypeptide(L)'
;MGSSHHHHHHSAAHIVMVDAYKPTKGGRMSYNYVVTAQKPTAVNGCVTGHFTSAEDLNLLIAKNTRLEIYVVTAEGLRPV
KEVGMYGKIAVMELFRPKGESKDLLFILTAKYNACILEYKQSGESIDIITRAHGNVQDRIGRPSETGIIGIIDPECRMIG
LRLYDGLFKVIPLDRDNKELKAFNIRLEELHVIDVKFLYGCQAPTICFVYQDPQGRHVKTYEVSLREKEFNKGPWKQENV
EAEASMVIAVPEPFGGAIIIGQESITYHNGDKYLAIAPPIIKQSTIVCHNRVDPNGSRYLLGDMEGRLFMLLLEKEEQMD
GTVTLKDLRVELLGETSIAECLTYLDNGVVFVGSRLGDSQLVKLNVDSNEQGSYVVAMETFTNLGPIVDMCVVDLERQGQ
GQLVTCSGAFKEGSLRIIRNGIGGNGNSGEIQKLHIRTVPLYESPRKICYQEVSQCFGVLSSRIEVQDTSGGTTALRPSA
STQALSSSVSSSKLFSSSTAPHETSFGEEVEVHNLLIIDQHTFEVLHAHQFLQNEYALSLVSCKLGKDPNTYFIVGTAMV
YPEEAEPKQGRIVVFQYSDGKLQTVAEKEVKGAVYSMVEFNGKLLASINSTVRLYEWTTEKELRTECNHYNNIMALYLKT
KGDFILVGDLMRSVLLLAYKPMEGNFEEIARDFNPNWMSAVEILDDDNFLGAENAFNLFVCQKDSAATTDEERQHLQEVG
LFHLGEFVNVFCHGSLVMQNLGETSTPTQGSVLFGTVNGMIGLVTSLSESWYNLLLDMQNRLNKVIKSVGKIEHSFWRSF
HTERKTEPATGFIDGDLIESFLDISRPKMQEVVANLQYDDGSGMKREATADDLIKVVEELTRIH
;
A,C,E,G,I,K,M,O
2 'polypeptide(L)'
;MGSSHHHHHHSAVDENLYFQGGMAGEGDQQDAAHNMGNHLPLLPESEEEDEMEVEDQDSKEAKKPNIINFDTSLPTSHTY
LGADMEEFHGRTLHDDDSCQVIPVLPQVMMILIPGQTLPLQLFHPQEVSMVRNLIQKDRTFAVLAYSNVQEREAQFGTTA
EIYAYREEQDFGIEIVKVKAIGRQRFKVLELRTQSDGIQQAKVQILPECVLPSTMSAVQLESLNKCQIFPSKPVSREDQC
SYKWWQKYQKRKFHCANLTSWPRWLYSLYDAETLMDRIKKQLREWDENLKDDSLPSNPIDFSYRVAACLPIDDVLRIQLL
KIGSAIQRLRCELDIMNKCTSLCCKQCQETEITTKNEIFSLSLCGPMAAYVNPHGYVHETLTVYKACNLNLIGRPSTEHS
WFPGYAWTVAQCKICASHIGWKFTATKKDMSPQKFWGLTRSALLPTIPDTEDEISPDKVILCL
;
B,D,F,H,J,L,N,P
3 'polypeptide(L)'
;MDWSHPQFEKSAVGLNDIFEAQKIEWHEGGGGSGENLYFQGGGRSSLEEPLIESSEVADNRKVQELQGEGGIRLPNGKLK
CDVCGMVCIGPNVLMVHKRSHTGERPFHCNQCGASFTQKGNLLRHIKLHSGEKPFKCPFCSYACRRRDALTGHLRTHSME
DCKEQEPIMDNNISLGYPRTAA
;
R,S,T,U,V,W,X,Y
#
# COMPACT_ATOMS: atom_id res chain seq x y z
N ARG A 28 -21.40 67.51 -0.42
CA ARG A 28 -22.50 66.58 -0.32
C ARG A 28 -22.44 65.82 1.01
N MET A 29 -23.30 66.19 1.95
CA MET A 29 -23.31 65.62 3.29
C MET A 29 -24.72 65.24 3.69
N SER A 30 -24.82 64.22 4.54
CA SER A 30 -26.11 63.66 4.95
C SER A 30 -26.48 64.02 6.38
N TYR A 31 -25.69 63.59 7.36
CA TYR A 31 -26.00 63.84 8.77
C TYR A 31 -27.29 63.15 9.16
N ASN A 32 -27.21 61.91 9.66
CA ASN A 32 -28.40 61.18 10.04
C ASN A 32 -28.10 60.31 11.26
N TYR A 33 -29.16 59.95 11.97
CA TYR A 33 -29.09 59.21 13.22
C TYR A 33 -30.14 58.10 13.18
N VAL A 34 -29.74 56.90 13.58
CA VAL A 34 -30.62 55.74 13.53
C VAL A 34 -30.52 54.99 14.85
N VAL A 35 -31.67 54.59 15.40
CA VAL A 35 -31.72 53.95 16.71
C VAL A 35 -32.77 52.85 16.70
N THR A 36 -32.57 51.86 17.56
CA THR A 36 -33.49 50.74 17.67
C THR A 36 -34.55 51.05 18.72
N ALA A 37 -35.81 51.09 18.30
CA ALA A 37 -36.89 51.26 19.26
C ALA A 37 -37.33 49.92 19.85
N GLN A 38 -37.36 48.88 19.03
CA GLN A 38 -37.73 47.54 19.47
C GLN A 38 -36.68 46.56 18.95
N LYS A 39 -36.14 45.75 19.86
CA LYS A 39 -35.16 44.75 19.45
C LYS A 39 -35.81 43.66 18.59
N PRO A 40 -35.01 42.98 17.77
CA PRO A 40 -35.57 41.90 16.95
C PRO A 40 -36.21 40.82 17.81
N THR A 41 -37.46 40.48 17.49
CA THR A 41 -38.24 39.53 18.27
C THR A 41 -38.29 38.14 17.65
N ALA A 42 -37.88 37.98 16.40
CA ALA A 42 -37.93 36.68 15.74
C ALA A 42 -36.77 35.80 16.21
N VAL A 43 -37.07 34.53 16.49
CA VAL A 43 -36.08 33.57 16.93
C VAL A 43 -35.61 32.78 15.72
N ASN A 44 -34.30 32.84 15.44
CA ASN A 44 -33.70 32.11 14.34
C ASN A 44 -32.81 30.96 14.80
N GLY A 45 -32.75 30.70 16.11
CA GLY A 45 -31.92 29.62 16.62
C GLY A 45 -32.06 29.42 18.12
N CYS A 46 -31.84 28.18 18.57
CA CYS A 46 -31.98 27.85 19.99
C CYS A 46 -31.25 26.55 20.26
N VAL A 47 -30.50 26.51 21.36
CA VAL A 47 -29.74 25.34 21.76
C VAL A 47 -29.76 25.24 23.28
N THR A 48 -29.82 24.01 23.79
CA THR A 48 -29.76 23.72 25.22
C THR A 48 -28.41 23.11 25.57
N GLY A 49 -28.01 23.28 26.83
CA GLY A 49 -26.76 22.75 27.29
C GLY A 49 -26.47 23.21 28.72
N HIS A 50 -25.18 23.25 29.04
CA HIS A 50 -24.71 23.63 30.37
C HIS A 50 -23.66 24.73 30.17
N PHE A 51 -24.15 25.94 29.91
CA PHE A 51 -23.29 27.07 29.54
C PHE A 51 -22.86 27.88 30.76
N THR A 52 -23.78 28.13 31.70
CA THR A 52 -23.43 28.91 32.90
C THR A 52 -22.63 28.07 33.88
N SER A 53 -23.21 26.96 34.35
CA SER A 53 -22.51 26.04 35.25
C SER A 53 -22.86 24.61 34.85
N ALA A 54 -21.94 23.69 35.14
CA ALA A 54 -22.13 22.30 34.74
C ALA A 54 -23.35 21.67 35.40
N GLU A 55 -23.87 22.27 36.47
CA GLU A 55 -25.02 21.68 37.17
C GLU A 55 -26.33 21.98 36.46
N ASP A 56 -26.77 23.24 36.52
CA ASP A 56 -28.08 23.61 36.01
C ASP A 56 -28.12 23.56 34.49
N LEU A 57 -29.34 23.50 33.96
CA LEU A 57 -29.59 23.41 32.53
C LEU A 57 -29.92 24.78 31.95
N ASN A 58 -29.31 25.10 30.81
CA ASN A 58 -29.45 26.42 30.20
C ASN A 58 -30.14 26.30 28.84
N LEU A 59 -30.83 27.38 28.47
CA LEU A 59 -31.43 27.51 27.14
C LEU A 59 -30.93 28.81 26.52
N LEU A 60 -30.25 28.69 25.39
CA LEU A 60 -29.73 29.85 24.66
C LEU A 60 -30.60 30.10 23.43
N ILE A 61 -31.02 31.34 23.25
CA ILE A 61 -31.88 31.73 22.15
C ILE A 61 -31.22 32.87 21.38
N ALA A 62 -31.28 32.79 20.05
CA ALA A 62 -30.64 33.77 19.17
C ALA A 62 -31.71 34.55 18.42
N LYS A 63 -31.76 35.85 18.67
CA LYS A 63 -32.69 36.75 17.99
C LYS A 63 -31.86 37.70 17.12
N ASN A 64 -31.42 37.19 15.98
CA ASN A 64 -30.61 37.94 15.02
C ASN A 64 -29.32 38.42 15.66
N THR A 65 -29.30 39.68 16.11
CA THR A 65 -28.13 40.26 16.73
C THR A 65 -28.13 40.15 18.26
N ARG A 66 -29.18 39.59 18.84
CA ARG A 66 -29.31 39.46 20.28
C ARG A 66 -29.17 38.02 20.71
N LEU A 67 -28.65 37.82 21.92
CA LEU A 67 -28.44 36.50 22.49
C LEU A 67 -29.01 36.48 23.91
N GLU A 68 -29.98 35.60 24.15
CA GLU A 68 -30.63 35.46 25.45
C GLU A 68 -30.23 34.14 26.09
N ILE A 69 -29.99 34.17 27.40
CA ILE A 69 -29.52 33.02 28.15
C ILE A 69 -30.47 32.78 29.31
N TYR A 70 -31.14 31.62 29.31
CA TYR A 70 -32.09 31.27 30.34
C TYR A 70 -31.61 30.03 31.10
N VAL A 71 -32.13 29.86 32.31
CA VAL A 71 -31.94 28.66 33.10
C VAL A 71 -33.26 27.90 33.13
N VAL A 72 -33.21 26.61 32.79
CA VAL A 72 -34.40 25.78 32.76
C VAL A 72 -34.79 25.43 34.19
N THR A 73 -35.98 25.85 34.60
CA THR A 73 -36.51 25.54 35.92
C THR A 73 -37.74 24.65 35.77
N ALA A 74 -38.23 24.16 36.92
CA ALA A 74 -39.41 23.29 36.90
C ALA A 74 -40.67 24.07 36.56
N GLU A 75 -40.71 25.36 36.90
CA GLU A 75 -41.86 26.19 36.55
C GLU A 75 -41.83 26.59 35.07
N GLY A 76 -40.74 27.21 34.64
CA GLY A 76 -40.59 27.63 33.26
C GLY A 76 -39.16 27.97 32.91
N LEU A 77 -38.93 29.19 32.46
CA LEU A 77 -37.60 29.68 32.13
C LEU A 77 -37.25 30.86 33.02
N ARG A 78 -36.02 30.87 33.53
CA ARG A 78 -35.54 31.95 34.38
C ARG A 78 -34.51 32.78 33.62
N PRO A 79 -34.80 34.04 33.29
CA PRO A 79 -33.85 34.84 32.50
C PRO A 79 -32.58 35.10 33.30
N VAL A 80 -31.43 34.86 32.68
CA VAL A 80 -30.13 34.97 33.33
C VAL A 80 -29.31 36.13 32.79
N LYS A 81 -29.16 36.19 31.46
CA LYS A 81 -28.30 37.20 30.86
C LYS A 81 -28.71 37.39 29.41
N GLU A 82 -28.72 38.65 28.96
CA GLU A 82 -29.01 39.01 27.58
C GLU A 82 -27.88 39.91 27.08
N VAL A 83 -27.35 39.57 25.90
CA VAL A 83 -26.23 40.30 25.32
C VAL A 83 -26.54 40.62 23.86
N GLY A 84 -25.81 41.59 23.34
CA GLY A 84 -25.93 41.99 21.95
C GLY A 84 -24.59 41.93 21.25
N MET A 85 -24.59 41.37 20.04
CA MET A 85 -23.38 41.19 19.26
C MET A 85 -23.37 42.12 18.05
N TYR A 86 -22.16 42.46 17.60
CA TYR A 86 -21.97 43.31 16.43
C TYR A 86 -21.97 42.45 15.15
N GLY A 87 -23.06 41.72 14.96
CA GLY A 87 -23.19 40.86 13.81
C GLY A 87 -24.42 39.97 13.85
N LYS A 88 -24.82 39.45 12.70
CA LYS A 88 -25.98 38.57 12.62
C LYS A 88 -25.53 37.15 12.93
N ILE A 89 -26.15 36.54 13.95
CA ILE A 89 -25.75 35.23 14.43
C ILE A 89 -26.25 34.18 13.44
N ALA A 90 -25.35 33.58 12.67
CA ALA A 90 -25.68 32.51 11.75
C ALA A 90 -25.57 31.14 12.44
N VAL A 91 -24.43 30.85 13.04
CA VAL A 91 -24.17 29.58 13.69
C VAL A 91 -24.09 29.80 15.20
N MET A 92 -24.63 28.85 15.97
CA MET A 92 -24.60 28.93 17.42
C MET A 92 -24.70 27.52 17.98
N GLU A 93 -23.58 27.01 18.50
CA GLU A 93 -23.52 25.65 19.03
C GLU A 93 -22.71 25.64 20.32
N LEU A 94 -23.13 24.79 21.25
CA LEU A 94 -22.42 24.58 22.51
C LEU A 94 -21.58 23.32 22.42
N PHE A 95 -20.48 23.30 23.17
CA PHE A 95 -19.55 22.18 23.14
C PHE A 95 -18.66 22.23 24.38
N ARG A 96 -18.33 21.06 24.92
CA ARG A 96 -17.45 20.95 26.08
C ARG A 96 -16.18 20.20 25.70
N PRO A 97 -15.05 20.89 25.54
CA PRO A 97 -13.81 20.21 25.14
C PRO A 97 -13.27 19.30 26.23
N LYS A 98 -12.19 18.58 25.94
CA LYS A 98 -11.55 17.73 26.93
C LYS A 98 -10.91 18.60 28.01
N GLY A 99 -11.33 18.38 29.26
CA GLY A 99 -10.73 19.11 30.37
C GLY A 99 -11.29 20.51 30.57
N GLU A 100 -12.62 20.62 30.57
CA GLU A 100 -13.31 21.88 30.81
C GLU A 100 -14.46 21.64 31.77
N SER A 101 -14.70 22.64 32.63
CA SER A 101 -15.75 22.51 33.64
C SER A 101 -17.14 22.52 33.00
N LYS A 102 -17.46 23.61 32.32
CA LYS A 102 -18.77 23.81 31.70
C LYS A 102 -18.60 23.98 30.20
N ASP A 103 -19.73 24.22 29.53
CA ASP A 103 -19.74 24.26 28.07
C ASP A 103 -19.31 25.63 27.57
N LEU A 104 -18.67 25.64 26.41
CA LEU A 104 -18.33 26.85 25.69
C LEU A 104 -19.33 27.06 24.54
N LEU A 105 -19.40 28.29 24.05
CA LEU A 105 -20.36 28.66 23.02
C LEU A 105 -19.63 29.14 21.78
N PHE A 106 -19.80 28.42 20.68
CA PHE A 106 -19.24 28.82 19.39
C PHE A 106 -20.29 29.59 18.60
N ILE A 107 -19.92 30.76 18.09
CA ILE A 107 -20.84 31.62 17.37
C ILE A 107 -20.15 32.14 16.11
N LEU A 108 -20.80 31.98 14.97
CA LEU A 108 -20.35 32.53 13.71
C LEU A 108 -21.39 33.55 13.23
N THR A 109 -20.92 34.69 12.75
CA THR A 109 -21.79 35.75 12.27
C THR A 109 -21.96 35.67 10.76
N ALA A 110 -22.83 36.54 10.24
CA ALA A 110 -23.07 36.58 8.81
C ALA A 110 -21.86 37.09 8.04
N LYS A 111 -21.10 38.02 8.62
CA LYS A 111 -19.87 38.51 8.02
C LYS A 111 -18.67 37.61 8.30
N TYR A 112 -18.90 36.36 8.71
CA TYR A 112 -17.84 35.36 8.88
C TYR A 112 -16.92 35.71 10.05
N ASN A 113 -17.49 36.19 11.14
CA ASN A 113 -16.78 36.39 12.40
C ASN A 113 -17.09 35.18 13.28
N ALA A 114 -16.10 34.32 13.49
CA ALA A 114 -16.23 33.17 14.36
C ALA A 114 -15.61 33.49 15.72
N CYS A 115 -16.19 32.92 16.77
CA CYS A 115 -15.67 33.15 18.11
C CYS A 115 -16.13 32.04 19.04
N ILE A 116 -15.32 31.78 20.06
CA ILE A 116 -15.66 30.88 21.17
C ILE A 116 -15.73 31.72 22.43
N LEU A 117 -16.91 31.75 23.03
CA LEU A 117 -17.21 32.52 24.23
C LEU A 117 -17.40 31.58 25.41
N GLU A 118 -17.24 32.14 26.60
CA GLU A 118 -17.38 31.42 27.86
C GLU A 118 -18.17 32.28 28.84
N TYR A 119 -18.98 31.62 29.66
CA TYR A 119 -19.79 32.30 30.66
C TYR A 119 -18.98 32.39 31.96
N LYS A 120 -18.77 33.63 32.43
CA LYS A 120 -18.01 33.87 33.66
C LYS A 120 -18.78 34.87 34.53
N GLN A 121 -19.02 34.48 35.78
CA GLN A 121 -19.76 35.29 36.73
C GLN A 121 -18.94 35.42 38.01
N SER A 122 -18.85 36.65 38.54
CA SER A 122 -18.09 36.93 39.76
C SER A 122 -19.03 37.66 40.72
N GLY A 123 -19.53 36.93 41.72
CA GLY A 123 -20.43 37.52 42.69
C GLY A 123 -21.78 37.91 42.10
N GLU A 124 -21.87 39.13 41.58
CA GLU A 124 -23.09 39.59 40.93
C GLU A 124 -22.81 40.32 39.62
N SER A 125 -21.66 40.08 38.99
CA SER A 125 -21.27 40.72 37.74
C SER A 125 -21.12 39.65 36.67
N ILE A 126 -22.07 39.60 35.74
CA ILE A 126 -22.06 38.60 34.67
C ILE A 126 -21.36 39.20 33.45
N ASP A 127 -20.48 38.41 32.84
CA ASP A 127 -19.73 38.86 31.68
C ASP A 127 -19.47 37.67 30.76
N ILE A 128 -19.73 37.86 29.47
CA ILE A 128 -19.46 36.85 28.47
C ILE A 128 -18.09 37.16 27.88
N ILE A 129 -17.06 36.52 28.41
CA ILE A 129 -15.70 36.78 27.98
C ILE A 129 -15.41 36.00 26.70
N THR A 130 -14.57 36.58 25.85
CA THR A 130 -14.25 36.00 24.54
C THR A 130 -13.00 35.15 24.67
N ARG A 131 -13.19 33.82 24.71
CA ARG A 131 -12.05 32.93 24.77
C ARG A 131 -11.22 33.00 23.48
N ALA A 132 -11.90 33.02 22.33
CA ALA A 132 -11.21 33.09 21.05
C ALA A 132 -12.09 33.78 20.03
N HIS A 133 -11.47 34.30 18.97
CA HIS A 133 -12.22 35.01 17.94
C HIS A 133 -11.34 35.15 16.70
N GLY A 134 -11.99 35.43 15.59
CA GLY A 134 -11.31 35.67 14.33
C GLY A 134 -12.26 35.60 13.16
N ASN A 135 -11.84 36.24 12.06
CA ASN A 135 -12.64 36.25 10.84
C ASN A 135 -12.23 35.07 9.95
N VAL A 136 -13.22 34.34 9.45
CA VAL A 136 -12.97 33.13 8.68
C VAL A 136 -13.45 33.27 7.24
N GLN A 137 -13.42 34.49 6.72
CA GLN A 137 -13.86 34.74 5.36
C GLN A 137 -12.73 34.49 4.36
N ASP A 138 -13.11 33.97 3.19
CA ASP A 138 -12.16 33.69 2.11
C ASP A 138 -12.37 34.70 1.00
N ARG A 139 -11.32 35.47 0.70
CA ARG A 139 -11.38 36.45 -0.38
C ARG A 139 -11.29 35.70 -1.71
N ILE A 140 -12.46 35.27 -2.18
CA ILE A 140 -12.71 34.47 -3.39
C ILE A 140 -13.37 33.17 -2.93
N GLY A 141 -14.50 32.84 -3.56
CA GLY A 141 -15.27 31.68 -3.17
C GLY A 141 -16.76 31.92 -3.30
N ARG A 142 -17.44 31.04 -4.02
CA ARG A 142 -18.88 31.22 -4.26
C ARG A 142 -19.67 30.70 -3.07
N PRO A 143 -20.42 31.55 -2.37
CA PRO A 143 -21.22 31.07 -1.23
C PRO A 143 -22.19 29.98 -1.66
N SER A 144 -22.34 28.97 -0.81
CA SER A 144 -23.13 27.81 -1.15
C SER A 144 -24.61 28.18 -1.26
N GLU A 145 -25.39 27.26 -1.84
CA GLU A 145 -26.82 27.46 -1.99
C GLU A 145 -27.56 27.25 -0.67
N THR A 146 -27.09 26.32 0.15
CA THR A 146 -27.73 26.05 1.44
C THR A 146 -27.25 26.99 2.54
N GLY A 147 -26.49 28.03 2.19
CA GLY A 147 -26.02 28.97 3.19
C GLY A 147 -24.88 28.40 4.03
N ILE A 148 -24.59 29.11 5.12
CA ILE A 148 -23.53 28.71 6.03
C ILE A 148 -23.98 27.48 6.81
N ILE A 149 -23.09 26.49 6.93
CA ILE A 149 -23.36 25.29 7.72
C ILE A 149 -22.21 25.10 8.70
N GLY A 150 -22.49 25.19 9.99
CA GLY A 150 -21.46 25.00 10.99
C GLY A 150 -21.73 23.80 11.89
N ILE A 151 -20.75 22.89 12.00
CA ILE A 151 -20.87 21.72 12.85
C ILE A 151 -19.59 21.57 13.65
N ILE A 152 -19.68 20.80 14.74
CA ILE A 152 -18.55 20.55 15.62
C ILE A 152 -18.47 19.05 15.88
N ASP A 153 -17.24 18.55 15.97
CA ASP A 153 -17.03 17.14 16.24
C ASP A 153 -17.61 16.78 17.62
N PRO A 154 -18.26 15.63 17.76
CA PRO A 154 -18.82 15.27 19.07
C PRO A 154 -17.78 15.27 20.18
N GLU A 155 -16.56 14.84 19.88
CA GLU A 155 -15.47 14.86 20.85
C GLU A 155 -14.61 16.12 20.73
N CYS A 156 -15.13 17.16 20.09
CA CYS A 156 -14.49 18.48 20.06
C CYS A 156 -13.10 18.42 19.44
N ARG A 157 -12.96 17.62 18.37
CA ARG A 157 -11.69 17.57 17.67
C ARG A 157 -11.47 18.82 16.84
N MET A 158 -12.54 19.36 16.24
CA MET A 158 -12.43 20.49 15.33
C MET A 158 -13.82 21.10 15.13
N ILE A 159 -13.83 22.23 14.42
CA ILE A 159 -15.06 22.89 13.98
C ILE A 159 -15.04 22.90 12.45
N GLY A 160 -16.09 22.32 11.86
CA GLY A 160 -16.18 22.18 10.43
C GLY A 160 -17.21 23.13 9.88
N LEU A 161 -16.75 24.03 9.02
CA LEU A 161 -17.59 25.04 8.40
C LEU A 161 -17.72 24.78 6.91
N ARG A 162 -18.94 24.92 6.39
CA ARG A 162 -19.23 24.85 4.97
C ARG A 162 -19.83 26.20 4.58
N LEU A 163 -18.97 27.06 4.04
CA LEU A 163 -19.31 28.42 3.63
C LEU A 163 -19.36 28.61 2.13
N TYR A 164 -18.48 27.92 1.39
CA TYR A 164 -18.39 28.06 -0.05
C TYR A 164 -18.42 26.68 -0.69
N ASP A 165 -19.05 26.59 -1.87
CA ASP A 165 -19.16 25.33 -2.56
C ASP A 165 -17.79 24.78 -2.93
N GLY A 166 -17.59 23.48 -2.72
CA GLY A 166 -16.36 22.82 -3.07
C GLY A 166 -15.23 22.96 -2.07
N LEU A 167 -15.44 23.68 -0.98
CA LEU A 167 -14.43 23.83 0.06
C LEU A 167 -15.04 23.49 1.41
N PHE A 168 -14.24 22.89 2.27
CA PHE A 168 -14.67 22.57 3.63
C PHE A 168 -13.63 23.13 4.60
N LYS A 169 -13.99 24.20 5.31
CA LYS A 169 -13.04 24.84 6.22
C LYS A 169 -13.02 24.11 7.55
N VAL A 170 -11.82 23.98 8.13
CA VAL A 170 -11.61 23.25 9.37
C VAL A 170 -10.84 24.16 10.32
N ILE A 171 -11.38 24.34 11.52
CA ILE A 171 -10.72 25.05 12.61
C ILE A 171 -10.33 24.02 13.66
N PRO A 172 -9.04 23.71 13.83
CA PRO A 172 -8.66 22.72 14.83
C PRO A 172 -8.89 23.24 16.25
N LEU A 173 -9.40 22.35 17.11
CA LEU A 173 -9.69 22.70 18.50
C LEU A 173 -8.46 22.35 19.36
N ASP A 174 -7.49 23.27 19.33
CA ASP A 174 -6.31 23.17 20.16
C ASP A 174 -6.24 24.37 21.08
N ARG A 175 -5.67 24.17 22.27
CA ARG A 175 -5.51 25.27 23.20
C ARG A 175 -4.64 26.39 22.65
N ASP A 176 -3.75 26.08 21.70
CA ASP A 176 -2.91 27.09 21.08
C ASP A 176 -3.69 27.96 20.09
N ASN A 177 -4.69 27.39 19.41
CA ASN A 177 -5.44 28.12 18.40
C ASN A 177 -6.33 29.18 19.04
N LYS A 178 -5.78 30.38 19.25
CA LYS A 178 -6.54 31.50 19.80
C LYS A 178 -7.12 32.39 18.71
N GLU A 179 -6.39 32.59 17.61
CA GLU A 179 -6.89 33.39 16.51
C GLU A 179 -7.84 32.62 15.59
N LEU A 180 -8.08 31.34 15.87
CA LEU A 180 -8.97 30.51 15.06
C LEU A 180 -8.41 30.32 13.64
N LYS A 181 -7.11 30.08 13.55
CA LYS A 181 -6.51 29.76 12.26
C LYS A 181 -7.10 28.46 11.72
N ALA A 182 -7.63 28.51 10.50
CA ALA A 182 -8.28 27.37 9.89
C ALA A 182 -7.69 27.10 8.51
N PHE A 183 -8.01 25.92 7.97
CA PHE A 183 -7.53 25.51 6.66
C PHE A 183 -8.66 24.89 5.88
N ASN A 184 -8.67 25.12 4.56
CA ASN A 184 -9.69 24.57 3.69
C ASN A 184 -9.27 23.22 3.14
N ILE A 185 -10.25 22.33 2.96
CA ILE A 185 -10.05 21.01 2.36
C ILE A 185 -10.84 20.95 1.06
N ARG A 186 -10.20 20.40 0.03
CA ARG A 186 -10.82 20.28 -1.28
C ARG A 186 -11.99 19.30 -1.22
N LEU A 187 -13.16 19.75 -1.69
CA LEU A 187 -14.38 18.96 -1.65
C LEU A 187 -14.86 18.72 -3.08
N GLU A 188 -14.78 17.48 -3.53
CA GLU A 188 -15.16 17.17 -4.91
C GLU A 188 -16.66 17.31 -5.14
N GLU A 189 -17.46 17.12 -4.10
CA GLU A 189 -18.90 17.31 -4.21
C GLU A 189 -19.21 18.79 -4.04
N LEU A 190 -19.61 19.44 -5.14
CA LEU A 190 -19.84 20.88 -5.10
C LEU A 190 -21.16 21.22 -4.40
N HIS A 191 -22.23 20.48 -4.73
CA HIS A 191 -23.57 20.80 -4.26
C HIS A 191 -23.89 19.95 -3.04
N VAL A 192 -23.44 20.41 -1.88
CA VAL A 192 -23.69 19.75 -0.61
C VAL A 192 -24.96 20.34 -0.01
N ILE A 193 -25.94 19.48 0.27
CA ILE A 193 -27.18 19.93 0.87
C ILE A 193 -27.05 20.02 2.39
N ASP A 194 -26.64 18.92 3.03
CA ASP A 194 -26.52 18.93 4.48
C ASP A 194 -25.33 18.10 4.92
N VAL A 195 -24.79 18.44 6.09
CA VAL A 195 -23.60 17.76 6.60
C VAL A 195 -23.62 17.78 8.12
N LYS A 196 -23.25 16.64 8.71
CA LYS A 196 -23.16 16.48 10.16
C LYS A 196 -21.89 15.72 10.51
N PHE A 197 -21.52 15.81 11.79
CA PHE A 197 -20.44 15.01 12.35
C PHE A 197 -21.03 13.76 13.00
N LEU A 198 -20.49 12.60 12.65
CA LEU A 198 -21.02 11.33 13.14
C LEU A 198 -20.52 11.03 14.54
N TYR A 199 -21.25 10.17 15.23
CA TYR A 199 -20.91 9.72 16.58
C TYR A 199 -20.25 8.35 16.53
N GLY A 200 -19.40 8.09 17.51
CA GLY A 200 -18.76 6.80 17.64
C GLY A 200 -17.90 6.43 16.45
N CYS A 201 -16.88 7.23 16.18
CA CYS A 201 -15.94 6.96 15.09
C CYS A 201 -14.52 7.17 15.58
N GLN A 202 -13.61 6.33 15.10
CA GLN A 202 -12.21 6.43 15.50
C GLN A 202 -11.64 7.79 15.15
N ALA A 203 -11.81 8.21 13.90
CA ALA A 203 -11.40 9.53 13.43
C ALA A 203 -12.62 10.40 13.17
N PRO A 204 -12.48 11.73 13.27
CA PRO A 204 -13.62 12.61 13.01
C PRO A 204 -14.17 12.38 11.61
N THR A 205 -15.43 11.95 11.54
CA THR A 205 -16.08 11.57 10.29
C THR A 205 -17.28 12.48 10.03
N ILE A 206 -17.34 13.03 8.82
CA ILE A 206 -18.47 13.85 8.37
C ILE A 206 -19.34 13.03 7.43
N CYS A 207 -20.65 13.14 7.60
CA CYS A 207 -21.61 12.50 6.72
C CYS A 207 -22.53 13.58 6.15
N PHE A 208 -22.69 13.58 4.83
CA PHE A 208 -23.36 14.67 4.14
C PHE A 208 -24.15 14.14 2.96
N VAL A 209 -25.31 14.76 2.74
CA VAL A 209 -26.12 14.55 1.54
C VAL A 209 -25.84 15.68 0.57
N TYR A 210 -25.51 15.28 -0.67
CA TYR A 210 -25.17 16.14 -1.79
C TYR A 210 -25.99 15.70 -3.00
N GLN A 211 -25.88 16.45 -4.10
CA GLN A 211 -26.62 16.16 -5.32
C GLN A 211 -25.70 16.32 -6.53
N ASP A 212 -25.84 15.42 -7.50
CA ASP A 212 -25.12 15.43 -8.77
C ASP A 212 -26.11 15.09 -9.88
N PRO A 213 -25.67 15.05 -11.13
CA PRO A 213 -26.61 14.78 -12.24
C PRO A 213 -27.38 13.48 -12.07
N GLN A 214 -26.84 12.56 -11.28
CA GLN A 214 -27.48 11.26 -11.10
C GLN A 214 -28.48 11.25 -9.94
N GLY A 215 -28.72 12.38 -9.29
CA GLY A 215 -29.60 12.40 -8.15
C GLY A 215 -28.90 12.79 -6.86
N ARG A 216 -29.51 12.51 -5.71
CA ARG A 216 -28.93 12.86 -4.41
C ARG A 216 -28.33 11.62 -3.75
N HIS A 217 -27.21 11.81 -3.07
CA HIS A 217 -26.50 10.72 -2.42
C HIS A 217 -25.99 11.19 -1.06
N VAL A 218 -25.78 10.22 -0.16
CA VAL A 218 -25.18 10.45 1.14
C VAL A 218 -23.80 9.83 1.14
N LYS A 219 -22.80 10.58 1.61
CA LYS A 219 -21.41 10.16 1.56
C LYS A 219 -20.71 10.59 2.83
N THR A 220 -19.64 9.87 3.16
CA THR A 220 -18.89 10.10 4.40
C THR A 220 -17.40 10.26 4.09
N TYR A 221 -16.77 11.15 4.85
CA TYR A 221 -15.33 11.41 4.75
C TYR A 221 -14.72 11.42 6.15
N GLU A 222 -13.47 11.00 6.25
CA GLU A 222 -12.71 11.08 7.49
C GLU A 222 -11.77 12.27 7.42
N VAL A 223 -11.87 13.18 8.39
CA VAL A 223 -11.09 14.41 8.39
C VAL A 223 -9.78 14.15 9.13
N SER A 224 -8.66 14.25 8.42
CA SER A 224 -7.34 14.05 9.01
C SER A 224 -6.72 15.42 9.22
N LEU A 225 -6.48 15.76 10.50
CA LEU A 225 -5.82 17.02 10.82
C LEU A 225 -4.33 16.95 10.57
N ARG A 226 -3.74 15.76 10.71
CA ARG A 226 -2.31 15.61 10.45
C ARG A 226 -2.02 15.80 8.96
N GLU A 227 -2.68 15.01 8.10
CA GLU A 227 -2.57 15.20 6.67
C GLU A 227 -3.31 16.45 6.20
N LYS A 228 -4.22 17.00 7.03
CA LYS A 228 -5.03 18.15 6.67
C LYS A 228 -5.81 17.88 5.38
N GLU A 229 -6.53 16.75 5.36
CA GLU A 229 -7.19 16.34 4.13
C GLU A 229 -8.32 15.37 4.46
N PHE A 230 -8.93 14.82 3.42
CA PHE A 230 -9.98 13.83 3.53
C PHE A 230 -9.45 12.42 3.30
N ASN A 231 -10.12 11.44 3.90
CA ASN A 231 -9.81 10.04 3.70
C ASN A 231 -11.12 9.28 3.53
N LYS A 232 -11.02 8.08 2.95
CA LYS A 232 -12.20 7.27 2.71
C LYS A 232 -13.02 7.12 3.98
N GLY A 233 -14.33 7.29 3.85
CA GLY A 233 -15.23 7.19 4.98
C GLY A 233 -15.59 5.77 5.31
N PRO A 234 -16.17 5.57 6.49
CA PRO A 234 -16.56 4.22 6.91
C PRO A 234 -17.50 3.53 5.92
N TRP A 235 -18.42 4.28 5.31
CA TRP A 235 -19.34 3.73 4.30
C TRP A 235 -19.59 4.84 3.29
N LYS A 236 -18.97 4.72 2.12
CA LYS A 236 -18.99 5.79 1.13
C LYS A 236 -20.32 5.78 0.37
N GLN A 237 -20.39 6.58 -0.69
CA GLN A 237 -21.62 6.93 -1.40
C GLN A 237 -22.75 5.91 -1.29
N GLU A 238 -23.94 6.38 -0.91
CA GLU A 238 -25.15 5.59 -0.89
C GLU A 238 -26.29 6.44 -1.45
N ASN A 239 -27.14 5.83 -2.27
CA ASN A 239 -28.19 6.56 -2.97
C ASN A 239 -29.37 6.83 -2.04
N VAL A 240 -29.85 8.07 -2.03
CA VAL A 240 -30.97 8.48 -1.21
C VAL A 240 -32.12 8.91 -2.12
N GLU A 241 -33.22 9.39 -1.53
CA GLU A 241 -34.36 9.83 -2.32
C GLU A 241 -34.07 11.17 -2.99
N ALA A 242 -35.00 11.59 -3.84
CA ALA A 242 -34.77 12.78 -4.64
C ALA A 242 -34.77 14.05 -3.80
N GLU A 243 -35.61 14.10 -2.76
CA GLU A 243 -35.80 15.29 -1.94
C GLU A 243 -35.13 15.16 -0.57
N ALA A 244 -34.04 14.41 -0.49
CA ALA A 244 -33.33 14.23 0.77
C ALA A 244 -32.71 15.56 1.21
N SER A 245 -33.19 16.11 2.32
CA SER A 245 -32.76 17.45 2.72
C SER A 245 -32.21 17.56 4.14
N MET A 246 -32.38 16.56 5.00
CA MET A 246 -31.96 16.67 6.39
C MET A 246 -31.08 15.50 6.80
N VAL A 247 -30.01 15.80 7.53
CA VAL A 247 -29.09 14.78 8.05
C VAL A 247 -29.00 14.95 9.55
N ILE A 248 -29.11 13.84 10.28
CA ILE A 248 -29.11 13.85 11.75
C ILE A 248 -28.17 12.75 12.23
N ALA A 249 -27.13 13.13 12.96
CA ALA A 249 -26.21 12.17 13.53
C ALA A 249 -26.79 11.56 14.80
N VAL A 250 -26.76 10.24 14.90
CA VAL A 250 -27.32 9.54 16.05
C VAL A 250 -26.20 9.26 17.06
N PRO A 251 -26.46 9.45 18.35
CA PRO A 251 -25.39 9.27 19.35
C PRO A 251 -24.81 7.87 19.39
N GLU A 252 -23.98 7.61 20.40
CA GLU A 252 -23.19 6.37 20.45
C GLU A 252 -24.03 5.11 20.41
N PRO A 253 -25.08 4.95 21.22
CA PRO A 253 -25.81 3.67 21.25
C PRO A 253 -26.19 3.16 19.87
N PHE A 254 -26.77 4.01 19.02
CA PHE A 254 -27.16 3.61 17.68
C PHE A 254 -26.03 3.80 16.68
N GLY A 255 -25.53 5.03 16.56
CA GLY A 255 -24.54 5.34 15.55
C GLY A 255 -25.19 5.61 14.20
N GLY A 256 -24.33 5.76 13.19
CA GLY A 256 -24.85 6.02 11.86
C GLY A 256 -25.52 7.39 11.77
N ALA A 257 -26.48 7.48 10.86
CA ALA A 257 -27.15 8.76 10.63
C ALA A 257 -28.56 8.52 10.11
N ILE A 258 -29.38 9.57 10.17
CA ILE A 258 -30.75 9.57 9.70
C ILE A 258 -30.87 10.63 8.61
N ILE A 259 -31.40 10.24 7.46
CA ILE A 259 -31.62 11.14 6.33
C ILE A 259 -33.12 11.30 6.14
N ILE A 260 -33.58 12.55 6.21
CA ILE A 260 -34.99 12.90 6.11
C ILE A 260 -35.20 13.62 4.77
N GLY A 261 -36.15 13.11 3.99
CA GLY A 261 -36.54 13.75 2.75
C GLY A 261 -37.98 14.21 2.78
N GLN A 262 -38.64 14.23 1.62
CA GLN A 262 -40.02 14.68 1.56
C GLN A 262 -40.99 13.55 1.88
N GLU A 263 -40.75 12.36 1.32
CA GLU A 263 -41.66 11.24 1.50
C GLU A 263 -41.17 10.17 2.46
N SER A 264 -39.85 10.06 2.67
CA SER A 264 -39.31 8.95 3.43
C SER A 264 -38.30 9.44 4.46
N ILE A 265 -38.14 8.63 5.50
CA ILE A 265 -37.08 8.78 6.49
C ILE A 265 -36.25 7.50 6.47
N THR A 266 -34.94 7.63 6.36
CA THR A 266 -34.05 6.48 6.30
C THR A 266 -32.99 6.59 7.38
N TYR A 267 -32.50 5.44 7.81
CA TYR A 267 -31.40 5.34 8.75
C TYR A 267 -30.32 4.47 8.13
N HIS A 268 -29.09 5.00 8.07
CA HIS A 268 -27.96 4.31 7.48
C HIS A 268 -26.86 4.14 8.52
N ASN A 269 -26.32 2.92 8.61
CA ASN A 269 -25.22 2.64 9.53
C ASN A 269 -24.40 1.50 8.93
N GLY A 270 -23.25 1.84 8.35
CA GLY A 270 -22.36 0.85 7.78
C GLY A 270 -23.04 -0.06 6.76
N ASP A 271 -23.45 -1.24 7.21
CA ASP A 271 -24.09 -2.21 6.34
C ASP A 271 -25.61 -2.12 6.36
N LYS A 272 -26.19 -1.70 7.47
CA LYS A 272 -27.65 -1.66 7.59
C LYS A 272 -28.20 -0.36 7.03
N TYR A 273 -29.34 -0.47 6.36
CA TYR A 273 -29.99 0.68 5.71
C TYR A 273 -31.49 0.45 5.76
N LEU A 274 -32.13 1.01 6.79
CA LEU A 274 -33.56 0.88 6.99
C LEU A 274 -34.24 2.13 6.46
N ALA A 275 -35.46 1.96 5.93
CA ALA A 275 -36.15 3.09 5.32
C ALA A 275 -37.65 2.90 5.48
N ILE A 276 -38.33 3.99 5.85
CA ILE A 276 -39.78 4.00 6.00
C ILE A 276 -40.34 5.20 5.26
N ALA A 277 -41.56 5.04 4.73
CA ALA A 277 -42.25 6.10 4.01
C ALA A 277 -43.61 6.31 4.66
N PRO A 278 -43.65 6.98 5.81
CA PRO A 278 -44.91 7.17 6.52
C PRO A 278 -45.78 8.20 5.81
N PRO A 279 -47.05 7.89 5.57
CA PRO A 279 -47.94 8.87 4.90
C PRO A 279 -48.22 10.11 5.74
N ILE A 280 -48.00 10.07 7.06
CA ILE A 280 -48.33 11.19 7.92
C ILE A 280 -47.42 12.38 7.73
N ILE A 281 -46.30 12.23 7.01
CA ILE A 281 -45.36 13.31 6.78
C ILE A 281 -45.34 13.77 5.33
N LYS A 282 -46.17 13.19 4.47
CA LYS A 282 -46.13 13.51 3.05
C LYS A 282 -46.77 14.86 2.73
N GLN A 283 -47.71 15.34 3.55
CA GLN A 283 -48.41 16.57 3.22
C GLN A 283 -47.56 17.83 3.39
N SER A 284 -46.42 17.74 4.07
CA SER A 284 -45.57 18.91 4.24
C SER A 284 -44.13 18.45 4.48
N THR A 285 -43.19 19.36 4.24
CA THR A 285 -41.77 19.05 4.36
C THR A 285 -41.27 19.31 5.76
N ILE A 286 -40.59 18.32 6.35
CA ILE A 286 -39.95 18.50 7.65
C ILE A 286 -38.71 19.38 7.46
N VAL A 287 -38.63 20.46 8.24
CA VAL A 287 -37.60 21.48 8.06
C VAL A 287 -36.79 21.73 9.32
N CYS A 288 -37.10 21.05 10.42
CA CYS A 288 -36.31 21.21 11.65
C CYS A 288 -36.47 19.98 12.51
N HIS A 289 -35.44 19.70 13.32
CA HIS A 289 -35.41 18.54 14.18
C HIS A 289 -34.71 18.90 15.49
N ASN A 290 -34.84 18.01 16.47
CA ASN A 290 -34.12 18.13 17.73
C ASN A 290 -34.16 16.80 18.44
N ARG A 291 -33.12 16.52 19.22
CA ARG A 291 -32.98 15.25 19.92
C ARG A 291 -33.63 15.33 21.29
N VAL A 292 -34.44 14.32 21.61
CA VAL A 292 -35.14 14.26 22.89
C VAL A 292 -34.28 13.51 23.88
N ASP A 293 -34.17 12.20 23.70
CA ASP A 293 -33.38 11.36 24.59
C ASP A 293 -31.90 11.46 24.24
N PRO A 294 -31.02 11.68 25.22
CA PRO A 294 -29.59 11.79 24.90
C PRO A 294 -29.04 10.58 24.16
N ASN A 295 -29.60 9.39 24.39
CA ASN A 295 -29.15 8.20 23.68
C ASN A 295 -29.66 8.15 22.25
N GLY A 296 -30.58 9.03 21.87
CA GLY A 296 -31.10 9.07 20.51
C GLY A 296 -32.34 8.25 20.27
N SER A 297 -33.00 7.76 21.32
CA SER A 297 -34.19 6.94 21.13
C SER A 297 -35.36 7.74 20.57
N ARG A 298 -35.39 9.05 20.77
CA ARG A 298 -36.50 9.87 20.31
C ARG A 298 -35.99 11.20 19.77
N TYR A 299 -36.70 11.70 18.76
CA TYR A 299 -36.40 12.97 18.10
C TYR A 299 -37.71 13.72 17.84
N LEU A 300 -37.60 15.04 17.80
CA LEU A 300 -38.74 15.92 17.49
C LEU A 300 -38.57 16.46 16.08
N LEU A 301 -39.63 16.39 15.28
CA LEU A 301 -39.62 16.88 13.91
C LEU A 301 -40.70 17.94 13.73
N GLY A 302 -40.37 19.00 13.01
CA GLY A 302 -41.34 20.04 12.72
C GLY A 302 -41.40 20.32 11.23
N ASP A 303 -42.62 20.45 10.72
CA ASP A 303 -42.81 20.72 9.29
C ASP A 303 -43.09 22.21 9.06
N MET A 304 -43.24 22.57 7.79
CA MET A 304 -43.41 23.98 7.44
C MET A 304 -44.71 24.56 7.99
N GLU A 305 -45.75 23.73 8.11
CA GLU A 305 -47.09 24.22 8.45
C GLU A 305 -47.40 24.08 9.94
N GLY A 306 -46.39 23.96 10.79
CA GLY A 306 -46.58 23.95 12.23
C GLY A 306 -46.73 22.59 12.86
N ARG A 307 -46.80 21.52 12.08
CA ARG A 307 -46.98 20.19 12.63
C ARG A 307 -45.71 19.72 13.34
N LEU A 308 -45.92 19.05 14.48
CA LEU A 308 -44.84 18.51 15.31
C LEU A 308 -45.06 17.01 15.47
N PHE A 309 -44.08 16.23 15.02
CA PHE A 309 -44.07 14.77 15.08
C PHE A 309 -42.97 14.28 16.02
N MET A 310 -43.11 13.02 16.43
CA MET A 310 -42.12 12.33 17.26
C MET A 310 -41.59 11.14 16.49
N LEU A 311 -40.28 11.14 16.22
CA LEU A 311 -39.60 10.05 15.54
C LEU A 311 -38.95 9.16 16.59
N LEU A 312 -39.34 7.88 16.61
CA LEU A 312 -38.84 6.94 17.61
C LEU A 312 -37.95 5.89 16.97
N LEU A 313 -36.83 5.60 17.63
CA LEU A 313 -35.87 4.59 17.19
C LEU A 313 -35.91 3.45 18.19
N GLU A 314 -36.45 2.31 17.77
CA GLU A 314 -36.57 1.16 18.64
C GLU A 314 -35.23 0.43 18.77
N LYS A 315 -34.95 -0.05 19.98
CA LYS A 315 -33.66 -0.65 20.30
C LYS A 315 -33.72 -2.17 20.13
N GLU A 316 -32.54 -2.80 20.21
CA GLU A 316 -32.44 -4.25 20.12
C GLU A 316 -31.13 -4.66 20.78
N GLU A 317 -31.22 -5.22 21.99
CA GLU A 317 -30.01 -5.50 22.77
C GLU A 317 -29.09 -6.47 22.06
N GLN A 318 -29.67 -7.47 21.39
CA GLN A 318 -28.89 -8.53 20.73
C GLN A 318 -28.04 -9.32 21.73
N MET A 319 -28.45 -9.31 23.00
CA MET A 319 -27.88 -10.14 24.06
C MET A 319 -26.46 -9.75 24.46
N ASP A 320 -25.52 -9.75 23.51
CA ASP A 320 -24.12 -9.47 23.87
C ASP A 320 -23.90 -8.01 24.26
N GLY A 321 -24.83 -7.13 23.94
CA GLY A 321 -24.69 -5.72 24.23
C GLY A 321 -24.31 -4.84 23.07
N THR A 322 -24.68 -5.22 21.85
CA THR A 322 -24.35 -4.45 20.65
C THR A 322 -25.40 -3.38 20.33
N VAL A 323 -26.59 -3.47 20.91
CA VAL A 323 -27.67 -2.51 20.72
C VAL A 323 -27.73 -1.99 19.29
N THR A 324 -28.54 -2.63 18.45
CA THR A 324 -28.77 -2.20 17.09
C THR A 324 -30.17 -1.60 16.96
N LEU A 325 -30.38 -0.90 15.86
CA LEU A 325 -31.67 -0.29 15.58
C LEU A 325 -32.65 -1.36 15.08
N LYS A 326 -33.84 -1.40 15.68
CA LYS A 326 -34.85 -2.39 15.31
C LYS A 326 -35.83 -1.85 14.27
N ASP A 327 -36.42 -0.68 14.52
CA ASP A 327 -37.40 -0.13 13.61
C ASP A 327 -37.52 1.37 13.84
N LEU A 328 -38.20 2.03 12.90
CA LEU A 328 -38.44 3.47 12.94
C LEU A 328 -39.93 3.75 12.93
N ARG A 329 -40.33 4.77 13.70
CA ARG A 329 -41.74 5.12 13.84
C ARG A 329 -41.90 6.64 13.86
N VAL A 330 -42.99 7.11 13.28
CA VAL A 330 -43.32 8.52 13.27
C VAL A 330 -44.74 8.69 13.80
N GLU A 331 -44.91 9.56 14.79
CA GLU A 331 -46.19 9.79 15.43
C GLU A 331 -46.45 11.30 15.45
N LEU A 332 -47.64 11.70 14.98
CA LEU A 332 -48.00 13.11 14.93
C LEU A 332 -48.38 13.59 16.32
N LEU A 333 -47.49 14.36 16.96
CA LEU A 333 -47.78 14.87 18.30
C LEU A 333 -48.86 15.94 18.27
N GLY A 334 -48.66 16.98 17.47
CA GLY A 334 -49.67 18.03 17.41
C GLY A 334 -49.34 19.19 16.48
N GLU A 335 -49.91 20.36 16.77
CA GLU A 335 -49.66 21.57 16.00
C GLU A 335 -49.08 22.64 16.93
N THR A 336 -47.99 23.26 16.49
CA THR A 336 -47.40 24.39 17.19
C THR A 336 -47.30 25.56 16.21
N SER A 337 -46.68 26.64 16.66
CA SER A 337 -46.35 27.73 15.75
C SER A 337 -45.39 27.24 14.69
N ILE A 338 -45.42 27.88 13.53
CA ILE A 338 -44.52 27.51 12.42
C ILE A 338 -43.09 27.56 12.95
N ALA A 339 -42.53 26.39 13.23
CA ALA A 339 -41.29 26.28 13.99
C ALA A 339 -40.09 26.48 13.07
N GLU A 340 -39.29 27.51 13.34
CA GLU A 340 -37.99 27.63 12.71
C GLU A 340 -36.96 26.72 13.40
N CYS A 341 -37.12 26.51 14.70
CA CYS A 341 -36.19 25.70 15.47
C CYS A 341 -36.90 25.10 16.67
N LEU A 342 -36.50 23.88 17.03
CA LEU A 342 -37.06 23.19 18.18
C LEU A 342 -35.93 22.80 19.14
N THR A 343 -36.28 22.67 20.42
CA THR A 343 -35.34 22.19 21.42
C THR A 343 -36.11 21.66 22.61
N TYR A 344 -35.82 20.42 22.99
CA TYR A 344 -36.47 19.79 24.14
C TYR A 344 -35.76 20.22 25.41
N LEU A 345 -36.51 20.80 26.35
CA LEU A 345 -35.95 21.22 27.62
C LEU A 345 -35.87 20.06 28.59
N ASP A 346 -36.97 19.75 29.27
CA ASP A 346 -37.01 18.62 30.18
C ASP A 346 -38.42 18.45 30.71
N ASN A 347 -38.75 17.21 31.10
CA ASN A 347 -40.06 16.90 31.68
C ASN A 347 -41.18 17.21 30.70
N GLY A 348 -41.00 16.83 29.44
CA GLY A 348 -42.02 16.99 28.42
C GLY A 348 -42.22 18.41 27.91
N VAL A 349 -41.42 19.36 28.36
CA VAL A 349 -41.57 20.76 27.93
C VAL A 349 -40.65 21.01 26.74
N VAL A 350 -41.23 21.54 25.66
CA VAL A 350 -40.50 21.82 24.43
C VAL A 350 -40.62 23.31 24.12
N PHE A 351 -39.51 23.90 23.70
CA PHE A 351 -39.48 25.30 23.28
C PHE A 351 -39.52 25.35 21.76
N VAL A 352 -40.51 26.06 21.22
CA VAL A 352 -40.69 26.25 19.79
C VAL A 352 -40.31 27.67 19.46
N GLY A 353 -39.15 27.86 18.82
CA GLY A 353 -38.77 29.14 18.30
C GLY A 353 -39.36 29.33 16.92
N SER A 354 -40.03 30.45 16.71
CA SER A 354 -40.77 30.70 15.49
C SER A 354 -40.34 32.03 14.87
N ARG A 355 -40.28 32.04 13.54
CA ARG A 355 -40.00 33.24 12.76
C ARG A 355 -41.25 33.90 12.22
N LEU A 356 -42.23 33.09 11.78
CA LEU A 356 -43.47 33.65 11.24
C LEU A 356 -44.48 33.99 12.32
N GLY A 357 -44.32 33.45 13.54
CA GLY A 357 -45.26 33.71 14.60
C GLY A 357 -44.62 33.82 15.97
N ASP A 358 -45.45 33.83 17.02
CA ASP A 358 -44.93 33.93 18.38
C ASP A 358 -44.21 32.65 18.78
N SER A 359 -43.18 32.80 19.60
CA SER A 359 -42.50 31.63 20.12
C SER A 359 -43.32 31.01 21.25
N GLN A 360 -43.03 29.75 21.56
CA GLN A 360 -43.90 29.00 22.45
C GLN A 360 -43.09 28.13 23.41
N LEU A 361 -43.66 27.93 24.59
CA LEU A 361 -43.28 26.86 25.52
C LEU A 361 -44.49 25.95 25.62
N VAL A 362 -44.36 24.73 25.12
CA VAL A 362 -45.48 23.78 25.05
C VAL A 362 -45.16 22.55 25.90
N LYS A 363 -46.23 21.87 26.32
CA LYS A 363 -46.13 20.69 27.15
C LYS A 363 -46.59 19.47 26.36
N LEU A 364 -45.85 18.37 26.51
CA LEU A 364 -46.19 17.11 25.86
C LEU A 364 -46.75 16.15 26.91
N ASN A 365 -47.91 15.56 26.61
CA ASN A 365 -48.59 14.67 27.53
C ASN A 365 -48.67 13.27 26.94
N VAL A 366 -48.92 12.30 27.83
CA VAL A 366 -48.98 10.91 27.40
C VAL A 366 -50.34 10.59 26.79
N ASP A 367 -51.41 10.89 27.51
CA ASP A 367 -52.75 10.48 27.12
C ASP A 367 -53.39 11.36 26.05
N SER A 368 -52.67 12.38 25.57
CA SER A 368 -53.24 13.33 24.62
C SER A 368 -54.48 13.98 25.20
N ASN A 369 -55.29 14.61 24.35
CA ASN A 369 -56.55 15.19 24.78
C ASN A 369 -57.67 14.67 23.87
N GLU A 370 -58.89 15.18 24.11
CA GLU A 370 -60.05 14.63 23.43
C GLU A 370 -60.01 14.87 21.93
N GLN A 371 -59.39 15.97 21.50
CA GLN A 371 -59.27 16.24 20.06
C GLN A 371 -58.24 15.31 19.41
N GLY A 372 -57.34 14.73 20.19
CA GLY A 372 -56.30 13.86 19.69
C GLY A 372 -54.91 14.45 19.74
N SER A 373 -54.77 15.70 20.15
CA SER A 373 -53.47 16.34 20.23
C SER A 373 -52.76 15.96 21.51
N TYR A 374 -51.44 15.81 21.42
CA TYR A 374 -50.60 15.51 22.58
C TYR A 374 -49.83 16.72 23.08
N VAL A 375 -49.96 17.87 22.42
CA VAL A 375 -49.24 19.08 22.79
C VAL A 375 -50.22 20.05 23.41
N VAL A 376 -49.76 20.77 24.44
CA VAL A 376 -50.57 21.76 25.13
C VAL A 376 -49.71 22.98 25.39
N ALA A 377 -50.19 24.16 24.98
CA ALA A 377 -49.40 25.37 25.10
C ALA A 377 -49.28 25.81 26.55
N MET A 378 -48.09 26.29 26.92
CA MET A 378 -47.84 26.86 28.24
C MET A 378 -47.60 28.37 28.16
N GLU A 379 -46.54 28.79 27.46
CA GLU A 379 -46.21 30.20 27.35
C GLU A 379 -46.15 30.62 25.88
N THR A 380 -46.48 31.89 25.64
CA THR A 380 -46.47 32.46 24.29
C THR A 380 -45.66 33.75 24.33
N PHE A 381 -44.42 33.68 23.84
CA PHE A 381 -43.56 34.85 23.75
C PHE A 381 -43.87 35.63 22.48
N THR A 382 -44.16 36.92 22.66
CA THR A 382 -44.58 37.76 21.55
C THR A 382 -43.46 37.94 20.53
N ASN A 383 -43.81 37.79 19.25
CA ASN A 383 -42.88 37.97 18.14
C ASN A 383 -43.56 38.86 17.10
N LEU A 384 -43.06 40.09 16.93
CA LEU A 384 -43.60 40.97 15.92
C LEU A 384 -43.43 40.42 14.51
N GLY A 385 -42.62 39.37 14.35
CA GLY A 385 -42.49 38.67 13.09
C GLY A 385 -42.22 39.58 11.91
N PRO A 386 -42.41 39.05 10.71
CA PRO A 386 -42.17 39.86 9.50
C PRO A 386 -43.15 41.01 9.40
N ILE A 387 -42.69 42.23 9.70
CA ILE A 387 -43.53 43.42 9.61
C ILE A 387 -43.60 43.83 8.13
N VAL A 388 -44.66 43.42 7.44
CA VAL A 388 -44.78 43.72 6.02
C VAL A 388 -45.37 45.10 5.76
N ASP A 389 -45.98 45.73 6.76
CA ASP A 389 -46.57 47.05 6.60
C ASP A 389 -46.99 47.55 7.98
N MET A 390 -47.06 48.87 8.11
CA MET A 390 -47.38 49.46 9.41
C MET A 390 -47.86 50.90 9.21
N CYS A 391 -48.50 51.43 10.25
CA CYS A 391 -49.03 52.78 10.22
C CYS A 391 -49.10 53.31 11.65
N VAL A 392 -48.99 54.65 11.78
CA VAL A 392 -49.02 55.30 13.07
C VAL A 392 -50.38 55.96 13.27
N VAL A 393 -51.02 55.69 14.40
CA VAL A 393 -52.36 56.21 14.70
C VAL A 393 -52.38 56.71 16.13
N ASP A 394 -53.15 57.78 16.36
CA ASP A 394 -53.23 58.36 17.70
C ASP A 394 -54.14 57.53 18.60
N LEU A 395 -55.33 57.16 18.12
CA LEU A 395 -56.22 56.26 18.83
C LEU A 395 -56.84 56.89 20.07
N GLU A 396 -56.21 56.69 21.23
CA GLU A 396 -56.83 57.01 22.51
C GLU A 396 -56.36 58.33 23.09
N ARG A 397 -55.05 58.54 23.22
CA ARG A 397 -54.54 59.69 23.94
C ARG A 397 -54.79 61.01 23.22
N GLN A 398 -55.01 60.97 21.90
CA GLN A 398 -55.17 62.18 21.11
C GLN A 398 -53.96 63.10 21.23
N GLY A 399 -52.80 62.53 21.55
CA GLY A 399 -51.57 63.29 21.71
C GLY A 399 -50.37 62.57 21.16
N GLN A 400 -49.96 61.48 21.82
CA GLN A 400 -48.85 60.66 21.34
C GLN A 400 -49.37 59.52 20.47
N GLY A 401 -48.47 58.98 19.64
CA GLY A 401 -48.84 58.00 18.64
C GLY A 401 -48.53 56.57 19.06
N GLN A 402 -49.30 55.65 18.47
CA GLN A 402 -49.11 54.21 18.63
C GLN A 402 -48.92 53.59 17.25
N LEU A 403 -48.29 52.42 17.22
CA LEU A 403 -47.88 51.81 15.97
C LEU A 403 -48.66 50.52 15.72
N VAL A 404 -49.38 50.45 14.61
CA VAL A 404 -50.14 49.25 14.24
C VAL A 404 -49.45 48.60 13.04
N THR A 405 -49.06 47.34 13.20
CA THR A 405 -48.29 46.62 12.19
C THR A 405 -49.02 45.34 11.78
N CYS A 406 -48.81 44.95 10.52
CA CYS A 406 -49.23 43.64 10.03
C CYS A 406 -48.08 42.68 10.21
N SER A 407 -48.21 41.75 11.16
CA SER A 407 -47.14 40.83 11.52
C SER A 407 -47.52 39.40 11.16
N GLY A 408 -46.50 38.54 11.16
CA GLY A 408 -46.71 37.12 10.95
C GLY A 408 -47.16 36.78 9.55
N ALA A 409 -47.32 35.48 9.32
CA ALA A 409 -47.73 34.97 8.01
C ALA A 409 -48.54 33.70 8.21
N PHE A 410 -49.49 33.48 7.30
CA PHE A 410 -50.32 32.27 7.31
C PHE A 410 -51.13 32.27 8.61
N LYS A 411 -51.32 31.12 9.26
CA LYS A 411 -52.09 31.08 10.49
C LYS A 411 -51.46 31.93 11.60
N GLU A 412 -50.18 32.28 11.47
CA GLU A 412 -49.52 33.16 12.43
C GLU A 412 -49.76 34.64 12.15
N GLY A 413 -50.38 34.96 11.01
CA GLY A 413 -50.64 36.35 10.69
C GLY A 413 -51.52 37.01 11.73
N SER A 414 -51.24 38.29 11.98
CA SER A 414 -51.93 39.04 13.02
C SER A 414 -51.65 40.52 12.83
N LEU A 415 -52.32 41.33 13.66
CA LEU A 415 -52.01 42.75 13.80
C LEU A 415 -51.42 42.99 15.18
N ARG A 416 -50.55 43.98 15.28
CA ARG A 416 -49.88 44.31 16.53
C ARG A 416 -50.02 45.79 16.80
N ILE A 417 -50.53 46.14 17.98
CA ILE A 417 -50.68 47.53 18.40
C ILE A 417 -49.64 47.78 19.49
N ILE A 418 -48.52 48.39 19.09
CA ILE A 418 -47.42 48.69 19.99
C ILE A 418 -47.63 50.08 20.60
N ARG A 419 -47.60 50.14 21.92
CA ARG A 419 -47.68 51.36 22.70
C ARG A 419 -46.33 51.62 23.38
N ASN A 420 -46.10 52.88 23.72
CA ASN A 420 -44.86 53.29 24.35
C ASN A 420 -45.07 53.63 25.83
N ILE A 436 -47.55 46.67 23.91
CA ILE A 436 -47.99 45.30 23.70
C ILE A 436 -49.40 45.27 23.13
N ARG A 437 -49.78 44.09 22.63
CA ARG A 437 -51.12 43.79 22.10
C ARG A 437 -51.00 42.82 20.93
N THR A 438 -52.10 42.12 20.62
CA THR A 438 -52.10 41.21 19.47
C THR A 438 -53.54 40.94 19.04
N VAL A 439 -53.78 41.01 17.74
CA VAL A 439 -55.06 40.71 17.14
C VAL A 439 -54.85 39.60 16.11
N PRO A 440 -55.10 38.34 16.48
CA PRO A 440 -54.83 37.24 15.56
C PRO A 440 -55.81 37.24 14.39
N LEU A 441 -55.27 37.00 13.19
CA LEU A 441 -56.06 36.97 11.97
C LEU A 441 -56.13 35.58 11.33
N TYR A 442 -55.20 34.69 11.64
CA TYR A 442 -55.15 33.34 11.09
C TYR A 442 -55.02 33.35 9.57
N GLU A 443 -54.58 34.47 9.01
CA GLU A 443 -54.28 34.58 7.59
C GLU A 443 -53.28 35.71 7.40
N SER A 444 -52.73 35.79 6.20
CA SER A 444 -51.58 36.68 5.98
C SER A 444 -52.04 38.12 5.78
N PRO A 445 -51.67 39.05 6.66
CA PRO A 445 -51.90 40.47 6.40
C PRO A 445 -50.77 41.06 5.57
N ARG A 446 -51.13 42.01 4.71
CA ARG A 446 -50.19 42.59 3.76
C ARG A 446 -50.07 44.10 3.89
N LYS A 447 -51.17 44.83 3.82
CA LYS A 447 -51.15 46.29 3.87
C LYS A 447 -52.21 46.77 4.87
N ILE A 448 -51.96 47.94 5.44
CA ILE A 448 -52.85 48.50 6.46
C ILE A 448 -52.88 50.01 6.32
N CYS A 449 -54.07 50.59 6.51
CA CYS A 449 -54.24 52.04 6.51
C CYS A 449 -55.39 52.39 7.44
N TYR A 450 -55.29 53.57 8.05
CA TYR A 450 -56.25 54.02 9.05
C TYR A 450 -57.16 55.09 8.46
N GLN A 451 -58.45 55.00 8.79
CA GLN A 451 -59.46 55.93 8.32
C GLN A 451 -60.15 56.55 9.54
N GLU A 452 -59.78 57.79 9.85
CA GLU A 452 -60.29 58.42 11.07
C GLU A 452 -61.76 58.79 10.95
N VAL A 453 -62.24 59.03 9.73
CA VAL A 453 -63.64 59.43 9.55
C VAL A 453 -64.58 58.32 10.00
N SER A 454 -64.20 57.06 9.76
CA SER A 454 -65.03 55.92 10.12
C SER A 454 -64.51 55.17 11.35
N GLN A 455 -63.43 55.65 11.97
CA GLN A 455 -62.92 55.08 13.22
C GLN A 455 -62.59 53.60 13.07
N CYS A 456 -61.84 53.27 12.01
CA CYS A 456 -61.48 51.88 11.77
C CYS A 456 -60.28 51.82 10.84
N PHE A 457 -59.76 50.61 10.65
CA PHE A 457 -58.66 50.34 9.75
C PHE A 457 -59.13 49.53 8.56
N GLY A 458 -58.46 49.73 7.43
CA GLY A 458 -58.59 48.86 6.27
C GLY A 458 -57.29 48.10 6.07
N VAL A 459 -57.40 46.79 5.94
CA VAL A 459 -56.26 45.91 5.91
C VAL A 459 -56.41 44.91 4.76
N LEU A 460 -55.42 44.86 3.88
CA LEU A 460 -55.40 43.84 2.85
C LEU A 460 -54.86 42.53 3.43
N SER A 461 -55.47 41.42 3.03
CA SER A 461 -55.04 40.13 3.55
C SER A 461 -55.28 39.05 2.50
N SER A 462 -54.65 37.90 2.72
CA SER A 462 -54.74 36.76 1.83
C SER A 462 -54.80 35.47 2.64
N ARG A 463 -55.65 34.55 2.20
CA ARG A 463 -55.81 33.26 2.84
C ARG A 463 -55.67 32.16 1.80
N ILE A 464 -54.93 31.11 2.13
CA ILE A 464 -54.71 30.01 1.20
C ILE A 464 -55.89 29.06 1.25
N GLU A 465 -56.34 28.62 0.07
CA GLU A 465 -57.33 27.57 -0.07
C GLU A 465 -56.80 26.54 -1.07
N VAL A 466 -57.44 25.39 -1.10
CA VAL A 466 -57.01 24.27 -1.92
C VAL A 466 -58.09 23.93 -2.94
N GLN A 467 -57.66 23.55 -4.13
CA GLN A 467 -58.62 23.18 -5.18
C GLN A 467 -59.40 21.95 -4.76
N ASP A 468 -60.72 22.03 -4.88
CA ASP A 468 -61.62 20.96 -4.49
C ASP A 468 -61.99 20.11 -5.69
N THR A 469 -62.34 18.84 -5.43
CA THR A 469 -62.78 17.96 -6.50
C THR A 469 -63.98 18.52 -7.24
N SER A 470 -64.89 19.18 -6.52
CA SER A 470 -66.09 19.73 -7.17
C SER A 470 -65.72 20.79 -8.20
N GLY A 471 -64.57 21.44 -8.05
CA GLY A 471 -64.15 22.48 -8.97
C GLY A 471 -63.79 23.76 -8.25
N GLY A 472 -64.54 24.08 -7.19
CA GLY A 472 -64.26 25.25 -6.39
C GLY A 472 -63.07 25.03 -5.48
N THR A 473 -62.92 25.93 -4.52
CA THR A 473 -61.83 25.89 -3.56
C THR A 473 -62.38 25.73 -2.15
N THR A 474 -61.55 25.18 -1.27
CA THR A 474 -61.91 24.94 0.12
C THR A 474 -60.84 25.53 1.03
N ALA A 475 -61.29 26.19 2.11
CA ALA A 475 -60.37 26.83 3.04
C ALA A 475 -59.72 25.81 3.96
N LEU A 476 -58.57 26.20 4.52
CA LEU A 476 -57.85 25.30 5.42
C LEU A 476 -58.36 25.46 6.84
N ARG A 477 -58.57 26.69 7.28
CA ARG A 477 -59.00 26.97 8.64
C ARG A 477 -59.84 28.24 8.64
N PRO A 478 -60.72 28.41 9.61
CA PRO A 478 -61.48 29.66 9.71
C PRO A 478 -60.59 30.84 10.12
N SER A 479 -60.40 31.77 9.20
CA SER A 479 -59.57 32.93 9.41
C SER A 479 -60.44 34.20 9.44
N ALA A 480 -59.77 35.35 9.52
CA ALA A 480 -60.50 36.61 9.67
C ALA A 480 -61.43 36.87 8.50
N SER A 481 -60.99 36.54 7.28
CA SER A 481 -61.79 36.86 6.11
C SER A 481 -63.04 36.00 6.05
N THR A 482 -63.01 34.83 6.67
CA THR A 482 -64.17 33.94 6.64
C THR A 482 -65.10 34.16 7.82
N GLN A 483 -64.57 34.66 8.95
CA GLN A 483 -65.38 34.92 10.12
C GLN A 483 -65.64 36.41 10.28
N ALA A 484 -66.26 37.02 9.27
CA ALA A 484 -66.54 38.44 9.26
C ALA A 484 -68.03 38.69 9.50
N LEU A 485 -68.33 39.80 10.17
CA LEU A 485 -69.72 40.18 10.37
C LEU A 485 -70.42 40.43 9.05
N SER A 486 -69.94 41.43 8.30
CA SER A 486 -70.43 41.71 6.95
C SER A 486 -69.45 41.17 5.93
N SER A 487 -70.00 40.71 4.80
CA SER A 487 -69.20 40.11 3.74
C SER A 487 -69.71 40.56 2.40
N SER A 488 -68.87 40.39 1.38
CA SER A 488 -69.21 40.78 0.02
C SER A 488 -68.14 40.26 -0.93
N VAL A 489 -68.52 40.10 -2.20
CA VAL A 489 -67.61 39.66 -3.24
C VAL A 489 -67.68 40.65 -4.38
N SER A 490 -66.56 40.80 -5.08
CA SER A 490 -66.51 41.68 -6.25
C SER A 490 -67.29 41.07 -7.40
N SER A 491 -68.34 41.76 -7.83
CA SER A 491 -69.16 41.33 -8.96
C SER A 491 -68.95 42.29 -10.12
N SER A 492 -67.80 42.16 -10.76
CA SER A 492 -67.39 43.06 -11.84
C SER A 492 -67.50 42.38 -13.19
N LYS A 493 -67.52 43.20 -14.24
CA LYS A 493 -67.66 42.72 -15.61
C LYS A 493 -66.43 43.00 -16.47
N LEU A 494 -65.39 43.62 -15.90
CA LEU A 494 -64.20 43.95 -16.69
C LEU A 494 -63.53 42.69 -17.21
N PHE A 495 -63.17 41.78 -16.32
CA PHE A 495 -62.47 40.56 -16.69
C PHE A 495 -63.36 39.33 -16.69
N SER A 496 -64.62 39.46 -16.26
CA SER A 496 -65.55 38.34 -16.38
C SER A 496 -65.71 37.92 -17.84
N SER A 497 -65.69 38.88 -18.75
CA SER A 497 -65.73 38.60 -20.18
C SER A 497 -64.32 38.51 -20.77
N SER A 498 -63.40 39.37 -20.32
CA SER A 498 -62.02 39.35 -20.79
C SER A 498 -61.19 38.49 -19.86
N THR A 499 -61.25 37.18 -20.10
CA THR A 499 -60.55 36.19 -19.30
C THR A 499 -59.86 35.17 -20.21
N ALA A 500 -58.71 34.67 -19.74
CA ALA A 500 -57.91 33.70 -20.48
C ALA A 500 -58.39 32.28 -20.17
N PRO A 501 -58.25 31.36 -21.14
CA PRO A 501 -58.70 29.98 -20.92
C PRO A 501 -57.65 29.17 -20.17
N HIS A 502 -58.03 28.58 -19.05
CA HIS A 502 -57.13 27.78 -18.23
C HIS A 502 -57.94 27.10 -17.14
N GLU A 503 -57.35 26.03 -16.57
CA GLU A 503 -57.99 25.25 -15.53
C GLU A 503 -56.97 24.90 -14.46
N THR A 504 -57.42 24.87 -13.21
CA THR A 504 -56.58 24.52 -12.07
C THR A 504 -56.84 23.07 -11.66
N SER A 505 -55.75 22.35 -11.37
CA SER A 505 -55.86 20.95 -11.02
C SER A 505 -56.21 20.80 -9.54
N PHE A 506 -56.70 19.61 -9.19
CA PHE A 506 -57.09 19.33 -7.81
C PHE A 506 -55.87 19.33 -6.89
N GLY A 507 -56.05 19.85 -5.68
CA GLY A 507 -55.00 19.91 -4.69
C GLY A 507 -54.14 21.16 -4.74
N GLU A 508 -54.07 21.82 -5.89
CA GLU A 508 -53.23 23.01 -6.00
C GLU A 508 -53.74 24.11 -5.08
N GLU A 509 -52.82 24.87 -4.51
CA GLU A 509 -53.16 25.96 -3.61
C GLU A 509 -53.37 27.25 -4.38
N VAL A 510 -54.30 28.06 -3.88
CA VAL A 510 -54.60 29.37 -4.45
C VAL A 510 -54.94 30.31 -3.31
N GLU A 511 -54.38 31.52 -3.34
CA GLU A 511 -54.60 32.48 -2.27
C GLU A 511 -55.69 33.47 -2.67
N VAL A 512 -56.68 33.63 -1.79
CA VAL A 512 -57.78 34.55 -1.97
C VAL A 512 -57.46 35.85 -1.24
N HIS A 513 -57.63 36.96 -1.93
CA HIS A 513 -57.34 38.29 -1.40
C HIS A 513 -58.61 38.96 -0.92
N ASN A 514 -58.52 39.67 0.20
CA ASN A 514 -59.67 40.33 0.80
C ASN A 514 -59.24 41.66 1.41
N LEU A 515 -60.20 42.58 1.49
CA LEU A 515 -60.05 43.84 2.20
C LEU A 515 -60.89 43.76 3.47
N LEU A 516 -60.24 43.90 4.62
CA LEU A 516 -60.88 43.80 5.93
C LEU A 516 -61.05 45.19 6.52
N ILE A 517 -62.28 45.52 6.87
CA ILE A 517 -62.59 46.72 7.64
C ILE A 517 -62.72 46.29 9.09
N ILE A 518 -61.80 46.77 9.92
CA ILE A 518 -61.63 46.30 11.29
C ILE A 518 -61.78 47.48 12.23
N ASP A 519 -62.60 47.31 13.27
CA ASP A 519 -62.82 48.40 14.22
C ASP A 519 -61.52 48.80 14.90
N GLN A 520 -61.42 50.07 15.27
CA GLN A 520 -60.23 50.60 15.92
C GLN A 520 -60.22 50.41 17.43
N HIS A 521 -61.37 50.07 18.03
CA HIS A 521 -61.46 49.85 19.48
C HIS A 521 -61.47 48.37 19.82
N THR A 522 -62.47 47.63 19.32
CA THR A 522 -62.56 46.20 19.59
C THR A 522 -61.68 45.38 18.64
N PHE A 523 -61.33 45.92 17.48
CA PHE A 523 -60.51 45.22 16.50
C PHE A 523 -61.19 43.95 15.99
N GLU A 524 -62.51 43.99 15.87
CA GLU A 524 -63.26 42.89 15.27
C GLU A 524 -63.41 43.12 13.78
N VAL A 525 -63.48 42.03 13.02
CA VAL A 525 -63.62 42.13 11.58
C VAL A 525 -65.03 42.63 11.26
N LEU A 526 -65.17 43.94 11.08
CA LEU A 526 -66.47 44.51 10.74
C LEU A 526 -66.93 44.05 9.37
N HIS A 527 -66.05 44.16 8.36
CA HIS A 527 -66.41 43.78 7.01
C HIS A 527 -65.25 43.07 6.34
N ALA A 528 -65.58 42.22 5.36
CA ALA A 528 -64.59 41.52 4.55
C ALA A 528 -65.09 41.49 3.11
N HIS A 529 -64.38 42.18 2.22
CA HIS A 529 -64.71 42.23 0.80
C HIS A 529 -63.71 41.37 0.04
N GLN A 530 -64.21 40.31 -0.58
CA GLN A 530 -63.37 39.42 -1.36
C GLN A 530 -63.25 39.93 -2.80
N PHE A 531 -62.04 39.88 -3.33
CA PHE A 531 -61.78 40.38 -4.67
C PHE A 531 -62.02 39.28 -5.72
N LEU A 532 -61.81 39.64 -6.98
CA LEU A 532 -62.09 38.73 -8.07
C LEU A 532 -61.15 37.52 -8.02
N GLN A 533 -61.54 36.48 -8.75
CA GLN A 533 -60.68 35.30 -8.86
C GLN A 533 -59.45 35.63 -9.68
N ASN A 534 -58.30 35.16 -9.21
CA ASN A 534 -57.01 35.43 -9.82
C ASN A 534 -56.59 36.88 -9.68
N GLU A 535 -57.24 37.65 -8.81
CA GLU A 535 -56.91 39.06 -8.59
C GLU A 535 -56.03 39.17 -7.35
N TYR A 536 -54.92 39.91 -7.48
CA TYR A 536 -53.95 40.09 -6.41
C TYR A 536 -53.92 41.56 -6.03
N ALA A 537 -54.20 41.85 -4.76
CA ALA A 537 -54.24 43.22 -4.26
C ALA A 537 -52.85 43.64 -3.83
N LEU A 538 -52.38 44.76 -4.36
CA LEU A 538 -51.01 45.23 -4.13
C LEU A 538 -50.93 46.46 -3.26
N SER A 539 -51.67 47.51 -3.58
CA SER A 539 -51.59 48.78 -2.88
C SER A 539 -52.93 49.14 -2.25
N LEU A 540 -52.88 50.06 -1.29
CA LEU A 540 -54.07 50.44 -0.53
C LEU A 540 -53.85 51.81 0.10
N VAL A 541 -54.83 52.70 -0.05
CA VAL A 541 -54.76 54.05 0.49
C VAL A 541 -56.13 54.46 0.99
N SER A 542 -56.14 55.42 1.92
CA SER A 542 -57.37 55.98 2.46
C SER A 542 -57.21 57.50 2.49
N CYS A 543 -58.04 58.20 1.72
CA CYS A 543 -57.89 59.64 1.59
C CYS A 543 -59.16 60.24 1.00
N LYS A 544 -59.18 61.57 0.94
CA LYS A 544 -60.23 62.33 0.29
C LYS A 544 -59.72 62.90 -1.01
N LEU A 545 -60.52 62.81 -2.07
CA LEU A 545 -60.10 63.15 -3.42
C LEU A 545 -60.94 64.30 -3.97
N GLY A 546 -60.28 65.34 -4.45
CA GLY A 546 -60.98 66.41 -5.12
C GLY A 546 -61.91 67.16 -4.20
N LYS A 547 -63.02 67.65 -4.75
CA LYS A 547 -64.03 68.35 -3.97
C LYS A 547 -64.86 67.40 -3.11
N ASP A 548 -64.79 66.10 -3.37
CA ASP A 548 -65.60 65.14 -2.63
C ASP A 548 -65.22 65.14 -1.15
N PRO A 549 -66.16 65.38 -0.24
CA PRO A 549 -65.84 65.34 1.19
C PRO A 549 -65.74 63.94 1.77
N ASN A 550 -66.16 62.91 1.02
CA ASN A 550 -66.13 61.54 1.54
C ASN A 550 -64.70 61.00 1.54
N THR A 551 -64.40 60.19 2.55
CA THR A 551 -63.12 59.51 2.66
C THR A 551 -63.29 58.08 2.16
N TYR A 552 -62.49 57.70 1.17
CA TYR A 552 -62.66 56.42 0.49
C TYR A 552 -61.48 55.49 0.76
N PHE A 553 -61.75 54.19 0.61
CA PHE A 553 -60.71 53.15 0.63
C PHE A 553 -60.39 52.79 -0.81
N ILE A 554 -59.19 53.14 -1.27
CA ILE A 554 -58.77 52.88 -2.64
C ILE A 554 -57.78 51.73 -2.64
N VAL A 555 -58.07 50.72 -3.46
CA VAL A 555 -57.25 49.52 -3.54
C VAL A 555 -56.80 49.30 -4.97
N GLY A 556 -55.52 49.02 -5.16
CA GLY A 556 -54.98 48.68 -6.47
C GLY A 556 -54.75 47.19 -6.56
N THR A 557 -55.03 46.63 -7.74
CA THR A 557 -54.98 45.19 -7.94
C THR A 557 -54.21 44.87 -9.22
N ALA A 558 -54.11 43.57 -9.49
CA ALA A 558 -53.49 43.10 -10.72
C ALA A 558 -53.98 41.68 -10.97
N MET A 559 -54.37 41.39 -12.20
CA MET A 559 -54.84 40.06 -12.56
C MET A 559 -53.64 39.16 -12.82
N VAL A 560 -53.43 38.18 -11.95
CA VAL A 560 -52.26 37.31 -12.01
C VAL A 560 -52.71 35.93 -12.50
N TYR A 561 -52.28 35.57 -13.70
CA TYR A 561 -52.53 34.26 -14.24
C TYR A 561 -51.23 33.46 -14.35
N PRO A 562 -51.30 32.14 -14.24
CA PRO A 562 -50.03 31.36 -14.27
C PRO A 562 -49.29 31.46 -15.60
N GLU A 563 -50.00 31.31 -16.72
CA GLU A 563 -49.33 31.37 -18.01
C GLU A 563 -48.83 32.77 -18.35
N GLU A 564 -49.43 33.80 -17.77
CA GLU A 564 -49.06 35.19 -18.04
C GLU A 564 -47.92 35.60 -17.11
N ALA A 565 -46.76 35.90 -17.68
CA ALA A 565 -45.62 36.31 -16.88
C ALA A 565 -45.85 37.68 -16.26
N GLU A 566 -45.84 38.73 -17.09
CA GLU A 566 -46.04 40.07 -16.57
C GLU A 566 -47.51 40.45 -16.64
N PRO A 567 -48.08 41.01 -15.56
CA PRO A 567 -49.53 41.30 -15.55
C PRO A 567 -49.89 42.34 -16.59
N LYS A 568 -50.97 42.08 -17.34
CA LYS A 568 -51.45 42.99 -18.35
C LYS A 568 -52.83 43.56 -18.02
N GLN A 569 -53.35 43.28 -16.82
CA GLN A 569 -54.64 43.79 -16.41
C GLN A 569 -54.60 44.12 -14.92
N GLY A 570 -55.38 45.13 -14.54
CA GLY A 570 -55.46 45.52 -13.15
C GLY A 570 -56.63 46.46 -12.95
N ARG A 571 -56.92 46.73 -11.67
CA ARG A 571 -58.02 47.62 -11.32
C ARG A 571 -57.61 48.58 -10.22
N ILE A 572 -58.23 49.75 -10.24
CA ILE A 572 -58.22 50.68 -9.12
C ILE A 572 -59.66 50.78 -8.65
N VAL A 573 -59.93 50.30 -7.43
CA VAL A 573 -61.27 50.20 -6.90
C VAL A 573 -61.40 51.16 -5.73
N VAL A 574 -62.40 52.04 -5.79
CA VAL A 574 -62.67 53.02 -4.75
C VAL A 574 -63.93 52.56 -4.02
N PHE A 575 -63.77 52.16 -2.76
CA PHE A 575 -64.84 51.75 -1.87
C PHE A 575 -65.15 52.88 -0.88
N GLN A 576 -66.35 52.80 -0.30
CA GLN A 576 -66.73 53.67 0.80
C GLN A 576 -67.40 52.84 1.88
N TYR A 577 -66.91 52.96 3.11
CA TYR A 577 -67.44 52.22 4.24
C TYR A 577 -68.42 53.11 5.01
N SER A 578 -69.68 52.71 5.04
CA SER A 578 -70.72 53.47 5.72
C SER A 578 -71.85 52.53 6.12
N ASP A 579 -72.43 52.78 7.29
CA ASP A 579 -73.55 52.00 7.79
C ASP A 579 -73.18 50.53 7.92
N GLY A 580 -71.91 50.28 8.27
CA GLY A 580 -71.50 48.92 8.50
C GLY A 580 -71.34 48.10 7.25
N LYS A 581 -71.34 48.74 6.08
CA LYS A 581 -71.19 48.01 4.82
C LYS A 581 -70.20 48.74 3.93
N LEU A 582 -69.51 47.96 3.10
CA LEU A 582 -68.53 48.48 2.15
C LEU A 582 -69.13 48.41 0.75
N GLN A 583 -69.21 49.55 0.08
CA GLN A 583 -69.80 49.66 -1.25
C GLN A 583 -68.78 50.18 -2.24
N THR A 584 -68.82 49.62 -3.45
CA THR A 584 -67.89 50.00 -4.51
C THR A 584 -68.34 51.32 -5.13
N VAL A 585 -67.61 52.39 -4.83
CA VAL A 585 -67.93 53.69 -5.41
C VAL A 585 -67.53 53.73 -6.88
N ALA A 586 -66.30 53.34 -7.18
CA ALA A 586 -65.79 53.44 -8.54
C ALA A 586 -64.86 52.29 -8.85
N GLU A 587 -64.69 52.03 -10.15
CA GLU A 587 -63.84 50.95 -10.64
C GLU A 587 -63.20 51.39 -11.95
N LYS A 588 -61.87 51.42 -12.00
CA LYS A 588 -61.14 51.85 -13.18
C LYS A 588 -60.20 50.73 -13.61
N GLU A 589 -60.32 50.30 -14.86
CA GLU A 589 -59.43 49.27 -15.38
C GLU A 589 -58.13 49.89 -15.86
N VAL A 590 -57.05 49.12 -15.77
CA VAL A 590 -55.73 49.55 -16.21
C VAL A 590 -55.00 48.38 -16.87
N LYS A 591 -54.01 48.72 -17.70
CA LYS A 591 -53.38 47.74 -18.57
C LYS A 591 -52.17 47.11 -17.90
N GLY A 592 -52.21 46.97 -16.57
CA GLY A 592 -51.08 46.40 -15.86
C GLY A 592 -51.37 46.24 -14.38
N ALA A 593 -50.30 46.16 -13.60
CA ALA A 593 -50.38 45.98 -12.16
C ALA A 593 -50.23 47.32 -11.46
N VAL A 594 -51.16 47.64 -10.58
CA VAL A 594 -51.10 48.87 -9.79
C VAL A 594 -50.23 48.60 -8.57
N TYR A 595 -48.92 48.86 -8.71
CA TYR A 595 -47.99 48.50 -7.64
C TYR A 595 -48.18 49.37 -6.42
N SER A 596 -48.17 50.70 -6.59
CA SER A 596 -48.25 51.63 -5.48
C SER A 596 -49.16 52.79 -5.83
N MET A 597 -49.76 53.38 -4.80
CA MET A 597 -50.59 54.57 -4.93
C MET A 597 -50.34 55.48 -3.75
N VAL A 598 -50.44 56.78 -3.99
CA VAL A 598 -50.28 57.77 -2.94
C VAL A 598 -51.26 58.92 -3.19
N GLU A 599 -51.64 59.59 -2.11
CA GLU A 599 -52.48 60.78 -2.21
C GLU A 599 -51.61 61.96 -2.63
N PHE A 600 -51.92 62.54 -3.78
CA PHE A 600 -51.09 63.58 -4.39
C PHE A 600 -51.93 64.83 -4.58
N ASN A 601 -51.92 65.72 -3.58
CA ASN A 601 -52.55 67.03 -3.67
C ASN A 601 -53.99 66.93 -4.19
N GLY A 602 -54.78 66.10 -3.52
CA GLY A 602 -56.17 65.90 -3.90
C GLY A 602 -56.37 65.01 -5.11
N LYS A 603 -55.31 64.53 -5.73
CA LYS A 603 -55.39 63.66 -6.89
C LYS A 603 -54.76 62.30 -6.55
N LEU A 604 -55.07 61.31 -7.38
CA LEU A 604 -54.62 59.94 -7.13
C LEU A 604 -53.43 59.62 -8.03
N LEU A 605 -52.27 59.42 -7.42
CA LEU A 605 -51.06 59.05 -8.14
C LEU A 605 -50.89 57.54 -8.04
N ALA A 606 -50.99 56.84 -9.16
CA ALA A 606 -50.86 55.40 -9.23
C ALA A 606 -49.68 55.02 -10.12
N SER A 607 -49.27 53.76 -10.02
CA SER A 607 -48.17 53.23 -10.80
C SER A 607 -48.63 51.92 -11.45
N ILE A 608 -48.71 51.93 -12.78
CA ILE A 608 -49.12 50.77 -13.56
C ILE A 608 -47.89 50.31 -14.34
N ASN A 609 -47.19 49.30 -13.80
CA ASN A 609 -45.99 48.76 -14.41
C ASN A 609 -44.92 49.82 -14.59
N SER A 610 -44.70 50.27 -15.82
CA SER A 610 -43.68 51.27 -16.11
C SER A 610 -44.24 52.68 -16.13
N THR A 611 -45.56 52.84 -16.03
CA THR A 611 -46.18 54.16 -16.12
C THR A 611 -46.51 54.69 -14.73
N VAL A 612 -46.22 55.97 -14.52
CA VAL A 612 -46.69 56.70 -13.35
C VAL A 612 -47.84 57.58 -13.83
N ARG A 613 -49.05 57.27 -13.40
CA ARG A 613 -50.24 57.93 -13.89
C ARG A 613 -50.86 58.77 -12.77
N LEU A 614 -51.49 59.88 -13.18
CA LEU A 614 -52.12 60.82 -12.26
C LEU A 614 -53.58 60.98 -12.66
N TYR A 615 -54.48 60.54 -11.79
CA TYR A 615 -55.92 60.60 -11.96
C TYR A 615 -56.52 61.74 -11.16
N GLU A 616 -57.59 62.31 -11.69
CA GLU A 616 -58.42 63.29 -10.99
C GLU A 616 -59.78 62.69 -10.66
N TRP A 617 -60.35 63.13 -9.55
CA TRP A 617 -61.66 62.65 -9.09
C TRP A 617 -62.72 63.63 -9.61
N THR A 618 -63.43 63.23 -10.65
CA THR A 618 -64.41 64.11 -11.28
C THR A 618 -65.65 64.24 -10.39
N THR A 619 -66.49 65.22 -10.73
CA THR A 619 -67.73 65.42 -10.01
C THR A 619 -68.73 64.28 -10.24
N GLU A 620 -68.52 63.47 -11.28
CA GLU A 620 -69.33 62.27 -11.52
C GLU A 620 -68.86 61.08 -10.69
N LYS A 621 -67.93 61.30 -9.76
CA LYS A 621 -67.38 60.24 -8.91
C LYS A 621 -66.77 59.13 -9.76
N GLU A 622 -65.81 59.53 -10.59
CA GLU A 622 -65.08 58.61 -11.45
C GLU A 622 -63.65 59.10 -11.59
N LEU A 623 -62.73 58.16 -11.82
CA LEU A 623 -61.33 58.51 -12.00
C LEU A 623 -61.07 58.88 -13.45
N ARG A 624 -60.48 60.06 -13.66
CA ARG A 624 -60.20 60.57 -15.00
C ARG A 624 -58.71 60.78 -15.14
N THR A 625 -58.11 60.15 -16.14
CA THR A 625 -56.67 60.27 -16.36
C THR A 625 -56.32 61.71 -16.72
N GLU A 626 -55.38 62.29 -15.98
CA GLU A 626 -54.87 63.61 -16.30
C GLU A 626 -53.42 63.62 -16.74
N CYS A 627 -52.57 62.75 -16.19
CA CYS A 627 -51.16 62.76 -16.54
C CYS A 627 -50.60 61.35 -16.64
N ASN A 628 -49.57 61.20 -17.47
CA ASN A 628 -48.83 59.96 -17.62
C ASN A 628 -47.34 60.26 -17.76
N HIS A 629 -46.51 59.41 -17.16
CA HIS A 629 -45.07 59.51 -17.35
C HIS A 629 -44.51 58.09 -17.50
N TYR A 630 -43.84 57.83 -18.62
CA TYR A 630 -43.31 56.51 -18.93
C TYR A 630 -41.84 56.48 -18.54
N ASN A 631 -41.46 55.51 -17.71
CA ASN A 631 -40.13 55.45 -17.15
C ASN A 631 -39.36 54.26 -17.71
N ASN A 632 -38.04 54.33 -17.57
CA ASN A 632 -37.15 53.23 -17.95
C ASN A 632 -37.19 52.07 -16.97
N ILE A 633 -37.77 52.26 -15.79
CA ILE A 633 -37.81 51.24 -14.75
C ILE A 633 -39.26 50.83 -14.49
N MET A 634 -39.48 49.99 -13.49
CA MET A 634 -40.80 49.53 -13.11
C MET A 634 -41.21 50.26 -11.83
N ALA A 635 -42.28 51.05 -11.89
CA ALA A 635 -42.67 51.94 -10.80
C ALA A 635 -43.21 51.13 -9.63
N LEU A 636 -42.29 50.54 -8.87
CA LEU A 636 -42.67 49.74 -7.70
C LEU A 636 -42.88 50.63 -6.49
N TYR A 637 -41.83 51.28 -6.02
CA TYR A 637 -41.91 52.15 -4.86
C TYR A 637 -42.32 53.54 -5.31
N LEU A 638 -43.40 54.06 -4.74
CA LEU A 638 -43.90 55.40 -5.02
C LEU A 638 -44.04 56.17 -3.72
N LYS A 639 -43.27 57.24 -3.57
CA LYS A 639 -43.43 58.16 -2.45
C LYS A 639 -43.62 59.56 -3.00
N THR A 640 -44.15 60.46 -2.16
CA THR A 640 -44.42 61.81 -2.61
C THR A 640 -44.21 62.79 -1.47
N LYS A 641 -43.80 64.01 -1.84
CA LYS A 641 -43.68 65.11 -0.89
C LYS A 641 -44.06 66.39 -1.62
N GLY A 642 -45.24 66.92 -1.31
CA GLY A 642 -45.72 68.11 -2.00
C GLY A 642 -45.89 67.89 -3.49
N ASP A 643 -44.93 68.37 -4.28
CA ASP A 643 -44.95 68.19 -5.72
C ASP A 643 -43.86 67.26 -6.23
N PHE A 644 -42.98 66.78 -5.36
CA PHE A 644 -41.93 65.85 -5.76
C PHE A 644 -42.42 64.42 -5.64
N ILE A 645 -42.03 63.59 -6.61
CA ILE A 645 -42.39 62.18 -6.65
C ILE A 645 -41.10 61.37 -6.70
N LEU A 646 -40.99 60.40 -5.79
CA LEU A 646 -39.86 59.49 -5.75
C LEU A 646 -40.33 58.13 -6.25
N VAL A 647 -39.67 57.64 -7.30
CA VAL A 647 -40.02 56.38 -7.95
C VAL A 647 -38.83 55.43 -7.84
N GLY A 648 -39.12 54.14 -7.64
CA GLY A 648 -38.05 53.16 -7.53
C GLY A 648 -38.51 51.80 -7.98
N ASP A 649 -37.53 50.97 -8.34
CA ASP A 649 -37.76 49.59 -8.74
C ASP A 649 -36.96 48.66 -7.83
N LEU A 650 -37.09 47.36 -8.10
CA LEU A 650 -36.50 46.36 -7.22
C LEU A 650 -34.98 46.37 -7.24
N MET A 651 -34.36 46.98 -8.24
CA MET A 651 -32.90 46.96 -8.40
C MET A 651 -32.28 48.32 -8.07
N ARG A 652 -32.82 49.00 -7.05
CA ARG A 652 -32.22 50.21 -6.50
C ARG A 652 -32.10 51.32 -7.54
N SER A 653 -33.03 51.37 -8.49
CA SER A 653 -33.03 52.41 -9.52
C SER A 653 -33.88 53.57 -9.02
N VAL A 654 -33.23 54.56 -8.42
CA VAL A 654 -33.92 55.71 -7.85
C VAL A 654 -34.20 56.72 -8.95
N LEU A 655 -35.39 57.31 -8.93
CA LEU A 655 -35.80 58.31 -9.90
C LEU A 655 -36.60 59.38 -9.18
N LEU A 656 -36.37 60.64 -9.52
CA LEU A 656 -37.03 61.77 -8.87
C LEU A 656 -37.68 62.61 -9.95
N LEU A 657 -39.01 62.65 -9.94
CA LEU A 657 -39.85 63.43 -10.84
C LEU A 657 -40.50 64.57 -10.07
N ALA A 658 -41.09 65.50 -10.82
CA ALA A 658 -41.81 66.61 -10.23
C ALA A 658 -43.00 66.97 -11.11
N TYR A 659 -44.13 67.25 -10.47
CA TYR A 659 -45.35 67.62 -11.17
C TYR A 659 -45.34 69.12 -11.44
N LYS A 660 -45.38 69.50 -12.72
CA LYS A 660 -45.41 70.89 -13.11
C LYS A 660 -46.86 71.35 -13.16
N PRO A 661 -47.32 72.17 -12.24
CA PRO A 661 -48.74 72.56 -12.23
C PRO A 661 -49.13 73.41 -13.44
N MET A 662 -48.34 74.46 -13.72
CA MET A 662 -48.69 75.36 -14.81
C MET A 662 -48.67 74.66 -16.16
N GLU A 663 -47.82 73.66 -16.33
CA GLU A 663 -47.73 72.93 -17.59
C GLU A 663 -48.76 71.80 -17.67
N GLY A 664 -48.96 71.06 -16.58
CA GLY A 664 -49.92 69.98 -16.56
C GLY A 664 -49.34 68.65 -17.02
N ASN A 665 -48.15 68.32 -16.53
CA ASN A 665 -47.45 67.11 -16.94
C ASN A 665 -46.30 66.87 -15.97
N PHE A 666 -45.64 65.72 -16.14
CA PHE A 666 -44.54 65.34 -15.28
C PHE A 666 -43.20 65.68 -15.93
N GLU A 667 -42.22 66.00 -15.08
CA GLU A 667 -40.87 66.31 -15.54
C GLU A 667 -39.88 65.59 -14.64
N GLU A 668 -38.90 64.93 -15.25
CA GLU A 668 -37.89 64.21 -14.47
C GLU A 668 -36.87 65.19 -13.91
N ILE A 669 -36.64 65.12 -12.60
CA ILE A 669 -35.67 65.98 -11.95
C ILE A 669 -34.29 65.32 -11.92
N ALA A 670 -34.20 64.09 -11.46
CA ALA A 670 -32.90 63.45 -11.31
C ALA A 670 -33.09 61.94 -11.21
N ARG A 671 -31.97 61.24 -11.05
CA ARG A 671 -32.00 59.79 -10.95
C ARG A 671 -30.65 59.29 -10.48
N ASP A 672 -30.62 58.02 -10.08
CA ASP A 672 -29.37 57.33 -9.76
C ASP A 672 -29.63 55.85 -9.92
N PHE A 673 -28.92 55.21 -10.84
CA PHE A 673 -29.14 53.80 -11.14
C PHE A 673 -27.88 53.02 -10.76
N ASN A 674 -27.95 52.33 -9.63
CA ASN A 674 -26.90 51.42 -9.19
C ASN A 674 -27.52 50.05 -8.92
N PRO A 675 -27.20 49.03 -9.72
CA PRO A 675 -27.87 47.73 -9.56
C PRO A 675 -27.63 47.15 -8.18
N ASN A 676 -28.72 46.91 -7.45
CA ASN A 676 -28.67 46.27 -6.15
C ASN A 676 -30.09 46.10 -5.65
N TRP A 677 -30.33 44.99 -4.97
CA TRP A 677 -31.68 44.64 -4.52
C TRP A 677 -32.13 45.62 -3.46
N MET A 678 -33.24 46.31 -3.72
CA MET A 678 -33.81 47.29 -2.81
C MET A 678 -35.14 46.78 -2.27
N SER A 679 -35.38 47.03 -0.99
CA SER A 679 -36.57 46.55 -0.30
C SER A 679 -37.56 47.64 0.09
N ALA A 680 -37.08 48.85 0.41
CA ALA A 680 -37.97 49.94 0.78
C ALA A 680 -37.26 51.26 0.51
N VAL A 681 -38.06 52.32 0.41
CA VAL A 681 -37.55 53.67 0.16
C VAL A 681 -38.46 54.67 0.85
N GLU A 682 -37.94 55.88 1.04
CA GLU A 682 -38.69 56.92 1.73
C GLU A 682 -38.02 58.26 1.47
N ILE A 683 -38.82 59.33 1.58
CA ILE A 683 -38.35 60.69 1.40
C ILE A 683 -38.09 61.29 2.77
N LEU A 684 -36.82 61.56 3.08
CA LEU A 684 -36.50 62.21 4.35
C LEU A 684 -36.97 63.66 4.35
N ASP A 685 -36.39 64.49 3.49
CA ASP A 685 -36.79 65.88 3.34
C ASP A 685 -36.85 66.19 1.84
N ASP A 686 -36.83 67.48 1.51
CA ASP A 686 -36.95 67.88 0.11
C ASP A 686 -35.78 67.39 -0.72
N ASP A 687 -34.60 67.23 -0.11
CA ASP A 687 -33.38 66.90 -0.84
C ASP A 687 -32.83 65.51 -0.55
N ASN A 688 -33.14 64.92 0.60
CA ASN A 688 -32.62 63.63 0.97
C ASN A 688 -33.68 62.54 0.78
N PHE A 689 -33.21 61.34 0.42
CA PHE A 689 -34.07 60.20 0.17
C PHE A 689 -33.43 58.97 0.78
N LEU A 690 -34.15 58.29 1.66
CA LEU A 690 -33.66 57.13 2.38
C LEU A 690 -34.16 55.84 1.72
N GLY A 691 -33.33 54.81 1.80
CA GLY A 691 -33.68 53.52 1.23
C GLY A 691 -32.95 52.39 1.92
N ALA A 692 -33.43 51.18 1.67
CA ALA A 692 -32.83 49.97 2.20
C ALA A 692 -32.47 49.06 1.04
N GLU A 693 -31.19 48.69 0.94
CA GLU A 693 -30.68 47.85 -0.14
C GLU A 693 -30.03 46.59 0.40
N ASN A 694 -29.64 45.76 -0.57
CA ASN A 694 -29.25 44.39 -0.30
C ASN A 694 -28.22 44.32 0.81
N ALA A 695 -28.19 43.17 1.45
CA ALA A 695 -27.27 42.88 2.55
C ALA A 695 -27.63 43.68 3.80
N PHE A 696 -28.91 43.98 3.97
CA PHE A 696 -29.42 44.64 5.18
C PHE A 696 -28.75 46.00 5.37
N ASN A 697 -28.70 46.79 4.30
CA ASN A 697 -28.03 48.08 4.35
C ASN A 697 -29.05 49.21 4.22
N LEU A 698 -28.71 50.36 4.79
CA LEU A 698 -29.45 51.60 4.62
C LEU A 698 -28.57 52.59 3.86
N PHE A 699 -29.19 53.32 2.94
CA PHE A 699 -28.48 54.31 2.16
C PHE A 699 -29.32 55.57 2.07
N VAL A 700 -28.64 56.67 1.72
CA VAL A 700 -29.26 57.98 1.64
C VAL A 700 -28.70 58.69 0.43
N CYS A 701 -29.56 59.01 -0.53
CA CYS A 701 -29.21 59.81 -1.70
C CYS A 701 -29.65 61.26 -1.48
N GLN A 702 -29.00 62.16 -2.20
CA GLN A 702 -29.24 63.58 -2.02
C GLN A 702 -29.36 64.26 -3.37
N LYS A 703 -30.32 65.18 -3.47
CA LYS A 703 -30.57 65.91 -4.71
C LYS A 703 -29.71 67.16 -4.73
N ASP A 704 -28.89 67.30 -5.78
CA ASP A 704 -28.04 68.47 -5.95
C ASP A 704 -28.83 69.55 -6.68
N SER A 705 -29.23 70.58 -5.94
CA SER A 705 -29.97 71.70 -6.51
C SER A 705 -29.08 72.93 -6.60
N ALA A 706 -29.22 73.66 -7.70
CA ALA A 706 -28.47 74.90 -7.91
C ALA A 706 -27.00 74.62 -8.24
N ALA A 707 -26.70 73.47 -8.85
CA ALA A 707 -25.34 73.17 -9.28
C ALA A 707 -24.99 74.00 -10.49
N THR A 708 -23.93 73.63 -11.21
CA THR A 708 -23.53 74.30 -12.43
C THR A 708 -24.04 73.56 -13.67
N THR A 709 -23.60 72.32 -13.86
CA THR A 709 -23.98 71.55 -15.03
C THR A 709 -25.32 70.87 -14.82
N ASP A 710 -26.12 70.81 -15.88
CA ASP A 710 -27.35 70.01 -15.83
C ASP A 710 -27.03 68.54 -15.62
N GLU A 711 -25.87 68.08 -16.09
CA GLU A 711 -25.50 66.69 -15.91
C GLU A 711 -25.42 66.33 -14.43
N GLU A 712 -24.70 67.15 -13.66
CA GLU A 712 -24.57 66.85 -12.23
C GLU A 712 -25.85 67.18 -11.48
N ARG A 713 -26.64 68.11 -12.00
CA ARG A 713 -27.90 68.43 -11.35
C ARG A 713 -28.86 67.25 -11.39
N GLN A 714 -28.85 66.50 -12.50
CA GLN A 714 -29.76 65.39 -12.71
C GLN A 714 -29.25 64.08 -12.13
N HIS A 715 -28.30 64.14 -11.20
CA HIS A 715 -27.74 62.95 -10.57
C HIS A 715 -27.83 63.07 -9.06
N LEU A 716 -28.39 62.04 -8.42
CA LEU A 716 -28.47 61.97 -6.97
C LEU A 716 -27.19 61.35 -6.43
N GLN A 717 -26.49 62.08 -5.57
CA GLN A 717 -25.24 61.61 -5.00
C GLN A 717 -25.52 60.75 -3.78
N GLU A 718 -24.87 59.59 -3.71
CA GLU A 718 -25.00 58.71 -2.55
C GLU A 718 -24.24 59.32 -1.38
N VAL A 719 -24.98 59.85 -0.40
CA VAL A 719 -24.37 60.56 0.72
C VAL A 719 -24.42 59.78 2.02
N GLY A 720 -25.11 58.64 2.07
CA GLY A 720 -25.12 57.86 3.29
C GLY A 720 -25.16 56.36 3.09
N LEU A 721 -24.33 55.64 3.85
CA LEU A 721 -24.30 54.18 3.83
C LEU A 721 -24.15 53.67 5.25
N PHE A 722 -24.87 52.58 5.57
CA PHE A 722 -24.84 52.06 6.93
C PHE A 722 -25.41 50.65 7.00
N HIS A 723 -24.61 49.68 7.44
CA HIS A 723 -25.09 48.30 7.57
C HIS A 723 -26.00 48.22 8.79
N LEU A 724 -27.32 48.17 8.54
CA LEU A 724 -28.27 48.11 9.64
C LEU A 724 -28.35 46.73 10.25
N GLY A 725 -28.18 45.69 9.43
CA GLY A 725 -28.33 44.31 9.88
C GLY A 725 -29.75 43.79 9.89
N GLU A 726 -30.71 44.57 9.40
CA GLU A 726 -32.11 44.15 9.33
C GLU A 726 -32.64 44.40 7.92
N PHE A 727 -33.65 43.61 7.53
CA PHE A 727 -34.28 43.73 6.23
C PHE A 727 -35.52 44.61 6.39
N VAL A 728 -35.39 45.88 5.99
CA VAL A 728 -36.49 46.83 6.13
C VAL A 728 -37.56 46.51 5.09
N ASN A 729 -38.82 46.48 5.53
CA ASN A 729 -39.94 46.27 4.63
C ASN A 729 -40.82 47.50 4.45
N VAL A 730 -40.86 48.41 5.42
CA VAL A 730 -41.73 49.57 5.36
C VAL A 730 -41.11 50.70 6.17
N PHE A 731 -41.03 51.88 5.55
CA PHE A 731 -40.74 53.14 6.22
C PHE A 731 -42.04 53.91 6.43
N CYS A 732 -42.09 54.70 7.50
CA CYS A 732 -43.31 55.42 7.86
C CYS A 732 -42.94 56.64 8.70
N HIS A 733 -43.42 57.81 8.28
CA HIS A 733 -43.20 59.02 9.06
C HIS A 733 -44.06 59.02 10.31
N GLY A 734 -43.44 59.32 11.44
CA GLY A 734 -44.15 59.34 12.71
C GLY A 734 -43.19 59.17 13.87
N SER A 735 -43.77 59.21 15.07
CA SER A 735 -43.01 59.06 16.29
C SER A 735 -43.90 58.48 17.38
N LEU A 736 -43.32 57.62 18.22
CA LEU A 736 -44.05 56.94 19.28
C LEU A 736 -43.93 57.65 20.62
N VAL A 737 -43.46 58.89 20.63
CA VAL A 737 -43.33 59.67 21.86
C VAL A 737 -44.24 60.89 21.77
N MET A 738 -44.39 61.57 22.90
CA MET A 738 -45.23 62.77 22.95
C MET A 738 -44.58 63.87 22.13
N GLN A 739 -45.34 64.41 21.16
CA GLN A 739 -44.81 65.41 20.24
C GLN A 739 -44.41 66.71 20.93
N ASN A 740 -44.81 66.91 22.18
CA ASN A 740 -44.37 68.08 22.94
C ASN A 740 -44.97 69.36 22.37
N LEU A 741 -45.95 69.94 23.08
CA LEU A 741 -46.59 71.16 22.64
C LEU A 741 -45.60 72.32 22.54
N GLY A 742 -45.10 72.79 23.69
CA GLY A 742 -44.15 73.88 23.70
C GLY A 742 -42.84 73.53 23.03
N GLU A 743 -42.60 74.08 21.84
CA GLU A 743 -41.40 73.79 21.08
C GLU A 743 -40.17 74.33 21.81
N THR A 744 -39.32 73.43 22.30
CA THR A 744 -38.14 73.78 23.08
C THR A 744 -36.89 73.29 22.36
N SER A 745 -36.55 73.95 21.25
CA SER A 745 -35.34 73.69 20.48
C SER A 745 -34.98 72.21 20.43
N THR A 746 -35.57 71.48 19.48
CA THR A 746 -35.30 70.05 19.37
C THR A 746 -33.92 69.82 18.72
N PRO A 747 -33.15 68.85 19.21
CA PRO A 747 -31.83 68.59 18.62
C PRO A 747 -31.93 67.77 17.33
N THR A 748 -32.94 66.92 17.23
CA THR A 748 -33.16 66.08 16.06
C THR A 748 -34.33 66.62 15.25
N GLN A 749 -34.20 66.58 13.92
CA GLN A 749 -35.23 67.02 13.01
C GLN A 749 -35.76 65.84 12.20
N GLY A 750 -37.08 65.68 12.17
CA GLY A 750 -37.69 64.59 11.45
C GLY A 750 -37.77 63.32 12.28
N SER A 751 -38.60 62.39 11.81
CA SER A 751 -38.78 61.11 12.49
C SER A 751 -39.37 60.12 11.50
N VAL A 752 -38.65 59.04 11.24
CA VAL A 752 -39.06 58.02 10.29
C VAL A 752 -38.86 56.66 10.93
N LEU A 753 -39.95 56.01 11.31
CA LEU A 753 -39.89 54.64 11.81
C LEU A 753 -39.82 53.67 10.64
N PHE A 754 -39.37 52.45 10.93
CA PHE A 754 -39.31 51.42 9.92
C PHE A 754 -39.43 50.04 10.57
N GLY A 755 -40.14 49.15 9.89
CA GLY A 755 -40.35 47.79 10.34
C GLY A 755 -39.53 46.80 9.51
N THR A 756 -39.08 45.73 10.16
CA THR A 756 -38.16 44.77 9.55
C THR A 756 -38.77 43.36 9.57
N VAL A 757 -38.02 42.42 9.01
CA VAL A 757 -38.49 41.04 8.89
C VAL A 757 -38.40 40.31 10.23
N ASN A 758 -37.37 40.61 11.02
CA ASN A 758 -37.19 39.98 12.32
C ASN A 758 -38.03 40.63 13.41
N GLY A 759 -38.95 41.52 13.06
CA GLY A 759 -39.76 42.22 14.05
C GLY A 759 -39.11 43.43 14.67
N MET A 760 -37.88 43.75 14.29
CA MET A 760 -37.19 44.90 14.85
C MET A 760 -37.76 46.19 14.27
N ILE A 761 -37.98 47.16 15.15
CA ILE A 761 -38.50 48.48 14.77
C ILE A 761 -37.40 49.50 15.00
N GLY A 762 -37.17 50.36 14.00
CA GLY A 762 -36.11 51.34 14.08
C GLY A 762 -36.62 52.73 13.78
N LEU A 763 -35.81 53.73 14.15
CA LEU A 763 -36.17 55.12 13.94
C LEU A 763 -34.97 55.90 13.40
N VAL A 764 -35.21 56.67 12.36
CA VAL A 764 -34.18 57.48 11.70
C VAL A 764 -34.60 58.95 11.78
N THR A 765 -33.63 59.81 12.05
CA THR A 765 -33.85 61.24 12.17
C THR A 765 -32.64 61.97 11.60
N SER A 766 -32.80 63.28 11.42
CA SER A 766 -31.73 64.12 10.87
C SER A 766 -31.09 64.95 11.97
N LEU A 767 -29.80 65.22 11.81
CA LEU A 767 -29.01 65.98 12.76
C LEU A 767 -28.39 67.19 12.06
N SER A 768 -27.69 67.99 12.84
CA SER A 768 -26.91 69.10 12.31
C SER A 768 -25.46 68.66 12.13
N GLU A 769 -24.70 69.48 11.38
CA GLU A 769 -23.30 69.15 11.14
C GLU A 769 -22.51 69.08 12.43
N SER A 770 -22.72 70.04 13.33
CA SER A 770 -22.00 70.04 14.60
C SER A 770 -22.36 68.82 15.43
N TRP A 771 -23.65 68.57 15.63
CA TRP A 771 -24.09 67.41 16.37
C TRP A 771 -23.55 66.12 15.74
N TYR A 772 -23.55 66.06 14.41
CA TYR A 772 -23.08 64.86 13.74
C TYR A 772 -21.59 64.63 13.99
N ASN A 773 -20.78 65.68 13.84
CA ASN A 773 -19.35 65.53 14.09
C ASN A 773 -19.08 65.15 15.55
N LEU A 774 -19.81 65.78 16.48
CA LEU A 774 -19.65 65.46 17.89
C LEU A 774 -19.97 63.99 18.15
N LEU A 775 -21.11 63.52 17.64
CA LEU A 775 -21.50 62.13 17.86
C LEU A 775 -20.56 61.15 17.17
N LEU A 776 -19.97 61.56 16.03
CA LEU A 776 -19.02 60.68 15.35
C LEU A 776 -17.74 60.52 16.15
N ASP A 777 -17.18 61.64 16.61
CA ASP A 777 -16.04 61.57 17.51
C ASP A 777 -16.37 60.77 18.76
N MET A 778 -17.61 60.91 19.24
CA MET A 778 -18.02 60.22 20.45
C MET A 778 -18.13 58.72 20.21
N GLN A 779 -18.59 58.30 19.03
CA GLN A 779 -18.58 56.89 18.67
C GLN A 779 -17.16 56.35 18.60
N ASN A 780 -16.27 57.09 17.94
CA ASN A 780 -14.88 56.65 17.83
C ASN A 780 -14.23 56.53 19.21
N ARG A 781 -14.65 57.36 20.17
CA ARG A 781 -14.14 57.24 21.53
C ARG A 781 -14.79 56.10 22.30
N LEU A 782 -16.10 55.89 22.10
CA LEU A 782 -16.80 54.81 22.78
C LEU A 782 -16.26 53.45 22.38
N ASN A 783 -15.88 53.29 21.10
CA ASN A 783 -15.42 51.99 20.63
C ASN A 783 -14.18 51.53 21.39
N LYS A 784 -13.41 52.48 21.94
CA LYS A 784 -12.17 52.11 22.64
C LYS A 784 -12.44 51.54 24.03
N VAL A 785 -13.50 51.97 24.70
CA VAL A 785 -13.77 51.57 26.08
C VAL A 785 -14.80 50.46 26.14
N ILE A 786 -15.67 50.38 25.12
CA ILE A 786 -16.72 49.37 25.11
C ILE A 786 -16.13 48.01 24.78
N LYS A 787 -16.72 46.97 25.35
CA LYS A 787 -16.25 45.59 25.16
C LYS A 787 -17.23 44.86 24.26
N SER A 788 -16.75 44.44 23.08
CA SER A 788 -17.59 43.79 22.08
C SER A 788 -17.63 42.28 22.31
N VAL A 789 -18.81 41.69 22.16
CA VAL A 789 -18.95 40.25 22.27
C VAL A 789 -18.31 39.60 21.05
N GLY A 790 -17.40 38.66 21.29
CA GLY A 790 -16.61 38.08 20.23
C GLY A 790 -15.49 38.97 19.72
N LYS A 791 -15.32 40.16 20.31
CA LYS A 791 -14.29 41.11 19.91
C LYS A 791 -14.44 41.50 18.43
N ILE A 792 -15.67 41.83 18.05
CA ILE A 792 -15.98 42.28 16.70
C ILE A 792 -15.89 43.80 16.66
N GLU A 793 -15.11 44.33 15.72
CA GLU A 793 -14.99 45.78 15.59
C GLU A 793 -16.31 46.39 15.16
N HIS A 794 -16.70 47.48 15.83
CA HIS A 794 -17.94 48.16 15.47
C HIS A 794 -17.85 48.76 14.07
N SER A 795 -16.68 49.30 13.71
CA SER A 795 -16.50 49.84 12.37
C SER A 795 -16.74 48.77 11.32
N PHE A 796 -16.15 47.59 11.49
CA PHE A 796 -16.36 46.50 10.54
C PHE A 796 -17.82 46.07 10.52
N TRP A 797 -18.47 46.06 11.68
CA TRP A 797 -19.85 45.61 11.75
C TRP A 797 -20.79 46.55 11.00
N ARG A 798 -20.65 47.86 11.23
CA ARG A 798 -21.54 48.82 10.60
C ARG A 798 -21.09 49.22 9.19
N SER A 799 -20.00 48.66 8.70
CA SER A 799 -19.54 49.02 7.36
C SER A 799 -20.47 48.47 6.30
N PHE A 800 -20.77 49.30 5.30
CA PHE A 800 -21.56 48.86 4.15
C PHE A 800 -20.93 47.64 3.52
N HIS A 801 -21.70 46.56 3.40
CA HIS A 801 -21.17 45.28 2.97
C HIS A 801 -22.08 44.63 1.95
N THR A 802 -21.50 44.26 0.81
CA THR A 802 -22.14 43.39 -0.17
C THR A 802 -21.11 42.40 -0.67
N GLU A 803 -21.58 41.34 -1.34
CA GLU A 803 -20.65 40.35 -1.86
C GLU A 803 -19.63 40.96 -2.82
N ARG A 804 -20.01 42.05 -3.50
CA ARG A 804 -19.10 42.71 -4.43
C ARG A 804 -18.14 43.63 -3.69
N LYS A 805 -18.66 44.74 -3.18
CA LYS A 805 -17.86 45.76 -2.51
C LYS A 805 -18.26 45.88 -1.04
N THR A 806 -17.32 46.35 -0.22
CA THR A 806 -17.54 46.54 1.21
C THR A 806 -16.83 47.83 1.61
N GLU A 807 -17.60 48.90 1.79
CA GLU A 807 -17.05 50.21 2.10
C GLU A 807 -17.38 50.62 3.53
N PRO A 808 -16.67 51.60 4.07
CA PRO A 808 -16.97 52.08 5.42
C PRO A 808 -18.27 52.88 5.47
N ALA A 809 -18.87 52.88 6.65
CA ALA A 809 -20.14 53.57 6.87
C ALA A 809 -19.92 55.08 6.90
N THR A 810 -20.89 55.83 6.37
CA THR A 810 -20.80 57.27 6.29
C THR A 810 -22.19 57.86 6.43
N GLY A 811 -22.26 59.06 7.00
CA GLY A 811 -23.53 59.77 7.12
C GLY A 811 -24.57 59.13 8.00
N PHE A 812 -24.15 58.33 8.98
CA PHE A 812 -25.08 57.69 9.90
C PHE A 812 -24.45 57.65 11.28
N ILE A 813 -25.29 57.75 12.31
CA ILE A 813 -24.88 57.70 13.70
C ILE A 813 -25.59 56.53 14.36
N ASP A 814 -24.81 55.54 14.80
CA ASP A 814 -25.37 54.35 15.45
C ASP A 814 -25.96 54.76 16.79
N GLY A 815 -27.29 54.90 16.83
CA GLY A 815 -27.94 55.34 18.05
C GLY A 815 -27.78 54.38 19.21
N ASP A 816 -27.69 53.08 18.92
CA ASP A 816 -27.51 52.11 20.00
C ASP A 816 -26.15 52.32 20.68
N LEU A 817 -25.10 52.53 19.90
CA LEU A 817 -23.77 52.74 20.49
C LEU A 817 -23.71 54.04 21.27
N ILE A 818 -24.41 55.07 20.80
CA ILE A 818 -24.43 56.34 21.51
C ILE A 818 -25.20 56.20 22.82
N GLU A 819 -26.35 55.51 22.79
CA GLU A 819 -27.15 55.36 24.00
C GLU A 819 -26.56 54.36 24.98
N SER A 820 -25.65 53.49 24.53
CA SER A 820 -24.94 52.64 25.48
C SER A 820 -24.05 53.41 26.42
N PHE A 821 -23.84 54.71 26.17
CA PHE A 821 -22.98 55.51 27.03
C PHE A 821 -23.57 55.69 28.43
N LEU A 822 -24.89 55.61 28.55
CA LEU A 822 -25.53 55.77 29.85
C LEU A 822 -25.45 54.52 30.70
N ASP A 823 -25.05 53.38 30.14
CA ASP A 823 -25.09 52.10 30.85
C ASP A 823 -23.69 51.59 31.20
N ILE A 824 -22.68 52.46 31.20
CA ILE A 824 -21.33 52.07 31.55
C ILE A 824 -20.91 52.79 32.84
N SER A 825 -19.76 52.39 33.37
CA SER A 825 -19.27 52.97 34.62
C SER A 825 -18.78 54.40 34.39
N ARG A 826 -18.68 55.15 35.50
CA ARG A 826 -18.29 56.56 35.45
C ARG A 826 -16.82 56.75 35.11
N PRO A 827 -15.92 55.86 35.56
CA PRO A 827 -14.52 55.98 35.11
C PRO A 827 -14.36 55.85 33.60
N LYS A 828 -15.07 54.92 32.98
CA LYS A 828 -15.01 54.82 31.52
C LYS A 828 -15.69 56.00 30.85
N MET A 829 -16.74 56.54 31.47
CA MET A 829 -17.32 57.80 30.99
C MET A 829 -16.27 58.91 30.97
N GLN A 830 -15.48 59.01 32.04
CA GLN A 830 -14.42 60.02 32.07
C GLN A 830 -13.36 59.74 31.01
N GLU A 831 -13.02 58.47 30.80
CA GLU A 831 -12.11 58.12 29.73
C GLU A 831 -12.62 58.63 28.39
N VAL A 832 -13.93 58.49 28.15
CA VAL A 832 -14.50 58.94 26.88
C VAL A 832 -14.36 60.45 26.72
N VAL A 833 -14.66 61.21 27.77
CA VAL A 833 -14.68 62.67 27.67
C VAL A 833 -13.30 63.23 27.95
N ALA A 834 -12.29 62.36 28.00
CA ALA A 834 -10.93 62.78 28.28
C ALA A 834 -10.40 63.64 27.14
N ASN A 835 -10.08 64.90 27.43
CA ASN A 835 -9.57 65.83 26.43
C ASN A 835 -10.56 66.01 25.29
N LEU A 836 -11.81 66.27 25.65
CA LEU A 836 -12.90 66.42 24.68
C LEU A 836 -13.54 67.79 24.89
N GLN A 837 -13.60 68.58 23.84
CA GLN A 837 -14.18 69.92 23.90
C GLN A 837 -15.66 69.87 23.56
N TYR A 838 -16.47 70.56 24.36
CA TYR A 838 -17.92 70.53 24.24
C TYR A 838 -18.47 71.94 24.26
N ASP A 839 -19.59 72.13 23.55
CA ASP A 839 -20.27 73.42 23.44
C ASP A 839 -21.64 73.28 24.09
N ASP A 840 -21.87 74.04 25.15
CA ASP A 840 -23.14 74.03 25.87
C ASP A 840 -24.04 75.20 25.52
N GLY A 841 -23.68 75.98 24.50
CA GLY A 841 -24.50 77.11 24.08
C GLY A 841 -23.70 78.36 23.78
N SER A 842 -23.32 78.54 22.51
CA SER A 842 -22.61 79.73 22.07
C SER A 842 -21.21 79.80 22.67
N GLY A 843 -21.10 80.31 23.90
CA GLY A 843 -19.82 80.41 24.57
C GLY A 843 -19.39 79.11 25.23
N MET A 844 -18.12 78.76 25.04
CA MET A 844 -17.56 77.52 25.57
C MET A 844 -18.27 76.33 24.94
N LYS A 845 -17.54 75.47 24.21
CA LYS A 845 -16.09 75.55 24.04
C LYS A 845 -15.34 75.39 25.36
N ARG A 846 -15.64 74.31 26.08
CA ARG A 846 -14.99 74.04 27.35
C ARG A 846 -14.78 72.54 27.50
N GLU A 847 -14.03 72.17 28.55
CA GLU A 847 -13.76 70.76 28.80
C GLU A 847 -15.04 70.03 29.18
N ALA A 848 -15.35 68.97 28.47
CA ALA A 848 -16.59 68.23 28.69
C ALA A 848 -16.48 67.33 29.91
N THR A 849 -17.53 67.32 30.73
CA THR A 849 -17.63 66.45 31.87
C THR A 849 -18.62 65.31 31.57
N ALA A 850 -18.55 64.27 32.39
CA ALA A 850 -19.45 63.13 32.19
C ALA A 850 -20.91 63.54 32.31
N ASP A 851 -21.20 64.55 33.15
CA ASP A 851 -22.58 64.93 33.39
C ASP A 851 -23.19 65.64 32.19
N ASP A 852 -22.40 66.49 31.51
CA ASP A 852 -22.91 67.14 30.30
C ASP A 852 -23.27 66.13 29.23
N LEU A 853 -22.38 65.16 29.00
CA LEU A 853 -22.64 64.14 27.98
C LEU A 853 -23.80 63.23 28.39
N ILE A 854 -23.92 62.94 29.68
CA ILE A 854 -25.10 62.19 30.14
C ILE A 854 -26.37 62.98 29.85
N LYS A 855 -26.33 64.29 30.08
CA LYS A 855 -27.47 65.14 29.74
C LYS A 855 -27.83 65.03 28.27
N VAL A 856 -26.83 65.16 27.40
CA VAL A 856 -27.08 65.11 25.96
C VAL A 856 -27.66 63.75 25.57
N VAL A 857 -27.09 62.67 26.10
CA VAL A 857 -27.55 61.33 25.72
C VAL A 857 -28.94 61.05 26.26
N GLU A 858 -29.26 61.56 27.45
CA GLU A 858 -30.61 61.41 27.96
C GLU A 858 -31.61 62.20 27.11
N GLU A 859 -31.19 63.36 26.60
CA GLU A 859 -32.04 64.07 25.65
C GLU A 859 -32.26 63.24 24.39
N LEU A 860 -31.21 62.58 23.90
CA LEU A 860 -31.34 61.75 22.71
C LEU A 860 -32.30 60.59 22.94
N THR A 861 -32.23 59.95 24.12
CA THR A 861 -33.05 58.76 24.39
C THR A 861 -34.54 59.05 24.39
N ARG A 862 -34.95 60.31 24.42
CA ARG A 862 -36.35 60.67 24.52
C ARG A 862 -37.06 60.68 23.17
N ILE A 863 -36.35 60.42 22.08
CA ILE A 863 -36.98 60.42 20.75
C ILE A 863 -37.75 59.14 20.48
N HIS A 864 -37.60 58.12 21.32
CA HIS A 864 -38.29 56.86 21.12
C HIS A 864 -38.73 56.25 22.45
N ILE B 68 -33.30 21.72 -43.58
CA ILE B 68 -32.78 21.66 -42.24
C ILE B 68 -31.71 20.58 -42.15
N ASN B 69 -30.65 20.73 -42.94
CA ASN B 69 -29.56 19.74 -42.91
C ASN B 69 -28.22 20.30 -43.32
N PHE B 70 -28.02 21.62 -43.29
CA PHE B 70 -26.77 22.26 -43.69
C PHE B 70 -25.58 21.71 -42.93
N ASP B 71 -25.42 22.16 -41.68
CA ASP B 71 -24.33 21.81 -40.77
C ASP B 71 -23.94 23.06 -40.00
N THR B 72 -24.60 23.29 -38.87
CA THR B 72 -24.40 24.54 -38.13
C THR B 72 -22.98 24.73 -37.62
N SER B 73 -22.11 23.72 -37.73
CA SER B 73 -20.73 23.83 -37.26
C SER B 73 -19.80 24.38 -38.34
N LEU B 74 -20.28 24.62 -39.55
CA LEU B 74 -19.44 25.08 -40.65
C LEU B 74 -19.15 26.58 -40.56
N PRO B 75 -20.18 27.44 -40.39
CA PRO B 75 -19.91 28.88 -40.35
C PRO B 75 -18.94 29.29 -39.26
N THR B 76 -19.02 28.67 -38.08
CA THR B 76 -18.12 29.03 -36.99
C THR B 76 -16.67 28.69 -37.30
N SER B 77 -16.41 27.74 -38.20
CA SER B 77 -15.04 27.36 -38.52
C SER B 77 -14.32 28.41 -39.37
N HIS B 78 -15.06 29.27 -40.07
CA HIS B 78 -14.47 30.26 -40.96
C HIS B 78 -13.52 29.60 -41.95
N THR B 79 -13.98 28.47 -42.51
CA THR B 79 -13.14 27.73 -43.46
C THR B 79 -12.77 28.56 -44.67
N TYR B 80 -13.51 29.64 -44.96
CA TYR B 80 -13.21 30.47 -46.12
C TYR B 80 -11.89 31.21 -45.96
N LEU B 81 -11.34 31.27 -44.75
CA LEU B 81 -10.09 31.98 -44.51
C LEU B 81 -8.86 31.18 -44.94
N GLY B 82 -9.03 29.92 -45.31
CA GLY B 82 -7.92 29.13 -45.83
C GLY B 82 -7.44 28.02 -44.93
N ALA B 83 -6.12 27.79 -44.94
CA ALA B 83 -5.55 26.70 -44.17
C ALA B 83 -5.78 26.92 -42.68
N ASP B 84 -5.51 25.87 -41.91
CA ASP B 84 -5.68 25.95 -40.47
C ASP B 84 -4.71 26.96 -39.86
N MET B 85 -5.19 27.71 -38.88
CA MET B 85 -4.42 28.80 -38.29
C MET B 85 -3.64 28.33 -37.07
N GLU B 86 -2.57 29.06 -36.76
CA GLU B 86 -1.82 28.83 -35.54
C GLU B 86 -2.67 29.23 -34.33
N GLU B 87 -2.85 28.30 -33.41
CA GLU B 87 -3.76 28.49 -32.29
C GLU B 87 -2.98 28.69 -30.99
N PHE B 88 -3.57 29.48 -30.10
CA PHE B 88 -3.02 29.70 -28.77
C PHE B 88 -3.96 29.11 -27.73
N HIS B 89 -3.38 28.70 -26.60
CA HIS B 89 -4.14 28.17 -25.49
C HIS B 89 -4.11 29.06 -24.25
N GLY B 90 -3.15 29.98 -24.16
CA GLY B 90 -3.08 30.87 -23.02
C GLY B 90 -4.18 31.92 -23.04
N ARG B 91 -4.50 32.42 -21.85
CA ARG B 91 -5.56 33.40 -21.68
C ARG B 91 -5.06 34.55 -20.83
N THR B 92 -5.51 35.76 -21.17
CA THR B 92 -5.08 36.98 -20.48
C THR B 92 -6.33 37.73 -20.00
N LEU B 93 -6.34 38.06 -18.70
CA LEU B 93 -7.44 38.81 -18.11
C LEU B 93 -6.87 39.85 -17.16
N HIS B 94 -7.30 41.10 -17.32
CA HIS B 94 -6.85 42.19 -16.47
C HIS B 94 -7.75 42.32 -15.23
N ASP B 95 -7.18 42.90 -14.17
CA ASP B 95 -7.90 43.04 -12.92
C ASP B 95 -9.06 44.01 -13.06
N ASP B 96 -10.16 43.70 -12.37
CA ASP B 96 -11.31 44.59 -12.40
C ASP B 96 -10.93 45.98 -11.87
N ASP B 97 -11.50 47.00 -12.49
CA ASP B 97 -11.30 48.41 -12.14
C ASP B 97 -9.86 48.89 -12.37
N SER B 98 -8.99 48.05 -12.92
CA SER B 98 -7.61 48.44 -13.17
C SER B 98 -7.50 49.25 -14.47
N CYS B 99 -6.43 50.04 -14.56
CA CYS B 99 -6.17 50.88 -15.71
C CYS B 99 -5.15 50.19 -16.62
N GLN B 100 -5.43 50.19 -17.92
CA GLN B 100 -4.59 49.51 -18.90
C GLN B 100 -4.46 50.36 -20.15
N VAL B 101 -3.34 50.22 -20.85
CA VAL B 101 -3.12 50.87 -22.13
C VAL B 101 -3.09 49.77 -23.19
N ILE B 102 -4.07 49.80 -24.09
CA ILE B 102 -4.21 48.73 -25.08
C ILE B 102 -4.25 49.33 -26.48
N PRO B 103 -3.62 48.70 -27.46
CA PRO B 103 -3.67 49.23 -28.83
C PRO B 103 -5.02 48.98 -29.49
N VAL B 104 -5.35 49.86 -30.44
CA VAL B 104 -6.61 49.78 -31.18
C VAL B 104 -6.28 49.58 -32.66
N LEU B 105 -7.08 48.74 -33.32
CA LEU B 105 -6.93 48.52 -34.75
C LEU B 105 -7.64 49.62 -35.52
N PRO B 106 -6.99 50.23 -36.52
CA PRO B 106 -7.56 51.45 -37.11
C PRO B 106 -8.86 51.24 -37.84
N GLN B 107 -9.00 50.15 -38.60
CA GLN B 107 -10.15 49.97 -39.49
C GLN B 107 -11.24 49.09 -38.89
N VAL B 108 -11.18 48.81 -37.59
CA VAL B 108 -12.21 48.01 -36.92
C VAL B 108 -13.34 48.94 -36.47
N MET B 109 -14.53 48.70 -37.00
CA MET B 109 -15.70 49.53 -36.70
C MET B 109 -16.79 48.78 -35.93
N MET B 110 -16.60 47.50 -35.65
CA MET B 110 -17.63 46.73 -35.00
C MET B 110 -17.67 47.03 -33.51
N ILE B 111 -18.81 46.71 -32.88
CA ILE B 111 -18.98 46.83 -31.44
C ILE B 111 -18.91 45.41 -30.87
N LEU B 112 -17.77 45.08 -30.28
CA LEU B 112 -17.52 43.70 -29.86
C LEU B 112 -18.18 43.41 -28.52
N ILE B 113 -18.76 42.23 -28.41
CA ILE B 113 -19.39 41.77 -27.17
C ILE B 113 -18.55 40.66 -26.56
N PRO B 114 -18.40 40.61 -25.24
CA PRO B 114 -17.60 39.55 -24.63
C PRO B 114 -18.06 38.18 -25.06
N GLY B 115 -17.10 37.33 -25.43
CA GLY B 115 -17.40 35.99 -25.88
C GLY B 115 -17.74 35.87 -27.35
N GLN B 116 -17.80 36.98 -28.08
CA GLN B 116 -18.09 36.95 -29.50
C GLN B 116 -16.79 36.79 -30.28
N THR B 117 -16.87 36.04 -31.37
CA THR B 117 -15.70 35.82 -32.22
C THR B 117 -15.60 36.90 -33.27
N LEU B 118 -14.38 37.37 -33.51
CA LEU B 118 -14.12 38.42 -34.48
C LEU B 118 -13.07 37.95 -35.47
N PRO B 119 -13.42 37.75 -36.74
CA PRO B 119 -12.40 37.41 -37.74
C PRO B 119 -11.91 38.64 -38.48
N LEU B 120 -10.62 38.68 -38.81
CA LEU B 120 -10.01 39.85 -39.41
C LEU B 120 -8.99 39.42 -40.45
N GLN B 121 -8.94 40.16 -41.56
CA GLN B 121 -7.87 40.06 -42.55
C GLN B 121 -7.18 41.41 -42.62
N LEU B 122 -5.90 41.44 -42.25
CA LEU B 122 -5.13 42.68 -42.21
C LEU B 122 -4.11 42.69 -43.33
N PHE B 123 -4.16 43.74 -44.14
CA PHE B 123 -3.29 43.96 -45.29
C PHE B 123 -2.31 45.09 -45.09
N HIS B 124 -2.74 46.19 -44.45
CA HIS B 124 -1.88 47.34 -44.32
C HIS B 124 -0.68 47.01 -43.45
N PRO B 125 0.53 47.47 -43.83
CA PRO B 125 1.73 47.10 -43.05
C PRO B 125 1.68 47.55 -41.62
N GLN B 126 1.06 48.70 -41.34
CA GLN B 126 0.93 49.16 -39.96
C GLN B 126 0.13 48.15 -39.13
N GLU B 127 -1.01 47.71 -39.66
CA GLU B 127 -1.83 46.72 -38.96
C GLU B 127 -1.06 45.42 -38.77
N VAL B 128 -0.34 44.99 -39.80
CA VAL B 128 0.40 43.73 -39.71
C VAL B 128 1.47 43.81 -38.63
N SER B 129 2.20 44.93 -38.60
CA SER B 129 3.21 45.12 -37.56
C SER B 129 2.59 45.12 -36.17
N MET B 130 1.46 45.82 -36.01
CA MET B 130 0.80 45.87 -34.72
C MET B 130 0.36 44.47 -34.28
N VAL B 131 -0.16 43.67 -35.23
CA VAL B 131 -0.61 42.34 -34.89
C VAL B 131 0.56 41.44 -34.54
N ARG B 132 1.70 41.62 -35.20
CA ARG B 132 2.90 40.88 -34.81
C ARG B 132 3.29 41.20 -33.38
N ASN B 133 3.43 42.49 -33.08
CA ASN B 133 3.79 42.89 -31.72
C ASN B 133 2.80 42.33 -30.71
N LEU B 134 1.52 42.29 -31.07
CA LEU B 134 0.52 41.73 -30.17
C LEU B 134 0.72 40.23 -29.98
N ILE B 135 0.92 39.50 -31.08
CA ILE B 135 1.14 38.06 -30.98
C ILE B 135 2.33 37.76 -30.08
N GLN B 136 3.31 38.67 -30.05
CA GLN B 136 4.48 38.46 -29.19
C GLN B 136 4.22 38.84 -27.73
N LYS B 137 3.20 39.65 -27.45
CA LYS B 137 2.94 40.12 -26.10
C LYS B 137 1.71 39.44 -25.49
N ASP B 138 0.70 40.22 -25.10
CA ASP B 138 -0.48 39.67 -24.45
C ASP B 138 -1.61 39.31 -25.41
N ARG B 139 -1.47 39.64 -26.70
CA ARG B 139 -2.45 39.25 -27.72
C ARG B 139 -3.82 39.89 -27.48
N THR B 140 -3.84 41.11 -26.94
CA THR B 140 -5.09 41.78 -26.62
C THR B 140 -5.05 43.20 -27.18
N PHE B 141 -6.06 43.53 -27.99
CA PHE B 141 -6.26 44.87 -28.49
C PHE B 141 -7.64 45.37 -28.09
N ALA B 142 -7.88 46.66 -28.31
CA ALA B 142 -9.12 47.31 -27.90
C ALA B 142 -10.00 47.56 -29.12
N VAL B 143 -11.26 47.15 -29.01
CA VAL B 143 -12.26 47.37 -30.04
C VAL B 143 -13.20 48.45 -29.53
N LEU B 144 -13.08 49.66 -30.07
CA LEU B 144 -13.86 50.78 -29.57
C LEU B 144 -15.30 50.71 -30.09
N ALA B 145 -16.25 50.97 -29.19
CA ALA B 145 -17.66 51.06 -29.55
C ALA B 145 -17.94 52.52 -29.88
N TYR B 146 -18.00 52.82 -31.18
CA TYR B 146 -18.09 54.20 -31.64
C TYR B 146 -19.52 54.72 -31.55
N SER B 147 -19.75 55.73 -30.72
CA SER B 147 -21.02 56.44 -30.73
C SER B 147 -21.14 57.31 -31.97
N ASN B 148 -20.04 57.97 -32.35
CA ASN B 148 -19.95 58.75 -33.59
C ASN B 148 -18.79 58.17 -34.39
N VAL B 149 -19.10 57.34 -35.39
CA VAL B 149 -18.05 56.67 -36.15
C VAL B 149 -17.27 57.64 -37.01
N GLN B 150 -17.92 58.69 -37.52
CA GLN B 150 -17.24 59.64 -38.39
C GLN B 150 -16.06 60.29 -37.69
N GLU B 151 -16.28 60.86 -36.51
CA GLU B 151 -15.25 61.56 -35.77
C GLU B 151 -14.51 60.67 -34.77
N ARG B 152 -14.72 59.36 -34.82
CA ARG B 152 -13.99 58.42 -33.98
C ARG B 152 -14.18 58.73 -32.49
N GLU B 153 -15.44 58.91 -32.09
CA GLU B 153 -15.78 59.11 -30.68
C GLU B 153 -16.11 57.76 -30.05
N ALA B 154 -15.61 57.55 -28.83
CA ALA B 154 -15.86 56.30 -28.11
C ALA B 154 -15.75 56.53 -26.63
N GLN B 155 -16.78 56.08 -25.89
CA GLN B 155 -16.78 56.13 -24.44
C GLN B 155 -16.62 54.76 -23.79
N PHE B 156 -17.00 53.69 -24.47
CA PHE B 156 -16.83 52.33 -23.96
C PHE B 156 -16.13 51.48 -25.00
N GLY B 157 -15.92 50.22 -24.67
CA GLY B 157 -15.30 49.30 -25.61
C GLY B 157 -15.19 47.92 -25.00
N THR B 158 -14.61 47.02 -25.80
CA THR B 158 -14.37 45.64 -25.39
C THR B 158 -13.00 45.20 -25.87
N THR B 159 -12.25 44.53 -24.98
CA THR B 159 -10.96 43.99 -25.38
C THR B 159 -11.15 42.70 -26.16
N ALA B 160 -10.23 42.45 -27.10
CA ALA B 160 -10.28 41.27 -27.94
C ALA B 160 -8.93 40.56 -27.87
N GLU B 161 -8.96 39.27 -27.59
CA GLU B 161 -7.76 38.45 -27.46
C GLU B 161 -7.63 37.58 -28.69
N ILE B 162 -6.53 37.74 -29.43
CA ILE B 162 -6.28 36.92 -30.61
C ILE B 162 -6.01 35.49 -30.17
N TYR B 163 -6.83 34.56 -30.64
CA TYR B 163 -6.61 33.15 -30.35
C TYR B 163 -6.20 32.33 -31.56
N ALA B 164 -6.29 32.89 -32.77
CA ALA B 164 -5.79 32.22 -33.97
C ALA B 164 -5.18 33.26 -34.90
N TYR B 165 -4.12 32.86 -35.60
CA TYR B 165 -3.51 33.75 -36.58
C TYR B 165 -2.80 32.94 -37.65
N ARG B 166 -2.60 33.57 -38.80
CA ARG B 166 -1.89 32.98 -39.92
C ARG B 166 -1.21 34.10 -40.68
N GLU B 167 0.11 34.05 -40.76
CA GLU B 167 0.91 35.08 -41.40
C GLU B 167 1.39 34.54 -42.73
N GLU B 168 0.86 35.07 -43.84
CA GLU B 168 1.15 34.51 -45.15
C GLU B 168 1.63 35.59 -46.11
N GLN B 169 2.70 35.29 -46.83
CA GLN B 169 3.22 36.14 -47.90
C GLN B 169 2.77 35.53 -49.22
N ASP B 170 1.74 36.11 -49.82
CA ASP B 170 1.10 35.53 -51.00
C ASP B 170 1.24 36.47 -52.18
N PHE B 171 1.66 35.92 -53.32
CA PHE B 171 1.83 36.69 -54.55
C PHE B 171 2.62 37.97 -54.32
N GLY B 172 3.58 37.93 -53.39
CA GLY B 172 4.45 39.06 -53.17
C GLY B 172 3.90 40.14 -52.27
N ILE B 173 2.75 39.91 -51.62
CA ILE B 173 2.18 40.84 -50.66
C ILE B 173 1.96 40.12 -49.35
N GLU B 174 2.28 40.78 -48.24
CA GLU B 174 2.26 40.20 -46.91
C GLU B 174 0.94 40.52 -46.23
N ILE B 175 0.27 39.49 -45.70
CA ILE B 175 -1.01 39.67 -45.01
C ILE B 175 -1.07 38.76 -43.79
N VAL B 176 -1.97 39.11 -42.88
CA VAL B 176 -2.17 38.35 -41.65
C VAL B 176 -3.66 38.16 -41.43
N LYS B 177 -4.07 36.91 -41.25
CA LYS B 177 -5.44 36.57 -40.89
C LYS B 177 -5.48 36.29 -39.39
N VAL B 178 -6.53 36.75 -38.73
CA VAL B 178 -6.62 36.69 -37.28
C VAL B 178 -8.03 36.30 -36.87
N LYS B 179 -8.13 35.52 -35.79
CA LYS B 179 -9.38 35.21 -35.12
C LYS B 179 -9.19 35.60 -33.67
N ALA B 180 -9.96 36.58 -33.20
CA ALA B 180 -9.92 37.01 -31.82
C ALA B 180 -11.29 36.76 -31.18
N ILE B 181 -11.37 37.04 -29.89
CA ILE B 181 -12.62 36.88 -29.15
C ILE B 181 -12.72 37.99 -28.12
N GLY B 182 -13.95 38.47 -27.90
CA GLY B 182 -14.16 39.52 -26.92
C GLY B 182 -13.95 38.99 -25.51
N ARG B 183 -13.36 39.83 -24.67
CA ARG B 183 -13.07 39.42 -23.31
C ARG B 183 -13.75 40.32 -22.29
N GLN B 184 -13.19 41.51 -22.05
CA GLN B 184 -13.63 42.37 -20.96
C GLN B 184 -14.21 43.67 -21.49
N ARG B 185 -15.31 44.10 -20.88
CA ARG B 185 -15.83 45.44 -21.15
C ARG B 185 -14.96 46.48 -20.48
N PHE B 186 -14.95 47.68 -21.04
CA PHE B 186 -14.10 48.72 -20.46
C PHE B 186 -14.63 50.09 -20.82
N LYS B 187 -14.29 51.06 -19.97
CA LYS B 187 -14.57 52.47 -20.20
C LYS B 187 -13.32 53.14 -20.74
N VAL B 188 -13.48 53.94 -21.79
CA VAL B 188 -12.35 54.61 -22.42
C VAL B 188 -11.95 55.82 -21.57
N LEU B 189 -10.72 55.83 -21.10
CA LEU B 189 -10.19 56.97 -20.35
C LEU B 189 -9.39 57.93 -21.22
N GLU B 190 -8.86 57.46 -22.35
CA GLU B 190 -8.00 58.30 -23.18
C GLU B 190 -7.73 57.57 -24.49
N LEU B 191 -7.78 58.31 -25.60
CA LEU B 191 -7.48 57.78 -26.93
C LEU B 191 -6.31 58.58 -27.49
N ARG B 192 -5.14 57.95 -27.57
CA ARG B 192 -3.90 58.66 -27.83
C ARG B 192 -3.21 58.06 -29.05
N THR B 193 -3.24 58.80 -30.16
CA THR B 193 -2.75 58.31 -31.45
C THR B 193 -1.29 58.75 -31.64
N GLN B 194 -0.36 57.81 -31.50
CA GLN B 194 1.06 58.08 -31.59
C GLN B 194 1.46 58.62 -32.96
N SER B 195 2.75 58.95 -33.12
CA SER B 195 3.26 59.51 -34.36
C SER B 195 3.36 58.48 -35.48
N ASP B 196 3.08 57.21 -35.19
CA ASP B 196 3.11 56.16 -36.21
C ASP B 196 1.79 56.02 -36.95
N GLY B 197 0.74 56.70 -36.49
CA GLY B 197 -0.59 56.52 -37.04
C GLY B 197 -1.44 55.51 -36.28
N ILE B 198 -0.82 54.68 -35.44
CA ILE B 198 -1.53 53.71 -34.64
C ILE B 198 -1.78 54.31 -33.26
N GLN B 199 -3.00 54.14 -32.75
CA GLN B 199 -3.39 54.76 -31.49
C GLN B 199 -3.48 53.72 -30.38
N GLN B 200 -3.26 54.20 -29.16
CA GLN B 200 -3.45 53.44 -27.93
C GLN B 200 -4.67 53.97 -27.19
N ALA B 201 -5.12 53.20 -26.21
CA ALA B 201 -6.28 53.55 -25.40
C ALA B 201 -5.95 53.33 -23.94
N LYS B 202 -5.92 54.41 -23.17
CA LYS B 202 -6.00 54.34 -21.73
C LYS B 202 -7.42 53.98 -21.34
N VAL B 203 -7.58 52.89 -20.60
CA VAL B 203 -8.85 52.19 -20.46
C VAL B 203 -9.01 51.71 -19.04
N GLN B 204 -10.26 51.63 -18.59
CA GLN B 204 -10.60 51.15 -17.26
C GLN B 204 -11.51 49.95 -17.40
N ILE B 205 -11.07 48.80 -16.89
CA ILE B 205 -11.84 47.57 -17.02
C ILE B 205 -13.09 47.65 -16.17
N LEU B 206 -14.24 47.38 -16.79
CA LEU B 206 -15.49 47.41 -16.03
C LEU B 206 -15.71 46.04 -15.37
N PRO B 207 -16.16 46.03 -14.11
CA PRO B 207 -16.40 44.76 -13.42
C PRO B 207 -17.77 44.18 -13.71
N GLU B 208 -17.81 42.86 -13.78
CA GLU B 208 -19.07 42.15 -13.96
C GLU B 208 -19.76 42.03 -12.60
N CYS B 209 -20.89 42.72 -12.44
CA CYS B 209 -21.62 42.71 -11.17
C CYS B 209 -22.40 41.41 -11.05
N VAL B 210 -22.04 40.59 -10.07
CA VAL B 210 -22.77 39.36 -9.77
C VAL B 210 -23.59 39.61 -8.51
N LEU B 211 -24.91 39.43 -8.61
CA LEU B 211 -25.80 39.64 -7.49
C LEU B 211 -26.33 38.31 -6.96
N PRO B 212 -26.47 38.18 -5.65
CA PRO B 212 -27.03 36.94 -5.10
C PRO B 212 -28.52 36.83 -5.39
N SER B 213 -29.07 35.65 -5.11
CA SER B 213 -30.50 35.45 -5.22
C SER B 213 -31.23 36.54 -4.45
N THR B 214 -32.27 37.11 -5.07
CA THR B 214 -33.05 38.13 -4.39
C THR B 214 -33.62 37.62 -3.08
N MET B 215 -33.81 36.30 -2.94
CA MET B 215 -34.25 35.67 -1.71
C MET B 215 -33.10 35.29 -0.77
N SER B 216 -31.86 35.43 -1.22
CA SER B 216 -30.73 34.99 -0.40
C SER B 216 -30.70 35.67 0.97
N ALA B 217 -31.08 36.96 1.03
CA ALA B 217 -31.03 37.69 2.30
C ALA B 217 -32.15 37.28 3.24
N VAL B 218 -33.37 37.13 2.71
CA VAL B 218 -34.53 36.84 3.54
C VAL B 218 -34.78 35.34 3.71
N GLN B 219 -34.00 34.49 3.05
CA GLN B 219 -34.24 33.06 3.14
C GLN B 219 -34.08 32.58 4.57
N LEU B 220 -35.01 31.73 5.01
CA LEU B 220 -34.95 31.17 6.36
C LEU B 220 -33.93 30.03 6.41
N GLU B 221 -33.19 29.96 7.52
CA GLU B 221 -32.20 28.89 7.67
C GLU B 221 -32.84 27.52 7.52
N SER B 222 -34.03 27.34 8.10
CA SER B 222 -34.70 26.04 8.03
C SER B 222 -35.00 25.66 6.59
N LEU B 223 -35.40 26.63 5.78
CA LEU B 223 -35.76 26.39 4.39
C LEU B 223 -34.56 26.39 3.46
N ASN B 224 -33.35 26.61 3.98
CA ASN B 224 -32.17 26.63 3.12
C ASN B 224 -31.96 25.28 2.45
N LYS B 225 -32.13 24.19 3.19
CA LYS B 225 -31.95 22.87 2.61
C LYS B 225 -32.99 22.55 1.54
N CYS B 226 -34.07 23.32 1.48
CA CYS B 226 -35.14 23.08 0.51
C CYS B 226 -34.95 23.86 -0.78
N GLN B 227 -33.94 24.73 -0.86
CA GLN B 227 -33.80 25.61 -2.01
C GLN B 227 -33.31 24.86 -3.25
N ILE B 228 -32.55 23.79 -3.07
CA ILE B 228 -32.03 23.03 -4.20
C ILE B 228 -33.14 22.19 -4.81
N PHE B 229 -33.22 22.18 -6.14
CA PHE B 229 -34.22 21.42 -6.85
C PHE B 229 -33.65 20.10 -7.35
N PRO B 230 -34.48 19.05 -7.41
CA PRO B 230 -34.01 17.73 -7.85
C PRO B 230 -33.84 17.63 -9.37
N SER B 231 -32.75 18.22 -9.87
CA SER B 231 -32.42 18.15 -11.28
C SER B 231 -33.49 18.83 -12.14
N LYS B 232 -33.22 18.93 -13.43
CA LYS B 232 -34.10 19.53 -14.43
C LYS B 232 -34.80 18.44 -15.24
N PRO B 233 -35.99 18.73 -15.75
CA PRO B 233 -36.69 17.72 -16.57
C PRO B 233 -36.10 17.55 -17.96
N VAL B 234 -35.48 18.61 -18.50
CA VAL B 234 -34.91 18.64 -19.85
C VAL B 234 -35.69 17.75 -20.81
N SER B 235 -37.02 17.84 -20.75
CA SER B 235 -37.90 17.24 -21.74
C SER B 235 -38.76 18.36 -22.31
N ARG B 236 -38.56 18.68 -23.58
CA ARG B 236 -39.17 19.86 -24.19
C ARG B 236 -40.62 20.06 -23.74
N GLU B 237 -41.42 18.99 -23.79
CA GLU B 237 -42.83 19.12 -23.44
C GLU B 237 -43.01 19.37 -21.94
N ASP B 238 -42.21 18.73 -21.10
CA ASP B 238 -42.37 18.87 -19.66
C ASP B 238 -41.97 20.27 -19.18
N GLN B 239 -40.89 20.83 -19.73
CA GLN B 239 -40.45 22.16 -19.33
C GLN B 239 -41.29 23.26 -19.98
N CYS B 240 -41.75 23.04 -21.22
CA CYS B 240 -42.66 24.01 -21.82
C CYS B 240 -44.01 24.03 -21.12
N SER B 241 -44.39 22.96 -20.42
CA SER B 241 -45.59 22.95 -19.60
C SER B 241 -45.36 23.79 -18.34
N TYR B 242 -46.24 24.76 -18.11
CA TYR B 242 -46.01 25.72 -17.05
C TYR B 242 -46.24 25.14 -15.65
N LYS B 243 -46.53 23.85 -15.53
CA LYS B 243 -46.68 23.26 -14.20
C LYS B 243 -45.34 23.22 -13.46
N TRP B 244 -44.29 22.78 -14.14
CA TRP B 244 -42.98 22.73 -13.50
C TRP B 244 -42.54 24.12 -13.08
N TRP B 245 -42.88 25.13 -13.87
CA TRP B 245 -42.47 26.49 -13.53
C TRP B 245 -43.32 27.05 -12.40
N GLN B 246 -44.60 26.65 -12.32
CA GLN B 246 -45.38 26.97 -11.11
C GLN B 246 -44.69 26.39 -9.89
N LYS B 247 -44.22 25.15 -9.98
CA LYS B 247 -43.51 24.53 -8.86
C LYS B 247 -42.23 25.28 -8.53
N TYR B 248 -41.46 25.62 -9.56
CA TYR B 248 -40.22 26.36 -9.37
C TYR B 248 -40.47 27.68 -8.66
N GLN B 249 -41.49 28.42 -9.09
CA GLN B 249 -41.80 29.71 -8.47
C GLN B 249 -42.23 29.52 -7.02
N LYS B 250 -43.14 28.56 -6.78
CA LYS B 250 -43.58 28.32 -5.42
C LYS B 250 -42.41 28.00 -4.50
N ARG B 251 -41.48 27.17 -4.97
CA ARG B 251 -40.39 26.74 -4.09
C ARG B 251 -39.36 27.86 -3.89
N LYS B 252 -38.84 28.41 -4.99
CA LYS B 252 -37.67 29.29 -4.88
C LYS B 252 -38.01 30.60 -4.19
N PHE B 253 -39.20 31.14 -4.43
CA PHE B 253 -39.61 32.44 -3.89
C PHE B 253 -40.65 32.28 -2.79
N HIS B 254 -40.51 31.24 -1.97
CA HIS B 254 -41.43 31.09 -0.84
C HIS B 254 -41.29 32.25 0.14
N CYS B 255 -40.06 32.53 0.56
CA CYS B 255 -39.79 33.59 1.53
C CYS B 255 -40.27 34.95 1.05
N ALA B 256 -40.85 35.00 -0.15
CA ALA B 256 -41.49 36.23 -0.61
C ALA B 256 -42.63 36.64 0.31
N ASN B 257 -43.19 35.70 1.07
CA ASN B 257 -44.20 36.08 2.05
C ASN B 257 -43.61 36.94 3.16
N LEU B 258 -42.30 36.86 3.38
CA LEU B 258 -41.66 37.67 4.41
C LEU B 258 -41.54 39.12 3.98
N THR B 259 -41.47 39.38 2.68
CA THR B 259 -41.26 40.72 2.15
C THR B 259 -42.61 41.39 1.89
N SER B 260 -42.58 42.53 1.22
CA SER B 260 -43.80 43.28 0.90
C SER B 260 -44.22 43.13 -0.57
N TRP B 261 -43.66 42.15 -1.28
CA TRP B 261 -43.99 41.89 -2.67
C TRP B 261 -44.29 40.41 -2.86
N PRO B 262 -45.02 40.06 -3.92
CA PRO B 262 -45.32 38.65 -4.17
C PRO B 262 -44.20 37.91 -4.89
N ARG B 263 -44.50 36.69 -5.34
CA ARG B 263 -43.48 35.84 -5.97
C ARG B 263 -43.29 36.19 -7.44
N TRP B 264 -44.39 36.39 -8.17
CA TRP B 264 -44.28 36.67 -9.60
C TRP B 264 -43.46 37.94 -9.86
N LEU B 265 -43.35 38.83 -8.88
CA LEU B 265 -42.49 40.00 -9.06
C LEU B 265 -41.02 39.60 -9.04
N TYR B 266 -40.61 38.84 -8.03
CA TYR B 266 -39.23 38.40 -7.97
C TYR B 266 -38.87 37.48 -9.14
N SER B 267 -39.88 36.79 -9.70
CA SER B 267 -39.61 35.93 -10.86
C SER B 267 -39.10 36.72 -12.04
N LEU B 268 -39.49 37.99 -12.16
CA LEU B 268 -39.04 38.84 -13.25
C LEU B 268 -37.60 39.29 -13.08
N TYR B 269 -37.00 39.11 -11.89
CA TYR B 269 -35.61 39.42 -11.64
C TYR B 269 -34.82 38.17 -11.27
N ASP B 270 -35.24 37.02 -11.80
CA ASP B 270 -34.61 35.74 -11.48
C ASP B 270 -33.81 35.26 -12.67
N ALA B 271 -32.51 35.02 -12.45
CA ALA B 271 -31.60 34.69 -13.54
C ALA B 271 -32.08 33.46 -14.32
N GLU B 272 -32.39 32.38 -13.61
CA GLU B 272 -32.79 31.15 -14.30
C GLU B 272 -34.13 31.34 -15.01
N THR B 273 -35.07 32.04 -14.38
CA THR B 273 -36.37 32.27 -15.01
C THR B 273 -36.20 33.04 -16.31
N LEU B 274 -35.43 34.13 -16.27
CA LEU B 274 -35.18 34.90 -17.49
C LEU B 274 -34.45 34.07 -18.54
N MET B 275 -33.49 33.25 -18.10
CA MET B 275 -32.71 32.48 -19.06
C MET B 275 -33.56 31.43 -19.76
N ASP B 276 -34.51 30.82 -19.05
CA ASP B 276 -35.42 29.90 -19.75
C ASP B 276 -36.45 30.63 -20.60
N ARG B 277 -36.89 31.81 -20.18
CA ARG B 277 -37.74 32.60 -21.05
C ARG B 277 -37.03 32.95 -22.36
N ILE B 278 -35.72 33.17 -22.29
CA ILE B 278 -34.95 33.41 -23.51
C ILE B 278 -34.73 32.11 -24.28
N LYS B 279 -34.55 31.00 -23.56
CA LYS B 279 -34.40 29.70 -24.22
C LYS B 279 -35.63 29.37 -25.06
N LYS B 280 -36.82 29.72 -24.55
CA LYS B 280 -38.04 29.39 -25.29
C LYS B 280 -38.13 30.15 -26.61
N GLN B 281 -37.40 31.26 -26.74
CA GLN B 281 -37.31 31.96 -28.02
C GLN B 281 -36.17 31.41 -28.88
N LEU B 282 -35.02 31.14 -28.25
CA LEU B 282 -33.91 30.57 -28.99
C LEU B 282 -34.30 29.24 -29.63
N ARG B 283 -35.17 28.47 -28.97
CA ARG B 283 -35.69 27.24 -29.59
C ARG B 283 -36.56 27.57 -30.79
N GLU B 284 -37.35 28.64 -30.69
CA GLU B 284 -38.06 29.14 -31.86
C GLU B 284 -37.10 29.48 -32.99
N TRP B 285 -35.86 29.82 -32.67
CA TRP B 285 -34.88 30.12 -33.68
C TRP B 285 -34.10 28.88 -34.15
N ASP B 286 -33.72 28.02 -33.21
CA ASP B 286 -32.90 26.85 -33.52
C ASP B 286 -33.48 25.63 -32.84
N GLU B 287 -33.23 24.46 -33.42
CA GLU B 287 -33.73 23.19 -32.91
C GLU B 287 -32.71 22.45 -32.04
N ASN B 288 -31.59 23.09 -31.72
CA ASN B 288 -30.60 22.47 -30.84
C ASN B 288 -31.00 22.68 -29.39
N LEU B 289 -30.91 21.61 -28.60
CA LEU B 289 -31.36 21.65 -27.21
C LEU B 289 -30.42 22.49 -26.35
N LYS B 290 -31.00 23.10 -25.32
CA LYS B 290 -30.22 23.83 -24.33
C LYS B 290 -29.35 22.90 -23.50
N ASP B 291 -29.62 21.59 -23.57
CA ASP B 291 -28.88 20.62 -22.78
C ASP B 291 -27.37 20.80 -22.93
N ASP B 292 -26.92 21.20 -24.11
CA ASP B 292 -25.50 21.27 -24.38
C ASP B 292 -25.08 22.65 -24.89
N SER B 293 -25.74 23.11 -25.95
CA SER B 293 -25.26 24.32 -26.64
C SER B 293 -25.31 25.54 -25.74
N LEU B 294 -26.37 25.68 -24.96
CA LEU B 294 -26.45 26.96 -24.27
C LEU B 294 -25.72 26.91 -22.92
N PRO B 295 -25.08 28.01 -22.55
CA PRO B 295 -24.34 28.05 -21.28
C PRO B 295 -25.29 28.13 -20.08
N SER B 296 -24.76 27.69 -18.94
CA SER B 296 -25.50 27.73 -17.69
C SER B 296 -25.23 28.98 -16.86
N ASN B 297 -24.09 29.62 -17.05
CA ASN B 297 -23.78 30.81 -16.29
C ASN B 297 -24.59 31.99 -16.82
N PRO B 298 -25.21 32.79 -15.96
CA PRO B 298 -26.00 33.92 -16.44
C PRO B 298 -25.19 34.97 -17.18
N ILE B 299 -23.93 35.18 -16.79
CA ILE B 299 -23.08 36.13 -17.48
C ILE B 299 -22.81 35.67 -18.92
N ASP B 300 -22.26 34.46 -19.07
CA ASP B 300 -22.01 33.91 -20.39
C ASP B 300 -23.30 33.82 -21.21
N PHE B 301 -24.40 33.44 -20.56
CA PHE B 301 -25.67 33.33 -21.27
C PHE B 301 -26.14 34.68 -21.80
N SER B 302 -26.05 35.72 -20.96
CA SER B 302 -26.47 37.05 -21.40
C SER B 302 -25.60 37.57 -22.53
N TYR B 303 -24.29 37.33 -22.46
CA TYR B 303 -23.43 37.81 -23.54
C TYR B 303 -23.66 37.02 -24.84
N ARG B 304 -23.84 35.70 -24.74
CA ARG B 304 -24.13 34.91 -25.91
C ARG B 304 -25.43 35.36 -26.58
N VAL B 305 -26.44 35.71 -25.78
CA VAL B 305 -27.71 36.18 -26.34
C VAL B 305 -27.54 37.56 -26.94
N ALA B 306 -26.77 38.43 -26.29
CA ALA B 306 -26.56 39.78 -26.82
C ALA B 306 -25.76 39.76 -28.10
N ALA B 307 -24.88 38.77 -28.28
CA ALA B 307 -24.05 38.72 -29.48
C ALA B 307 -24.86 38.47 -30.73
N CYS B 308 -26.01 37.82 -30.61
CA CYS B 308 -26.81 37.44 -31.77
C CYS B 308 -28.17 38.14 -31.77
N LEU B 309 -28.24 39.35 -31.20
CA LEU B 309 -29.47 40.12 -31.25
C LEU B 309 -29.35 41.19 -32.32
N PRO B 310 -30.17 41.14 -33.38
CA PRO B 310 -30.06 42.14 -34.43
C PRO B 310 -30.59 43.50 -34.02
N ILE B 311 -29.73 44.32 -33.40
CA ILE B 311 -30.12 45.67 -33.00
C ILE B 311 -29.13 46.64 -33.60
N ASP B 312 -29.51 47.92 -33.62
CA ASP B 312 -28.64 48.97 -34.12
C ASP B 312 -27.57 49.30 -33.09
N ASP B 313 -26.62 50.14 -33.51
CA ASP B 313 -25.41 50.35 -32.71
C ASP B 313 -25.71 51.06 -31.40
N VAL B 314 -26.72 51.94 -31.36
CA VAL B 314 -27.02 52.65 -30.12
C VAL B 314 -27.57 51.68 -29.07
N LEU B 315 -28.50 50.81 -29.48
CA LEU B 315 -29.02 49.82 -28.55
C LEU B 315 -27.93 48.87 -28.08
N ARG B 316 -27.02 48.49 -28.98
CA ARG B 316 -25.94 47.59 -28.57
C ARG B 316 -24.99 48.29 -27.60
N ILE B 317 -24.76 49.59 -27.77
CA ILE B 317 -23.93 50.30 -26.80
C ILE B 317 -24.62 50.35 -25.45
N GLN B 318 -25.92 50.65 -25.44
CA GLN B 318 -26.65 50.68 -24.17
C GLN B 318 -26.65 49.32 -23.50
N LEU B 319 -26.76 48.25 -24.29
CA LEU B 319 -26.71 46.90 -23.74
C LEU B 319 -25.32 46.57 -23.22
N LEU B 320 -24.27 47.07 -23.88
CA LEU B 320 -22.90 46.86 -23.40
C LEU B 320 -22.61 47.65 -22.13
N LYS B 321 -23.34 48.75 -21.88
CA LYS B 321 -23.16 49.50 -20.64
C LYS B 321 -23.71 48.76 -19.43
N ILE B 322 -24.57 47.76 -19.65
CA ILE B 322 -25.15 47.02 -18.53
C ILE B 322 -24.09 46.13 -17.90
N GLY B 323 -23.99 46.19 -16.57
CA GLY B 323 -22.99 45.43 -15.85
C GLY B 323 -23.53 44.21 -15.13
N SER B 324 -24.84 44.20 -14.86
CA SER B 324 -25.50 43.10 -14.18
C SER B 324 -26.11 42.15 -15.20
N ALA B 325 -25.81 40.85 -15.06
CA ALA B 325 -26.40 39.87 -15.97
C ALA B 325 -27.92 39.88 -15.88
N ILE B 326 -28.47 40.23 -14.71
CA ILE B 326 -29.92 40.26 -14.54
C ILE B 326 -30.53 41.30 -15.47
N GLN B 327 -30.01 42.53 -15.41
CA GLN B 327 -30.53 43.60 -16.26
C GLN B 327 -30.31 43.28 -17.73
N ARG B 328 -29.16 42.72 -18.07
CA ARG B 328 -28.88 42.40 -19.47
C ARG B 328 -29.89 41.37 -19.99
N LEU B 329 -30.17 40.33 -19.19
CA LEU B 329 -31.17 39.35 -19.58
C LEU B 329 -32.54 39.98 -19.72
N ARG B 330 -32.91 40.86 -18.79
CA ARG B 330 -34.23 41.49 -18.86
C ARG B 330 -34.35 42.37 -20.10
N CYS B 331 -33.30 43.13 -20.39
CA CYS B 331 -33.32 43.98 -21.58
C CYS B 331 -33.37 43.16 -22.85
N GLU B 332 -32.65 42.04 -22.88
CA GLU B 332 -32.69 41.18 -24.06
C GLU B 332 -34.07 40.58 -24.26
N LEU B 333 -34.73 40.17 -23.17
CA LEU B 333 -36.09 39.67 -23.28
C LEU B 333 -37.03 40.76 -23.80
N ASP B 334 -36.91 41.97 -23.25
CA ASP B 334 -37.76 43.06 -23.69
C ASP B 334 -37.55 43.36 -25.17
N ILE B 335 -36.28 43.40 -25.61
CA ILE B 335 -35.99 43.64 -27.02
C ILE B 335 -36.63 42.55 -27.88
N MET B 336 -36.46 41.30 -27.48
CA MET B 336 -37.00 40.20 -28.28
C MET B 336 -38.52 40.24 -28.35
N ASN B 337 -39.16 40.79 -27.32
CA ASN B 337 -40.62 40.83 -27.35
C ASN B 337 -41.17 42.05 -28.09
N LYS B 338 -40.47 43.19 -28.00
CA LYS B 338 -41.01 44.42 -28.58
C LYS B 338 -40.65 44.55 -30.06
N CYS B 339 -39.35 44.52 -30.36
CA CYS B 339 -38.90 44.67 -31.74
C CYS B 339 -39.20 43.39 -32.52
N THR B 340 -40.28 43.43 -33.30
CA THR B 340 -40.68 42.30 -34.13
C THR B 340 -40.42 42.50 -35.60
N SER B 341 -40.20 43.73 -36.07
CA SER B 341 -39.90 43.99 -37.46
C SER B 341 -38.45 44.47 -37.59
N LEU B 342 -37.88 44.24 -38.77
CA LEU B 342 -36.53 44.70 -39.10
C LEU B 342 -36.65 45.46 -40.40
N CYS B 343 -36.39 46.76 -40.36
CA CYS B 343 -36.54 47.63 -41.52
C CYS B 343 -35.17 48.10 -42.00
N CYS B 344 -35.20 48.79 -43.14
CA CYS B 344 -33.99 49.35 -43.71
C CYS B 344 -33.54 50.57 -42.91
N LYS B 345 -32.28 50.56 -42.47
CA LYS B 345 -31.81 51.64 -41.61
C LYS B 345 -31.81 52.98 -42.36
N GLN B 346 -31.48 52.97 -43.64
CA GLN B 346 -31.52 54.19 -44.43
C GLN B 346 -32.95 54.69 -44.65
N CYS B 347 -33.91 53.76 -44.83
CA CYS B 347 -35.32 54.13 -44.98
C CYS B 347 -35.98 54.42 -43.64
N GLN B 348 -35.73 53.57 -42.64
CA GLN B 348 -36.37 53.67 -41.33
C GLN B 348 -37.83 53.25 -41.41
N GLU B 349 -38.39 53.21 -42.62
CA GLU B 349 -39.77 52.80 -42.82
C GLU B 349 -39.93 51.60 -43.75
N THR B 350 -38.93 51.27 -44.55
CA THR B 350 -39.01 50.14 -45.47
C THR B 350 -38.77 48.85 -44.70
N GLU B 351 -39.81 48.04 -44.53
CA GLU B 351 -39.67 46.79 -43.80
C GLU B 351 -38.94 45.75 -44.63
N ILE B 352 -37.95 45.10 -44.02
CA ILE B 352 -37.15 44.08 -44.69
C ILE B 352 -37.57 42.68 -44.27
N THR B 353 -37.74 42.45 -42.97
CA THR B 353 -38.08 41.11 -42.48
C THR B 353 -38.74 41.23 -41.11
N THR B 354 -39.03 40.07 -40.51
CA THR B 354 -39.64 40.00 -39.19
C THR B 354 -38.97 38.90 -38.38
N LYS B 355 -39.10 38.99 -37.06
CA LYS B 355 -38.45 38.03 -36.18
C LYS B 355 -38.96 36.61 -36.42
N ASN B 356 -40.15 36.47 -36.99
CA ASN B 356 -40.69 35.14 -37.26
C ASN B 356 -39.87 34.39 -38.29
N GLU B 357 -39.12 35.11 -39.13
CA GLU B 357 -38.27 34.48 -40.15
C GLU B 357 -36.86 34.21 -39.66
N ILE B 358 -36.47 34.76 -38.50
CA ILE B 358 -35.13 34.56 -37.98
C ILE B 358 -34.92 33.08 -37.70
N PHE B 359 -33.81 32.53 -38.18
CA PHE B 359 -33.47 31.14 -37.89
C PHE B 359 -31.96 31.01 -37.80
N SER B 360 -31.51 30.00 -37.06
CA SER B 360 -30.09 29.79 -36.80
C SER B 360 -29.53 28.80 -37.80
N LEU B 361 -28.56 29.25 -38.62
CA LEU B 361 -27.81 28.38 -39.50
C LEU B 361 -26.41 28.10 -38.96
N SER B 362 -26.06 28.66 -37.80
CA SER B 362 -24.77 28.43 -37.17
C SER B 362 -25.00 28.17 -35.68
N LEU B 363 -24.00 27.54 -35.05
CA LEU B 363 -24.10 27.22 -33.64
C LEU B 363 -24.16 28.47 -32.78
N CYS B 364 -23.52 29.55 -33.22
CA CYS B 364 -23.53 30.79 -32.44
C CYS B 364 -24.92 31.42 -32.38
N GLY B 365 -25.81 31.05 -33.30
CA GLY B 365 -27.14 31.61 -33.33
C GLY B 365 -27.52 32.03 -34.72
N PRO B 366 -28.48 32.95 -34.83
CA PRO B 366 -28.90 33.43 -36.16
C PRO B 366 -27.97 34.45 -36.76
N MET B 367 -27.16 35.12 -35.94
CA MET B 367 -26.30 36.20 -36.41
C MET B 367 -24.88 35.95 -35.95
N ALA B 368 -23.93 36.20 -36.85
CA ALA B 368 -22.52 35.98 -36.55
C ALA B 368 -21.66 36.90 -37.42
N ALA B 369 -20.45 37.16 -36.94
CA ALA B 369 -19.53 38.06 -37.64
C ALA B 369 -18.70 37.27 -38.65
N TYR B 370 -18.60 37.80 -39.86
CA TYR B 370 -17.76 37.23 -40.91
C TYR B 370 -16.96 38.34 -41.57
N VAL B 371 -15.83 37.96 -42.17
CA VAL B 371 -14.95 38.91 -42.83
C VAL B 371 -14.93 38.59 -44.32
N ASN B 372 -14.94 39.63 -45.14
CA ASN B 372 -14.96 39.49 -46.58
C ASN B 372 -13.54 39.53 -47.13
N PRO B 373 -13.37 39.28 -48.41
CA PRO B 373 -12.01 39.20 -48.97
C PRO B 373 -11.19 40.45 -48.70
N HIS B 374 -11.84 41.60 -48.53
CA HIS B 374 -11.12 42.87 -48.38
C HIS B 374 -11.04 43.33 -46.93
N GLY B 375 -11.30 42.45 -45.97
CA GLY B 375 -11.17 42.81 -44.57
C GLY B 375 -12.35 43.53 -43.97
N TYR B 376 -13.45 43.66 -44.71
CA TYR B 376 -14.67 44.25 -44.17
C TYR B 376 -15.42 43.20 -43.37
N VAL B 377 -15.88 43.57 -42.16
CA VAL B 377 -16.54 42.65 -41.26
C VAL B 377 -18.04 42.97 -41.26
N HIS B 378 -18.85 41.95 -41.55
CA HIS B 378 -20.31 42.06 -41.56
C HIS B 378 -20.87 41.10 -40.53
N GLU B 379 -21.76 41.61 -39.69
CA GLU B 379 -22.53 40.77 -38.79
C GLU B 379 -23.76 40.31 -39.55
N THR B 380 -23.72 39.08 -40.06
CA THR B 380 -24.76 38.53 -40.92
C THR B 380 -25.80 37.78 -40.10
N LEU B 381 -27.06 38.10 -40.34
CA LEU B 381 -28.21 37.46 -39.70
C LEU B 381 -28.96 36.69 -40.76
N THR B 382 -29.16 35.39 -40.53
CA THR B 382 -29.80 34.53 -41.51
C THR B 382 -31.29 34.46 -41.25
N VAL B 383 -32.08 34.71 -42.30
CA VAL B 383 -33.53 34.68 -42.21
C VAL B 383 -34.06 33.85 -43.37
N TYR B 384 -35.29 33.36 -43.20
CA TYR B 384 -35.90 32.55 -44.25
C TYR B 384 -36.42 33.42 -45.39
N LYS B 385 -37.19 34.46 -45.07
CA LYS B 385 -37.82 35.28 -46.08
C LYS B 385 -37.52 36.76 -45.83
N ALA B 386 -37.42 37.50 -46.94
CA ALA B 386 -37.19 38.94 -46.90
C ALA B 386 -37.87 39.56 -48.11
N CYS B 387 -38.32 40.80 -47.95
CA CYS B 387 -39.07 41.50 -48.98
C CYS B 387 -38.44 42.86 -49.25
N ASN B 388 -38.91 43.52 -50.31
CA ASN B 388 -38.44 44.86 -50.67
C ASN B 388 -36.94 44.85 -50.97
N LEU B 389 -36.47 43.77 -51.59
CA LEU B 389 -35.05 43.61 -51.90
C LEU B 389 -34.88 43.30 -53.38
N ASN B 390 -33.96 44.00 -54.02
CA ASN B 390 -33.57 43.75 -55.41
C ASN B 390 -32.23 43.01 -55.42
N LEU B 391 -32.10 42.05 -56.33
CA LEU B 391 -30.87 41.29 -56.48
C LEU B 391 -30.02 41.91 -57.57
N ILE B 392 -28.72 42.05 -57.31
CA ILE B 392 -27.79 42.69 -58.23
C ILE B 392 -26.81 41.63 -58.73
N GLY B 393 -26.68 41.53 -60.05
CA GLY B 393 -25.78 40.56 -60.63
C GLY B 393 -26.33 39.15 -60.59
N ARG B 394 -25.43 38.17 -60.57
CA ARG B 394 -25.81 36.78 -60.51
C ARG B 394 -25.06 36.08 -59.38
N PRO B 395 -25.68 35.05 -58.79
CA PRO B 395 -25.06 34.39 -57.63
C PRO B 395 -23.60 34.01 -57.87
N SER B 396 -22.85 33.87 -56.78
CA SER B 396 -21.46 33.42 -56.86
C SER B 396 -21.11 32.69 -55.57
N THR B 397 -20.21 31.72 -55.70
CA THR B 397 -19.72 30.97 -54.55
C THR B 397 -18.36 31.40 -54.08
N GLU B 398 -17.81 32.47 -54.65
CA GLU B 398 -16.47 32.92 -54.28
C GLU B 398 -16.48 33.50 -52.88
N HIS B 399 -15.74 32.87 -51.97
CA HIS B 399 -15.58 33.36 -50.60
C HIS B 399 -16.91 33.36 -49.85
N SER B 400 -17.74 32.36 -50.12
CA SER B 400 -19.03 32.27 -49.47
C SER B 400 -18.85 31.86 -48.02
N TRP B 401 -19.51 32.59 -47.12
CA TRP B 401 -19.41 32.30 -45.69
C TRP B 401 -20.15 31.04 -45.29
N PHE B 402 -21.06 30.55 -46.13
CA PHE B 402 -21.83 29.34 -45.87
C PHE B 402 -21.52 28.34 -46.98
N PRO B 403 -20.52 27.48 -46.80
CA PRO B 403 -20.13 26.56 -47.87
C PRO B 403 -21.32 25.80 -48.40
N GLY B 404 -21.45 25.79 -49.74
CA GLY B 404 -22.54 25.12 -50.40
C GLY B 404 -23.63 26.03 -50.90
N TYR B 405 -23.62 27.30 -50.50
CA TYR B 405 -24.59 28.27 -50.98
C TYR B 405 -23.89 29.31 -51.84
N ALA B 406 -24.68 29.95 -52.70
CA ALA B 406 -24.20 31.00 -53.60
C ALA B 406 -24.88 32.31 -53.24
N TRP B 407 -24.08 33.37 -53.11
CA TRP B 407 -24.55 34.66 -52.63
C TRP B 407 -24.82 35.62 -53.78
N THR B 408 -25.80 36.49 -53.57
CA THR B 408 -26.17 37.53 -54.53
C THR B 408 -26.46 38.81 -53.76
N VAL B 409 -25.80 39.90 -54.16
CA VAL B 409 -25.98 41.16 -53.45
C VAL B 409 -27.44 41.56 -53.49
N ALA B 410 -27.93 42.06 -52.36
CA ALA B 410 -29.33 42.48 -52.21
C ALA B 410 -29.39 43.92 -51.73
N GLN B 411 -30.13 44.75 -52.45
CA GLN B 411 -30.30 46.16 -52.14
C GLN B 411 -31.74 46.44 -51.73
N CYS B 412 -31.94 47.54 -51.01
CA CYS B 412 -33.29 47.99 -50.73
C CYS B 412 -33.95 48.50 -52.01
N LYS B 413 -35.24 48.23 -52.16
CA LYS B 413 -35.95 48.64 -53.37
C LYS B 413 -36.10 50.15 -53.47
N ILE B 414 -36.05 50.87 -52.35
CA ILE B 414 -36.29 52.29 -52.33
C ILE B 414 -34.99 53.09 -52.38
N CYS B 415 -34.06 52.82 -51.46
CA CYS B 415 -32.84 53.60 -51.35
C CYS B 415 -31.63 52.93 -51.99
N ALA B 416 -31.77 51.67 -52.42
CA ALA B 416 -30.69 50.92 -53.06
C ALA B 416 -29.52 50.66 -52.14
N SER B 417 -29.66 50.95 -50.85
CA SER B 417 -28.58 50.68 -49.90
C SER B 417 -28.46 49.19 -49.66
N HIS B 418 -27.23 48.70 -49.66
CA HIS B 418 -26.99 47.26 -49.52
C HIS B 418 -27.54 46.76 -48.19
N ILE B 419 -28.43 45.78 -48.25
CA ILE B 419 -29.03 45.22 -47.05
C ILE B 419 -28.35 43.90 -46.71
N GLY B 420 -27.91 43.18 -47.73
CA GLY B 420 -27.21 41.93 -47.52
C GLY B 420 -27.06 41.09 -48.77
N TRP B 421 -27.28 39.79 -48.64
CA TRP B 421 -27.15 38.87 -49.76
C TRP B 421 -28.25 37.83 -49.70
N LYS B 422 -28.53 37.23 -50.84
CA LYS B 422 -29.44 36.08 -50.93
C LYS B 422 -28.61 34.85 -51.23
N PHE B 423 -28.62 33.89 -50.31
CA PHE B 423 -27.86 32.66 -50.44
C PHE B 423 -28.75 31.58 -51.03
N THR B 424 -28.31 31.02 -52.16
CA THR B 424 -29.03 29.97 -52.88
C THR B 424 -28.16 28.71 -52.94
N ALA B 425 -28.73 27.59 -52.51
CA ALA B 425 -27.98 26.35 -52.47
C ALA B 425 -27.47 25.96 -53.86
N THR B 426 -26.38 25.18 -53.87
CA THR B 426 -25.79 24.70 -55.11
C THR B 426 -26.20 23.28 -55.45
N LYS B 427 -26.67 22.50 -54.49
CA LYS B 427 -27.15 21.14 -54.71
C LYS B 427 -28.64 21.07 -54.41
N LYS B 428 -29.38 20.31 -55.22
CA LYS B 428 -30.82 20.21 -55.04
C LYS B 428 -31.18 19.56 -53.70
N ASP B 429 -30.28 18.76 -53.14
CA ASP B 429 -30.54 18.03 -51.91
C ASP B 429 -30.42 18.90 -50.66
N MET B 430 -29.84 20.08 -50.76
CA MET B 430 -29.62 20.92 -49.59
C MET B 430 -30.93 21.55 -49.13
N SER B 431 -31.01 21.81 -47.82
CA SER B 431 -32.17 22.42 -47.22
C SER B 431 -31.65 23.28 -46.06
N PRO B 432 -32.10 24.53 -45.95
CA PRO B 432 -33.06 25.22 -46.82
C PRO B 432 -32.48 25.48 -48.20
N GLN B 433 -33.32 25.59 -49.22
CA GLN B 433 -32.83 25.80 -50.57
C GLN B 433 -32.36 27.23 -50.78
N LYS B 434 -32.92 28.18 -50.04
CA LYS B 434 -32.52 29.58 -50.18
C LYS B 434 -32.86 30.31 -48.88
N PHE B 435 -32.03 31.29 -48.56
CA PHE B 435 -32.26 32.15 -47.40
C PHE B 435 -31.59 33.49 -47.64
N TRP B 436 -31.64 34.36 -46.64
CA TRP B 436 -31.08 35.70 -46.76
C TRP B 436 -30.12 35.97 -45.62
N GLY B 437 -28.97 36.55 -45.94
CA GLY B 437 -28.04 37.01 -44.92
C GLY B 437 -27.98 38.52 -44.90
N LEU B 438 -28.54 39.13 -43.86
CA LEU B 438 -28.64 40.58 -43.77
C LEU B 438 -27.55 41.11 -42.85
N THR B 439 -26.91 42.21 -43.26
CA THR B 439 -25.87 42.82 -42.44
C THR B 439 -26.52 43.72 -41.39
N ARG B 440 -26.10 43.55 -40.13
CA ARG B 440 -26.72 44.28 -39.04
C ARG B 440 -26.61 45.79 -39.25
N SER B 441 -25.49 46.23 -39.80
CA SER B 441 -25.26 47.67 -39.96
C SER B 441 -26.34 48.32 -40.80
N ALA B 442 -27.06 47.55 -41.63
CA ALA B 442 -28.08 48.11 -42.52
C ALA B 442 -29.50 47.93 -41.99
N LEU B 443 -29.68 47.23 -40.89
CA LEU B 443 -31.02 46.96 -40.36
C LEU B 443 -31.36 47.94 -39.24
N LEU B 444 -32.65 47.97 -38.91
CA LEU B 444 -33.17 48.77 -37.81
C LEU B 444 -34.29 47.99 -37.13
N PRO B 445 -34.17 47.72 -35.84
CA PRO B 445 -35.28 47.05 -35.14
C PRO B 445 -36.47 47.99 -35.02
N THR B 446 -37.67 47.40 -35.07
CA THR B 446 -38.88 48.19 -35.09
C THR B 446 -40.01 47.43 -34.41
N ILE B 447 -40.89 48.19 -33.77
CA ILE B 447 -42.11 47.65 -33.18
C ILE B 447 -43.16 47.56 -34.27
N PRO B 448 -44.10 46.62 -34.19
CA PRO B 448 -45.13 46.52 -35.24
C PRO B 448 -46.26 47.52 -35.00
N ASP B 449 -46.76 48.09 -36.10
CA ASP B 449 -47.91 48.96 -36.01
C ASP B 449 -49.11 48.17 -35.49
N THR B 450 -49.80 48.73 -34.50
CA THR B 450 -50.86 48.01 -33.81
C THR B 450 -51.99 47.63 -34.77
N GLU B 451 -52.60 46.47 -34.52
CA GLU B 451 -53.75 46.04 -35.32
C GLU B 451 -54.90 47.04 -35.18
N ASP B 452 -55.09 47.58 -33.98
CA ASP B 452 -56.10 48.60 -33.72
C ASP B 452 -55.39 49.95 -33.64
N GLU B 453 -55.65 50.82 -34.61
CA GLU B 453 -54.95 52.11 -34.66
C GLU B 453 -55.34 52.99 -33.49
N ILE B 454 -56.52 52.76 -32.91
CA ILE B 454 -56.98 53.60 -31.81
C ILE B 454 -56.18 53.33 -30.53
N SER B 455 -55.50 52.19 -30.44
CA SER B 455 -54.76 51.80 -29.24
C SER B 455 -53.27 51.76 -29.53
N PRO B 456 -52.54 52.86 -29.35
CA PRO B 456 -51.09 52.83 -29.53
C PRO B 456 -50.35 53.00 -28.21
N ASP B 457 -50.42 52.00 -27.33
CA ASP B 457 -49.76 52.10 -26.03
C ASP B 457 -48.26 52.31 -26.20
N LYS B 458 -47.67 53.00 -25.23
CA LYS B 458 -46.25 53.29 -25.31
C LYS B 458 -45.44 52.00 -25.36
N VAL B 459 -44.43 51.98 -26.24
CA VAL B 459 -43.53 50.83 -26.37
C VAL B 459 -42.10 51.32 -26.21
N ILE B 460 -41.83 52.04 -25.12
CA ILE B 460 -40.49 52.55 -24.87
C ILE B 460 -39.56 51.40 -24.49
N LEU B 461 -38.26 51.63 -24.67
CA LEU B 461 -37.26 50.63 -24.29
C LEU B 461 -37.33 50.37 -22.79
N CYS B 462 -37.49 49.10 -22.42
CA CYS B 462 -37.62 48.72 -21.03
C CYS B 462 -36.50 47.77 -20.62
N LEU B 463 -36.02 47.92 -19.39
CA LEU B 463 -35.00 47.04 -18.83
C LEU B 463 -35.24 46.83 -17.34
N MET C 29 -15.71 -64.26 -2.27
CA MET C 29 -14.36 -63.89 -1.86
C MET C 29 -13.51 -63.47 -3.05
N SER C 30 -12.65 -62.48 -2.86
CA SER C 30 -11.88 -61.89 -3.94
C SER C 30 -10.43 -62.36 -3.93
N TYR C 31 -9.68 -61.99 -2.89
CA TYR C 31 -8.26 -62.32 -2.80
C TYR C 31 -7.47 -61.62 -3.90
N ASN C 32 -6.91 -60.45 -3.59
CA ASN C 32 -6.15 -59.70 -4.58
C ASN C 32 -4.99 -58.97 -3.91
N TYR C 33 -4.01 -58.61 -4.73
CA TYR C 33 -2.77 -57.98 -4.27
C TYR C 33 -2.43 -56.84 -5.22
N VAL C 34 -2.16 -55.66 -4.66
CA VAL C 34 -1.93 -54.46 -5.45
C VAL C 34 -0.65 -53.80 -4.94
N VAL C 35 0.26 -53.48 -5.86
CA VAL C 35 1.56 -52.91 -5.52
C VAL C 35 1.88 -51.78 -6.50
N THR C 36 2.73 -50.86 -6.04
CA THR C 36 3.11 -49.69 -6.83
C THR C 36 4.40 -50.00 -7.60
N ALA C 37 4.31 -50.03 -8.93
CA ALA C 37 5.50 -50.24 -9.74
C ALA C 37 6.28 -48.95 -9.93
N GLN C 38 5.57 -47.83 -10.12
CA GLN C 38 6.17 -46.52 -10.30
C GLN C 38 5.46 -45.52 -9.39
N LYS C 39 6.22 -44.80 -8.58
CA LYS C 39 5.62 -43.82 -7.69
C LYS C 39 4.99 -42.69 -8.48
N PRO C 40 4.07 -41.94 -7.86
CA PRO C 40 3.49 -40.79 -8.55
C PRO C 40 4.55 -39.75 -8.87
N THR C 41 4.64 -39.38 -10.14
CA THR C 41 5.68 -38.46 -10.61
C THR C 41 5.19 -37.02 -10.75
N ALA C 42 3.89 -36.79 -10.78
CA ALA C 42 3.38 -35.43 -10.93
C ALA C 42 3.54 -34.65 -9.64
N VAL C 43 3.90 -33.37 -9.78
CA VAL C 43 4.09 -32.48 -8.64
C VAL C 43 2.84 -31.63 -8.48
N ASN C 44 2.24 -31.66 -7.28
CA ASN C 44 1.06 -30.87 -6.97
C ASN C 44 1.31 -29.83 -5.90
N GLY C 45 2.57 -29.59 -5.54
CA GLY C 45 2.89 -28.58 -4.55
C GLY C 45 4.38 -28.50 -4.26
N CYS C 46 4.87 -27.31 -3.92
CA CYS C 46 6.27 -27.14 -3.57
C CYS C 46 6.42 -25.86 -2.76
N VAL C 47 7.30 -25.91 -1.76
CA VAL C 47 7.54 -24.77 -0.87
C VAL C 47 9.00 -24.76 -0.46
N THR C 48 9.55 -23.55 -0.30
CA THR C 48 10.92 -23.38 0.13
C THR C 48 10.96 -22.83 1.56
N GLY C 49 12.02 -23.17 2.28
CA GLY C 49 12.13 -22.73 3.65
C GLY C 49 13.40 -23.23 4.31
N HIS C 50 13.37 -23.30 5.63
CA HIS C 50 14.50 -23.80 6.43
C HIS C 50 14.00 -24.95 7.30
N PHE C 51 13.74 -26.09 6.67
CA PHE C 51 13.09 -27.21 7.34
C PHE C 51 14.07 -28.16 8.02
N THR C 52 15.21 -28.45 7.38
CA THR C 52 16.21 -29.30 7.99
C THR C 52 16.98 -28.56 9.08
N SER C 53 17.71 -27.51 8.71
CA SER C 53 18.39 -26.65 9.65
C SER C 53 18.14 -25.20 9.28
N ALA C 54 18.25 -24.33 10.29
CA ALA C 54 18.00 -22.91 10.06
C ALA C 54 19.02 -22.28 9.11
N GLU C 55 20.15 -22.93 8.87
CA GLU C 55 21.18 -22.37 7.99
C GLU C 55 20.85 -22.62 6.52
N ASP C 56 21.01 -23.85 6.07
CA ASP C 56 20.86 -24.17 4.65
C ASP C 56 19.40 -23.98 4.20
N LEU C 57 19.23 -23.77 2.90
CA LEU C 57 17.92 -23.58 2.29
C LEU C 57 17.38 -24.91 1.79
N ASN C 58 16.09 -25.12 1.99
CA ASN C 58 15.42 -26.37 1.67
C ASN C 58 14.30 -26.14 0.67
N LEU C 59 14.11 -27.14 -0.20
CA LEU C 59 13.01 -27.20 -1.14
C LEU C 59 12.22 -28.49 -0.88
N LEU C 60 10.94 -28.33 -0.56
CA LEU C 60 10.03 -29.45 -0.32
C LEU C 60 9.07 -29.58 -1.49
N ILE C 61 8.90 -30.81 -1.97
CA ILE C 61 8.06 -31.10 -3.12
C ILE C 61 7.08 -32.19 -2.74
N ALA C 62 5.81 -32.03 -3.12
CA ALA C 62 4.77 -32.98 -2.79
C ALA C 62 4.28 -33.63 -4.08
N LYS C 63 4.44 -34.96 -4.17
CA LYS C 63 3.95 -35.74 -5.30
C LYS C 63 2.85 -36.66 -4.77
N ASN C 64 1.66 -36.08 -4.57
CA ASN C 64 0.49 -36.81 -4.11
C ASN C 64 0.70 -37.42 -2.72
N THR C 65 1.11 -38.68 -2.67
CA THR C 65 1.36 -39.37 -1.42
C THR C 65 2.82 -39.35 -1.00
N ARG C 66 3.70 -38.78 -1.81
CA ARG C 66 5.13 -38.75 -1.53
C ARG C 66 5.58 -37.33 -1.21
N LEU C 67 6.62 -37.22 -0.38
CA LEU C 67 7.18 -35.93 0.04
C LEU C 67 8.69 -35.98 -0.09
N GLU C 68 9.24 -35.11 -0.94
CA GLU C 68 10.68 -35.04 -1.19
C GLU C 68 11.24 -33.77 -0.56
N ILE C 69 12.45 -33.88 0.00
CA ILE C 69 13.09 -32.80 0.74
C ILE C 69 14.51 -32.69 0.21
N TYR C 70 14.82 -31.56 -0.43
CA TYR C 70 16.11 -31.26 -1.01
C TYR C 70 16.73 -30.07 -0.31
N VAL C 71 18.05 -29.95 -0.44
CA VAL C 71 18.79 -28.77 -0.02
C VAL C 71 19.20 -27.99 -1.26
N VAL C 72 18.99 -26.68 -1.23
CA VAL C 72 19.31 -25.82 -2.37
C VAL C 72 20.80 -25.50 -2.34
N THR C 73 21.53 -25.97 -3.34
CA THR C 73 22.96 -25.72 -3.47
C THR C 73 23.21 -24.77 -4.64
N ALA C 74 24.48 -24.38 -4.78
CA ALA C 74 24.85 -23.50 -5.88
C ALA C 74 24.83 -24.22 -7.22
N GLU C 75 25.05 -25.53 -7.22
CA GLU C 75 25.00 -26.30 -8.46
C GLU C 75 23.56 -26.60 -8.87
N GLY C 76 22.79 -27.19 -7.96
CA GLY C 76 21.40 -27.53 -8.24
C GLY C 76 20.64 -27.91 -6.99
N LEU C 77 20.07 -29.11 -6.98
CA LEU C 77 19.31 -29.62 -5.85
C LEU C 77 19.98 -30.89 -5.31
N ARG C 78 20.18 -30.93 -4.00
CA ARG C 78 20.79 -32.08 -3.34
C ARG C 78 19.73 -32.88 -2.60
N PRO C 79 19.40 -34.09 -3.04
CA PRO C 79 18.36 -34.87 -2.37
C PRO C 79 18.78 -35.23 -0.95
N VAL C 80 17.91 -34.95 0.00
CA VAL C 80 18.18 -35.17 1.42
C VAL C 80 17.30 -36.28 1.99
N LYS C 81 15.99 -36.19 1.78
CA LYS C 81 15.11 -37.18 2.40
C LYS C 81 13.81 -37.32 1.61
N GLU C 82 13.38 -38.57 1.41
CA GLU C 82 12.11 -38.86 0.75
C GLU C 82 11.26 -39.70 1.69
N VAL C 83 10.01 -39.31 1.87
CA VAL C 83 9.10 -40.01 2.76
C VAL C 83 7.77 -40.24 2.04
N GLY C 84 6.98 -41.13 2.60
CA GLY C 84 5.64 -41.41 2.08
C GLY C 84 4.62 -41.33 3.19
N MET C 85 3.46 -40.75 2.85
CA MET C 85 2.37 -40.57 3.79
C MET C 85 1.18 -41.43 3.40
N TYR C 86 0.38 -41.78 4.39
CA TYR C 86 -0.84 -42.56 4.18
C TYR C 86 -2.03 -41.64 3.89
N GLY C 87 -1.86 -40.76 2.91
CA GLY C 87 -2.89 -39.82 2.55
C GLY C 87 -2.45 -38.86 1.46
N LYS C 88 -3.41 -38.35 0.70
CA LYS C 88 -3.10 -37.42 -0.38
C LYS C 88 -2.84 -36.05 0.20
N ILE C 89 -1.64 -35.51 -0.06
CA ILE C 89 -1.24 -34.22 0.50
C ILE C 89 -2.00 -33.13 -0.24
N ALA C 90 -2.92 -32.46 0.47
CA ALA C 90 -3.64 -31.31 -0.08
C ALA C 90 -2.98 -30.00 0.27
N VAL C 91 -2.62 -29.80 1.54
CA VAL C 91 -1.97 -28.59 2.01
C VAL C 91 -0.58 -28.93 2.50
N MET C 92 0.38 -28.04 2.25
CA MET C 92 1.76 -28.23 2.68
C MET C 92 2.39 -26.85 2.81
N GLU C 93 2.62 -26.41 4.06
CA GLU C 93 3.16 -25.09 4.32
C GLU C 93 4.17 -25.16 5.46
N LEU C 94 5.25 -24.41 5.32
CA LEU C 94 6.29 -24.32 6.35
C LEU C 94 6.05 -23.08 7.21
N PHE C 95 6.47 -23.15 8.47
CA PHE C 95 6.27 -22.06 9.42
C PHE C 95 7.18 -22.26 10.61
N ARG C 96 7.67 -21.15 11.16
CA ARG C 96 8.54 -21.18 12.33
C ARG C 96 7.87 -20.46 13.48
N PRO C 97 7.40 -21.18 14.51
CA PRO C 97 6.71 -20.52 15.62
C PRO C 97 7.68 -19.73 16.50
N LYS C 98 7.08 -18.96 17.41
CA LYS C 98 7.86 -18.17 18.35
C LYS C 98 8.70 -19.09 19.24
N GLY C 99 10.01 -18.90 19.20
CA GLY C 99 10.90 -19.72 20.01
C GLY C 99 11.11 -21.10 19.44
N GLU C 100 11.46 -21.17 18.15
CA GLU C 100 11.79 -22.42 17.48
C GLU C 100 13.07 -22.24 16.69
N SER C 101 13.89 -23.29 16.66
CA SER C 101 15.17 -23.22 15.95
C SER C 101 14.96 -23.13 14.45
N LYS C 102 14.32 -24.14 13.87
CA LYS C 102 14.06 -24.21 12.44
C LYS C 102 12.55 -24.29 12.20
N ASP C 103 12.18 -24.44 10.93
CA ASP C 103 10.79 -24.39 10.53
C ASP C 103 10.11 -25.75 10.72
N LEU C 104 8.82 -25.71 11.02
CA LEU C 104 7.97 -26.88 11.08
C LEU C 104 7.10 -26.97 9.83
N LEU C 105 6.64 -28.18 9.52
CA LEU C 105 5.89 -28.42 8.29
C LEU C 105 4.46 -28.84 8.64
N PHE C 106 3.50 -28.02 8.22
CA PHE C 106 2.09 -28.35 8.39
C PHE C 106 1.58 -29.04 7.13
N ILE C 107 0.96 -30.21 7.31
CA ILE C 107 0.47 -31.01 6.20
C ILE C 107 -0.95 -31.47 6.51
N LEU C 108 -1.86 -31.23 5.56
CA LEU C 108 -3.23 -31.72 5.63
C LEU C 108 -3.47 -32.66 4.45
N THR C 109 -4.16 -33.76 4.71
CA THR C 109 -4.42 -34.75 3.67
C THR C 109 -5.82 -34.55 3.09
N ALA C 110 -6.12 -35.36 2.07
CA ALA C 110 -7.44 -35.29 1.45
C ALA C 110 -8.53 -35.81 2.39
N LYS C 111 -8.21 -36.77 3.24
CA LYS C 111 -9.13 -37.27 4.25
C LYS C 111 -9.13 -36.41 5.50
N TYR C 112 -8.59 -35.19 5.42
CA TYR C 112 -8.63 -34.20 6.50
C TYR C 112 -7.77 -34.62 7.70
N ASN C 113 -6.67 -35.31 7.44
CA ASN C 113 -5.68 -35.62 8.47
C ASN C 113 -4.67 -34.48 8.49
N ALA C 114 -4.69 -33.68 9.55
CA ALA C 114 -3.75 -32.58 9.73
C ALA C 114 -2.63 -33.00 10.67
N CYS C 115 -1.45 -32.43 10.45
CA CYS C 115 -0.29 -32.79 11.25
C CYS C 115 0.77 -31.71 11.12
N ILE C 116 1.51 -31.50 12.21
CA ILE C 116 2.71 -30.69 12.22
C ILE C 116 3.89 -31.63 12.42
N LEU C 117 4.81 -31.62 11.46
CA LEU C 117 5.99 -32.46 11.42
C LEU C 117 7.25 -31.63 11.60
N GLU C 118 8.30 -32.29 12.07
CA GLU C 118 9.59 -31.67 12.34
C GLU C 118 10.70 -32.56 11.82
N TYR C 119 11.75 -31.93 11.31
CA TYR C 119 12.91 -32.64 10.77
C TYR C 119 13.92 -32.85 11.89
N LYS C 120 14.23 -34.11 12.19
CA LYS C 120 15.20 -34.46 13.22
C LYS C 120 16.19 -35.47 12.66
N GLN C 121 17.48 -35.18 12.82
CA GLN C 121 18.55 -36.05 12.34
C GLN C 121 19.53 -36.30 13.48
N SER C 122 19.92 -37.56 13.64
CA SER C 122 20.87 -37.98 14.68
C SER C 122 22.02 -38.71 14.00
N GLY C 123 23.14 -38.03 13.81
CA GLY C 123 24.29 -38.62 13.15
C GLY C 123 24.03 -38.93 11.69
N GLU C 124 23.52 -40.12 11.41
CA GLU C 124 23.20 -40.50 10.04
C GLU C 124 21.84 -41.16 9.93
N SER C 125 20.94 -40.93 10.89
CA SER C 125 19.59 -41.49 10.89
C SER C 125 18.60 -40.34 10.78
N ILE C 126 17.94 -40.23 9.63
CA ILE C 126 17.00 -39.16 9.35
C ILE C 126 15.58 -39.65 9.66
N ASP C 127 14.83 -38.85 10.40
CA ASP C 127 13.48 -39.21 10.78
C ASP C 127 12.60 -37.95 10.77
N ILE C 128 11.38 -38.10 10.24
CA ILE C 128 10.40 -37.03 10.23
C ILE C 128 9.44 -37.33 11.38
N ILE C 129 9.72 -36.74 12.53
CA ILE C 129 8.92 -36.98 13.73
C ILE C 129 7.67 -36.14 13.69
N THR C 130 6.56 -36.71 14.16
CA THR C 130 5.26 -36.04 14.15
C THR C 130 5.10 -35.26 15.45
N ARG C 131 5.23 -33.93 15.37
CA ARG C 131 5.05 -33.10 16.55
C ARG C 131 3.59 -33.05 16.99
N ALA C 132 2.66 -33.01 16.03
CA ALA C 132 1.24 -33.03 16.38
C ALA C 132 0.45 -33.60 15.22
N HIS C 133 -0.75 -34.11 15.53
CA HIS C 133 -1.59 -34.69 14.49
C HIS C 133 -3.03 -34.78 14.98
N GLY C 134 -3.94 -34.96 14.01
CA GLY C 134 -5.36 -35.14 14.29
C GLY C 134 -6.23 -35.01 13.06
N ASN C 135 -7.45 -35.54 13.11
CA ASN C 135 -8.39 -35.47 11.99
C ASN C 135 -9.33 -34.28 12.21
N VAL C 136 -9.40 -33.38 11.22
CA VAL C 136 -10.17 -32.16 11.34
C VAL C 136 -11.46 -32.21 10.52
N GLN C 137 -11.95 -33.41 10.22
CA GLN C 137 -13.17 -33.54 9.44
C GLN C 137 -14.39 -33.19 10.28
N ASP C 138 -15.40 -32.65 9.62
CA ASP C 138 -16.66 -32.29 10.26
C ASP C 138 -17.76 -33.18 9.69
N ARG C 139 -18.37 -34.00 10.55
CA ARG C 139 -19.53 -34.76 10.13
C ARG C 139 -20.68 -33.80 9.85
N ILE C 140 -21.14 -33.78 8.60
CA ILE C 140 -22.04 -32.77 8.05
C ILE C 140 -21.22 -31.53 7.69
N GLY C 141 -21.45 -31.01 6.50
CA GLY C 141 -20.68 -29.89 5.98
C GLY C 141 -20.43 -30.04 4.49
N ARG C 142 -20.85 -29.04 3.72
CA ARG C 142 -20.73 -29.12 2.27
C ARG C 142 -19.34 -28.68 1.83
N PRO C 143 -18.54 -29.56 1.22
CA PRO C 143 -17.21 -29.16 0.77
C PRO C 143 -17.30 -27.99 -0.21
N SER C 144 -16.36 -27.06 -0.08
CA SER C 144 -16.40 -25.85 -0.88
C SER C 144 -16.14 -26.17 -2.36
N GLU C 145 -16.50 -25.21 -3.21
CA GLU C 145 -16.26 -25.37 -4.64
C GLU C 145 -14.80 -25.15 -5.01
N THR C 146 -14.10 -24.27 -4.30
CA THR C 146 -12.68 -24.03 -4.53
C THR C 146 -11.79 -25.05 -3.83
N GLY C 147 -12.37 -26.06 -3.19
CA GLY C 147 -11.56 -27.10 -2.56
C GLY C 147 -11.05 -26.69 -1.19
N ILE C 148 -10.09 -27.47 -0.70
CA ILE C 148 -9.49 -27.23 0.60
C ILE C 148 -8.53 -26.06 0.49
N ILE C 149 -8.60 -25.13 1.44
CA ILE C 149 -7.68 -24.00 1.48
C ILE C 149 -7.06 -23.93 2.87
N GLY C 150 -5.74 -24.04 2.95
CA GLY C 150 -5.07 -24.01 4.22
C GLY C 150 -3.99 -22.96 4.34
N ILE C 151 -4.19 -21.97 5.22
CA ILE C 151 -3.26 -20.87 5.39
C ILE C 151 -2.83 -20.80 6.84
N ILE C 152 -1.71 -20.13 7.08
CA ILE C 152 -1.16 -19.98 8.42
C ILE C 152 -0.82 -18.51 8.65
N ASP C 153 -1.04 -18.05 9.87
CA ASP C 153 -0.76 -16.66 10.20
C ASP C 153 0.73 -16.39 10.04
N PRO C 154 1.11 -15.20 9.54
CA PRO C 154 2.54 -14.91 9.41
C PRO C 154 3.32 -15.02 10.71
N GLU C 155 2.70 -14.65 11.83
CA GLU C 155 3.32 -14.75 13.14
C GLU C 155 2.90 -16.02 13.88
N CYS C 156 2.37 -17.00 13.16
CA CYS C 156 2.06 -18.32 13.71
C CYS C 156 1.11 -18.24 14.89
N ARG C 157 0.09 -17.38 14.77
CA ARG C 157 -0.95 -17.34 15.79
C ARG C 157 -1.88 -18.54 15.69
N MET C 158 -2.19 -18.97 14.47
CA MET C 158 -3.14 -20.04 14.26
C MET C 158 -2.99 -20.59 12.84
N ILE C 159 -3.73 -21.66 12.57
CA ILE C 159 -3.87 -22.20 11.22
C ILE C 159 -5.33 -22.07 10.83
N GLY C 160 -5.59 -21.42 9.69
CA GLY C 160 -6.93 -21.27 9.18
C GLY C 160 -7.18 -22.24 8.04
N LEU C 161 -8.24 -23.03 8.19
CA LEU C 161 -8.67 -23.97 7.17
C LEU C 161 -10.04 -23.56 6.65
N ARG C 162 -10.20 -23.65 5.34
CA ARG C 162 -11.49 -23.46 4.67
C ARG C 162 -11.76 -24.79 3.97
N LEU C 163 -12.62 -25.60 4.59
CA LEU C 163 -12.97 -26.93 4.10
C LEU C 163 -14.42 -27.06 3.65
N TYR C 164 -15.33 -26.32 4.27
CA TYR C 164 -16.74 -26.37 3.94
C TYR C 164 -17.27 -24.94 3.81
N ASP C 165 -18.17 -24.74 2.85
CA ASP C 165 -18.76 -23.43 2.64
C ASP C 165 -19.46 -22.95 3.91
N GLY C 166 -19.27 -21.67 4.24
CA GLY C 166 -19.93 -21.07 5.37
C GLY C 166 -19.28 -21.30 6.71
N LEU C 167 -18.14 -21.98 6.76
CA LEU C 167 -17.44 -22.23 8.00
C LEU C 167 -15.96 -21.99 7.80
N PHE C 168 -15.31 -21.43 8.83
CA PHE C 168 -13.88 -21.20 8.79
C PHE C 168 -13.25 -21.85 10.02
N LYS C 169 -12.53 -22.95 9.84
CA LYS C 169 -11.96 -23.69 10.95
C LYS C 169 -10.64 -23.06 11.38
N VAL C 170 -10.40 -23.02 12.69
CA VAL C 170 -9.22 -22.39 13.27
C VAL C 170 -8.57 -23.37 14.23
N ILE C 171 -7.29 -23.66 14.01
CA ILE C 171 -6.47 -24.48 14.89
C ILE C 171 -5.51 -23.53 15.60
N PRO C 172 -5.73 -23.22 16.88
CA PRO C 172 -4.82 -22.30 17.57
C PRO C 172 -3.44 -22.90 17.73
N LEU C 173 -2.40 -22.08 17.52
CA LEU C 173 -1.02 -22.54 17.60
C LEU C 173 -0.50 -22.31 19.02
N ASP C 174 -0.86 -23.24 19.91
CA ASP C 174 -0.41 -23.24 21.29
C ASP C 174 0.40 -24.51 21.56
N ARG C 175 1.36 -24.41 22.47
CA ARG C 175 2.18 -25.56 22.80
C ARG C 175 1.34 -26.68 23.40
N ASP C 176 0.21 -26.33 24.03
CA ASP C 176 -0.66 -27.35 24.62
C ASP C 176 -1.41 -28.13 23.54
N ASN C 177 -1.81 -27.44 22.47
CA ASN C 177 -2.62 -28.07 21.44
C ASN C 177 -1.82 -29.12 20.68
N LYS C 178 -1.83 -30.35 21.18
CA LYS C 178 -1.15 -31.45 20.52
C LYS C 178 -2.07 -32.28 19.63
N GLU C 179 -3.35 -32.40 20.00
CA GLU C 179 -4.32 -33.13 19.21
C GLU C 179 -4.90 -32.30 18.07
N LEU C 180 -4.51 -31.03 17.95
CA LEU C 180 -5.03 -30.14 16.92
C LEU C 180 -6.54 -29.94 17.09
N LYS C 181 -6.94 -29.61 18.32
CA LYS C 181 -8.32 -29.26 18.57
C LYS C 181 -8.62 -27.90 17.94
N ALA C 182 -9.59 -27.87 17.02
CA ALA C 182 -9.92 -26.67 16.28
C ALA C 182 -11.38 -26.29 16.54
N PHE C 183 -11.72 -25.05 16.20
CA PHE C 183 -13.09 -24.58 16.32
C PHE C 183 -13.50 -23.85 15.04
N ASN C 184 -14.75 -24.04 14.64
CA ASN C 184 -15.26 -23.39 13.44
C ASN C 184 -15.83 -22.02 13.79
N ILE C 185 -15.75 -21.11 12.82
CA ILE C 185 -16.34 -19.78 12.94
C ILE C 185 -17.37 -19.62 11.83
N ARG C 186 -18.50 -19.01 12.19
CA ARG C 186 -19.57 -18.75 11.24
C ARG C 186 -19.11 -17.74 10.20
N LEU C 187 -19.25 -18.10 8.93
CA LEU C 187 -18.81 -17.27 7.81
C LEU C 187 -20.01 -16.94 6.94
N GLU C 188 -20.44 -15.68 6.97
CA GLU C 188 -21.63 -15.29 6.24
C GLU C 188 -21.44 -15.40 4.73
N GLU C 189 -20.21 -15.22 4.25
CA GLU C 189 -19.91 -15.36 2.83
C GLU C 189 -19.77 -16.84 2.50
N LEU C 190 -20.72 -17.38 1.73
CA LEU C 190 -20.69 -18.81 1.43
C LEU C 190 -19.68 -19.14 0.33
N HIS C 191 -19.64 -18.33 -0.73
CA HIS C 191 -18.84 -18.64 -1.91
C HIS C 191 -17.53 -17.84 -1.86
N VAL C 192 -16.59 -18.34 -1.06
CA VAL C 192 -15.26 -17.76 -0.94
C VAL C 192 -14.37 -18.39 -2.00
N ILE C 193 -13.66 -17.55 -2.75
CA ILE C 193 -12.82 -18.05 -3.85
C ILE C 193 -11.38 -18.26 -3.39
N ASP C 194 -10.76 -17.24 -2.80
CA ASP C 194 -9.43 -17.39 -2.23
C ASP C 194 -9.35 -16.58 -0.95
N VAL C 195 -8.42 -16.98 -0.08
CA VAL C 195 -8.25 -16.33 1.20
C VAL C 195 -6.79 -16.45 1.62
N LYS C 196 -6.30 -15.43 2.31
CA LYS C 196 -4.93 -15.41 2.80
C LYS C 196 -4.88 -14.69 4.14
N PHE C 197 -3.75 -14.82 4.82
CA PHE C 197 -3.49 -14.08 6.06
C PHE C 197 -2.63 -12.87 5.73
N LEU C 198 -3.09 -11.69 6.16
CA LEU C 198 -2.39 -10.45 5.85
C LEU C 198 -1.20 -10.24 6.77
N TYR C 199 -0.19 -9.55 6.25
CA TYR C 199 1.00 -9.21 7.02
C TYR C 199 0.82 -7.89 7.75
N GLY C 200 1.63 -7.69 8.78
CA GLY C 200 1.66 -6.42 9.48
C GLY C 200 0.34 -5.98 10.05
N CYS C 201 -0.32 -6.86 10.81
CA CYS C 201 -1.59 -6.56 11.45
C CYS C 201 -1.46 -6.76 12.95
N GLN C 202 -2.15 -5.91 13.72
CA GLN C 202 -2.16 -6.07 15.17
C GLN C 202 -2.72 -7.43 15.56
N ALA C 203 -3.92 -7.74 15.10
CA ALA C 203 -4.53 -9.04 15.30
C ALA C 203 -4.50 -9.84 14.01
N PRO C 204 -4.57 -11.18 14.09
CA PRO C 204 -4.61 -12.00 12.87
C PRO C 204 -5.79 -11.60 11.99
N THR C 205 -5.47 -11.21 10.75
CA THR C 205 -6.47 -10.73 9.80
C THR C 205 -6.45 -11.61 8.56
N ILE C 206 -7.63 -12.08 8.14
CA ILE C 206 -7.80 -12.81 6.90
C ILE C 206 -8.39 -11.86 5.86
N CYS C 207 -7.90 -12.01 4.62
CA CYS C 207 -8.38 -11.23 3.47
C CYS C 207 -8.77 -12.20 2.37
N PHE C 208 -10.00 -12.08 1.87
CA PHE C 208 -10.53 -13.10 0.98
C PHE C 208 -11.45 -12.48 -0.06
N VAL C 209 -11.48 -13.10 -1.23
CA VAL C 209 -12.39 -12.72 -2.31
C VAL C 209 -13.54 -13.70 -2.36
N TYR C 210 -14.76 -13.19 -2.37
CA TYR C 210 -15.97 -14.00 -2.42
C TYR C 210 -16.90 -13.45 -3.51
N GLN C 211 -17.95 -14.21 -3.79
CA GLN C 211 -18.90 -13.84 -4.83
C GLN C 211 -20.32 -13.94 -4.29
N ASP C 212 -21.14 -12.98 -4.68
CA ASP C 212 -22.56 -12.93 -4.35
C ASP C 212 -23.31 -12.50 -5.61
N PRO C 213 -24.63 -12.39 -5.55
CA PRO C 213 -25.40 -12.02 -6.74
C PRO C 213 -24.93 -10.72 -7.37
N GLN C 214 -24.25 -9.87 -6.61
CA GLN C 214 -23.82 -8.57 -7.10
C GLN C 214 -22.41 -8.60 -7.68
N GLY C 215 -21.80 -9.76 -7.81
CA GLY C 215 -20.44 -9.87 -8.30
C GLY C 215 -19.47 -10.35 -7.23
N ARG C 216 -18.18 -10.12 -7.49
CA ARG C 216 -17.13 -10.54 -6.58
C ARG C 216 -16.58 -9.34 -5.82
N HIS C 217 -16.24 -9.56 -4.55
CA HIS C 217 -15.71 -8.52 -3.69
C HIS C 217 -14.63 -9.10 -2.77
N VAL C 218 -13.71 -8.24 -2.35
CA VAL C 218 -12.67 -8.59 -1.41
C VAL C 218 -13.03 -8.01 -0.05
N LYS C 219 -12.89 -8.82 1.00
CA LYS C 219 -13.31 -8.45 2.34
C LYS C 219 -12.31 -8.99 3.36
N THR C 220 -12.21 -8.31 4.49
CA THR C 220 -11.25 -8.66 5.53
C THR C 220 -11.96 -8.85 6.87
N TYR C 221 -11.47 -9.81 7.66
CA TYR C 221 -11.94 -10.07 9.00
C TYR C 221 -10.76 -10.18 9.95
N GLU C 222 -11.00 -9.88 11.22
CA GLU C 222 -10.01 -10.08 12.28
C GLU C 222 -10.41 -11.31 13.08
N VAL C 223 -9.51 -12.29 13.13
CA VAL C 223 -9.79 -13.55 13.81
C VAL C 223 -9.40 -13.43 15.27
N SER C 224 -10.37 -13.54 16.17
CA SER C 224 -10.14 -13.46 17.60
C SER C 224 -10.22 -14.87 18.18
N LEU C 225 -9.08 -15.38 18.64
CA LEU C 225 -9.06 -16.65 19.37
C LEU C 225 -9.69 -16.48 20.75
N ARG C 226 -9.59 -15.29 21.33
CA ARG C 226 -10.21 -15.04 22.62
C ARG C 226 -11.73 -15.13 22.50
N GLU C 227 -12.33 -14.28 21.67
CA GLU C 227 -13.76 -14.38 21.40
C GLU C 227 -14.11 -15.63 20.61
N LYS C 228 -13.13 -16.24 19.94
CA LYS C 228 -13.38 -17.36 19.04
C LYS C 228 -14.38 -16.97 17.96
N GLU C 229 -14.12 -15.83 17.32
CA GLU C 229 -15.08 -15.30 16.34
C GLU C 229 -14.40 -14.24 15.48
N PHE C 230 -15.16 -13.70 14.54
CA PHE C 230 -14.67 -12.68 13.64
C PHE C 230 -14.94 -11.28 14.20
N ASN C 231 -14.14 -10.32 13.74
CA ASN C 231 -14.31 -8.92 14.05
C ASN C 231 -14.12 -8.11 12.78
N LYS C 232 -14.62 -6.88 12.79
CA LYS C 232 -14.52 -6.02 11.60
C LYS C 232 -13.07 -5.91 11.17
N GLY C 233 -12.85 -6.06 9.85
CA GLY C 233 -11.53 -5.99 9.29
C GLY C 233 -11.06 -4.57 9.09
N PRO C 234 -9.75 -4.41 8.89
CA PRO C 234 -9.19 -3.06 8.74
C PRO C 234 -9.80 -2.28 7.59
N TRP C 235 -10.17 -2.95 6.50
CA TRP C 235 -10.83 -2.28 5.38
C TRP C 235 -11.82 -3.28 4.80
N LYS C 236 -13.11 -3.09 5.08
CA LYS C 236 -14.11 -4.08 4.73
C LYS C 236 -14.49 -3.95 3.26
N GLN C 237 -15.51 -4.72 2.85
CA GLN C 237 -15.85 -5.02 1.46
C GLN C 237 -15.35 -3.99 0.46
N GLU C 238 -14.72 -4.48 -0.61
CA GLU C 238 -14.31 -3.68 -1.74
C GLU C 238 -14.60 -4.47 -3.01
N ASN C 239 -15.21 -3.82 -3.99
CA ASN C 239 -15.58 -4.52 -5.22
C ASN C 239 -14.35 -4.80 -6.08
N VAL C 240 -14.30 -6.00 -6.65
CA VAL C 240 -13.20 -6.39 -7.52
C VAL C 240 -13.75 -6.78 -8.89
N GLU C 241 -12.87 -7.23 -9.80
CA GLU C 241 -13.32 -7.58 -11.14
C GLU C 241 -14.15 -8.86 -11.11
N ALA C 242 -14.80 -9.13 -12.24
CA ALA C 242 -15.75 -10.25 -12.29
C ALA C 242 -15.04 -11.60 -12.21
N GLU C 243 -13.81 -11.69 -12.70
CA GLU C 243 -13.07 -12.95 -12.73
C GLU C 243 -11.96 -12.99 -11.69
N ALA C 244 -12.05 -12.16 -10.64
CA ALA C 244 -11.01 -12.13 -9.62
C ALA C 244 -10.89 -13.50 -8.96
N SER C 245 -9.72 -14.13 -9.12
CA SER C 245 -9.53 -15.51 -8.69
C SER C 245 -8.35 -15.74 -7.75
N MET C 246 -7.41 -14.81 -7.61
CA MET C 246 -6.22 -15.06 -6.81
C MET C 246 -5.95 -13.92 -5.83
N VAL C 247 -5.52 -14.27 -4.62
CA VAL C 247 -5.20 -13.30 -3.60
C VAL C 247 -3.80 -13.59 -3.07
N ILE C 248 -3.00 -12.54 -2.90
CA ILE C 248 -1.61 -12.67 -2.47
C ILE C 248 -1.34 -11.65 -1.38
N ALA C 249 -0.80 -12.10 -0.25
CA ALA C 249 -0.46 -11.21 0.85
C ALA C 249 0.95 -10.67 0.64
N VAL C 250 1.10 -9.35 0.78
CA VAL C 250 2.38 -8.69 0.57
C VAL C 250 3.08 -8.50 1.92
N PRO C 251 4.40 -8.76 2.00
CA PRO C 251 5.09 -8.68 3.29
C PRO C 251 5.05 -7.30 3.93
N GLU C 252 5.72 -7.18 5.08
CA GLU C 252 5.59 -5.98 5.91
C GLU C 252 5.87 -4.69 5.17
N PRO C 253 6.97 -4.55 4.42
CA PRO C 253 7.26 -3.26 3.79
C PRO C 253 6.06 -2.61 3.11
N PHE C 254 5.36 -3.35 2.25
CA PHE C 254 4.21 -2.82 1.54
C PHE C 254 2.93 -2.99 2.35
N GLY C 255 2.59 -4.22 2.69
CA GLY C 255 1.33 -4.50 3.34
C GLY C 255 0.22 -4.70 2.34
N GLY C 256 -0.99 -4.79 2.86
CA GLY C 256 -2.11 -4.97 1.97
C GLY C 256 -2.02 -6.29 1.21
N ALA C 257 -2.75 -6.34 0.10
CA ALA C 257 -2.83 -7.56 -0.69
C ALA C 257 -2.90 -7.20 -2.17
N ILE C 258 -2.70 -8.22 -3.00
CA ILE C 258 -2.82 -8.11 -4.45
C ILE C 258 -3.87 -9.11 -4.91
N ILE C 259 -4.84 -8.64 -5.68
CA ILE C 259 -5.91 -9.47 -6.23
C ILE C 259 -5.67 -9.57 -7.73
N ILE C 260 -5.60 -10.80 -8.22
CA ILE C 260 -5.31 -11.10 -9.62
C ILE C 260 -6.53 -11.77 -10.23
N GLY C 261 -7.06 -11.16 -11.30
CA GLY C 261 -8.18 -11.71 -12.03
C GLY C 261 -7.80 -12.14 -13.43
N GLN C 262 -8.72 -12.02 -14.39
CA GLN C 262 -8.43 -12.40 -15.76
C GLN C 262 -7.79 -11.27 -16.54
N GLU C 263 -8.33 -10.07 -16.43
CA GLU C 263 -7.83 -8.93 -17.20
C GLU C 263 -6.97 -7.97 -16.39
N SER C 264 -7.13 -7.92 -15.07
CA SER C 264 -6.51 -6.87 -14.27
C SER C 264 -5.82 -7.46 -13.04
N ILE C 265 -4.80 -6.74 -12.60
CA ILE C 265 -4.12 -6.99 -11.33
C ILE C 265 -4.25 -5.73 -10.48
N THR C 266 -4.78 -5.88 -9.27
CA THR C 266 -4.98 -4.75 -8.38
C THR C 266 -4.21 -4.97 -7.08
N TYR C 267 -3.87 -3.86 -6.44
CA TYR C 267 -3.26 -3.86 -5.12
C TYR C 267 -4.14 -3.00 -4.21
N HIS C 268 -4.58 -3.59 -3.10
CA HIS C 268 -5.44 -2.91 -2.14
C HIS C 268 -4.75 -2.85 -0.78
N ASN C 269 -4.75 -1.67 -0.17
CA ASN C 269 -4.15 -1.49 1.16
C ASN C 269 -4.87 -0.32 1.82
N GLY C 270 -5.74 -0.62 2.77
CA GLY C 270 -6.49 0.40 3.47
C GLY C 270 -7.19 1.37 2.54
N ASP C 271 -6.64 2.59 2.43
CA ASP C 271 -7.24 3.62 1.59
C ASP C 271 -6.79 3.53 0.14
N LYS C 272 -5.57 3.07 -0.12
CA LYS C 272 -5.05 3.05 -1.48
C LYS C 272 -5.51 1.80 -2.23
N TYR C 273 -5.84 1.99 -3.50
CA TYR C 273 -6.38 0.91 -4.34
C TYR C 273 -5.90 1.15 -5.77
N LEU C 274 -4.72 0.63 -6.08
CA LEU C 274 -4.13 0.78 -7.40
C LEU C 274 -4.52 -0.40 -8.27
N ALA C 275 -4.65 -0.16 -9.58
CA ALA C 275 -5.11 -1.20 -10.49
C ALA C 275 -4.52 -1.01 -11.87
N ILE C 276 -4.09 -2.11 -12.48
CA ILE C 276 -3.54 -2.09 -13.83
C ILE C 276 -4.13 -3.25 -14.62
N ALA C 277 -4.31 -3.03 -15.92
CA ALA C 277 -4.89 -4.02 -16.83
C ALA C 277 -3.89 -4.24 -17.97
N PRO C 278 -2.78 -4.92 -17.71
CA PRO C 278 -1.80 -5.15 -18.76
C PRO C 278 -2.34 -6.11 -19.81
N PRO C 279 -2.23 -5.75 -21.10
CA PRO C 279 -2.71 -6.66 -22.16
C PRO C 279 -1.87 -7.92 -22.32
N ILE C 280 -0.68 -7.99 -21.71
CA ILE C 280 0.18 -9.15 -21.89
C ILE C 280 -0.34 -10.39 -21.17
N ILE C 281 -1.27 -10.23 -20.24
CA ILE C 281 -1.81 -11.33 -19.45
C ILE C 281 -3.23 -11.69 -19.85
N LYS C 282 -3.81 -11.02 -20.85
CA LYS C 282 -5.21 -11.24 -21.21
C LYS C 282 -5.43 -12.52 -21.99
N GLN C 283 -4.42 -13.02 -22.70
CA GLN C 283 -4.63 -14.24 -23.46
C GLN C 283 -4.77 -15.46 -22.56
N SER C 284 -4.25 -15.45 -21.35
CA SER C 284 -4.50 -16.66 -20.58
C SER C 284 -4.64 -16.28 -19.10
N THR C 285 -5.19 -17.20 -18.34
CA THR C 285 -5.46 -16.92 -16.94
C THR C 285 -4.25 -17.28 -16.09
N ILE C 286 -3.91 -16.38 -15.17
CA ILE C 286 -2.85 -16.64 -14.21
C ILE C 286 -3.38 -17.56 -13.11
N VAL C 287 -2.70 -18.69 -12.89
CA VAL C 287 -3.20 -19.72 -12.01
C VAL C 287 -2.24 -20.08 -10.88
N CYS C 288 -1.02 -19.53 -10.85
CA CYS C 288 -0.12 -19.79 -9.74
C CYS C 288 0.88 -18.65 -9.62
N HIS C 289 1.34 -18.43 -8.39
CA HIS C 289 2.24 -17.33 -8.07
C HIS C 289 3.28 -17.79 -7.07
N ASN C 290 4.27 -16.93 -6.84
CA ASN C 290 5.32 -17.16 -5.86
C ASN C 290 6.05 -15.84 -5.63
N ARG C 291 6.55 -15.66 -4.42
CA ARG C 291 7.27 -14.46 -4.05
C ARG C 291 8.76 -14.62 -4.33
N VAL C 292 9.37 -13.60 -4.93
CA VAL C 292 10.79 -13.64 -5.24
C VAL C 292 11.55 -12.95 -4.13
N ASP C 293 11.36 -11.64 -3.99
CA ASP C 293 12.04 -10.87 -2.94
C ASP C 293 11.30 -11.03 -1.61
N PRO C 294 12.01 -11.31 -0.52
CA PRO C 294 11.31 -11.48 0.76
C PRO C 294 10.51 -10.25 1.17
N ASN C 295 10.90 -9.06 0.73
CA ASN C 295 10.17 -7.84 1.07
C ASN C 295 8.92 -7.64 0.23
N GLY C 296 8.75 -8.42 -0.83
CA GLY C 296 7.57 -8.34 -1.67
C GLY C 296 7.73 -7.50 -2.92
N SER C 297 8.94 -7.09 -3.26
CA SER C 297 9.13 -6.22 -4.42
C SER C 297 8.88 -6.94 -5.74
N ARG C 298 9.03 -8.27 -5.78
CA ARG C 298 8.86 -9.00 -7.03
C ARG C 298 8.16 -10.32 -6.77
N TYR C 299 7.34 -10.73 -7.74
CA TYR C 299 6.58 -11.97 -7.70
C TYR C 299 6.64 -12.64 -9.05
N LEU C 300 6.53 -13.97 -9.04
CA LEU C 300 6.49 -14.76 -10.26
C LEU C 300 5.05 -15.22 -10.50
N LEU C 301 4.58 -15.06 -11.74
CA LEU C 301 3.23 -15.45 -12.10
C LEU C 301 3.28 -16.46 -13.24
N GLY C 302 2.42 -17.47 -13.18
CA GLY C 302 2.35 -18.47 -14.23
C GLY C 302 0.93 -18.64 -14.72
N ASP C 303 0.77 -18.75 -16.03
CA ASP C 303 -0.56 -18.91 -16.61
C ASP C 303 -0.76 -20.37 -17.03
N MET C 304 -1.97 -20.66 -17.51
CA MET C 304 -2.32 -22.03 -17.85
C MET C 304 -1.47 -22.57 -18.99
N GLU C 305 -1.03 -21.70 -19.91
CA GLU C 305 -0.37 -22.12 -21.14
C GLU C 305 1.15 -22.09 -21.03
N GLY C 306 1.70 -22.10 -19.81
CA GLY C 306 3.13 -22.17 -19.61
C GLY C 306 3.86 -20.84 -19.54
N ARG C 307 3.17 -19.73 -19.74
CA ARG C 307 3.81 -18.42 -19.69
C ARG C 307 4.16 -18.05 -18.26
N LEU C 308 5.35 -17.46 -18.10
CA LEU C 308 5.88 -17.03 -16.81
C LEU C 308 6.20 -15.55 -16.88
N PHE C 309 5.55 -14.77 -16.03
CA PHE C 309 5.69 -13.32 -15.94
C PHE C 309 6.34 -12.94 -14.62
N MET C 310 6.85 -11.70 -14.59
CA MET C 310 7.42 -11.08 -13.39
C MET C 310 6.58 -9.86 -13.03
N LEU C 311 5.97 -9.88 -11.85
CA LEU C 311 5.20 -8.75 -11.35
C LEU C 311 6.09 -7.95 -10.40
N LEU C 312 6.23 -6.65 -10.67
CA LEU C 312 7.16 -5.80 -9.93
C LEU C 312 6.40 -4.70 -9.21
N LEU C 313 6.61 -4.60 -7.90
CA LEU C 313 6.02 -3.55 -7.06
C LEU C 313 7.09 -2.49 -6.83
N GLU C 314 6.89 -1.32 -7.40
CA GLU C 314 7.85 -0.23 -7.22
C GLU C 314 7.67 0.43 -5.86
N LYS C 315 8.79 0.80 -5.24
CA LYS C 315 8.80 1.36 -3.90
C LYS C 315 8.70 2.89 -3.94
N GLU C 316 8.43 3.47 -2.77
CA GLU C 316 8.37 4.92 -2.61
C GLU C 316 8.68 5.21 -1.14
N GLU C 317 9.91 5.67 -0.87
CA GLU C 317 10.36 5.82 0.50
C GLU C 317 9.50 6.82 1.26
N GLN C 318 9.08 7.90 0.60
CA GLN C 318 8.33 8.98 1.23
C GLN C 318 9.12 9.65 2.36
N MET C 319 10.45 9.54 2.30
CA MET C 319 11.39 10.22 3.20
C MET C 319 11.28 9.77 4.66
N ASP C 320 10.12 9.95 5.28
CA ASP C 320 9.99 9.59 6.70
C ASP C 320 10.21 8.10 6.93
N GLY C 321 10.16 7.29 5.89
CA GLY C 321 10.32 5.86 6.01
C GLY C 321 9.04 5.04 6.04
N THR C 322 7.96 5.53 5.42
CA THR C 322 6.70 4.81 5.40
C THR C 322 6.61 3.82 4.25
N VAL C 323 7.51 3.90 3.27
CA VAL C 323 7.58 2.99 2.13
C VAL C 323 6.18 2.59 1.66
N THR C 324 5.64 3.33 0.70
CA THR C 324 4.35 3.03 0.07
C THR C 324 4.57 2.47 -1.33
N LEU C 325 3.52 1.86 -1.88
CA LEU C 325 3.59 1.31 -3.23
C LEU C 325 3.44 2.44 -4.25
N LYS C 326 4.34 2.47 -5.23
CA LYS C 326 4.29 3.50 -6.25
C LYS C 326 3.54 3.06 -7.49
N ASP C 327 3.87 1.88 -8.03
CA ASP C 327 3.30 1.45 -9.30
C ASP C 327 3.46 -0.06 -9.42
N LEU C 328 2.68 -0.63 -10.34
CA LEU C 328 2.68 -2.07 -10.62
C LEU C 328 3.08 -2.32 -12.07
N ARG C 329 3.87 -3.36 -12.29
CA ARG C 329 4.36 -3.71 -13.61
C ARG C 329 4.32 -5.22 -13.81
N VAL C 330 4.03 -5.64 -15.04
CA VAL C 330 4.05 -7.05 -15.41
C VAL C 330 4.91 -7.21 -16.66
N GLU C 331 5.87 -8.12 -16.59
CA GLU C 331 6.81 -8.36 -17.69
C GLU C 331 6.83 -9.84 -18.00
N LEU C 332 6.69 -10.18 -19.28
CA LEU C 332 6.67 -11.57 -19.71
C LEU C 332 8.08 -12.14 -19.73
N LEU C 333 8.43 -12.91 -18.70
CA LEU C 333 9.76 -13.52 -18.65
C LEU C 333 9.95 -14.52 -19.78
N GLY C 334 9.06 -15.50 -19.88
CA GLY C 334 9.19 -16.48 -20.95
C GLY C 334 8.19 -17.62 -20.90
N GLU C 335 8.57 -18.79 -21.42
CA GLU C 335 7.71 -19.97 -21.42
C GLU C 335 8.41 -21.09 -20.67
N THR C 336 7.66 -21.76 -19.80
CA THR C 336 8.10 -22.96 -19.10
C THR C 336 7.08 -24.06 -19.35
N SER C 337 7.24 -25.17 -18.63
CA SER C 337 6.20 -26.19 -18.63
C SER C 337 4.96 -25.65 -17.93
N ILE C 338 3.80 -26.18 -18.33
CA ILE C 338 2.54 -25.76 -17.74
C ILE C 338 2.63 -25.91 -16.23
N ALA C 339 2.81 -24.80 -15.54
CA ALA C 339 3.21 -24.81 -14.13
C ALA C 339 2.00 -24.94 -13.22
N GLU C 340 1.96 -26.02 -12.44
CA GLU C 340 0.99 -26.13 -11.36
C GLU C 340 1.42 -25.33 -10.14
N CYS C 341 2.72 -25.11 -9.97
CA CYS C 341 3.24 -24.37 -8.83
C CYS C 341 4.64 -23.86 -9.15
N LEU C 342 4.97 -22.70 -8.60
CA LEU C 342 6.26 -22.06 -8.79
C LEU C 342 6.89 -21.78 -7.44
N THR C 343 8.23 -21.79 -7.40
CA THR C 343 8.95 -21.43 -6.18
C THR C 343 10.34 -20.96 -6.57
N TYR C 344 10.68 -19.75 -6.16
CA TYR C 344 11.98 -19.17 -6.45
C TYR C 344 13.00 -19.69 -5.44
N LEU C 345 14.04 -20.37 -5.93
CA LEU C 345 15.06 -20.94 -5.06
C LEU C 345 16.06 -19.86 -4.63
N ASP C 346 17.02 -19.56 -5.50
CA ASP C 346 17.97 -18.49 -5.24
C ASP C 346 18.91 -18.28 -6.41
N ASN C 347 19.39 -17.05 -6.61
CA ASN C 347 20.33 -16.73 -7.68
C ASN C 347 19.70 -16.98 -9.06
N GLY C 348 18.48 -16.48 -9.23
CA GLY C 348 17.82 -16.57 -10.51
C GLY C 348 17.38 -17.96 -10.93
N VAL C 349 17.44 -18.95 -10.05
CA VAL C 349 17.00 -20.31 -10.36
C VAL C 349 15.60 -20.51 -9.81
N VAL C 350 14.69 -20.93 -10.68
CA VAL C 350 13.30 -21.13 -10.33
C VAL C 350 12.93 -22.58 -10.58
N PHE C 351 12.21 -23.18 -9.63
CA PHE C 351 11.71 -24.54 -9.79
C PHE C 351 10.26 -24.47 -10.25
N VAL C 352 9.97 -25.13 -11.37
CA VAL C 352 8.63 -25.20 -11.94
C VAL C 352 8.12 -26.61 -11.71
N GLY C 353 7.13 -26.76 -10.84
CA GLY C 353 6.44 -28.02 -10.66
C GLY C 353 5.29 -28.10 -11.63
N SER C 354 5.22 -29.19 -12.39
CA SER C 354 4.23 -29.34 -13.44
C SER C 354 3.44 -30.62 -13.24
N ARG C 355 2.15 -30.56 -13.59
CA ARG C 355 1.28 -31.73 -13.55
C ARG C 355 1.08 -32.34 -14.93
N LEU C 356 0.90 -31.51 -15.95
CA LEU C 356 0.72 -32.02 -17.31
C LEU C 356 2.03 -32.40 -17.98
N GLY C 357 3.17 -31.90 -17.49
CA GLY C 357 4.44 -32.16 -18.13
C GLY C 357 5.59 -32.32 -17.16
N ASP C 358 6.81 -32.44 -17.69
CA ASP C 358 7.98 -32.63 -16.84
C ASP C 358 8.23 -31.40 -15.98
N SER C 359 8.71 -31.64 -14.76
CA SER C 359 9.07 -30.51 -13.92
C SER C 359 10.43 -29.96 -14.32
N GLN C 360 10.71 -28.73 -13.91
CA GLN C 360 11.86 -28.02 -14.45
C GLN C 360 12.61 -27.26 -13.36
N LEU C 361 13.91 -27.12 -13.57
CA LEU C 361 14.73 -26.11 -12.93
C LEU C 361 15.22 -25.19 -14.03
N VAL C 362 14.81 -23.92 -13.98
CA VAL C 362 15.11 -22.95 -15.02
C VAL C 362 15.90 -21.79 -14.45
N LYS C 363 16.64 -21.12 -15.32
CA LYS C 363 17.49 -20.00 -14.96
C LYS C 363 16.94 -18.72 -15.61
N LEU C 364 16.93 -17.64 -14.83
CA LEU C 364 16.50 -16.33 -15.32
C LEU C 364 17.74 -15.48 -15.58
N ASN C 365 17.90 -15.02 -16.82
CA ASN C 365 19.04 -14.23 -17.23
C ASN C 365 18.65 -12.77 -17.39
N VAL C 366 19.64 -11.88 -17.23
CA VAL C 366 19.37 -10.45 -17.26
C VAL C 366 19.09 -9.98 -18.68
N ASP C 367 20.03 -10.24 -19.59
CA ASP C 367 19.98 -9.66 -20.93
C ASP C 367 19.08 -10.43 -21.88
N SER C 368 18.38 -11.46 -21.41
CA SER C 368 17.56 -12.29 -22.28
C SER C 368 18.42 -12.91 -23.37
N ASN C 369 17.78 -13.44 -24.42
CA ASN C 369 18.48 -14.00 -25.55
C ASN C 369 17.91 -13.42 -26.84
N GLU C 370 18.47 -13.85 -27.97
CA GLU C 370 18.08 -13.30 -29.26
C GLU C 370 16.60 -13.47 -29.53
N GLN C 371 16.01 -14.58 -29.08
CA GLN C 371 14.58 -14.79 -29.27
C GLN C 371 13.75 -13.82 -28.43
N GLY C 372 14.31 -13.29 -27.34
CA GLY C 372 13.58 -12.42 -26.45
C GLY C 372 13.16 -13.05 -25.14
N SER C 373 13.43 -14.33 -24.94
CA SER C 373 13.10 -14.99 -23.69
C SER C 373 14.17 -14.74 -22.63
N TYR C 374 13.74 -14.59 -21.39
CA TYR C 374 14.65 -14.43 -20.27
C TYR C 374 14.85 -15.72 -19.49
N VAL C 375 14.16 -16.79 -19.86
CA VAL C 375 14.20 -18.06 -19.14
C VAL C 375 15.01 -19.05 -19.93
N VAL C 376 15.85 -19.82 -19.24
CA VAL C 376 16.70 -20.83 -19.85
C VAL C 376 16.64 -22.09 -19.01
N ALA C 377 16.35 -23.22 -19.66
CA ALA C 377 16.15 -24.46 -18.93
C ALA C 377 17.48 -25.02 -18.42
N MET C 378 17.47 -25.51 -17.19
CA MET C 378 18.63 -26.15 -16.58
C MET C 378 18.41 -27.65 -16.47
N GLU C 379 17.45 -28.07 -15.64
CA GLU C 379 17.19 -29.48 -15.41
C GLU C 379 15.74 -29.82 -15.78
N THR C 380 15.53 -31.06 -16.22
CA THR C 380 14.21 -31.55 -16.60
C THR C 380 13.96 -32.86 -15.85
N PHE C 381 13.08 -32.80 -14.84
CA PHE C 381 12.72 -33.98 -14.07
C PHE C 381 11.53 -34.67 -14.71
N THR C 382 11.69 -35.96 -14.99
CA THR C 382 10.70 -36.72 -15.73
C THR C 382 9.40 -36.83 -14.95
N ASN C 383 8.28 -36.61 -15.64
CA ASN C 383 6.94 -36.78 -15.08
C ASN C 383 6.10 -37.55 -16.09
N LEU C 384 5.74 -38.78 -15.76
CA LEU C 384 4.86 -39.55 -16.62
C LEU C 384 3.50 -38.90 -16.80
N GLY C 385 3.22 -37.84 -16.04
CA GLY C 385 2.03 -37.05 -16.22
C GLY C 385 0.76 -37.88 -16.32
N PRO C 386 -0.32 -37.26 -16.77
CA PRO C 386 -1.58 -37.99 -16.91
C PRO C 386 -1.49 -39.10 -17.95
N ILE C 387 -1.40 -40.35 -17.51
CA ILE C 387 -1.35 -41.49 -18.41
C ILE C 387 -2.79 -41.78 -18.83
N VAL C 388 -3.15 -41.37 -20.06
CA VAL C 388 -4.51 -41.59 -20.54
C VAL C 388 -4.69 -42.93 -21.23
N ASP C 389 -3.59 -43.58 -21.63
CA ASP C 389 -3.66 -44.89 -22.27
C ASP C 389 -2.25 -45.44 -22.32
N MET C 390 -2.15 -46.76 -22.45
CA MET C 390 -0.84 -47.41 -22.47
C MET C 390 -0.99 -48.81 -23.03
N CYS C 391 0.14 -49.40 -23.38
CA CYS C 391 0.17 -50.75 -23.91
C CYS C 391 1.55 -51.35 -23.65
N VAL C 392 1.59 -52.68 -23.55
CA VAL C 392 2.80 -53.43 -23.26
C VAL C 392 3.30 -54.07 -24.55
N VAL C 393 4.59 -53.89 -24.84
CA VAL C 393 5.19 -54.40 -26.06
C VAL C 393 6.56 -54.97 -25.73
N ASP C 394 6.94 -56.03 -26.45
CA ASP C 394 8.23 -56.67 -26.20
C ASP C 394 9.38 -55.87 -26.79
N LEU C 395 9.26 -55.47 -28.05
CA LEU C 395 10.23 -54.58 -28.69
C LEU C 395 11.55 -55.28 -28.99
N GLU C 396 12.51 -55.20 -28.05
CA GLU C 396 13.88 -55.61 -28.30
C GLU C 396 14.21 -57.00 -27.75
N ARG C 397 14.02 -57.21 -26.44
CA ARG C 397 14.49 -58.43 -25.80
C ARG C 397 13.77 -59.68 -26.29
N GLN C 398 12.57 -59.54 -26.84
CA GLN C 398 11.77 -60.68 -27.28
C GLN C 398 11.50 -61.65 -26.13
N GLY C 399 11.53 -61.12 -24.90
CA GLY C 399 11.30 -61.93 -23.72
C GLY C 399 10.49 -61.20 -22.67
N GLN C 400 11.06 -60.17 -22.06
CA GLN C 400 10.36 -59.36 -21.08
C GLN C 400 9.75 -58.14 -21.75
N GLY C 401 8.69 -57.61 -21.14
CA GLY C 401 7.94 -56.54 -21.74
C GLY C 401 8.36 -55.15 -21.28
N GLN C 402 7.98 -54.16 -22.08
CA GLN C 402 8.18 -52.74 -21.79
C GLN C 402 6.85 -52.02 -21.94
N LEU C 403 6.71 -50.89 -21.26
CA LEU C 403 5.44 -50.19 -21.17
C LEU C 403 5.50 -48.88 -21.94
N VAL C 404 4.60 -48.69 -22.91
CA VAL C 404 4.54 -47.47 -23.69
C VAL C 404 3.24 -46.74 -23.34
N THR C 405 3.37 -45.52 -22.83
CA THR C 405 2.24 -44.74 -22.33
C THR C 405 2.10 -43.43 -23.08
N CYS C 406 0.86 -43.00 -23.27
CA CYS C 406 0.56 -41.64 -23.72
C CYS C 406 0.52 -40.74 -22.49
N SER C 407 1.49 -39.86 -22.35
CA SER C 407 1.59 -39.01 -21.17
C SER C 407 1.47 -37.55 -21.56
N GLY C 408 1.09 -36.73 -20.59
CA GLY C 408 1.01 -35.29 -20.78
C GLY C 408 -0.22 -34.85 -21.55
N ALA C 409 -0.30 -33.53 -21.74
CA ALA C 409 -1.39 -32.91 -22.48
C ALA C 409 -0.89 -31.62 -23.12
N PHE C 410 -1.46 -31.29 -24.26
CA PHE C 410 -1.12 -30.04 -24.97
C PHE C 410 0.35 -30.11 -25.38
N LYS C 411 1.10 -29.00 -25.26
CA LYS C 411 2.50 -29.00 -25.70
C LYS C 411 3.34 -29.98 -24.90
N GLU C 412 2.94 -30.32 -23.67
CA GLU C 412 3.66 -31.29 -22.87
C GLU C 412 3.38 -32.73 -23.29
N GLY C 413 2.45 -32.93 -24.22
CA GLY C 413 2.10 -34.28 -24.63
C GLY C 413 3.30 -35.03 -25.20
N SER C 414 3.33 -36.33 -24.91
CA SER C 414 4.50 -37.15 -25.22
C SER C 414 4.12 -38.62 -25.12
N LEU C 415 5.03 -39.45 -25.60
CA LEU C 415 5.03 -40.89 -25.35
C LEU C 415 6.17 -41.23 -24.40
N ARG C 416 5.95 -42.23 -23.57
CA ARG C 416 6.94 -42.66 -22.59
C ARG C 416 7.17 -44.16 -22.74
N ILE C 417 8.43 -44.56 -22.92
CA ILE C 417 8.81 -45.96 -23.00
C ILE C 417 9.54 -46.30 -21.71
N ILE C 418 8.83 -46.99 -20.81
CA ILE C 418 9.36 -47.40 -19.51
C ILE C 418 9.92 -48.81 -19.62
N ARG C 419 11.19 -48.96 -19.25
CA ARG C 419 11.89 -50.24 -19.15
C ARG C 419 12.11 -50.59 -17.70
N ASN C 420 12.30 -51.88 -17.45
CA ASN C 420 12.52 -52.35 -16.08
C ASN C 420 13.97 -52.78 -15.88
N ARG C 437 12.62 -43.25 -21.41
CA ARG C 437 12.75 -42.73 -22.77
C ARG C 437 11.53 -41.92 -23.18
N THR C 438 11.75 -40.64 -23.48
CA THR C 438 10.67 -39.71 -23.78
C THR C 438 10.63 -39.41 -25.27
N VAL C 439 9.42 -39.35 -25.82
CA VAL C 439 9.20 -38.99 -27.22
C VAL C 439 8.23 -37.81 -27.24
N PRO C 440 8.73 -36.57 -27.29
CA PRO C 440 7.81 -35.43 -27.26
C PRO C 440 6.96 -35.35 -28.53
N LEU C 441 5.67 -35.07 -28.32
CA LEU C 441 4.74 -34.89 -29.43
C LEU C 441 4.24 -33.46 -29.59
N TYR C 442 4.32 -32.66 -28.53
CA TYR C 442 3.87 -31.27 -28.54
C TYR C 442 2.37 -31.15 -28.84
N GLU C 443 1.63 -32.25 -28.66
CA GLU C 443 0.18 -32.22 -28.74
C GLU C 443 -0.35 -33.35 -27.85
N SER C 444 -1.68 -33.41 -27.71
CA SER C 444 -2.29 -34.26 -26.70
C SER C 444 -2.51 -35.67 -27.23
N PRO C 445 -1.80 -36.67 -26.72
CA PRO C 445 -2.08 -38.06 -27.12
C PRO C 445 -3.21 -38.65 -26.30
N ARG C 446 -3.98 -39.52 -26.95
CA ARG C 446 -5.19 -40.08 -26.35
C ARG C 446 -5.15 -41.60 -26.28
N LYS C 447 -4.98 -42.28 -27.42
CA LYS C 447 -5.01 -43.73 -27.48
C LYS C 447 -3.78 -44.25 -28.19
N ILE C 448 -3.38 -45.48 -27.85
CA ILE C 448 -2.17 -46.08 -28.41
C ILE C 448 -2.39 -47.58 -28.53
N CYS C 449 -1.89 -48.15 -29.63
CA CYS C 449 -1.90 -49.58 -29.85
C CYS C 449 -0.72 -49.95 -30.74
N TYR C 450 -0.22 -51.17 -30.55
CA TYR C 450 0.97 -51.64 -31.24
C TYR C 450 0.59 -52.61 -32.35
N GLN C 451 1.30 -52.52 -33.48
CA GLN C 451 1.08 -53.39 -34.63
C GLN C 451 2.41 -54.05 -34.97
N GLU C 452 2.56 -55.32 -34.60
CA GLU C 452 3.82 -56.01 -34.79
C GLU C 452 4.08 -56.33 -36.26
N VAL C 453 3.02 -56.49 -37.05
CA VAL C 453 3.20 -56.83 -38.46
C VAL C 453 3.95 -55.71 -39.19
N SER C 454 3.68 -54.46 -38.83
CA SER C 454 4.32 -53.32 -39.47
C SER C 454 5.40 -52.69 -38.61
N GLN C 455 5.69 -53.25 -37.43
CA GLN C 455 6.78 -52.79 -36.58
C GLN C 455 6.64 -51.30 -36.24
N CYS C 456 5.45 -50.92 -35.77
CA CYS C 456 5.21 -49.53 -35.40
C CYS C 456 3.97 -49.45 -34.52
N PHE C 457 3.76 -48.25 -33.96
CA PHE C 457 2.61 -47.95 -33.12
C PHE C 457 1.61 -47.08 -33.88
N GLY C 458 0.34 -47.23 -33.52
CA GLY C 458 -0.70 -46.31 -33.97
C GLY C 458 -1.26 -45.54 -32.80
N VAL C 459 -1.22 -44.21 -32.85
CA VAL C 459 -1.55 -43.37 -31.71
C VAL C 459 -2.58 -42.32 -32.13
N LEU C 460 -3.69 -42.24 -31.40
CA LEU C 460 -4.62 -41.13 -31.61
C LEU C 460 -4.10 -39.90 -30.89
N SER C 461 -4.25 -38.74 -31.52
CA SER C 461 -3.80 -37.50 -30.91
C SER C 461 -4.69 -36.35 -31.38
N SER C 462 -4.59 -35.24 -30.66
CA SER C 462 -5.32 -34.03 -31.00
C SER C 462 -4.45 -32.81 -30.78
N ARG C 463 -4.68 -31.80 -31.61
CA ARG C 463 -3.95 -30.54 -31.52
C ARG C 463 -4.93 -29.37 -31.61
N ILE C 464 -4.74 -28.38 -30.76
CA ILE C 464 -5.61 -27.21 -30.75
C ILE C 464 -5.18 -26.25 -31.84
N GLU C 465 -6.16 -25.74 -32.58
CA GLU C 465 -5.96 -24.65 -33.52
C GLU C 465 -6.99 -23.56 -33.23
N VAL C 466 -6.74 -22.38 -33.78
CA VAL C 466 -7.57 -21.20 -33.55
C VAL C 466 -8.22 -20.79 -34.85
N GLN C 467 -9.49 -20.37 -34.77
CA GLN C 467 -10.21 -19.93 -35.96
C GLN C 467 -9.52 -18.70 -36.54
N ASP C 468 -9.31 -18.71 -37.85
CA ASP C 468 -8.60 -17.64 -38.54
C ASP C 468 -9.60 -16.70 -39.22
N THR C 469 -9.18 -15.43 -39.36
CA THR C 469 -10.02 -14.45 -40.04
C THR C 469 -10.42 -14.92 -41.42
N SER C 470 -9.52 -15.60 -42.13
CA SER C 470 -9.82 -16.07 -43.48
C SER C 470 -10.97 -17.07 -43.48
N GLY C 471 -11.19 -17.77 -42.36
CA GLY C 471 -12.25 -18.75 -42.29
C GLY C 471 -11.74 -20.09 -41.80
N GLY C 472 -10.52 -20.46 -42.21
CA GLY C 472 -9.90 -21.69 -41.76
C GLY C 472 -9.37 -21.58 -40.35
N THR C 473 -8.54 -22.54 -39.99
CA THR C 473 -7.92 -22.61 -38.67
C THR C 473 -6.40 -22.57 -38.81
N THR C 474 -5.75 -22.01 -37.79
CA THR C 474 -4.31 -21.88 -37.75
C THR C 474 -3.77 -22.57 -36.51
N ALA C 475 -2.64 -23.25 -36.67
CA ALA C 475 -2.03 -24.01 -35.58
C ALA C 475 -1.29 -23.08 -34.62
N LEU C 476 -1.12 -23.55 -33.40
CA LEU C 476 -0.41 -22.76 -32.39
C LEU C 476 1.10 -23.00 -32.47
N ARG C 477 1.52 -24.25 -32.59
CA ARG C 477 2.92 -24.61 -32.64
C ARG C 477 3.08 -25.85 -33.49
N PRO C 478 4.25 -26.05 -34.10
CA PRO C 478 4.46 -27.28 -34.87
C PRO C 478 4.54 -28.48 -33.97
N SER C 479 3.57 -29.39 -34.09
CA SER C 479 3.48 -30.57 -33.26
C SER C 479 3.69 -31.83 -34.11
N ALA C 480 3.49 -32.98 -33.49
CA ALA C 480 3.76 -34.24 -34.15
C ALA C 480 2.85 -34.44 -35.36
N SER C 481 1.55 -34.14 -35.19
CA SER C 481 0.60 -34.40 -36.27
C SER C 481 0.92 -33.57 -37.51
N THR C 482 1.54 -32.40 -37.34
CA THR C 482 1.93 -31.59 -38.49
C THR C 482 3.25 -32.07 -39.08
N GLN C 483 4.29 -32.15 -38.25
CA GLN C 483 5.65 -32.51 -38.71
C GLN C 483 5.76 -34.02 -38.89
N ALA C 484 5.04 -34.51 -39.89
CA ALA C 484 5.08 -35.92 -40.25
C ALA C 484 5.65 -36.08 -41.65
N LEU C 485 6.25 -37.25 -41.88
CA LEU C 485 6.80 -37.55 -43.21
C LEU C 485 5.67 -37.65 -44.23
N SER C 486 4.79 -38.62 -44.07
CA SER C 486 3.63 -38.77 -44.94
C SER C 486 2.39 -38.20 -44.27
N SER C 487 1.52 -37.59 -45.07
CA SER C 487 0.33 -36.94 -44.55
C SER C 487 -0.87 -37.28 -45.42
N SER C 488 -2.06 -37.13 -44.85
CA SER C 488 -3.30 -37.43 -45.56
C SER C 488 -4.47 -36.85 -44.79
N VAL C 489 -5.57 -36.64 -45.50
CA VAL C 489 -6.81 -36.12 -44.91
C VAL C 489 -7.96 -37.03 -45.32
N SER C 490 -8.91 -37.21 -44.41
CA SER C 490 -10.09 -38.02 -44.70
C SER C 490 -10.95 -37.30 -45.73
N SER C 491 -11.13 -37.94 -46.89
CA SER C 491 -11.95 -37.40 -47.97
C SER C 491 -13.16 -38.31 -48.13
N SER C 492 -14.13 -38.16 -47.23
CA SER C 492 -15.32 -39.00 -47.21
C SER C 492 -16.55 -38.21 -47.63
N LYS C 493 -17.61 -38.94 -47.96
CA LYS C 493 -18.86 -38.36 -48.43
C LYS C 493 -20.04 -38.62 -47.50
N LEU C 494 -19.83 -39.33 -46.39
CA LEU C 494 -20.94 -39.63 -45.49
C LEU C 494 -21.53 -38.35 -44.91
N PHE C 495 -20.69 -37.52 -44.31
CA PHE C 495 -21.15 -36.30 -43.65
C PHE C 495 -20.88 -35.04 -44.45
N SER C 496 -20.11 -35.13 -45.54
CA SER C 496 -19.92 -33.98 -46.41
C SER C 496 -21.26 -33.49 -46.97
N SER C 497 -22.19 -34.41 -47.22
CA SER C 497 -23.53 -34.04 -47.63
C SER C 497 -24.50 -33.97 -46.45
N SER C 498 -24.32 -34.83 -45.45
CA SER C 498 -25.17 -34.84 -44.26
C SER C 498 -24.45 -34.04 -43.16
N THR C 499 -24.60 -32.72 -43.23
CA THR C 499 -23.97 -31.81 -42.27
C THR C 499 -24.95 -30.74 -41.84
N ALA C 500 -24.82 -30.32 -40.58
CA ALA C 500 -25.70 -29.31 -40.01
C ALA C 500 -25.19 -27.90 -40.34
N PRO C 501 -26.08 -26.92 -40.39
CA PRO C 501 -25.66 -25.55 -40.69
C PRO C 501 -25.20 -24.82 -39.43
N HIS C 502 -23.98 -24.27 -39.49
CA HIS C 502 -23.42 -23.55 -38.36
C HIS C 502 -22.08 -22.96 -38.81
N GLU C 503 -21.60 -21.98 -38.02
CA GLU C 503 -20.36 -21.29 -38.32
C GLU C 503 -19.62 -21.00 -37.03
N THR C 504 -18.29 -21.01 -37.12
CA THR C 504 -17.42 -20.73 -35.99
C THR C 504 -16.94 -19.29 -36.05
N SER C 505 -16.89 -18.64 -34.89
CA SER C 505 -16.44 -17.25 -34.82
C SER C 505 -14.92 -17.18 -34.70
N PHE C 506 -14.38 -15.99 -34.98
CA PHE C 506 -12.93 -15.79 -34.95
C PHE C 506 -12.40 -15.89 -33.53
N GLY C 507 -11.25 -16.55 -33.40
CA GLY C 507 -10.59 -16.71 -32.12
C GLY C 507 -10.93 -17.99 -31.37
N GLU C 508 -12.09 -18.57 -31.64
CA GLU C 508 -12.50 -19.78 -30.93
C GLU C 508 -11.54 -20.93 -31.24
N GLU C 509 -11.33 -21.77 -30.25
CA GLU C 509 -10.43 -22.90 -30.38
C GLU C 509 -11.18 -24.13 -30.90
N VAL C 510 -10.47 -24.94 -31.68
CA VAL C 510 -11.02 -26.19 -32.21
C VAL C 510 -9.88 -27.19 -32.27
N GLU C 511 -10.15 -28.42 -31.83
CA GLU C 511 -9.12 -29.45 -31.81
C GLU C 511 -9.26 -30.36 -33.02
N VAL C 512 -8.14 -30.55 -33.71
CA VAL C 512 -8.06 -31.45 -34.86
C VAL C 512 -7.52 -32.78 -34.38
N HIS C 513 -8.17 -33.86 -34.79
CA HIS C 513 -7.79 -35.22 -34.39
C HIS C 513 -7.05 -35.91 -35.52
N ASN C 514 -6.04 -36.69 -35.15
CA ASN C 514 -5.18 -37.36 -36.12
C ASN C 514 -4.80 -38.74 -35.63
N LEU C 515 -4.49 -39.61 -36.58
CA LEU C 515 -3.93 -40.94 -36.33
C LEU C 515 -2.47 -40.93 -36.77
N LEU C 516 -1.56 -41.10 -35.81
CA LEU C 516 -0.13 -41.08 -36.06
C LEU C 516 0.39 -42.50 -36.15
N ILE C 517 1.08 -42.81 -37.23
CA ILE C 517 1.82 -44.06 -37.38
C ILE C 517 3.27 -43.74 -37.07
N ILE C 518 3.79 -44.30 -35.98
CA ILE C 518 5.08 -43.94 -35.41
C ILE C 518 5.97 -45.18 -35.38
N ASP C 519 7.21 -45.03 -35.85
CA ASP C 519 8.11 -46.17 -35.87
C ASP C 519 8.37 -46.69 -34.45
N GLN C 520 8.59 -48.01 -34.35
CA GLN C 520 8.83 -48.62 -33.05
C GLN C 520 10.28 -48.51 -32.61
N HIS C 521 11.20 -48.25 -33.54
CA HIS C 521 12.63 -48.11 -33.23
C HIS C 521 13.03 -46.65 -33.08
N THR C 522 12.86 -45.85 -34.13
CA THR C 522 13.23 -44.45 -34.10
C THR C 522 12.15 -43.56 -33.48
N PHE C 523 10.91 -44.05 -33.41
CA PHE C 523 9.80 -43.28 -32.85
C PHE C 523 9.62 -41.95 -33.59
N GLU C 524 9.83 -41.98 -34.91
CA GLU C 524 9.54 -40.84 -35.75
C GLU C 524 8.15 -40.97 -36.34
N VAL C 525 7.48 -39.83 -36.51
CA VAL C 525 6.12 -39.82 -37.04
C VAL C 525 6.16 -40.22 -38.51
N LEU C 526 6.02 -41.52 -38.77
CA LEU C 526 6.02 -42.01 -40.14
C LEU C 526 4.86 -41.41 -40.93
N HIS C 527 3.66 -41.44 -40.36
CA HIS C 527 2.48 -40.95 -41.06
C HIS C 527 1.54 -40.24 -40.09
N ALA C 528 0.74 -39.33 -40.63
CA ALA C 528 -0.28 -38.63 -39.86
C ALA C 528 -1.51 -38.47 -40.74
N HIS C 529 -2.60 -39.11 -40.33
CA HIS C 529 -3.86 -39.05 -41.06
C HIS C 529 -4.83 -38.17 -40.30
N GLN C 530 -5.26 -37.07 -40.92
CA GLN C 530 -6.19 -36.15 -40.30
C GLN C 530 -7.63 -36.56 -40.60
N PHE C 531 -8.48 -36.51 -39.57
CA PHE C 531 -9.86 -36.93 -39.70
C PHE C 531 -10.72 -35.76 -40.17
N LEU C 532 -12.03 -36.03 -40.33
CA LEU C 532 -12.96 -35.06 -40.84
C LEU C 532 -13.13 -33.90 -39.88
N GLN C 533 -13.66 -32.80 -40.39
CA GLN C 533 -13.95 -31.64 -39.55
C GLN C 533 -15.11 -31.97 -38.61
N ASN C 534 -14.96 -31.58 -37.35
CA ASN C 534 -15.92 -31.86 -36.30
C ASN C 534 -15.95 -33.34 -35.93
N GLU C 535 -14.95 -34.11 -36.32
CA GLU C 535 -14.87 -35.52 -36.02
C GLU C 535 -13.93 -35.74 -34.84
N TYR C 536 -14.37 -36.53 -33.86
CA TYR C 536 -13.62 -36.81 -32.65
C TYR C 536 -13.32 -38.30 -32.61
N ALA C 537 -12.05 -38.66 -32.52
CA ALA C 537 -11.62 -40.06 -32.49
C ALA C 537 -11.62 -40.57 -31.05
N LEU C 538 -12.37 -41.64 -30.80
CA LEU C 538 -12.59 -42.14 -29.46
C LEU C 538 -11.86 -43.44 -29.17
N SER C 539 -12.02 -44.44 -30.03
CA SER C 539 -11.43 -45.75 -29.81
C SER C 539 -10.47 -46.10 -30.93
N LEU C 540 -9.62 -47.10 -30.66
CA LEU C 540 -8.57 -47.50 -31.60
C LEU C 540 -8.15 -48.93 -31.29
N VAL C 541 -8.04 -49.76 -32.33
CA VAL C 541 -7.62 -51.15 -32.18
C VAL C 541 -6.82 -51.56 -33.41
N SER C 542 -5.96 -52.56 -33.21
CA SER C 542 -5.15 -53.13 -34.28
C SER C 542 -5.24 -54.64 -34.19
N CYS C 543 -5.81 -55.27 -35.22
CA CYS C 543 -6.06 -56.70 -35.18
C CYS C 543 -6.31 -57.23 -36.58
N LYS C 544 -6.40 -58.55 -36.68
CA LYS C 544 -6.77 -59.25 -37.90
C LYS C 544 -8.21 -59.72 -37.77
N LEU C 545 -8.99 -59.53 -38.83
CA LEU C 545 -10.42 -59.80 -38.81
C LEU C 545 -10.78 -60.85 -39.85
N GLY C 546 -11.50 -61.88 -39.42
CA GLY C 546 -11.99 -62.90 -40.32
C GLY C 546 -10.86 -63.66 -40.99
N LYS C 547 -11.11 -64.08 -42.23
CA LYS C 547 -10.12 -64.79 -43.02
C LYS C 547 -9.02 -63.90 -43.56
N ASP C 548 -9.18 -62.58 -43.46
CA ASP C 548 -8.20 -61.65 -44.03
C ASP C 548 -6.88 -61.75 -43.28
N PRO C 549 -5.76 -62.02 -43.97
CA PRO C 549 -4.47 -62.12 -43.27
C PRO C 549 -3.85 -60.77 -42.92
N ASN C 550 -4.38 -59.67 -43.44
CA ASN C 550 -3.81 -58.35 -43.18
C ASN C 550 -4.18 -57.87 -41.78
N THR C 551 -3.28 -57.08 -41.19
CA THR C 551 -3.50 -56.47 -39.88
C THR C 551 -3.85 -55.00 -40.10
N TYR C 552 -5.03 -54.60 -39.64
CA TYR C 552 -5.55 -53.26 -39.91
C TYR C 552 -5.55 -52.40 -38.65
N PHE C 553 -5.57 -51.09 -38.87
CA PHE C 553 -5.80 -50.11 -37.82
C PHE C 553 -7.26 -49.69 -37.91
N ILE C 554 -8.04 -50.02 -36.89
CA ILE C 554 -9.45 -49.70 -36.85
C ILE C 554 -9.67 -48.58 -35.85
N VAL C 555 -10.36 -47.52 -36.28
CA VAL C 555 -10.60 -46.35 -35.45
C VAL C 555 -12.09 -46.06 -35.40
N GLY C 556 -12.58 -45.75 -34.20
CA GLY C 556 -13.97 -45.36 -34.01
C GLY C 556 -14.04 -43.87 -33.74
N THR C 557 -15.03 -43.21 -34.34
CA THR C 557 -15.14 -41.76 -34.31
C THR C 557 -16.56 -41.36 -33.91
N ALA C 558 -16.75 -40.05 -33.81
CA ALA C 558 -18.06 -39.48 -33.50
C ALA C 558 -18.07 -38.03 -33.96
N MET C 559 -19.12 -37.65 -34.68
CA MET C 559 -19.26 -36.28 -35.15
C MET C 559 -19.79 -35.43 -34.01
N VAL C 560 -18.98 -34.49 -33.53
CA VAL C 560 -19.30 -33.66 -32.38
C VAL C 560 -19.61 -32.25 -32.86
N TYR C 561 -20.86 -31.85 -32.74
CA TYR C 561 -21.22 -30.49 -33.06
C TYR C 561 -21.60 -29.75 -31.78
N PRO C 562 -21.47 -28.41 -31.76
CA PRO C 562 -21.79 -27.68 -30.51
C PRO C 562 -23.28 -27.69 -30.18
N GLU C 563 -24.14 -27.46 -31.17
CA GLU C 563 -25.57 -27.42 -30.90
C GLU C 563 -26.14 -28.81 -30.58
N GLU C 564 -25.49 -29.87 -31.06
CA GLU C 564 -25.96 -31.23 -30.87
C GLU C 564 -25.41 -31.77 -29.55
N ALA C 565 -26.30 -32.09 -28.62
CA ALA C 565 -25.89 -32.59 -27.31
C ALA C 565 -25.30 -33.98 -27.41
N GLU C 566 -26.16 -34.96 -27.69
CA GLU C 566 -25.68 -36.34 -27.77
C GLU C 566 -25.37 -36.71 -29.22
N PRO C 567 -24.20 -37.29 -29.49
CA PRO C 567 -23.81 -37.54 -30.88
C PRO C 567 -24.78 -38.47 -31.58
N LYS C 568 -25.11 -38.13 -32.82
CA LYS C 568 -26.01 -38.95 -33.64
C LYS C 568 -25.32 -39.46 -34.91
N GLN C 569 -24.02 -39.24 -35.07
CA GLN C 569 -23.28 -39.70 -36.24
C GLN C 569 -21.90 -40.13 -35.82
N GLY C 570 -21.38 -41.18 -36.47
CA GLY C 570 -20.05 -41.68 -36.19
C GLY C 570 -19.58 -42.59 -37.29
N ARG C 571 -18.30 -42.95 -37.23
CA ARG C 571 -17.71 -43.81 -38.23
C ARG C 571 -16.84 -44.88 -37.57
N ILE C 572 -16.75 -46.02 -38.24
CA ILE C 572 -15.72 -47.02 -37.99
C ILE C 572 -14.89 -47.11 -39.25
N VAL C 573 -13.61 -46.76 -39.15
CA VAL C 573 -12.73 -46.66 -40.30
C VAL C 573 -11.62 -47.68 -40.15
N VAL C 574 -11.43 -48.51 -41.18
CA VAL C 574 -10.41 -49.54 -41.20
C VAL C 574 -9.35 -49.11 -42.19
N PHE C 575 -8.16 -48.78 -41.68
CA PHE C 575 -6.98 -48.40 -42.44
C PHE C 575 -6.01 -49.58 -42.51
N GLN C 576 -5.11 -49.51 -43.49
CA GLN C 576 -4.00 -50.47 -43.60
C GLN C 576 -2.73 -49.70 -43.89
N TYR C 577 -1.72 -49.87 -43.05
CA TYR C 577 -0.43 -49.21 -43.23
C TYR C 577 0.51 -50.13 -43.99
N SER C 578 0.95 -49.67 -45.16
CA SER C 578 1.85 -50.47 -46.00
C SER C 578 2.59 -49.55 -46.94
N ASP C 579 3.88 -49.86 -47.16
CA ASP C 579 4.73 -49.09 -48.06
C ASP C 579 4.84 -47.64 -47.62
N GLY C 580 4.78 -47.40 -46.32
CA GLY C 580 4.97 -46.05 -45.81
C GLY C 580 3.78 -45.14 -45.98
N LYS C 581 2.61 -45.71 -46.30
CA LYS C 581 1.41 -44.90 -46.50
C LYS C 581 0.23 -45.57 -45.80
N LEU C 582 -0.69 -44.75 -45.33
CA LEU C 582 -1.92 -45.21 -44.68
C LEU C 582 -3.08 -45.04 -45.65
N GLN C 583 -3.73 -46.15 -45.99
CA GLN C 583 -4.83 -46.16 -46.95
C GLN C 583 -6.11 -46.62 -46.28
N THR C 584 -7.23 -45.99 -46.64
CA THR C 584 -8.53 -46.32 -46.07
C THR C 584 -9.06 -47.58 -46.73
N VAL C 585 -9.08 -48.68 -45.96
CA VAL C 585 -9.63 -49.94 -46.49
C VAL C 585 -11.15 -49.91 -46.49
N ALA C 586 -11.75 -49.51 -45.37
CA ALA C 586 -13.20 -49.59 -45.23
C ALA C 586 -13.71 -48.44 -44.38
N GLU C 587 -14.99 -48.09 -44.61
CA GLU C 587 -15.65 -47.00 -43.90
C GLU C 587 -17.10 -47.38 -43.65
N LYS C 588 -17.50 -47.45 -42.37
CA LYS C 588 -18.86 -47.83 -41.99
C LYS C 588 -19.46 -46.70 -41.15
N GLU C 589 -20.62 -46.20 -41.58
CA GLU C 589 -21.31 -45.15 -40.84
C GLU C 589 -22.20 -45.75 -39.75
N VAL C 590 -22.30 -45.06 -38.63
CA VAL C 590 -23.13 -45.50 -37.50
C VAL C 590 -23.89 -44.31 -36.94
N LYS C 591 -25.01 -44.61 -36.29
CA LYS C 591 -25.93 -43.56 -35.84
C LYS C 591 -25.55 -43.06 -34.45
N GLY C 592 -24.27 -43.06 -34.11
CA GLY C 592 -23.86 -42.64 -32.80
C GLY C 592 -22.35 -42.55 -32.66
N ALA C 593 -21.91 -42.50 -31.40
CA ALA C 593 -20.50 -42.36 -31.06
C ALA C 593 -19.93 -43.74 -30.76
N VAL C 594 -18.87 -44.11 -31.51
CA VAL C 594 -18.18 -45.37 -31.28
C VAL C 594 -17.25 -45.23 -30.09
N TYR C 595 -17.77 -45.49 -28.89
CA TYR C 595 -16.99 -45.22 -27.69
C TYR C 595 -15.81 -46.17 -27.56
N SER C 596 -16.05 -47.47 -27.72
CA SER C 596 -15.00 -48.46 -27.55
C SER C 596 -15.13 -49.55 -28.59
N MET C 597 -14.03 -50.25 -28.81
CA MET C 597 -14.01 -51.40 -29.71
C MET C 597 -12.98 -52.40 -29.18
N VAL C 598 -13.25 -53.68 -29.44
CA VAL C 598 -12.37 -54.75 -29.03
C VAL C 598 -12.38 -55.84 -30.10
N GLU C 599 -11.30 -56.60 -30.16
CA GLU C 599 -11.23 -57.76 -31.05
C GLU C 599 -11.93 -58.93 -30.38
N PHE C 600 -12.97 -59.44 -31.03
CA PHE C 600 -13.85 -60.45 -30.45
C PHE C 600 -13.90 -61.68 -31.37
N ASN C 601 -12.98 -62.61 -31.15
CA ASN C 601 -12.98 -63.90 -31.84
C ASN C 601 -13.06 -63.73 -33.36
N GLY C 602 -12.16 -62.91 -33.89
CA GLY C 602 -12.13 -62.66 -35.32
C GLY C 602 -13.19 -61.73 -35.84
N LYS C 603 -14.03 -61.17 -34.97
CA LYS C 603 -15.05 -60.21 -35.33
C LYS C 603 -14.80 -58.90 -34.59
N LEU C 604 -15.50 -57.85 -34.99
CA LEU C 604 -15.31 -56.52 -34.43
C LEU C 604 -16.48 -56.18 -33.52
N LEU C 605 -16.19 -56.03 -32.22
CA LEU C 605 -17.20 -55.68 -31.23
C LEU C 605 -17.09 -54.19 -30.92
N ALA C 606 -18.08 -53.42 -31.35
CA ALA C 606 -18.09 -51.98 -31.16
C ALA C 606 -19.25 -51.59 -30.25
N SER C 607 -19.18 -50.35 -29.75
CA SER C 607 -20.23 -49.80 -28.88
C SER C 607 -20.65 -48.45 -29.42
N ILE C 608 -21.89 -48.35 -29.86
CA ILE C 608 -22.47 -47.12 -30.40
C ILE C 608 -23.52 -46.65 -29.41
N ASN C 609 -23.16 -45.67 -28.57
CA ASN C 609 -24.07 -45.15 -27.55
C ASN C 609 -24.56 -46.27 -26.64
N SER C 610 -25.86 -46.58 -26.71
CA SER C 610 -26.46 -47.61 -25.87
C SER C 610 -26.38 -49.00 -26.47
N THR C 611 -25.99 -49.11 -27.73
CA THR C 611 -25.96 -50.39 -28.43
C THR C 611 -24.57 -51.00 -28.38
N VAL C 612 -24.52 -52.31 -28.18
CA VAL C 612 -23.31 -53.11 -28.35
C VAL C 612 -23.51 -53.90 -29.63
N ARG C 613 -22.72 -53.58 -30.65
CA ARG C 613 -22.89 -54.17 -31.98
C ARG C 613 -21.69 -55.06 -32.31
N LEU C 614 -21.97 -56.11 -33.09
CA LEU C 614 -20.95 -57.08 -33.48
C LEU C 614 -20.96 -57.20 -35.00
N TYR C 615 -19.85 -56.80 -35.62
CA TYR C 615 -19.63 -56.79 -37.06
C TYR C 615 -18.74 -57.97 -37.46
N GLU C 616 -19.00 -58.47 -38.66
CA GLU C 616 -18.17 -59.48 -39.31
C GLU C 616 -17.45 -58.88 -40.51
N TRP C 617 -16.22 -59.34 -40.74
CA TRP C 617 -15.41 -58.86 -41.85
C TRP C 617 -15.66 -59.77 -43.05
N THR C 618 -16.43 -59.28 -44.01
CA THR C 618 -16.81 -60.07 -45.17
C THR C 618 -15.64 -60.22 -46.14
N THR C 619 -15.78 -61.15 -47.08
CA THR C 619 -14.76 -61.37 -48.10
C THR C 619 -14.66 -60.19 -49.06
N GLU C 620 -15.65 -59.30 -49.08
CA GLU C 620 -15.58 -58.08 -49.87
C GLU C 620 -14.87 -56.95 -49.15
N LYS C 621 -14.22 -57.25 -48.02
CA LYS C 621 -13.53 -56.25 -47.20
C LYS C 621 -14.48 -55.11 -46.83
N GLU C 622 -15.55 -55.48 -46.12
CA GLU C 622 -16.53 -54.52 -45.63
C GLU C 622 -17.10 -55.05 -44.32
N LEU C 623 -17.45 -54.12 -43.43
CA LEU C 623 -18.03 -54.50 -42.15
C LEU C 623 -19.52 -54.79 -42.32
N ARG C 624 -19.95 -55.96 -41.86
CA ARG C 624 -21.32 -56.40 -41.97
C ARG C 624 -21.88 -56.63 -40.58
N THR C 625 -23.03 -56.02 -40.29
CA THR C 625 -23.63 -56.15 -38.97
C THR C 625 -24.16 -57.56 -38.78
N GLU C 626 -23.71 -58.23 -37.71
CA GLU C 626 -24.22 -59.55 -37.38
C GLU C 626 -25.05 -59.58 -36.10
N CYS C 627 -24.72 -58.76 -35.11
CA CYS C 627 -25.47 -58.79 -33.85
C CYS C 627 -25.64 -57.40 -33.26
N ASN C 628 -26.71 -57.24 -32.49
CA ASN C 628 -26.99 -56.00 -31.76
C ASN C 628 -27.55 -56.35 -30.40
N HIS C 629 -27.16 -55.58 -29.38
CA HIS C 629 -27.75 -55.70 -28.05
C HIS C 629 -27.97 -54.31 -27.49
N TYR C 630 -29.22 -53.97 -27.19
CA TYR C 630 -29.58 -52.65 -26.70
C TYR C 630 -29.65 -52.69 -25.19
N ASN C 631 -28.87 -51.84 -24.53
CA ASN C 631 -28.71 -51.88 -23.09
C ASN C 631 -29.42 -50.70 -22.44
N ASN C 632 -29.54 -50.78 -21.11
CA ASN C 632 -30.09 -49.71 -20.31
C ASN C 632 -29.07 -48.62 -20.01
N ILE C 633 -27.79 -48.89 -20.23
CA ILE C 633 -26.73 -47.92 -19.93
C ILE C 633 -26.05 -47.51 -21.23
N MET C 634 -25.04 -46.66 -21.12
CA MET C 634 -24.27 -46.22 -22.27
C MET C 634 -22.97 -47.00 -22.34
N ALA C 635 -22.78 -47.76 -23.43
CA ALA C 635 -21.69 -48.71 -23.56
C ALA C 635 -20.36 -47.97 -23.71
N LEU C 636 -19.88 -47.43 -22.59
CA LEU C 636 -18.61 -46.70 -22.58
C LEU C 636 -17.44 -47.68 -22.49
N TYR C 637 -17.29 -48.34 -21.36
CA TYR C 637 -16.20 -49.29 -21.18
C TYR C 637 -16.59 -50.63 -21.77
N LEU C 638 -15.76 -51.13 -22.70
CA LEU C 638 -15.96 -52.42 -23.36
C LEU C 638 -14.72 -53.27 -23.16
N LYS C 639 -14.87 -54.39 -22.43
CA LYS C 639 -13.81 -55.37 -22.31
C LYS C 639 -14.37 -56.73 -22.72
N THR C 640 -13.49 -57.67 -23.02
CA THR C 640 -13.92 -58.98 -23.48
C THR C 640 -12.94 -60.04 -23.02
N LYS C 641 -13.47 -61.23 -22.75
CA LYS C 641 -12.67 -62.41 -22.42
C LYS C 641 -13.36 -63.62 -23.03
N GLY C 642 -12.80 -64.14 -24.12
CA GLY C 642 -13.40 -65.25 -24.83
C GLY C 642 -14.75 -64.91 -25.40
N ASP C 643 -15.83 -65.39 -24.77
CA ASP C 643 -17.19 -65.08 -25.18
C ASP C 643 -17.90 -64.18 -24.17
N PHE C 644 -17.26 -63.82 -23.06
CA PHE C 644 -17.85 -62.90 -22.10
C PHE C 644 -17.52 -61.46 -22.50
N ILE C 645 -18.52 -60.59 -22.38
CA ILE C 645 -18.35 -59.16 -22.65
C ILE C 645 -18.70 -58.39 -21.38
N LEU C 646 -17.81 -57.50 -20.98
CA LEU C 646 -18.04 -56.62 -19.83
C LEU C 646 -18.31 -55.22 -20.36
N VAL C 647 -19.45 -54.66 -20.00
CA VAL C 647 -19.88 -53.35 -20.44
C VAL C 647 -20.06 -52.45 -19.22
N GLY C 648 -19.75 -51.18 -19.39
CA GLY C 648 -19.88 -50.24 -18.30
C GLY C 648 -20.12 -48.83 -18.80
N ASP C 649 -20.69 -48.02 -17.92
CA ASP C 649 -20.92 -46.60 -18.18
C ASP C 649 -20.16 -45.78 -17.14
N LEU C 650 -20.37 -44.47 -17.18
CA LEU C 650 -19.64 -43.56 -16.31
C LEU C 650 -20.08 -43.66 -14.86
N MET C 651 -21.27 -44.19 -14.60
CA MET C 651 -21.85 -44.20 -13.25
C MET C 651 -21.80 -45.58 -12.60
N ARG C 652 -20.69 -46.30 -12.82
CA ARG C 652 -20.43 -47.56 -12.13
C ARG C 652 -21.55 -48.57 -12.36
N SER C 653 -22.11 -48.57 -13.57
CA SER C 653 -23.19 -49.49 -13.92
C SER C 653 -22.56 -50.67 -14.67
N VAL C 654 -22.15 -51.69 -13.92
CA VAL C 654 -21.47 -52.84 -14.49
C VAL C 654 -22.49 -53.78 -15.11
N LEU C 655 -22.18 -54.32 -16.28
CA LEU C 655 -23.05 -55.23 -17.00
C LEU C 655 -22.19 -56.34 -17.62
N LEU C 656 -22.68 -57.57 -17.58
CA LEU C 656 -21.94 -58.73 -18.07
C LEU C 656 -22.83 -59.51 -19.02
N LEU C 657 -22.49 -59.47 -20.30
CA LEU C 657 -23.18 -60.17 -21.38
C LEU C 657 -22.35 -61.35 -21.87
N ALA C 658 -22.96 -62.17 -22.72
CA ALA C 658 -22.28 -63.30 -23.32
C ALA C 658 -22.77 -63.49 -24.74
N TYR C 659 -21.86 -63.87 -25.64
CA TYR C 659 -22.19 -64.15 -27.03
C TYR C 659 -22.54 -65.62 -27.18
N LYS C 660 -23.78 -65.90 -27.60
CA LYS C 660 -24.22 -67.27 -27.81
C LYS C 660 -23.90 -67.68 -29.23
N PRO C 661 -22.91 -68.54 -29.46
CA PRO C 661 -22.52 -68.89 -30.84
C PRO C 661 -23.63 -69.65 -31.58
N MET C 662 -24.19 -70.68 -30.95
CA MET C 662 -25.18 -71.50 -31.63
C MET C 662 -26.45 -70.72 -31.94
N GLU C 663 -26.82 -69.76 -31.10
CA GLU C 663 -28.00 -68.95 -31.34
C GLU C 663 -27.73 -67.78 -32.28
N GLY C 664 -26.58 -67.11 -32.13
CA GLY C 664 -26.25 -65.99 -32.99
C GLY C 664 -26.77 -64.66 -32.48
N ASN C 665 -26.62 -64.42 -31.18
CA ASN C 665 -27.10 -63.19 -30.57
C ASN C 665 -26.48 -63.08 -29.18
N PHE C 666 -26.72 -61.95 -28.54
CA PHE C 666 -26.17 -61.69 -27.21
C PHE C 666 -27.20 -62.04 -26.13
N GLU C 667 -26.69 -62.37 -24.96
CA GLU C 667 -27.52 -62.71 -23.81
C GLU C 667 -26.90 -62.11 -22.56
N GLU C 668 -27.70 -61.38 -21.79
CA GLU C 668 -27.21 -60.78 -20.56
C GLU C 668 -27.03 -61.85 -19.48
N ILE C 669 -25.85 -61.86 -18.86
CA ILE C 669 -25.56 -62.81 -17.79
C ILE C 669 -25.84 -62.21 -16.43
N ALA C 670 -25.32 -61.01 -16.16
CA ALA C 670 -25.48 -60.42 -14.83
C ALA C 670 -25.28 -58.91 -14.93
N ARG C 671 -25.40 -58.25 -13.78
CA ARG C 671 -25.22 -56.80 -13.73
C ARG C 671 -25.17 -56.37 -12.27
N ASP C 672 -24.70 -55.13 -12.07
CA ASP C 672 -24.67 -54.50 -10.76
C ASP C 672 -24.67 -53.01 -10.97
N PHE C 673 -25.74 -52.34 -10.54
CA PHE C 673 -25.92 -50.91 -10.75
C PHE C 673 -25.84 -50.22 -9.40
N ASN C 674 -24.70 -49.60 -9.14
CA ASN C 674 -24.51 -48.74 -7.97
C ASN C 674 -24.04 -47.38 -8.47
N PRO C 675 -24.82 -46.32 -8.27
CA PRO C 675 -24.43 -45.00 -8.80
C PRO C 675 -23.12 -44.51 -8.19
N ASN C 676 -22.08 -44.43 -9.00
CA ASN C 676 -20.81 -43.83 -8.59
C ASN C 676 -19.93 -43.65 -9.81
N TRP C 677 -19.15 -42.57 -9.81
CA TRP C 677 -18.31 -42.25 -10.96
C TRP C 677 -17.24 -43.32 -11.13
N MET C 678 -17.23 -43.97 -12.29
CA MET C 678 -16.23 -44.97 -12.62
C MET C 678 -15.34 -44.46 -13.75
N SER C 679 -14.03 -44.70 -13.61
CA SER C 679 -13.03 -44.23 -14.55
C SER C 679 -12.51 -45.32 -15.47
N ALA C 680 -12.29 -46.53 -14.97
CA ALA C 680 -11.78 -47.61 -15.79
C ALA C 680 -12.31 -48.94 -15.27
N VAL C 681 -12.25 -49.95 -16.12
CA VAL C 681 -12.74 -51.29 -15.78
C VAL C 681 -11.90 -52.32 -16.52
N GLU C 682 -11.91 -53.54 -16.00
CA GLU C 682 -11.10 -54.61 -16.58
C GLU C 682 -11.62 -55.95 -16.08
N ILE C 683 -11.31 -57.00 -16.83
CA ILE C 683 -11.72 -58.36 -16.49
C ILE C 683 -10.51 -59.07 -15.90
N LEU C 684 -10.57 -59.38 -14.60
CA LEU C 684 -9.48 -60.10 -13.96
C LEU C 684 -9.43 -61.54 -14.42
N ASP C 685 -10.51 -62.30 -14.18
CA ASP C 685 -10.64 -63.66 -14.66
C ASP C 685 -12.07 -63.87 -15.15
N ASP C 686 -12.44 -65.13 -15.37
CA ASP C 686 -13.77 -65.42 -15.90
C ASP C 686 -14.89 -65.01 -14.96
N ASP C 687 -14.62 -64.88 -13.66
CA ASP C 687 -15.64 -64.55 -12.68
C ASP C 687 -15.41 -63.22 -11.97
N ASN C 688 -14.19 -62.71 -11.93
CA ASN C 688 -13.90 -61.47 -11.25
C ASN C 688 -13.73 -60.33 -12.25
N PHE C 689 -14.10 -59.13 -11.81
CA PHE C 689 -13.98 -57.93 -12.63
C PHE C 689 -13.47 -56.79 -11.75
N LEU C 690 -12.45 -56.08 -12.23
CA LEU C 690 -11.82 -55.00 -11.51
C LEU C 690 -12.22 -53.66 -12.11
N GLY C 691 -12.40 -52.66 -11.25
CA GLY C 691 -12.76 -51.33 -11.70
C GLY C 691 -12.26 -50.27 -10.75
N ALA C 692 -12.24 -49.03 -11.25
CA ALA C 692 -11.86 -47.86 -10.46
C ALA C 692 -13.05 -46.92 -10.38
N GLU C 693 -13.45 -46.57 -9.16
CA GLU C 693 -14.59 -45.68 -8.93
C GLU C 693 -14.20 -44.50 -8.06
N ASN C 694 -15.19 -43.62 -7.89
CA ASN C 694 -14.97 -42.28 -7.37
C ASN C 694 -14.18 -42.31 -6.08
N ALA C 695 -13.50 -41.20 -5.82
CA ALA C 695 -12.67 -41.01 -4.63
C ALA C 695 -11.42 -41.87 -4.67
N PHE C 696 -10.90 -42.11 -5.88
CA PHE C 696 -9.66 -42.86 -6.07
C PHE C 696 -9.75 -44.24 -5.42
N ASN C 697 -10.80 -44.98 -5.75
CA ASN C 697 -11.03 -46.28 -5.15
C ASN C 697 -10.98 -47.38 -6.21
N LEU C 698 -10.60 -48.57 -5.77
CA LEU C 698 -10.60 -49.77 -6.58
C LEU C 698 -11.61 -50.75 -6.00
N PHE C 699 -12.40 -51.37 -6.87
CA PHE C 699 -13.39 -52.34 -6.46
C PHE C 699 -13.32 -53.56 -7.37
N VAL C 700 -13.85 -54.66 -6.84
CA VAL C 700 -13.84 -55.95 -7.53
C VAL C 700 -15.20 -56.59 -7.39
N CYS C 701 -15.90 -56.77 -8.52
CA CYS C 701 -17.16 -57.49 -8.58
C CYS C 701 -16.92 -58.94 -8.94
N GLN C 702 -17.83 -59.81 -8.51
CA GLN C 702 -17.70 -61.24 -8.75
C GLN C 702 -19.00 -61.80 -9.32
N LYS C 703 -18.87 -62.72 -10.26
CA LYS C 703 -20.02 -63.36 -10.90
C LYS C 703 -20.34 -64.67 -10.17
N ASP C 704 -21.59 -64.79 -9.71
CA ASP C 704 -22.05 -65.99 -9.03
C ASP C 704 -22.69 -66.92 -10.06
N SER C 705 -22.01 -68.02 -10.36
CA SER C 705 -22.49 -68.99 -11.33
C SER C 705 -22.88 -70.28 -10.61
N ALA C 706 -23.92 -70.94 -11.13
CA ALA C 706 -24.42 -72.19 -10.57
C ALA C 706 -24.97 -71.99 -9.17
N ALA C 707 -25.52 -70.81 -8.90
CA ALA C 707 -26.19 -70.55 -7.61
C ALA C 707 -27.53 -71.27 -7.61
N THR C 708 -28.44 -70.85 -6.73
CA THR C 708 -29.80 -71.41 -6.67
C THR C 708 -30.78 -70.56 -7.48
N THR C 709 -31.01 -69.32 -7.06
CA THR C 709 -32.01 -68.47 -7.70
C THR C 709 -31.43 -67.78 -8.93
N ASP C 710 -32.26 -67.65 -9.96
CA ASP C 710 -31.87 -66.83 -11.10
C ASP C 710 -31.66 -65.38 -10.69
N GLU C 711 -32.40 -64.92 -9.68
CA GLU C 711 -32.24 -63.55 -9.20
C GLU C 711 -30.83 -63.30 -8.70
N GLU C 712 -30.30 -64.22 -7.91
CA GLU C 712 -28.95 -64.02 -7.37
C GLU C 712 -27.89 -64.36 -8.41
N ARG C 713 -28.22 -65.21 -9.37
CA ARG C 713 -27.27 -65.54 -10.42
C ARG C 713 -26.99 -64.34 -11.30
N GLN C 714 -27.99 -63.48 -11.50
CA GLN C 714 -27.87 -62.32 -12.37
C GLN C 714 -27.40 -61.08 -11.63
N HIS C 715 -26.76 -61.24 -10.48
CA HIS C 715 -26.22 -60.12 -9.71
C HIS C 715 -24.77 -60.37 -9.38
N LEU C 716 -23.92 -59.39 -9.68
CA LEU C 716 -22.50 -59.44 -9.37
C LEU C 716 -22.29 -58.89 -7.97
N GLN C 717 -21.68 -59.68 -7.09
CA GLN C 717 -21.47 -59.28 -5.70
C GLN C 717 -20.15 -58.52 -5.57
N GLU C 718 -20.21 -57.38 -4.90
CA GLU C 718 -19.04 -56.52 -4.69
C GLU C 718 -18.14 -57.19 -3.66
N VAL C 719 -17.05 -57.80 -4.14
CA VAL C 719 -16.19 -58.60 -3.28
C VAL C 719 -14.89 -57.89 -2.90
N GLY C 720 -14.58 -56.75 -3.50
CA GLY C 720 -13.36 -56.05 -3.15
C GLY C 720 -13.47 -54.54 -3.14
N LEU C 721 -12.94 -53.90 -2.09
CA LEU C 721 -12.88 -52.44 -1.96
C LEU C 721 -11.52 -52.03 -1.41
N PHE C 722 -10.95 -50.97 -1.97
CA PHE C 722 -9.62 -50.54 -1.55
C PHE C 722 -9.36 -49.12 -2.02
N HIS C 723 -9.14 -48.19 -1.09
CA HIS C 723 -8.83 -46.81 -1.47
C HIS C 723 -7.41 -46.77 -1.99
N LEU C 724 -7.26 -46.70 -3.31
CA LEU C 724 -5.93 -46.71 -3.91
C LEU C 724 -5.21 -45.38 -3.67
N GLY C 725 -5.94 -44.27 -3.76
CA GLY C 725 -5.35 -42.95 -3.69
C GLY C 725 -4.94 -42.35 -5.02
N GLU C 726 -5.18 -43.06 -6.12
CA GLU C 726 -4.85 -42.59 -7.45
C GLU C 726 -6.06 -42.74 -8.36
N PHE C 727 -6.11 -41.90 -9.40
CA PHE C 727 -7.21 -41.92 -10.36
C PHE C 727 -6.76 -42.79 -11.54
N VAL C 728 -7.26 -44.02 -11.60
CA VAL C 728 -6.86 -44.93 -12.66
C VAL C 728 -7.53 -44.53 -13.96
N ASN C 729 -6.72 -44.38 -15.01
CA ASN C 729 -7.22 -44.08 -16.35
C ASN C 729 -7.16 -45.27 -17.30
N VAL C 730 -6.25 -46.22 -17.10
CA VAL C 730 -6.21 -47.35 -18.02
C VAL C 730 -5.76 -48.60 -17.28
N PHE C 731 -6.46 -49.71 -17.51
CA PHE C 731 -6.03 -51.04 -17.13
C PHE C 731 -5.50 -51.78 -18.36
N CYS C 732 -4.52 -52.65 -18.14
CA CYS C 732 -3.89 -53.36 -19.24
C CYS C 732 -3.22 -54.64 -18.71
N HIS C 733 -3.54 -55.77 -19.34
CA HIS C 733 -2.92 -57.02 -18.95
C HIS C 733 -1.47 -57.07 -19.43
N GLY C 734 -0.57 -57.43 -18.53
CA GLY C 734 0.84 -57.52 -18.88
C GLY C 734 1.69 -57.47 -17.62
N SER C 735 3.00 -57.61 -17.84
CA SER C 735 3.97 -57.59 -16.75
C SER C 735 5.28 -57.01 -17.25
N LEU C 736 5.93 -56.21 -16.40
CA LEU C 736 7.18 -55.55 -16.75
C LEU C 736 8.42 -56.32 -16.31
N VAL C 737 8.25 -57.60 -15.95
CA VAL C 737 9.37 -58.44 -15.57
C VAL C 737 9.46 -59.62 -16.54
N MET C 738 10.60 -60.29 -16.51
CA MET C 738 10.75 -61.52 -17.29
C MET C 738 9.70 -62.52 -16.84
N GLN C 739 8.92 -63.03 -17.80
CA GLN C 739 7.82 -63.94 -17.49
C GLN C 739 8.31 -65.22 -16.84
N ASN C 740 9.63 -65.38 -16.70
CA ASN C 740 10.21 -66.55 -16.06
C ASN C 740 9.85 -67.81 -16.84
N LEU C 741 10.82 -68.38 -17.55
CA LEU C 741 10.57 -69.59 -18.32
C LEU C 741 10.23 -70.76 -17.40
N GLY C 742 11.21 -71.23 -16.64
CA GLY C 742 10.97 -72.35 -15.73
C GLY C 742 9.79 -72.16 -14.81
N GLU C 743 8.66 -72.81 -15.13
CA GLU C 743 7.48 -72.73 -14.29
C GLU C 743 7.76 -73.30 -12.90
N THR C 744 8.04 -72.44 -11.94
CA THR C 744 8.41 -72.84 -10.58
C THR C 744 7.35 -72.35 -9.60
N SER C 745 6.14 -72.92 -9.73
CA SER C 745 5.03 -72.65 -8.81
C SER C 745 4.94 -71.18 -8.45
N THR C 746 4.34 -70.37 -9.31
CA THR C 746 4.21 -68.95 -9.04
C THR C 746 3.21 -68.72 -7.90
N PRO C 747 3.53 -67.83 -6.95
CA PRO C 747 2.59 -67.57 -5.85
C PRO C 747 1.43 -66.68 -6.26
N THR C 748 1.63 -65.82 -7.24
CA THR C 748 0.63 -64.90 -7.74
C THR C 748 0.15 -65.34 -9.11
N GLN C 749 -1.15 -65.21 -9.35
CA GLN C 749 -1.77 -65.57 -10.63
C GLN C 749 -2.32 -64.31 -11.29
N GLY C 750 -2.03 -64.13 -12.57
CA GLY C 750 -2.49 -62.97 -13.30
C GLY C 750 -1.65 -61.74 -13.05
N SER C 751 -1.80 -60.76 -13.93
CA SER C 751 -1.04 -59.52 -13.82
C SER C 751 -1.77 -58.44 -14.62
N VAL C 752 -2.16 -57.36 -13.95
CA VAL C 752 -2.90 -56.26 -14.57
C VAL C 752 -2.25 -54.95 -14.13
N LEU C 753 -1.55 -54.30 -15.05
CA LEU C 753 -0.99 -52.99 -14.79
C LEU C 753 -2.06 -51.92 -15.01
N PHE C 754 -1.85 -50.78 -14.38
CA PHE C 754 -2.78 -49.67 -14.55
C PHE C 754 -2.05 -48.35 -14.46
N GLY C 755 -2.41 -47.43 -15.34
CA GLY C 755 -1.87 -46.08 -15.38
C GLY C 755 -2.91 -45.08 -14.92
N THR C 756 -2.44 -44.09 -14.13
CA THR C 756 -3.23 -43.12 -13.38
C THR C 756 -2.93 -41.70 -13.87
N VAL C 757 -3.51 -40.72 -13.18
CA VAL C 757 -3.37 -39.32 -13.58
C VAL C 757 -2.09 -38.71 -13.03
N ASN C 758 -1.64 -39.14 -11.85
CA ASN C 758 -0.42 -38.59 -11.29
C ASN C 758 0.84 -39.29 -11.80
N GLY C 759 0.73 -40.07 -12.88
CA GLY C 759 1.86 -40.80 -13.39
C GLY C 759 2.21 -42.07 -12.64
N MET C 760 1.47 -42.38 -11.59
CA MET C 760 1.72 -43.61 -10.84
C MET C 760 1.27 -44.81 -11.64
N ILE C 761 2.11 -45.84 -11.72
CA ILE C 761 1.79 -47.09 -12.39
C ILE C 761 1.64 -48.17 -11.32
N GLY C 762 0.57 -48.94 -11.41
CA GLY C 762 0.33 -49.98 -10.42
C GLY C 762 0.17 -51.36 -11.03
N LEU C 763 0.26 -52.40 -10.21
CA LEU C 763 0.09 -53.77 -10.65
C LEU C 763 -0.83 -54.50 -9.68
N VAL C 764 -1.83 -55.19 -10.23
CA VAL C 764 -2.78 -55.98 -9.45
C VAL C 764 -2.67 -57.43 -9.90
N THR C 765 -2.79 -58.35 -8.94
CA THR C 765 -2.67 -59.77 -9.21
C THR C 765 -3.59 -60.52 -8.23
N SER C 766 -3.81 -61.79 -8.53
CA SER C 766 -4.67 -62.64 -7.71
C SER C 766 -3.82 -63.59 -6.85
N LEU C 767 -4.35 -63.92 -5.69
CA LEU C 767 -3.68 -64.78 -4.72
C LEU C 767 -4.58 -65.97 -4.39
N SER C 768 -4.10 -66.80 -3.47
CA SER C 768 -4.89 -67.88 -2.91
C SER C 768 -5.42 -67.48 -1.53
N GLU C 769 -6.42 -68.24 -1.06
CA GLU C 769 -7.02 -67.90 0.23
C GLU C 769 -6.00 -67.97 1.35
N SER C 770 -5.15 -69.00 1.35
CA SER C 770 -4.14 -69.12 2.39
C SER C 770 -3.17 -67.95 2.35
N TRP C 771 -2.59 -67.67 1.18
CA TRP C 771 -1.68 -66.53 1.05
C TRP C 771 -2.36 -65.24 1.45
N TYR C 772 -3.63 -65.07 1.06
CA TYR C 772 -4.33 -63.83 1.37
C TYR C 772 -4.49 -63.66 2.87
N ASN C 773 -4.95 -64.70 3.57
CA ASN C 773 -5.11 -64.59 5.02
C ASN C 773 -3.78 -64.35 5.70
N LEU C 774 -2.73 -65.04 5.24
CA LEU C 774 -1.41 -64.82 5.82
C LEU C 774 -0.97 -63.38 5.65
N LEU C 775 -1.11 -62.84 4.44
CA LEU C 775 -0.69 -61.47 4.19
C LEU C 775 -1.56 -60.48 4.95
N LEU C 776 -2.83 -60.81 5.18
CA LEU C 776 -3.69 -59.90 5.93
C LEU C 776 -3.27 -59.84 7.39
N ASP C 777 -3.07 -61.00 8.00
CA ASP C 777 -2.53 -61.01 9.37
C ASP C 777 -1.19 -60.30 9.41
N MET C 778 -0.39 -60.44 8.36
CA MET C 778 0.92 -59.81 8.34
C MET C 778 0.80 -58.30 8.24
N GLN C 779 -0.18 -57.80 7.48
CA GLN C 779 -0.44 -56.36 7.44
C GLN C 779 -0.84 -55.86 8.82
N ASN C 780 -1.78 -56.57 9.46
CA ASN C 780 -2.22 -56.16 10.79
C ASN C 780 -1.06 -56.11 11.78
N ARG C 781 -0.13 -57.05 11.66
CA ARG C 781 1.04 -57.04 12.53
C ARG C 781 2.00 -55.91 12.16
N LEU C 782 2.23 -55.69 10.87
CA LEU C 782 3.12 -54.63 10.44
C LEU C 782 2.65 -53.27 10.94
N ASN C 783 1.33 -53.04 10.92
CA ASN C 783 0.82 -51.73 11.31
C ASN C 783 1.24 -51.35 12.73
N LYS C 784 1.50 -52.34 13.58
CA LYS C 784 1.83 -52.05 14.97
C LYS C 784 3.26 -51.52 15.10
N VAL C 785 4.18 -52.06 14.32
CA VAL C 785 5.58 -51.67 14.44
C VAL C 785 5.94 -50.51 13.52
N ILE C 786 5.30 -50.41 12.36
CA ILE C 786 5.65 -49.37 11.40
C ILE C 786 5.24 -48.00 11.94
N LYS C 787 6.04 -46.99 11.59
CA LYS C 787 5.81 -45.62 12.03
C LYS C 787 5.27 -44.82 10.85
N SER C 788 4.03 -44.36 10.97
CA SER C 788 3.38 -43.60 9.91
C SER C 788 3.70 -42.11 10.06
N VAL C 789 3.93 -41.45 8.92
CA VAL C 789 4.17 -40.01 8.93
C VAL C 789 2.87 -39.31 9.26
N GLY C 790 2.91 -38.42 10.26
CA GLY C 790 1.73 -37.78 10.76
C GLY C 790 0.85 -38.65 11.63
N LYS C 791 1.25 -39.89 11.89
CA LYS C 791 0.49 -40.82 12.72
C LYS C 791 -0.91 -41.03 12.15
N ILE C 792 -0.95 -41.41 10.88
CA ILE C 792 -2.20 -41.75 10.19
C ILE C 792 -2.35 -43.26 10.18
N GLU C 793 -3.54 -43.73 10.55
CA GLU C 793 -3.78 -45.17 10.60
C GLU C 793 -3.90 -45.74 9.20
N HIS C 794 -3.15 -46.81 8.93
CA HIS C 794 -3.17 -47.42 7.61
C HIS C 794 -4.55 -47.96 7.28
N SER C 795 -5.26 -48.49 8.29
CA SER C 795 -6.62 -48.96 8.08
C SER C 795 -7.50 -47.82 7.59
N PHE C 796 -7.45 -46.68 8.25
CA PHE C 796 -8.22 -45.51 7.83
C PHE C 796 -7.83 -45.06 6.43
N TRP C 797 -6.53 -45.08 6.13
CA TRP C 797 -6.04 -44.61 4.84
C TRP C 797 -6.56 -45.47 3.71
N ARG C 798 -6.39 -46.79 3.80
CA ARG C 798 -6.84 -47.66 2.73
C ARG C 798 -8.33 -47.94 2.76
N SER C 799 -9.06 -47.38 3.72
CA SER C 799 -10.50 -47.63 3.81
C SER C 799 -11.23 -47.00 2.64
N PHE C 800 -12.16 -47.77 2.05
CA PHE C 800 -13.00 -47.23 0.99
C PHE C 800 -13.72 -45.99 1.49
N HIS C 801 -13.54 -44.87 0.78
CA HIS C 801 -14.04 -43.58 1.22
C HIS C 801 -14.73 -42.84 0.08
N THR C 802 -15.97 -42.41 0.34
CA THR C 802 -16.66 -41.45 -0.49
C THR C 802 -17.36 -40.46 0.43
N GLU C 803 -17.84 -39.35 -0.15
CA GLU C 803 -18.53 -38.37 0.67
C GLU C 803 -19.78 -38.94 1.34
N ARG C 804 -20.37 -39.97 0.74
CA ARG C 804 -21.57 -40.58 1.31
C ARG C 804 -21.22 -41.59 2.40
N LYS C 805 -20.60 -42.71 2.00
CA LYS C 805 -20.27 -43.80 2.91
C LYS C 805 -18.76 -44.03 2.94
N THR C 806 -18.28 -44.58 4.05
CA THR C 806 -16.86 -44.88 4.23
C THR C 806 -16.75 -46.22 4.95
N GLU C 807 -16.47 -47.28 4.20
CA GLU C 807 -16.35 -48.63 4.73
C GLU C 807 -14.90 -49.06 4.81
N PRO C 808 -14.61 -50.12 5.57
CA PRO C 808 -13.24 -50.66 5.58
C PRO C 808 -12.93 -51.39 4.28
N ALA C 809 -11.64 -51.50 3.99
CA ALA C 809 -11.18 -52.14 2.78
C ALA C 809 -11.26 -53.66 2.92
N THR C 810 -11.58 -54.33 1.81
CA THR C 810 -11.71 -55.78 1.81
C THR C 810 -11.23 -56.33 0.48
N GLY C 811 -10.70 -57.55 0.52
CA GLY C 811 -10.28 -58.23 -0.68
C GLY C 811 -9.07 -57.64 -1.37
N PHE C 812 -8.22 -56.91 -0.65
CA PHE C 812 -7.03 -56.31 -1.23
C PHE C 812 -5.89 -56.33 -0.23
N ILE C 813 -4.68 -56.57 -0.76
CA ILE C 813 -3.45 -56.63 0.03
C ILE C 813 -2.54 -55.49 -0.42
N ASP C 814 -2.26 -54.55 0.47
CA ASP C 814 -1.46 -53.38 0.15
C ASP C 814 -0.02 -53.81 -0.08
N GLY C 815 0.34 -54.00 -1.34
CA GLY C 815 1.68 -54.48 -1.67
C GLY C 815 2.78 -53.60 -1.12
N ASP C 816 2.56 -52.30 -1.06
CA ASP C 816 3.58 -51.40 -0.53
C ASP C 816 3.84 -51.67 0.95
N LEU C 817 2.79 -51.88 1.74
CA LEU C 817 2.97 -52.16 3.15
C LEU C 817 3.64 -53.51 3.37
N ILE C 818 3.31 -54.50 2.55
CA ILE C 818 3.94 -55.81 2.67
C ILE C 818 5.43 -55.70 2.34
N GLU C 819 5.77 -55.02 1.25
CA GLU C 819 7.16 -54.90 0.83
C GLU C 819 7.96 -53.95 1.70
N SER C 820 7.31 -53.13 2.52
CA SER C 820 8.06 -52.34 3.50
C SER C 820 8.68 -53.19 4.60
N PHE C 821 8.30 -54.47 4.69
CA PHE C 821 8.86 -55.35 5.71
C PHE C 821 10.36 -55.56 5.53
N LEU C 822 10.84 -55.57 4.29
CA LEU C 822 12.26 -55.79 4.01
C LEU C 822 13.13 -54.58 4.33
N ASP C 823 12.54 -53.41 4.60
CA ASP C 823 13.29 -52.18 4.81
C ASP C 823 13.28 -51.71 6.26
N ILE C 824 12.94 -52.60 7.20
CA ILE C 824 12.89 -52.27 8.61
C ILE C 824 13.98 -53.05 9.33
N SER C 825 14.16 -52.74 10.62
CA SER C 825 15.18 -53.41 11.41
C SER C 825 14.74 -54.85 11.75
N ARG C 826 15.75 -55.69 12.03
CA ARG C 826 15.52 -57.12 12.29
C ARG C 826 14.84 -57.35 13.63
N PRO C 827 15.11 -56.55 14.66
CA PRO C 827 14.32 -56.70 15.90
C PRO C 827 12.84 -56.47 15.69
N LYS C 828 12.47 -55.46 14.91
CA LYS C 828 11.06 -55.26 14.60
C LYS C 828 10.52 -56.37 13.71
N MET C 829 11.34 -56.90 12.80
CA MET C 829 10.95 -58.09 12.05
C MET C 829 10.59 -59.23 13.01
N GLN C 830 11.42 -59.44 14.03
CA GLN C 830 11.13 -60.48 15.02
C GLN C 830 9.84 -60.17 15.77
N GLU C 831 9.60 -58.89 16.04
CA GLU C 831 8.34 -58.49 16.66
C GLU C 831 7.15 -58.88 15.80
N VAL C 832 7.30 -58.73 14.47
CA VAL C 832 6.19 -59.03 13.57
C VAL C 832 5.87 -60.52 13.60
N VAL C 833 6.90 -61.37 13.53
CA VAL C 833 6.71 -62.81 13.42
C VAL C 833 6.58 -63.44 14.79
N ALA C 834 6.42 -62.61 15.82
CA ALA C 834 6.31 -63.12 17.18
C ALA C 834 5.02 -63.91 17.34
N ASN C 835 5.15 -65.20 17.67
CA ASN C 835 4.00 -66.08 17.85
C ASN C 835 3.16 -66.16 16.57
N LEU C 836 3.84 -66.45 15.46
CA LEU C 836 3.22 -66.52 14.15
C LEU C 836 3.55 -67.86 13.52
N GLN C 837 2.52 -68.56 13.05
CA GLN C 837 2.66 -69.89 12.46
C GLN C 837 2.72 -69.78 10.94
N TYR C 838 3.68 -70.47 10.34
CA TYR C 838 3.94 -70.39 8.92
C TYR C 838 4.01 -71.79 8.33
N ASP C 839 3.65 -71.89 7.05
CA ASP C 839 3.65 -73.13 6.30
C ASP C 839 4.66 -73.01 5.16
N ASP C 840 5.71 -73.82 5.21
CA ASP C 840 6.75 -73.82 4.19
C ASP C 840 6.58 -74.94 3.17
N GLY C 841 5.45 -75.63 3.18
CA GLY C 841 5.21 -76.70 2.23
C GLY C 841 4.64 -77.94 2.87
N SER C 842 3.30 -78.06 2.88
CA SER C 842 2.63 -79.24 3.40
C SER C 842 2.84 -79.38 4.91
N GLY C 843 3.97 -79.99 5.31
CA GLY C 843 4.23 -80.20 6.72
C GLY C 843 4.81 -78.96 7.38
N MET C 844 4.28 -78.63 8.56
CA MET C 844 4.71 -77.44 9.29
C MET C 844 4.36 -76.18 8.50
N LYS C 845 3.50 -75.31 9.03
CA LYS C 845 2.89 -75.43 10.36
C LYS C 845 3.93 -75.37 11.48
N ARG C 846 4.77 -74.33 11.47
CA ARG C 846 5.80 -74.19 12.48
C ARG C 846 6.03 -72.72 12.79
N GLU C 847 6.83 -72.46 13.82
CA GLU C 847 7.12 -71.09 14.22
C GLU C 847 7.90 -70.37 13.13
N ALA C 848 7.40 -69.22 12.72
CA ALA C 848 7.99 -68.48 11.62
C ALA C 848 9.16 -67.62 12.09
N THR C 849 10.22 -67.60 11.29
CA THR C 849 11.38 -66.76 11.53
C THR C 849 11.34 -65.57 10.58
N ALA C 850 12.13 -64.54 10.91
CA ALA C 850 12.18 -63.35 10.09
C ALA C 850 12.57 -63.68 8.65
N ASP C 851 13.40 -64.70 8.46
CA ASP C 851 13.92 -64.99 7.13
C ASP C 851 12.90 -65.72 6.26
N ASP C 852 11.99 -66.50 6.85
CA ASP C 852 10.87 -67.03 6.09
C ASP C 852 10.11 -65.90 5.40
N LEU C 853 9.71 -64.90 6.19
CA LEU C 853 8.97 -63.77 5.64
C LEU C 853 9.83 -62.96 4.68
N ILE C 854 11.14 -62.87 4.96
CA ILE C 854 12.02 -62.16 4.05
C ILE C 854 12.03 -62.83 2.68
N LYS C 855 12.12 -64.16 2.65
CA LYS C 855 12.10 -64.89 1.39
C LYS C 855 10.77 -64.73 0.69
N VAL C 856 9.67 -64.78 1.44
CA VAL C 856 8.35 -64.64 0.82
C VAL C 856 8.20 -63.25 0.21
N VAL C 857 8.61 -62.21 0.93
CA VAL C 857 8.45 -60.84 0.44
C VAL C 857 9.40 -60.58 -0.73
N GLU C 858 10.58 -61.21 -0.73
CA GLU C 858 11.46 -61.08 -1.88
C GLU C 858 10.88 -61.77 -3.10
N GLU C 859 10.21 -62.90 -2.89
CA GLU C 859 9.49 -63.53 -4.00
C GLU C 859 8.38 -62.62 -4.51
N LEU C 860 7.70 -61.91 -3.60
CA LEU C 860 6.66 -60.97 -4.01
C LEU C 860 7.24 -59.82 -4.84
N THR C 861 8.38 -59.28 -4.40
CA THR C 861 8.97 -58.12 -5.06
C THR C 861 9.38 -58.39 -6.50
N ARG C 862 9.41 -59.65 -6.93
CA ARG C 862 9.84 -59.98 -8.28
C ARG C 862 8.72 -59.86 -9.31
N ILE C 863 7.49 -59.57 -8.89
CA ILE C 863 6.38 -59.44 -9.84
C ILE C 863 6.37 -58.10 -10.55
N HIS C 864 7.26 -57.19 -10.16
CA HIS C 864 7.34 -55.88 -10.79
C HIS C 864 8.78 -55.38 -10.82
N ILE D 68 -54.50 -17.74 -21.49
CA ILE D 68 -53.33 -17.81 -20.62
C ILE D 68 -53.44 -16.77 -19.51
N ASN D 69 -54.51 -16.88 -18.70
CA ASN D 69 -54.71 -15.94 -17.60
C ASN D 69 -55.51 -16.55 -16.46
N PHE D 70 -55.63 -17.88 -16.40
CA PHE D 70 -56.39 -18.57 -15.36
C PHE D 70 -55.94 -18.16 -13.96
N ASP D 71 -54.81 -18.72 -13.51
CA ASP D 71 -54.24 -18.50 -12.19
C ASP D 71 -53.62 -19.79 -11.70
N THR D 72 -52.37 -20.05 -12.07
CA THR D 72 -51.74 -21.34 -11.80
C THR D 72 -51.66 -21.67 -10.31
N SER D 73 -51.98 -20.72 -9.42
CA SER D 73 -51.93 -20.98 -7.99
C SER D 73 -53.23 -21.55 -7.44
N LEU D 74 -54.27 -21.64 -8.25
CA LEU D 74 -55.57 -22.11 -7.79
C LEU D 74 -55.62 -23.62 -7.62
N PRO D 75 -55.17 -24.40 -8.61
CA PRO D 75 -55.24 -25.86 -8.47
C PRO D 75 -54.47 -26.39 -7.27
N THR D 76 -53.31 -25.82 -6.97
CA THR D 76 -52.50 -26.32 -5.86
C THR D 76 -53.21 -26.13 -4.53
N SER D 77 -54.11 -25.13 -4.44
CA SER D 77 -54.77 -24.85 -3.17
C SER D 77 -55.79 -25.92 -2.82
N HIS D 78 -56.33 -26.62 -3.82
CA HIS D 78 -57.38 -27.61 -3.59
C HIS D 78 -58.57 -26.98 -2.89
N THR D 79 -58.99 -25.81 -3.39
CA THR D 79 -60.09 -25.09 -2.77
C THR D 79 -61.40 -25.87 -2.82
N TYR D 80 -61.50 -26.86 -3.71
CA TYR D 80 -62.72 -27.67 -3.79
C TYR D 80 -62.92 -28.52 -2.54
N LEU D 81 -61.90 -28.67 -1.71
CA LEU D 81 -62.01 -29.46 -0.49
C LEU D 81 -62.69 -28.72 0.65
N GLY D 82 -62.99 -27.43 0.48
CA GLY D 82 -63.76 -26.70 1.47
C GLY D 82 -62.98 -25.69 2.28
N ALA D 83 -63.33 -25.57 3.56
CA ALA D 83 -62.71 -24.57 4.41
C ALA D 83 -61.21 -24.84 4.56
N ASP D 84 -60.52 -23.86 5.14
CA ASP D 84 -59.09 -23.98 5.37
C ASP D 84 -58.81 -25.07 6.40
N MET D 85 -57.77 -25.87 6.12
CA MET D 85 -57.46 -27.03 6.95
C MET D 85 -56.50 -26.65 8.08
N GLU D 86 -56.45 -27.53 9.08
CA GLU D 86 -55.48 -27.39 10.15
C GLU D 86 -54.10 -27.78 9.63
N GLU D 87 -53.14 -26.88 9.79
CA GLU D 87 -51.81 -27.06 9.21
C GLU D 87 -50.79 -27.41 10.28
N PHE D 88 -49.81 -28.22 9.89
CA PHE D 88 -48.69 -28.59 10.76
C PHE D 88 -47.41 -28.00 10.22
N HIS D 89 -46.50 -27.67 11.14
CA HIS D 89 -45.19 -27.15 10.77
C HIS D 89 -44.05 -28.12 11.04
N GLY D 90 -44.25 -29.11 11.93
CA GLY D 90 -43.20 -30.06 12.21
C GLY D 90 -42.96 -31.01 11.05
N ARG D 91 -41.76 -31.58 11.04
CA ARG D 91 -41.33 -32.49 9.97
C ARG D 91 -40.66 -33.71 10.57
N THR D 92 -40.96 -34.88 10.00
CA THR D 92 -40.43 -36.15 10.47
C THR D 92 -39.66 -36.82 9.34
N LEU D 93 -38.40 -37.18 9.62
CA LEU D 93 -37.56 -37.88 8.66
C LEU D 93 -36.83 -39.00 9.36
N HIS D 94 -36.90 -40.20 8.79
CA HIS D 94 -36.23 -41.37 9.34
C HIS D 94 -34.81 -41.48 8.81
N ASP D 95 -33.96 -42.16 9.59
CA ASP D 95 -32.57 -42.33 9.19
C ASP D 95 -32.49 -43.18 7.92
N ASP D 96 -31.49 -42.89 7.11
CA ASP D 96 -31.26 -43.68 5.90
C ASP D 96 -30.90 -45.11 6.27
N ASP D 97 -31.36 -46.05 5.47
CA ASP D 97 -31.13 -47.48 5.63
C ASP D 97 -31.80 -48.05 6.88
N SER D 98 -32.50 -47.25 7.66
CA SER D 98 -33.12 -47.71 8.89
C SER D 98 -34.41 -48.48 8.58
N CYS D 99 -34.79 -49.36 9.51
CA CYS D 99 -35.99 -50.17 9.38
C CYS D 99 -37.11 -49.53 10.18
N GLN D 100 -38.28 -49.39 9.55
CA GLN D 100 -39.42 -48.74 10.19
C GLN D 100 -40.70 -49.52 9.88
N VAL D 101 -41.68 -49.41 10.77
CA VAL D 101 -43.00 -50.00 10.57
C VAL D 101 -43.99 -48.86 10.40
N ILE D 102 -44.60 -48.79 9.22
CA ILE D 102 -45.45 -47.65 8.87
C ILE D 102 -46.81 -48.14 8.41
N PRO D 103 -47.90 -47.53 8.83
CA PRO D 103 -49.23 -47.97 8.39
C PRO D 103 -49.53 -47.55 6.96
N VAL D 104 -50.32 -48.38 6.29
CA VAL D 104 -50.72 -48.16 4.90
C VAL D 104 -52.21 -47.87 4.86
N LEU D 105 -52.59 -46.89 4.05
CA LEU D 105 -54.00 -46.63 3.84
C LEU D 105 -54.58 -47.64 2.85
N PRO D 106 -55.77 -48.19 3.12
CA PRO D 106 -56.23 -49.34 2.33
C PRO D 106 -56.55 -49.01 0.88
N GLN D 107 -57.20 -47.87 0.61
CA GLN D 107 -57.74 -47.60 -0.71
C GLN D 107 -56.87 -46.68 -1.55
N VAL D 108 -55.67 -46.35 -1.09
CA VAL D 108 -54.76 -45.51 -1.85
C VAL D 108 -54.06 -46.35 -2.91
N MET D 109 -54.25 -46.02 -4.17
CA MET D 109 -53.69 -46.78 -5.27
C MET D 109 -52.65 -46.02 -6.06
N MET D 110 -52.35 -44.78 -5.69
CA MET D 110 -51.40 -43.98 -6.44
C MET D 110 -49.96 -44.37 -6.11
N ILE D 111 -49.06 -44.03 -7.01
CA ILE D 111 -47.62 -44.17 -6.80
C ILE D 111 -47.08 -42.79 -6.45
N LEU D 112 -46.72 -42.60 -5.19
CA LEU D 112 -46.33 -41.28 -4.69
C LEU D 112 -44.84 -41.05 -4.89
N ILE D 113 -44.49 -39.83 -5.30
CA ILE D 113 -43.11 -39.44 -5.51
C ILE D 113 -42.73 -38.39 -4.47
N PRO D 114 -41.52 -38.45 -3.92
CA PRO D 114 -41.13 -37.48 -2.88
C PRO D 114 -41.40 -36.06 -3.34
N GLY D 115 -41.98 -35.26 -2.45
CA GLY D 115 -42.30 -33.88 -2.76
C GLY D 115 -43.60 -33.68 -3.50
N GLN D 116 -44.27 -34.74 -3.91
CA GLN D 116 -45.57 -34.61 -4.55
C GLN D 116 -46.66 -34.50 -3.48
N THR D 117 -47.65 -33.66 -3.75
CA THR D 117 -48.76 -33.49 -2.83
C THR D 117 -49.85 -34.51 -3.13
N LEU D 118 -50.45 -35.05 -2.08
CA LEU D 118 -51.50 -36.05 -2.19
C LEU D 118 -52.71 -35.58 -1.39
N PRO D 119 -53.86 -35.36 -2.03
CA PRO D 119 -55.07 -35.05 -1.27
C PRO D 119 -55.95 -36.28 -1.10
N LEU D 120 -56.61 -36.40 0.05
CA LEU D 120 -57.39 -37.60 0.35
C LEU D 120 -58.66 -37.21 1.09
N GLN D 121 -59.77 -37.87 0.73
CA GLN D 121 -61.02 -37.78 1.49
C GLN D 121 -61.31 -39.17 2.03
N LEU D 122 -61.27 -39.32 3.36
CA LEU D 122 -61.44 -40.61 4.01
C LEU D 122 -62.80 -40.64 4.71
N PHE D 123 -63.61 -41.61 4.32
CA PHE D 123 -64.95 -41.82 4.86
C PHE D 123 -65.03 -43.01 5.79
N HIS D 124 -64.36 -44.10 5.45
CA HIS D 124 -64.52 -45.34 6.20
C HIS D 124 -64.00 -45.17 7.63
N PRO D 125 -64.72 -45.68 8.63
CA PRO D 125 -64.30 -45.45 10.02
C PRO D 125 -62.91 -45.99 10.34
N GLN D 126 -62.50 -47.07 9.70
CA GLN D 126 -61.16 -47.59 9.90
C GLN D 126 -60.12 -46.57 9.46
N GLU D 127 -60.32 -45.99 8.27
CA GLU D 127 -59.40 -44.98 7.76
C GLU D 127 -59.38 -43.76 8.67
N VAL D 128 -60.56 -43.30 9.10
CA VAL D 128 -60.61 -42.12 9.95
C VAL D 128 -59.88 -42.37 11.25
N SER D 129 -60.09 -43.54 11.86
CA SER D 129 -59.39 -43.89 13.08
C SER D 129 -57.89 -43.90 12.87
N MET D 130 -57.44 -44.52 11.77
CA MET D 130 -56.00 -44.59 11.50
C MET D 130 -55.41 -43.20 11.30
N VAL D 131 -56.16 -42.31 10.64
CA VAL D 131 -55.67 -40.97 10.40
C VAL D 131 -55.61 -40.17 11.69
N ARG D 132 -56.57 -40.39 12.59
CA ARG D 132 -56.50 -39.76 13.91
C ARG D 132 -55.24 -40.21 14.64
N ASN D 133 -55.04 -41.52 14.75
CA ASN D 133 -53.84 -42.02 15.40
C ASN D 133 -52.58 -41.43 14.77
N LEU D 134 -52.56 -41.30 13.45
CA LEU D 134 -51.40 -40.73 12.78
C LEU D 134 -51.21 -39.26 13.16
N ILE D 135 -52.29 -38.47 13.09
CA ILE D 135 -52.20 -37.06 13.46
C ILE D 135 -51.61 -36.93 14.86
N GLN D 136 -51.97 -37.84 15.75
CA GLN D 136 -51.45 -37.77 17.11
C GLN D 136 -49.99 -38.21 17.23
N LYS D 137 -49.47 -38.96 16.25
CA LYS D 137 -48.11 -39.46 16.32
C LYS D 137 -47.21 -38.74 15.32
N ASP D 138 -46.55 -39.48 14.43
CA ASP D 138 -45.56 -38.91 13.51
C ASP D 138 -46.18 -38.42 12.20
N ARG D 139 -47.46 -38.69 11.96
CA ARG D 139 -48.18 -38.16 10.79
C ARG D 139 -47.65 -38.71 9.47
N THR D 140 -47.05 -39.89 9.49
CA THR D 140 -46.44 -40.49 8.31
C THR D 140 -47.06 -41.85 8.05
N PHE D 141 -47.55 -42.04 6.83
CA PHE D 141 -48.04 -43.33 6.39
C PHE D 141 -47.33 -43.72 5.09
N ALA D 142 -47.41 -45.01 4.76
CA ALA D 142 -46.72 -45.55 3.59
C ALA D 142 -47.69 -45.64 2.41
N VAL D 143 -47.23 -45.20 1.25
CA VAL D 143 -48.00 -45.29 0.01
C VAL D 143 -47.27 -46.31 -0.87
N LEU D 144 -47.84 -47.49 -1.02
CA LEU D 144 -47.17 -48.57 -1.72
C LEU D 144 -47.25 -48.37 -3.23
N ALA D 145 -46.14 -48.66 -3.91
CA ALA D 145 -46.09 -48.65 -5.37
C ALA D 145 -46.41 -50.05 -5.86
N TYR D 146 -47.66 -50.26 -6.27
CA TYR D 146 -48.17 -51.60 -6.56
C TYR D 146 -47.74 -52.04 -7.95
N SER D 147 -46.90 -53.07 -7.99
CA SER D 147 -46.59 -53.73 -9.27
C SER D 147 -47.81 -54.50 -9.76
N ASN D 148 -48.45 -55.26 -8.87
CA ASN D 148 -49.70 -55.97 -9.15
C ASN D 148 -50.75 -55.41 -8.22
N VAL D 149 -51.60 -54.52 -8.73
CA VAL D 149 -52.59 -53.85 -7.89
C VAL D 149 -53.67 -54.83 -7.45
N GLN D 150 -54.03 -55.77 -8.32
CA GLN D 150 -55.08 -56.74 -7.99
C GLN D 150 -54.74 -57.50 -6.71
N GLU D 151 -53.59 -58.15 -6.70
CA GLU D 151 -53.17 -58.98 -5.58
C GLU D 151 -52.38 -58.21 -4.52
N ARG D 152 -52.37 -56.87 -4.61
CA ARG D 152 -51.70 -56.05 -3.60
C ARG D 152 -50.24 -56.44 -3.45
N GLU D 153 -49.54 -56.49 -4.58
CA GLU D 153 -48.10 -56.74 -4.57
C GLU D 153 -47.35 -55.42 -4.61
N ALA D 154 -46.29 -55.32 -3.79
CA ALA D 154 -45.52 -54.10 -3.72
C ALA D 154 -44.10 -54.41 -3.26
N GLN D 155 -43.11 -53.89 -3.99
CA GLN D 155 -41.72 -54.00 -3.61
C GLN D 155 -41.10 -52.67 -3.20
N PHE D 156 -41.66 -51.55 -3.63
CA PHE D 156 -41.16 -50.24 -3.23
C PHE D 156 -42.34 -49.36 -2.85
N GLY D 157 -42.02 -48.23 -2.24
CA GLY D 157 -43.06 -47.29 -1.84
C GLY D 157 -42.44 -45.98 -1.40
N THR D 158 -43.31 -45.05 -1.04
CA THR D 158 -42.90 -43.73 -0.58
C THR D 158 -43.69 -43.35 0.66
N THR D 159 -43.01 -42.81 1.66
CA THR D 159 -43.70 -42.32 2.83
C THR D 159 -44.40 -41.00 2.53
N ALA D 160 -45.48 -40.74 3.24
CA ALA D 160 -46.28 -39.54 3.07
C ALA D 160 -46.54 -38.93 4.45
N GLU D 161 -46.19 -37.66 4.61
CA GLU D 161 -46.36 -36.95 5.86
C GLU D 161 -47.56 -36.01 5.74
N ILE D 162 -48.58 -36.25 6.56
CA ILE D 162 -49.74 -35.38 6.55
C ILE D 162 -49.33 -34.00 7.05
N TYR D 163 -49.57 -32.98 6.24
CA TYR D 163 -49.31 -31.60 6.64
C TYR D 163 -50.59 -30.78 6.80
N ALA D 164 -51.74 -31.30 6.36
CA ALA D 164 -53.01 -30.61 6.57
C ALA D 164 -54.10 -31.64 6.80
N TYR D 165 -55.06 -31.28 7.66
CA TYR D 165 -56.20 -32.16 7.89
C TYR D 165 -57.39 -31.33 8.34
N ARG D 166 -58.58 -31.87 8.11
CA ARG D 166 -59.83 -31.27 8.55
C ARG D 166 -60.77 -32.39 8.92
N GLU D 167 -61.22 -32.40 10.17
CA GLU D 167 -62.09 -33.45 10.70
C GLU D 167 -63.49 -32.86 10.84
N GLU D 168 -64.42 -33.30 9.99
CA GLU D 168 -65.74 -32.68 9.93
C GLU D 168 -66.83 -33.73 10.07
N GLN D 169 -67.77 -33.47 10.98
CA GLN D 169 -68.90 -34.35 11.23
C GLN D 169 -70.16 -33.69 10.69
N ASP D 170 -70.27 -33.67 9.37
CA ASP D 170 -71.31 -32.91 8.68
C ASP D 170 -72.42 -33.83 8.19
N PHE D 171 -73.66 -33.38 8.39
CA PHE D 171 -74.82 -34.18 8.04
C PHE D 171 -74.85 -35.50 8.79
N GLY D 172 -74.23 -35.58 9.98
CA GLY D 172 -74.07 -36.83 10.68
C GLY D 172 -72.97 -37.73 10.15
N ILE D 173 -72.44 -37.45 8.96
CA ILE D 173 -71.35 -38.21 8.39
C ILE D 173 -70.02 -37.69 8.95
N GLU D 174 -69.23 -38.59 9.53
CA GLU D 174 -67.88 -38.30 9.98
C GLU D 174 -66.92 -38.52 8.82
N ILE D 175 -66.17 -37.48 8.46
CA ILE D 175 -65.22 -37.54 7.35
C ILE D 175 -63.95 -36.80 7.75
N VAL D 176 -62.84 -37.19 7.13
CA VAL D 176 -61.56 -36.55 7.35
C VAL D 176 -60.93 -36.27 5.99
N LYS D 177 -60.63 -34.99 5.75
CA LYS D 177 -59.89 -34.57 4.57
C LYS D 177 -58.44 -34.34 4.96
N VAL D 178 -57.52 -34.77 4.11
CA VAL D 178 -56.10 -34.73 4.43
C VAL D 178 -55.30 -34.27 3.22
N LYS D 179 -54.25 -33.51 3.48
CA LYS D 179 -53.25 -33.15 2.49
C LYS D 179 -51.91 -33.62 3.02
N ALA D 180 -51.28 -34.56 2.31
CA ALA D 180 -49.98 -35.08 2.69
C ALA D 180 -48.99 -34.82 1.56
N ILE D 181 -47.73 -35.17 1.80
CA ILE D 181 -46.67 -34.94 0.83
C ILE D 181 -45.67 -36.07 0.91
N GLY D 182 -45.09 -36.43 -0.23
CA GLY D 182 -44.13 -37.50 -0.26
C GLY D 182 -42.82 -37.08 0.36
N ARG D 183 -42.23 -37.98 1.15
CA ARG D 183 -41.00 -37.68 1.88
C ARG D 183 -39.85 -38.59 1.44
N GLN D 184 -39.88 -39.87 1.81
CA GLN D 184 -38.75 -40.77 1.60
C GLN D 184 -39.17 -42.00 0.82
N ARG D 185 -38.33 -42.39 -0.14
CA ARG D 185 -38.50 -43.68 -0.81
C ARG D 185 -38.11 -44.80 0.13
N PHE D 186 -38.62 -46.00 -0.16
CA PHE D 186 -38.32 -47.13 0.71
C PHE D 186 -38.58 -48.44 -0.02
N LYS D 187 -37.84 -49.46 0.39
CA LYS D 187 -38.05 -50.82 -0.08
C LYS D 187 -38.95 -51.56 0.90
N VAL D 188 -39.90 -52.33 0.37
CA VAL D 188 -40.88 -53.04 1.20
C VAL D 188 -40.25 -54.33 1.69
N LEU D 189 -40.02 -54.43 3.00
CA LEU D 189 -39.49 -55.66 3.57
C LEU D 189 -40.60 -56.65 3.90
N GLU D 190 -41.75 -56.16 4.36
CA GLU D 190 -42.87 -57.01 4.76
C GLU D 190 -44.16 -56.19 4.71
N LEU D 191 -45.22 -56.80 4.19
CA LEU D 191 -46.57 -56.24 4.24
C LEU D 191 -47.39 -57.09 5.20
N ARG D 192 -47.76 -56.52 6.33
CA ARG D 192 -48.29 -57.30 7.45
C ARG D 192 -49.62 -56.69 7.87
N THR D 193 -50.72 -57.38 7.57
CA THR D 193 -52.06 -56.87 7.85
C THR D 193 -52.58 -57.45 9.16
N GLN D 194 -52.92 -56.56 10.10
CA GLN D 194 -53.35 -56.97 11.43
C GLN D 194 -54.77 -57.53 11.39
N SER D 195 -55.28 -57.91 12.56
CA SER D 195 -56.63 -58.46 12.67
C SER D 195 -57.71 -57.40 12.52
N ASP D 196 -57.35 -56.12 12.54
CA ASP D 196 -58.32 -55.05 12.41
C ASP D 196 -58.70 -54.77 10.97
N GLY D 197 -57.99 -55.35 10.00
CA GLY D 197 -58.15 -55.03 8.61
C GLY D 197 -57.19 -53.97 8.09
N ILE D 198 -56.55 -53.23 8.98
CA ILE D 198 -55.55 -52.23 8.61
C ILE D 198 -54.18 -52.87 8.68
N GLN D 199 -53.37 -52.61 7.66
CA GLN D 199 -52.07 -53.26 7.52
C GLN D 199 -50.94 -52.26 7.78
N GLN D 200 -49.82 -52.81 8.24
CA GLN D 200 -48.55 -52.12 8.39
C GLN D 200 -47.57 -52.61 7.33
N ALA D 201 -46.46 -51.89 7.22
CA ALA D 201 -45.37 -52.27 6.33
C ALA D 201 -44.06 -52.14 7.09
N LYS D 202 -43.33 -53.25 7.17
CA LYS D 202 -41.93 -53.24 7.58
C LYS D 202 -41.11 -52.82 6.37
N VAL D 203 -40.34 -51.76 6.51
CA VAL D 203 -39.84 -51.00 5.38
C VAL D 203 -38.42 -50.58 5.66
N GLN D 204 -37.64 -50.42 4.60
CA GLN D 204 -36.25 -50.00 4.68
C GLN D 204 -36.10 -48.68 3.91
N ILE D 205 -35.74 -47.62 4.62
CA ILE D 205 -35.60 -46.32 3.99
C ILE D 205 -34.44 -46.36 2.99
N LEU D 206 -34.72 -45.93 1.76
CA LEU D 206 -33.69 -45.91 0.72
C LEU D 206 -32.94 -44.57 0.77
N PRO D 207 -31.62 -44.58 0.77
CA PRO D 207 -30.88 -43.33 0.83
C PRO D 207 -30.79 -42.65 -0.53
N GLU D 208 -30.73 -41.32 -0.47
CA GLU D 208 -30.54 -40.49 -1.66
C GLU D 208 -29.05 -40.39 -1.94
N CYS D 209 -28.62 -40.94 -3.07
CA CYS D 209 -27.21 -40.95 -3.43
C CYS D 209 -26.81 -39.60 -4.03
N VAL D 210 -25.94 -38.87 -3.35
CA VAL D 210 -25.42 -37.59 -3.83
C VAL D 210 -23.98 -37.81 -4.25
N LEU D 211 -23.68 -37.51 -5.51
CA LEU D 211 -22.32 -37.67 -6.00
C LEU D 211 -21.69 -36.31 -6.22
N PRO D 212 -20.37 -36.21 -6.06
CA PRO D 212 -19.67 -34.96 -6.38
C PRO D 212 -19.53 -34.77 -7.88
N SER D 213 -18.95 -33.64 -8.31
CA SER D 213 -18.72 -33.41 -9.73
C SER D 213 -17.87 -34.53 -10.32
N THR D 214 -18.18 -34.94 -11.54
CA THR D 214 -17.37 -35.95 -12.19
C THR D 214 -15.93 -35.50 -12.34
N MET D 215 -15.68 -34.19 -12.34
CA MET D 215 -14.34 -33.63 -12.40
C MET D 215 -13.75 -33.35 -11.03
N SER D 216 -14.53 -33.51 -9.95
CA SER D 216 -14.04 -33.18 -8.63
C SER D 216 -12.77 -33.95 -8.28
N ALA D 217 -12.68 -35.21 -8.70
CA ALA D 217 -11.50 -36.02 -8.39
C ALA D 217 -10.28 -35.55 -9.17
N VAL D 218 -10.43 -35.35 -10.48
CA VAL D 218 -9.29 -35.03 -11.33
C VAL D 218 -9.02 -33.54 -11.41
N GLN D 219 -9.81 -32.69 -10.75
CA GLN D 219 -9.63 -31.25 -10.87
C GLN D 219 -8.30 -30.84 -10.25
N LEU D 220 -7.52 -30.06 -11.01
CA LEU D 220 -6.23 -29.58 -10.53
C LEU D 220 -6.43 -28.54 -9.43
N GLU D 221 -5.48 -28.51 -8.49
CA GLU D 221 -5.59 -27.57 -7.38
C GLU D 221 -5.51 -26.12 -7.88
N SER D 222 -4.72 -25.89 -8.93
CA SER D 222 -4.59 -24.53 -9.46
C SER D 222 -5.89 -24.07 -10.11
N LEU D 223 -6.58 -24.98 -10.81
CA LEU D 223 -7.82 -24.63 -11.50
C LEU D 223 -9.04 -24.66 -10.59
N ASN D 224 -8.86 -24.93 -9.29
CA ASN D 224 -10.01 -24.97 -8.39
C ASN D 224 -10.68 -23.60 -8.28
N LYS D 225 -9.86 -22.54 -8.19
CA LYS D 225 -10.39 -21.19 -8.06
C LYS D 225 -11.11 -20.70 -9.31
N CYS D 226 -10.98 -21.41 -10.43
CA CYS D 226 -11.63 -21.03 -11.68
C CYS D 226 -12.90 -21.84 -11.97
N GLN D 227 -13.24 -22.81 -11.12
CA GLN D 227 -14.43 -23.61 -11.34
C GLN D 227 -15.71 -22.83 -11.08
N ILE D 228 -15.65 -21.77 -10.27
CA ILE D 228 -16.83 -20.98 -9.94
C ILE D 228 -17.12 -20.01 -11.07
N PHE D 229 -18.36 -19.99 -11.53
CA PHE D 229 -18.81 -19.12 -12.60
C PHE D 229 -19.37 -17.82 -12.04
N PRO D 230 -19.23 -16.72 -12.78
CA PRO D 230 -19.77 -15.41 -12.32
C PRO D 230 -21.26 -15.24 -12.60
N SER D 231 -22.07 -15.90 -11.75
CA SER D 231 -23.53 -15.77 -11.83
C SER D 231 -24.07 -16.32 -13.13
N LYS D 232 -25.39 -16.45 -13.22
CA LYS D 232 -26.15 -16.92 -14.36
C LYS D 232 -26.70 -15.76 -15.16
N PRO D 233 -26.89 -15.92 -16.47
CA PRO D 233 -27.45 -14.82 -17.27
C PRO D 233 -28.94 -14.60 -17.06
N VAL D 234 -29.65 -15.68 -16.68
CA VAL D 234 -31.11 -15.68 -16.49
C VAL D 234 -31.79 -14.70 -17.44
N SER D 235 -31.38 -14.70 -18.69
CA SER D 235 -32.07 -13.97 -19.76
C SER D 235 -32.42 -15.01 -20.81
N ARG D 236 -33.72 -15.29 -20.98
CA ARG D 236 -34.17 -16.38 -21.83
C ARG D 236 -33.37 -16.48 -23.12
N GLU D 237 -33.17 -15.35 -23.81
CA GLU D 237 -32.46 -15.38 -25.08
C GLU D 237 -30.98 -15.69 -24.88
N ASP D 238 -30.37 -15.14 -23.84
CA ASP D 238 -28.93 -15.32 -23.63
C ASP D 238 -28.62 -16.76 -23.23
N GLN D 239 -29.45 -17.37 -22.39
CA GLN D 239 -29.22 -18.74 -21.97
C GLN D 239 -29.64 -19.75 -23.03
N CYS D 240 -30.70 -19.46 -23.78
CA CYS D 240 -31.07 -20.32 -24.90
C CYS D 240 -30.04 -20.28 -26.03
N SER D 241 -29.20 -19.23 -26.06
CA SER D 241 -28.09 -19.17 -27.01
C SER D 241 -26.96 -20.07 -26.52
N TYR D 242 -26.56 -21.02 -27.36
CA TYR D 242 -25.59 -22.05 -26.94
C TYR D 242 -24.17 -21.51 -26.78
N LYS D 243 -23.93 -20.20 -26.89
CA LYS D 243 -22.60 -19.66 -26.62
C LYS D 243 -22.25 -19.77 -25.14
N TRP D 244 -23.19 -19.38 -24.27
CA TRP D 244 -22.92 -19.48 -22.84
C TRP D 244 -22.71 -20.93 -22.43
N TRP D 245 -23.40 -21.87 -23.07
CA TRP D 245 -23.23 -23.27 -22.72
C TRP D 245 -21.94 -23.84 -23.28
N GLN D 246 -21.50 -23.39 -24.46
CA GLN D 246 -20.15 -23.72 -24.89
C GLN D 246 -19.14 -23.27 -23.87
N LYS D 247 -19.29 -22.03 -23.36
CA LYS D 247 -18.38 -21.53 -22.34
C LYS D 247 -18.43 -22.38 -21.08
N TYR D 248 -19.64 -22.72 -20.64
CA TYR D 248 -19.81 -23.55 -19.44
C TYR D 248 -19.12 -24.89 -19.59
N GLN D 249 -19.29 -25.53 -20.74
CA GLN D 249 -18.64 -26.83 -20.97
C GLN D 249 -17.14 -26.69 -21.01
N LYS D 250 -16.63 -25.65 -21.68
CA LYS D 250 -15.18 -25.47 -21.74
C LYS D 250 -14.59 -25.25 -20.35
N ARG D 251 -15.30 -24.53 -19.49
CA ARG D 251 -14.74 -24.22 -18.18
C ARG D 251 -14.89 -25.37 -17.19
N LYS D 252 -16.09 -25.92 -17.06
CA LYS D 252 -16.33 -26.89 -15.99
C LYS D 252 -15.58 -28.19 -16.24
N PHE D 253 -15.53 -28.66 -17.49
CA PHE D 253 -14.93 -29.94 -17.84
C PHE D 253 -13.58 -29.77 -18.53
N HIS D 254 -12.81 -28.78 -18.12
CA HIS D 254 -11.47 -28.62 -18.68
C HIS D 254 -10.62 -29.84 -18.38
N CYS D 255 -10.56 -30.24 -17.11
CA CYS D 255 -9.72 -31.35 -16.70
C CYS D 255 -10.13 -32.66 -17.35
N ALA D 256 -11.13 -32.61 -18.23
CA ALA D 256 -11.42 -33.76 -19.07
C ALA D 256 -10.24 -34.14 -19.93
N ASN D 257 -9.32 -33.20 -20.18
CA ASN D 257 -8.10 -33.57 -20.91
C ASN D 257 -7.23 -34.54 -20.12
N LEU D 258 -7.41 -34.60 -18.80
CA LEU D 258 -6.65 -35.49 -17.93
C LEU D 258 -7.14 -36.93 -18.00
N THR D 259 -8.41 -37.14 -18.31
CA THR D 259 -9.00 -38.48 -18.31
C THR D 259 -8.91 -39.05 -19.73
N SER D 260 -9.70 -40.09 -20.00
CA SER D 260 -9.71 -40.74 -21.31
C SER D 260 -10.97 -40.44 -22.12
N TRP D 261 -11.75 -39.44 -21.71
CA TRP D 261 -13.00 -39.08 -22.36
C TRP D 261 -13.06 -37.58 -22.59
N PRO D 262 -13.85 -37.14 -23.57
CA PRO D 262 -13.96 -35.69 -23.84
C PRO D 262 -14.93 -34.99 -22.92
N ARG D 263 -15.16 -33.70 -23.18
CA ARG D 263 -16.02 -32.89 -22.33
C ARG D 263 -17.49 -33.17 -22.59
N TRP D 264 -17.88 -33.32 -23.85
CA TRP D 264 -19.28 -33.54 -24.18
C TRP D 264 -19.82 -34.82 -23.56
N LEU D 265 -18.95 -35.78 -23.24
CA LEU D 265 -19.39 -36.97 -22.54
C LEU D 265 -19.78 -36.64 -21.10
N TYR D 266 -18.86 -36.01 -20.36
CA TYR D 266 -19.17 -35.62 -18.99
C TYR D 266 -20.35 -34.67 -18.92
N SER D 267 -20.60 -33.88 -19.98
CA SER D 267 -21.76 -33.00 -19.99
C SER D 267 -23.06 -33.79 -19.91
N LEU D 268 -23.08 -35.00 -20.45
CA LEU D 268 -24.27 -35.84 -20.41
C LEU D 268 -24.53 -36.45 -19.04
N TYR D 269 -23.61 -36.30 -18.09
CA TYR D 269 -23.81 -36.73 -16.71
C TYR D 269 -23.61 -35.58 -15.74
N ASP D 270 -23.86 -34.36 -16.21
CA ASP D 270 -23.72 -33.17 -15.38
C ASP D 270 -25.07 -32.70 -14.89
N ALA D 271 -25.20 -32.52 -13.57
CA ALA D 271 -26.48 -32.19 -12.98
C ALA D 271 -27.05 -30.90 -13.56
N GLU D 272 -26.26 -29.82 -13.57
CA GLU D 272 -26.78 -28.53 -14.02
C GLU D 272 -27.10 -28.55 -15.51
N THR D 273 -26.23 -29.18 -16.30
CA THR D 273 -26.49 -29.27 -17.74
C THR D 273 -27.81 -29.99 -18.00
N LEU D 274 -28.01 -31.13 -17.35
CA LEU D 274 -29.27 -31.87 -17.52
C LEU D 274 -30.45 -31.06 -17.01
N MET D 275 -30.28 -30.36 -15.90
CA MET D 275 -31.39 -29.59 -15.34
C MET D 275 -31.80 -28.47 -16.27
N ASP D 276 -30.84 -27.83 -16.95
CA ASP D 276 -31.25 -26.80 -17.91
C ASP D 276 -31.78 -27.39 -19.21
N ARG D 277 -31.28 -28.56 -19.64
CA ARG D 277 -31.90 -29.22 -20.78
C ARG D 277 -33.37 -29.53 -20.47
N ILE D 278 -33.67 -29.91 -19.24
CA ILE D 278 -35.06 -30.13 -18.84
C ILE D 278 -35.81 -28.82 -18.69
N LYS D 279 -35.13 -27.75 -18.26
CA LYS D 279 -35.78 -26.45 -18.20
C LYS D 279 -36.22 -26.00 -19.58
N LYS D 280 -35.43 -26.30 -20.60
CA LYS D 280 -35.80 -25.87 -21.94
C LYS D 280 -37.04 -26.58 -22.42
N GLN D 281 -37.31 -27.77 -21.89
CA GLN D 281 -38.54 -28.47 -22.23
C GLN D 281 -39.70 -27.97 -21.38
N LEU D 282 -39.44 -27.65 -20.11
CA LEU D 282 -40.49 -27.18 -19.23
C LEU D 282 -41.00 -25.81 -19.66
N ARG D 283 -40.11 -24.96 -20.17
CA ARG D 283 -40.55 -23.67 -20.70
C ARG D 283 -41.49 -23.85 -21.87
N GLU D 284 -41.36 -24.96 -22.59
CA GLU D 284 -42.32 -25.32 -23.62
C GLU D 284 -43.71 -25.61 -23.06
N TRP D 285 -43.80 -25.93 -21.77
CA TRP D 285 -45.06 -26.24 -21.11
C TRP D 285 -45.63 -25.07 -20.32
N ASP D 286 -44.77 -24.28 -19.69
CA ASP D 286 -45.22 -23.14 -18.90
C ASP D 286 -44.31 -21.95 -19.16
N GLU D 287 -44.88 -20.76 -19.06
CA GLU D 287 -44.13 -19.52 -19.30
C GLU D 287 -43.55 -18.93 -18.03
N ASN D 288 -43.59 -19.66 -16.91
CA ASN D 288 -42.98 -19.20 -15.68
C ASN D 288 -41.48 -19.45 -15.70
N LEU D 289 -40.71 -18.42 -15.34
CA LEU D 289 -39.27 -18.50 -15.41
C LEU D 289 -38.71 -19.44 -14.33
N LYS D 290 -37.59 -20.07 -14.65
CA LYS D 290 -36.88 -20.91 -13.69
C LYS D 290 -36.26 -20.10 -12.57
N ASP D 291 -36.23 -18.77 -12.69
CA ASP D 291 -35.61 -17.93 -11.67
C ASP D 291 -36.18 -18.20 -10.28
N ASP D 292 -37.46 -18.53 -10.20
CA ASP D 292 -38.12 -18.73 -8.90
C ASP D 292 -38.78 -20.09 -8.79
N SER D 293 -39.63 -20.46 -9.75
CA SER D 293 -40.44 -21.66 -9.59
C SER D 293 -39.59 -22.93 -9.49
N LEU D 294 -38.57 -23.04 -10.34
CA LEU D 294 -37.90 -24.33 -10.30
C LEU D 294 -36.83 -24.37 -9.22
N PRO D 295 -36.65 -25.53 -8.60
CA PRO D 295 -35.63 -25.66 -7.55
C PRO D 295 -34.23 -25.72 -8.13
N SER D 296 -33.26 -25.38 -7.28
CA SER D 296 -31.86 -25.40 -7.67
C SER D 296 -31.18 -26.72 -7.29
N ASN D 297 -31.67 -27.39 -6.27
CA ASN D 297 -31.08 -28.66 -5.88
C ASN D 297 -31.45 -29.75 -6.89
N PRO D 298 -30.49 -30.51 -7.40
CA PRO D 298 -30.83 -31.54 -8.40
C PRO D 298 -31.76 -32.62 -7.87
N ILE D 299 -31.71 -32.92 -6.57
CA ILE D 299 -32.62 -33.92 -6.00
C ILE D 299 -34.06 -33.44 -6.09
N ASP D 300 -34.34 -32.27 -5.50
CA ASP D 300 -35.68 -31.71 -5.54
C ASP D 300 -36.12 -31.46 -6.98
N PHE D 301 -35.20 -31.01 -7.83
CA PHE D 301 -35.54 -30.76 -9.23
C PHE D 301 -35.95 -32.05 -9.93
N SER D 302 -35.16 -33.11 -9.76
CA SER D 302 -35.50 -34.38 -10.40
C SER D 302 -36.84 -34.91 -9.90
N TYR D 303 -37.10 -34.79 -8.60
CA TYR D 303 -38.37 -35.29 -8.09
C TYR D 303 -39.54 -34.45 -8.59
N ARG D 304 -39.38 -33.12 -8.62
CA ARG D 304 -40.43 -32.26 -9.14
C ARG D 304 -40.74 -32.58 -10.60
N VAL D 305 -39.71 -32.90 -11.37
CA VAL D 305 -39.93 -33.23 -12.78
C VAL D 305 -40.59 -34.59 -12.91
N ALA D 306 -40.16 -35.56 -12.10
CA ALA D 306 -40.74 -36.89 -12.17
C ALA D 306 -42.20 -36.89 -11.74
N ALA D 307 -42.58 -35.97 -10.86
CA ALA D 307 -43.95 -35.93 -10.37
C ALA D 307 -44.95 -35.61 -11.48
N CYS D 308 -44.53 -34.84 -12.48
CA CYS D 308 -45.44 -34.35 -13.52
C CYS D 308 -45.10 -34.93 -14.89
N LEU D 309 -44.55 -36.15 -14.94
CA LEU D 309 -44.30 -36.80 -16.20
C LEU D 309 -45.37 -37.84 -16.45
N PRO D 310 -46.20 -37.67 -17.47
CA PRO D 310 -47.27 -38.66 -17.75
C PRO D 310 -46.73 -39.97 -18.29
N ILE D 311 -46.40 -40.89 -17.41
CA ILE D 311 -45.95 -42.23 -17.77
C ILE D 311 -46.84 -43.25 -17.08
N ASP D 312 -46.73 -44.49 -17.53
CA ASP D 312 -47.49 -45.58 -16.93
C ASP D 312 -46.81 -46.08 -15.65
N ASP D 313 -47.54 -46.92 -14.91
CA ASP D 313 -47.11 -47.27 -13.57
C ASP D 313 -45.78 -48.01 -13.54
N VAL D 314 -45.49 -48.82 -14.57
CA VAL D 314 -44.23 -49.56 -14.57
C VAL D 314 -43.06 -48.60 -14.73
N LEU D 315 -43.17 -47.64 -15.65
CA LEU D 315 -42.12 -46.66 -15.83
C LEU D 315 -41.93 -45.81 -14.58
N ARG D 316 -43.04 -45.44 -13.93
CA ARG D 316 -42.92 -44.65 -12.70
C ARG D 316 -42.27 -45.46 -11.59
N ILE D 317 -42.57 -46.75 -11.50
CA ILE D 317 -41.90 -47.58 -10.50
C ILE D 317 -40.40 -47.63 -10.76
N GLN D 318 -40.02 -47.89 -12.02
CA GLN D 318 -38.60 -47.91 -12.37
C GLN D 318 -37.95 -46.57 -12.08
N LEU D 319 -38.67 -45.48 -12.30
CA LEU D 319 -38.14 -44.16 -11.99
C LEU D 319 -37.99 -43.95 -10.50
N LEU D 320 -38.90 -44.51 -9.69
CA LEU D 320 -38.80 -44.42 -8.25
C LEU D 320 -37.68 -45.28 -7.68
N LYS D 321 -37.28 -46.34 -8.39
CA LYS D 321 -36.14 -47.14 -7.97
C LYS D 321 -34.83 -46.38 -8.06
N ILE D 322 -34.76 -45.36 -8.89
CA ILE D 322 -33.51 -44.61 -9.08
C ILE D 322 -33.18 -43.85 -7.81
N GLY D 323 -31.91 -43.93 -7.38
CA GLY D 323 -31.47 -43.29 -6.17
C GLY D 323 -30.51 -42.13 -6.39
N SER D 324 -29.98 -42.01 -7.61
CA SER D 324 -29.07 -40.94 -7.97
C SER D 324 -29.80 -39.88 -8.78
N ALA D 325 -29.73 -38.63 -8.32
CA ALA D 325 -30.40 -37.55 -9.05
C ALA D 325 -29.91 -37.48 -10.49
N ILE D 326 -28.64 -37.82 -10.74
CA ILE D 326 -28.12 -37.77 -12.10
C ILE D 326 -28.88 -38.73 -12.99
N GLN D 327 -29.00 -39.99 -12.55
CA GLN D 327 -29.70 -40.99 -13.33
C GLN D 327 -31.18 -40.62 -13.49
N ARG D 328 -31.78 -40.06 -12.44
CA ARG D 328 -33.18 -39.65 -12.54
C ARG D 328 -33.37 -38.58 -13.60
N LEU D 329 -32.49 -37.57 -13.59
CA LEU D 329 -32.57 -36.51 -14.60
C LEU D 329 -32.35 -37.06 -16.00
N ARG D 330 -31.39 -37.97 -16.16
CA ARG D 330 -31.13 -38.53 -17.48
C ARG D 330 -32.30 -39.36 -17.97
N CYS D 331 -32.89 -40.16 -17.09
CA CYS D 331 -34.07 -40.93 -17.46
C CYS D 331 -35.22 -40.00 -17.84
N GLU D 332 -35.41 -38.92 -17.09
CA GLU D 332 -36.51 -38.00 -17.39
C GLU D 332 -36.30 -37.33 -18.74
N LEU D 333 -35.07 -36.92 -19.04
CA LEU D 333 -34.80 -36.32 -20.34
C LEU D 333 -35.06 -37.33 -21.47
N ASP D 334 -34.58 -38.56 -21.30
CA ASP D 334 -34.80 -39.55 -22.33
C ASP D 334 -36.29 -39.81 -22.54
N ILE D 335 -37.06 -39.86 -21.45
CA ILE D 335 -38.50 -40.05 -21.56
C ILE D 335 -39.13 -38.89 -22.32
N MET D 336 -38.80 -37.66 -21.90
CA MET D 336 -39.38 -36.49 -22.54
C MET D 336 -39.06 -36.42 -24.01
N ASN D 337 -37.91 -36.97 -24.42
CA ASN D 337 -37.56 -36.91 -25.84
C ASN D 337 -38.16 -38.06 -26.64
N LYS D 338 -38.24 -39.25 -26.05
CA LYS D 338 -38.71 -40.41 -26.81
C LYS D 338 -40.23 -40.46 -26.86
N CYS D 339 -40.88 -40.51 -25.71
CA CYS D 339 -42.34 -40.64 -25.65
C CYS D 339 -42.97 -39.31 -26.04
N THR D 340 -43.36 -39.18 -27.31
CA THR D 340 -44.00 -37.99 -27.81
C THR D 340 -45.51 -38.14 -27.96
N SER D 341 -46.03 -39.36 -27.92
CA SER D 341 -47.46 -39.62 -28.06
C SER D 341 -48.03 -40.18 -26.78
N LEU D 342 -49.32 -39.92 -26.54
CA LEU D 342 -50.05 -40.43 -25.38
C LEU D 342 -51.29 -41.12 -25.90
N CYS D 343 -51.35 -42.44 -25.75
CA CYS D 343 -52.43 -43.26 -26.28
C CYS D 343 -53.32 -43.79 -25.15
N CYS D 344 -54.42 -44.39 -25.54
CA CYS D 344 -55.32 -45.03 -24.59
C CYS D 344 -54.69 -46.32 -24.07
N LYS D 345 -54.64 -46.47 -22.75
CA LYS D 345 -53.97 -47.64 -22.16
C LYS D 345 -54.72 -48.93 -22.46
N GLN D 346 -56.05 -48.89 -22.50
CA GLN D 346 -56.82 -50.07 -22.86
C GLN D 346 -56.65 -50.43 -24.34
N CYS D 347 -56.56 -49.42 -25.22
CA CYS D 347 -56.34 -49.64 -26.64
C CYS D 347 -54.88 -49.93 -26.95
N GLN D 348 -53.96 -49.18 -26.35
CA GLN D 348 -52.52 -49.27 -26.62
C GLN D 348 -52.18 -48.72 -27.99
N GLU D 349 -53.19 -48.62 -28.87
CA GLU D 349 -52.99 -48.10 -30.21
C GLU D 349 -53.80 -46.85 -30.52
N THR D 350 -54.85 -46.57 -29.75
CA THR D 350 -55.67 -45.39 -29.99
C THR D 350 -54.96 -44.16 -29.43
N GLU D 351 -54.48 -43.29 -30.31
CA GLU D 351 -53.74 -42.11 -29.88
C GLU D 351 -54.71 -41.07 -29.31
N ILE D 352 -54.38 -40.53 -28.14
CA ILE D 352 -55.21 -39.54 -27.46
C ILE D 352 -54.66 -38.13 -27.64
N THR D 353 -53.37 -37.93 -27.41
CA THR D 353 -52.78 -36.61 -27.54
C THR D 353 -51.27 -36.75 -27.77
N THR D 354 -50.59 -35.61 -27.83
CA THR D 354 -49.15 -35.58 -28.01
C THR D 354 -48.52 -34.59 -27.04
N LYS D 355 -47.21 -34.74 -26.84
CA LYS D 355 -46.51 -33.88 -25.89
C LYS D 355 -46.53 -32.42 -26.32
N ASN D 356 -46.80 -32.14 -27.60
CA ASN D 356 -46.85 -30.77 -28.07
C ASN D 356 -48.05 -30.02 -27.52
N GLU D 357 -49.10 -30.73 -27.11
CA GLU D 357 -50.29 -30.11 -26.54
C GLU D 357 -50.20 -29.97 -25.02
N ILE D 358 -49.27 -30.66 -24.38
CA ILE D 358 -49.14 -30.58 -22.93
C ILE D 358 -48.83 -29.14 -22.52
N PHE D 359 -49.55 -28.64 -21.52
CA PHE D 359 -49.29 -27.31 -20.99
C PHE D 359 -49.59 -27.30 -19.50
N SER D 360 -48.94 -26.39 -18.79
CA SER D 360 -49.04 -26.30 -17.34
C SER D 360 -50.14 -25.31 -16.97
N LEU D 361 -51.20 -25.81 -16.36
CA LEU D 361 -52.24 -24.93 -15.81
C LEU D 361 -52.08 -24.73 -14.31
N SER D 362 -51.07 -25.36 -13.70
CA SER D 362 -50.82 -25.24 -12.27
C SER D 362 -49.32 -25.00 -12.05
N LEU D 363 -49.00 -24.49 -10.86
CA LEU D 363 -47.61 -24.24 -10.52
C LEU D 363 -46.80 -25.53 -10.51
N CYS D 364 -47.41 -26.64 -10.08
CA CYS D 364 -46.69 -27.91 -10.00
C CYS D 364 -46.32 -28.49 -11.35
N GLY D 365 -46.88 -27.96 -12.43
CA GLY D 365 -46.59 -28.45 -13.75
C GLY D 365 -47.84 -28.76 -14.54
N PRO D 366 -47.71 -29.63 -15.54
CA PRO D 366 -48.89 -30.01 -16.34
C PRO D 366 -49.75 -31.07 -15.68
N MET D 367 -49.19 -31.88 -14.79
CA MET D 367 -49.91 -32.99 -14.20
C MET D 367 -49.86 -32.89 -12.68
N ALA D 368 -51.01 -33.06 -12.04
CA ALA D 368 -51.09 -32.98 -10.59
C ALA D 368 -52.18 -33.91 -10.08
N ALA D 369 -52.07 -34.29 -8.81
CA ALA D 369 -53.02 -35.20 -8.20
C ALA D 369 -54.19 -34.43 -7.61
N TYR D 370 -55.41 -34.89 -7.89
CA TYR D 370 -56.62 -34.32 -7.30
C TYR D 370 -57.50 -35.45 -6.78
N VAL D 371 -58.37 -35.12 -5.83
CA VAL D 371 -59.28 -36.08 -5.23
C VAL D 371 -60.70 -35.67 -5.58
N ASN D 372 -61.52 -36.64 -5.97
CA ASN D 372 -62.90 -36.39 -6.33
C ASN D 372 -63.80 -36.53 -5.11
N PRO D 373 -65.07 -36.19 -5.25
CA PRO D 373 -65.95 -36.17 -4.07
C PRO D 373 -65.99 -37.48 -3.32
N HIS D 374 -65.67 -38.60 -3.98
CA HIS D 374 -65.77 -39.91 -3.35
C HIS D 374 -64.42 -40.46 -2.93
N GLY D 375 -63.40 -39.61 -2.86
CA GLY D 375 -62.09 -40.04 -2.39
C GLY D 375 -61.20 -40.69 -3.43
N TYR D 376 -61.64 -40.77 -4.68
CA TYR D 376 -60.81 -41.32 -5.73
C TYR D 376 -59.77 -40.28 -6.17
N VAL D 377 -58.53 -40.72 -6.35
CA VAL D 377 -57.43 -39.82 -6.68
C VAL D 377 -57.06 -40.02 -8.14
N HIS D 378 -57.07 -38.93 -8.90
CA HIS D 378 -56.69 -38.92 -10.30
C HIS D 378 -55.52 -37.97 -10.51
N GLU D 379 -54.47 -38.46 -11.16
CA GLU D 379 -53.38 -37.59 -11.59
C GLU D 379 -53.77 -37.02 -12.95
N THR D 380 -54.24 -35.77 -12.95
CA THR D 380 -54.76 -35.12 -14.14
C THR D 380 -53.66 -34.32 -14.83
N LEU D 381 -53.50 -34.56 -16.13
CA LEU D 381 -52.60 -33.83 -17.00
C LEU D 381 -53.43 -32.94 -17.90
N THR D 382 -53.12 -31.65 -17.92
CA THR D 382 -53.86 -30.67 -18.72
C THR D 382 -53.20 -30.51 -20.08
N VAL D 383 -53.98 -30.70 -21.13
CA VAL D 383 -53.50 -30.54 -22.50
C VAL D 383 -54.47 -29.63 -23.26
N TYR D 384 -53.97 -29.06 -24.34
CA TYR D 384 -54.78 -28.15 -25.14
C TYR D 384 -55.79 -28.91 -26.00
N LYS D 385 -55.32 -29.88 -26.77
CA LYS D 385 -56.16 -30.60 -27.72
C LYS D 385 -56.04 -32.10 -27.49
N ALA D 386 -57.13 -32.80 -27.75
CA ALA D 386 -57.18 -34.25 -27.67
C ALA D 386 -58.16 -34.77 -28.72
N CYS D 387 -57.93 -36.01 -29.15
CA CYS D 387 -58.72 -36.62 -30.21
C CYS D 387 -59.17 -38.00 -29.78
N ASN D 388 -60.11 -38.56 -30.55
CA ASN D 388 -60.62 -39.91 -30.29
C ASN D 388 -61.32 -39.99 -28.94
N LEU D 389 -62.08 -38.94 -28.59
CA LEU D 389 -62.75 -38.87 -27.31
C LEU D 389 -64.23 -38.50 -27.52
N ASN D 390 -65.11 -39.23 -26.84
CA ASN D 390 -66.53 -38.94 -26.82
C ASN D 390 -66.91 -38.30 -25.49
N LEU D 391 -67.70 -37.23 -25.55
CA LEU D 391 -68.18 -36.55 -24.34
C LEU D 391 -69.49 -37.18 -23.87
N ILE D 392 -69.57 -37.47 -22.58
CA ILE D 392 -70.73 -38.12 -21.98
C ILE D 392 -71.43 -37.11 -21.07
N GLY D 393 -72.74 -36.94 -21.28
CA GLY D 393 -73.50 -35.99 -20.48
C GLY D 393 -73.23 -34.55 -20.88
N ARG D 394 -73.45 -33.66 -19.92
CA ARG D 394 -73.24 -32.24 -20.14
C ARG D 394 -72.32 -31.68 -19.05
N PRO D 395 -71.38 -30.80 -19.43
CA PRO D 395 -70.43 -30.27 -18.44
C PRO D 395 -71.10 -29.87 -17.13
N SER D 396 -70.31 -29.84 -16.06
CA SER D 396 -70.79 -29.42 -14.75
C SER D 396 -69.63 -28.78 -14.00
N THR D 397 -69.96 -27.86 -13.10
CA THR D 397 -68.97 -27.17 -12.28
C THR D 397 -68.90 -27.71 -10.86
N GLU D 398 -69.61 -28.79 -10.57
CA GLU D 398 -69.66 -29.32 -9.21
C GLU D 398 -68.33 -29.96 -8.85
N HIS D 399 -67.69 -29.46 -7.79
CA HIS D 399 -66.44 -30.03 -7.30
C HIS D 399 -65.32 -29.93 -8.34
N SER D 400 -65.34 -28.87 -9.14
CA SER D 400 -64.34 -28.72 -10.19
C SER D 400 -62.97 -28.49 -9.57
N TRP D 401 -61.97 -29.21 -10.10
CA TRP D 401 -60.61 -29.04 -9.62
C TRP D 401 -59.98 -27.76 -10.13
N PHE D 402 -60.53 -27.17 -11.19
CA PHE D 402 -60.04 -25.92 -11.77
C PHE D 402 -61.15 -24.89 -11.67
N PRO D 403 -61.18 -24.08 -10.61
CA PRO D 403 -62.27 -23.13 -10.42
C PRO D 403 -62.47 -22.27 -11.66
N GLY D 404 -63.70 -22.23 -12.15
CA GLY D 404 -64.06 -21.44 -13.31
C GLY D 404 -64.26 -22.24 -14.57
N TYR D 405 -63.92 -23.52 -14.55
CA TYR D 405 -64.14 -24.38 -15.70
C TYR D 405 -65.18 -25.44 -15.36
N ALA D 406 -65.85 -25.94 -16.38
CA ALA D 406 -66.83 -27.01 -16.23
C ALA D 406 -66.33 -28.27 -16.91
N TRP D 407 -66.48 -29.39 -16.22
CA TRP D 407 -65.93 -30.67 -16.65
C TRP D 407 -66.99 -31.54 -17.31
N THR D 408 -66.54 -32.35 -18.26
CA THR D 408 -67.40 -33.31 -18.96
C THR D 408 -66.63 -34.62 -19.08
N VAL D 409 -67.28 -35.73 -18.75
CA VAL D 409 -66.62 -37.03 -18.81
C VAL D 409 -66.25 -37.35 -20.25
N ALA D 410 -65.03 -37.83 -20.45
CA ALA D 410 -64.52 -38.15 -21.78
C ALA D 410 -64.14 -39.62 -21.83
N GLN D 411 -64.67 -40.34 -22.81
CA GLN D 411 -64.42 -41.75 -23.02
C GLN D 411 -63.66 -41.97 -24.33
N CYS D 412 -62.95 -43.08 -24.40
CA CYS D 412 -62.31 -43.46 -25.65
C CYS D 412 -63.36 -43.83 -26.68
N LYS D 413 -63.15 -43.38 -27.92
CA LYS D 413 -64.10 -43.69 -28.99
C LYS D 413 -64.16 -45.19 -29.29
N ILE D 414 -63.10 -45.93 -28.97
CA ILE D 414 -63.04 -47.34 -29.33
C ILE D 414 -63.55 -48.20 -28.19
N CYS D 415 -62.91 -48.12 -27.04
CA CYS D 415 -63.21 -49.00 -25.90
C CYS D 415 -64.12 -48.36 -24.87
N ALA D 416 -64.45 -47.08 -25.02
CA ALA D 416 -65.33 -46.35 -24.11
C ALA D 416 -64.72 -46.18 -22.72
N SER D 417 -63.44 -46.49 -22.55
CA SER D 417 -62.80 -46.33 -21.25
C SER D 417 -62.61 -44.86 -20.93
N HIS D 418 -62.95 -44.50 -19.70
CA HIS D 418 -62.80 -43.12 -19.25
C HIS D 418 -61.34 -42.69 -19.36
N ILE D 419 -61.08 -41.64 -20.13
CA ILE D 419 -59.73 -41.12 -20.34
C ILE D 419 -59.52 -39.88 -19.49
N GLY D 420 -60.60 -39.12 -19.27
CA GLY D 420 -60.53 -37.93 -18.45
C GLY D 420 -61.77 -37.05 -18.54
N TRP D 421 -61.55 -35.74 -18.61
CA TRP D 421 -62.64 -34.79 -18.73
C TRP D 421 -62.24 -33.66 -19.68
N LYS D 422 -63.24 -32.97 -20.22
CA LYS D 422 -63.04 -31.78 -21.02
C LYS D 422 -63.51 -30.58 -20.21
N PHE D 423 -62.59 -29.68 -19.91
CA PHE D 423 -62.89 -28.49 -19.12
C PHE D 423 -63.20 -27.33 -20.06
N THR D 424 -64.39 -26.76 -19.90
CA THR D 424 -64.86 -25.63 -20.69
C THR D 424 -65.10 -24.44 -19.76
N ALA D 425 -64.54 -23.29 -20.11
CA ALA D 425 -64.66 -22.11 -19.27
C ALA D 425 -66.12 -21.71 -19.10
N THR D 426 -66.41 -20.99 -18.01
CA THR D 426 -67.75 -20.49 -17.75
C THR D 426 -67.94 -19.02 -18.10
N LYS D 427 -66.86 -18.26 -18.21
CA LYS D 427 -66.90 -16.86 -18.61
C LYS D 427 -66.17 -16.67 -19.94
N LYS D 428 -66.73 -15.82 -20.80
CA LYS D 428 -66.14 -15.63 -22.13
C LYS D 428 -64.74 -15.04 -22.06
N ASP D 429 -64.41 -14.36 -20.96
CA ASP D 429 -63.12 -13.68 -20.82
C ASP D 429 -61.99 -14.61 -20.41
N MET D 430 -62.29 -15.84 -19.99
CA MET D 430 -61.24 -16.75 -19.56
C MET D 430 -60.46 -17.26 -20.75
N SER D 431 -59.19 -17.60 -20.50
CA SER D 431 -58.31 -18.15 -21.50
C SER D 431 -57.38 -19.11 -20.76
N PRO D 432 -57.21 -20.34 -21.26
CA PRO D 432 -57.81 -20.89 -22.49
C PRO D 432 -59.30 -21.12 -22.33
N GLN D 433 -60.04 -21.14 -23.44
CA GLN D 433 -61.48 -21.34 -23.36
C GLN D 433 -61.85 -22.80 -23.09
N LYS D 434 -61.01 -23.74 -23.50
CA LYS D 434 -61.30 -25.15 -23.31
C LYS D 434 -59.99 -25.95 -23.34
N PHE D 435 -59.91 -26.97 -22.51
CA PHE D 435 -58.77 -27.88 -22.50
C PHE D 435 -59.24 -29.24 -22.03
N TRP D 436 -58.29 -30.18 -21.90
CA TRP D 436 -58.61 -31.54 -21.50
C TRP D 436 -57.77 -31.93 -20.30
N GLY D 437 -58.42 -32.55 -19.32
CA GLY D 437 -57.70 -33.12 -18.19
C GLY D 437 -57.75 -34.63 -18.23
N LEU D 438 -56.63 -35.26 -18.58
CA LEU D 438 -56.58 -36.71 -18.74
C LEU D 438 -55.99 -37.36 -17.49
N THR D 439 -56.58 -38.48 -17.08
CA THR D 439 -56.07 -39.19 -15.91
C THR D 439 -54.91 -40.08 -16.33
N ARG D 440 -53.80 -39.99 -15.59
CA ARG D 440 -52.60 -40.72 -15.97
C ARG D 440 -52.84 -42.22 -16.00
N SER D 441 -53.77 -42.72 -15.18
CA SER D 441 -54.01 -44.16 -15.14
C SER D 441 -54.53 -44.71 -16.45
N ALA D 442 -55.13 -43.87 -17.29
CA ALA D 442 -55.72 -44.32 -18.54
C ALA D 442 -54.85 -44.06 -19.75
N LEU D 443 -53.69 -43.43 -19.57
CA LEU D 443 -52.82 -43.09 -20.68
C LEU D 443 -51.63 -44.02 -20.76
N LEU D 444 -51.03 -44.06 -21.94
CA LEU D 444 -49.84 -44.86 -22.20
C LEU D 444 -48.85 -44.04 -23.01
N PRO D 445 -47.61 -43.87 -22.53
CA PRO D 445 -46.60 -43.18 -23.34
C PRO D 445 -46.22 -44.02 -24.55
N THR D 446 -45.97 -43.36 -25.66
CA THR D 446 -45.72 -44.05 -26.92
C THR D 446 -44.74 -43.24 -27.76
N ILE D 447 -43.87 -43.94 -28.48
CA ILE D 447 -42.97 -43.31 -29.43
C ILE D 447 -43.73 -43.10 -30.73
N PRO D 448 -43.41 -42.07 -31.52
CA PRO D 448 -44.11 -41.85 -32.78
C PRO D 448 -43.60 -42.77 -33.87
N ASP D 449 -44.52 -43.21 -34.73
CA ASP D 449 -44.13 -44.01 -35.89
C ASP D 449 -43.27 -43.18 -36.82
N THR D 450 -42.14 -43.76 -37.25
CA THR D 450 -41.17 -43.01 -38.02
C THR D 450 -41.76 -42.52 -39.34
N GLU D 451 -41.32 -41.33 -39.77
CA GLU D 451 -41.78 -40.80 -41.05
C GLU D 451 -41.36 -41.70 -42.21
N ASP D 452 -40.16 -42.27 -42.13
CA ASP D 452 -39.67 -43.23 -43.12
C ASP D 452 -39.80 -44.62 -42.51
N GLU D 453 -40.71 -45.41 -43.07
CA GLU D 453 -40.97 -46.73 -42.51
C GLU D 453 -39.75 -47.64 -42.65
N ILE D 454 -38.87 -47.33 -43.60
CA ILE D 454 -37.71 -48.17 -43.83
C ILE D 454 -36.70 -48.06 -42.70
N SER D 455 -36.75 -46.98 -41.92
CA SER D 455 -35.79 -46.73 -40.85
C SER D 455 -36.48 -46.80 -39.50
N PRO D 456 -36.52 -47.97 -38.85
CA PRO D 456 -37.11 -48.04 -37.51
C PRO D 456 -36.07 -48.34 -36.44
N ASP D 457 -35.15 -47.41 -36.21
CA ASP D 457 -34.12 -47.62 -35.21
C ASP D 457 -34.73 -47.90 -33.84
N LYS D 458 -34.05 -48.72 -33.06
CA LYS D 458 -34.55 -49.09 -31.75
C LYS D 458 -34.76 -47.86 -30.88
N VAL D 459 -35.87 -47.85 -30.14
CA VAL D 459 -36.18 -46.77 -29.22
C VAL D 459 -36.41 -47.35 -27.83
N ILE D 460 -35.45 -48.14 -27.35
CA ILE D 460 -35.57 -48.76 -26.04
C ILE D 460 -35.50 -47.69 -24.94
N LEU D 461 -35.92 -48.08 -23.74
CA LEU D 461 -35.82 -47.20 -22.58
C LEU D 461 -34.34 -47.00 -22.23
N CYS D 462 -33.91 -45.74 -22.19
CA CYS D 462 -32.52 -45.39 -21.90
C CYS D 462 -32.43 -44.51 -20.66
N LEU D 463 -31.40 -44.74 -19.86
CA LEU D 463 -31.17 -43.92 -18.67
C LEU D 463 -29.67 -43.86 -18.38
N ARG E 28 27.09 49.77 -38.03
CA ARG E 28 27.79 50.80 -38.78
C ARG E 28 29.14 51.12 -38.14
N MET E 29 30.22 50.62 -38.73
CA MET E 29 31.55 50.77 -38.19
C MET E 29 32.49 51.34 -39.25
N SER E 30 33.50 52.08 -38.80
CA SER E 30 34.41 52.80 -39.69
C SER E 30 35.78 52.13 -39.74
N TYR E 31 36.52 52.12 -38.63
CA TYR E 31 37.85 51.55 -38.60
C TYR E 31 38.80 52.33 -39.49
N ASN E 32 39.52 53.30 -38.92
CA ASN E 32 40.46 54.10 -39.68
C ASN E 32 41.66 54.47 -38.81
N TYR E 33 42.73 54.89 -39.48
CA TYR E 33 43.99 55.21 -38.84
C TYR E 33 44.56 56.47 -39.49
N VAL E 34 45.02 57.40 -38.67
CA VAL E 34 45.51 58.69 -39.15
C VAL E 34 46.83 58.98 -38.47
N VAL E 35 47.83 59.43 -39.26
CA VAL E 35 49.17 59.68 -38.76
C VAL E 35 49.73 60.94 -39.40
N THR E 36 50.61 61.62 -38.67
CA THR E 36 51.23 62.85 -39.16
C THR E 36 52.50 62.50 -39.91
N ALA E 37 52.55 62.85 -41.20
CA ALA E 37 53.76 62.65 -41.98
C ALA E 37 54.72 63.82 -41.87
N GLN E 38 54.18 65.03 -41.78
CA GLN E 38 54.97 66.25 -41.62
C GLN E 38 54.34 67.10 -40.53
N LYS E 39 55.12 67.47 -39.53
CA LYS E 39 54.62 68.29 -38.44
C LYS E 39 54.24 69.68 -38.95
N PRO E 40 53.39 70.39 -38.21
CA PRO E 40 53.03 71.75 -38.61
C PRO E 40 54.24 72.66 -38.64
N THR E 41 54.51 73.25 -39.80
CA THR E 41 55.69 74.07 -40.01
C THR E 41 55.44 75.57 -39.82
N ALA E 42 54.18 76.00 -39.77
CA ALA E 42 53.88 77.42 -39.62
C ALA E 42 54.09 77.87 -38.19
N VAL E 43 54.76 79.00 -38.01
CA VAL E 43 55.03 79.55 -36.69
C VAL E 43 53.92 80.53 -36.35
N ASN E 44 53.17 80.23 -35.29
CA ASN E 44 52.13 81.14 -34.82
C ASN E 44 52.51 81.86 -33.53
N GLY E 45 53.59 81.44 -32.86
CA GLY E 45 54.04 82.15 -31.68
C GLY E 45 55.54 82.11 -31.51
N CYS E 46 56.05 83.11 -30.78
CA CYS E 46 57.46 83.16 -30.47
C CYS E 46 57.68 84.15 -29.32
N VAL E 47 58.49 83.73 -28.35
CA VAL E 47 58.81 84.57 -27.20
C VAL E 47 60.24 84.30 -26.77
N THR E 48 60.91 85.33 -26.27
CA THR E 48 62.26 85.20 -25.74
C THR E 48 62.25 85.36 -24.23
N GLY E 49 63.20 84.68 -23.57
CA GLY E 49 63.30 84.77 -22.13
C GLY E 49 64.44 83.95 -21.56
N HIS E 50 64.31 83.52 -20.31
CA HIS E 50 65.29 82.67 -19.63
C HIS E 50 64.53 81.46 -19.09
N PHE E 51 64.19 80.54 -19.98
CA PHE E 51 63.36 79.40 -19.62
C PHE E 51 64.17 78.21 -19.14
N THR E 52 65.29 77.90 -19.79
CA THR E 52 66.11 76.78 -19.36
C THR E 52 66.87 77.12 -18.08
N SER E 53 67.77 78.09 -18.15
CA SER E 53 68.49 78.57 -16.98
C SER E 53 68.50 80.09 -16.99
N ALA E 54 68.69 80.67 -15.80
CA ALA E 54 68.68 82.12 -15.67
C ALA E 54 69.83 82.79 -16.43
N GLU E 55 70.88 82.04 -16.78
CA GLU E 55 72.03 82.64 -17.45
C GLU E 55 71.79 82.82 -18.94
N ASP E 56 71.70 81.71 -19.67
CA ASP E 56 71.61 81.76 -21.12
C ASP E 56 70.24 82.25 -21.58
N LEU E 57 70.21 82.79 -22.79
CA LEU E 57 68.98 83.30 -23.39
C LEU E 57 68.29 82.21 -24.20
N ASN E 58 66.96 82.18 -24.13
CA ASN E 58 66.15 81.14 -24.75
C ASN E 58 65.12 81.75 -25.69
N LEU E 59 64.88 81.06 -26.80
CA LEU E 59 63.84 81.41 -27.75
C LEU E 59 62.85 80.24 -27.84
N LEU E 60 61.59 80.50 -27.51
CA LEU E 60 60.53 79.52 -27.59
C LEU E 60 59.66 79.84 -28.80
N ILE E 61 59.41 78.82 -29.62
CA ILE E 61 58.61 78.95 -30.83
C ILE E 61 57.43 78.00 -30.73
N ALA E 62 56.25 78.46 -31.15
CA ALA E 62 55.02 77.69 -31.06
C ALA E 62 54.47 77.51 -32.47
N LYS E 63 54.50 76.27 -32.95
CA LYS E 63 53.95 75.87 -34.25
C LYS E 63 52.73 74.99 -33.96
N ASN E 64 51.60 75.66 -33.71
CA ASN E 64 50.34 74.99 -33.46
C ASN E 64 50.42 74.06 -32.25
N THR E 65 50.61 72.77 -32.49
CA THR E 65 50.67 71.79 -31.43
C THR E 65 52.08 71.49 -30.96
N ARG E 66 53.10 72.05 -31.61
CA ARG E 66 54.49 71.77 -31.28
C ARG E 66 55.15 73.00 -30.65
N LEU E 67 56.09 72.72 -29.73
CA LEU E 67 56.81 73.77 -29.02
C LEU E 67 58.31 73.48 -29.13
N GLU E 68 59.05 74.45 -29.67
CA GLU E 68 60.50 74.34 -29.83
C GLU E 68 61.20 75.30 -28.90
N ILE E 69 62.34 74.86 -28.35
CA ILE E 69 63.08 75.60 -27.34
C ILE E 69 64.54 75.62 -27.80
N TYR E 70 65.03 76.80 -28.17
CA TYR E 70 66.40 77.02 -28.62
C TYR E 70 67.12 77.91 -27.62
N VAL E 71 68.46 77.83 -27.65
CA VAL E 71 69.33 78.72 -26.90
C VAL E 71 69.97 79.70 -27.88
N VAL E 72 69.88 80.99 -27.57
CA VAL E 72 70.42 82.03 -28.44
C VAL E 72 71.93 82.08 -28.27
N THR E 73 72.66 81.77 -29.34
CA THR E 73 74.11 81.82 -29.36
C THR E 73 74.59 82.98 -30.22
N ALA E 74 75.90 83.19 -30.24
CA ALA E 74 76.47 84.24 -31.07
C ALA E 74 76.41 83.87 -32.54
N GLU E 75 76.47 82.58 -32.86
CA GLU E 75 76.39 82.14 -34.25
C GLU E 75 74.95 82.18 -34.75
N GLY E 76 74.05 81.50 -34.04
CA GLY E 76 72.65 81.47 -34.43
C GLY E 76 71.74 80.93 -33.34
N LEU E 77 70.99 79.87 -33.65
CA LEU E 77 70.10 79.23 -32.69
C LEU E 77 70.56 77.79 -32.49
N ARG E 78 70.69 77.39 -31.22
CA ARG E 78 71.08 76.03 -30.87
C ARG E 78 69.85 75.27 -30.38
N PRO E 79 69.37 74.27 -31.11
CA PRO E 79 68.17 73.54 -30.68
C PRO E 79 68.43 72.82 -29.37
N VAL E 80 67.50 72.99 -28.44
CA VAL E 80 67.63 72.43 -27.09
C VAL E 80 66.57 71.37 -26.82
N LYS E 81 65.29 71.70 -27.02
CA LYS E 81 64.24 70.74 -26.69
C LYS E 81 63.00 70.99 -27.52
N GLU E 82 62.41 69.91 -28.05
CA GLU E 82 61.19 70.00 -28.83
C GLU E 82 60.15 69.07 -28.22
N VAL E 83 58.95 69.61 -27.95
CA VAL E 83 57.88 68.84 -27.32
C VAL E 83 56.59 69.03 -28.10
N GLY E 84 55.67 68.12 -27.86
CA GLY E 84 54.35 68.18 -28.49
C GLY E 84 53.25 68.13 -27.43
N MET E 85 52.26 69.00 -27.60
CA MET E 85 51.17 69.13 -26.65
C MET E 85 49.87 68.59 -27.25
N TYR E 86 48.96 68.18 -26.38
CA TYR E 86 47.64 67.72 -26.78
C TYR E 86 46.66 68.89 -26.85
N GLY E 87 47.00 69.85 -27.69
CA GLY E 87 46.17 71.03 -27.86
C GLY E 87 46.79 72.11 -28.72
N LYS E 88 45.96 72.96 -29.31
CA LYS E 88 46.44 74.06 -30.14
C LYS E 88 46.85 75.21 -29.23
N ILE E 89 48.13 75.57 -29.29
CA ILE E 89 48.69 76.60 -28.42
C ILE E 89 48.15 77.96 -28.84
N ALA E 90 47.26 78.53 -28.03
CA ALA E 90 46.72 79.87 -28.28
C ALA E 90 47.54 80.94 -27.57
N VAL E 91 47.87 80.72 -26.31
CA VAL E 91 48.63 81.67 -25.50
C VAL E 91 49.94 81.02 -25.05
N MET E 92 51.02 81.79 -25.09
CA MET E 92 52.33 81.30 -24.68
C MET E 92 53.16 82.49 -24.21
N GLU E 93 53.36 82.61 -22.91
CA GLU E 93 54.11 83.72 -22.34
C GLU E 93 55.00 83.21 -21.21
N LEU E 94 56.19 83.81 -21.08
CA LEU E 94 57.12 83.50 -20.01
C LEU E 94 56.97 84.53 -18.89
N PHE E 95 57.30 84.10 -17.67
CA PHE E 95 57.17 84.95 -16.50
C PHE E 95 57.97 84.35 -15.35
N ARG E 96 58.58 85.21 -14.55
CA ARG E 96 59.37 84.79 -13.39
C ARG E 96 58.72 85.33 -12.11
N PRO E 97 58.02 84.49 -11.35
CA PRO E 97 57.37 84.97 -10.13
C PRO E 97 58.36 85.39 -9.06
N LYS E 98 57.83 85.92 -7.95
CA LYS E 98 58.68 86.31 -6.84
C LYS E 98 59.28 85.07 -6.18
N GLY E 99 60.60 84.98 -6.16
CA GLY E 99 61.27 83.87 -5.53
C GLY E 99 61.39 82.64 -6.40
N GLU E 100 61.87 82.84 -7.63
CA GLU E 100 62.08 81.75 -8.57
C GLU E 100 63.42 81.94 -9.26
N SER E 101 64.09 80.82 -9.54
CA SER E 101 65.41 80.88 -10.17
C SER E 101 65.31 81.34 -11.63
N LYS E 102 64.54 80.61 -12.42
CA LYS E 102 64.38 80.90 -13.85
C LYS E 102 62.91 81.13 -14.15
N ASP E 103 62.62 81.38 -15.43
CA ASP E 103 61.29 81.73 -15.87
C ASP E 103 60.41 80.49 -16.01
N LEU E 104 59.13 80.65 -15.72
CA LEU E 104 58.11 79.65 -15.98
C LEU E 104 57.36 79.99 -17.27
N LEU E 105 56.74 78.98 -17.87
CA LEU E 105 56.06 79.15 -19.15
C LEU E 105 54.57 78.91 -18.98
N PHE E 106 53.77 79.94 -19.23
CA PHE E 106 52.31 79.81 -19.22
C PHE E 106 51.83 79.53 -20.63
N ILE E 107 50.98 78.51 -20.77
CA ILE E 107 50.45 78.11 -22.07
C ILE E 107 48.97 77.81 -21.93
N LEU E 108 48.17 78.45 -22.78
CA LEU E 108 46.73 78.17 -22.89
C LEU E 108 46.47 77.54 -24.25
N THR E 109 45.58 76.57 -24.30
CA THR E 109 45.25 75.87 -25.53
C THR E 109 43.93 76.39 -26.10
N ALA E 110 43.62 75.92 -27.31
CA ALA E 110 42.39 76.32 -27.96
C ALA E 110 41.18 75.82 -27.19
N LYS E 111 41.28 74.64 -26.58
CA LYS E 111 40.22 74.08 -25.77
C LYS E 111 40.22 74.61 -24.34
N TYR E 112 40.93 75.71 -24.09
CA TYR E 112 40.91 76.37 -22.78
C TYR E 112 41.60 75.52 -21.71
N ASN E 113 42.68 74.84 -22.09
CA ASN E 113 43.54 74.15 -21.14
C ASN E 113 44.71 75.08 -20.81
N ALA E 114 44.73 75.62 -19.60
CA ALA E 114 45.81 76.48 -19.14
C ALA E 114 46.78 75.69 -18.29
N CYS E 115 48.06 76.05 -18.37
CA CYS E 115 49.07 75.32 -17.62
C CYS E 115 50.29 76.21 -17.43
N ILE E 116 50.98 75.99 -16.30
CA ILE E 116 52.29 76.58 -16.02
C ILE E 116 53.30 75.45 -16.00
N LEU E 117 54.26 75.51 -16.91
CA LEU E 117 55.31 74.51 -17.08
C LEU E 117 56.65 75.09 -16.67
N GLU E 118 57.56 74.18 -16.32
CA GLU E 118 58.90 74.53 -15.89
C GLU E 118 59.92 73.62 -16.59
N TYR E 119 61.06 74.19 -16.93
CA TYR E 119 62.13 73.45 -17.60
C TYR E 119 63.04 72.83 -16.53
N LYS E 120 63.14 71.51 -16.54
CA LYS E 120 63.98 70.78 -15.59
C LYS E 120 64.84 69.78 -16.34
N GLN E 121 66.15 69.84 -16.09
CA GLN E 121 67.12 68.96 -16.72
C GLN E 121 67.98 68.31 -15.64
N SER E 122 68.12 66.99 -15.71
CA SER E 122 68.91 66.22 -14.75
C SER E 122 70.04 65.53 -15.53
N GLY E 123 71.21 66.15 -15.54
CA GLY E 123 72.36 65.61 -16.24
C GLY E 123 72.19 65.63 -17.75
N GLU E 124 71.44 64.67 -18.28
CA GLU E 124 71.22 64.60 -19.72
C GLU E 124 69.81 64.12 -20.08
N SER E 125 68.85 64.26 -19.15
CA SER E 125 67.46 63.89 -19.39
C SER E 125 66.61 65.15 -19.24
N ILE E 126 66.11 65.67 -20.36
CA ILE E 126 65.32 66.90 -20.38
C ILE E 126 63.85 66.55 -20.25
N ASP E 127 63.14 67.30 -19.41
CA ASP E 127 61.72 67.06 -19.17
C ASP E 127 61.04 68.39 -18.85
N ILE E 128 59.89 68.63 -19.47
CA ILE E 128 59.11 69.83 -19.24
C ILE E 128 58.02 69.45 -18.24
N ILE E 129 58.32 69.57 -16.96
CA ILE E 129 57.39 69.17 -15.91
C ILE E 129 56.27 70.20 -15.78
N THR E 130 55.09 69.72 -15.41
CA THR E 130 53.90 70.57 -15.30
C THR E 130 53.77 71.04 -13.86
N ARG E 131 54.11 72.31 -13.63
CA ARG E 131 53.95 72.89 -12.30
C ARG E 131 52.47 73.01 -11.94
N ALA E 132 51.65 73.49 -12.86
CA ALA E 132 50.22 73.64 -12.60
C ALA E 132 49.45 73.46 -13.90
N HIS E 133 48.17 73.12 -13.76
CA HIS E 133 47.33 72.92 -14.94
C HIS E 133 45.87 72.99 -14.54
N GLY E 134 45.01 73.21 -15.53
CA GLY E 134 43.58 73.23 -15.33
C GLY E 134 42.81 73.77 -16.52
N ASN E 135 41.54 73.40 -16.67
CA ASN E 135 40.71 73.89 -17.76
C ASN E 135 39.95 75.13 -17.30
N VAL E 136 40.03 76.20 -18.09
CA VAL E 136 39.48 77.49 -17.69
C VAL E 136 38.28 77.86 -18.55
N GLN E 137 37.60 76.86 -19.09
CA GLN E 137 36.43 77.13 -19.94
C GLN E 137 35.21 77.42 -19.08
N ASP E 138 34.31 78.25 -19.61
CA ASP E 138 33.08 78.64 -18.93
C ASP E 138 31.90 78.11 -19.72
N ARG E 139 31.10 77.26 -19.09
CA ARG E 139 29.92 76.67 -19.72
C ARG E 139 28.83 77.73 -19.80
N ILE E 140 28.86 78.50 -20.90
CA ILE E 140 28.03 79.65 -21.23
C ILE E 140 28.96 80.86 -21.32
N GLY E 141 28.87 81.60 -22.41
CA GLY E 141 29.75 82.72 -22.66
C GLY E 141 30.12 82.86 -24.12
N ARG E 142 29.84 84.02 -24.70
CA ARG E 142 30.06 84.23 -26.13
C ARG E 142 31.55 84.51 -26.38
N PRO E 143 32.25 83.66 -27.12
CA PRO E 143 33.65 83.95 -27.43
C PRO E 143 33.80 85.31 -28.12
N SER E 144 34.85 86.02 -27.74
CA SER E 144 35.05 87.39 -28.22
C SER E 144 35.39 87.40 -29.71
N GLU E 145 35.33 88.60 -30.29
CA GLU E 145 35.64 88.77 -31.71
C GLU E 145 37.15 88.80 -31.96
N THR E 146 37.94 89.30 -31.01
CA THR E 146 39.39 89.32 -31.13
C THR E 146 40.04 88.02 -30.67
N GLY E 147 39.24 86.99 -30.37
CA GLY E 147 39.77 85.71 -29.94
C GLY E 147 40.24 85.73 -28.49
N ILE E 148 41.05 84.73 -28.16
CA ILE E 148 41.60 84.60 -26.82
C ILE E 148 42.72 85.61 -26.64
N ILE E 149 42.72 86.31 -25.50
CA ILE E 149 43.77 87.27 -25.17
C ILE E 149 44.30 86.92 -23.78
N GLY E 150 45.55 86.49 -23.70
CA GLY E 150 46.15 86.16 -22.42
C GLY E 150 47.33 87.05 -22.07
N ILE E 151 47.26 87.72 -20.92
CA ILE E 151 48.34 88.58 -20.45
C ILE E 151 48.67 88.23 -19.01
N ILE E 152 49.86 88.66 -18.58
CA ILE E 152 50.33 88.40 -17.23
C ILE E 152 50.80 89.73 -16.64
N ASP E 153 50.58 89.89 -15.34
CA ASP E 153 51.03 91.10 -14.66
C ASP E 153 52.55 91.18 -14.68
N PRO E 154 53.14 92.36 -14.87
CA PRO E 154 54.61 92.44 -14.90
C PRO E 154 55.27 91.90 -13.66
N GLU E 155 54.66 92.09 -12.49
CA GLU E 155 55.19 91.58 -11.24
C GLU E 155 54.55 90.26 -10.82
N CYS E 156 53.91 89.56 -11.76
CA CYS E 156 53.39 88.21 -11.52
C CYS E 156 52.33 88.20 -10.43
N ARG E 157 51.46 89.21 -10.43
CA ARG E 157 50.35 89.24 -9.47
C ARG E 157 49.27 88.25 -9.87
N MET E 158 49.00 88.11 -11.16
CA MET E 158 47.91 87.27 -11.66
C MET E 158 48.08 87.07 -13.15
N ILE E 159 47.22 86.22 -13.70
CA ILE E 159 47.11 86.00 -15.14
C ILE E 159 45.72 86.43 -15.56
N GLY E 160 45.64 87.35 -16.52
CA GLY E 160 44.41 87.91 -16.96
C GLY E 160 44.06 87.36 -18.34
N LEU E 161 42.92 86.70 -18.42
CA LEU E 161 42.45 86.09 -19.66
C LEU E 161 41.16 86.77 -20.10
N ARG E 162 41.08 87.07 -21.39
CA ARG E 162 39.88 87.58 -22.03
C ARG E 162 39.47 86.55 -23.07
N LEU E 163 38.46 85.75 -22.72
CA LEU E 163 37.95 84.67 -23.56
C LEU E 163 36.55 84.95 -24.10
N TYR E 164 35.69 85.55 -23.28
CA TYR E 164 34.31 85.82 -23.67
C TYR E 164 34.00 87.29 -23.45
N ASP E 165 33.17 87.84 -24.33
CA ASP E 165 32.80 89.25 -24.24
C ASP E 165 32.09 89.53 -22.93
N GLY E 166 32.46 90.65 -22.29
CA GLY E 166 31.82 91.07 -21.08
C GLY E 166 32.33 90.42 -19.81
N LEU E 167 33.35 89.57 -19.89
CA LEU E 167 33.91 88.92 -18.72
C LEU E 167 35.43 88.99 -18.80
N PHE E 168 36.07 89.14 -17.64
CA PHE E 168 37.53 89.13 -17.56
C PHE E 168 37.94 88.10 -16.52
N LYS E 169 38.50 86.98 -16.97
CA LYS E 169 38.88 85.92 -16.05
C LYS E 169 40.25 86.22 -15.45
N VAL E 170 40.40 85.93 -14.15
CA VAL E 170 41.61 86.22 -13.41
C VAL E 170 42.04 84.95 -12.67
N ILE E 171 43.29 84.56 -12.88
CA ILE E 171 43.91 83.44 -12.18
C ILE E 171 44.96 84.02 -11.24
N PRO E 172 44.73 84.01 -9.92
CA PRO E 172 45.72 84.58 -9.00
C PRO E 172 46.98 83.72 -8.92
N LEU E 173 48.14 84.38 -8.95
CA LEU E 173 49.43 83.69 -8.90
C LEU E 173 49.84 83.50 -7.45
N ASP E 174 49.26 82.46 -6.84
CA ASP E 174 49.59 82.06 -5.48
C ASP E 174 50.19 80.66 -5.49
N ARG E 175 51.11 80.41 -4.55
CA ARG E 175 51.74 79.10 -4.48
C ARG E 175 50.72 78.01 -4.17
N ASP E 176 49.61 78.37 -3.52
CA ASP E 176 48.57 77.39 -3.23
C ASP E 176 47.78 77.02 -4.48
N ASN E 177 47.61 77.97 -5.41
CA ASN E 177 46.80 77.74 -6.60
C ASN E 177 47.49 76.76 -7.54
N LYS E 178 47.21 75.47 -7.39
CA LYS E 178 47.76 74.44 -8.26
C LYS E 178 46.80 74.01 -9.35
N GLU E 179 45.48 74.02 -9.09
CA GLU E 179 44.49 73.68 -10.09
C GLU E 179 44.12 74.86 -10.99
N LEU E 180 44.70 76.04 -10.75
CA LEU E 180 44.42 77.24 -11.54
C LEU E 180 42.97 77.69 -11.37
N LYS E 181 42.52 77.71 -10.12
CA LYS E 181 41.19 78.24 -9.82
C LYS E 181 41.15 79.73 -10.11
N ALA E 182 40.25 80.15 -10.97
CA ALA E 182 40.14 81.53 -11.39
C ALA E 182 38.72 82.04 -11.14
N PHE E 183 38.57 83.36 -11.24
CA PHE E 183 37.28 84.01 -11.05
C PHE E 183 37.07 85.07 -12.11
N ASN E 184 35.82 85.22 -12.55
CA ASN E 184 35.50 86.20 -13.58
C ASN E 184 35.13 87.54 -12.95
N ILE E 185 35.43 88.62 -13.68
CA ILE E 185 35.08 89.97 -13.27
C ILE E 185 34.18 90.57 -14.33
N ARG E 186 33.11 91.23 -13.89
CA ARG E 186 32.15 91.85 -14.78
C ARG E 186 32.80 92.99 -15.55
N LEU E 187 32.66 92.98 -16.87
CA LEU E 187 33.27 93.97 -17.76
C LEU E 187 32.18 94.68 -18.53
N GLU E 188 31.95 95.97 -18.22
CA GLU E 188 30.90 96.72 -18.88
C GLU E 188 31.22 96.95 -20.35
N GLU E 189 32.49 97.01 -20.72
CA GLU E 189 32.89 97.16 -22.12
C GLU E 189 32.86 95.79 -22.79
N LEU E 190 31.86 95.57 -23.64
CA LEU E 190 31.71 94.28 -24.30
C LEU E 190 32.74 94.08 -25.40
N HIS E 191 32.94 95.09 -26.25
CA HIS E 191 33.76 94.95 -27.44
C HIS E 191 35.16 95.49 -27.13
N VAL E 192 35.97 94.64 -26.51
CA VAL E 192 37.37 94.96 -26.20
C VAL E 192 38.24 94.42 -27.32
N ILE E 193 39.12 95.27 -27.85
CA ILE E 193 39.96 94.94 -28.99
C ILE E 193 41.28 94.35 -28.51
N ASP E 194 42.04 95.14 -27.74
CA ASP E 194 43.31 94.70 -27.19
C ASP E 194 43.41 95.16 -25.75
N VAL E 195 44.17 94.41 -24.95
CA VAL E 195 44.35 94.70 -23.53
C VAL E 195 45.73 94.26 -23.11
N LYS E 196 46.34 95.04 -22.21
CA LYS E 196 47.68 94.75 -21.69
C LYS E 196 47.72 95.09 -20.21
N PHE E 197 48.76 94.60 -19.54
CA PHE E 197 49.05 94.96 -18.16
C PHE E 197 50.11 96.06 -18.14
N LEU E 198 49.80 97.16 -17.44
CA LEU E 198 50.70 98.30 -17.41
C LEU E 198 51.86 98.06 -16.45
N TYR E 199 52.95 98.79 -16.69
CA TYR E 199 54.13 98.75 -15.84
C TYR E 199 54.11 99.92 -14.86
N GLY E 200 54.82 99.73 -13.75
CA GLY E 200 54.97 100.78 -12.76
C GLY E 200 53.67 101.26 -12.16
N CYS E 201 52.85 100.34 -11.67
CA CYS E 201 51.61 100.67 -11.00
C CYS E 201 51.60 100.08 -9.59
N GLN E 202 50.99 100.80 -8.66
CA GLN E 202 50.88 100.30 -7.29
C GLN E 202 50.07 99.01 -7.25
N ALA E 203 48.89 99.02 -7.86
CA ALA E 203 48.05 97.85 -7.98
C ALA E 203 48.01 97.35 -9.43
N PRO E 204 47.75 96.07 -9.65
CA PRO E 204 47.70 95.54 -11.02
C PRO E 204 46.67 96.29 -11.86
N THR E 205 47.16 96.94 -12.92
CA THR E 205 46.34 97.79 -13.76
C THR E 205 46.33 97.24 -15.19
N ILE E 206 45.14 97.13 -15.77
CA ILE E 206 44.97 96.74 -17.17
C ILE E 206 44.58 97.97 -17.97
N CYS E 207 45.12 98.07 -19.17
CA CYS E 207 44.74 99.12 -20.12
C CYS E 207 44.31 98.46 -21.42
N PHE E 208 43.15 98.88 -21.94
CA PHE E 208 42.55 98.20 -23.08
C PHE E 208 41.84 99.20 -23.97
N VAL E 209 41.84 98.91 -25.26
CA VAL E 209 41.08 99.67 -26.24
C VAL E 209 39.79 98.92 -26.55
N TYR E 210 38.66 99.62 -26.50
CA TYR E 210 37.36 99.04 -26.76
C TYR E 210 36.61 99.95 -27.73
N GLN E 211 35.45 99.47 -28.20
CA GLN E 211 34.62 100.21 -29.14
C GLN E 211 33.17 100.21 -28.67
N ASP E 212 32.52 101.36 -28.84
CA ASP E 212 31.11 101.56 -28.56
C ASP E 212 30.52 102.41 -29.67
N PRO E 213 29.22 102.71 -29.64
CA PRO E 213 28.61 103.50 -30.72
C PRO E 213 29.30 104.84 -30.97
N GLN E 214 30.04 105.33 -29.98
CA GLN E 214 30.71 106.62 -30.11
C GLN E 214 32.15 106.50 -30.60
N GLY E 215 32.57 105.32 -31.04
CA GLY E 215 33.93 105.13 -31.52
C GLY E 215 34.74 104.24 -30.59
N ARG E 216 36.06 104.32 -30.76
CA ARG E 216 36.98 103.53 -29.96
C ARG E 216 37.64 104.40 -28.90
N HIS E 217 37.87 103.82 -27.72
CA HIS E 217 38.44 104.52 -26.59
C HIS E 217 39.37 103.59 -25.82
N VAL E 218 40.41 104.17 -25.23
CA VAL E 218 41.34 103.44 -24.37
C VAL E 218 40.98 103.74 -22.92
N LYS E 219 40.94 102.70 -22.09
CA LYS E 219 40.49 102.84 -20.71
C LYS E 219 41.34 101.93 -19.83
N THR E 220 41.39 102.27 -18.54
CA THR E 220 42.21 101.53 -17.59
C THR E 220 41.38 101.13 -16.37
N TYR E 221 41.74 100.00 -15.80
CA TYR E 221 41.11 99.47 -14.60
C TYR E 221 42.18 98.95 -13.65
N GLU E 222 41.88 98.95 -12.36
CA GLU E 222 42.75 98.37 -11.35
C GLU E 222 42.11 97.07 -10.85
N VAL E 223 42.82 95.96 -11.00
CA VAL E 223 42.29 94.66 -10.62
C VAL E 223 42.58 94.42 -9.15
N SER E 224 41.53 94.25 -8.33
CA SER E 224 41.67 94.01 -6.91
C SER E 224 41.36 92.55 -6.64
N LEU E 225 42.36 91.81 -6.17
CA LEU E 225 42.16 90.40 -5.85
C LEU E 225 41.42 90.22 -4.54
N ARG E 226 41.62 91.14 -3.60
CA ARG E 226 40.91 91.07 -2.32
C ARG E 226 39.42 91.28 -2.53
N GLU E 227 39.05 92.42 -3.13
CA GLU E 227 37.67 92.66 -3.50
C GLU E 227 37.23 91.77 -4.66
N LYS E 228 38.17 91.21 -5.41
CA LYS E 228 37.87 90.41 -6.59
C LYS E 228 37.02 91.20 -7.59
N GLU E 229 37.47 92.42 -7.90
CA GLU E 229 36.67 93.30 -8.74
C GLU E 229 37.54 94.39 -9.34
N PHE E 230 36.92 95.24 -10.14
CA PHE E 230 37.62 96.35 -10.78
C PHE E 230 37.52 97.61 -9.93
N ASN E 231 38.51 98.49 -10.10
CA ASN E 231 38.51 99.80 -9.47
C ASN E 231 38.95 100.83 -10.49
N LYS E 232 38.64 102.09 -10.22
CA LYS E 232 38.95 103.16 -11.15
C LYS E 232 40.44 103.15 -11.49
N GLY E 233 40.73 103.30 -12.78
CA GLY E 233 42.09 103.28 -13.26
C GLY E 233 42.80 104.60 -13.07
N PRO E 234 44.12 104.58 -13.19
CA PRO E 234 44.90 105.82 -13.02
C PRO E 234 44.46 106.92 -13.98
N TRP E 235 44.04 106.58 -15.20
CA TRP E 235 43.56 107.56 -16.16
C TRP E 235 42.49 106.87 -17.00
N LYS E 236 41.23 107.16 -16.72
CA LYS E 236 40.12 106.44 -17.35
C LYS E 236 39.89 106.97 -18.77
N GLN E 237 38.76 106.57 -19.36
CA GLN E 237 38.46 106.69 -20.78
C GLN E 237 39.16 107.84 -21.49
N GLU E 238 39.84 107.53 -22.58
CA GLU E 238 40.44 108.52 -23.48
C GLU E 238 40.12 108.11 -24.91
N ASN E 239 39.75 109.09 -25.73
CA ASN E 239 39.36 108.80 -27.11
C ASN E 239 40.59 108.53 -27.97
N VAL E 240 40.50 107.48 -28.79
CA VAL E 240 41.57 107.11 -29.71
C VAL E 240 41.04 107.17 -31.14
N GLU E 241 41.88 106.79 -32.11
CA GLU E 241 41.47 106.87 -33.51
C GLU E 241 40.47 105.76 -33.82
N ALA E 242 39.84 105.89 -35.00
CA ALA E 242 38.77 104.98 -35.37
C ALA E 242 39.30 103.57 -35.62
N GLU E 243 40.51 103.47 -36.15
CA GLU E 243 41.08 102.17 -36.50
C GLU E 243 42.18 101.76 -35.53
N ALA E 244 41.93 101.92 -34.22
CA ALA E 244 42.88 101.48 -33.22
C ALA E 244 43.17 99.99 -33.38
N SER E 245 44.40 99.60 -33.07
CA SER E 245 44.84 98.23 -33.31
C SER E 245 45.42 97.59 -32.05
N MET E 246 46.67 97.90 -31.74
CA MET E 246 47.39 97.15 -30.75
C MET E 246 47.80 98.03 -29.56
N VAL E 247 47.72 97.44 -28.36
CA VAL E 247 48.16 98.05 -27.11
C VAL E 247 49.53 97.51 -26.76
N ILE E 248 50.42 98.40 -26.32
CA ILE E 248 51.78 98.04 -25.95
C ILE E 248 52.12 98.75 -24.64
N ALA E 249 52.35 97.97 -23.59
CA ALA E 249 52.75 98.53 -22.31
C ALA E 249 54.24 98.84 -22.33
N VAL E 250 54.58 100.07 -21.92
CA VAL E 250 55.98 100.51 -21.93
C VAL E 250 56.57 100.29 -20.54
N PRO E 251 57.82 99.80 -20.45
CA PRO E 251 58.40 99.46 -19.15
C PRO E 251 58.48 100.62 -18.16
N GLU E 252 59.16 100.39 -17.03
CA GLU E 252 59.15 101.34 -15.93
C GLU E 252 59.68 102.71 -16.30
N PRO E 253 60.81 102.85 -16.99
CA PRO E 253 61.33 104.20 -17.27
C PRO E 253 60.30 105.14 -17.89
N PHE E 254 59.59 104.69 -18.91
CA PHE E 254 58.59 105.55 -19.54
C PHE E 254 57.24 105.44 -18.85
N GLY E 255 56.68 104.25 -18.83
CA GLY E 255 55.34 104.03 -18.29
C GLY E 255 54.27 104.26 -19.34
N GLY E 256 53.02 104.23 -18.87
CA GLY E 256 51.92 104.45 -19.77
C GLY E 256 51.79 103.34 -20.79
N ALA E 257 51.30 103.71 -21.98
CA ALA E 257 51.09 102.73 -23.04
C ALA E 257 51.15 103.39 -24.40
N ILE E 258 51.29 102.56 -25.43
CA ILE E 258 51.32 102.97 -26.83
C ILE E 258 50.15 102.30 -27.54
N ILE E 259 49.30 103.11 -28.16
CA ILE E 259 48.17 102.64 -28.94
C ILE E 259 48.52 102.82 -30.41
N ILE E 260 48.48 101.73 -31.18
CA ILE E 260 48.80 101.74 -32.59
C ILE E 260 47.54 101.46 -33.39
N GLY E 261 47.23 102.36 -34.33
CA GLY E 261 46.11 102.20 -35.23
C GLY E 261 46.55 102.11 -36.69
N GLN E 262 45.70 102.55 -37.61
CA GLN E 262 46.03 102.45 -39.03
C GLN E 262 46.90 103.61 -39.48
N GLU E 263 46.52 104.84 -39.12
CA GLU E 263 47.23 106.03 -39.58
C GLU E 263 48.17 106.63 -38.54
N SER E 264 47.90 106.43 -37.25
CA SER E 264 48.63 107.13 -36.20
C SER E 264 49.15 106.15 -35.16
N ILE E 265 50.18 106.60 -34.44
CA ILE E 265 50.70 105.95 -33.26
C ILE E 265 50.67 106.97 -32.13
N THR E 266 50.06 106.61 -31.00
CA THR E 266 49.92 107.52 -29.88
C THR E 266 50.51 106.91 -28.62
N TYR E 267 51.00 107.77 -27.74
CA TYR E 267 51.50 107.39 -26.43
C TYR E 267 50.71 108.13 -25.37
N HIS E 268 50.16 107.39 -24.40
CA HIS E 268 49.38 107.97 -23.33
C HIS E 268 50.01 107.62 -21.99
N ASN E 269 50.09 108.61 -21.10
CA ASN E 269 50.64 108.39 -19.77
C ASN E 269 50.06 109.45 -18.83
N GLY E 270 49.07 109.04 -18.04
CA GLY E 270 48.44 109.93 -17.08
C GLY E 270 47.89 111.20 -17.71
N ASP E 271 48.66 112.28 -17.65
CA ASP E 271 48.23 113.56 -18.21
C ASP E 271 48.74 113.78 -19.63
N LYS E 272 49.90 113.22 -19.98
CA LYS E 272 50.50 113.46 -21.28
C LYS E 272 49.91 112.51 -22.31
N TYR E 273 49.69 113.05 -23.52
CA TYR E 273 49.08 112.29 -24.61
C TYR E 273 49.68 112.80 -25.91
N LEU E 274 50.74 112.14 -26.37
CA LEU E 274 51.43 112.50 -27.59
C LEU E 274 50.94 111.62 -28.74
N ALA E 275 50.93 112.18 -29.94
CA ALA E 275 50.40 111.45 -31.09
C ALA E 275 51.14 111.87 -32.35
N ILE E 276 51.51 110.89 -33.16
CA ILE E 276 52.16 111.14 -34.45
C ILE E 276 51.43 110.36 -35.53
N ALA E 277 51.43 110.90 -36.74
CA ALA E 277 50.78 110.27 -37.90
C ALA E 277 51.80 110.19 -39.03
N PRO E 278 52.76 109.27 -38.94
CA PRO E 278 53.78 109.14 -39.98
C PRO E 278 53.20 108.55 -41.25
N PRO E 279 53.42 109.20 -42.40
CA PRO E 279 52.90 108.65 -43.65
C PRO E 279 53.56 107.33 -44.06
N ILE E 280 54.69 106.96 -43.47
CA ILE E 280 55.39 105.74 -43.86
C ILE E 280 54.65 104.48 -43.43
N ILE E 281 53.66 104.60 -42.55
CA ILE E 281 52.90 103.47 -42.06
C ILE E 281 51.47 103.45 -42.58
N LYS E 282 51.10 104.40 -43.44
CA LYS E 282 49.73 104.50 -43.91
C LYS E 282 49.37 103.46 -44.97
N GLN E 283 50.35 102.97 -45.74
CA GLN E 283 50.04 102.05 -46.83
C GLN E 283 49.65 100.65 -46.36
N SER E 284 49.92 100.29 -45.11
CA SER E 284 49.57 98.96 -44.61
C SER E 284 49.40 99.03 -43.10
N THR E 285 48.66 98.06 -42.57
CA THR E 285 48.34 98.02 -41.14
C THR E 285 49.41 97.26 -40.38
N ILE E 286 49.87 97.84 -39.27
CA ILE E 286 50.80 97.16 -38.39
C ILE E 286 50.03 96.13 -37.58
N VAL E 287 50.49 94.87 -37.63
CA VAL E 287 49.78 93.76 -37.03
C VAL E 287 50.61 92.99 -36.02
N CYS E 288 51.84 93.41 -35.75
CA CYS E 288 52.67 92.74 -34.77
C CYS E 288 53.77 93.68 -34.31
N HIS E 289 54.21 93.49 -33.05
CA HIS E 289 55.24 94.32 -32.47
C HIS E 289 56.14 93.46 -31.58
N ASN E 290 57.22 94.06 -31.12
CA ASN E 290 58.13 93.40 -30.18
C ASN E 290 59.09 94.43 -29.63
N ARG E 291 59.47 94.25 -28.37
CA ARG E 291 60.33 95.19 -27.67
C ARG E 291 61.80 94.86 -27.95
N VAL E 292 62.58 95.89 -28.25
CA VAL E 292 64.01 95.73 -28.53
C VAL E 292 64.79 95.99 -27.25
N ASP E 293 64.74 97.23 -26.77
CA ASP E 293 65.46 97.60 -25.56
C ASP E 293 64.62 97.29 -24.32
N PRO E 294 65.18 96.64 -23.30
CA PRO E 294 64.38 96.33 -22.11
C PRO E 294 63.77 97.55 -21.45
N ASN E 295 64.34 98.74 -21.64
CA ASN E 295 63.79 99.96 -21.06
C ASN E 295 62.65 100.54 -21.87
N GLY E 296 62.45 100.07 -23.10
CA GLY E 296 61.38 100.55 -23.94
C GLY E 296 61.76 101.66 -24.90
N SER E 297 63.04 101.91 -25.10
CA SER E 297 63.46 102.99 -26.00
C SER E 297 63.23 102.64 -27.46
N ARG E 298 63.09 101.36 -27.79
CA ARG E 298 62.90 100.96 -29.17
C ARG E 298 61.94 99.78 -29.25
N TYR E 299 61.22 99.70 -30.37
CA TYR E 299 60.28 98.64 -30.63
C TYR E 299 60.34 98.27 -32.11
N LEU E 300 60.02 97.02 -32.41
CA LEU E 300 59.93 96.54 -33.79
C LEU E 300 58.47 96.42 -34.19
N LEU E 301 58.13 96.91 -35.38
CA LEU E 301 56.77 96.88 -35.88
C LEU E 301 56.74 96.17 -37.23
N GLY E 302 55.74 95.32 -37.43
CA GLY E 302 55.59 94.62 -38.69
C GLY E 302 54.20 94.75 -39.27
N ASP E 303 54.10 95.07 -40.56
CA ASP E 303 52.81 95.26 -41.19
C ASP E 303 52.39 93.98 -41.93
N MET E 304 51.21 94.02 -42.55
CA MET E 304 50.67 92.84 -43.21
C MET E 304 51.50 92.45 -44.43
N GLU E 305 52.14 93.42 -45.09
CA GLU E 305 52.82 93.18 -46.35
C GLU E 305 54.32 92.95 -46.18
N GLY E 306 54.76 92.57 -44.98
CA GLY E 306 56.14 92.20 -44.75
C GLY E 306 57.08 93.33 -44.36
N ARG E 307 56.58 94.57 -44.28
CA ARG E 307 57.42 95.70 -43.91
C ARG E 307 57.74 95.70 -42.42
N LEU E 308 58.99 96.01 -42.09
CA LEU E 308 59.51 96.04 -40.74
C LEU E 308 60.04 97.45 -40.45
N PHE E 309 59.45 98.10 -39.45
CA PHE E 309 59.80 99.44 -38.99
C PHE E 309 60.38 99.39 -37.58
N MET E 310 61.05 100.47 -37.21
CA MET E 310 61.60 100.65 -35.86
C MET E 310 60.98 101.89 -35.24
N LEU E 311 60.23 101.70 -34.16
CA LEU E 311 59.61 102.79 -33.42
C LEU E 311 60.52 103.17 -32.25
N LEU E 312 60.99 104.41 -32.24
CA LEU E 312 61.93 104.87 -31.23
C LEU E 312 61.26 105.85 -30.28
N LEU E 313 61.54 105.70 -28.99
CA LEU E 313 61.02 106.57 -27.94
C LEU E 313 62.17 107.36 -27.35
N GLU E 314 62.18 108.66 -27.59
CA GLU E 314 63.24 109.52 -27.09
C GLU E 314 63.00 109.85 -25.61
N LYS E 315 64.10 110.01 -24.88
CA LYS E 315 64.07 110.23 -23.44
C LYS E 315 64.16 111.72 -23.13
N GLU E 316 63.99 112.04 -21.84
CA GLU E 316 64.13 113.40 -21.34
C GLU E 316 64.35 113.32 -19.85
N GLU E 317 65.58 113.57 -19.40
CA GLU E 317 65.93 113.34 -18.00
C GLU E 317 65.16 114.26 -17.07
N GLN E 318 65.01 115.53 -17.44
CA GLN E 318 64.31 116.51 -16.62
C GLN E 318 65.01 116.76 -15.29
N MET E 319 66.34 116.60 -15.26
CA MET E 319 67.16 116.92 -14.10
C MET E 319 66.90 116.01 -12.90
N ASP E 320 65.80 116.26 -12.18
CA ASP E 320 65.54 115.53 -10.93
C ASP E 320 65.50 114.02 -11.14
N GLY E 321 65.34 113.55 -12.37
CA GLY E 321 65.39 112.12 -12.64
C GLY E 321 64.03 111.47 -12.83
N THR E 322 63.13 112.15 -13.55
CA THR E 322 61.80 111.61 -13.82
C THR E 322 61.70 110.89 -15.15
N VAL E 323 62.68 111.07 -16.05
CA VAL E 323 62.72 110.44 -17.37
C VAL E 323 61.32 110.38 -17.99
N THR E 324 60.97 111.40 -18.75
CA THR E 324 59.71 111.46 -19.49
C THR E 324 59.96 111.21 -20.97
N LEU E 325 58.87 110.96 -21.69
CA LEU E 325 58.95 110.75 -23.13
C LEU E 325 59.04 112.08 -23.86
N LYS E 326 60.01 112.19 -24.76
CA LYS E 326 60.23 113.46 -25.47
C LYS E 326 59.56 113.46 -26.84
N ASP E 327 59.76 112.41 -27.63
CA ASP E 327 59.22 112.37 -28.98
C ASP E 327 59.13 110.92 -29.46
N LEU E 328 58.35 110.73 -30.51
CA LEU E 328 58.15 109.42 -31.13
C LEU E 328 58.63 109.47 -32.58
N ARG E 329 59.22 108.38 -33.03
CA ARG E 329 59.78 108.28 -34.37
C ARG E 329 59.51 106.91 -34.95
N VAL E 330 59.34 106.86 -36.26
CA VAL E 330 59.11 105.61 -36.99
C VAL E 330 60.06 105.57 -38.18
N GLU E 331 60.88 104.53 -38.26
CA GLU E 331 61.87 104.37 -39.32
C GLU E 331 61.64 103.02 -40.00
N LEU E 332 61.51 103.05 -41.33
CA LEU E 332 61.32 101.83 -42.11
C LEU E 332 62.65 101.09 -42.20
N LEU E 333 62.78 99.99 -41.45
CA LEU E 333 63.99 99.19 -41.52
C LEU E 333 64.10 98.47 -42.86
N GLY E 334 63.10 97.65 -43.19
CA GLY E 334 63.14 96.93 -44.45
C GLY E 334 61.98 96.01 -44.74
N GLU E 335 62.22 94.96 -45.52
CA GLU E 335 61.19 93.98 -45.85
C GLU E 335 61.63 92.60 -45.38
N THR E 336 60.71 91.88 -44.71
CA THR E 336 60.94 90.50 -44.32
C THR E 336 59.80 89.64 -44.83
N SER E 337 59.75 88.38 -44.40
CA SER E 337 58.57 87.57 -44.69
C SER E 337 57.36 88.14 -43.95
N ILE E 338 56.18 87.89 -44.50
CA ILE E 338 54.94 88.34 -43.87
C ILE E 338 54.93 87.84 -42.43
N ALA E 339 55.19 88.75 -41.50
CA ALA E 339 55.49 88.38 -40.11
C ALA E 339 54.22 88.23 -39.31
N GLU E 340 53.99 87.02 -38.78
CA GLU E 340 52.92 86.80 -37.81
C GLU E 340 53.34 87.27 -36.43
N CYS E 341 54.62 87.11 -36.09
CA CYS E 341 55.14 87.51 -34.79
C CYS E 341 56.61 87.85 -34.92
N LEU E 342 57.06 88.80 -34.12
CA LEU E 342 58.45 89.25 -34.10
C LEU E 342 59.03 89.11 -32.70
N THR E 343 60.34 88.91 -32.63
CA THR E 343 61.05 88.84 -31.35
C THR E 343 62.51 89.17 -31.60
N TYR E 344 63.02 90.15 -30.86
CA TYR E 344 64.42 90.55 -30.97
C TYR E 344 65.28 89.65 -30.09
N LEU E 345 66.24 88.96 -30.70
CA LEU E 345 67.13 88.07 -29.97
C LEU E 345 68.22 88.87 -29.26
N ASP E 346 69.30 89.19 -29.99
CA ASP E 346 70.37 90.01 -29.44
C ASP E 346 71.40 90.37 -30.51
N ASN E 347 72.09 91.48 -30.33
CA ASN E 347 73.13 91.90 -31.27
C ASN E 347 72.58 92.14 -32.67
N GLY E 348 71.40 92.77 -32.74
CA GLY E 348 70.79 93.13 -34.00
C GLY E 348 70.13 91.98 -34.76
N VAL E 349 70.08 90.78 -34.19
CA VAL E 349 69.46 89.64 -34.83
C VAL E 349 67.99 89.56 -34.42
N VAL E 350 67.11 89.48 -35.42
CA VAL E 350 65.67 89.44 -35.20
C VAL E 350 65.12 88.16 -35.83
N PHE E 351 64.29 87.44 -35.09
CA PHE E 351 63.61 86.25 -35.60
C PHE E 351 62.22 86.64 -36.06
N VAL E 352 61.91 86.34 -37.33
CA VAL E 352 60.63 86.63 -37.93
C VAL E 352 59.90 85.30 -38.09
N GLY E 353 58.87 85.08 -37.27
CA GLY E 353 58.00 83.94 -37.45
C GLY E 353 56.92 84.28 -38.46
N SER E 354 56.74 83.41 -39.45
CA SER E 354 55.83 83.66 -40.54
C SER E 354 54.83 82.53 -40.70
N ARG E 355 53.59 82.88 -41.03
CA ARG E 355 52.55 81.91 -41.33
C ARG E 355 52.34 81.72 -42.82
N LEU E 356 52.43 82.79 -43.62
CA LEU E 356 52.25 82.71 -45.07
C LEU E 356 53.53 82.35 -45.81
N GLY E 357 54.69 82.48 -45.17
CA GLY E 357 55.94 82.15 -45.81
C GLY E 357 56.97 81.51 -44.88
N ASP E 358 58.20 81.38 -45.35
CA ASP E 358 59.26 80.80 -44.53
C ASP E 358 59.60 81.72 -43.36
N SER E 359 59.98 81.11 -42.24
CA SER E 359 60.46 81.89 -41.11
C SER E 359 61.90 82.34 -41.37
N GLN E 360 62.34 83.36 -40.63
CA GLN E 360 63.61 84.00 -40.94
C GLN E 360 64.38 84.35 -39.68
N LEU E 361 65.71 84.33 -39.82
CA LEU E 361 66.63 84.98 -38.90
C LEU E 361 67.33 86.07 -39.70
N VAL E 362 67.09 87.32 -39.35
CA VAL E 362 67.60 88.46 -40.11
C VAL E 362 68.50 89.31 -39.23
N LYS E 363 69.38 90.06 -39.88
CA LYS E 363 70.33 90.94 -39.20
C LYS E 363 69.96 92.39 -39.47
N LEU E 364 70.02 93.21 -38.43
CA LEU E 364 69.72 94.63 -38.52
C LEU E 364 71.04 95.41 -38.49
N ASN E 365 71.45 95.91 -39.64
CA ASN E 365 72.68 96.70 -39.75
C ASN E 365 72.37 98.18 -39.50
N VAL E 366 73.41 98.92 -39.12
CA VAL E 366 73.26 100.33 -38.80
C VAL E 366 73.39 101.20 -40.04
N ASP E 367 74.33 100.88 -40.93
CA ASP E 367 74.63 101.69 -42.10
C ASP E 367 73.76 101.34 -43.30
N SER E 368 72.90 100.32 -43.20
CA SER E 368 72.07 99.89 -44.32
C SER E 368 72.93 99.50 -45.51
N ASN E 369 72.31 99.36 -46.69
CA ASN E 369 73.04 99.01 -47.89
C ASN E 369 72.71 99.97 -49.04
N GLU E 370 73.18 99.64 -50.24
CA GLU E 370 73.01 100.56 -51.36
C GLU E 370 71.53 100.73 -51.72
N GLN E 371 70.75 99.67 -51.58
CA GLN E 371 69.33 99.75 -51.90
C GLN E 371 68.55 100.57 -50.89
N GLY E 372 69.10 100.78 -49.70
CA GLY E 372 68.43 101.53 -48.65
C GLY E 372 67.85 100.68 -47.54
N SER E 373 67.95 99.36 -47.63
CA SER E 373 67.41 98.48 -46.61
C SER E 373 68.41 98.31 -45.46
N TYR E 374 67.88 98.23 -44.24
CA TYR E 374 68.70 98.00 -43.05
C TYR E 374 68.67 96.55 -42.59
N VAL E 375 67.86 95.70 -43.21
CA VAL E 375 67.71 94.31 -42.80
C VAL E 375 68.44 93.42 -43.81
N VAL E 376 69.05 92.35 -43.32
CA VAL E 376 69.78 91.40 -44.16
C VAL E 376 69.47 89.99 -43.65
N ALA E 377 69.00 89.13 -44.55
CA ALA E 377 68.59 87.80 -44.14
C ALA E 377 69.79 86.92 -43.81
N MET E 378 69.67 86.17 -42.72
CA MET E 378 70.68 85.21 -42.29
C MET E 378 70.25 83.77 -42.56
N GLU E 379 69.15 83.34 -41.95
CA GLU E 379 68.66 81.98 -42.09
C GLU E 379 67.21 81.99 -42.56
N THR E 380 66.84 80.94 -43.30
CA THR E 380 65.48 80.79 -43.83
C THR E 380 64.97 79.40 -43.43
N PHE E 381 64.11 79.35 -42.41
CA PHE E 381 63.50 78.11 -41.97
C PHE E 381 62.29 77.79 -42.84
N THR E 382 62.32 76.62 -43.47
CA THR E 382 61.27 76.23 -44.41
C THR E 382 59.92 76.16 -43.71
N ASN E 383 58.90 76.72 -44.35
CA ASN E 383 57.52 76.65 -43.87
C ASN E 383 56.63 76.27 -45.04
N LEU E 384 56.08 75.05 -44.99
CA LEU E 384 55.14 74.62 -46.03
C LEU E 384 53.91 75.50 -46.10
N GLY E 385 53.67 76.33 -45.09
CA GLY E 385 52.62 77.32 -45.13
C GLY E 385 51.26 76.75 -45.47
N PRO E 386 50.35 77.62 -45.91
CA PRO E 386 49.00 77.16 -46.26
C PRO E 386 49.00 76.29 -47.52
N ILE E 387 48.88 74.98 -47.33
CA ILE E 387 48.80 74.03 -48.45
C ILE E 387 47.38 74.12 -49.02
N VAL E 388 47.20 74.93 -50.07
CA VAL E 388 45.89 75.08 -50.66
C VAL E 388 45.56 73.97 -51.65
N ASP E 389 46.57 73.28 -52.16
CA ASP E 389 46.36 72.19 -53.11
C ASP E 389 47.67 71.42 -53.23
N MET E 390 47.56 70.17 -53.68
CA MET E 390 48.73 69.32 -53.80
C MET E 390 48.42 68.12 -54.69
N CYS E 391 49.48 67.49 -55.19
CA CYS E 391 49.34 66.29 -56.01
C CYS E 391 50.60 65.44 -55.87
N VAL E 392 50.44 64.13 -56.06
CA VAL E 392 51.54 63.18 -55.95
C VAL E 392 52.03 62.83 -57.34
N VAL E 393 53.35 62.87 -57.53
CA VAL E 393 53.97 62.58 -58.82
C VAL E 393 55.19 61.71 -58.59
N ASP E 394 55.45 60.81 -59.55
CA ASP E 394 56.59 59.90 -59.41
C ASP E 394 57.90 60.58 -59.77
N LEU E 395 57.93 61.33 -60.87
CA LEU E 395 59.07 62.16 -61.23
C LEU E 395 60.29 61.33 -61.64
N GLU E 396 61.19 61.06 -60.68
CA GLU E 396 62.50 60.50 -61.00
C GLU E 396 62.58 58.99 -60.77
N ARG E 397 62.21 58.52 -59.56
CA ARG E 397 62.44 57.12 -59.21
C ARG E 397 61.59 56.17 -60.05
N GLN E 398 60.47 56.62 -60.59
CA GLN E 398 59.54 55.76 -61.33
C GLN E 398 59.06 54.60 -60.47
N GLY E 399 59.06 54.80 -59.15
CA GLY E 399 58.61 53.77 -58.23
C GLY E 399 57.87 54.34 -57.04
N GLN E 400 58.56 55.10 -56.20
CA GLN E 400 57.93 55.76 -55.07
C GLN E 400 57.55 57.19 -55.43
N GLY E 401 56.54 57.71 -54.73
CA GLY E 401 55.96 59.00 -55.06
C GLY E 401 56.52 60.14 -54.22
N GLN E 402 56.45 61.34 -54.81
CA GLN E 402 56.83 62.58 -54.16
C GLN E 402 55.62 63.52 -54.17
N LEU E 403 55.61 64.48 -53.25
CA LEU E 403 54.44 65.33 -53.04
C LEU E 403 54.75 66.77 -53.46
N VAL E 404 53.96 67.32 -54.37
CA VAL E 404 54.13 68.70 -54.81
C VAL E 404 52.93 69.50 -54.32
N THR E 405 53.21 70.56 -53.57
CA THR E 405 52.16 71.37 -52.94
C THR E 405 52.30 72.83 -53.35
N CYS E 406 51.15 73.50 -53.44
CA CYS E 406 51.09 74.95 -53.62
C CYS E 406 51.06 75.59 -52.24
N SER E 407 52.17 76.16 -51.82
CA SER E 407 52.31 76.71 -50.48
C SER E 407 52.38 78.23 -50.50
N GLY E 408 52.18 78.81 -49.33
CA GLY E 408 52.34 80.24 -49.15
C GLY E 408 51.26 81.06 -49.86
N ALA E 409 51.40 82.38 -49.74
CA ALA E 409 50.45 83.30 -50.34
C ALA E 409 51.16 84.62 -50.63
N PHE E 410 50.71 85.28 -51.70
CA PHE E 410 51.24 86.59 -52.10
C PHE E 410 52.71 86.40 -52.48
N LYS E 411 53.60 87.33 -52.10
CA LYS E 411 55.01 87.18 -52.42
C LYS E 411 55.63 85.94 -51.78
N GLU E 412 54.99 85.40 -50.74
CA GLU E 412 55.47 84.16 -50.10
C GLU E 412 55.02 82.92 -50.84
N GLY E 413 54.11 83.05 -51.80
CA GLY E 413 53.63 81.89 -52.53
C GLY E 413 54.77 81.17 -53.24
N SER E 414 54.64 79.85 -53.33
CA SER E 414 55.68 79.02 -53.92
C SER E 414 55.13 77.61 -54.11
N LEU E 415 55.96 76.76 -54.71
CA LEU E 415 55.72 75.34 -54.82
C LEU E 415 56.75 74.59 -53.96
N ARG E 416 56.32 73.45 -53.40
CA ARG E 416 57.17 72.66 -52.54
C ARG E 416 57.18 71.22 -53.04
N ILE E 417 58.36 70.67 -53.29
CA ILE E 417 58.53 69.30 -53.72
C ILE E 417 59.11 68.53 -52.54
N ILE E 418 58.25 67.85 -51.80
CA ILE E 418 58.65 67.07 -50.64
C ILE E 418 58.98 65.65 -51.08
N ARG E 419 60.18 65.20 -50.69
CA ARG E 419 60.67 63.84 -50.89
C ARG E 419 60.76 63.14 -49.54
N ASN E 420 60.75 61.80 -49.60
CA ASN E 420 60.82 61.01 -48.38
C ASN E 420 62.18 60.33 -48.23
N ILE E 436 63.55 70.98 -47.98
CA ILE E 436 62.52 70.71 -48.98
C ILE E 436 62.70 71.62 -50.20
N ARG E 437 62.66 71.03 -51.39
CA ARG E 437 62.89 71.78 -52.61
C ARG E 437 61.80 72.83 -52.82
N THR E 438 62.19 74.11 -52.76
CA THR E 438 61.27 75.22 -52.87
C THR E 438 61.41 75.88 -54.24
N VAL E 439 60.28 76.27 -54.81
CA VAL E 439 60.23 76.99 -56.08
C VAL E 439 59.43 78.27 -55.85
N PRO E 440 60.11 79.39 -55.63
CA PRO E 440 59.38 80.63 -55.33
C PRO E 440 58.68 81.18 -56.56
N LEU E 441 57.42 81.57 -56.37
CA LEU E 441 56.61 82.15 -57.43
C LEU E 441 56.36 83.64 -57.27
N TYR E 442 56.44 84.17 -56.05
CA TYR E 442 56.20 85.58 -55.75
C TYR E 442 54.76 85.98 -56.03
N GLU E 443 53.87 85.00 -56.15
CA GLU E 443 52.43 85.24 -56.27
C GLU E 443 51.70 84.03 -55.71
N SER E 444 50.39 84.16 -55.60
CA SER E 444 49.59 83.19 -54.85
C SER E 444 49.24 81.98 -55.71
N PRO E 445 49.72 80.79 -55.39
CA PRO E 445 49.26 79.57 -56.08
C PRO E 445 47.99 79.01 -55.46
N ARG E 446 47.16 78.42 -56.32
CA ARG E 446 45.84 77.94 -55.91
C ARG E 446 45.65 76.47 -56.21
N LYS E 447 45.81 76.06 -57.47
CA LYS E 447 45.57 74.68 -57.89
C LYS E 447 46.76 74.18 -58.71
N ILE E 448 46.98 72.87 -58.67
CA ILE E 448 48.11 72.25 -59.34
C ILE E 448 47.70 70.89 -59.86
N CYS E 449 48.18 70.54 -61.05
CA CYS E 449 47.96 69.23 -61.64
C CYS E 449 49.16 68.87 -62.50
N TYR E 450 49.44 67.57 -62.57
CA TYR E 450 50.59 67.06 -63.30
C TYR E 450 50.15 66.45 -64.62
N GLN E 451 50.92 66.72 -65.68
CA GLN E 451 50.66 66.19 -67.02
C GLN E 451 51.88 65.41 -67.46
N GLU E 452 51.78 64.07 -67.41
CA GLU E 452 52.93 63.23 -67.71
C GLU E 452 53.25 63.22 -69.20
N VAL E 453 52.25 63.45 -70.05
CA VAL E 453 52.48 63.43 -71.49
C VAL E 453 53.45 64.53 -71.89
N SER E 454 53.32 65.71 -71.27
CA SER E 454 54.16 66.85 -71.58
C SER E 454 55.28 67.06 -70.57
N GLN E 455 55.38 66.20 -69.55
CA GLN E 455 56.47 66.27 -68.58
C GLN E 455 56.51 67.63 -67.89
N CYS E 456 55.37 68.06 -67.37
CA CYS E 456 55.31 69.36 -66.69
C CYS E 456 54.04 69.41 -65.84
N PHE E 457 53.93 70.49 -65.06
CA PHE E 457 52.79 70.75 -64.22
C PHE E 457 52.00 71.95 -64.73
N GLY E 458 50.70 71.93 -64.48
CA GLY E 458 49.85 73.08 -64.69
C GLY E 458 49.36 73.63 -63.36
N VAL E 459 49.53 74.92 -63.10
CA VAL E 459 49.21 75.48 -61.80
C VAL E 459 48.40 76.77 -62.00
N LEU E 460 47.28 76.87 -61.31
CA LEU E 460 46.55 78.14 -61.28
C LEU E 460 47.17 79.07 -60.26
N SER E 461 47.27 80.35 -60.62
CA SER E 461 47.89 81.33 -59.74
C SER E 461 47.20 82.67 -59.91
N SER E 462 47.45 83.56 -58.97
CA SER E 462 46.90 84.91 -59.00
C SER E 462 47.92 85.88 -58.44
N ARG E 463 47.96 87.07 -59.03
CA ARG E 463 48.86 88.13 -58.60
C ARG E 463 48.07 89.42 -58.42
N ILE E 464 48.36 90.15 -57.34
CA ILE E 464 47.64 91.39 -57.04
C ILE E 464 48.26 92.53 -57.83
N GLU E 465 47.42 93.35 -58.46
CA GLU E 465 47.84 94.57 -59.12
C GLU E 465 46.96 95.71 -58.62
N VAL E 466 47.43 96.94 -58.84
CA VAL E 466 46.76 98.13 -58.34
C VAL E 466 46.29 98.96 -59.53
N GLN E 467 45.11 99.58 -59.37
CA GLN E 467 44.55 100.42 -60.42
C GLN E 467 45.45 101.62 -60.66
N ASP E 468 45.79 101.86 -61.92
CA ASP E 468 46.66 102.95 -62.31
C ASP E 468 45.83 104.16 -62.74
N THR E 469 46.44 105.35 -62.65
CA THR E 469 45.77 106.57 -63.08
C THR E 469 45.41 106.53 -64.55
N SER E 470 46.23 105.86 -65.38
CA SER E 470 45.95 105.82 -66.81
C SER E 470 44.66 105.05 -67.11
N GLY E 471 44.28 104.12 -66.23
CA GLY E 471 43.09 103.33 -66.45
C GLY E 471 43.35 101.85 -66.28
N GLY E 472 44.52 101.40 -66.72
CA GLY E 472 44.91 100.01 -66.57
C GLY E 472 45.40 99.71 -65.16
N THR E 473 46.05 98.56 -65.03
CA THR E 473 46.57 98.08 -63.75
C THR E 473 48.09 97.97 -63.83
N THR E 474 48.72 98.06 -62.66
CA THR E 474 50.16 97.96 -62.53
C THR E 474 50.52 96.94 -61.46
N ALA E 475 51.53 96.12 -61.75
CA ALA E 475 51.92 95.05 -60.85
C ALA E 475 52.76 95.59 -59.69
N LEU E 476 52.73 94.86 -58.57
CA LEU E 476 53.51 95.23 -57.40
C LEU E 476 54.96 94.80 -57.54
N ARG E 477 55.19 93.56 -57.95
CA ARG E 477 56.54 93.03 -58.07
C ARG E 477 56.55 92.03 -59.22
N PRO E 478 57.73 91.75 -59.79
CA PRO E 478 57.81 90.72 -60.83
C PRO E 478 57.66 89.32 -60.26
N SER E 479 56.56 88.66 -60.60
CA SER E 479 56.23 87.33 -60.10
C SER E 479 56.32 86.31 -61.25
N ALA E 480 55.90 85.08 -60.95
CA ALA E 480 56.05 84.01 -61.93
C ALA E 480 55.23 84.28 -63.19
N SER E 481 54.02 84.79 -63.03
CA SER E 481 53.15 85.02 -64.19
C SER E 481 53.68 86.12 -65.10
N THR E 482 54.46 87.05 -64.55
CA THR E 482 55.05 88.11 -65.36
C THR E 482 56.39 87.71 -65.96
N GLN E 483 57.15 86.89 -65.25
CA GLN E 483 58.47 86.45 -65.73
C GLN E 483 58.40 85.05 -66.32
N ALA E 484 57.64 84.94 -67.41
CA ALA E 484 57.44 83.68 -68.10
C ALA E 484 58.10 83.71 -69.47
N LEU E 485 58.55 82.54 -69.92
CA LEU E 485 59.17 82.44 -71.25
C LEU E 485 58.14 82.73 -72.33
N SER E 486 57.09 81.91 -72.41
CA SER E 486 55.98 82.14 -73.33
C SER E 486 54.81 82.74 -72.58
N SER E 487 54.09 83.65 -73.24
CA SER E 487 52.99 84.35 -72.61
C SER E 487 51.81 84.43 -73.58
N SER E 488 50.63 84.66 -73.02
CA SER E 488 49.40 84.75 -73.81
C SER E 488 48.29 85.27 -72.92
N VAL E 489 47.28 85.84 -73.57
CA VAL E 489 46.08 86.36 -72.90
C VAL E 489 44.85 85.77 -73.58
N SER E 490 43.77 85.63 -72.82
CA SER E 490 42.54 85.09 -73.36
C SER E 490 41.85 86.14 -74.23
N SER E 491 41.67 85.82 -75.50
CA SER E 491 41.01 86.70 -76.45
C SER E 491 39.69 86.06 -76.88
N SER E 492 38.72 86.11 -75.99
CA SER E 492 37.41 85.51 -76.21
C SER E 492 36.36 86.57 -76.51
N LYS E 493 35.22 86.11 -77.02
CA LYS E 493 34.12 87.00 -77.38
C LYS E 493 32.85 86.73 -76.58
N LEU E 494 32.86 85.75 -75.68
CA LEU E 494 31.66 85.43 -74.91
C LEU E 494 31.22 86.63 -74.06
N PHE E 495 32.12 87.11 -73.19
CA PHE E 495 31.81 88.19 -72.28
C PHE E 495 32.32 89.54 -72.74
N SER E 496 33.10 89.59 -73.83
CA SER E 496 33.50 90.87 -74.39
C SER E 496 32.30 91.68 -74.82
N SER E 497 31.28 91.01 -75.37
CA SER E 497 30.03 91.66 -75.73
C SER E 497 29.02 91.65 -74.58
N SER E 498 28.98 90.56 -73.81
CA SER E 498 28.07 90.44 -72.68
C SER E 498 28.83 90.83 -71.42
N THR E 499 28.90 92.15 -71.18
CA THR E 499 29.59 92.70 -70.02
C THR E 499 28.72 93.74 -69.35
N ALA E 500 28.85 93.82 -68.01
CA ALA E 500 28.08 94.78 -67.22
C ALA E 500 28.81 96.12 -67.16
N PRO E 501 28.07 97.23 -66.99
CA PRO E 501 28.72 98.54 -66.92
C PRO E 501 29.19 98.90 -65.52
N HIS E 502 30.47 99.21 -65.38
CA HIS E 502 31.06 99.55 -64.08
C HIS E 502 32.47 100.05 -64.31
N GLU E 503 33.00 100.76 -63.31
CA GLU E 503 34.35 101.32 -63.38
C GLU E 503 35.04 101.14 -62.05
N THR E 504 36.35 100.93 -62.11
CA THR E 504 37.18 100.77 -60.92
C THR E 504 37.94 102.06 -60.64
N SER E 505 38.02 102.43 -59.36
CA SER E 505 38.68 103.66 -58.95
C SER E 505 40.18 103.43 -58.79
N PHE E 506 40.92 104.53 -58.80
CA PHE E 506 42.38 104.47 -58.67
C PHE E 506 42.77 103.93 -57.31
N GLY E 507 43.85 103.14 -57.28
CA GLY E 507 44.36 102.59 -56.05
C GLY E 507 43.75 101.26 -55.63
N GLU E 508 42.56 100.93 -56.13
CA GLU E 508 41.92 99.68 -55.76
C GLU E 508 42.73 98.50 -56.28
N GLU E 509 42.74 97.42 -55.49
CA GLU E 509 43.47 96.21 -55.87
C GLU E 509 42.58 95.25 -56.64
N VAL E 510 43.17 94.56 -57.60
CA VAL E 510 42.50 93.54 -58.39
C VAL E 510 43.48 92.42 -58.65
N GLU E 511 43.03 91.17 -58.50
CA GLU E 511 43.90 90.02 -58.70
C GLU E 511 43.71 89.47 -60.11
N VAL E 512 44.84 89.29 -60.81
CA VAL E 512 44.86 88.71 -62.14
C VAL E 512 45.19 87.23 -62.01
N HIS E 513 44.40 86.39 -62.64
CA HIS E 513 44.57 84.94 -62.59
C HIS E 513 45.28 84.44 -63.83
N ASN E 514 46.12 83.43 -63.65
CA ASN E 514 46.96 82.90 -64.72
C ASN E 514 47.10 81.39 -64.57
N LEU E 515 47.31 80.73 -65.71
CA LEU E 515 47.64 79.31 -65.77
C LEU E 515 49.11 79.19 -66.13
N LEU E 516 49.90 78.62 -65.23
CA LEU E 516 51.33 78.47 -65.42
C LEU E 516 51.65 77.04 -65.83
N ILE E 517 52.35 76.89 -66.93
CA ILE E 517 52.91 75.61 -67.37
C ILE E 517 54.37 75.61 -66.94
N ILE E 518 54.71 74.72 -66.02
CA ILE E 518 56.00 74.72 -65.32
C ILE E 518 56.69 73.38 -65.56
N ASP E 519 57.94 73.42 -65.99
CA ASP E 519 58.68 72.20 -66.25
C ASP E 519 58.79 71.35 -64.98
N GLN E 520 58.82 70.03 -65.16
CA GLN E 520 58.90 69.09 -64.05
C GLN E 520 60.33 68.85 -63.56
N HIS E 521 61.34 69.22 -64.35
CA HIS E 521 62.73 69.05 -63.96
C HIS E 521 63.35 70.34 -63.45
N THR E 522 63.39 71.38 -64.29
CA THR E 522 63.94 72.67 -63.90
C THR E 522 62.97 73.53 -63.10
N PHE E 523 61.66 73.27 -63.23
CA PHE E 523 60.64 74.04 -62.51
C PHE E 523 60.67 75.51 -62.91
N GLU E 524 60.93 75.76 -64.19
CA GLU E 524 60.90 77.11 -64.75
C GLU E 524 59.54 77.37 -65.41
N VAL E 525 59.09 78.61 -65.33
CA VAL E 525 57.80 78.99 -65.90
C VAL E 525 57.91 78.91 -67.42
N LEU E 526 57.53 77.75 -67.98
CA LEU E 526 57.55 77.58 -69.42
C LEU E 526 56.52 78.47 -70.10
N HIS E 527 55.30 78.51 -69.56
CA HIS E 527 54.25 79.31 -70.16
C HIS E 527 53.37 79.93 -69.08
N ALA E 528 52.74 81.06 -69.42
CA ALA E 528 51.82 81.74 -68.53
C ALA E 528 50.68 82.31 -69.36
N HIS E 529 49.48 81.77 -69.18
CA HIS E 529 48.29 82.20 -69.91
C HIS E 529 47.41 83.01 -68.98
N GLN E 530 47.20 84.29 -69.32
CA GLN E 530 46.38 85.17 -68.50
C GLN E 530 44.92 85.08 -68.94
N PHE E 531 44.02 84.99 -67.97
CA PHE E 531 42.60 84.84 -68.22
C PHE E 531 41.95 86.21 -68.44
N LEU E 532 40.64 86.19 -68.70
CA LEU E 532 39.91 87.41 -69.01
C LEU E 532 39.83 88.32 -67.79
N GLN E 533 39.46 89.58 -68.05
CA GLN E 533 39.29 90.54 -66.97
C GLN E 533 38.05 90.19 -66.16
N ASN E 534 38.19 90.23 -64.83
CA ASN E 534 37.13 89.86 -63.90
C ASN E 534 36.82 88.37 -63.91
N GLU E 535 37.75 87.56 -64.42
CA GLU E 535 37.56 86.11 -64.47
C GLU E 535 38.38 85.45 -63.38
N TYR E 536 37.74 84.59 -62.59
CA TYR E 536 38.36 83.92 -61.46
C TYR E 536 38.41 82.43 -61.77
N ALA E 537 39.62 81.88 -61.83
CA ALA E 537 39.78 80.45 -62.11
C ALA E 537 39.65 79.66 -60.81
N LEU E 538 38.77 78.66 -60.82
CA LEU E 538 38.45 77.90 -59.61
C LEU E 538 38.99 76.48 -59.63
N SER E 539 38.70 75.72 -60.68
CA SER E 539 39.08 74.32 -60.76
C SER E 539 40.04 74.09 -61.92
N LEU E 540 40.71 72.95 -61.88
CA LEU E 540 41.72 72.61 -62.87
C LEU E 540 41.89 71.10 -62.92
N VAL E 541 41.98 70.56 -64.13
CA VAL E 541 42.15 69.13 -64.34
C VAL E 541 42.98 68.91 -65.59
N SER E 542 43.63 67.74 -65.65
CA SER E 542 44.42 67.33 -66.80
C SER E 542 44.12 65.87 -67.07
N CYS E 543 43.63 65.56 -68.26
CA CYS E 543 43.18 64.21 -68.57
C CYS E 543 42.94 64.09 -70.07
N LYS E 544 42.60 62.88 -70.50
CA LYS E 544 42.21 62.59 -71.86
C LYS E 544 40.71 62.32 -71.89
N LEU E 545 40.02 62.91 -72.87
CA LEU E 545 38.57 62.85 -72.94
C LEU E 545 38.13 62.14 -74.23
N GLY E 546 37.29 61.12 -74.06
CA GLY E 546 36.71 60.41 -75.19
C GLY E 546 37.77 59.70 -76.01
N LYS E 547 37.52 59.66 -77.33
CA LYS E 547 38.45 59.02 -78.26
C LYS E 547 39.70 59.84 -78.52
N ASP E 548 39.71 61.10 -78.15
CA ASP E 548 40.86 61.96 -78.43
C ASP E 548 42.08 61.48 -77.66
N PRO E 549 43.20 61.18 -78.33
CA PRO E 549 44.39 60.71 -77.60
C PRO E 549 45.19 61.83 -76.94
N ASN E 550 44.89 63.10 -77.24
CA ASN E 550 45.62 64.20 -76.65
C ASN E 550 45.23 64.39 -75.20
N THR E 551 46.18 64.86 -74.39
CA THR E 551 45.95 65.19 -72.99
C THR E 551 45.83 66.70 -72.86
N TYR E 552 44.71 67.16 -72.30
CA TYR E 552 44.41 68.58 -72.24
C TYR E 552 44.46 69.10 -70.82
N PHE E 553 44.63 70.42 -70.71
CA PHE E 553 44.50 71.16 -69.47
C PHE E 553 43.14 71.84 -69.47
N ILE E 554 42.24 71.39 -68.61
CA ILE E 554 40.88 71.91 -68.55
C ILE E 554 40.75 72.78 -67.31
N VAL E 555 40.27 74.00 -67.49
CA VAL E 555 40.17 74.98 -66.43
C VAL E 555 38.73 75.48 -66.35
N GLY E 556 38.19 75.52 -65.14
CA GLY E 556 36.87 76.08 -64.89
C GLY E 556 36.99 77.46 -64.26
N THR E 557 36.14 78.38 -64.71
CA THR E 557 36.25 79.77 -64.31
C THR E 557 34.89 80.29 -63.86
N ALA E 558 34.88 81.56 -63.45
CA ALA E 558 33.65 82.25 -63.07
C ALA E 558 33.88 83.75 -63.17
N MET E 559 32.96 84.46 -63.82
CA MET E 559 33.06 85.90 -63.97
C MET E 559 32.59 86.57 -62.68
N VAL E 560 33.53 87.17 -61.94
CA VAL E 560 33.22 87.78 -60.65
C VAL E 560 33.18 89.29 -60.83
N TYR E 561 32.01 89.88 -60.62
CA TYR E 561 31.84 91.32 -60.64
C TYR E 561 31.43 91.81 -59.25
N PRO E 562 31.79 93.05 -58.89
CA PRO E 562 31.51 93.53 -57.52
C PRO E 562 30.02 93.66 -57.23
N GLU E 563 29.26 94.24 -58.16
CA GLU E 563 27.84 94.42 -57.95
C GLU E 563 27.07 93.10 -58.03
N GLU E 564 27.65 92.07 -58.66
CA GLU E 564 26.99 90.78 -58.79
C GLU E 564 27.39 89.90 -57.61
N ALA E 565 26.40 89.51 -56.79
CA ALA E 565 26.65 88.67 -55.64
C ALA E 565 27.01 87.25 -56.06
N GLU E 566 26.06 86.53 -56.64
CA GLU E 566 26.33 85.16 -57.07
C GLU E 566 26.69 85.13 -58.54
N PRO E 567 27.74 84.42 -58.93
CA PRO E 567 28.18 84.44 -60.33
C PRO E 567 27.14 83.83 -61.26
N LYS E 568 26.89 84.53 -62.37
CA LYS E 568 25.93 84.08 -63.38
C LYS E 568 26.59 83.75 -64.71
N GLN E 569 27.92 83.81 -64.79
CA GLN E 569 28.64 83.48 -66.01
C GLN E 569 29.92 82.74 -65.66
N GLY E 570 30.35 81.87 -66.56
CA GLY E 570 31.57 81.12 -66.35
C GLY E 570 31.98 80.43 -67.63
N ARG E 571 33.16 79.82 -67.59
CA ARG E 571 33.69 79.13 -68.75
C ARG E 571 34.36 77.83 -68.34
N ILE E 572 34.37 76.89 -69.27
CA ILE E 572 35.20 75.69 -69.21
C ILE E 572 36.11 75.76 -70.43
N VAL E 573 37.41 75.90 -70.19
CA VAL E 573 38.38 76.13 -71.26
C VAL E 573 39.31 74.92 -71.33
N VAL E 574 39.43 74.34 -72.51
CA VAL E 574 40.29 73.19 -72.75
C VAL E 574 41.49 73.69 -73.55
N PHE E 575 42.67 73.68 -72.93
CA PHE E 575 43.94 74.03 -73.54
C PHE E 575 44.73 72.77 -73.87
N GLN E 576 45.71 72.93 -74.75
CA GLN E 576 46.68 71.87 -75.04
C GLN E 576 48.06 72.48 -75.12
N TYR E 577 48.99 71.94 -74.34
CA TYR E 577 50.37 72.43 -74.31
C TYR E 577 51.22 71.59 -75.25
N SER E 578 51.78 72.24 -76.27
CA SER E 578 52.59 71.55 -77.27
C SER E 578 53.54 72.55 -77.92
N ASP E 579 54.77 72.10 -78.18
CA ASP E 579 55.78 72.92 -78.85
C ASP E 579 56.08 74.18 -78.06
N GLY E 580 56.04 74.07 -76.73
CA GLY E 580 56.36 75.19 -75.88
C GLY E 580 55.31 76.29 -75.83
N LYS E 581 54.12 76.05 -76.37
CA LYS E 581 53.05 77.04 -76.38
C LYS E 581 51.75 76.38 -75.93
N LEU E 582 50.91 77.19 -75.28
CA LEU E 582 49.60 76.75 -74.82
C LEU E 582 48.54 77.35 -75.73
N GLN E 583 47.76 76.48 -76.38
CA GLN E 583 46.74 76.90 -77.32
C GLN E 583 45.36 76.49 -76.81
N THR E 584 44.37 77.36 -77.02
CA THR E 584 43.01 77.10 -76.58
C THR E 584 42.32 76.16 -77.55
N VAL E 585 42.05 74.93 -77.09
CA VAL E 585 41.37 73.95 -77.94
C VAL E 585 39.87 74.22 -77.98
N ALA E 586 39.25 74.38 -76.81
CA ALA E 586 37.80 74.53 -76.75
C ALA E 586 37.41 75.52 -75.66
N GLU E 587 36.24 76.13 -75.83
CA GLU E 587 35.70 77.11 -74.89
C GLU E 587 34.20 76.93 -74.80
N LYS E 588 33.70 76.60 -73.60
CA LYS E 588 32.28 76.36 -73.37
C LYS E 588 31.78 77.35 -72.33
N GLU E 589 30.76 78.13 -72.69
CA GLU E 589 30.18 79.07 -71.74
C GLU E 589 29.14 78.39 -70.87
N VAL E 590 29.05 78.83 -69.62
CA VAL E 590 28.11 78.28 -68.65
C VAL E 590 27.49 79.44 -67.87
N LYS E 591 26.31 79.18 -67.32
CA LYS E 591 25.52 80.18 -66.62
C LYS E 591 25.85 80.28 -65.13
N GLY E 592 27.07 79.92 -64.74
CA GLY E 592 27.43 79.98 -63.33
C GLY E 592 28.91 79.75 -63.12
N ALA E 593 29.27 79.55 -61.86
CA ALA E 593 30.66 79.36 -61.46
C ALA E 593 31.02 77.88 -61.52
N VAL E 594 32.07 77.56 -62.27
CA VAL E 594 32.54 76.19 -62.35
C VAL E 594 33.40 75.90 -61.12
N TYR E 595 32.79 75.34 -60.08
CA TYR E 595 33.50 75.19 -58.81
C TYR E 595 34.51 74.05 -58.87
N SER E 596 34.10 72.88 -59.34
CA SER E 596 34.97 71.71 -59.36
C SER E 596 34.76 70.94 -60.65
N MET E 597 35.77 70.19 -61.04
CA MET E 597 35.71 69.32 -62.20
C MET E 597 36.50 68.05 -61.90
N VAL E 598 36.06 66.94 -62.48
CA VAL E 598 36.73 65.66 -62.31
C VAL E 598 36.61 64.86 -63.60
N GLU E 599 37.59 64.01 -63.84
CA GLU E 599 37.56 63.10 -64.98
C GLU E 599 36.64 61.94 -64.64
N PHE E 600 35.58 61.78 -65.43
CA PHE E 600 34.53 60.80 -65.15
C PHE E 600 34.37 59.85 -66.35
N ASN E 601 35.13 58.77 -66.33
CA ASN E 601 35.00 57.69 -67.31
C ASN E 601 35.01 58.25 -68.73
N GLY E 602 36.10 58.94 -69.07
CA GLY E 602 36.25 59.53 -70.39
C GLY E 602 35.40 60.76 -70.65
N LYS E 603 34.62 61.20 -69.67
CA LYS E 603 33.77 62.39 -69.79
C LYS E 603 34.16 63.40 -68.73
N LEU E 604 33.71 64.64 -68.90
CA LEU E 604 34.07 65.75 -68.04
C LEU E 604 32.91 66.09 -67.12
N LEU E 605 33.05 65.77 -65.83
CA LEU E 605 32.02 66.05 -64.84
C LEU E 605 32.33 67.40 -64.20
N ALA E 606 31.45 68.37 -64.43
CA ALA E 606 31.63 69.72 -63.91
C ALA E 606 30.49 70.09 -62.97
N SER E 607 30.71 71.15 -62.20
CA SER E 607 29.71 71.65 -61.25
C SER E 607 29.56 73.14 -61.48
N ILE E 608 28.35 73.55 -61.87
CA ILE E 608 28.01 74.96 -62.13
C ILE E 608 26.96 75.35 -61.10
N ASN E 609 27.40 76.01 -60.02
CA ASN E 609 26.52 76.41 -58.93
C ASN E 609 25.78 75.22 -58.34
N SER E 610 24.47 75.15 -58.55
CA SER E 610 23.67 74.05 -58.00
C SER E 610 23.58 72.87 -58.95
N THR E 611 24.05 73.01 -60.18
CA THR E 611 23.94 71.95 -61.17
C THR E 611 25.22 71.12 -61.21
N VAL E 612 25.06 69.80 -61.32
CA VAL E 612 26.14 68.89 -61.65
C VAL E 612 25.91 68.44 -63.08
N ARG E 613 26.81 68.83 -63.98
CA ARG E 613 26.65 68.60 -65.40
C ARG E 613 27.72 67.66 -65.91
N LEU E 614 27.39 66.92 -66.97
CA LEU E 614 28.30 65.94 -67.57
C LEU E 614 28.47 66.29 -69.04
N TYR E 615 29.72 66.49 -69.46
CA TYR E 615 30.06 66.82 -70.82
C TYR E 615 30.76 65.65 -71.50
N GLU E 616 30.45 65.45 -72.78
CA GLU E 616 31.13 64.47 -73.61
C GLU E 616 31.98 65.18 -74.64
N TRP E 617 33.16 64.62 -74.92
CA TRP E 617 34.11 65.21 -75.87
C TRP E 617 33.80 64.68 -77.26
N THR E 618 33.12 65.50 -78.07
CA THR E 618 32.70 65.08 -79.39
C THR E 618 33.91 64.95 -80.32
N THR E 619 33.67 64.30 -81.46
CA THR E 619 34.72 64.17 -82.48
C THR E 619 35.11 65.51 -83.08
N GLU E 620 34.24 66.52 -82.99
CA GLU E 620 34.53 67.87 -83.45
C GLU E 620 35.34 68.67 -82.43
N LYS E 621 35.84 68.02 -81.38
CA LYS E 621 36.62 68.67 -80.33
C LYS E 621 35.85 69.83 -79.71
N GLU E 622 34.69 69.50 -79.15
CA GLU E 622 33.85 70.46 -78.46
C GLU E 622 33.12 69.74 -77.33
N LEU E 623 32.80 70.49 -76.28
CA LEU E 623 32.10 69.94 -75.13
C LEU E 623 30.60 69.94 -75.39
N ARG E 624 29.97 68.76 -75.25
CA ARG E 624 28.55 68.59 -75.49
C ARG E 624 27.88 68.09 -74.22
N THR E 625 26.79 68.74 -73.85
CA THR E 625 26.07 68.38 -72.63
C THR E 625 25.30 67.09 -72.84
N GLU E 626 25.40 66.17 -71.88
CA GLU E 626 24.65 64.93 -71.93
C GLU E 626 23.76 64.70 -70.71
N CYS E 627 24.14 65.21 -69.54
CA CYS E 627 23.36 64.96 -68.32
C CYS E 627 23.45 66.16 -67.40
N ASN E 628 22.36 66.43 -66.69
CA ASN E 628 22.30 67.46 -65.67
C ASN E 628 21.62 66.90 -64.44
N HIS E 629 22.02 67.41 -63.28
CA HIS E 629 21.37 67.07 -62.03
C HIS E 629 21.32 68.30 -61.15
N TYR E 630 20.12 68.76 -60.84
CA TYR E 630 19.93 69.97 -60.03
C TYR E 630 19.78 69.56 -58.57
N ASN E 631 20.64 70.10 -57.72
CA ASN E 631 20.70 69.71 -56.33
C ASN E 631 20.14 70.80 -55.42
N ASN E 632 19.84 70.41 -54.18
CA ASN E 632 19.42 71.34 -53.15
C ASN E 632 20.56 72.14 -52.55
N ILE E 633 21.81 71.77 -52.85
CA ILE E 633 22.98 72.45 -52.31
C ILE E 633 23.80 73.03 -53.45
N MET E 634 24.93 73.65 -53.10
CA MET E 634 25.84 74.22 -54.08
C MET E 634 27.00 73.24 -54.29
N ALA E 635 27.12 72.71 -55.51
CA ALA E 635 28.09 71.65 -55.82
C ALA E 635 29.51 72.21 -55.74
N LEU E 636 30.00 72.36 -54.52
CA LEU E 636 31.36 72.85 -54.31
C LEU E 636 32.37 71.72 -54.43
N TYR E 637 32.35 70.78 -53.48
CA TYR E 637 33.27 69.66 -53.50
C TYR E 637 32.73 68.58 -54.42
N LEU E 638 33.55 68.17 -55.39
CA LEU E 638 33.20 67.17 -56.39
C LEU E 638 34.26 66.08 -56.37
N LYS E 639 33.88 64.88 -55.93
CA LYS E 639 34.76 63.72 -56.02
C LYS E 639 34.02 62.62 -56.76
N THR E 640 34.77 61.64 -57.25
CA THR E 640 34.14 60.56 -58.00
C THR E 640 34.94 59.26 -57.82
N LYS E 641 34.23 58.14 -57.93
CA LYS E 641 34.85 56.82 -57.88
C LYS E 641 34.05 55.92 -58.81
N GLY E 642 34.63 55.60 -59.97
CA GLY E 642 33.94 54.79 -60.94
C GLY E 642 32.67 55.45 -61.44
N ASP E 643 31.52 55.02 -60.92
CA ASP E 643 30.24 55.59 -61.28
C ASP E 643 29.58 56.34 -60.13
N PHE E 644 30.18 56.36 -58.95
CA PHE E 644 29.64 57.13 -57.83
C PHE E 644 30.22 58.54 -57.86
N ILE E 645 29.37 59.51 -57.50
CA ILE E 645 29.76 60.91 -57.43
C ILE E 645 29.45 61.43 -56.03
N LEU E 646 30.43 62.06 -55.39
CA LEU E 646 30.27 62.65 -54.08
C LEU E 646 30.24 64.18 -54.25
N VAL E 647 29.15 64.79 -53.80
CA VAL E 647 28.94 66.22 -53.91
C VAL E 647 28.82 66.81 -52.52
N GLY E 648 29.38 68.00 -52.34
CA GLY E 648 29.31 68.66 -51.04
C GLY E 648 29.30 70.16 -51.20
N ASP E 649 28.78 70.84 -50.17
CA ASP E 649 28.76 72.28 -50.10
C ASP E 649 29.55 72.75 -48.87
N LEU E 650 29.54 74.06 -48.65
CA LEU E 650 30.34 74.62 -47.57
C LEU E 650 29.80 74.28 -46.19
N MET E 651 28.54 73.88 -46.08
CA MET E 651 27.90 73.62 -44.81
C MET E 651 27.74 72.12 -44.53
N ARG E 652 28.74 71.33 -44.92
CA ARG E 652 28.82 69.92 -44.58
C ARG E 652 27.59 69.15 -45.06
N SER E 653 27.03 69.55 -46.20
CA SER E 653 25.86 68.87 -46.79
C SER E 653 26.38 67.83 -47.77
N VAL E 654 26.52 66.59 -47.31
CA VAL E 654 27.07 65.52 -48.13
C VAL E 654 25.96 64.90 -48.97
N LEU E 655 26.26 64.62 -50.23
CA LEU E 655 25.31 64.05 -51.16
C LEU E 655 26.03 63.01 -52.01
N LEU E 656 25.39 61.85 -52.22
CA LEU E 656 25.98 60.76 -52.98
C LEU E 656 25.05 60.43 -54.13
N LEU E 657 25.51 60.71 -55.35
CA LEU E 657 24.81 60.43 -56.60
C LEU E 657 25.48 59.29 -57.33
N ALA E 658 24.81 58.80 -58.38
CA ALA E 658 25.36 57.74 -59.21
C ALA E 658 24.93 57.97 -60.64
N TYR E 659 25.83 57.69 -61.58
CA TYR E 659 25.53 57.79 -63.00
C TYR E 659 24.99 56.46 -63.49
N LYS E 660 23.75 56.46 -63.97
CA LYS E 660 23.14 55.26 -64.51
C LYS E 660 23.53 55.13 -65.97
N PRO E 661 24.42 54.20 -66.33
CA PRO E 661 24.88 54.12 -67.72
C PRO E 661 23.77 53.71 -68.67
N MET E 662 23.03 52.67 -68.31
CA MET E 662 21.98 52.18 -69.19
C MET E 662 20.85 53.19 -69.33
N GLU E 663 20.66 54.08 -68.34
CA GLU E 663 19.59 55.07 -68.40
C GLU E 663 20.05 56.38 -69.04
N GLY E 664 21.30 56.78 -68.79
CA GLY E 664 21.77 58.05 -69.31
C GLY E 664 21.35 59.25 -68.50
N ASN E 665 21.46 59.17 -67.18
CA ASN E 665 21.09 60.29 -66.31
C ASN E 665 21.62 59.98 -64.91
N PHE E 666 21.47 60.97 -64.03
CA PHE E 666 21.95 60.85 -62.66
C PHE E 666 20.82 60.44 -61.73
N GLU E 667 21.18 59.68 -60.69
CA GLU E 667 20.22 59.22 -59.70
C GLU E 667 20.83 59.39 -58.31
N GLU E 668 20.08 60.01 -57.40
CA GLU E 668 20.57 60.25 -56.06
C GLU E 668 20.55 58.96 -55.25
N ILE E 669 21.70 58.61 -54.67
CA ILE E 669 21.81 57.41 -53.85
C ILE E 669 21.51 57.70 -52.40
N ALA E 670 22.14 58.73 -51.83
CA ALA E 670 21.95 59.01 -50.41
C ALA E 670 22.41 60.43 -50.11
N ARG E 671 22.30 60.82 -48.85
CA ARG E 671 22.68 62.16 -48.44
C ARG E 671 22.75 62.21 -46.92
N ASP E 672 23.33 63.30 -46.42
CA ASP E 672 23.37 63.58 -44.98
C ASP E 672 23.62 65.06 -44.83
N PHE E 673 22.65 65.77 -44.26
CA PHE E 673 22.72 67.22 -44.12
C PHE E 673 22.80 67.58 -42.65
N ASN E 674 24.00 67.93 -42.21
CA ASN E 674 24.24 68.41 -40.84
C ASN E 674 24.95 69.75 -40.94
N PRO E 675 24.31 70.86 -40.55
CA PRO E 675 24.93 72.17 -40.74
C PRO E 675 26.23 72.27 -39.96
N ASN E 676 27.32 72.46 -40.69
CA ASN E 676 28.62 72.71 -40.08
C ASN E 676 29.62 73.05 -41.18
N TRP E 677 30.53 73.96 -40.89
CA TRP E 677 31.49 74.43 -41.90
C TRP E 677 32.40 73.29 -42.31
N MET E 678 32.41 72.97 -43.60
CA MET E 678 33.23 71.91 -44.15
C MET E 678 34.30 72.51 -45.05
N SER E 679 35.53 71.98 -44.94
CA SER E 679 36.68 72.48 -45.68
C SER E 679 37.12 71.57 -46.81
N ALA E 680 37.03 70.26 -46.65
CA ALA E 680 37.45 69.33 -47.69
C ALA E 680 36.70 68.02 -47.51
N VAL E 681 36.68 67.24 -48.59
CA VAL E 681 35.99 65.95 -48.61
C VAL E 681 36.74 65.01 -49.53
N GLU E 682 36.51 63.72 -49.36
CA GLU E 682 37.19 62.71 -50.15
C GLU E 682 36.47 61.38 -49.99
N ILE E 683 36.60 60.53 -51.00
CA ILE E 683 35.96 59.21 -51.01
C ILE E 683 37.00 58.19 -50.59
N LEU E 684 36.79 57.57 -49.43
CA LEU E 684 37.72 56.56 -48.94
C LEU E 684 37.61 55.28 -49.78
N ASP E 685 36.44 54.64 -49.74
CA ASP E 685 36.17 53.47 -50.56
C ASP E 685 34.77 53.60 -51.13
N ASP E 686 34.20 52.47 -51.58
CA ASP E 686 32.91 52.52 -52.24
C ASP E 686 31.81 52.90 -51.26
N ASP E 687 32.02 52.67 -49.97
CA ASP E 687 31.00 52.91 -48.96
C ASP E 687 31.35 54.01 -47.97
N ASN E 688 32.62 54.34 -47.79
CA ASN E 688 33.04 55.31 -46.79
C ASN E 688 33.49 56.61 -47.46
N PHE E 689 33.20 57.73 -46.81
CA PHE E 689 33.55 59.06 -47.32
C PHE E 689 34.13 59.89 -46.19
N LEU E 690 35.31 60.44 -46.42
CA LEU E 690 36.03 61.22 -45.42
C LEU E 690 35.88 62.71 -45.68
N GLY E 691 35.78 63.50 -44.61
CA GLY E 691 35.65 64.94 -44.74
C GLY E 691 36.23 65.65 -43.53
N ALA E 692 36.42 66.95 -43.69
CA ALA E 692 36.95 67.81 -42.63
C ALA E 692 35.93 68.91 -42.34
N GLU E 693 35.47 69.00 -41.09
CA GLU E 693 34.47 69.97 -40.69
C GLU E 693 34.97 70.84 -39.54
N ASN E 694 34.11 71.79 -39.19
CA ASN E 694 34.50 72.92 -38.37
C ASN E 694 35.19 72.47 -37.10
N ALA E 695 36.02 73.36 -36.57
CA ALA E 695 36.79 73.12 -35.35
C ALA E 695 37.88 72.07 -35.59
N PHE E 696 38.46 72.09 -36.78
CA PHE E 696 39.58 71.22 -37.12
C PHE E 696 39.26 69.76 -36.82
N ASN E 697 38.10 69.32 -37.29
CA ASN E 697 37.65 67.96 -37.03
C ASN E 697 37.61 67.15 -38.32
N LEU E 698 37.83 65.85 -38.21
CA LEU E 698 37.68 64.89 -39.29
C LEU E 698 36.48 63.98 -39.01
N PHE E 699 35.70 63.72 -40.05
CA PHE E 699 34.53 62.86 -39.93
C PHE E 699 34.49 61.89 -41.09
N VAL E 700 33.77 60.80 -40.88
CA VAL E 700 33.65 59.72 -41.85
C VAL E 700 32.20 59.27 -41.89
N CYS E 701 31.56 59.46 -43.04
CA CYS E 701 30.21 58.97 -43.30
C CYS E 701 30.26 57.65 -44.04
N GLN E 702 29.21 56.87 -43.90
CA GLN E 702 29.14 55.53 -44.48
C GLN E 702 27.81 55.33 -45.19
N LYS E 703 27.87 54.74 -46.37
CA LYS E 703 26.68 54.47 -47.18
C LYS E 703 26.07 53.14 -46.76
N ASP E 704 24.80 53.18 -46.37
CA ASP E 704 24.08 51.98 -45.94
C ASP E 704 23.43 51.34 -47.16
N SER E 705 24.09 50.35 -47.74
CA SER E 705 23.52 49.54 -48.81
C SER E 705 23.07 48.20 -48.24
N ALA E 706 22.02 47.64 -48.85
CA ALA E 706 21.45 46.36 -48.46
C ALA E 706 20.66 46.45 -47.15
N ALA E 707 20.17 47.63 -46.79
CA ALA E 707 19.34 47.79 -45.61
C ALA E 707 17.92 47.31 -45.94
N THR E 708 16.95 47.63 -45.08
CA THR E 708 15.57 47.25 -45.29
C THR E 708 14.75 48.39 -45.90
N THR E 709 14.65 49.52 -45.21
CA THR E 709 13.82 50.63 -45.65
C THR E 709 14.59 51.52 -46.62
N ASP E 710 13.88 52.01 -47.64
CA ASP E 710 14.47 53.02 -48.50
C ASP E 710 14.86 54.27 -47.72
N GLU E 711 14.10 54.60 -46.67
CA GLU E 711 14.40 55.76 -45.86
C GLU E 711 15.80 55.67 -45.26
N GLU E 712 16.12 54.56 -44.59
CA GLU E 712 17.45 54.40 -43.99
C GLU E 712 18.53 54.15 -45.02
N ARG E 713 18.20 53.58 -46.18
CA ARG E 713 19.21 53.37 -47.21
C ARG E 713 19.69 54.68 -47.81
N GLN E 714 18.80 55.67 -47.93
CA GLN E 714 19.15 56.96 -48.51
C GLN E 714 19.77 57.92 -47.49
N HIS E 715 20.29 57.41 -46.37
CA HIS E 715 20.91 58.23 -45.34
C HIS E 715 22.30 57.72 -45.04
N LEU E 716 23.28 58.63 -45.06
CA LEU E 716 24.65 58.29 -44.72
C LEU E 716 24.82 58.43 -43.21
N GLN E 717 25.26 57.37 -42.56
CA GLN E 717 25.44 57.35 -41.12
C GLN E 717 26.84 57.84 -40.77
N GLU E 718 26.92 58.78 -39.83
CA GLU E 718 28.20 59.29 -39.36
C GLU E 718 28.88 58.22 -38.53
N VAL E 719 29.95 57.63 -39.05
CA VAL E 719 30.61 56.50 -38.41
C VAL E 719 32.00 56.84 -37.89
N GLY E 720 32.51 58.03 -38.17
CA GLY E 720 33.81 58.41 -37.63
C GLY E 720 33.94 59.86 -37.23
N LEU E 721 34.46 60.12 -36.04
CA LEU E 721 34.70 61.48 -35.55
C LEU E 721 36.07 61.54 -34.90
N PHE E 722 36.80 62.63 -35.14
CA PHE E 722 38.13 62.76 -34.58
C PHE E 722 38.67 64.18 -34.67
N HIS E 723 38.99 64.80 -33.54
CA HIS E 723 39.53 66.16 -33.55
C HIS E 723 40.99 66.11 -34.01
N LEU E 724 41.22 66.52 -35.27
CA LEU E 724 42.57 66.45 -35.84
C LEU E 724 43.45 67.58 -35.33
N GLY E 725 42.88 68.77 -35.13
CA GLY E 725 43.66 69.92 -34.74
C GLY E 725 44.25 70.71 -35.88
N GLU E 726 43.99 70.32 -37.13
CA GLU E 726 44.48 71.03 -38.30
C GLU E 726 43.31 71.30 -39.23
N PHE E 727 43.44 72.35 -40.04
CA PHE E 727 42.43 72.74 -41.01
C PHE E 727 42.84 72.15 -42.36
N VAL E 728 42.17 71.07 -42.77
CA VAL E 728 42.50 70.39 -44.01
C VAL E 728 41.95 71.20 -45.18
N ASN E 729 42.76 71.34 -46.23
CA ASN E 729 42.37 72.05 -47.45
C ASN E 729 42.30 71.15 -48.67
N VAL E 730 43.06 70.06 -48.71
CA VAL E 730 43.09 69.19 -49.88
C VAL E 730 43.38 67.76 -49.41
N PHE E 731 42.50 66.84 -49.80
CA PHE E 731 42.74 65.41 -49.72
C PHE E 731 43.26 64.91 -51.06
N CYS E 732 44.07 63.84 -51.01
CA CYS E 732 44.71 63.34 -52.22
C CYS E 732 45.08 61.88 -52.01
N HIS E 733 44.62 61.02 -52.90
CA HIS E 733 45.00 59.61 -52.82
C HIS E 733 46.44 59.43 -53.27
N GLY E 734 47.22 58.72 -52.47
CA GLY E 734 48.61 58.49 -52.79
C GLY E 734 49.40 58.13 -51.56
N SER E 735 50.69 57.86 -51.78
CA SER E 735 51.60 57.48 -50.71
C SER E 735 53.01 57.93 -51.07
N LEU E 736 53.77 58.32 -50.05
CA LEU E 736 55.14 58.79 -50.22
C LEU E 736 56.17 57.72 -49.91
N VAL E 737 55.75 56.46 -49.82
CA VAL E 737 56.66 55.33 -49.57
C VAL E 737 56.64 54.41 -50.79
N MET E 738 57.62 53.53 -50.85
CA MET E 738 57.70 52.58 -51.96
C MET E 738 56.52 51.63 -51.92
N GLN E 739 55.78 51.55 -53.03
CA GLN E 739 54.56 50.75 -53.08
C GLN E 739 54.82 49.26 -52.90
N ASN E 740 56.07 48.82 -52.94
CA ASN E 740 56.41 47.43 -52.68
C ASN E 740 55.84 46.51 -53.76
N LEU E 741 56.72 45.96 -54.61
CA LEU E 741 56.29 45.07 -55.68
C LEU E 741 55.62 43.82 -55.12
N GLY E 742 56.40 42.97 -54.46
CA GLY E 742 55.86 41.74 -53.90
C GLY E 742 54.86 41.98 -52.80
N GLU E 743 53.57 41.75 -53.10
CA GLU E 743 52.50 41.98 -52.13
C GLU E 743 52.66 40.99 -50.96
N THR E 744 53.02 41.51 -49.80
CA THR E 744 53.26 40.71 -48.60
C THR E 744 52.25 41.12 -47.52
N SER E 745 50.99 40.75 -47.73
CA SER E 745 49.91 40.96 -46.76
C SER E 745 50.03 42.28 -46.01
N THR E 746 49.54 43.36 -46.61
CA THR E 746 49.63 44.66 -45.96
C THR E 746 48.61 44.75 -44.83
N PRO E 747 48.98 45.36 -43.69
CA PRO E 747 48.03 45.48 -42.57
C PRO E 747 47.03 46.61 -42.78
N THR E 748 47.44 47.65 -43.49
CA THR E 748 46.61 48.81 -43.77
C THR E 748 46.19 48.80 -45.23
N GLN E 749 44.94 49.19 -45.48
CA GLN E 749 44.40 49.28 -46.83
C GLN E 749 44.09 50.73 -47.15
N GLY E 750 44.51 51.17 -48.33
CA GLY E 750 44.27 52.52 -48.77
C GLY E 750 45.30 53.50 -48.23
N SER E 751 45.31 54.69 -48.83
CA SER E 751 46.24 55.74 -48.44
C SER E 751 45.75 57.07 -48.98
N VAL E 752 45.45 58.00 -48.09
CA VAL E 752 44.94 59.32 -48.45
C VAL E 752 45.73 60.36 -47.68
N LEU E 753 46.61 61.08 -48.37
CA LEU E 753 47.30 62.20 -47.78
C LEU E 753 46.39 63.43 -47.75
N PHE E 754 46.75 64.39 -46.91
CA PHE E 754 46.00 65.64 -46.84
C PHE E 754 46.93 66.75 -46.38
N GLY E 755 46.73 67.94 -46.97
CA GLY E 755 47.51 69.12 -46.63
C GLY E 755 46.65 70.10 -45.82
N THR E 756 47.29 70.78 -44.88
CA THR E 756 46.60 71.67 -43.95
C THR E 756 47.12 73.09 -44.08
N VAL E 757 46.52 74.00 -43.30
CA VAL E 757 46.89 75.41 -43.36
C VAL E 757 48.24 75.63 -42.71
N ASN E 758 48.51 74.95 -41.60
CA ASN E 758 49.76 75.09 -40.87
C ASN E 758 50.93 74.32 -41.49
N GLY E 759 50.81 73.90 -42.75
CA GLY E 759 51.84 73.13 -43.39
C GLY E 759 51.93 71.68 -42.95
N MET E 760 51.08 71.25 -42.02
CA MET E 760 51.10 69.87 -41.56
C MET E 760 50.50 68.95 -42.62
N ILE E 761 51.18 67.84 -42.90
CA ILE E 761 50.73 66.86 -43.87
C ILE E 761 50.36 65.59 -43.11
N GLY E 762 49.20 65.01 -43.44
CA GLY E 762 48.71 63.85 -42.75
C GLY E 762 48.38 62.73 -43.72
N LEU E 763 48.23 61.53 -43.17
CA LEU E 763 47.90 60.35 -43.95
C LEU E 763 46.83 59.55 -43.22
N VAL E 764 45.82 59.13 -43.97
CA VAL E 764 44.72 58.33 -43.45
C VAL E 764 44.66 57.03 -44.22
N THR E 765 44.27 55.97 -43.51
CA THR E 765 44.15 54.65 -44.11
C THR E 765 43.10 53.86 -43.35
N SER E 766 42.73 52.72 -43.90
CA SER E 766 41.72 51.86 -43.31
C SER E 766 42.36 50.63 -42.67
N LEU E 767 41.74 50.14 -41.61
CA LEU E 767 42.19 48.98 -40.86
C LEU E 767 41.09 47.92 -40.84
N SER E 768 41.39 46.80 -40.20
CA SER E 768 40.41 45.75 -39.96
C SER E 768 39.84 45.90 -38.55
N GLU E 769 38.73 45.21 -38.31
CA GLU E 769 38.08 45.31 -37.00
C GLU E 769 39.00 44.81 -35.89
N SER E 770 39.68 43.70 -36.12
CA SER E 770 40.61 43.16 -35.13
C SER E 770 41.74 44.15 -34.86
N TRP E 771 42.41 44.62 -35.92
CA TRP E 771 43.49 45.59 -35.75
C TRP E 771 42.98 46.86 -35.07
N TYR E 772 41.76 47.30 -35.43
CA TYR E 772 41.23 48.52 -34.84
C TYR E 772 41.01 48.36 -33.35
N ASN E 773 40.37 47.25 -32.93
CA ASN E 773 40.14 47.02 -31.50
C ASN E 773 41.46 46.90 -30.75
N LEU E 774 42.42 46.19 -31.34
CA LEU E 774 43.73 46.06 -30.70
C LEU E 774 44.37 47.42 -30.50
N LEU E 775 44.40 48.24 -31.55
CA LEU E 775 45.03 49.57 -31.45
C LEU E 775 44.27 50.48 -30.50
N LEU E 776 42.95 50.31 -30.39
CA LEU E 776 42.18 51.13 -29.45
C LEU E 776 42.50 50.78 -28.01
N ASP E 777 42.49 49.48 -27.69
CA ASP E 777 42.92 49.05 -26.36
C ASP E 777 44.35 49.51 -26.10
N MET E 778 45.20 49.50 -27.14
CA MET E 778 46.58 49.89 -26.96
C MET E 778 46.70 51.39 -26.69
N GLN E 779 45.86 52.20 -27.33
CA GLN E 779 45.82 53.63 -27.01
C GLN E 779 45.38 53.84 -25.56
N ASN E 780 44.34 53.13 -25.15
CA ASN E 780 43.85 53.27 -23.78
C ASN E 780 44.91 52.87 -22.76
N ARG E 781 45.76 51.91 -23.12
CA ARG E 781 46.85 51.50 -22.22
C ARG E 781 48.02 52.49 -22.27
N LEU E 782 48.30 53.04 -23.45
CA LEU E 782 49.38 54.01 -23.59
C LEU E 782 49.09 55.28 -22.80
N ASN E 783 47.84 55.73 -22.82
CA ASN E 783 47.50 56.97 -22.13
C ASN E 783 47.86 56.91 -20.65
N LYS E 784 47.86 55.73 -20.06
CA LYS E 784 48.14 55.61 -18.63
C LYS E 784 49.62 55.81 -18.31
N VAL E 785 50.52 55.43 -19.22
CA VAL E 785 51.95 55.49 -18.97
C VAL E 785 52.56 56.73 -19.59
N ILE E 786 51.95 57.23 -20.66
CA ILE E 786 52.50 58.39 -21.35
C ILE E 786 52.29 59.64 -20.50
N LYS E 787 53.23 60.58 -20.60
CA LYS E 787 53.22 61.82 -19.83
C LYS E 787 52.87 62.98 -20.76
N SER E 788 51.74 63.62 -20.50
CA SER E 788 51.23 64.69 -21.34
C SER E 788 51.72 66.04 -20.86
N VAL E 789 52.17 66.87 -21.79
CA VAL E 789 52.62 68.22 -21.46
C VAL E 789 51.42 69.05 -21.03
N GLY E 790 51.49 69.62 -19.84
CA GLY E 790 50.35 70.29 -19.23
C GLY E 790 49.32 69.38 -18.62
N LYS E 791 49.53 68.06 -18.68
CA LYS E 791 48.61 67.08 -18.11
C LYS E 791 47.22 67.20 -18.74
N ILE E 792 47.20 67.30 -20.07
CA ILE E 792 45.95 67.31 -20.84
C ILE E 792 45.61 65.88 -21.22
N GLU E 793 44.36 65.48 -21.00
CA GLU E 793 43.92 64.14 -21.33
C GLU E 793 43.86 63.97 -22.85
N HIS E 794 44.41 62.86 -23.34
CA HIS E 794 44.36 62.57 -24.77
C HIS E 794 42.93 62.37 -25.25
N SER E 795 42.11 61.71 -24.42
CA SER E 795 40.70 61.54 -24.76
C SER E 795 40.02 62.89 -24.98
N PHE E 796 40.24 63.83 -24.06
CA PHE E 796 39.68 65.17 -24.21
C PHE E 796 40.27 65.89 -25.41
N TRP E 797 41.54 65.66 -25.71
CA TRP E 797 42.19 66.37 -26.80
C TRP E 797 41.65 65.93 -28.16
N ARG E 798 41.51 64.62 -28.37
CA ARG E 798 41.07 64.09 -29.64
C ARG E 798 39.55 64.03 -29.78
N SER E 799 38.80 64.38 -28.73
CA SER E 799 37.35 64.34 -28.81
C SER E 799 36.82 65.35 -29.82
N PHE E 800 35.81 64.94 -30.58
CA PHE E 800 35.14 65.86 -31.50
C PHE E 800 34.60 67.05 -30.72
N HIS E 801 34.96 68.26 -31.15
CA HIS E 801 34.63 69.47 -30.42
C HIS E 801 34.13 70.55 -31.36
N THR E 802 32.98 71.14 -31.01
CA THR E 802 32.49 72.37 -31.62
C THR E 802 31.87 73.22 -30.52
N GLU E 803 31.63 74.49 -30.84
CA GLU E 803 31.03 75.38 -29.84
C GLU E 803 29.68 74.87 -29.38
N ARG E 804 29.00 74.09 -30.21
CA ARG E 804 27.69 73.56 -29.84
C ARG E 804 27.82 72.28 -29.03
N LYS E 805 28.25 71.19 -29.67
CA LYS E 805 28.38 69.90 -29.03
C LYS E 805 29.84 69.47 -29.00
N THR E 806 30.16 68.59 -28.04
CA THR E 806 31.51 68.05 -27.88
C THR E 806 31.37 66.58 -27.51
N GLU E 807 31.59 65.70 -28.48
CA GLU E 807 31.44 64.27 -28.30
C GLU E 807 32.80 63.56 -28.34
N PRO E 808 32.88 62.35 -27.79
CA PRO E 808 34.14 61.60 -27.85
C PRO E 808 34.47 61.18 -29.27
N ALA E 809 35.75 60.91 -29.50
CA ALA E 809 36.22 60.47 -30.80
C ALA E 809 35.85 59.01 -31.04
N THR E 810 35.55 58.69 -32.29
CA THR E 810 35.14 57.33 -32.66
C THR E 810 35.67 57.01 -34.05
N GLY E 811 35.92 55.71 -34.28
CA GLY E 811 36.31 55.25 -35.60
C GLY E 811 37.61 55.82 -36.11
N PHE E 812 38.52 56.21 -35.21
CA PHE E 812 39.81 56.76 -35.61
C PHE E 812 40.88 56.28 -34.65
N ILE E 813 42.07 56.01 -35.19
CA ILE E 813 43.23 55.59 -34.41
C ILE E 813 44.30 56.66 -34.55
N ASP E 814 44.65 57.29 -33.44
CA ASP E 814 45.69 58.33 -33.44
C ASP E 814 47.04 57.67 -33.70
N GLY E 815 47.56 57.84 -34.92
CA GLY E 815 48.82 57.22 -35.28
C GLY E 815 50.01 57.77 -34.54
N ASP E 816 49.95 59.04 -34.15
CA ASP E 816 51.05 59.62 -33.38
C ASP E 816 51.18 58.95 -32.02
N LEU E 817 50.06 58.73 -31.33
CA LEU E 817 50.09 58.09 -30.02
C LEU E 817 50.53 56.63 -30.13
N ILE E 818 50.12 55.95 -31.20
CA ILE E 818 50.53 54.56 -31.38
C ILE E 818 52.02 54.47 -31.70
N GLU E 819 52.53 55.38 -32.54
CA GLU E 819 53.94 55.36 -32.92
C GLU E 819 54.85 55.89 -31.82
N SER E 820 54.32 56.64 -30.86
CA SER E 820 55.12 57.03 -29.70
C SER E 820 55.52 55.83 -28.84
N PHE E 821 54.93 54.66 -29.07
CA PHE E 821 55.26 53.47 -28.28
C PHE E 821 56.72 53.05 -28.48
N LEU E 822 57.30 53.36 -29.63
CA LEU E 822 58.68 52.98 -29.91
C LEU E 822 59.70 53.89 -29.24
N ASP E 823 59.30 55.06 -28.74
CA ASP E 823 60.23 56.03 -28.17
C ASP E 823 60.16 56.09 -26.65
N ILE E 824 59.64 55.05 -26.01
CA ILE E 824 59.54 55.00 -24.55
C ILE E 824 60.43 53.89 -24.02
N SER E 825 60.59 53.86 -22.70
CA SER E 825 61.44 52.87 -22.06
C SER E 825 60.77 51.49 -22.08
N ARG E 826 61.59 50.46 -21.89
CA ARG E 826 61.14 49.07 -21.95
C ARG E 826 60.26 48.70 -20.76
N PRO E 827 60.56 49.20 -19.55
CA PRO E 827 59.64 48.92 -18.43
C PRO E 827 58.22 49.44 -18.66
N LYS E 828 58.08 50.64 -19.23
CA LYS E 828 56.74 51.13 -19.54
C LYS E 828 56.13 50.35 -20.70
N MET E 829 56.95 49.89 -21.65
CA MET E 829 56.45 48.99 -22.68
C MET E 829 55.87 47.72 -22.07
N GLN E 830 56.53 47.19 -21.05
CA GLN E 830 56.02 46.00 -20.36
C GLN E 830 54.74 46.33 -19.60
N GLU E 831 54.67 47.52 -18.99
CA GLU E 831 53.45 47.95 -18.35
C GLU E 831 52.29 47.97 -19.34
N VAL E 832 52.55 48.43 -20.56
CA VAL E 832 51.49 48.51 -21.56
C VAL E 832 50.99 47.12 -21.94
N VAL E 833 51.90 46.17 -22.16
CA VAL E 833 51.53 44.84 -22.64
C VAL E 833 51.20 43.94 -21.46
N ALA E 834 51.07 44.52 -20.27
CA ALA E 834 50.76 43.75 -19.07
C ALA E 834 49.36 43.17 -19.18
N ASN E 835 49.25 41.84 -19.13
CA ASN E 835 47.97 41.14 -19.21
C ASN E 835 47.23 41.52 -20.50
N LEU E 836 47.96 41.45 -21.62
CA LEU E 836 47.43 41.80 -22.93
C LEU E 836 47.60 40.61 -23.86
N GLN E 837 46.49 40.14 -24.44
CA GLN E 837 46.51 39.00 -25.34
C GLN E 837 46.71 39.47 -26.78
N TYR E 838 47.58 38.76 -27.51
CA TYR E 838 47.97 39.13 -28.85
C TYR E 838 47.90 37.91 -29.76
N ASP E 839 47.60 38.17 -31.03
CA ASP E 839 47.48 37.13 -32.07
C ASP E 839 48.56 37.36 -33.11
N ASP E 840 49.48 36.41 -33.24
CA ASP E 840 50.57 36.51 -34.20
C ASP E 840 50.30 35.70 -35.47
N GLY E 841 49.10 35.17 -35.63
CA GLY E 841 48.76 34.41 -36.82
C GLY E 841 47.95 33.16 -36.54
N SER E 842 46.62 33.28 -36.61
CA SER E 842 45.71 32.15 -36.42
C SER E 842 45.77 31.62 -35.00
N GLY E 843 46.74 30.76 -34.72
CA GLY E 843 46.90 30.19 -33.39
C GLY E 843 47.62 31.13 -32.42
N MET E 844 47.06 31.24 -31.22
CA MET E 844 47.60 32.13 -30.20
C MET E 844 47.51 33.58 -30.68
N LYS E 845 46.78 34.44 -29.95
CA LYS E 845 46.10 34.12 -28.71
C LYS E 845 47.07 33.74 -27.60
N ARG E 846 48.07 34.59 -27.36
CA ARG E 846 49.07 34.34 -26.34
C ARG E 846 49.45 35.65 -25.66
N GLU E 847 50.22 35.54 -24.58
CA GLU E 847 50.65 36.73 -23.86
C GLU E 847 51.57 37.57 -24.71
N ALA E 848 51.24 38.86 -24.85
CA ALA E 848 51.99 39.74 -25.73
C ALA E 848 53.27 40.23 -25.03
N THR E 849 54.38 40.18 -25.75
CA THR E 849 55.65 40.71 -25.28
C THR E 849 55.92 42.06 -25.94
N ALA E 850 56.88 42.79 -25.36
CA ALA E 850 57.21 44.11 -25.90
C ALA E 850 57.75 44.01 -27.32
N ASP E 851 58.43 42.90 -27.66
CA ASP E 851 59.04 42.79 -28.97
C ASP E 851 58.00 42.59 -30.07
N ASP E 852 56.95 41.81 -29.79
CA ASP E 852 55.88 41.63 -30.78
C ASP E 852 55.23 42.97 -31.12
N LEU E 853 54.88 43.75 -30.09
CA LEU E 853 54.25 45.04 -30.32
C LEU E 853 55.22 46.02 -30.98
N ILE E 854 56.51 45.94 -30.65
CA ILE E 854 57.49 46.78 -31.34
C ILE E 854 57.52 46.43 -32.82
N LYS E 855 57.45 45.13 -33.14
CA LYS E 855 57.42 44.71 -34.55
C LYS E 855 56.19 45.27 -35.24
N VAL E 856 55.03 45.16 -34.59
CA VAL E 856 53.79 45.66 -35.19
C VAL E 856 53.88 47.17 -35.44
N VAL E 857 54.39 47.91 -34.45
CA VAL E 857 54.45 49.37 -34.59
C VAL E 857 55.49 49.77 -35.63
N GLU E 858 56.57 49.02 -35.75
CA GLU E 858 57.54 49.29 -36.81
C GLU E 858 56.93 49.04 -38.18
N GLU E 859 56.09 48.00 -38.30
CA GLU E 859 55.36 47.80 -39.54
C GLU E 859 54.44 48.98 -39.82
N LEU E 860 53.78 49.49 -38.78
CA LEU E 860 52.91 50.65 -38.97
C LEU E 860 53.69 51.87 -39.44
N THR E 861 54.88 52.10 -38.87
CA THR E 861 55.65 53.29 -39.19
C THR E 861 56.11 53.33 -40.65
N ARG E 862 55.98 52.24 -41.39
CA ARG E 862 56.49 52.16 -42.76
C ARG E 862 55.50 52.66 -43.80
N ILE E 863 54.30 53.09 -43.38
CA ILE E 863 53.33 53.61 -44.34
C ILE E 863 53.61 55.04 -44.74
N HIS E 864 54.50 55.73 -44.02
CA HIS E 864 54.82 57.12 -44.34
C HIS E 864 56.32 57.38 -44.21
N ILE F 68 0.93 107.19 -47.42
CA ILE F 68 2.00 106.70 -46.56
C ILE F 68 2.00 107.49 -45.24
N ASN F 69 0.87 107.44 -44.53
CA ASN F 69 0.76 108.14 -43.25
C ASN F 69 -0.20 107.46 -42.28
N PHE F 70 -0.53 106.19 -42.51
CA PHE F 70 -1.46 105.44 -41.67
C PHE F 70 -1.03 105.45 -40.21
N ASP F 71 -0.08 104.57 -39.87
CA ASP F 71 0.45 104.39 -38.52
C ASP F 71 0.76 102.91 -38.32
N THR F 72 1.99 102.50 -38.65
CA THR F 72 2.35 101.09 -38.63
C THR F 72 2.23 100.45 -37.25
N SER F 73 2.02 101.25 -36.20
CA SER F 73 1.91 100.71 -34.84
C SER F 73 0.49 100.32 -34.46
N LEU F 74 -0.49 100.58 -35.33
CA LEU F 74 -1.89 100.30 -35.03
C LEU F 74 -2.22 98.81 -35.19
N PRO F 75 -1.84 98.18 -36.30
CA PRO F 75 -2.17 96.75 -36.47
C PRO F 75 -1.58 95.87 -35.40
N THR F 76 -0.35 96.14 -34.96
CA THR F 76 0.28 95.32 -33.93
C THR F 76 -0.45 95.40 -32.59
N SER F 77 -1.18 96.49 -32.33
CA SER F 77 -1.91 96.62 -31.07
C SER F 77 -3.15 95.72 -31.00
N HIS F 78 -3.69 95.32 -32.15
CA HIS F 78 -4.90 94.50 -32.20
C HIS F 78 -6.03 95.18 -31.43
N THR F 79 -6.19 96.48 -31.69
CA THR F 79 -7.18 97.27 -30.97
C THR F 79 -8.60 96.77 -31.21
N TYR F 80 -8.84 96.04 -32.29
CA TYR F 80 -10.17 95.53 -32.57
C TYR F 80 -10.63 94.52 -31.52
N LEU F 81 -9.71 94.02 -30.70
CA LEU F 81 -10.04 93.03 -29.69
C LEU F 81 -10.70 93.62 -28.46
N GLY F 82 -10.71 94.94 -28.31
CA GLY F 82 -11.40 95.57 -27.20
C GLY F 82 -10.49 96.20 -26.16
N ALA F 83 -10.90 96.14 -24.90
CA ALA F 83 -10.16 96.78 -23.83
C ALA F 83 -8.75 96.18 -23.71
N ASP F 84 -7.92 96.87 -22.94
CA ASP F 84 -6.56 96.41 -22.72
C ASP F 84 -6.57 95.09 -21.97
N MET F 85 -5.68 94.18 -22.36
CA MET F 85 -5.64 92.84 -21.80
C MET F 85 -4.73 92.80 -20.57
N GLU F 86 -4.97 91.78 -19.74
CA GLU F 86 -4.07 91.50 -18.63
C GLU F 86 -2.74 90.98 -19.17
N GLU F 87 -1.65 91.63 -18.78
CA GLU F 87 -0.34 91.34 -19.34
C GLU F 87 0.51 90.59 -18.33
N PHE F 88 1.39 89.73 -18.85
CA PHE F 88 2.36 89.00 -18.05
C PHE F 88 3.76 89.45 -18.43
N HIS F 89 4.69 89.32 -17.47
CA HIS F 89 6.08 89.67 -17.71
C HIS F 89 7.02 88.47 -17.60
N GLY F 90 6.62 87.41 -16.92
CA GLY F 90 7.46 86.23 -16.81
C GLY F 90 7.60 85.50 -18.13
N ARG F 91 8.69 84.73 -18.24
CA ARG F 91 9.00 84.00 -19.47
C ARG F 91 9.35 82.57 -19.13
N THR F 92 8.87 81.63 -19.94
CA THR F 92 9.12 80.21 -19.77
C THR F 92 9.83 79.66 -21.00
N LEU F 93 10.92 78.94 -20.77
CA LEU F 93 11.65 78.28 -21.84
C LEU F 93 12.11 76.92 -21.35
N HIS F 94 11.87 75.88 -22.16
CA HIS F 94 12.30 74.54 -21.82
C HIS F 94 13.72 74.28 -22.33
N ASP F 95 14.37 73.29 -21.73
CA ASP F 95 15.75 72.97 -22.10
C ASP F 95 15.79 72.36 -23.49
N ASP F 96 16.87 72.65 -24.21
CA ASP F 96 17.06 72.09 -25.54
C ASP F 96 17.12 70.56 -25.46
N ASP F 97 16.51 69.91 -26.45
CA ASP F 97 16.49 68.45 -26.58
C ASP F 97 15.66 67.77 -25.50
N SER F 98 15.04 68.51 -24.60
CA SER F 98 14.25 67.91 -23.53
C SER F 98 12.88 67.48 -24.03
N CYS F 99 12.26 66.58 -23.29
CA CYS F 99 10.94 66.05 -23.62
C CYS F 99 9.87 66.71 -22.74
N GLN F 100 8.81 67.20 -23.37
CA GLN F 100 7.75 67.92 -22.68
C GLN F 100 6.38 67.40 -23.14
N VAL F 101 5.37 67.60 -22.30
CA VAL F 101 3.99 67.28 -22.64
C VAL F 101 3.19 68.57 -22.59
N ILE F 102 2.78 69.05 -23.76
CA ILE F 102 2.15 70.37 -23.86
C ILE F 102 0.76 70.23 -24.47
N PRO F 103 -0.25 70.93 -23.96
CA PRO F 103 -1.57 70.86 -24.56
C PRO F 103 -1.66 71.63 -25.87
N VAL F 104 -2.57 71.18 -26.73
CA VAL F 104 -2.79 71.76 -28.04
C VAL F 104 -4.20 72.31 -28.11
N LEU F 105 -4.35 73.47 -28.75
CA LEU F 105 -5.67 74.04 -28.97
C LEU F 105 -6.33 73.36 -30.18
N PRO F 106 -7.60 72.95 -30.06
CA PRO F 106 -8.16 72.10 -31.12
C PRO F 106 -8.32 72.82 -32.46
N GLN F 107 -8.77 74.07 -32.45
CA GLN F 107 -9.17 74.75 -33.67
C GLN F 107 -8.06 75.62 -34.26
N VAL F 108 -6.86 75.60 -33.70
CA VAL F 108 -5.75 76.36 -34.25
C VAL F 108 -5.17 75.59 -35.43
N MET F 109 -5.12 76.23 -36.59
CA MET F 109 -4.63 75.60 -37.80
C MET F 109 -3.40 76.28 -38.38
N MET F 110 -2.87 77.31 -37.72
CA MET F 110 -1.76 78.06 -38.28
C MET F 110 -0.43 77.35 -38.00
N ILE F 111 0.58 77.74 -38.77
CA ILE F 111 1.95 77.28 -38.60
C ILE F 111 2.73 78.42 -37.98
N LEU F 112 2.93 78.35 -36.66
CA LEU F 112 3.48 79.46 -35.91
C LEU F 112 5.00 79.49 -36.02
N ILE F 113 5.57 80.69 -36.10
CA ILE F 113 7.02 80.88 -36.18
C ILE F 113 7.51 81.52 -34.89
N PRO F 114 8.65 81.11 -34.36
CA PRO F 114 9.16 81.72 -33.13
C PRO F 114 9.26 83.24 -33.27
N GLY F 115 8.77 83.95 -32.25
CA GLY F 115 8.74 85.38 -32.26
C GLY F 115 7.50 86.00 -32.87
N GLN F 116 6.64 85.19 -33.48
CA GLN F 116 5.44 85.69 -34.14
C GLN F 116 4.31 85.83 -33.13
N THR F 117 3.48 86.85 -33.32
CA THR F 117 2.36 87.11 -32.42
C THR F 117 1.11 86.43 -32.96
N LEU F 118 0.40 85.73 -32.08
CA LEU F 118 -0.81 85.00 -32.45
C LEU F 118 -1.97 85.48 -31.60
N PRO F 119 -2.99 86.11 -32.20
CA PRO F 119 -4.20 86.46 -31.44
C PRO F 119 -5.30 85.42 -31.60
N LEU F 120 -6.03 85.17 -30.52
CA LEU F 120 -7.06 84.12 -30.52
C LEU F 120 -8.28 84.61 -29.75
N GLN F 121 -9.45 84.19 -30.22
CA GLN F 121 -10.70 84.36 -29.49
C GLN F 121 -11.30 82.98 -29.29
N LEU F 122 -11.44 82.58 -28.02
CA LEU F 122 -11.93 81.26 -27.66
C LEU F 122 -13.32 81.38 -27.06
N PHE F 123 -14.26 80.63 -27.64
CA PHE F 123 -15.66 80.58 -27.23
C PHE F 123 -16.05 79.24 -26.62
N HIS F 124 -15.53 78.14 -27.16
CA HIS F 124 -15.93 76.83 -26.69
C HIS F 124 -15.51 76.64 -25.23
N PRO F 125 -16.39 76.12 -24.37
CA PRO F 125 -16.02 75.97 -22.95
C PRO F 125 -14.74 75.17 -22.73
N GLN F 126 -14.53 74.13 -23.53
CA GLN F 126 -13.32 73.32 -23.39
C GLN F 126 -12.07 74.17 -23.59
N GLU F 127 -12.05 74.97 -24.65
CA GLU F 127 -10.91 75.83 -24.91
C GLU F 127 -10.72 76.85 -23.79
N VAL F 128 -11.83 77.42 -23.30
CA VAL F 128 -11.74 78.41 -22.23
C VAL F 128 -11.13 77.78 -20.98
N SER F 129 -11.59 76.58 -20.63
CA SER F 129 -11.05 75.90 -19.46
C SER F 129 -9.57 75.60 -19.64
N MET F 130 -9.17 75.11 -20.82
CA MET F 130 -7.76 74.80 -21.04
C MET F 130 -6.91 76.06 -20.95
N VAL F 131 -7.43 77.19 -21.44
CA VAL F 131 -6.65 78.43 -21.38
C VAL F 131 -6.57 78.95 -19.96
N ARG F 132 -7.63 78.77 -19.16
CA ARG F 132 -7.53 79.09 -17.74
C ARG F 132 -6.42 78.27 -17.09
N ASN F 133 -6.45 76.95 -17.29
CA ASN F 133 -5.43 76.07 -16.72
C ASN F 133 -4.04 76.51 -17.15
N LEU F 134 -3.90 76.94 -18.41
CA LEU F 134 -2.60 77.40 -18.89
C LEU F 134 -2.18 78.70 -18.20
N ILE F 135 -3.11 79.66 -18.09
CA ILE F 135 -2.80 80.91 -17.43
C ILE F 135 -2.32 80.68 -16.00
N GLN F 136 -2.86 79.65 -15.34
CA GLN F 136 -2.44 79.35 -13.98
C GLN F 136 -1.11 78.59 -13.92
N LYS F 137 -0.68 77.98 -15.03
CA LYS F 137 0.56 77.20 -15.03
C LYS F 137 1.65 77.94 -15.80
N ASP F 138 2.21 77.30 -16.83
CA ASP F 138 3.31 77.90 -17.59
C ASP F 138 2.85 78.75 -18.77
N ARG F 139 1.55 78.75 -19.08
CA ARG F 139 0.99 79.61 -20.12
C ARG F 139 1.54 79.26 -21.50
N THR F 140 1.89 78.00 -21.73
CA THR F 140 2.46 77.56 -22.99
C THR F 140 1.63 76.42 -23.55
N PHE F 141 1.28 76.52 -24.83
CA PHE F 141 0.58 75.47 -25.55
C PHE F 141 1.33 75.18 -26.84
N ALA F 142 0.97 74.07 -27.48
CA ALA F 142 1.63 73.62 -28.70
C ALA F 142 0.78 73.99 -29.91
N VAL F 143 1.43 74.57 -30.92
CA VAL F 143 0.78 74.91 -32.18
C VAL F 143 1.36 73.95 -33.22
N LEU F 144 0.55 72.97 -33.62
CA LEU F 144 1.03 71.94 -34.53
C LEU F 144 1.09 72.46 -35.95
N ALA F 145 2.19 72.19 -36.64
CA ALA F 145 2.33 72.51 -38.06
C ALA F 145 1.83 71.30 -38.84
N TYR F 146 0.58 71.38 -39.31
CA TYR F 146 -0.07 70.25 -39.94
C TYR F 146 0.41 70.08 -41.37
N SER F 147 0.98 68.90 -41.66
CA SER F 147 1.27 68.54 -43.04
C SER F 147 0.00 68.10 -43.76
N ASN F 148 -0.87 67.35 -43.08
CA ASN F 148 -2.18 66.96 -43.58
C ASN F 148 -3.22 67.46 -42.58
N VAL F 149 -3.83 68.61 -42.88
CA VAL F 149 -4.75 69.22 -41.93
C VAL F 149 -6.00 68.37 -41.75
N GLN F 150 -6.44 67.68 -42.80
CA GLN F 150 -7.67 66.88 -42.71
C GLN F 150 -7.56 65.83 -41.61
N GLU F 151 -6.52 65.00 -41.67
CA GLU F 151 -6.34 63.91 -40.72
C GLU F 151 -5.52 64.30 -39.50
N ARG F 152 -5.23 65.59 -39.32
CA ARG F 152 -4.53 66.09 -38.14
C ARG F 152 -3.17 65.43 -37.98
N GLU F 153 -2.43 65.35 -39.09
CA GLU F 153 -1.06 64.84 -39.06
C GLU F 153 -0.09 65.97 -38.78
N ALA F 154 0.90 65.70 -37.93
CA ALA F 154 1.87 66.72 -37.58
C ALA F 154 3.17 66.06 -37.15
N GLN F 155 4.29 66.50 -37.75
CA GLN F 155 5.62 66.04 -37.36
C GLN F 155 6.43 67.11 -36.63
N PHE F 156 6.14 68.39 -36.84
CA PHE F 156 6.84 69.47 -36.17
C PHE F 156 5.81 70.43 -35.60
N GLY F 157 6.30 71.42 -34.84
CA GLY F 157 5.42 72.42 -34.29
C GLY F 157 6.21 73.51 -33.60
N THR F 158 5.47 74.48 -33.06
CA THR F 158 6.05 75.59 -32.32
C THR F 158 5.25 75.85 -31.05
N THR F 159 5.95 76.09 -29.95
CA THR F 159 5.29 76.43 -28.70
C THR F 159 4.89 77.90 -28.71
N ALA F 160 3.78 78.19 -28.04
CA ALA F 160 3.26 79.55 -27.94
C ALA F 160 3.02 79.88 -26.47
N GLU F 161 3.57 81.01 -26.02
CA GLU F 161 3.41 81.45 -24.65
C GLU F 161 2.42 82.61 -24.62
N ILE F 162 1.37 82.45 -23.81
CA ILE F 162 0.36 83.49 -23.66
C ILE F 162 0.96 84.64 -22.88
N TYR F 163 1.00 85.82 -23.49
CA TYR F 163 1.47 87.01 -22.80
C TYR F 163 0.39 88.05 -22.56
N ALA F 164 -0.81 87.86 -23.11
CA ALA F 164 -1.93 88.73 -22.80
C ALA F 164 -3.22 87.91 -22.82
N TYR F 165 -4.15 88.29 -21.95
CA TYR F 165 -5.44 87.60 -21.92
C TYR F 165 -6.50 88.54 -21.35
N ARG F 166 -7.76 88.24 -21.68
CA ARG F 166 -8.90 88.97 -21.16
C ARG F 166 -10.08 88.00 -21.09
N GLU F 167 -10.62 87.82 -19.89
CA GLU F 167 -11.68 86.85 -19.63
C GLU F 167 -12.97 87.63 -19.39
N GLU F 168 -13.90 87.58 -20.35
CA GLU F 168 -15.08 88.41 -20.27
C GLU F 168 -16.35 87.59 -20.45
N GLN F 169 -17.33 87.84 -19.59
CA GLN F 169 -18.67 87.24 -19.69
C GLN F 169 -19.58 88.30 -20.29
N ASP F 170 -19.80 88.22 -21.59
CA ASP F 170 -20.54 89.25 -22.33
C ASP F 170 -21.86 88.70 -22.82
N PHE F 171 -22.93 89.46 -22.61
CA PHE F 171 -24.26 89.07 -23.05
C PHE F 171 -24.60 87.65 -22.62
N GLY F 172 -24.14 87.27 -21.43
CA GLY F 172 -24.46 85.98 -20.86
C GLY F 172 -23.67 84.81 -21.42
N ILE F 173 -22.63 85.07 -22.22
CA ILE F 173 -21.79 84.02 -22.76
C ILE F 173 -20.34 84.32 -22.38
N GLU F 174 -19.62 83.30 -21.93
CA GLU F 174 -18.27 83.43 -21.43
C GLU F 174 -17.26 83.21 -22.55
N ILE F 175 -16.33 84.15 -22.74
CA ILE F 175 -15.32 84.05 -23.78
C ILE F 175 -14.00 84.58 -23.27
N VAL F 176 -12.92 84.19 -23.97
CA VAL F 176 -11.56 84.55 -23.58
C VAL F 176 -10.78 84.99 -24.81
N LYS F 177 -10.19 86.18 -24.74
CA LYS F 177 -9.30 86.67 -25.79
C LYS F 177 -7.86 86.53 -25.32
N VAL F 178 -6.98 86.13 -26.22
CA VAL F 178 -5.61 85.80 -25.84
C VAL F 178 -4.63 86.30 -26.90
N LYS F 179 -3.47 86.76 -26.44
CA LYS F 179 -2.35 87.15 -27.27
C LYS F 179 -1.15 86.33 -26.83
N ALA F 180 -0.66 85.45 -27.71
CA ALA F 180 0.49 84.63 -27.41
C ALA F 180 1.59 84.93 -28.43
N ILE F 181 2.75 84.31 -28.22
CA ILE F 181 3.90 84.52 -29.09
C ILE F 181 4.67 83.22 -29.22
N GLY F 182 5.24 83.01 -30.41
CA GLY F 182 5.98 81.78 -30.66
C GLY F 182 7.32 81.79 -29.95
N ARG F 183 7.68 80.63 -29.41
CA ARG F 183 8.89 80.53 -28.59
C ARG F 183 9.88 79.55 -29.19
N GLN F 184 9.64 78.25 -29.02
CA GLN F 184 10.60 77.22 -29.38
C GLN F 184 10.01 76.26 -30.40
N ARG F 185 10.81 75.90 -31.40
CA ARG F 185 10.44 74.85 -32.33
C ARG F 185 10.53 73.49 -31.63
N PHE F 186 9.77 72.52 -32.13
CA PHE F 186 9.79 71.21 -31.50
C PHE F 186 9.38 70.13 -32.50
N LYS F 187 9.89 68.92 -32.26
CA LYS F 187 9.54 67.74 -33.03
C LYS F 187 8.47 66.96 -32.28
N VAL F 188 7.43 66.55 -32.98
CA VAL F 188 6.31 65.84 -32.37
C VAL F 188 6.71 64.39 -32.15
N LEU F 189 6.71 63.95 -30.89
CA LEU F 189 6.97 62.56 -30.57
C LEU F 189 5.71 61.74 -30.41
N GLU F 190 4.61 62.38 -30.01
CA GLU F 190 3.36 61.64 -29.80
C GLU F 190 2.21 62.62 -29.66
N LEU F 191 1.08 62.30 -30.27
CA LEU F 191 -0.15 63.07 -30.14
C LEU F 191 -1.17 62.22 -29.39
N ARG F 192 -1.74 62.77 -28.31
CA ARG F 192 -2.57 61.95 -27.42
C ARG F 192 -3.75 62.79 -26.95
N THR F 193 -4.93 62.55 -27.52
CA THR F 193 -6.12 63.31 -27.19
C THR F 193 -6.86 62.64 -26.03
N GLN F 194 -7.09 63.40 -24.96
CA GLN F 194 -7.68 62.86 -23.75
C GLN F 194 -9.19 62.64 -23.93
N SER F 195 -9.79 61.98 -22.94
CA SER F 195 -11.21 61.68 -23.00
C SER F 195 -12.07 62.94 -22.94
N ASP F 196 -11.50 64.07 -22.54
CA ASP F 196 -12.22 65.33 -22.52
C ASP F 196 -12.38 65.95 -23.89
N GLY F 197 -11.68 65.43 -24.90
CA GLY F 197 -11.64 66.03 -26.21
C GLY F 197 -10.44 66.91 -26.47
N ILE F 198 -9.70 67.31 -25.43
CA ILE F 198 -8.50 68.12 -25.57
C ILE F 198 -7.29 67.21 -25.60
N GLN F 199 -6.34 67.51 -26.49
CA GLN F 199 -5.21 66.64 -26.71
C GLN F 199 -3.92 67.28 -26.19
N GLN F 200 -3.00 66.41 -25.77
CA GLN F 200 -1.64 66.76 -25.40
C GLN F 200 -0.68 66.29 -26.47
N ALA F 201 0.54 66.81 -26.42
CA ALA F 201 1.59 66.45 -27.35
C ALA F 201 2.87 66.16 -26.57
N LYS F 202 3.34 64.93 -26.68
CA LYS F 202 4.69 64.56 -26.27
C LYS F 202 5.65 65.08 -27.33
N VAL F 203 6.54 65.98 -26.92
CA VAL F 203 7.26 66.87 -27.82
C VAL F 203 8.73 66.89 -27.43
N GLN F 204 9.60 67.09 -28.42
CA GLN F 204 11.02 67.19 -28.21
C GLN F 204 11.48 68.55 -28.74
N ILE F 205 12.01 69.37 -27.84
CA ILE F 205 12.43 70.72 -28.21
C ILE F 205 13.63 70.65 -29.15
N LEU F 206 13.55 71.38 -30.26
CA LEU F 206 14.65 71.44 -31.21
C LEU F 206 15.60 72.57 -30.84
N PRO F 207 16.90 72.32 -30.80
CA PRO F 207 17.83 73.38 -30.43
C PRO F 207 18.15 74.30 -31.61
N GLU F 208 18.48 75.54 -31.28
CA GLU F 208 18.89 76.51 -32.26
C GLU F 208 20.39 76.38 -32.48
N CYS F 209 20.79 76.01 -33.69
CA CYS F 209 22.20 75.82 -34.00
C CYS F 209 22.86 77.17 -34.28
N VAL F 210 23.85 77.52 -33.46
CA VAL F 210 24.62 78.75 -33.63
C VAL F 210 26.01 78.36 -34.11
N LEU F 211 26.39 78.85 -35.29
CA LEU F 211 27.70 78.51 -35.84
C LEU F 211 28.64 79.70 -35.76
N PRO F 212 29.91 79.46 -35.47
CA PRO F 212 30.89 80.55 -35.47
C PRO F 212 31.14 81.05 -36.89
N SER F 213 31.87 82.16 -36.99
CA SER F 213 32.26 82.66 -38.29
C SER F 213 32.97 81.56 -39.08
N THR F 214 32.69 81.51 -40.38
CA THR F 214 33.34 80.52 -41.23
C THR F 214 34.86 80.71 -41.26
N MET F 215 35.34 81.90 -40.88
CA MET F 215 36.77 82.18 -40.77
C MET F 215 37.29 82.02 -39.35
N SER F 216 36.43 81.73 -38.38
CA SER F 216 36.84 81.69 -36.98
C SER F 216 37.93 80.65 -36.74
N ALA F 217 37.90 79.54 -37.49
CA ALA F 217 38.90 78.50 -37.30
C ALA F 217 40.22 78.85 -37.97
N VAL F 218 40.15 79.49 -39.14
CA VAL F 218 41.35 79.77 -39.92
C VAL F 218 41.92 81.16 -39.66
N GLN F 219 41.25 81.97 -38.84
CA GLN F 219 41.71 83.33 -38.61
C GLN F 219 43.05 83.33 -37.88
N LEU F 220 44.01 84.08 -38.42
CA LEU F 220 45.32 84.20 -37.80
C LEU F 220 45.22 84.99 -36.50
N GLU F 221 46.07 84.63 -35.53
CA GLU F 221 46.08 85.34 -34.26
C GLU F 221 46.43 86.81 -34.45
N SER F 222 47.35 87.11 -35.38
CA SER F 222 47.76 88.48 -35.61
C SER F 222 46.63 89.31 -36.20
N LEU F 223 45.82 88.71 -37.07
CA LEU F 223 44.72 89.42 -37.70
C LEU F 223 43.45 89.42 -36.87
N ASN F 224 43.46 88.81 -35.68
CA ASN F 224 42.27 88.77 -34.84
C ASN F 224 41.84 90.17 -34.44
N LYS F 225 42.79 91.03 -34.07
CA LYS F 225 42.46 92.39 -33.68
C LYS F 225 41.92 93.21 -34.85
N CYS F 226 42.13 92.76 -36.09
CA CYS F 226 41.66 93.48 -37.27
C CYS F 226 40.25 93.08 -37.69
N GLN F 227 39.67 92.05 -37.07
CA GLN F 227 38.39 91.55 -37.53
C GLN F 227 37.24 92.50 -37.22
N ILE F 228 37.37 93.29 -36.16
CA ILE F 228 36.31 94.20 -35.76
C ILE F 228 36.33 95.43 -36.65
N PHE F 229 35.11 95.85 -37.12
CA PHE F 229 34.93 96.99 -38.00
C PHE F 229 34.56 98.25 -37.21
N PRO F 230 34.99 99.42 -37.67
CA PRO F 230 34.69 100.68 -36.95
C PRO F 230 33.26 101.16 -37.18
N SER F 231 32.32 100.51 -36.51
CA SER F 231 30.91 100.89 -36.55
C SER F 231 30.33 100.71 -37.96
N LYS F 232 29.05 101.03 -38.11
CA LYS F 232 28.32 100.91 -39.37
C LYS F 232 27.98 102.30 -39.92
N PRO F 233 27.90 102.43 -41.25
CA PRO F 233 27.60 103.76 -41.82
C PRO F 233 26.16 104.19 -41.61
N VAL F 234 25.23 103.24 -41.58
CA VAL F 234 23.80 103.49 -41.41
C VAL F 234 23.38 104.76 -42.12
N SER F 235 23.89 104.96 -43.34
CA SER F 235 23.43 106.01 -44.24
C SER F 235 22.97 105.30 -45.51
N ARG F 236 21.66 105.34 -45.78
CA ARG F 236 21.08 104.56 -46.86
C ARG F 236 21.96 104.55 -48.12
N GLU F 237 22.41 105.74 -48.55
CA GLU F 237 23.21 105.82 -49.77
C GLU F 237 24.58 105.19 -49.58
N ASP F 238 25.20 105.40 -48.42
CA ASP F 238 26.55 104.89 -48.20
C ASP F 238 26.56 103.36 -48.12
N GLN F 239 25.58 102.77 -47.44
CA GLN F 239 25.51 101.32 -47.33
C GLN F 239 24.99 100.66 -48.59
N CYS F 240 24.07 101.31 -49.31
CA CYS F 240 23.64 100.79 -50.60
C CYS F 240 24.75 100.83 -51.64
N SER F 241 25.73 101.73 -51.48
CA SER F 241 26.90 101.74 -52.35
C SER F 241 27.78 100.54 -52.04
N TYR F 242 28.11 99.76 -53.08
CA TYR F 242 28.81 98.49 -52.87
C TYR F 242 30.28 98.66 -52.49
N LYS F 243 30.78 99.89 -52.35
CA LYS F 243 32.17 100.07 -51.93
C LYS F 243 32.36 99.62 -50.49
N TRP F 244 31.44 100.00 -49.60
CA TRP F 244 31.52 99.56 -48.22
C TRP F 244 31.51 98.04 -48.13
N TRP F 245 30.72 97.39 -48.98
CA TRP F 245 30.65 95.93 -48.94
C TRP F 245 31.88 95.29 -49.56
N GLN F 246 32.48 95.91 -50.57
CA GLN F 246 33.80 95.46 -51.02
C GLN F 246 34.79 95.47 -49.86
N LYS F 247 34.80 96.56 -49.11
CA LYS F 247 35.70 96.66 -47.96
C LYS F 247 35.38 95.59 -46.92
N TYR F 248 34.09 95.41 -46.62
CA TYR F 248 33.67 94.41 -45.64
C TYR F 248 34.15 93.02 -46.06
N GLN F 249 33.94 92.65 -47.32
CA GLN F 249 34.37 91.34 -47.81
C GLN F 249 35.88 91.21 -47.73
N LYS F 250 36.61 92.22 -48.17
CA LYS F 250 38.06 92.15 -48.13
C LYS F 250 38.56 91.95 -46.70
N ARG F 251 37.93 92.62 -45.73
CA ARG F 251 38.43 92.55 -44.36
C ARG F 251 38.03 91.25 -43.68
N LYS F 252 36.73 90.92 -43.70
CA LYS F 252 36.26 89.80 -42.88
C LYS F 252 36.76 88.46 -43.41
N PHE F 253 36.86 88.31 -44.73
CA PHE F 253 37.23 87.04 -45.35
C PHE F 253 38.63 87.08 -45.97
N HIS F 254 39.56 87.78 -45.31
CA HIS F 254 40.93 87.80 -45.79
C HIS F 254 41.55 86.40 -45.72
N CYS F 255 41.45 85.77 -44.56
CA CYS F 255 42.05 84.45 -44.34
C CYS F 255 41.49 83.40 -45.29
N ALA F 256 40.58 83.81 -46.17
CA ALA F 256 40.14 82.92 -47.24
C ALA F 256 41.30 82.54 -48.15
N ASN F 257 42.37 83.33 -48.17
CA ASN F 257 43.55 82.93 -48.93
C ASN F 257 44.17 81.65 -48.36
N LEU F 258 43.96 81.39 -47.07
CA LEU F 258 44.50 80.19 -46.45
C LEU F 258 43.75 78.93 -46.91
N THR F 259 42.46 79.06 -47.20
CA THR F 259 41.64 77.92 -47.56
C THR F 259 41.73 77.66 -49.06
N SER F 260 40.87 76.77 -49.56
CA SER F 260 40.85 76.41 -50.97
C SER F 260 39.71 77.10 -51.73
N TRP F 261 39.11 78.12 -51.16
CA TRP F 261 38.00 78.85 -51.78
C TRP F 261 38.25 80.34 -51.68
N PRO F 262 37.62 81.13 -52.57
CA PRO F 262 37.77 82.59 -52.49
C PRO F 262 36.86 83.22 -51.45
N ARG F 263 36.79 84.56 -51.44
CA ARG F 263 36.04 85.26 -50.41
C ARG F 263 34.55 85.34 -50.75
N TRP F 264 34.22 85.65 -51.99
CA TRP F 264 32.81 85.78 -52.37
C TRP F 264 32.04 84.51 -52.07
N LEU F 265 32.71 83.36 -51.96
CA LEU F 265 32.03 82.14 -51.54
C LEU F 265 31.60 82.23 -50.08
N TYR F 266 32.56 82.49 -49.20
CA TYR F 266 32.22 82.62 -47.78
C TYR F 266 31.25 83.75 -47.53
N SER F 267 31.20 84.74 -48.41
CA SER F 267 30.23 85.82 -48.25
C SER F 267 28.80 85.30 -48.35
N LEU F 268 28.58 84.24 -49.13
CA LEU F 268 27.24 83.69 -49.30
C LEU F 268 26.75 82.94 -48.08
N TYR F 269 27.63 82.60 -47.14
CA TYR F 269 27.27 81.92 -45.90
C TYR F 269 27.54 82.79 -44.67
N ASP F 270 27.51 84.10 -44.86
CA ASP F 270 27.85 85.06 -43.81
C ASP F 270 26.57 85.68 -43.25
N ALA F 271 26.39 85.57 -41.93
CA ALA F 271 25.15 86.02 -41.31
C ALA F 271 24.87 87.49 -41.62
N GLU F 272 25.89 88.35 -41.47
CA GLU F 272 25.68 89.77 -41.65
C GLU F 272 25.43 90.12 -43.13
N THR F 273 26.22 89.54 -44.04
CA THR F 273 26.02 89.80 -45.46
C THR F 273 24.61 89.42 -45.88
N LEU F 274 24.16 88.23 -45.48
CA LEU F 274 22.81 87.79 -45.83
C LEU F 274 21.76 88.69 -45.19
N MET F 275 21.96 89.07 -43.93
CA MET F 275 20.96 89.88 -43.25
C MET F 275 20.82 91.26 -43.91
N ASP F 276 21.92 91.82 -44.41
CA ASP F 276 21.79 93.09 -45.10
C ASP F 276 21.25 92.92 -46.52
N ARG F 277 21.55 91.81 -47.19
CA ARG F 277 20.90 91.53 -48.45
C ARG F 277 19.39 91.41 -48.28
N ILE F 278 18.95 90.92 -47.12
CA ILE F 278 17.53 90.88 -46.82
C ILE F 278 17.01 92.26 -46.46
N LYS F 279 17.83 93.06 -45.76
CA LYS F 279 17.46 94.44 -45.47
C LYS F 279 17.18 95.22 -46.75
N LYS F 280 17.98 94.97 -47.79
CA LYS F 280 17.81 95.73 -49.03
C LYS F 280 16.47 95.43 -49.69
N GLN F 281 15.85 94.29 -49.38
CA GLN F 281 14.49 94.02 -49.82
C GLN F 281 13.46 94.56 -48.84
N LEU F 282 13.71 94.40 -47.54
CA LEU F 282 12.79 94.90 -46.55
C LEU F 282 12.60 96.41 -46.68
N ARG F 283 13.64 97.13 -47.11
CA ARG F 283 13.50 98.55 -47.39
C ARG F 283 12.65 98.76 -48.65
N GLU F 284 12.80 97.88 -49.63
CA GLU F 284 11.89 97.88 -50.77
C GLU F 284 10.44 97.76 -50.33
N TRP F 285 10.20 97.07 -49.20
CA TRP F 285 8.85 96.91 -48.69
C TRP F 285 8.45 98.04 -47.73
N ASP F 286 9.33 98.42 -46.82
CA ASP F 286 9.02 99.41 -45.79
C ASP F 286 10.12 100.48 -45.75
N GLU F 287 9.72 101.69 -45.38
CA GLU F 287 10.64 102.83 -45.30
C GLU F 287 11.21 103.03 -43.92
N ASN F 288 10.93 102.13 -42.98
CA ASN F 288 11.53 102.21 -41.65
C ASN F 288 12.97 101.71 -41.69
N LEU F 289 13.89 102.50 -41.16
CA LEU F 289 15.30 102.13 -41.20
C LEU F 289 15.56 100.91 -40.32
N LYS F 290 16.59 100.15 -40.71
CA LYS F 290 17.03 99.02 -39.91
C LYS F 290 17.71 99.45 -38.62
N ASP F 291 17.99 100.74 -38.46
CA ASP F 291 18.66 101.23 -37.27
C ASP F 291 17.95 100.81 -35.98
N ASP F 292 16.63 100.66 -36.02
CA ASP F 292 15.89 100.38 -34.80
C ASP F 292 14.99 99.16 -34.98
N SER F 293 14.17 99.17 -36.04
CA SER F 293 13.15 98.15 -36.18
C SER F 293 13.74 96.75 -36.33
N LEU F 294 14.75 96.62 -37.17
CA LEU F 294 15.21 95.25 -37.44
C LEU F 294 16.17 94.78 -36.35
N PRO F 295 16.02 93.55 -35.89
CA PRO F 295 16.93 93.01 -34.86
C PRO F 295 18.31 92.75 -35.43
N SER F 296 19.28 92.65 -34.52
CA SER F 296 20.67 92.43 -34.91
C SER F 296 21.11 90.97 -34.79
N ASN F 297 20.38 90.16 -34.03
CA ASN F 297 20.77 88.75 -33.89
C ASN F 297 20.30 87.96 -35.11
N PRO F 298 21.16 87.14 -35.72
CA PRO F 298 20.75 86.39 -36.91
C PRO F 298 19.57 85.47 -36.67
N ILE F 299 19.48 84.86 -35.49
CA ILE F 299 18.35 83.99 -35.19
C ILE F 299 17.05 84.78 -35.20
N ASP F 300 16.99 85.85 -34.40
CA ASP F 300 15.80 86.67 -34.35
C ASP F 300 15.50 87.31 -35.69
N PHE F 301 16.54 87.74 -36.41
CA PHE F 301 16.34 88.35 -37.73
C PHE F 301 15.72 87.34 -38.71
N SER F 302 16.25 86.11 -38.71
CA SER F 302 15.73 85.07 -39.59
C SER F 302 14.28 84.74 -39.26
N TYR F 303 13.96 84.64 -37.97
CA TYR F 303 12.58 84.34 -37.60
C TYR F 303 11.64 85.50 -37.95
N ARG F 304 12.08 86.73 -37.72
CA ARG F 304 11.28 87.89 -38.10
C ARG F 304 11.00 87.90 -39.60
N VAL F 305 12.00 87.53 -40.41
CA VAL F 305 11.80 87.54 -41.86
C VAL F 305 10.93 86.38 -42.30
N ALA F 306 11.07 85.23 -41.65
CA ALA F 306 10.26 84.07 -42.01
C ALA F 306 8.80 84.27 -41.61
N ALA F 307 8.55 85.07 -40.57
CA ALA F 307 7.18 85.29 -40.13
C ALA F 307 6.37 86.07 -41.17
N CYS F 308 7.03 86.88 -41.99
CA CYS F 308 6.33 87.76 -42.93
C CYS F 308 6.63 87.39 -44.38
N LEU F 309 6.94 86.13 -44.65
CA LEU F 309 7.13 85.68 -46.02
C LEU F 309 5.89 84.96 -46.50
N PRO F 310 5.19 85.47 -47.51
CA PRO F 310 3.96 84.81 -48.01
C PRO F 310 4.25 83.56 -48.84
N ILE F 311 4.42 82.44 -48.14
CA ILE F 311 4.65 81.15 -48.78
C ILE F 311 3.58 80.17 -48.31
N ASP F 312 3.44 79.08 -49.05
CA ASP F 312 2.47 78.05 -48.72
C ASP F 312 2.94 77.23 -47.53
N ASP F 313 2.04 76.40 -47.02
CA ASP F 313 2.30 75.72 -45.76
C ASP F 313 3.44 74.69 -45.88
N VAL F 314 3.62 74.09 -47.05
CA VAL F 314 4.71 73.12 -47.20
C VAL F 314 6.06 73.83 -47.13
N LEU F 315 6.20 74.95 -47.85
CA LEU F 315 7.43 75.70 -47.78
C LEU F 315 7.70 76.21 -46.37
N ARG F 316 6.65 76.67 -45.68
CA ARG F 316 6.84 77.14 -44.31
C ARG F 316 7.24 76.01 -43.38
N ILE F 317 6.72 74.80 -43.60
CA ILE F 317 7.16 73.67 -42.78
C ILE F 317 8.63 73.37 -43.03
N GLN F 318 9.04 73.36 -44.31
CA GLN F 318 10.45 73.15 -44.62
C GLN F 318 11.31 74.22 -43.98
N LEU F 319 10.84 75.46 -43.97
CA LEU F 319 11.58 76.55 -43.35
C LEU F 319 11.66 76.36 -41.84
N LEU F 320 10.57 75.88 -41.23
CA LEU F 320 10.57 75.63 -39.79
C LEU F 320 11.49 74.47 -39.43
N LYS F 321 11.76 73.58 -40.38
CA LYS F 321 12.69 72.48 -40.10
C LYS F 321 14.14 72.94 -40.02
N ILE F 322 14.46 74.10 -40.60
CA ILE F 322 15.83 74.60 -40.57
C ILE F 322 16.19 75.04 -39.16
N GLY F 323 17.35 74.60 -38.68
CA GLY F 323 17.81 74.95 -37.35
C GLY F 323 18.92 75.97 -37.32
N SER F 324 19.62 76.13 -38.45
CA SER F 324 20.71 77.09 -38.57
C SER F 324 20.18 78.42 -39.09
N ALA F 325 20.52 79.51 -38.39
CA ALA F 325 20.12 80.83 -38.86
C ALA F 325 20.74 81.16 -40.21
N ILE F 326 21.94 80.64 -40.48
CA ILE F 326 22.58 80.88 -41.78
C ILE F 326 21.72 80.30 -42.90
N GLN F 327 21.37 79.02 -42.77
CA GLN F 327 20.55 78.36 -43.78
C GLN F 327 19.18 79.03 -43.90
N ARG F 328 18.60 79.41 -42.76
CA ARG F 328 17.29 80.07 -42.80
C ARG F 328 17.36 81.38 -43.58
N LEU F 329 18.39 82.18 -43.32
CA LEU F 329 18.56 83.43 -44.06
C LEU F 329 18.77 83.16 -45.54
N ARG F 330 19.56 82.14 -45.88
CA ARG F 330 19.83 81.84 -47.28
C ARG F 330 18.56 81.41 -48.00
N CYS F 331 17.80 80.52 -47.37
CA CYS F 331 16.54 80.07 -47.96
C CYS F 331 15.57 81.24 -48.11
N GLU F 332 15.53 82.14 -47.12
CA GLU F 332 14.63 83.29 -47.22
C GLU F 332 15.03 84.19 -48.37
N LEU F 333 16.33 84.43 -48.55
CA LEU F 333 16.79 85.21 -49.68
C LEU F 333 16.42 84.55 -51.00
N ASP F 334 16.68 83.24 -51.11
CA ASP F 334 16.34 82.53 -52.32
C ASP F 334 14.85 82.65 -52.61
N ILE F 335 14.01 82.53 -51.59
CA ILE F 335 12.57 82.62 -51.79
C ILE F 335 12.19 84.01 -52.26
N MET F 336 12.73 85.04 -51.61
CA MET F 336 12.41 86.40 -52.00
C MET F 336 12.89 86.72 -53.41
N ASN F 337 13.90 86.00 -53.90
CA ASN F 337 14.40 86.25 -55.24
C ASN F 337 13.66 85.45 -56.32
N LYS F 338 13.29 84.21 -56.01
CA LYS F 338 12.65 83.36 -57.02
C LYS F 338 11.16 83.64 -57.12
N CYS F 339 10.43 83.43 -56.04
CA CYS F 339 8.97 83.62 -56.03
C CYS F 339 8.67 85.10 -56.19
N THR F 340 8.37 85.51 -57.42
CA THR F 340 7.99 86.89 -57.71
C THR F 340 6.50 87.06 -57.95
N SER F 341 5.78 85.97 -58.23
CA SER F 341 4.35 86.02 -58.45
C SER F 341 3.62 85.34 -57.29
N LEU F 342 2.37 85.73 -57.08
CA LEU F 342 1.51 85.14 -56.07
C LEU F 342 0.17 84.85 -56.73
N CYS F 343 -0.15 83.57 -56.88
CA CYS F 343 -1.34 83.13 -57.57
C CYS F 343 -2.35 82.55 -56.58
N CYS F 344 -3.53 82.24 -57.11
CA CYS F 344 -4.60 81.63 -56.33
C CYS F 344 -4.28 80.15 -56.08
N LYS F 345 -4.32 79.75 -54.80
CA LYS F 345 -3.95 78.39 -54.46
C LYS F 345 -4.92 77.37 -55.05
N GLN F 346 -6.17 77.76 -55.25
CA GLN F 346 -7.14 76.83 -55.83
C GLN F 346 -6.93 76.70 -57.34
N CYS F 347 -6.51 77.80 -57.98
CA CYS F 347 -6.28 77.77 -59.42
C CYS F 347 -4.87 77.31 -59.75
N GLN F 348 -3.89 77.79 -58.98
CA GLN F 348 -2.48 77.50 -59.21
C GLN F 348 -1.96 78.24 -60.44
N GLU F 349 -2.86 78.70 -61.31
CA GLU F 349 -2.48 79.41 -62.52
C GLU F 349 -3.03 80.82 -62.61
N THR F 350 -3.99 81.19 -61.76
CA THR F 350 -4.58 82.52 -61.76
C THR F 350 -3.70 83.45 -60.93
N GLU F 351 -2.99 84.35 -61.59
CA GLU F 351 -2.10 85.26 -60.88
C GLU F 351 -2.89 86.32 -60.13
N ILE F 352 -2.57 86.51 -58.85
CA ILE F 352 -3.25 87.48 -58.00
C ILE F 352 -2.43 88.76 -57.84
N THR F 353 -1.15 88.63 -57.53
CA THR F 353 -0.31 89.81 -57.34
C THR F 353 1.16 89.42 -57.56
N THR F 354 2.03 90.40 -57.32
CA THR F 354 3.47 90.21 -57.47
C THR F 354 4.19 90.81 -56.28
N LYS F 355 5.44 90.39 -56.07
CA LYS F 355 6.22 90.90 -54.95
C LYS F 355 6.50 92.38 -55.08
N ASN F 356 6.36 92.94 -56.27
CA ASN F 356 6.58 94.38 -56.46
C ASN F 356 5.50 95.20 -55.78
N GLU F 357 4.32 94.63 -55.55
CA GLU F 357 3.22 95.32 -54.89
C GLU F 357 3.23 95.14 -53.38
N ILE F 358 4.06 94.24 -52.85
CA ILE F 358 4.10 94.00 -51.42
C ILE F 358 4.63 95.23 -50.71
N PHE F 359 3.95 95.63 -49.63
CA PHE F 359 4.39 96.76 -48.82
C PHE F 359 3.99 96.51 -47.38
N SER F 360 4.69 97.17 -46.47
CA SER F 360 4.49 96.98 -45.04
C SER F 360 3.60 98.09 -44.49
N LEU F 361 2.40 97.72 -44.08
CA LEU F 361 1.52 98.63 -43.36
C LEU F 361 1.62 98.47 -41.86
N SER F 362 2.43 97.54 -41.38
CA SER F 362 2.64 97.29 -39.97
C SER F 362 4.12 97.19 -39.67
N LEU F 363 4.47 97.35 -38.39
CA LEU F 363 5.87 97.26 -37.99
C LEU F 363 6.42 95.87 -38.22
N CYS F 364 5.60 94.84 -38.04
CA CYS F 364 6.06 93.47 -38.21
C CYS F 364 6.47 93.17 -39.65
N GLY F 365 6.01 93.98 -40.61
CA GLY F 365 6.32 93.76 -41.99
C GLY F 365 5.07 93.86 -42.86
N PRO F 366 5.07 93.14 -43.98
CA PRO F 366 3.92 93.19 -44.88
C PRO F 366 2.82 92.20 -44.52
N MET F 367 3.15 91.16 -43.75
CA MET F 367 2.19 90.13 -43.40
C MET F 367 2.16 89.91 -41.89
N ALA F 368 0.95 89.74 -41.35
CA ALA F 368 0.76 89.52 -39.92
C ALA F 368 -0.53 88.76 -39.68
N ALA F 369 -0.61 88.14 -38.50
CA ALA F 369 -1.75 87.29 -38.17
C ALA F 369 -2.81 88.08 -37.40
N TYR F 370 -4.06 87.99 -37.86
CA TYR F 370 -5.18 88.65 -37.21
C TYR F 370 -6.31 87.65 -36.99
N VAL F 371 -7.15 87.95 -36.00
CA VAL F 371 -8.27 87.07 -35.66
C VAL F 371 -9.57 87.80 -35.99
N ASN F 372 -10.51 87.09 -36.57
CA ASN F 372 -11.80 87.65 -36.94
C ASN F 372 -12.77 87.51 -35.78
N PRO F 373 -13.97 88.09 -35.90
CA PRO F 373 -14.93 88.03 -34.79
C PRO F 373 -15.27 86.62 -34.35
N HIS F 374 -15.08 85.61 -35.20
CA HIS F 374 -15.47 84.25 -34.86
C HIS F 374 -14.30 83.36 -34.49
N GLY F 375 -13.10 83.92 -34.34
CA GLY F 375 -11.95 83.16 -33.92
C GLY F 375 -11.10 82.60 -35.04
N TYR F 376 -11.49 82.83 -36.29
CA TYR F 376 -10.71 82.37 -37.43
C TYR F 376 -9.49 83.28 -37.60
N VAL F 377 -8.31 82.66 -37.70
CA VAL F 377 -7.04 83.38 -37.81
C VAL F 377 -6.61 83.42 -39.26
N HIS F 378 -6.29 84.62 -39.75
CA HIS F 378 -5.83 84.82 -41.11
C HIS F 378 -4.50 85.54 -41.08
N GLU F 379 -3.53 85.01 -41.80
CA GLU F 379 -2.25 85.70 -42.00
C GLU F 379 -2.43 86.62 -43.21
N THR F 380 -2.71 87.89 -42.95
CA THR F 380 -2.99 88.86 -43.99
C THR F 380 -1.71 89.51 -44.47
N LEU F 381 -1.55 89.55 -45.79
CA LEU F 381 -0.45 90.23 -46.45
C LEU F 381 -1.00 91.44 -47.18
N THR F 382 -0.41 92.60 -46.94
CA THR F 382 -0.90 93.86 -47.51
C THR F 382 -0.13 94.17 -48.79
N VAL F 383 -0.88 94.41 -49.88
CA VAL F 383 -0.31 94.76 -51.17
C VAL F 383 -1.04 95.99 -51.71
N TYR F 384 -0.39 96.65 -52.67
CA TYR F 384 -0.96 97.85 -53.27
C TYR F 384 -2.00 97.53 -54.32
N LYS F 385 -1.70 96.60 -55.22
CA LYS F 385 -2.58 96.27 -56.33
C LYS F 385 -2.74 94.76 -56.43
N ALA F 386 -3.94 94.35 -56.86
CA ALA F 386 -4.26 92.94 -57.08
C ALA F 386 -5.24 92.85 -58.24
N CYS F 387 -5.18 91.73 -58.95
CA CYS F 387 -5.99 91.52 -60.15
C CYS F 387 -6.73 90.18 -60.04
N ASN F 388 -7.66 89.97 -60.96
CA ASN F 388 -8.44 88.73 -61.02
C ASN F 388 -9.23 88.51 -59.74
N LEU F 389 -9.82 89.59 -59.21
CA LEU F 389 -10.56 89.53 -57.96
C LEU F 389 -11.90 90.22 -58.12
N ASN F 390 -12.95 89.55 -57.66
CA ASN F 390 -14.29 90.11 -57.59
C ASN F 390 -14.60 90.53 -56.15
N LEU F 391 -15.25 91.68 -55.99
CA LEU F 391 -15.65 92.18 -54.68
C LEU F 391 -17.08 91.75 -54.40
N ILE F 392 -17.29 91.08 -53.26
CA ILE F 392 -18.61 90.58 -52.87
C ILE F 392 -19.16 91.48 -51.78
N GLY F 393 -20.42 91.89 -51.92
CA GLY F 393 -21.03 92.75 -50.93
C GLY F 393 -20.50 94.18 -51.01
N ARG F 394 -20.53 94.85 -49.87
CA ARG F 394 -20.03 96.21 -49.80
C ARG F 394 -19.13 96.38 -48.59
N PRO F 395 -18.14 97.26 -48.66
CA PRO F 395 -17.19 97.41 -47.55
C PRO F 395 -17.87 97.66 -46.22
N SER F 396 -17.17 97.36 -45.13
CA SER F 396 -17.66 97.61 -43.79
C SER F 396 -16.47 97.87 -42.88
N THR F 397 -16.70 98.66 -41.83
CA THR F 397 -15.67 98.96 -40.84
C THR F 397 -15.80 98.11 -39.59
N GLU F 398 -16.67 97.12 -39.60
CA GLU F 398 -16.93 96.31 -38.42
C GLU F 398 -15.78 95.32 -38.21
N HIS F 399 -15.09 95.45 -37.07
CA HIS F 399 -13.99 94.55 -36.73
C HIS F 399 -12.85 94.66 -37.72
N SER F 400 -12.58 95.87 -38.20
CA SER F 400 -11.53 96.08 -39.17
C SER F 400 -10.16 95.95 -38.49
N TRP F 401 -9.29 95.14 -39.09
CA TRP F 401 -7.95 94.95 -38.53
C TRP F 401 -7.06 96.17 -38.74
N PHE F 402 -7.41 97.04 -39.69
CA PHE F 402 -6.67 98.27 -39.95
C PHE F 402 -7.59 99.44 -39.67
N PRO F 403 -7.54 100.01 -38.46
CA PRO F 403 -8.47 101.11 -38.11
C PRO F 403 -8.39 102.24 -39.13
N GLY F 404 -9.55 102.66 -39.62
CA GLY F 404 -9.64 103.70 -40.62
C GLY F 404 -9.95 103.21 -42.01
N TYR F 405 -9.86 101.91 -42.26
CA TYR F 405 -10.15 101.34 -43.55
C TYR F 405 -11.36 100.42 -43.45
N ALA F 406 -12.03 100.23 -44.59
CA ALA F 406 -13.18 99.33 -44.69
C ALA F 406 -12.83 98.16 -45.59
N TRP F 407 -13.27 96.96 -45.19
CA TRP F 407 -12.92 95.74 -45.88
C TRP F 407 -14.06 95.24 -46.76
N THR F 408 -13.69 94.59 -47.86
CA THR F 408 -14.65 93.98 -48.76
C THR F 408 -14.14 92.59 -49.14
N VAL F 409 -14.99 91.59 -48.97
CA VAL F 409 -14.62 90.24 -49.32
C VAL F 409 -14.20 90.18 -50.79
N ALA F 410 -13.07 89.56 -51.05
CA ALA F 410 -12.53 89.44 -52.41
C ALA F 410 -12.40 87.96 -52.77
N GLN F 411 -12.98 87.59 -53.91
CA GLN F 411 -12.96 86.22 -54.41
C GLN F 411 -12.18 86.17 -55.71
N CYS F 412 -11.72 84.96 -56.05
CA CYS F 412 -11.06 84.76 -57.33
C CYS F 412 -12.08 84.79 -58.45
N LYS F 413 -11.71 85.44 -59.57
CA LYS F 413 -12.63 85.55 -60.70
C LYS F 413 -12.93 84.20 -61.34
N ILE F 414 -12.13 83.18 -61.06
CA ILE F 414 -12.25 81.90 -61.76
C ILE F 414 -12.92 80.87 -60.87
N CYS F 415 -12.37 80.66 -59.68
CA CYS F 415 -12.86 79.64 -58.77
C CYS F 415 -13.75 80.19 -57.66
N ALA F 416 -13.84 81.50 -57.51
CA ALA F 416 -14.66 82.14 -56.48
C ALA F 416 -14.14 81.86 -55.07
N SER F 417 -12.90 81.37 -54.95
CA SER F 417 -12.31 81.12 -53.64
C SER F 417 -11.89 82.43 -53.00
N HIS F 418 -12.23 82.58 -51.72
CA HIS F 418 -11.88 83.79 -51.00
C HIS F 418 -10.37 83.96 -50.96
N ILE F 419 -9.89 85.09 -51.47
CA ILE F 419 -8.46 85.38 -51.50
C ILE F 419 -8.14 86.37 -50.39
N GLY F 420 -9.11 87.21 -50.03
CA GLY F 420 -8.91 88.17 -48.96
C GLY F 420 -9.91 89.30 -48.96
N TRP F 421 -9.44 90.52 -48.74
CA TRP F 421 -10.32 91.69 -48.67
C TRP F 421 -9.64 92.87 -49.35
N LYS F 422 -10.45 93.83 -49.75
CA LYS F 422 -9.96 95.11 -50.26
C LYS F 422 -10.27 96.17 -49.22
N PHE F 423 -9.24 96.88 -48.76
CA PHE F 423 -9.38 97.91 -47.74
C PHE F 423 -9.37 99.28 -48.40
N THR F 424 -10.42 100.06 -48.16
CA THR F 424 -10.56 101.40 -48.72
C THR F 424 -10.67 102.40 -47.58
N ALA F 425 -9.92 103.51 -47.70
CA ALA F 425 -9.90 104.51 -46.64
C ALA F 425 -11.27 105.12 -46.44
N THR F 426 -11.54 105.54 -45.20
CA THR F 426 -12.79 106.20 -44.86
C THR F 426 -12.68 107.73 -44.92
N LYS F 427 -11.48 108.28 -44.78
CA LYS F 427 -11.24 109.70 -44.90
C LYS F 427 -10.41 110.00 -46.13
N LYS F 428 -10.70 111.14 -46.76
CA LYS F 428 -10.01 111.49 -48.00
C LYS F 428 -8.53 111.78 -47.77
N ASP F 429 -8.16 112.18 -46.55
CA ASP F 429 -6.79 112.55 -46.24
C ASP F 429 -5.87 111.35 -46.01
N MET F 430 -6.43 110.15 -45.88
CA MET F 430 -5.59 108.98 -45.62
C MET F 430 -4.84 108.56 -46.87
N SER F 431 -3.64 108.01 -46.65
CA SER F 431 -2.80 107.52 -47.73
C SER F 431 -2.08 106.28 -47.20
N PRO F 432 -2.12 105.16 -47.93
CA PRO F 432 -2.77 104.96 -49.23
C PRO F 432 -4.29 104.98 -49.12
N GLN F 433 -4.99 105.30 -50.22
CA GLN F 433 -6.44 105.34 -50.20
C GLN F 433 -7.07 103.95 -50.30
N LYS F 434 -6.35 102.97 -50.84
CA LYS F 434 -6.90 101.62 -50.98
C LYS F 434 -5.75 100.64 -51.17
N PHE F 435 -5.93 99.44 -50.63
CA PHE F 435 -4.97 98.36 -50.78
C PHE F 435 -5.72 97.04 -50.64
N TRP F 436 -4.97 95.93 -50.64
CA TRP F 436 -5.56 94.60 -50.56
C TRP F 436 -4.89 93.82 -49.44
N GLY F 437 -5.70 93.15 -48.62
CA GLY F 437 -5.19 92.22 -47.64
C GLY F 437 -5.52 90.79 -48.00
N LEU F 438 -4.52 90.03 -48.44
CA LEU F 438 -4.72 88.67 -48.93
C LEU F 438 -4.34 87.68 -47.83
N THR F 439 -5.19 86.68 -47.61
CA THR F 439 -4.89 85.65 -46.64
C THR F 439 -3.88 84.65 -47.22
N ARG F 440 -2.89 84.29 -46.42
CA ARG F 440 -1.81 83.44 -46.91
C ARG F 440 -2.30 82.07 -47.33
N SER F 441 -3.31 81.54 -46.63
CA SER F 441 -3.79 80.20 -46.93
C SER F 441 -4.31 80.07 -48.36
N ALA F 442 -4.73 81.18 -48.97
CA ALA F 442 -5.31 81.16 -50.31
C ALA F 442 -4.31 81.51 -51.40
N LEU F 443 -3.06 81.80 -51.04
CA LEU F 443 -2.05 82.22 -52.00
C LEU F 443 -1.07 81.08 -52.27
N LEU F 444 -0.38 81.22 -53.40
CA LEU F 444 0.65 80.26 -53.79
C LEU F 444 1.81 81.04 -54.40
N PRO F 445 3.02 80.91 -53.86
CA PRO F 445 4.18 81.56 -54.49
C PRO F 445 4.52 80.90 -55.82
N THR F 446 4.95 81.71 -56.77
CA THR F 446 5.15 81.26 -58.13
C THR F 446 6.32 82.01 -58.76
N ILE F 447 7.06 81.29 -59.61
CA ILE F 447 8.14 81.91 -60.38
C ILE F 447 7.53 82.55 -61.61
N PRO F 448 8.15 83.60 -62.15
CA PRO F 448 7.59 84.24 -63.35
C PRO F 448 7.99 83.50 -64.62
N ASP F 449 7.06 83.39 -65.55
CA ASP F 449 7.36 82.81 -66.84
C ASP F 449 8.43 83.63 -67.55
N THR F 450 9.46 82.95 -68.04
CA THR F 450 10.62 83.64 -68.60
C THR F 450 10.22 84.51 -69.79
N GLU F 451 10.91 85.65 -69.92
CA GLU F 451 10.66 86.52 -71.07
C GLU F 451 10.96 85.81 -72.38
N ASP F 452 12.03 85.02 -72.40
CA ASP F 452 12.38 84.20 -73.56
C ASP F 452 11.91 82.77 -73.29
N GLU F 453 10.91 82.31 -74.04
CA GLU F 453 10.39 80.97 -73.83
C GLU F 453 11.41 79.89 -74.13
N ILE F 454 12.42 80.19 -74.94
CA ILE F 454 13.43 79.19 -75.29
C ILE F 454 14.36 78.88 -74.13
N SER F 455 14.44 79.76 -73.13
CA SER F 455 15.36 79.59 -72.00
C SER F 455 14.57 79.39 -70.71
N PRO F 456 14.29 78.15 -70.32
CA PRO F 456 13.63 77.91 -69.03
C PRO F 456 14.54 77.21 -68.04
N ASP F 457 15.58 77.89 -67.58
CA ASP F 457 16.52 77.28 -66.64
C ASP F 457 15.78 76.81 -65.38
N LYS F 458 16.33 75.79 -64.74
CA LYS F 458 15.69 75.24 -63.55
C LYS F 458 15.64 76.27 -62.43
N VAL F 459 14.47 76.37 -61.78
CA VAL F 459 14.28 77.27 -60.65
C VAL F 459 13.85 76.45 -59.44
N ILE F 460 14.57 75.37 -59.17
CA ILE F 460 14.25 74.53 -58.03
C ILE F 460 14.48 75.29 -56.73
N LEU F 461 13.83 74.83 -55.66
CA LEU F 461 14.03 75.43 -54.35
C LEU F 461 15.49 75.28 -53.91
N CYS F 462 16.12 76.39 -53.54
CA CYS F 462 17.52 76.40 -53.14
C CYS F 462 17.69 76.94 -51.73
N LEU F 463 18.58 76.31 -50.96
CA LEU F 463 18.89 76.76 -49.61
C LEU F 463 20.37 76.57 -49.33
N ARG G 28 35.08 -101.56 12.16
CA ARG G 28 35.36 -100.13 12.23
C ARG G 28 34.50 -99.38 11.23
N MET G 29 33.51 -98.64 11.72
CA MET G 29 32.58 -97.91 10.88
C MET G 29 32.42 -96.48 11.40
N SER G 30 32.15 -95.56 10.48
CA SER G 30 32.08 -94.14 10.81
C SER G 30 30.65 -93.61 10.80
N TYR G 31 29.97 -93.66 9.66
CA TYR G 31 28.60 -93.15 9.56
C TYR G 31 28.56 -91.65 9.81
N ASN G 32 28.61 -90.86 8.74
CA ASN G 32 28.59 -89.41 8.87
C ASN G 32 27.88 -88.79 7.68
N TYR G 33 27.46 -87.54 7.87
CA TYR G 33 26.66 -86.80 6.90
C TYR G 33 27.18 -85.38 6.84
N VAL G 34 27.41 -84.87 5.62
CA VAL G 34 27.99 -83.55 5.42
C VAL G 34 27.16 -82.80 4.39
N VAL G 35 26.84 -81.53 4.69
CA VAL G 35 25.99 -80.74 3.83
C VAL G 35 26.53 -79.31 3.76
N THR G 36 26.23 -78.63 2.67
CA THR G 36 26.69 -77.26 2.45
C THR G 36 25.65 -76.29 2.99
N ALA G 37 26.03 -75.49 3.99
CA ALA G 37 25.13 -74.47 4.51
C ALA G 37 25.20 -73.18 3.70
N GLN G 38 26.39 -72.79 3.27
CA GLN G 38 26.59 -71.59 2.46
C GLN G 38 27.48 -71.95 1.28
N LYS G 39 27.00 -71.68 0.07
CA LYS G 39 27.77 -71.98 -1.12
C LYS G 39 29.05 -71.14 -1.15
N PRO G 40 30.05 -71.57 -1.91
CA PRO G 40 31.29 -70.79 -2.03
C PRO G 40 31.01 -69.43 -2.66
N THR G 41 31.40 -68.38 -1.94
CA THR G 41 31.13 -67.01 -2.36
C THR G 41 32.30 -66.36 -3.09
N ALA G 42 33.49 -66.94 -3.04
CA ALA G 42 34.65 -66.34 -3.69
C ALA G 42 34.59 -66.59 -5.20
N VAL G 43 34.95 -65.56 -5.96
CA VAL G 43 34.93 -65.62 -7.42
C VAL G 43 36.36 -65.91 -7.90
N ASN G 44 36.54 -67.05 -8.56
CA ASN G 44 37.82 -67.41 -9.14
C ASN G 44 37.85 -67.29 -10.66
N GLY G 45 36.71 -67.16 -11.31
CA GLY G 45 36.70 -66.96 -12.75
C GLY G 45 35.56 -66.08 -13.21
N CYS G 46 35.75 -65.44 -14.36
CA CYS G 46 34.70 -64.63 -14.97
C CYS G 46 35.05 -64.36 -16.42
N VAL G 47 34.06 -64.51 -17.30
CA VAL G 47 34.25 -64.27 -18.72
C VAL G 47 32.94 -63.74 -19.32
N THR G 48 33.08 -62.86 -20.30
CA THR G 48 31.94 -62.28 -21.00
C THR G 48 31.85 -62.85 -22.41
N GLY G 49 30.63 -63.02 -22.89
CA GLY G 49 30.43 -63.57 -24.22
C GLY G 49 28.97 -63.55 -24.61
N HIS G 50 28.63 -64.41 -25.57
CA HIS G 50 27.25 -64.58 -26.04
C HIS G 50 26.88 -66.05 -25.88
N PHE G 51 26.67 -66.46 -24.64
CA PHE G 51 26.43 -67.86 -24.31
C PHE G 51 24.96 -68.25 -24.43
N THR G 52 24.05 -67.42 -23.94
CA THR G 52 22.63 -67.75 -24.02
C THR G 52 22.11 -67.59 -25.44
N SER G 53 22.28 -66.40 -26.02
CA SER G 53 21.89 -66.15 -27.40
C SER G 53 22.89 -65.20 -28.03
N ALA G 54 22.98 -65.28 -29.37
CA ALA G 54 23.93 -64.45 -30.09
C ALA G 54 23.64 -62.96 -29.94
N GLU G 55 22.42 -62.59 -29.55
CA GLU G 55 22.07 -61.17 -29.44
C GLU G 55 22.59 -60.57 -28.14
N ASP G 56 22.02 -60.99 -27.01
CA ASP G 56 22.31 -60.36 -25.73
C ASP G 56 23.71 -60.74 -25.23
N LEU G 57 24.21 -59.93 -24.30
CA LEU G 57 25.53 -60.12 -23.71
C LEU G 57 25.42 -60.84 -22.39
N ASN G 58 26.31 -61.80 -22.16
CA ASN G 58 26.29 -62.67 -21.01
C ASN G 58 27.59 -62.52 -20.21
N LEU G 59 27.46 -62.59 -18.89
CA LEU G 59 28.58 -62.66 -17.96
C LEU G 59 28.50 -63.99 -17.22
N LEU G 60 29.53 -64.81 -17.36
CA LEU G 60 29.64 -66.08 -16.66
C LEU G 60 30.65 -65.93 -15.53
N ILE G 61 30.25 -66.36 -14.33
CA ILE G 61 31.08 -66.28 -13.14
C ILE G 61 31.28 -67.68 -12.59
N ALA G 62 32.50 -67.98 -12.17
CA ALA G 62 32.89 -69.29 -11.68
C ALA G 62 33.35 -69.14 -10.24
N LYS G 63 32.53 -69.65 -9.31
CA LYS G 63 32.82 -69.69 -7.88
C LYS G 63 33.07 -71.16 -7.52
N ASN G 64 34.30 -71.61 -7.77
CA ASN G 64 34.74 -72.95 -7.42
C ASN G 64 33.92 -74.01 -8.12
N THR G 65 32.90 -74.55 -7.43
CA THR G 65 32.05 -75.59 -7.98
C THR G 65 30.73 -75.04 -8.54
N ARG G 66 30.51 -73.73 -8.46
CA ARG G 66 29.27 -73.12 -8.92
C ARG G 66 29.54 -72.24 -10.14
N LEU G 67 28.56 -72.20 -11.04
CA LEU G 67 28.62 -71.42 -12.27
C LEU G 67 27.37 -70.57 -12.39
N GLU G 68 27.55 -69.25 -12.41
CA GLU G 68 26.46 -68.30 -12.54
C GLU G 68 26.49 -67.69 -13.93
N ILE G 69 25.30 -67.47 -14.50
CA ILE G 69 25.13 -66.94 -15.86
C ILE G 69 24.16 -65.77 -15.77
N TYR G 70 24.67 -64.55 -15.97
CA TYR G 70 23.90 -63.32 -15.97
C TYR G 70 23.82 -62.75 -17.38
N VAL G 71 22.81 -61.90 -17.59
CA VAL G 71 22.68 -61.12 -18.82
C VAL G 71 23.01 -59.66 -18.51
N VAL G 72 23.84 -59.05 -19.35
CA VAL G 72 24.28 -57.67 -19.14
C VAL G 72 23.19 -56.73 -19.63
N THR G 73 22.62 -55.95 -18.72
CA THR G 73 21.59 -54.97 -19.04
C THR G 73 22.16 -53.57 -18.85
N ALA G 74 21.32 -52.57 -19.16
CA ALA G 74 21.74 -51.18 -18.98
C ALA G 74 21.74 -50.78 -17.51
N GLU G 75 20.91 -51.40 -16.69
CA GLU G 75 20.87 -51.10 -15.26
C GLU G 75 21.99 -51.80 -14.51
N GLY G 76 22.10 -53.12 -14.69
CA GLY G 76 23.13 -53.89 -14.03
C GLY G 76 23.26 -55.29 -14.59
N LEU G 77 23.16 -56.30 -13.71
CA LEU G 77 23.24 -57.70 -14.10
C LEU G 77 21.92 -58.39 -13.76
N ARG G 78 21.37 -59.11 -14.74
CA ARG G 78 20.12 -59.82 -14.53
C ARG G 78 20.39 -61.32 -14.43
N PRO G 79 20.23 -61.93 -13.25
CA PRO G 79 20.52 -63.37 -13.13
C PRO G 79 19.65 -64.17 -14.07
N VAL G 80 20.28 -65.12 -14.77
CA VAL G 80 19.62 -65.96 -15.76
C VAL G 80 19.63 -67.43 -15.34
N LYS G 81 20.78 -67.93 -14.94
CA LYS G 81 20.86 -69.34 -14.56
C LYS G 81 21.99 -69.55 -13.55
N GLU G 82 21.86 -70.60 -12.75
CA GLU G 82 22.88 -70.97 -11.78
C GLU G 82 22.96 -72.49 -11.72
N VAL G 83 24.15 -73.04 -11.96
CA VAL G 83 24.33 -74.49 -11.99
C VAL G 83 25.47 -74.88 -11.07
N GLY G 84 25.48 -76.16 -10.69
CA GLY G 84 26.56 -76.71 -9.90
C GLY G 84 27.20 -77.91 -10.59
N MET G 85 28.53 -77.95 -10.60
CA MET G 85 29.27 -79.02 -11.24
C MET G 85 29.89 -79.94 -10.20
N TYR G 86 30.18 -81.16 -10.62
CA TYR G 86 30.87 -82.14 -9.77
C TYR G 86 32.38 -82.05 -9.99
N GLY G 87 32.92 -80.86 -9.74
CA GLY G 87 34.33 -80.61 -9.91
C GLY G 87 34.72 -79.16 -9.70
N LYS G 88 35.97 -78.91 -9.34
CA LYS G 88 36.46 -77.55 -9.13
C LYS G 88 36.82 -76.95 -10.48
N ILE G 89 36.15 -75.86 -10.85
CA ILE G 89 36.31 -75.26 -12.17
C ILE G 89 37.67 -74.56 -12.21
N ALA G 90 38.62 -75.14 -12.96
CA ALA G 90 39.91 -74.52 -13.16
C ALA G 90 39.93 -73.63 -14.39
N VAL G 91 39.45 -74.14 -15.52
CA VAL G 91 39.43 -73.42 -16.78
C VAL G 91 37.98 -73.17 -17.20
N MET G 92 37.72 -71.96 -17.71
CA MET G 92 36.39 -71.62 -18.21
C MET G 92 36.56 -70.59 -19.32
N GLU G 93 36.33 -71.00 -20.57
CA GLU G 93 36.48 -70.12 -21.71
C GLU G 93 35.33 -70.34 -22.68
N LEU G 94 34.78 -69.25 -23.20
CA LEU G 94 33.76 -69.30 -24.24
C LEU G 94 34.42 -69.31 -25.62
N PHE G 95 33.70 -69.85 -26.60
CA PHE G 95 34.22 -69.92 -27.95
C PHE G 95 33.08 -70.28 -28.91
N ARG G 96 33.11 -69.67 -30.09
CA ARG G 96 32.10 -69.93 -31.11
C ARG G 96 32.76 -70.61 -32.31
N PRO G 97 32.54 -71.91 -32.51
CA PRO G 97 33.17 -72.59 -33.65
C PRO G 97 32.55 -72.15 -34.98
N LYS G 98 33.17 -72.64 -36.05
CA LYS G 98 32.69 -72.35 -37.40
C LYS G 98 31.33 -73.01 -37.61
N GLY G 99 30.33 -72.21 -37.93
CA GLY G 99 29.00 -72.74 -38.17
C GLY G 99 28.24 -73.02 -36.89
N GLU G 100 28.18 -72.04 -36.01
CA GLU G 100 27.41 -72.16 -34.77
C GLU G 100 26.69 -70.85 -34.50
N SER G 101 25.47 -70.96 -33.97
CA SER G 101 24.66 -69.79 -33.70
C SER G 101 25.25 -68.94 -32.59
N LYS G 102 25.42 -69.51 -31.40
CA LYS G 102 25.92 -68.81 -30.25
C LYS G 102 27.18 -69.50 -29.73
N ASP G 103 27.71 -68.98 -28.62
CA ASP G 103 28.98 -69.44 -28.09
C ASP G 103 28.80 -70.71 -27.25
N LEU G 104 29.83 -71.55 -27.28
CA LEU G 104 29.92 -72.73 -26.43
C LEU G 104 30.88 -72.45 -25.28
N LEU G 105 30.71 -73.20 -24.19
CA LEU G 105 31.50 -72.99 -22.97
C LEU G 105 32.38 -74.20 -22.72
N PHE G 106 33.70 -73.99 -22.75
CA PHE G 106 34.64 -75.04 -22.39
C PHE G 106 35.01 -74.91 -20.91
N ILE G 107 34.91 -76.02 -20.19
CA ILE G 107 35.20 -76.04 -18.75
C ILE G 107 36.06 -77.25 -18.44
N LEU G 108 37.16 -77.02 -17.74
CA LEU G 108 38.03 -78.07 -17.23
C LEU G 108 38.00 -78.03 -15.70
N THR G 109 37.96 -79.20 -15.09
CA THR G 109 37.91 -79.32 -13.63
C THR G 109 39.29 -79.58 -13.07
N ALA G 110 39.39 -79.47 -11.74
CA ALA G 110 40.66 -79.76 -11.08
C ALA G 110 41.09 -81.20 -11.31
N LYS G 111 40.12 -82.12 -11.35
CA LYS G 111 40.39 -83.53 -11.61
C LYS G 111 40.54 -83.83 -13.10
N TYR G 112 40.73 -82.81 -13.93
CA TYR G 112 41.00 -82.99 -15.35
C TYR G 112 39.80 -83.54 -16.12
N ASN G 113 38.60 -83.11 -15.72
CA ASN G 113 37.38 -83.35 -16.48
C ASN G 113 37.15 -82.16 -17.41
N ALA G 114 37.38 -82.36 -18.71
CA ALA G 114 37.12 -81.34 -19.71
C ALA G 114 35.75 -81.58 -20.33
N CYS G 115 35.10 -80.49 -20.72
CA CYS G 115 33.77 -80.60 -21.32
C CYS G 115 33.46 -79.33 -22.11
N ILE G 116 32.63 -79.50 -23.12
CA ILE G 116 32.04 -78.40 -23.88
C ILE G 116 30.54 -78.45 -23.64
N LEU G 117 30.00 -77.39 -23.04
CA LEU G 117 28.60 -77.24 -22.72
C LEU G 117 27.97 -76.19 -23.61
N GLU G 118 26.65 -76.28 -23.75
CA GLU G 118 25.87 -75.37 -24.57
C GLU G 118 24.61 -74.97 -23.82
N TYR G 119 24.20 -73.71 -23.99
CA TYR G 119 22.99 -73.19 -23.36
C TYR G 119 21.80 -73.49 -24.25
N LYS G 120 20.85 -74.26 -23.74
CA LYS G 120 19.65 -74.64 -24.48
C LYS G 120 18.41 -74.27 -23.67
N GLN G 121 17.54 -73.46 -24.27
CA GLN G 121 16.30 -73.02 -23.65
C GLN G 121 15.14 -73.44 -24.55
N SER G 122 14.21 -74.21 -24.00
CA SER G 122 13.10 -74.79 -24.76
C SER G 122 11.79 -74.37 -24.13
N GLY G 123 11.01 -73.57 -24.87
CA GLY G 123 9.71 -73.12 -24.39
C GLY G 123 9.79 -72.30 -23.12
N GLU G 124 9.85 -72.99 -21.99
CA GLU G 124 10.08 -72.36 -20.69
C GLU G 124 10.76 -73.37 -19.78
N SER G 125 11.91 -73.86 -20.23
CA SER G 125 12.71 -74.79 -19.43
C SER G 125 14.18 -74.60 -19.81
N ILE G 126 15.00 -74.20 -18.84
CA ILE G 126 16.41 -73.91 -19.07
C ILE G 126 17.23 -75.13 -18.69
N ASP G 127 18.24 -75.44 -19.52
CA ASP G 127 19.09 -76.61 -19.30
C ASP G 127 20.44 -76.38 -19.95
N ILE G 128 21.49 -76.77 -19.25
CA ILE G 128 22.87 -76.66 -19.74
C ILE G 128 23.26 -78.04 -20.23
N ILE G 129 23.07 -78.29 -21.53
CA ILE G 129 23.32 -79.61 -22.09
C ILE G 129 24.81 -79.78 -22.37
N THR G 130 25.28 -81.01 -22.22
CA THR G 130 26.70 -81.35 -22.38
C THR G 130 26.93 -81.77 -23.82
N ARG G 131 27.50 -80.87 -24.61
CA ARG G 131 27.79 -81.20 -26.01
C ARG G 131 28.92 -82.22 -26.11
N ALA G 132 29.92 -82.13 -25.25
CA ALA G 132 31.02 -83.09 -25.26
C ALA G 132 31.68 -83.12 -23.90
N HIS G 133 32.35 -84.23 -23.60
CA HIS G 133 32.96 -84.39 -22.28
C HIS G 133 34.01 -85.49 -22.32
N GLY G 134 34.89 -85.48 -21.32
CA GLY G 134 35.88 -86.51 -21.14
C GLY G 134 36.96 -86.12 -20.15
N ASN G 135 37.65 -87.09 -19.57
CA ASN G 135 38.76 -86.82 -18.66
C ASN G 135 40.06 -86.76 -19.46
N VAL G 136 40.86 -85.73 -19.20
CA VAL G 136 42.07 -85.50 -19.99
C VAL G 136 43.33 -85.70 -19.15
N GLN G 137 43.23 -86.51 -18.11
CA GLN G 137 44.37 -86.77 -17.23
C GLN G 137 45.34 -87.73 -17.89
N ASP G 138 46.62 -87.60 -17.51
CA ASP G 138 47.69 -88.47 -18.01
C ASP G 138 48.31 -89.21 -16.85
N ARG G 139 48.23 -90.54 -16.88
CA ARG G 139 48.76 -91.38 -15.80
C ARG G 139 50.27 -91.42 -15.94
N ILE G 140 50.92 -90.48 -15.25
CA ILE G 140 52.36 -90.17 -15.26
C ILE G 140 52.52 -88.79 -15.87
N GLY G 141 53.21 -87.91 -15.16
CA GLY G 141 53.37 -86.54 -15.59
C GLY G 141 53.42 -85.58 -14.42
N ARG G 142 54.45 -84.75 -14.38
CA ARG G 142 54.63 -83.82 -13.26
C ARG G 142 53.79 -82.57 -13.50
N PRO G 143 52.80 -82.28 -12.65
CA PRO G 143 52.02 -81.05 -12.82
C PRO G 143 52.92 -79.83 -12.79
N SER G 144 52.64 -78.87 -13.67
CA SER G 144 53.50 -77.72 -13.83
C SER G 144 53.43 -76.82 -12.59
N GLU G 145 54.39 -75.89 -12.52
CA GLU G 145 54.47 -74.95 -11.40
C GLU G 145 53.47 -73.82 -11.55
N THR G 146 53.11 -73.46 -12.77
CA THR G 146 52.11 -72.41 -12.99
C THR G 146 50.69 -72.95 -12.94
N GLY G 147 50.50 -74.24 -12.73
CA GLY G 147 49.19 -74.85 -12.71
C GLY G 147 48.64 -75.17 -14.08
N ILE G 148 47.36 -75.52 -14.10
CA ILE G 148 46.68 -75.81 -15.35
C ILE G 148 46.54 -74.52 -16.15
N ILE G 149 46.84 -74.60 -17.45
CA ILE G 149 46.66 -73.47 -18.35
C ILE G 149 45.83 -73.94 -19.54
N GLY G 150 44.64 -73.36 -19.70
CA GLY G 150 43.80 -73.72 -20.81
C GLY G 150 43.55 -72.57 -21.75
N ILE G 151 43.85 -72.77 -23.04
CA ILE G 151 43.61 -71.75 -24.05
C ILE G 151 42.93 -72.40 -25.25
N ILE G 152 42.31 -71.56 -26.07
CA ILE G 152 41.62 -72.00 -27.27
C ILE G 152 42.09 -71.15 -28.44
N ASP G 153 42.20 -71.75 -29.61
CA ASP G 153 42.60 -71.01 -30.79
C ASP G 153 41.54 -69.96 -31.12
N PRO G 154 41.95 -68.78 -31.59
CA PRO G 154 40.95 -67.74 -31.91
C PRO G 154 39.93 -68.19 -32.95
N GLU G 155 40.36 -68.95 -33.95
CA GLU G 155 39.47 -69.49 -34.97
C GLU G 155 38.98 -70.88 -34.63
N CYS G 156 39.10 -71.30 -33.36
CA CYS G 156 38.54 -72.56 -32.89
C CYS G 156 39.09 -73.76 -33.66
N ARG G 157 40.41 -73.77 -33.86
CA ARG G 157 41.07 -74.93 -34.48
C ARG G 157 41.26 -76.05 -33.49
N MET G 158 41.51 -75.74 -32.22
CA MET G 158 41.82 -76.74 -31.22
C MET G 158 41.77 -76.09 -29.84
N ILE G 159 41.88 -76.92 -28.81
CA ILE G 159 42.01 -76.48 -27.43
C ILE G 159 43.37 -76.94 -26.94
N GLY G 160 44.18 -75.99 -26.48
CA GLY G 160 45.50 -76.29 -25.98
C GLY G 160 45.54 -76.24 -24.47
N LEU G 161 45.92 -77.36 -23.86
CA LEU G 161 46.05 -77.48 -22.42
C LEU G 161 47.52 -77.68 -22.05
N ARG G 162 47.95 -76.99 -21.01
CA ARG G 162 49.26 -77.17 -20.40
C ARG G 162 49.00 -77.63 -18.97
N LEU G 163 49.13 -78.92 -18.74
CA LEU G 163 48.88 -79.53 -17.44
C LEU G 163 50.14 -80.05 -16.78
N TYR G 164 51.06 -80.61 -17.55
CA TYR G 164 52.31 -81.17 -17.03
C TYR G 164 53.49 -80.53 -17.75
N ASP G 165 54.57 -80.31 -17.01
CA ASP G 165 55.77 -79.72 -17.60
C ASP G 165 56.31 -80.63 -18.70
N GLY G 166 56.74 -80.01 -19.81
CA GLY G 166 57.32 -80.74 -20.91
C GLY G 166 56.33 -81.38 -21.86
N LEU G 167 55.04 -81.15 -21.69
CA LEU G 167 54.02 -81.70 -22.57
C LEU G 167 52.98 -80.64 -22.85
N PHE G 168 52.48 -80.61 -24.09
CA PHE G 168 51.42 -79.70 -24.49
C PHE G 168 50.27 -80.53 -25.08
N LYS G 169 49.18 -80.67 -24.34
CA LYS G 169 48.07 -81.49 -24.77
C LYS G 169 47.17 -80.70 -25.72
N VAL G 170 46.69 -81.36 -26.78
CA VAL G 170 45.91 -80.73 -27.83
C VAL G 170 44.64 -81.55 -28.05
N ILE G 171 43.49 -80.88 -27.99
CA ILE G 171 42.20 -81.48 -28.28
C ILE G 171 41.70 -80.87 -29.59
N PRO G 172 41.67 -81.61 -30.70
CA PRO G 172 41.21 -81.04 -31.96
C PRO G 172 39.71 -80.77 -31.94
N LEU G 173 39.32 -79.57 -32.39
CA LEU G 173 37.92 -79.16 -32.42
C LEU G 173 37.30 -79.63 -33.73
N ASP G 174 36.90 -80.89 -33.74
CA ASP G 174 36.20 -81.48 -34.87
C ASP G 174 34.81 -81.93 -34.43
N ARG G 175 33.86 -81.90 -35.38
CA ARG G 175 32.52 -82.35 -35.06
C ARG G 175 32.49 -83.81 -34.66
N ASP G 176 33.48 -84.60 -35.09
CA ASP G 176 33.54 -86.00 -34.73
C ASP G 176 34.04 -86.22 -33.31
N ASN G 177 34.97 -85.37 -32.84
CA ASN G 177 35.57 -85.56 -31.51
C ASN G 177 34.56 -85.23 -30.42
N LYS G 178 33.80 -86.23 -29.98
CA LYS G 178 32.85 -86.07 -28.89
C LYS G 178 33.40 -86.49 -27.54
N GLU G 179 34.30 -87.48 -27.51
CA GLU G 179 34.95 -87.91 -26.28
C GLU G 179 36.12 -87.02 -25.88
N LEU G 180 36.44 -86.02 -26.68
CA LEU G 180 37.56 -85.12 -26.41
C LEU G 180 38.88 -85.88 -26.44
N LYS G 181 39.03 -86.73 -27.45
CA LYS G 181 40.29 -87.44 -27.65
C LYS G 181 41.39 -86.44 -27.98
N ALA G 182 42.46 -86.44 -27.20
CA ALA G 182 43.54 -85.47 -27.34
C ALA G 182 44.88 -86.19 -27.44
N PHE G 183 45.88 -85.43 -27.88
CA PHE G 183 47.23 -85.95 -28.03
C PHE G 183 48.25 -84.97 -27.48
N ASN G 184 49.30 -85.48 -26.86
CA ASN G 184 50.34 -84.63 -26.30
C ASN G 184 51.43 -84.36 -27.34
N ILE G 185 52.03 -83.17 -27.24
CA ILE G 185 53.14 -82.77 -28.10
C ILE G 185 54.35 -82.49 -27.21
N ARG G 186 55.51 -82.96 -27.66
CA ARG G 186 56.74 -82.80 -26.92
C ARG G 186 57.15 -81.34 -26.85
N LEU G 187 57.39 -80.84 -25.65
CA LEU G 187 57.77 -79.45 -25.41
C LEU G 187 59.16 -79.44 -24.77
N GLU G 188 60.14 -78.92 -25.51
CA GLU G 188 61.50 -78.86 -24.97
C GLU G 188 61.61 -77.88 -23.82
N GLU G 189 60.81 -76.81 -23.83
CA GLU G 189 60.82 -75.83 -22.74
C GLU G 189 60.01 -76.40 -21.58
N LEU G 190 60.70 -76.79 -20.51
CA LEU G 190 60.02 -77.40 -19.38
C LEU G 190 59.30 -76.36 -18.53
N HIS G 191 59.96 -75.26 -18.22
CA HIS G 191 59.43 -74.26 -17.28
C HIS G 191 58.73 -73.16 -18.06
N VAL G 192 57.49 -73.44 -18.45
CA VAL G 192 56.66 -72.47 -19.15
C VAL G 192 55.85 -71.70 -18.12
N ILE G 193 55.80 -70.37 -18.27
CA ILE G 193 55.14 -69.52 -17.29
C ILE G 193 53.72 -69.16 -17.74
N ASP G 194 53.61 -68.57 -18.94
CA ASP G 194 52.32 -68.22 -19.51
C ASP G 194 52.36 -68.48 -21.01
N VAL G 195 51.20 -68.80 -21.58
CA VAL G 195 51.09 -69.14 -22.99
C VAL G 195 49.73 -68.69 -23.48
N LYS G 196 49.68 -68.27 -24.75
CA LYS G 196 48.46 -67.79 -25.38
C LYS G 196 48.46 -68.20 -26.85
N PHE G 197 47.28 -68.17 -27.44
CA PHE G 197 47.13 -68.38 -28.88
C PHE G 197 47.12 -67.03 -29.58
N LEU G 198 47.97 -66.87 -30.59
CA LEU G 198 48.11 -65.60 -31.27
C LEU G 198 47.00 -65.40 -32.30
N TYR G 199 46.69 -64.12 -32.55
CA TYR G 199 45.69 -63.76 -33.56
C TYR G 199 46.35 -63.50 -34.90
N GLY G 200 45.56 -63.63 -35.96
CA GLY G 200 46.01 -63.33 -37.30
C GLY G 200 47.21 -64.15 -37.74
N CYS G 201 47.08 -65.48 -37.70
CA CYS G 201 48.14 -66.36 -38.14
C CYS G 201 47.57 -67.39 -39.11
N GLN G 202 48.38 -67.76 -40.10
CA GLN G 202 47.93 -68.75 -41.08
C GLN G 202 47.66 -70.09 -40.40
N ALA G 203 48.61 -70.59 -39.63
CA ALA G 203 48.42 -71.80 -38.84
C ALA G 203 48.30 -71.45 -37.36
N PRO G 204 47.63 -72.28 -36.58
CA PRO G 204 47.50 -72.00 -35.14
C PRO G 204 48.87 -71.85 -34.50
N THR G 205 49.11 -70.69 -33.90
CA THR G 205 50.41 -70.36 -33.32
C THR G 205 50.24 -70.03 -31.85
N ILE G 206 51.11 -70.62 -31.03
CA ILE G 206 51.17 -70.34 -29.60
C ILE G 206 52.38 -69.47 -29.33
N CYS G 207 52.22 -68.53 -28.41
CA CYS G 207 53.30 -67.69 -27.92
C CYS G 207 53.36 -67.81 -26.41
N PHE G 208 54.55 -68.10 -25.88
CA PHE G 208 54.68 -68.42 -24.47
C PHE G 208 56.00 -67.89 -23.92
N VAL G 209 55.98 -67.51 -22.65
CA VAL G 209 57.18 -67.11 -21.92
C VAL G 209 57.63 -68.28 -21.06
N TYR G 210 58.90 -68.64 -21.17
CA TYR G 210 59.50 -69.72 -20.40
C TYR G 210 60.79 -69.23 -19.77
N GLN G 211 61.38 -70.07 -18.91
CA GLN G 211 62.60 -69.72 -18.22
C GLN G 211 63.59 -70.87 -18.29
N ASP G 212 64.86 -70.52 -18.49
CA ASP G 212 65.97 -71.47 -18.50
C ASP G 212 67.12 -70.83 -17.72
N PRO G 213 68.26 -71.51 -17.58
CA PRO G 213 69.36 -70.95 -16.79
C PRO G 213 69.83 -69.58 -17.25
N GLN G 214 69.47 -69.22 -18.49
CA GLN G 214 69.89 -67.94 -19.06
C GLN G 214 68.86 -66.83 -18.86
N GLY G 215 67.81 -67.07 -18.08
CA GLY G 215 66.77 -66.08 -17.88
C GLY G 215 65.45 -66.48 -18.51
N ARG G 216 64.60 -65.49 -18.74
CA ARG G 216 63.28 -65.72 -19.30
C ARG G 216 63.24 -65.26 -20.76
N HIS G 217 62.52 -66.01 -21.59
CA HIS G 217 62.42 -65.72 -23.02
C HIS G 217 61.01 -66.01 -23.51
N VAL G 218 60.59 -65.28 -24.55
CA VAL G 218 59.31 -65.47 -25.21
C VAL G 218 59.56 -66.17 -26.55
N LYS G 219 58.77 -67.20 -26.84
CA LYS G 219 58.98 -68.04 -28.00
C LYS G 219 57.64 -68.44 -28.59
N THR G 220 57.65 -68.78 -29.87
CA THR G 220 56.43 -69.12 -30.59
C THR G 220 56.59 -70.45 -31.32
N TYR G 221 55.48 -71.18 -31.42
CA TYR G 221 55.42 -72.44 -32.13
C TYR G 221 54.14 -72.47 -32.97
N GLU G 222 54.20 -73.21 -34.08
CA GLU G 222 53.02 -73.44 -34.91
C GLU G 222 52.56 -74.87 -34.71
N VAL G 223 51.33 -75.04 -34.23
CA VAL G 223 50.78 -76.36 -33.93
C VAL G 223 50.20 -76.94 -35.20
N SER G 224 50.73 -78.07 -35.65
CA SER G 224 50.23 -78.76 -36.83
C SER G 224 49.43 -79.98 -36.38
N LEU G 225 48.14 -79.99 -36.72
CA LEU G 225 47.29 -81.13 -36.39
C LEU G 225 47.50 -82.29 -37.34
N ARG G 226 47.86 -82.01 -38.60
CA ARG G 226 48.16 -83.08 -39.55
C ARG G 226 49.40 -83.85 -39.11
N GLU G 227 50.52 -83.13 -38.93
CA GLU G 227 51.73 -83.74 -38.41
C GLU G 227 51.62 -84.06 -36.92
N LYS G 228 50.69 -83.42 -36.21
CA LYS G 228 50.51 -83.62 -34.78
C LYS G 228 51.77 -83.24 -34.01
N GLU G 229 52.31 -82.06 -34.32
CA GLU G 229 53.60 -81.67 -33.76
C GLU G 229 53.79 -80.16 -33.88
N PHE G 230 54.94 -79.70 -33.39
CA PHE G 230 55.28 -78.28 -33.45
C PHE G 230 56.08 -77.98 -34.70
N ASN G 231 56.01 -76.72 -35.14
CA ASN G 231 56.81 -76.20 -36.23
C ASN G 231 57.35 -74.83 -35.83
N LYS G 232 58.40 -74.40 -36.51
CA LYS G 232 59.04 -73.12 -36.21
C LYS G 232 58.02 -71.99 -36.23
N GLY G 233 58.04 -71.16 -35.19
CA GLY G 233 57.11 -70.06 -35.07
C GLY G 233 57.46 -68.91 -35.96
N PRO G 234 56.51 -67.99 -36.12
CA PRO G 234 56.78 -66.80 -36.95
C PRO G 234 57.97 -65.99 -36.47
N TRP G 235 58.17 -65.87 -35.16
CA TRP G 235 59.31 -65.15 -34.61
C TRP G 235 59.74 -65.88 -33.34
N LYS G 236 60.81 -66.67 -33.43
CA LYS G 236 61.20 -67.54 -32.34
C LYS G 236 61.92 -66.74 -31.25
N GLN G 237 62.58 -67.46 -30.34
CA GLN G 237 63.05 -66.94 -29.05
C GLN G 237 63.43 -65.47 -29.03
N GLU G 238 62.88 -64.73 -28.09
CA GLU G 238 63.23 -63.34 -27.82
C GLU G 238 63.40 -63.17 -26.31
N ASN G 239 64.45 -62.47 -25.91
CA ASN G 239 64.74 -62.30 -24.50
C ASN G 239 63.79 -61.27 -23.87
N VAL G 240 63.24 -61.62 -22.70
CA VAL G 240 62.33 -60.73 -21.98
C VAL G 240 62.95 -60.38 -20.63
N GLU G 241 62.19 -59.68 -19.80
CA GLU G 241 62.71 -59.26 -18.50
C GLU G 241 62.72 -60.44 -17.53
N ALA G 242 63.37 -60.23 -16.38
CA ALA G 242 63.57 -61.31 -15.42
C ALA G 242 62.26 -61.76 -14.80
N GLU G 243 61.31 -60.84 -14.60
CA GLU G 243 60.06 -61.11 -13.92
C GLU G 243 58.87 -61.18 -14.87
N ALA G 244 59.12 -61.49 -16.15
CA ALA G 244 58.05 -61.56 -17.13
C ALA G 244 57.07 -62.67 -16.76
N SER G 245 55.82 -62.29 -16.48
CA SER G 245 54.86 -63.23 -15.93
C SER G 245 53.51 -63.28 -16.64
N MET G 246 53.22 -62.38 -17.58
CA MET G 246 51.92 -62.38 -18.23
C MET G 246 52.05 -62.21 -19.74
N VAL G 247 51.25 -62.95 -20.50
CA VAL G 247 51.23 -62.88 -21.95
C VAL G 247 49.80 -62.58 -22.39
N ILE G 248 49.66 -61.65 -23.33
CA ILE G 248 48.35 -61.20 -23.80
C ILE G 248 48.35 -61.14 -25.32
N ALA G 249 47.52 -61.96 -25.95
CA ALA G 249 47.40 -61.94 -27.40
C ALA G 249 46.55 -60.74 -27.83
N VAL G 250 47.06 -59.98 -28.80
CA VAL G 250 46.39 -58.77 -29.28
C VAL G 250 45.62 -59.09 -30.56
N PRO G 251 44.37 -58.62 -30.70
CA PRO G 251 43.54 -59.02 -31.84
C PRO G 251 44.11 -58.64 -33.20
N GLU G 252 43.31 -58.88 -34.25
CA GLU G 252 43.80 -58.79 -35.62
C GLU G 252 44.39 -57.44 -35.98
N PRO G 253 43.74 -56.31 -35.71
CA PRO G 253 44.31 -55.02 -36.13
C PRO G 253 45.77 -54.87 -35.76
N PHE G 254 46.13 -55.16 -34.51
CA PHE G 254 47.52 -55.04 -34.09
C PHE G 254 48.29 -56.33 -34.40
N GLY G 255 47.90 -57.43 -33.77
CA GLY G 255 48.64 -58.66 -33.86
C GLY G 255 49.71 -58.76 -32.79
N GLY G 256 50.52 -59.81 -32.89
CA GLY G 256 51.59 -59.97 -31.93
C GLY G 256 51.06 -60.22 -30.53
N ALA G 257 51.86 -59.83 -29.54
CA ALA G 257 51.53 -60.09 -28.14
C ALA G 257 52.12 -59.02 -27.23
N ILE G 258 51.62 -58.99 -26.00
CA ILE G 258 52.07 -58.06 -24.96
C ILE G 258 52.57 -58.91 -23.79
N ILE G 259 53.82 -58.71 -23.41
CA ILE G 259 54.44 -59.41 -22.28
C ILE G 259 54.55 -58.41 -21.13
N ILE G 260 53.94 -58.75 -20.00
CA ILE G 260 53.92 -57.90 -18.81
C ILE G 260 54.76 -58.56 -17.73
N GLY G 261 55.69 -57.79 -17.17
CA GLY G 261 56.49 -58.25 -16.06
C GLY G 261 56.30 -57.41 -14.82
N GLN G 262 57.34 -57.29 -13.99
CA GLN G 262 57.24 -56.52 -12.76
C GLN G 262 57.44 -55.03 -13.04
N GLU G 263 58.48 -54.67 -13.79
CA GLU G 263 58.81 -53.27 -14.03
C GLU G 263 58.42 -52.77 -15.41
N SER G 264 58.31 -53.65 -16.41
CA SER G 264 58.13 -53.21 -17.78
C SER G 264 56.93 -53.89 -18.43
N ILE G 265 56.42 -53.25 -19.47
CA ILE G 265 55.40 -53.80 -20.37
C ILE G 265 55.94 -53.70 -21.79
N THR G 266 56.01 -54.82 -22.49
CA THR G 266 56.57 -54.87 -23.82
C THR G 266 55.53 -55.41 -24.80
N TYR G 267 55.67 -55.01 -26.06
CA TYR G 267 54.86 -55.50 -27.16
C TYR G 267 55.79 -56.04 -28.24
N HIS G 268 55.56 -57.29 -28.65
CA HIS G 268 56.37 -57.96 -29.65
C HIS G 268 55.50 -58.38 -30.82
N ASN G 269 55.95 -58.09 -32.05
CA ASN G 269 55.23 -58.51 -33.26
C ASN G 269 56.25 -58.61 -34.39
N GLY G 270 56.57 -59.84 -34.79
CA GLY G 270 57.51 -60.07 -35.87
C GLY G 270 58.84 -59.35 -35.67
N ASP G 271 59.00 -58.21 -36.34
CA ASP G 271 60.23 -57.45 -36.27
C ASP G 271 60.19 -56.35 -35.22
N LYS G 272 59.00 -55.82 -34.92
CA LYS G 272 58.87 -54.70 -33.99
C LYS G 272 58.82 -55.20 -32.56
N TYR G 273 59.54 -54.49 -31.68
CA TYR G 273 59.65 -54.87 -30.27
C TYR G 273 59.73 -53.58 -29.46
N LEU G 274 58.57 -53.09 -29.02
CA LEU G 274 58.49 -51.85 -28.27
C LEU G 274 58.39 -52.16 -26.78
N ALA G 275 59.00 -51.32 -25.95
CA ALA G 275 59.05 -51.61 -24.52
C ALA G 275 58.97 -50.31 -23.72
N ILE G 276 58.14 -50.30 -22.68
CA ILE G 276 58.00 -49.16 -21.80
C ILE G 276 58.13 -49.63 -20.36
N ALA G 277 58.71 -48.77 -19.51
CA ALA G 277 58.92 -49.08 -18.09
C ALA G 277 58.27 -47.99 -17.25
N PRO G 278 56.93 -47.97 -17.18
CA PRO G 278 56.24 -46.91 -16.43
C PRO G 278 56.43 -47.09 -14.93
N PRO G 279 56.84 -46.03 -14.23
CA PRO G 279 57.02 -46.14 -12.77
C PRO G 279 55.71 -46.33 -12.00
N ILE G 280 54.56 -46.11 -12.62
CA ILE G 280 53.28 -46.23 -11.92
C ILE G 280 52.90 -47.68 -11.62
N ILE G 281 53.62 -48.64 -12.18
CA ILE G 281 53.33 -50.06 -11.99
C ILE G 281 54.44 -50.77 -11.22
N LYS G 282 55.46 -50.05 -10.75
CA LYS G 282 56.58 -50.69 -10.09
C LYS G 282 56.29 -51.08 -8.64
N GLN G 283 55.33 -50.41 -7.99
CA GLN G 283 55.10 -50.67 -6.57
C GLN G 283 54.39 -51.99 -6.31
N SER G 284 53.75 -52.58 -7.32
CA SER G 284 53.05 -53.85 -7.15
C SER G 284 53.00 -54.59 -8.47
N THR G 285 52.81 -55.89 -8.40
CA THR G 285 52.81 -56.75 -9.57
C THR G 285 51.41 -56.81 -10.18
N ILE G 286 51.35 -56.67 -11.51
CA ILE G 286 50.08 -56.87 -12.22
C ILE G 286 49.82 -58.36 -12.34
N VAL G 287 48.64 -58.79 -11.89
CA VAL G 287 48.32 -60.21 -11.79
C VAL G 287 47.05 -60.59 -12.54
N CYS G 288 46.39 -59.65 -13.20
CA CYS G 288 45.27 -60.00 -14.05
C CYS G 288 45.00 -58.88 -15.05
N HIS G 289 44.41 -59.24 -16.18
CA HIS G 289 44.13 -58.31 -17.26
C HIS G 289 42.79 -58.65 -17.88
N ASN G 290 42.34 -57.77 -18.78
CA ASN G 290 41.12 -58.02 -19.54
C ASN G 290 41.07 -57.02 -20.68
N ARG G 291 40.49 -57.45 -21.80
CA ARG G 291 40.39 -56.63 -22.99
C ARG G 291 39.11 -55.80 -22.95
N VAL G 292 39.26 -54.50 -23.23
CA VAL G 292 38.14 -53.57 -23.23
C VAL G 292 37.57 -53.43 -24.63
N ASP G 293 38.37 -52.88 -25.54
CA ASP G 293 37.95 -52.72 -26.93
C ASP G 293 38.21 -54.00 -27.71
N PRO G 294 37.23 -54.51 -28.45
CA PRO G 294 37.45 -55.75 -29.21
C PRO G 294 38.61 -55.68 -30.19
N ASN G 295 39.03 -54.48 -30.60
CA ASN G 295 40.17 -54.35 -31.51
C ASN G 295 41.50 -54.34 -30.77
N GLY G 296 41.49 -54.24 -29.45
CA GLY G 296 42.71 -54.29 -28.67
C GLY G 296 43.35 -52.95 -28.39
N SER G 297 42.62 -51.84 -28.56
CA SER G 297 43.19 -50.54 -28.31
C SER G 297 43.33 -50.24 -26.83
N ARG G 298 42.55 -50.91 -25.98
CA ARG G 298 42.60 -50.67 -24.54
C ARG G 298 42.52 -51.99 -23.79
N TYR G 299 43.14 -52.01 -22.61
CA TYR G 299 43.18 -53.18 -21.75
C TYR G 299 43.09 -52.72 -20.30
N LEU G 300 42.55 -53.57 -19.44
CA LEU G 300 42.44 -53.32 -18.01
C LEU G 300 43.45 -54.20 -17.27
N LEU G 301 44.24 -53.59 -16.40
CA LEU G 301 45.23 -54.31 -15.61
C LEU G 301 44.92 -54.14 -14.13
N GLY G 302 45.09 -55.20 -13.36
CA GLY G 302 44.92 -55.14 -11.92
C GLY G 302 46.11 -55.71 -11.21
N ASP G 303 46.54 -55.02 -10.16
CA ASP G 303 47.68 -55.50 -9.39
C ASP G 303 47.22 -56.19 -8.11
N MET G 304 48.18 -56.67 -7.32
CA MET G 304 47.84 -57.46 -6.14
C MET G 304 47.14 -56.62 -5.08
N GLU G 305 47.43 -55.32 -5.00
CA GLU G 305 46.97 -54.46 -3.93
C GLU G 305 45.70 -53.68 -4.30
N GLY G 306 44.97 -54.12 -5.31
CA GLY G 306 43.70 -53.51 -5.66
C GLY G 306 43.76 -52.37 -6.67
N ARG G 307 44.94 -52.02 -7.15
CA ARG G 307 45.07 -50.95 -8.14
C ARG G 307 44.62 -51.43 -9.51
N LEU G 308 43.89 -50.55 -10.21
CA LEU G 308 43.35 -50.81 -11.54
C LEU G 308 43.89 -49.75 -12.50
N PHE G 309 44.65 -50.21 -13.50
CA PHE G 309 45.25 -49.38 -14.54
C PHE G 309 44.59 -49.63 -15.89
N MET G 310 44.78 -48.67 -16.79
CA MET G 310 44.31 -48.76 -18.17
C MET G 310 45.52 -48.72 -19.10
N LEU G 311 45.77 -49.80 -19.81
CA LEU G 311 46.84 -49.89 -20.78
C LEU G 311 46.29 -49.56 -22.17
N LEU G 312 46.83 -48.53 -22.80
CA LEU G 312 46.35 -48.07 -24.09
C LEU G 312 47.35 -48.39 -25.19
N LEU G 313 46.83 -48.85 -26.32
CA LEU G 313 47.62 -49.13 -27.52
C LEU G 313 47.22 -48.12 -28.60
N GLU G 314 48.12 -47.20 -28.91
CA GLU G 314 47.85 -46.19 -29.92
C GLU G 314 48.07 -46.78 -31.32
N LYS G 315 47.26 -46.30 -32.26
CA LYS G 315 47.25 -46.81 -33.62
C LYS G 315 48.15 -45.96 -34.53
N GLU G 316 48.38 -46.49 -35.74
CA GLU G 316 49.11 -45.77 -36.77
C GLU G 316 48.67 -46.33 -38.12
N GLU G 317 47.86 -45.56 -38.86
CA GLU G 317 47.27 -46.07 -40.09
C GLU G 317 48.33 -46.41 -41.13
N GLN G 318 49.39 -45.59 -41.22
CA GLN G 318 50.42 -45.75 -42.25
C GLN G 318 49.85 -45.57 -43.65
N MET G 319 48.67 -44.95 -43.75
CA MET G 319 48.06 -44.58 -45.03
C MET G 319 47.59 -45.78 -45.85
N ASP G 320 48.53 -46.63 -46.28
CA ASP G 320 48.14 -47.78 -47.11
C ASP G 320 47.16 -48.71 -46.40
N GLY G 321 47.10 -48.65 -45.07
CA GLY G 321 46.14 -49.43 -44.32
C GLY G 321 46.70 -50.66 -43.64
N THR G 322 47.90 -50.55 -43.09
CA THR G 322 48.54 -51.65 -42.38
C THR G 322 48.35 -51.59 -40.87
N VAL G 323 47.89 -50.45 -40.34
CA VAL G 323 47.63 -50.25 -38.91
C VAL G 323 48.69 -50.93 -38.05
N THR G 324 49.72 -50.18 -37.67
CA THR G 324 50.76 -50.64 -36.78
C THR G 324 50.63 -49.97 -35.42
N LEU G 325 51.26 -50.57 -34.41
CA LEU G 325 51.26 -50.01 -33.08
C LEU G 325 52.22 -48.81 -33.03
N LYS G 326 51.74 -47.70 -32.47
CA LYS G 326 52.55 -46.48 -32.37
C LYS G 326 53.22 -46.33 -31.01
N ASP G 327 52.48 -46.51 -29.92
CA ASP G 327 53.05 -46.31 -28.60
C ASP G 327 52.20 -47.03 -27.56
N LEU G 328 52.76 -47.18 -26.36
CA LEU G 328 52.11 -47.85 -25.24
C LEU G 328 51.97 -46.87 -24.07
N ARG G 329 50.83 -46.91 -23.40
CA ARG G 329 50.53 -45.98 -22.31
C ARG G 329 49.82 -46.72 -21.18
N VAL G 330 50.15 -46.33 -19.94
CA VAL G 330 49.53 -46.89 -18.75
C VAL G 330 49.01 -45.75 -17.89
N GLU G 331 47.74 -45.82 -17.51
CA GLU G 331 47.08 -44.79 -16.72
C GLU G 331 46.40 -45.45 -15.53
N LEU G 332 46.75 -44.99 -14.32
CA LEU G 332 46.16 -45.53 -13.10
C LEU G 332 44.72 -45.05 -12.96
N LEU G 333 43.77 -45.93 -13.28
CA LEU G 333 42.35 -45.58 -13.15
C LEU G 333 41.97 -45.36 -11.69
N GLY G 334 42.22 -46.36 -10.84
CA GLY G 334 41.85 -46.21 -9.44
C GLY G 334 42.13 -47.41 -8.57
N GLU G 335 41.34 -47.59 -7.51
CA GLU G 335 41.47 -48.72 -6.60
C GLU G 335 40.16 -49.48 -6.52
N THR G 336 40.24 -50.81 -6.63
CA THR G 336 39.09 -51.68 -6.44
C THR G 336 39.41 -52.71 -5.37
N SER G 337 38.55 -53.71 -5.20
CA SER G 337 38.89 -54.84 -4.37
C SER G 337 40.04 -55.63 -5.00
N ILE G 338 40.82 -56.30 -4.17
CA ILE G 338 41.95 -57.09 -4.65
C ILE G 338 41.44 -58.04 -5.72
N ALA G 339 41.72 -57.73 -6.98
CA ALA G 339 41.04 -58.37 -8.10
C ALA G 339 41.74 -59.68 -8.47
N GLU G 340 41.00 -60.78 -8.35
CA GLU G 340 41.47 -62.05 -8.90
C GLU G 340 41.29 -62.11 -10.41
N CYS G 341 40.25 -61.46 -10.93
CA CYS G 341 39.98 -61.45 -12.35
C CYS G 341 39.11 -60.25 -12.68
N LEU G 342 39.30 -59.71 -13.87
CA LEU G 342 38.57 -58.55 -14.35
C LEU G 342 37.85 -58.90 -15.64
N THR G 343 36.76 -58.18 -15.91
CA THR G 343 36.03 -58.34 -17.17
C THR G 343 35.24 -57.07 -17.43
N TYR G 344 35.49 -56.45 -18.58
CA TYR G 344 34.77 -55.24 -18.96
C TYR G 344 33.42 -55.62 -19.55
N LEU G 345 32.34 -55.12 -18.95
CA LEU G 345 31.00 -55.43 -19.44
C LEU G 345 30.65 -54.53 -20.62
N ASP G 346 30.19 -53.31 -20.34
CA ASP G 346 29.85 -52.38 -21.42
C ASP G 346 29.50 -51.03 -20.82
N ASN G 347 29.76 -49.98 -21.58
CA ASN G 347 29.41 -48.61 -21.19
C ASN G 347 30.14 -48.19 -19.91
N GLY G 348 31.42 -48.55 -19.82
CA GLY G 348 32.25 -48.17 -18.70
C GLY G 348 32.06 -48.96 -17.43
N VAL G 349 31.25 -50.00 -17.45
CA VAL G 349 30.99 -50.83 -16.27
C VAL G 349 31.92 -52.03 -16.32
N VAL G 350 32.71 -52.21 -15.26
CA VAL G 350 33.66 -53.31 -15.14
C VAL G 350 33.27 -54.15 -13.94
N PHE G 351 33.34 -55.47 -14.10
CA PHE G 351 33.09 -56.41 -13.02
C PHE G 351 34.42 -56.90 -12.45
N VAL G 352 34.60 -56.70 -11.14
CA VAL G 352 35.81 -57.09 -10.44
C VAL G 352 35.47 -58.31 -9.59
N GLY G 353 35.95 -59.48 -10.01
CA GLY G 353 35.84 -60.66 -9.20
C GLY G 353 36.98 -60.69 -8.20
N SER G 354 36.64 -60.92 -6.93
CA SER G 354 37.63 -60.86 -5.85
C SER G 354 37.57 -62.15 -5.04
N ARG G 355 38.76 -62.61 -4.63
CA ARG G 355 38.90 -63.75 -3.74
C ARG G 355 39.10 -63.34 -2.29
N LEU G 356 39.91 -62.30 -2.05
CA LEU G 356 40.17 -61.83 -0.70
C LEU G 356 39.07 -60.94 -0.16
N GLY G 357 38.26 -60.33 -1.03
CA GLY G 357 37.22 -59.43 -0.59
C GLY G 357 35.93 -59.55 -1.39
N ASP G 358 34.99 -58.63 -1.17
CA ASP G 358 33.73 -58.67 -1.88
C ASP G 358 33.93 -58.39 -3.37
N SER G 359 33.09 -59.01 -4.19
CA SER G 359 33.14 -58.71 -5.61
C SER G 359 32.43 -57.39 -5.90
N GLN G 360 32.75 -56.80 -7.05
CA GLN G 360 32.30 -55.44 -7.32
C GLN G 360 31.79 -55.29 -8.75
N LEU G 361 30.83 -54.38 -8.91
CA LEU G 361 30.48 -53.77 -10.19
C LEU G 361 30.82 -52.29 -10.07
N VAL G 362 31.80 -51.84 -10.86
CA VAL G 362 32.29 -50.46 -10.76
C VAL G 362 32.08 -49.75 -12.08
N LYS G 363 32.02 -48.43 -12.01
CA LYS G 363 31.84 -47.58 -13.18
C LYS G 363 33.13 -46.79 -13.44
N LEU G 364 33.48 -46.66 -14.71
CA LEU G 364 34.69 -45.95 -15.12
C LEU G 364 34.26 -44.62 -15.75
N ASN G 365 34.48 -43.53 -15.03
CA ASN G 365 34.17 -42.20 -15.52
C ASN G 365 35.39 -41.59 -16.21
N VAL G 366 35.14 -40.58 -17.03
CA VAL G 366 36.20 -39.95 -17.82
C VAL G 366 36.83 -38.78 -17.08
N ASP G 367 36.01 -37.92 -16.48
CA ASP G 367 36.49 -36.74 -15.80
C ASP G 367 37.04 -37.03 -14.41
N SER G 368 36.97 -38.27 -13.94
CA SER G 368 37.43 -38.62 -12.60
C SER G 368 36.67 -37.81 -11.55
N ASN G 369 37.20 -37.77 -10.33
CA ASN G 369 36.60 -36.97 -9.27
C ASN G 369 37.65 -36.11 -8.57
N GLU G 370 37.25 -35.42 -7.50
CA GLU G 370 38.15 -34.50 -6.82
C GLU G 370 39.38 -35.21 -6.26
N GLN G 371 39.23 -36.46 -5.82
CA GLN G 371 40.35 -37.20 -5.27
C GLN G 371 41.32 -37.66 -6.35
N GLY G 372 40.90 -37.71 -7.60
CA GLY G 372 41.74 -38.14 -8.70
C GLY G 372 41.47 -39.54 -9.20
N SER G 373 40.49 -40.24 -8.64
CA SER G 373 40.15 -41.58 -9.07
C SER G 373 39.16 -41.54 -10.22
N TYR G 374 39.33 -42.46 -11.17
CA TYR G 374 38.41 -42.60 -12.29
C TYR G 374 37.37 -43.70 -12.06
N VAL G 375 37.46 -44.44 -10.95
CA VAL G 375 36.59 -45.58 -10.68
C VAL G 375 35.60 -45.20 -9.59
N VAL G 376 34.36 -45.65 -9.74
CA VAL G 376 33.31 -45.41 -8.76
C VAL G 376 32.52 -46.71 -8.59
N ALA G 377 32.28 -47.10 -7.34
CA ALA G 377 31.65 -48.38 -7.05
C ALA G 377 30.14 -48.30 -7.29
N MET G 378 29.61 -49.34 -7.93
CA MET G 378 28.18 -49.48 -8.19
C MET G 378 27.54 -50.51 -7.27
N GLU G 379 27.95 -51.78 -7.38
CA GLU G 379 27.39 -52.86 -6.59
C GLU G 379 28.49 -53.61 -5.85
N THR G 380 28.14 -54.14 -4.69
CA THR G 380 29.07 -54.89 -3.85
C THR G 380 28.45 -56.25 -3.54
N PHE G 381 28.92 -57.29 -4.22
CA PHE G 381 28.45 -58.66 -3.97
C PHE G 381 29.23 -59.26 -2.82
N THR G 382 28.50 -59.70 -1.78
CA THR G 382 29.15 -60.19 -0.57
C THR G 382 29.97 -61.44 -0.86
N ASN G 383 31.20 -61.45 -0.36
CA ASN G 383 32.08 -62.61 -0.44
C ASN G 383 32.62 -62.89 0.95
N LEU G 384 32.20 -64.00 1.55
CA LEU G 384 32.71 -64.37 2.86
C LEU G 384 34.21 -64.60 2.85
N GLY G 385 34.83 -64.67 1.67
CA GLY G 385 36.27 -64.73 1.55
C GLY G 385 36.91 -65.81 2.40
N PRO G 386 38.23 -65.75 2.54
CA PRO G 386 38.93 -66.77 3.34
C PRO G 386 38.48 -66.74 4.79
N ILE G 387 37.71 -67.74 5.20
CA ILE G 387 37.28 -67.87 6.59
C ILE G 387 38.44 -68.51 7.36
N VAL G 388 39.23 -67.68 8.05
CA VAL G 388 40.38 -68.18 8.80
C VAL G 388 40.01 -68.61 10.22
N ASP G 389 38.90 -68.13 10.76
CA ASP G 389 38.45 -68.51 12.09
C ASP G 389 37.00 -68.06 12.26
N MET G 390 36.31 -68.69 13.19
CA MET G 390 34.90 -68.38 13.39
C MET G 390 34.46 -68.89 14.75
N CYS G 391 33.29 -68.42 15.18
CA CYS G 391 32.69 -68.84 16.43
C CYS G 391 31.19 -68.63 16.36
N VAL G 392 30.45 -69.42 17.13
CA VAL G 392 28.99 -69.35 17.17
C VAL G 392 28.57 -68.65 18.46
N VAL G 393 27.68 -67.67 18.33
CA VAL G 393 27.22 -66.87 19.46
C VAL G 393 25.72 -66.68 19.34
N ASP G 394 25.03 -66.67 20.50
CA ASP G 394 23.58 -66.54 20.50
C ASP G 394 23.16 -65.10 20.25
N LEU G 395 23.80 -64.14 20.93
CA LEU G 395 23.60 -62.72 20.69
C LEU G 395 22.22 -62.24 21.14
N GLU G 396 21.26 -62.23 20.22
CA GLU G 396 19.96 -61.59 20.48
C GLU G 396 18.85 -62.56 20.81
N ARG G 397 18.60 -63.56 19.97
CA ARG G 397 17.45 -64.42 20.16
C ARG G 397 17.50 -65.20 21.47
N GLN G 398 18.70 -65.42 22.02
CA GLN G 398 18.88 -66.24 23.21
C GLN G 398 18.32 -67.64 23.02
N GLY G 399 18.20 -68.09 21.77
CA GLY G 399 17.68 -69.41 21.46
C GLY G 399 18.48 -70.09 20.38
N GLN G 400 18.43 -69.57 19.16
CA GLN G 400 19.23 -70.09 18.05
C GLN G 400 20.52 -69.29 17.90
N GLY G 401 21.49 -69.90 17.23
CA GLY G 401 22.82 -69.35 17.13
C GLY G 401 23.09 -68.62 15.83
N GLN G 402 24.11 -67.77 15.86
CA GLN G 402 24.58 -67.02 14.70
C GLN G 402 26.09 -67.21 14.58
N LEU G 403 26.61 -67.08 13.35
CA LEU G 403 27.98 -67.44 13.05
C LEU G 403 28.81 -66.18 12.75
N VAL G 404 29.85 -65.93 13.53
CA VAL G 404 30.72 -64.77 13.34
C VAL G 404 32.07 -65.27 12.83
N THR G 405 32.47 -64.79 11.65
CA THR G 405 33.67 -65.26 10.97
C THR G 405 34.64 -64.11 10.70
N CYS G 406 35.93 -64.41 10.76
CA CYS G 406 36.98 -63.49 10.32
C CYS G 406 37.22 -63.74 8.83
N SER G 407 36.75 -62.83 7.99
CA SER G 407 36.82 -63.01 6.55
C SER G 407 37.81 -62.05 5.92
N GLY G 408 38.23 -62.38 4.70
CA GLY G 408 39.08 -61.51 3.91
C GLY G 408 40.50 -61.40 4.45
N ALA G 409 41.27 -60.55 3.77
CA ALA G 409 42.66 -60.32 4.13
C ALA G 409 43.08 -58.93 3.66
N PHE G 410 44.00 -58.33 4.39
CA PHE G 410 44.54 -57.00 4.07
C PHE G 410 43.38 -56.00 4.16
N LYS G 411 43.30 -55.04 3.23
CA LYS G 411 42.25 -54.03 3.30
C LYS G 411 40.86 -54.65 3.18
N GLU G 412 40.75 -55.84 2.59
CA GLU G 412 39.47 -56.52 2.48
C GLU G 412 39.07 -57.24 3.76
N GLY G 413 39.97 -57.33 4.74
CA GLY G 413 39.67 -58.05 5.96
C GLY G 413 38.48 -57.45 6.70
N SER G 414 37.72 -58.32 7.35
CA SER G 414 36.45 -57.92 7.95
C SER G 414 35.95 -59.02 8.88
N LEU G 415 34.86 -58.73 9.56
CA LEU G 415 34.07 -59.73 10.27
C LEU G 415 32.72 -59.87 9.57
N ARG G 416 32.17 -61.08 9.66
CA ARG G 416 30.88 -61.35 9.04
C ARG G 416 29.97 -62.01 10.07
N ILE G 417 28.80 -61.43 10.29
CA ILE G 417 27.81 -62.01 11.16
C ILE G 417 26.69 -62.66 10.35
N ILE G 418 26.80 -63.96 10.09
CA ILE G 418 25.82 -64.70 9.28
C ILE G 418 24.69 -65.17 10.18
N ARG G 419 23.47 -64.88 9.76
CA ARG G 419 22.25 -65.29 10.48
C ARG G 419 21.49 -66.32 9.65
N ILE G 436 24.38 -60.24 4.34
CA ILE G 436 25.12 -60.64 5.54
C ILE G 436 25.76 -59.42 6.19
N ARG G 437 25.55 -59.27 7.50
CA ARG G 437 26.08 -58.14 8.22
C ARG G 437 27.60 -58.12 8.17
N THR G 438 28.17 -57.12 7.51
CA THR G 438 29.61 -57.00 7.34
C THR G 438 30.15 -55.92 8.26
N VAL G 439 31.34 -56.17 8.81
CA VAL G 439 32.04 -55.21 9.65
C VAL G 439 33.44 -55.05 9.10
N PRO G 440 33.69 -54.06 8.25
CA PRO G 440 35.03 -53.92 7.65
C PRO G 440 36.07 -53.50 8.67
N LEU G 441 37.23 -54.17 8.62
CA LEU G 441 38.33 -53.87 9.52
C LEU G 441 39.51 -53.21 8.82
N TYR G 442 39.60 -53.33 7.50
CA TYR G 442 40.70 -52.78 6.72
C TYR G 442 42.06 -53.33 7.15
N GLU G 443 42.04 -54.46 7.85
CA GLU G 443 43.26 -55.19 8.21
C GLU G 443 42.90 -56.65 8.38
N SER G 444 43.93 -57.49 8.51
CA SER G 444 43.71 -58.94 8.44
C SER G 444 43.30 -59.52 9.78
N PRO G 445 42.07 -60.01 9.92
CA PRO G 445 41.70 -60.73 11.14
C PRO G 445 42.14 -62.19 11.07
N ARG G 446 42.44 -62.75 12.24
CA ARG G 446 43.02 -64.08 12.31
C ARG G 446 42.23 -65.00 13.22
N LYS G 447 42.02 -64.60 14.48
CA LYS G 447 41.33 -65.42 15.46
C LYS G 447 40.26 -64.60 16.17
N ILE G 448 39.17 -65.28 16.53
CA ILE G 448 38.01 -64.63 17.12
C ILE G 448 37.46 -65.50 18.24
N CYS G 449 37.07 -64.88 19.34
CA CYS G 449 36.43 -65.57 20.46
C CYS G 449 35.45 -64.62 21.13
N TYR G 450 34.37 -65.19 21.66
CA TYR G 450 33.30 -64.41 22.28
C TYR G 450 33.40 -64.49 23.79
N GLN G 451 33.14 -63.37 24.45
CA GLN G 451 33.17 -63.28 25.92
C GLN G 451 31.81 -62.74 26.37
N GLU G 452 30.97 -63.63 26.90
CA GLU G 452 29.62 -63.23 27.27
C GLU G 452 29.60 -62.35 28.51
N VAL G 453 30.59 -62.49 29.39
CA VAL G 453 30.60 -61.72 30.62
C VAL G 453 30.72 -60.23 30.32
N SER G 454 31.52 -59.87 29.31
CA SER G 454 31.71 -58.47 28.95
C SER G 454 30.95 -58.07 27.70
N GLN G 455 30.12 -58.96 27.14
CA GLN G 455 29.25 -58.64 26.01
C GLN G 455 30.04 -58.07 24.82
N CYS G 456 31.11 -58.76 24.45
CA CYS G 456 31.93 -58.33 23.33
C CYS G 456 32.73 -59.51 22.80
N PHE G 457 33.45 -59.26 21.71
CA PHE G 457 34.34 -60.22 21.09
C PHE G 457 35.78 -59.77 21.23
N GLY G 458 36.69 -60.74 21.28
CA GLY G 458 38.11 -60.50 21.16
C GLY G 458 38.62 -61.13 19.87
N VAL G 459 39.32 -60.33 19.08
CA VAL G 459 39.78 -60.75 17.76
C VAL G 459 41.24 -60.41 17.60
N LEU G 460 42.05 -61.38 17.22
CA LEU G 460 43.43 -61.09 16.84
C LEU G 460 43.46 -60.57 15.41
N SER G 461 44.31 -59.58 15.16
CA SER G 461 44.42 -59.01 13.83
C SER G 461 45.84 -58.54 13.59
N SER G 462 46.16 -58.30 12.33
CA SER G 462 47.47 -57.84 11.92
C SER G 462 47.32 -56.83 10.79
N ARG G 463 48.17 -55.80 10.83
CA ARG G 463 48.18 -54.75 9.82
C ARG G 463 49.60 -54.56 9.32
N ILE G 464 49.74 -54.36 8.01
CA ILE G 464 51.05 -54.21 7.39
C ILE G 464 51.48 -52.75 7.47
N GLU G 465 52.72 -52.53 7.89
CA GLU G 465 53.34 -51.21 7.86
C GLU G 465 54.67 -51.33 7.14
N VAL G 466 55.22 -50.18 6.75
CA VAL G 466 56.44 -50.11 5.96
C VAL G 466 57.51 -49.37 6.77
N GLN G 467 58.75 -49.84 6.63
CA GLN G 467 59.86 -49.21 7.34
C GLN G 467 60.05 -47.78 6.86
N ASP G 468 60.17 -46.86 7.82
CA ASP G 468 60.31 -45.44 7.54
C ASP G 468 61.77 -45.03 7.62
N THR G 469 62.13 -43.98 6.86
CA THR G 469 63.49 -43.47 6.89
C THR G 469 63.93 -43.08 8.30
N SER G 470 62.99 -42.57 9.12
CA SER G 470 63.34 -42.19 10.48
C SER G 470 63.79 -43.38 11.31
N GLY G 471 63.35 -44.58 10.95
CA GLY G 471 63.71 -45.77 11.70
C GLY G 471 62.49 -46.56 12.13
N GLY G 472 61.42 -45.87 12.47
CA GLY G 472 60.17 -46.51 12.83
C GLY G 472 59.42 -47.02 11.62
N THR G 473 58.15 -47.30 11.82
CA THR G 473 57.28 -47.82 10.77
C THR G 473 56.09 -46.89 10.56
N THR G 474 55.54 -46.96 9.35
CA THR G 474 54.40 -46.13 8.97
C THR G 474 53.31 -47.00 8.39
N ALA G 475 52.07 -46.72 8.77
CA ALA G 475 50.93 -47.50 8.30
C ALA G 475 50.57 -47.13 6.87
N LEU G 476 49.94 -48.08 6.17
CA LEU G 476 49.50 -47.83 4.80
C LEU G 476 48.16 -47.11 4.77
N ARG G 477 47.22 -47.52 5.62
CA ARG G 477 45.89 -46.93 5.64
C ARG G 477 45.34 -47.05 7.06
N PRO G 478 44.36 -46.22 7.41
CA PRO G 478 43.75 -46.33 8.74
C PRO G 478 42.86 -47.56 8.82
N SER G 479 43.22 -48.49 9.70
CA SER G 479 42.51 -49.73 9.90
C SER G 479 41.91 -49.79 11.30
N ALA G 480 41.34 -50.94 11.65
CA ALA G 480 40.64 -51.05 12.93
C ALA G 480 41.58 -50.86 14.11
N SER G 481 42.82 -51.35 13.98
CA SER G 481 43.75 -51.28 15.11
C SER G 481 44.23 -49.86 15.36
N THR G 482 44.24 -49.01 14.33
CA THR G 482 44.65 -47.63 14.49
C THR G 482 43.48 -46.73 14.90
N GLN G 483 42.27 -47.04 14.45
CA GLN G 483 41.09 -46.22 14.76
C GLN G 483 40.27 -46.87 15.88
N ALA G 484 40.91 -47.03 17.03
CA ALA G 484 40.27 -47.61 18.20
C ALA G 484 39.99 -46.52 19.23
N LEU G 485 38.91 -46.71 19.98
CA LEU G 485 38.59 -45.79 21.06
C LEU G 485 39.69 -45.81 22.12
N SER G 486 39.89 -46.96 22.75
CA SER G 486 40.98 -47.15 23.69
C SER G 486 42.15 -47.84 23.00
N SER G 487 43.36 -47.51 23.45
CA SER G 487 44.57 -48.05 22.86
C SER G 487 45.58 -48.35 23.95
N SER G 488 46.51 -49.25 23.64
CA SER G 488 47.56 -49.63 24.58
C SER G 488 48.61 -50.43 23.83
N VAL G 489 49.81 -50.50 24.42
CA VAL G 489 50.92 -51.27 23.87
C VAL G 489 51.49 -52.14 24.96
N SER G 490 52.07 -53.27 24.57
CA SER G 490 52.69 -54.17 25.52
C SER G 490 54.03 -53.59 25.97
N SER G 491 54.14 -53.34 27.27
CA SER G 491 55.36 -52.80 27.87
C SER G 491 55.93 -53.88 28.78
N SER G 492 56.57 -54.88 28.17
CA SER G 492 57.12 -56.02 28.88
C SER G 492 58.64 -55.94 28.93
N LYS G 493 59.21 -56.69 29.87
CA LYS G 493 60.66 -56.72 30.08
C LYS G 493 61.26 -58.07 29.76
N LEU G 494 60.46 -59.06 29.36
CA LEU G 494 60.98 -60.38 29.08
C LEU G 494 62.00 -60.34 27.94
N PHE G 495 61.58 -59.85 26.78
CA PHE G 495 62.43 -59.81 25.60
C PHE G 495 63.00 -58.42 25.34
N SER G 496 62.63 -57.42 26.12
CA SER G 496 63.25 -56.11 25.99
C SER G 496 64.74 -56.19 26.28
N SER G 497 65.12 -57.03 27.25
CA SER G 497 66.53 -57.26 27.58
C SER G 497 67.11 -58.44 26.81
N SER G 498 66.33 -59.50 26.61
CA SER G 498 66.77 -60.67 25.86
C SER G 498 66.31 -60.51 24.41
N THR G 499 67.11 -59.78 23.64
CA THR G 499 66.84 -59.52 22.24
C THR G 499 68.09 -59.77 21.41
N ALA G 500 67.88 -60.20 20.15
CA ALA G 500 68.96 -60.46 19.21
C ALA G 500 69.31 -59.21 18.43
N PRO G 501 70.56 -59.10 17.98
CA PRO G 501 70.97 -57.90 17.24
C PRO G 501 70.66 -58.02 15.76
N HIS G 502 69.94 -57.03 15.23
CA HIS G 502 69.55 -57.00 13.82
C HIS G 502 68.90 -55.65 13.52
N GLU G 503 68.79 -55.34 12.24
CA GLU G 503 68.24 -54.07 11.79
C GLU G 503 67.44 -54.28 10.51
N THR G 504 66.37 -53.51 10.37
CA THR G 504 65.49 -53.57 9.21
C THR G 504 65.79 -52.43 8.26
N SER G 505 65.83 -52.74 6.96
CA SER G 505 66.12 -51.74 5.96
C SER G 505 64.86 -50.97 5.56
N PHE G 506 65.07 -49.81 4.95
CA PHE G 506 63.95 -48.97 4.54
C PHE G 506 63.13 -49.66 3.44
N GLY G 507 61.81 -49.50 3.51
CA GLY G 507 60.91 -50.04 2.52
C GLY G 507 60.39 -51.42 2.83
N GLU G 508 61.08 -52.19 3.68
CA GLU G 508 60.62 -53.54 4.00
C GLU G 508 59.32 -53.49 4.79
N GLU G 509 58.45 -54.47 4.54
CA GLU G 509 57.16 -54.54 5.21
C GLU G 509 57.26 -55.37 6.48
N VAL G 510 56.49 -54.98 7.49
CA VAL G 510 56.40 -55.71 8.74
C VAL G 510 54.96 -55.62 9.24
N GLU G 511 54.44 -56.73 9.76
CA GLU G 511 53.06 -56.78 10.23
C GLU G 511 53.03 -56.61 11.74
N VAL G 512 52.19 -55.67 12.19
CA VAL G 512 51.97 -55.42 13.60
C VAL G 512 50.72 -56.17 14.02
N HIS G 513 50.81 -56.89 15.14
CA HIS G 513 49.71 -57.70 15.66
C HIS G 513 49.02 -56.96 16.80
N ASN G 514 47.70 -57.09 16.85
CA ASN G 514 46.88 -56.41 17.85
C ASN G 514 45.74 -57.32 18.28
N LEU G 515 45.26 -57.09 19.49
CA LEU G 515 44.07 -57.71 20.03
C LEU G 515 42.97 -56.65 20.10
N LEU G 516 41.89 -56.86 19.35
CA LEU G 516 40.77 -55.93 19.30
C LEU G 516 39.64 -56.44 20.17
N ILE G 517 39.18 -55.59 21.09
CA ILE G 517 37.95 -55.83 21.83
C ILE G 517 36.85 -55.04 21.13
N ILE G 518 35.87 -55.76 20.60
CA ILE G 518 34.86 -55.21 19.71
C ILE G 518 33.48 -55.49 20.29
N ASP G 519 32.66 -54.45 20.40
CA ASP G 519 31.33 -54.61 20.98
C ASP G 519 30.52 -55.63 20.20
N GLN G 520 29.64 -56.33 20.92
CA GLN G 520 28.80 -57.36 20.28
C GLN G 520 27.56 -56.78 19.63
N HIS G 521 27.17 -55.54 19.98
CA HIS G 521 25.99 -54.89 19.42
C HIS G 521 26.36 -53.93 18.30
N THR G 522 27.15 -52.90 18.61
CA THR G 522 27.56 -51.93 17.60
C THR G 522 28.74 -52.40 16.77
N PHE G 523 29.52 -53.35 17.28
CA PHE G 523 30.68 -53.88 16.54
C PHE G 523 31.71 -52.79 16.28
N GLU G 524 31.85 -51.87 17.22
CA GLU G 524 32.89 -50.85 17.15
C GLU G 524 34.13 -51.31 17.91
N VAL G 525 35.29 -50.86 17.45
CA VAL G 525 36.56 -51.22 18.08
C VAL G 525 36.65 -50.55 19.45
N LEU G 526 36.18 -51.23 20.49
CA LEU G 526 36.24 -50.68 21.84
C LEU G 526 37.68 -50.49 22.28
N HIS G 527 38.52 -51.52 22.09
CA HIS G 527 39.92 -51.44 22.51
C HIS G 527 40.81 -52.12 21.49
N ALA G 528 42.07 -51.68 21.44
CA ALA G 528 43.09 -52.26 20.57
C ALA G 528 44.41 -52.30 21.32
N HIS G 529 44.89 -53.51 21.64
CA HIS G 529 46.13 -53.72 22.36
C HIS G 529 47.19 -54.21 21.38
N GLN G 530 48.24 -53.41 21.19
CA GLN G 530 49.32 -53.77 20.27
C GLN G 530 50.37 -54.57 21.02
N PHE G 531 50.83 -55.66 20.39
CA PHE G 531 51.79 -56.55 21.01
C PHE G 531 53.22 -56.06 20.76
N LEU G 532 54.18 -56.77 21.35
CA LEU G 532 55.58 -56.38 21.28
C LEU G 532 56.06 -56.37 19.83
N GLN G 533 57.23 -55.76 19.63
CA GLN G 533 57.86 -55.76 18.33
C GLN G 533 58.40 -57.15 18.00
N ASN G 534 58.12 -57.62 16.79
CA ASN G 534 58.53 -58.94 16.33
C ASN G 534 57.77 -60.07 17.03
N GLU G 535 56.64 -59.75 17.65
CA GLU G 535 55.81 -60.75 18.33
C GLU G 535 54.61 -61.09 17.45
N TYR G 536 54.39 -62.39 17.25
CA TYR G 536 53.30 -62.88 16.41
C TYR G 536 52.31 -63.61 17.30
N ALA G 537 51.05 -63.18 17.26
CA ALA G 537 49.98 -63.80 18.04
C ALA G 537 49.39 -64.96 17.25
N LEU G 538 49.35 -66.13 17.87
CA LEU G 538 48.91 -67.36 17.21
C LEU G 538 47.56 -67.86 17.70
N SER G 539 47.38 -68.01 19.00
CA SER G 539 46.18 -68.58 19.57
C SER G 539 45.49 -67.59 20.49
N LEU G 540 44.22 -67.85 20.78
CA LEU G 540 43.39 -66.93 21.54
C LEU G 540 42.24 -67.69 22.17
N VAL G 541 41.99 -67.44 23.46
CA VAL G 541 40.93 -68.11 24.19
C VAL G 541 40.35 -67.15 25.22
N SER G 542 39.09 -67.42 25.59
CA SER G 542 38.36 -66.63 26.59
C SER G 542 37.65 -67.59 27.51
N CYS G 543 38.04 -67.62 28.78
CA CYS G 543 37.51 -68.62 29.70
C CYS G 543 37.79 -68.18 31.13
N LYS G 544 37.26 -68.95 32.07
CA LYS G 544 37.50 -68.78 33.50
C LYS G 544 38.40 -69.92 33.98
N LEU G 545 39.42 -69.58 34.76
CA LEU G 545 40.48 -70.53 35.15
C LEU G 545 40.47 -70.72 36.66
N GLY G 546 40.37 -71.97 37.10
CA GLY G 546 40.44 -72.28 38.52
C GLY G 546 39.30 -71.66 39.34
N LYS G 547 39.65 -71.24 40.55
CA LYS G 547 38.68 -70.63 41.45
C LYS G 547 38.36 -69.19 41.09
N ASP G 548 39.17 -68.56 40.25
CA ASP G 548 38.97 -67.15 39.91
C ASP G 548 37.65 -66.98 39.15
N PRO G 549 36.74 -66.12 39.60
CA PRO G 549 35.47 -65.94 38.89
C PRO G 549 35.56 -65.04 37.66
N ASN G 550 36.67 -64.32 37.49
CA ASN G 550 36.81 -63.43 36.34
C ASN G 550 37.02 -64.24 35.07
N THR G 551 36.53 -63.70 33.96
CA THR G 551 36.74 -64.29 32.64
C THR G 551 37.82 -63.49 31.93
N TYR G 552 38.88 -64.17 31.48
CA TYR G 552 40.05 -63.52 30.92
C TYR G 552 40.19 -63.83 29.44
N PHE G 553 40.87 -62.92 28.74
CA PHE G 553 41.28 -63.12 27.35
C PHE G 553 42.73 -63.60 27.37
N ILE G 554 42.96 -64.85 26.99
CA ILE G 554 44.30 -65.44 27.01
C ILE G 554 44.80 -65.55 25.58
N VAL G 555 45.99 -65.04 25.33
CA VAL G 555 46.58 -65.00 23.99
C VAL G 555 47.96 -65.63 24.04
N GLY G 556 48.24 -66.50 23.07
CA GLY G 556 49.55 -67.11 22.93
C GLY G 556 50.33 -66.46 21.79
N THR G 557 51.61 -66.26 22.00
CA THR G 557 52.45 -65.53 21.05
C THR G 557 53.74 -66.31 20.80
N ALA G 558 54.54 -65.77 19.88
CA ALA G 558 55.85 -66.31 19.57
C ALA G 558 56.70 -65.19 18.98
N MET G 559 57.95 -65.11 19.42
CA MET G 559 58.86 -64.06 18.94
C MET G 559 59.49 -64.52 17.63
N VAL G 560 59.11 -63.89 16.53
CA VAL G 560 59.54 -64.29 15.20
C VAL G 560 60.62 -63.34 14.73
N TYR G 561 61.82 -63.86 14.51
CA TYR G 561 62.90 -63.07 13.95
C TYR G 561 63.33 -63.64 12.61
N PRO G 562 63.85 -62.82 11.70
CA PRO G 562 64.19 -63.33 10.36
C PRO G 562 65.31 -64.35 10.37
N GLU G 563 66.39 -64.08 11.10
CA GLU G 563 67.52 -65.01 11.13
C GLU G 563 67.19 -66.28 11.91
N GLU G 564 66.22 -66.23 12.81
CA GLU G 564 65.83 -67.39 13.62
C GLU G 564 64.81 -68.21 12.85
N ALA G 565 65.16 -69.46 12.54
CA ALA G 565 64.27 -70.34 11.79
C ALA G 565 63.09 -70.77 12.66
N GLU G 566 63.36 -71.59 13.67
CA GLU G 566 62.28 -72.06 14.54
C GLU G 566 62.20 -71.19 15.79
N PRO G 567 61.01 -70.76 16.19
CA PRO G 567 60.91 -69.84 17.33
C PRO G 567 61.38 -70.47 18.63
N LYS G 568 62.14 -69.69 19.39
CA LYS G 568 62.66 -70.13 20.69
C LYS G 568 62.14 -69.28 21.84
N GLN G 569 61.20 -68.37 21.58
CA GLN G 569 60.63 -67.52 22.63
C GLN G 569 59.16 -67.27 22.33
N GLY G 570 58.38 -67.17 23.41
CA GLY G 570 56.96 -66.93 23.30
C GLY G 570 56.38 -66.51 24.63
N ARG G 571 55.13 -66.09 24.59
CA ARG G 571 54.45 -65.65 25.80
C ARG G 571 53.03 -66.19 25.83
N ILE G 572 52.52 -66.35 27.05
CA ILE G 572 51.11 -66.57 27.30
C ILE G 572 50.66 -65.39 28.15
N VAL G 573 49.79 -64.55 27.58
CA VAL G 573 49.37 -63.32 28.23
C VAL G 573 47.89 -63.44 28.58
N VAL G 574 47.57 -63.14 29.84
CA VAL G 574 46.20 -63.18 30.34
C VAL G 574 45.78 -61.74 30.60
N PHE G 575 44.83 -61.26 29.79
CA PHE G 575 44.23 -59.93 29.92
C PHE G 575 42.86 -60.02 30.58
N GLN G 576 42.41 -58.89 31.10
CA GLN G 576 41.04 -58.75 31.59
C GLN G 576 40.47 -57.43 31.10
N TYR G 577 39.31 -57.50 30.46
CA TYR G 577 38.65 -56.31 29.92
C TYR G 577 37.58 -55.85 30.89
N SER G 578 37.74 -54.63 31.41
CA SER G 578 36.82 -54.09 32.40
C SER G 578 36.89 -52.57 32.35
N ASP G 579 35.73 -51.92 32.49
CA ASP G 579 35.65 -50.45 32.51
C ASP G 579 36.20 -49.86 31.22
N GLY G 580 35.96 -50.54 30.10
CA GLY G 580 36.38 -50.02 28.81
C GLY G 580 37.88 -50.02 28.58
N LYS G 581 38.63 -50.77 29.38
CA LYS G 581 40.07 -50.85 29.24
C LYS G 581 40.52 -52.30 29.37
N LEU G 582 41.59 -52.63 28.66
CA LEU G 582 42.18 -53.96 28.69
C LEU G 582 43.48 -53.90 29.49
N GLN G 583 43.54 -54.67 30.58
CA GLN G 583 44.68 -54.67 31.48
C GLN G 583 45.32 -56.06 31.49
N THR G 584 46.65 -56.09 31.53
CA THR G 584 47.40 -57.33 31.51
C THR G 584 47.40 -57.93 32.91
N VAL G 585 46.68 -59.04 33.09
CA VAL G 585 46.63 -59.73 34.38
C VAL G 585 47.93 -60.49 34.62
N ALA G 586 48.33 -61.32 33.65
CA ALA G 586 49.49 -62.19 33.86
C ALA G 586 50.28 -62.33 32.56
N GLU G 587 51.55 -62.66 32.72
CA GLU G 587 52.46 -62.85 31.59
C GLU G 587 53.41 -64.00 31.94
N LYS G 588 53.39 -65.06 31.13
CA LYS G 588 54.22 -66.23 31.35
C LYS G 588 55.11 -66.44 30.14
N GLU G 589 56.42 -66.51 30.35
CA GLU G 589 57.36 -66.72 29.26
C GLU G 589 57.53 -68.20 28.97
N VAL G 590 57.66 -68.55 27.70
CA VAL G 590 57.84 -69.93 27.26
C VAL G 590 58.94 -69.99 26.23
N LYS G 591 59.55 -71.18 26.12
CA LYS G 591 60.75 -71.35 25.29
C LYS G 591 60.37 -71.73 23.86
N GLY G 592 59.23 -71.27 23.38
CA GLY G 592 58.82 -71.61 22.04
C GLY G 592 57.55 -70.89 21.63
N ALA G 593 56.98 -71.32 20.51
CA ALA G 593 55.79 -70.72 19.94
C ALA G 593 54.57 -71.40 20.54
N VAL G 594 53.69 -70.59 21.15
CA VAL G 594 52.41 -71.10 21.65
C VAL G 594 51.45 -71.24 20.48
N TYR G 595 51.39 -72.43 19.89
CA TYR G 595 50.60 -72.63 18.68
C TYR G 595 49.11 -72.62 18.98
N SER G 596 48.68 -73.40 19.97
CA SER G 596 47.27 -73.50 20.29
C SER G 596 47.08 -73.55 21.80
N MET G 597 45.85 -73.23 22.21
CA MET G 597 45.45 -73.30 23.62
C MET G 597 43.98 -73.68 23.67
N VAL G 598 43.60 -74.34 24.76
CA VAL G 598 42.21 -74.72 24.99
C VAL G 598 41.94 -74.72 26.48
N GLU G 599 40.67 -74.52 26.83
CA GLU G 599 40.25 -74.58 28.23
C GLU G 599 40.09 -76.04 28.61
N PHE G 600 40.83 -76.49 29.62
CA PHE G 600 40.91 -77.90 29.99
C PHE G 600 40.55 -78.07 31.47
N ASN G 601 39.27 -78.23 31.75
CA ASN G 601 38.78 -78.55 33.09
C ASN G 601 39.34 -77.58 34.13
N GLY G 602 39.12 -76.30 33.88
CA GLY G 602 39.57 -75.25 34.79
C GLY G 602 41.05 -74.95 34.73
N LYS G 603 41.80 -75.59 33.84
CA LYS G 603 43.22 -75.35 33.67
C LYS G 603 43.50 -74.94 32.22
N LEU G 604 44.71 -74.47 31.97
CA LEU G 604 45.09 -73.96 30.66
C LEU G 604 46.01 -74.96 29.97
N LEU G 605 45.53 -75.53 28.88
CA LEU G 605 46.32 -76.47 28.08
C LEU G 605 46.91 -75.72 26.90
N ALA G 606 48.23 -75.57 26.89
CA ALA G 606 48.92 -74.86 25.82
C ALA G 606 49.87 -75.80 25.09
N SER G 607 50.29 -75.39 23.90
CA SER G 607 51.22 -76.17 23.09
C SER G 607 52.38 -75.26 22.71
N ILE G 608 53.59 -75.64 23.16
CA ILE G 608 54.81 -74.90 22.89
C ILE G 608 55.69 -75.81 22.05
N ASN G 609 55.67 -75.60 20.73
CA ASN G 609 56.44 -76.43 19.79
C ASN G 609 56.08 -77.90 19.93
N SER G 610 56.99 -78.70 20.48
CA SER G 610 56.77 -80.13 20.63
C SER G 610 56.20 -80.50 21.99
N THR G 611 56.04 -79.55 22.90
CA THR G 611 55.56 -79.80 24.25
C THR G 611 54.08 -79.46 24.36
N VAL G 612 53.32 -80.32 25.02
CA VAL G 612 51.93 -80.06 25.37
C VAL G 612 51.88 -79.81 26.87
N ARG G 613 51.90 -78.55 27.26
CA ARG G 613 52.01 -78.16 28.66
C ARG G 613 50.65 -77.85 29.26
N LEU G 614 50.53 -78.12 30.56
CA LEU G 614 49.28 -77.89 31.29
C LEU G 614 49.60 -77.02 32.50
N TYR G 615 48.99 -75.84 32.53
CA TYR G 615 49.14 -74.83 33.56
C TYR G 615 47.91 -74.77 34.46
N GLU G 616 48.14 -74.43 35.72
CA GLU G 616 47.09 -74.16 36.68
C GLU G 616 47.12 -72.68 37.08
N TRP G 617 45.91 -72.14 37.33
CA TRP G 617 45.75 -70.74 37.70
C TRP G 617 45.80 -70.63 39.21
N THR G 618 46.93 -70.17 39.75
CA THR G 618 47.14 -70.11 41.19
C THR G 618 46.30 -68.98 41.80
N THR G 619 46.15 -69.06 43.13
CA THR G 619 45.44 -68.00 43.85
C THR G 619 46.16 -66.67 43.75
N GLU G 620 47.46 -66.68 43.47
CA GLU G 620 48.22 -65.46 43.25
C GLU G 620 48.00 -64.88 41.87
N LYS G 621 47.08 -65.44 41.08
CA LYS G 621 46.80 -64.97 39.73
C LYS G 621 48.04 -65.06 38.85
N GLU G 622 48.62 -66.25 38.80
CA GLU G 622 49.78 -66.54 37.98
C GLU G 622 49.68 -67.95 37.43
N LEU G 623 50.25 -68.15 36.24
CA LEU G 623 50.24 -69.46 35.61
C LEU G 623 51.35 -70.33 36.19
N ARG G 624 51.00 -71.53 36.63
CA ARG G 624 51.95 -72.46 37.25
C ARG G 624 51.96 -73.76 36.44
N THR G 625 53.15 -74.19 36.04
CA THR G 625 53.29 -75.41 35.25
C THR G 625 52.96 -76.62 36.11
N GLU G 626 51.98 -77.42 35.67
CA GLU G 626 51.64 -78.66 36.35
C GLU G 626 51.98 -79.91 35.57
N CYS G 627 51.89 -79.87 34.24
CA CYS G 627 52.18 -81.08 33.46
C CYS G 627 52.91 -80.73 32.17
N ASN G 628 53.70 -81.69 31.69
CA ASN G 628 54.37 -81.59 30.40
C ASN G 628 54.28 -82.93 29.68
N HIS G 629 54.35 -82.88 28.36
CA HIS G 629 54.37 -84.09 27.54
C HIS G 629 55.06 -83.77 26.24
N TYR G 630 56.23 -84.37 26.01
CA TYR G 630 57.02 -84.11 24.82
C TYR G 630 56.66 -85.12 23.74
N ASN G 631 56.24 -84.62 22.57
CA ASN G 631 55.73 -85.47 21.50
C ASN G 631 56.74 -85.57 20.37
N ASN G 632 56.51 -86.56 19.50
CA ASN G 632 57.29 -86.73 18.29
C ASN G 632 56.91 -85.78 17.17
N ILE G 633 55.82 -85.02 17.35
CA ILE G 633 55.38 -84.08 16.34
C ILE G 633 55.31 -82.68 16.93
N MET G 634 54.94 -81.70 16.11
CA MET G 634 54.78 -80.33 16.54
C MET G 634 53.30 -80.09 16.87
N ALA G 635 53.01 -79.75 18.13
CA ALA G 635 51.64 -79.65 18.61
C ALA G 635 50.98 -78.40 18.04
N LEU G 636 50.60 -78.49 16.76
CA LEU G 636 49.91 -77.38 16.09
C LEU G 636 48.43 -77.39 16.43
N TYR G 637 47.71 -78.41 15.98
CA TYR G 637 46.29 -78.52 16.28
C TYR G 637 46.12 -79.13 17.67
N LEU G 638 45.37 -78.43 18.51
CA LEU G 638 45.07 -78.87 19.88
C LEU G 638 43.56 -78.83 20.07
N LYS G 639 42.93 -80.00 20.23
CA LYS G 639 41.54 -80.08 20.61
C LYS G 639 41.41 -80.90 21.88
N THR G 640 40.26 -80.79 22.54
CA THR G 640 40.06 -81.50 23.80
C THR G 640 38.59 -81.85 23.98
N LYS G 641 38.35 -82.94 24.70
CA LYS G 641 37.00 -83.36 25.07
C LYS G 641 37.08 -84.03 26.43
N GLY G 642 36.60 -83.35 27.47
CA GLY G 642 36.71 -83.86 28.81
C GLY G 642 38.15 -84.05 29.26
N ASP G 643 38.62 -85.30 29.25
CA ASP G 643 39.99 -85.63 29.60
C ASP G 643 40.82 -86.10 28.41
N PHE G 644 40.23 -86.22 27.22
CA PHE G 644 40.96 -86.59 26.03
C PHE G 644 41.53 -85.36 25.34
N ILE G 645 42.75 -85.47 24.84
CA ILE G 645 43.42 -84.41 24.10
C ILE G 645 43.81 -84.94 22.72
N LEU G 646 43.40 -84.23 21.68
CA LEU G 646 43.77 -84.55 20.31
C LEU G 646 44.86 -83.57 19.87
N VAL G 647 46.01 -84.10 19.48
CA VAL G 647 47.16 -83.31 19.06
C VAL G 647 47.45 -83.63 17.60
N GLY G 648 47.86 -82.62 16.84
CA GLY G 648 48.16 -82.82 15.44
C GLY G 648 49.18 -81.83 14.93
N ASP G 649 49.84 -82.21 13.85
CA ASP G 649 50.82 -81.36 13.17
C ASP G 649 50.43 -81.20 11.71
N LEU G 650 51.26 -80.46 10.98
CA LEU G 650 50.90 -80.04 9.63
C LEU G 650 50.87 -81.20 8.64
N MET G 651 51.47 -82.34 8.96
CA MET G 651 51.56 -83.47 8.04
C MET G 651 50.66 -84.62 8.46
N ARG G 652 49.47 -84.28 8.97
CA ARG G 652 48.41 -85.27 9.23
C ARG G 652 48.83 -86.30 10.26
N SER G 653 49.70 -85.92 11.19
CA SER G 653 50.15 -86.84 12.24
C SER G 653 49.21 -86.70 13.43
N VAL G 654 48.21 -87.58 13.50
CA VAL G 654 47.19 -87.52 14.55
C VAL G 654 47.71 -88.24 15.78
N LEU G 655 47.48 -87.65 16.95
CA LEU G 655 47.92 -88.21 18.22
C LEU G 655 46.81 -88.00 19.24
N LEU G 656 46.57 -89.00 20.09
CA LEU G 656 45.49 -88.95 21.07
C LEU G 656 46.08 -89.27 22.43
N LEU G 657 46.10 -88.25 23.32
CA LEU G 657 46.56 -88.35 24.69
C LEU G 657 45.38 -88.27 25.64
N ALA G 658 45.64 -88.58 26.90
CA ALA G 658 44.64 -88.48 27.96
C ALA G 658 45.30 -87.98 29.23
N TYR G 659 44.60 -87.13 29.96
CA TYR G 659 45.08 -86.62 31.24
C TYR G 659 44.66 -87.57 32.35
N LYS G 660 45.63 -88.14 33.04
CA LYS G 660 45.35 -89.04 34.16
C LYS G 660 45.22 -88.20 35.43
N PRO G 661 44.02 -88.06 35.98
CA PRO G 661 43.84 -87.21 37.17
C PRO G 661 44.56 -87.74 38.38
N MET G 662 44.38 -89.04 38.68
CA MET G 662 44.94 -89.61 39.89
C MET G 662 46.46 -89.64 39.86
N GLU G 663 47.05 -89.80 38.67
CA GLU G 663 48.51 -89.83 38.56
C GLU G 663 49.09 -88.42 38.48
N GLY G 664 48.40 -87.52 37.76
CA GLY G 664 48.87 -86.16 37.61
C GLY G 664 49.84 -85.99 36.47
N ASN G 665 49.56 -86.62 35.33
CA ASN G 665 50.43 -86.54 34.17
C ASN G 665 49.66 -87.00 32.94
N PHE G 666 50.29 -86.87 31.78
CA PHE G 666 49.70 -87.23 30.51
C PHE G 666 50.10 -88.63 30.11
N GLU G 667 49.23 -89.29 29.35
CA GLU G 667 49.47 -90.64 28.86
C GLU G 667 48.96 -90.74 27.43
N GLU G 668 49.81 -91.29 26.54
CA GLU G 668 49.44 -91.42 25.15
C GLU G 668 48.47 -92.58 24.97
N ILE G 669 47.33 -92.31 24.34
CA ILE G 669 46.33 -93.33 24.09
C ILE G 669 46.55 -93.99 22.74
N ALA G 670 46.67 -93.21 21.68
CA ALA G 670 46.79 -93.79 20.35
C ALA G 670 47.40 -92.77 19.40
N ARG G 671 47.56 -93.17 18.14
CA ARG G 671 48.12 -92.27 17.13
C ARG G 671 47.91 -92.90 15.76
N ASP G 672 48.13 -92.07 14.74
CA ASP G 672 48.11 -92.51 13.35
C ASP G 672 48.93 -91.51 12.55
N PHE G 673 50.03 -91.97 11.97
CA PHE G 673 50.97 -91.10 11.28
C PHE G 673 50.96 -91.46 9.80
N ASN G 674 50.21 -90.68 9.02
CA ASN G 674 50.17 -90.81 7.56
C ASN G 674 50.59 -89.48 6.96
N PRO G 675 51.71 -89.42 6.22
CA PRO G 675 52.17 -88.13 5.70
C PRO G 675 51.18 -87.54 4.71
N ASN G 676 50.63 -86.38 5.06
CA ASN G 676 49.82 -85.61 4.13
C ASN G 676 49.49 -84.27 4.78
N TRP G 677 49.36 -83.24 3.95
CA TRP G 677 49.13 -81.89 4.45
C TRP G 677 47.75 -81.80 5.09
N MET G 678 47.70 -81.43 6.36
CA MET G 678 46.46 -81.29 7.09
C MET G 678 46.23 -79.82 7.43
N SER G 679 44.97 -79.38 7.32
CA SER G 679 44.60 -77.99 7.51
C SER G 679 43.78 -77.74 8.77
N ALA G 680 42.93 -78.67 9.17
CA ALA G 680 42.11 -78.49 10.36
C ALA G 680 41.72 -79.86 10.91
N VAL G 681 41.43 -79.88 12.21
CA VAL G 681 41.06 -81.11 12.89
C VAL G 681 40.00 -80.78 13.94
N GLU G 682 39.26 -81.80 14.35
CA GLU G 682 38.20 -81.62 15.33
C GLU G 682 37.79 -82.98 15.89
N ILE G 683 37.27 -82.95 17.11
CA ILE G 683 36.84 -84.15 17.81
C ILE G 683 35.32 -84.27 17.63
N LEU G 684 34.89 -85.31 16.90
CA LEU G 684 33.46 -85.53 16.70
C LEU G 684 32.80 -86.03 17.98
N ASP G 685 33.25 -87.18 18.48
CA ASP G 685 32.75 -87.75 19.72
C ASP G 685 33.93 -88.34 20.49
N ASP G 686 33.65 -89.20 21.45
CA ASP G 686 34.71 -89.76 22.28
C ASP G 686 35.63 -90.68 21.50
N ASP G 687 35.14 -91.29 20.41
CA ASP G 687 35.91 -92.26 19.64
C ASP G 687 36.25 -91.82 18.23
N ASN G 688 35.57 -90.82 17.67
CA ASN G 688 35.82 -90.38 16.30
C ASN G 688 36.48 -89.01 16.28
N PHE G 689 37.32 -88.80 15.27
CA PHE G 689 38.03 -87.54 15.09
C PHE G 689 37.99 -87.15 13.62
N LEU G 690 37.58 -85.91 13.35
CA LEU G 690 37.43 -85.40 11.99
C LEU G 690 38.59 -84.47 11.65
N GLY G 691 39.01 -84.50 10.39
CA GLY G 691 40.09 -83.66 9.94
C GLY G 691 40.01 -83.39 8.46
N ALA G 692 40.75 -82.37 8.02
CA ALA G 692 40.82 -81.98 6.61
C ALA G 692 42.26 -82.13 6.14
N GLU G 693 42.47 -82.92 5.09
CA GLU G 693 43.80 -83.16 4.55
C GLU G 693 43.88 -82.80 3.07
N ASN G 694 45.10 -82.91 2.56
CA ASN G 694 45.49 -82.35 1.28
C ASN G 694 44.51 -82.72 0.18
N ALA G 695 44.44 -81.86 -0.85
CA ALA G 695 43.56 -82.08 -1.99
C ALA G 695 42.09 -81.89 -1.61
N PHE G 696 41.84 -81.01 -0.65
CA PHE G 696 40.47 -80.66 -0.26
C PHE G 696 39.69 -81.90 0.16
N ASN G 697 40.28 -82.69 1.04
CA ASN G 697 39.66 -83.94 1.46
C ASN G 697 39.30 -83.90 2.94
N LEU G 698 38.27 -84.64 3.31
CA LEU G 698 37.84 -84.83 4.69
C LEU G 698 38.06 -86.28 5.08
N PHE G 699 38.61 -86.48 6.28
CA PHE G 699 38.86 -87.82 6.78
C PHE G 699 38.41 -87.92 8.24
N VAL G 700 38.14 -89.16 8.65
CA VAL G 700 37.64 -89.46 9.99
C VAL G 700 38.39 -90.68 10.51
N CYS G 701 39.13 -90.50 11.60
CA CYS G 701 39.80 -91.58 12.30
C CYS G 701 38.99 -92.01 13.51
N GLN G 702 39.22 -93.25 13.94
CA GLN G 702 38.44 -93.85 15.03
C GLN G 702 39.37 -94.53 16.01
N LYS G 703 39.05 -94.37 17.30
CA LYS G 703 39.83 -94.96 18.39
C LYS G 703 39.25 -96.32 18.75
N ASP G 704 40.07 -97.36 18.63
CA ASP G 704 39.67 -98.72 19.00
C ASP G 704 39.92 -98.90 20.50
N SER G 705 38.85 -99.05 21.26
CA SER G 705 38.93 -99.24 22.70
C SER G 705 38.42 -100.64 23.07
N ALA G 706 39.06 -101.26 24.05
CA ALA G 706 38.68 -102.60 24.50
C ALA G 706 38.96 -103.65 23.43
N ALA G 707 40.02 -103.47 22.65
CA ALA G 707 40.41 -104.46 21.66
C ALA G 707 41.18 -105.59 22.33
N THR G 708 41.96 -106.35 21.55
CA THR G 708 42.74 -107.43 22.11
C THR G 708 44.18 -106.98 22.35
N THR G 709 44.93 -106.71 21.28
CA THR G 709 46.34 -106.37 21.38
C THR G 709 46.52 -104.90 21.74
N ASP G 710 47.55 -104.62 22.54
CA ASP G 710 47.92 -103.22 22.79
C ASP G 710 48.38 -102.53 21.52
N GLU G 711 48.95 -103.30 20.58
CA GLU G 711 49.40 -102.70 19.32
C GLU G 711 48.24 -102.10 18.54
N GLU G 712 47.14 -102.84 18.41
CA GLU G 712 45.99 -102.34 17.68
C GLU G 712 45.14 -101.35 18.49
N ARG G 713 45.22 -101.42 19.82
CA ARG G 713 44.53 -100.44 20.65
C ARG G 713 45.13 -99.05 20.47
N GLN G 714 46.44 -98.95 20.27
CA GLN G 714 47.14 -97.69 20.14
C GLN G 714 47.20 -97.18 18.71
N HIS G 715 46.32 -97.65 17.83
CA HIS G 715 46.29 -97.23 16.44
C HIS G 715 44.90 -96.78 16.06
N LEU G 716 44.79 -95.55 15.56
CA LEU G 716 43.53 -95.00 15.09
C LEU G 716 43.29 -95.44 13.66
N GLN G 717 42.16 -96.09 13.40
CA GLN G 717 41.86 -96.60 12.08
C GLN G 717 41.12 -95.54 11.27
N GLU G 718 41.59 -95.33 10.04
CA GLU G 718 40.96 -94.37 9.13
C GLU G 718 39.63 -94.94 8.66
N VAL G 719 38.53 -94.38 9.16
CA VAL G 719 37.20 -94.91 8.91
C VAL G 719 36.38 -94.07 7.96
N GLY G 720 36.83 -92.86 7.59
CA GLY G 720 36.08 -92.06 6.64
C GLY G 720 36.91 -91.20 5.71
N LEU G 721 36.56 -91.20 4.41
CA LEU G 721 37.26 -90.42 3.39
C LEU G 721 36.23 -89.83 2.45
N PHE G 722 36.43 -88.57 2.07
CA PHE G 722 35.42 -87.88 1.26
C PHE G 722 36.04 -86.63 0.67
N HIS G 723 36.09 -86.54 -0.65
CA HIS G 723 36.60 -85.36 -1.33
C HIS G 723 35.57 -84.24 -1.24
N LEU G 724 35.82 -83.29 -0.34
CA LEU G 724 34.87 -82.21 -0.11
C LEU G 724 34.91 -81.16 -1.22
N GLY G 725 36.11 -80.84 -1.70
CA GLY G 725 36.27 -79.80 -2.69
C GLY G 725 36.56 -78.42 -2.15
N GLU G 726 36.68 -78.26 -0.83
CA GLU G 726 36.98 -76.99 -0.20
C GLU G 726 38.13 -77.16 0.78
N PHE G 727 38.85 -76.06 1.02
CA PHE G 727 39.99 -76.05 1.93
C PHE G 727 39.49 -75.53 3.29
N VAL G 728 39.27 -76.46 4.22
CA VAL G 728 38.72 -76.11 5.52
C VAL G 728 39.82 -75.47 6.37
N ASN G 729 39.49 -74.34 7.00
CA ASN G 729 40.42 -73.66 7.88
C ASN G 729 40.05 -73.75 9.35
N VAL G 730 38.78 -73.96 9.67
CA VAL G 730 38.35 -73.99 11.06
C VAL G 730 37.11 -74.87 11.17
N PHE G 731 37.14 -75.79 12.13
CA PHE G 731 35.97 -76.52 12.60
C PHE G 731 35.45 -75.86 13.87
N CYS G 732 34.14 -76.00 14.12
CA CYS G 732 33.55 -75.39 15.30
C CYS G 732 32.24 -76.10 15.62
N HIS G 733 32.11 -76.57 16.86
CA HIS G 733 30.88 -77.20 17.28
C HIS G 733 29.77 -76.16 17.42
N GLY G 734 28.60 -76.48 16.88
CA GLY G 734 27.48 -75.56 16.96
C GLY G 734 26.48 -75.84 15.85
N SER G 735 25.40 -75.07 15.88
CA SER G 735 24.33 -75.21 14.89
C SER G 735 23.65 -73.86 14.71
N LEU G 736 23.25 -73.57 13.47
CA LEU G 736 22.63 -72.30 13.12
C LEU G 736 21.11 -72.38 13.10
N VAL G 737 20.53 -73.47 13.56
CA VAL G 737 19.08 -73.63 13.61
C VAL G 737 18.65 -73.67 15.07
N MET G 738 17.33 -73.59 15.28
CA MET G 738 16.78 -73.60 16.63
C MET G 738 16.98 -74.98 17.25
N GLN G 739 17.65 -75.03 18.39
CA GLN G 739 18.00 -76.30 19.03
C GLN G 739 16.79 -77.11 19.44
N ASN G 740 15.59 -76.54 19.39
CA ASN G 740 14.37 -77.29 19.67
C ASN G 740 14.32 -77.74 21.13
N LEU G 741 13.47 -77.10 21.93
CA LEU G 741 13.32 -77.46 23.33
C LEU G 741 12.86 -78.91 23.49
N GLY G 742 11.62 -79.19 23.09
CA GLY G 742 11.09 -80.54 23.20
C GLY G 742 11.83 -81.55 22.35
N GLU G 743 12.67 -82.36 22.98
CA GLU G 743 13.44 -83.38 22.27
C GLU G 743 12.52 -84.39 21.60
N THR G 744 12.43 -84.35 20.29
CA THR G 744 11.56 -85.22 19.50
C THR G 744 12.41 -86.10 18.61
N SER G 745 13.11 -87.07 19.21
CA SER G 745 13.89 -88.07 18.50
C SER G 745 14.59 -87.51 17.26
N THR G 746 15.76 -86.90 17.45
CA THR G 746 16.49 -86.34 16.32
C THR G 746 17.12 -87.45 15.49
N PRO G 747 17.09 -87.36 14.16
CA PRO G 747 17.71 -88.39 13.32
C PRO G 747 19.23 -88.26 13.27
N THR G 748 19.72 -87.03 13.37
CA THR G 748 21.14 -86.72 13.31
C THR G 748 21.65 -86.38 14.71
N GLN G 749 22.85 -86.86 15.04
CA GLN G 749 23.49 -86.60 16.31
C GLN G 749 24.75 -85.76 16.10
N GLY G 750 24.87 -84.69 16.87
CA GLY G 750 26.01 -83.80 16.76
C GLY G 750 25.83 -82.76 15.67
N SER G 751 26.71 -81.77 15.69
CA SER G 751 26.67 -80.70 14.70
C SER G 751 28.00 -79.95 14.74
N VAL G 752 28.75 -80.01 13.64
CA VAL G 752 30.05 -79.36 13.55
C VAL G 752 30.07 -78.55 12.26
N LEU G 753 30.08 -77.23 12.37
CA LEU G 753 30.25 -76.39 11.20
C LEU G 753 31.73 -76.23 10.88
N PHE G 754 32.01 -75.80 9.65
CA PHE G 754 33.38 -75.57 9.23
C PHE G 754 33.42 -74.49 8.16
N GLY G 755 34.47 -73.67 8.23
CA GLY G 755 34.68 -72.60 7.28
C GLY G 755 35.81 -72.94 6.32
N THR G 756 35.72 -72.44 5.09
CA THR G 756 36.66 -72.77 4.02
C THR G 756 37.28 -71.51 3.44
N VAL G 757 38.22 -71.71 2.52
CA VAL G 757 38.92 -70.59 1.89
C VAL G 757 38.02 -69.89 0.89
N ASN G 758 37.13 -70.63 0.22
CA ASN G 758 36.22 -70.06 -0.76
C ASN G 758 34.93 -69.53 -0.13
N GLY G 759 34.95 -69.23 1.17
CA GLY G 759 33.78 -68.73 1.85
C GLY G 759 32.68 -69.76 2.04
N MET G 760 32.86 -70.97 1.56
CA MET G 760 31.86 -72.01 1.74
C MET G 760 31.82 -72.45 3.21
N ILE G 761 30.62 -72.54 3.76
CA ILE G 761 30.40 -73.02 5.12
C ILE G 761 29.69 -74.36 5.05
N GLY G 762 30.18 -75.33 5.82
CA GLY G 762 29.63 -76.67 5.79
C GLY G 762 29.24 -77.14 7.18
N LEU G 763 28.44 -78.19 7.22
CA LEU G 763 28.01 -78.79 8.47
C LEU G 763 28.14 -80.31 8.37
N VAL G 764 28.71 -80.90 9.41
CA VAL G 764 28.91 -82.34 9.51
C VAL G 764 28.18 -82.84 10.75
N THR G 765 27.63 -84.04 10.65
CA THR G 765 26.88 -84.66 11.73
C THR G 765 27.03 -86.17 11.62
N SER G 766 26.61 -86.87 12.66
CA SER G 766 26.71 -88.33 12.72
C SER G 766 25.33 -88.97 12.58
N LEU G 767 25.30 -90.13 11.95
CA LEU G 767 24.08 -90.88 11.68
C LEU G 767 24.16 -92.24 12.36
N SER G 768 23.10 -93.03 12.16
CA SER G 768 23.06 -94.42 12.59
C SER G 768 23.35 -95.33 11.39
N GLU G 769 23.62 -96.60 11.70
CA GLU G 769 23.97 -97.54 10.64
C GLU G 769 22.82 -97.73 9.65
N SER G 770 21.60 -97.85 10.16
CA SER G 770 20.44 -98.00 9.28
C SER G 770 20.26 -96.78 8.40
N TRP G 771 20.24 -95.58 9.00
CA TRP G 771 20.10 -94.35 8.22
C TRP G 771 21.22 -94.22 7.21
N TYR G 772 22.45 -94.58 7.60
CA TYR G 772 23.58 -94.44 6.69
C TYR G 772 23.43 -95.36 5.49
N ASN G 773 23.09 -96.63 5.73
CA ASN G 773 22.93 -97.56 4.62
C ASN G 773 21.78 -97.12 3.71
N LEU G 774 20.69 -96.65 4.32
CA LEU G 774 19.57 -96.14 3.53
C LEU G 774 20.01 -94.98 2.63
N LEU G 775 20.68 -93.99 3.22
CA LEU G 775 21.10 -92.82 2.45
C LEU G 775 22.15 -93.18 1.40
N LEU G 776 22.97 -94.19 1.66
CA LEU G 776 23.96 -94.61 0.67
C LEU G 776 23.29 -95.28 -0.52
N ASP G 777 22.37 -96.20 -0.26
CA ASP G 777 21.56 -96.77 -1.34
C ASP G 777 20.83 -95.66 -2.09
N MET G 778 20.36 -94.65 -1.37
CA MET G 778 19.61 -93.58 -1.98
C MET G 778 20.50 -92.71 -2.87
N GLN G 779 21.75 -92.48 -2.46
CA GLN G 779 22.71 -91.79 -3.32
C GLN G 779 22.96 -92.59 -4.59
N ASN G 780 23.20 -93.90 -4.44
CA ASN G 780 23.45 -94.73 -5.61
C ASN G 780 22.27 -94.73 -6.57
N ARG G 781 21.05 -94.61 -6.04
CA ARG G 781 19.87 -94.53 -6.90
C ARG G 781 19.71 -93.14 -7.52
N LEU G 782 20.01 -92.09 -6.77
CA LEU G 782 19.90 -90.73 -7.29
C LEU G 782 20.87 -90.51 -8.45
N ASN G 783 22.07 -91.07 -8.35
CA ASN G 783 23.07 -90.83 -9.40
C ASN G 783 22.59 -91.27 -10.77
N LYS G 784 21.70 -92.27 -10.81
CA LYS G 784 21.23 -92.78 -12.10
C LYS G 784 20.26 -91.81 -12.76
N VAL G 785 19.42 -91.15 -11.97
CA VAL G 785 18.40 -90.26 -12.53
C VAL G 785 18.89 -88.82 -12.63
N ILE G 786 19.78 -88.39 -11.73
CA ILE G 786 20.25 -87.02 -11.75
C ILE G 786 21.14 -86.80 -12.96
N LYS G 787 21.13 -85.56 -13.49
CA LYS G 787 21.91 -85.18 -14.66
C LYS G 787 23.05 -84.28 -14.22
N SER G 788 24.28 -84.70 -14.50
CA SER G 788 25.47 -83.96 -14.09
C SER G 788 25.92 -83.01 -15.19
N VAL G 789 26.26 -81.79 -14.79
CA VAL G 789 26.81 -80.83 -15.75
C VAL G 789 28.17 -81.33 -16.21
N GLY G 790 28.33 -81.49 -17.51
CA GLY G 790 29.54 -82.07 -18.06
C GLY G 790 29.61 -83.58 -18.00
N LYS G 791 28.60 -84.23 -17.43
CA LYS G 791 28.57 -85.70 -17.33
C LYS G 791 29.76 -86.23 -16.54
N ILE G 792 30.00 -85.62 -15.38
CA ILE G 792 31.00 -86.10 -14.43
C ILE G 792 30.32 -87.04 -13.45
N GLU G 793 30.94 -88.19 -13.20
CA GLU G 793 30.39 -89.15 -12.26
C GLU G 793 30.51 -88.64 -10.83
N HIS G 794 29.40 -88.67 -10.10
CA HIS G 794 29.43 -88.25 -8.69
C HIS G 794 30.40 -89.11 -7.89
N SER G 795 30.44 -90.41 -8.19
CA SER G 795 31.38 -91.29 -7.49
C SER G 795 32.82 -90.84 -7.72
N PHE G 796 33.16 -90.50 -8.97
CA PHE G 796 34.51 -90.02 -9.25
C PHE G 796 34.75 -88.65 -8.61
N TRP G 797 33.72 -87.81 -8.52
CA TRP G 797 33.90 -86.46 -7.99
C TRP G 797 34.17 -86.50 -6.48
N ARG G 798 33.39 -87.30 -5.74
CA ARG G 798 33.55 -87.35 -4.30
C ARG G 798 34.65 -88.31 -3.84
N SER G 799 35.29 -89.03 -4.76
CA SER G 799 36.31 -89.99 -4.37
C SER G 799 37.53 -89.28 -3.78
N PHE G 800 38.05 -89.83 -2.69
CA PHE G 800 39.29 -89.33 -2.11
C PHE G 800 40.37 -89.30 -3.17
N HIS G 801 40.99 -88.14 -3.36
CA HIS G 801 41.97 -87.96 -4.42
C HIS G 801 43.18 -87.19 -3.92
N THR G 802 44.37 -87.74 -4.18
CA THR G 802 45.62 -87.02 -4.07
C THR G 802 46.47 -87.39 -5.28
N GLU G 803 47.59 -86.69 -5.43
CA GLU G 803 48.47 -86.97 -6.56
C GLU G 803 49.05 -88.37 -6.48
N ARG G 804 49.13 -88.95 -5.28
CA ARG G 804 49.68 -90.30 -5.10
C ARG G 804 48.60 -91.36 -5.33
N LYS G 805 47.63 -91.43 -4.41
CA LYS G 805 46.57 -92.43 -4.44
C LYS G 805 45.21 -91.76 -4.58
N THR G 806 44.26 -92.50 -5.18
CA THR G 806 42.90 -92.02 -5.36
C THR G 806 41.95 -93.19 -5.07
N GLU G 807 41.32 -93.17 -3.91
CA GLU G 807 40.42 -94.22 -3.45
C GLU G 807 38.98 -93.75 -3.41
N PRO G 808 38.02 -94.66 -3.39
CA PRO G 808 36.61 -94.27 -3.32
C PRO G 808 36.25 -93.71 -1.94
N ALA G 809 35.21 -92.89 -1.92
CA ALA G 809 34.76 -92.26 -0.69
C ALA G 809 34.02 -93.26 0.19
N THR G 810 34.22 -93.15 1.50
CA THR G 810 33.61 -94.06 2.46
C THR G 810 33.25 -93.30 3.73
N GLY G 811 32.23 -93.80 4.42
CA GLY G 811 31.84 -93.22 5.70
C GLY G 811 31.34 -91.80 5.63
N PHE G 812 30.84 -91.36 4.48
CA PHE G 812 30.31 -90.00 4.34
C PHE G 812 29.08 -90.02 3.44
N ILE G 813 28.11 -89.16 3.78
CA ILE G 813 26.88 -89.01 3.02
C ILE G 813 26.84 -87.60 2.45
N ASP G 814 26.87 -87.49 1.12
CA ASP G 814 26.83 -86.19 0.45
C ASP G 814 25.46 -85.56 0.66
N GLY G 815 25.39 -84.60 1.60
CA GLY G 815 24.13 -83.96 1.91
C GLY G 815 23.52 -83.22 0.74
N ASP G 816 24.37 -82.62 -0.11
CA ASP G 816 23.87 -81.90 -1.27
C ASP G 816 23.11 -82.84 -2.21
N LEU G 817 23.69 -84.00 -2.50
CA LEU G 817 23.04 -84.96 -3.40
C LEU G 817 21.75 -85.49 -2.79
N ILE G 818 21.72 -85.68 -1.48
CA ILE G 818 20.52 -86.18 -0.82
C ILE G 818 19.41 -85.13 -0.86
N GLU G 819 19.75 -83.88 -0.55
CA GLU G 819 18.75 -82.81 -0.53
C GLU G 819 18.31 -82.41 -1.93
N SER G 820 19.10 -82.73 -2.96
CA SER G 820 18.64 -82.49 -4.33
C SER G 820 17.44 -83.35 -4.71
N PHE G 821 17.06 -84.31 -3.87
CA PHE G 821 15.91 -85.15 -4.16
C PHE G 821 14.61 -84.36 -4.12
N LEU G 822 14.57 -83.28 -3.35
CA LEU G 822 13.36 -82.46 -3.24
C LEU G 822 13.14 -81.55 -4.44
N ASP G 823 14.14 -81.37 -5.29
CA ASP G 823 14.06 -80.42 -6.39
C ASP G 823 13.97 -81.11 -7.76
N ILE G 824 13.56 -82.37 -7.80
CA ILE G 824 13.39 -83.11 -9.05
C ILE G 824 11.92 -83.45 -9.24
N SER G 825 11.60 -83.95 -10.43
CA SER G 825 10.22 -84.26 -10.76
C SER G 825 9.75 -85.52 -10.04
N ARG G 826 8.43 -85.68 -9.97
CA ARG G 826 7.82 -86.78 -9.25
C ARG G 826 8.03 -88.11 -9.97
N PRO G 827 7.99 -88.16 -11.31
CA PRO G 827 8.31 -89.43 -11.99
C PRO G 827 9.70 -89.94 -11.68
N LYS G 828 10.70 -89.04 -11.64
CA LYS G 828 12.04 -89.48 -11.27
C LYS G 828 12.12 -89.85 -9.79
N MET G 829 11.35 -89.16 -8.94
CA MET G 829 11.25 -89.58 -7.55
C MET G 829 10.73 -91.01 -7.45
N GLN G 830 9.74 -91.35 -8.27
CA GLN G 830 9.22 -92.71 -8.28
C GLN G 830 10.26 -93.69 -8.81
N GLU G 831 11.03 -93.27 -9.82
CA GLU G 831 12.13 -94.11 -10.30
C GLU G 831 13.13 -94.42 -9.19
N VAL G 832 13.39 -93.42 -8.33
CA VAL G 832 14.36 -93.61 -7.26
C VAL G 832 13.86 -94.65 -6.24
N VAL G 833 12.59 -94.56 -5.87
CA VAL G 833 12.02 -95.41 -4.82
C VAL G 833 11.48 -96.70 -5.41
N ALA G 834 11.80 -96.95 -6.69
CA ALA G 834 11.31 -98.15 -7.36
C ALA G 834 11.95 -99.39 -6.74
N ASN G 835 11.12 -100.27 -6.18
CA ASN G 835 11.60 -101.50 -5.55
C ASN G 835 12.55 -101.20 -4.39
N LEU G 836 12.13 -100.26 -3.55
CA LEU G 836 12.92 -99.81 -2.42
C LEU G 836 12.12 -100.01 -1.13
N GLN G 837 12.71 -100.74 -0.18
CA GLN G 837 12.05 -101.04 1.09
C GLN G 837 12.42 -99.98 2.13
N TYR G 838 11.41 -99.52 2.87
CA TYR G 838 11.57 -98.45 3.83
C TYR G 838 10.93 -98.84 5.15
N ASP G 839 11.50 -98.31 6.24
CA ASP G 839 11.05 -98.56 7.60
C ASP G 839 10.57 -97.24 8.20
N ASP G 840 9.28 -97.18 8.52
CA ASP G 840 8.68 -95.97 9.09
C ASP G 840 8.48 -96.08 10.60
N GLY G 841 8.99 -97.12 11.24
CA GLY G 841 8.85 -97.27 12.67
C GLY G 841 8.55 -98.68 13.12
N SER G 842 9.59 -99.46 13.39
CA SER G 842 9.45 -100.82 13.90
C SER G 842 8.86 -101.76 12.85
N GLY G 843 7.54 -101.76 12.72
CA GLY G 843 6.87 -102.59 11.73
C GLY G 843 6.85 -101.99 10.33
N MET G 844 7.18 -102.81 9.35
CA MET G 844 7.25 -102.36 7.96
C MET G 844 8.35 -101.32 7.80
N LYS G 845 9.37 -101.60 6.99
CA LYS G 845 9.47 -102.80 6.16
C LYS G 845 8.36 -102.88 5.12
N ARG G 846 8.18 -101.81 4.35
CA ARG G 846 7.15 -101.77 3.31
C ARG G 846 7.69 -101.04 2.09
N GLU G 847 6.89 -101.06 1.02
CA GLU G 847 7.29 -100.38 -0.21
C GLU G 847 7.30 -98.87 0.01
N ALA G 848 8.43 -98.24 -0.29
CA ALA G 848 8.60 -96.81 -0.06
C ALA G 848 7.91 -96.00 -1.14
N THR G 849 7.23 -94.94 -0.73
CA THR G 849 6.59 -94.01 -1.64
C THR G 849 7.39 -92.70 -1.67
N ALA G 850 7.12 -91.89 -2.70
CA ALA G 850 7.82 -90.63 -2.83
C ALA G 850 7.55 -89.70 -1.65
N ASP G 851 6.36 -89.78 -1.05
CA ASP G 851 6.01 -88.87 0.03
C ASP G 851 6.79 -89.20 1.31
N ASP G 852 7.00 -90.48 1.59
CA ASP G 852 7.78 -90.86 2.76
C ASP G 852 9.20 -90.31 2.66
N LEU G 853 9.84 -90.53 1.52
CA LEU G 853 11.20 -90.04 1.33
C LEU G 853 11.25 -88.53 1.30
N ILE G 854 10.21 -87.88 0.78
CA ILE G 854 10.16 -86.42 0.83
C ILE G 854 10.11 -85.94 2.28
N LYS G 855 9.32 -86.61 3.11
CA LYS G 855 9.26 -86.27 4.53
C LYS G 855 10.63 -86.43 5.16
N VAL G 856 11.31 -87.53 4.86
CA VAL G 856 12.63 -87.79 5.45
C VAL G 856 13.62 -86.71 5.04
N VAL G 857 13.63 -86.36 3.75
CA VAL G 857 14.60 -85.37 3.27
C VAL G 857 14.27 -83.99 3.81
N GLU G 858 12.98 -83.69 3.99
CA GLU G 858 12.61 -82.42 4.61
C GLU G 858 13.06 -82.36 6.06
N GLU G 859 12.98 -83.49 6.77
CA GLU G 859 13.53 -83.54 8.11
C GLU G 859 15.03 -83.30 8.08
N LEU G 860 15.72 -83.87 7.08
CA LEU G 860 17.16 -83.64 6.97
C LEU G 860 17.48 -82.18 6.74
N THR G 861 16.72 -81.52 5.85
CA THR G 861 17.01 -80.14 5.49
C THR G 861 16.92 -79.16 6.65
N ARG G 862 16.34 -79.57 7.77
CA ARG G 862 16.13 -78.68 8.90
C ARG G 862 17.35 -78.54 9.81
N ILE G 863 18.43 -79.28 9.52
CA ILE G 863 19.63 -79.20 10.36
C ILE G 863 20.47 -77.99 10.06
N HIS G 864 20.14 -77.23 9.01
CA HIS G 864 20.93 -76.07 8.62
C HIS G 864 20.03 -74.96 8.07
N ILE H 68 93.93 -80.20 1.86
CA ILE H 68 92.71 -80.12 1.06
C ILE H 68 93.06 -80.24 -0.42
N ASN H 69 93.70 -81.36 -0.79
CA ASN H 69 94.04 -81.60 -2.19
C ASN H 69 94.10 -83.10 -2.53
N PHE H 70 93.48 -83.95 -1.72
CA PHE H 70 93.51 -85.40 -1.92
C PHE H 70 92.99 -85.79 -3.30
N ASP H 71 91.66 -85.80 -3.45
CA ASP H 71 90.96 -86.20 -4.67
C ASP H 71 89.69 -86.93 -4.28
N THR H 72 88.60 -86.20 -4.04
CA THR H 72 87.38 -86.80 -3.53
C THR H 72 86.80 -87.85 -4.46
N SER H 73 87.32 -87.99 -5.68
CA SER H 73 86.80 -88.97 -6.63
C SER H 73 87.48 -90.33 -6.50
N LEU H 74 88.50 -90.46 -5.65
CA LEU H 74 89.23 -91.73 -5.54
C LEU H 74 88.46 -92.75 -4.71
N PRO H 75 87.95 -92.39 -3.53
CA PRO H 75 87.26 -93.39 -2.71
C PRO H 75 86.04 -93.99 -3.40
N THR H 76 85.29 -93.20 -4.17
CA THR H 76 84.09 -93.71 -4.82
C THR H 76 84.41 -94.75 -5.89
N SER H 77 85.63 -94.75 -6.43
CA SER H 77 86.01 -95.71 -7.45
C SER H 77 86.31 -97.09 -6.90
N HIS H 78 86.59 -97.20 -5.59
CA HIS H 78 86.92 -98.47 -4.96
C HIS H 78 88.06 -99.16 -5.70
N THR H 79 89.10 -98.37 -5.99
CA THR H 79 90.24 -98.89 -6.75
C THR H 79 90.94 -100.02 -6.03
N TYR H 80 90.79 -100.12 -4.71
CA TYR H 80 91.40 -101.22 -3.96
C TYR H 80 90.83 -102.58 -4.34
N LEU H 81 89.68 -102.62 -5.03
CA LEU H 81 89.07 -103.87 -5.47
C LEU H 81 89.77 -104.48 -6.67
N GLY H 82 90.64 -103.74 -7.35
CA GLY H 82 91.42 -104.30 -8.43
C GLY H 82 91.05 -103.76 -9.81
N ALA H 83 91.10 -104.63 -10.80
CA ALA H 83 90.84 -104.23 -12.18
C ALA H 83 89.42 -103.67 -12.31
N ASP H 84 89.16 -103.06 -13.45
CA ASP H 84 87.83 -102.52 -13.72
C ASP H 84 86.82 -103.65 -13.82
N MET H 85 85.61 -103.40 -13.30
CA MET H 85 84.59 -104.43 -13.24
C MET H 85 83.67 -104.37 -14.45
N GLU H 86 83.03 -105.50 -14.72
CA GLU H 86 82.02 -105.56 -15.78
C GLU H 86 80.80 -104.76 -15.36
N GLU H 87 80.42 -103.80 -16.20
CA GLU H 87 79.38 -102.84 -15.86
C GLU H 87 78.10 -103.15 -16.63
N PHE H 88 76.96 -102.94 -15.97
CA PHE H 88 75.64 -103.08 -16.58
C PHE H 88 75.00 -101.71 -16.71
N HIS H 89 74.18 -101.56 -17.75
CA HIS H 89 73.45 -100.33 -17.98
C HIS H 89 71.94 -100.46 -17.77
N GLY H 90 71.41 -101.68 -17.74
CA GLY H 90 70.00 -101.87 -17.52
C GLY H 90 69.61 -101.62 -16.07
N ARG H 91 68.33 -101.29 -15.88
CA ARG H 91 67.79 -100.97 -14.57
C ARG H 91 66.47 -101.72 -14.36
N THR H 92 66.29 -102.27 -13.16
CA THR H 92 65.08 -103.01 -12.80
C THR H 92 64.42 -102.32 -11.63
N LEU H 93 63.12 -102.04 -11.76
CA LEU H 93 62.35 -101.45 -10.69
C LEU H 93 61.01 -102.18 -10.59
N HIS H 94 60.62 -102.55 -9.38
CA HIS H 94 59.35 -103.22 -9.14
C HIS H 94 58.25 -102.22 -8.86
N ASP H 95 57.02 -102.60 -9.18
CA ASP H 95 55.88 -101.71 -8.99
C ASP H 95 55.65 -101.44 -7.51
N ASP H 96 55.19 -100.23 -7.22
CA ASP H 96 54.88 -99.88 -5.83
C ASP H 96 53.82 -100.81 -5.27
N ASP H 97 53.94 -101.09 -3.98
CA ASP H 97 53.01 -101.93 -3.22
C ASP H 97 52.97 -103.38 -3.69
N SER H 98 53.67 -103.72 -4.77
CA SER H 98 53.69 -105.09 -5.26
C SER H 98 54.45 -106.01 -4.31
N CYS H 99 54.16 -107.30 -4.42
CA CYS H 99 54.80 -108.32 -3.60
C CYS H 99 55.85 -109.06 -4.45
N GLN H 100 57.03 -109.27 -3.89
CA GLN H 100 58.15 -109.86 -4.62
C GLN H 100 58.91 -110.83 -3.73
N VAL H 101 59.58 -111.79 -4.34
CA VAL H 101 60.43 -112.75 -3.64
C VAL H 101 61.87 -112.49 -4.08
N ILE H 102 62.68 -112.00 -3.14
CA ILE H 102 64.04 -111.58 -3.49
C ILE H 102 65.05 -112.33 -2.62
N PRO H 103 66.17 -112.78 -3.19
CA PRO H 103 67.16 -113.47 -2.36
C PRO H 103 67.94 -112.51 -1.47
N VAL H 104 68.44 -113.05 -0.36
CA VAL H 104 69.20 -112.29 0.61
C VAL H 104 70.60 -112.87 0.70
N LEU H 105 71.59 -112.01 0.79
CA LEU H 105 72.95 -112.48 0.98
C LEU H 105 73.17 -112.81 2.46
N PRO H 106 73.76 -113.96 2.77
CA PRO H 106 73.77 -114.41 4.17
C PRO H 106 74.61 -113.54 5.09
N GLN H 107 75.75 -113.02 4.62
CA GLN H 107 76.69 -112.33 5.49
C GLN H 107 76.62 -110.81 5.39
N VAL H 108 75.61 -110.27 4.74
CA VAL H 108 75.42 -108.83 4.65
C VAL H 108 74.67 -108.36 5.89
N MET H 109 75.28 -107.45 6.65
CA MET H 109 74.67 -106.94 7.87
C MET H 109 74.36 -105.45 7.82
N MET H 110 74.70 -104.77 6.73
CA MET H 110 74.53 -103.34 6.66
C MET H 110 73.07 -102.96 6.47
N ILE H 111 72.75 -101.71 6.82
CA ILE H 111 71.43 -101.14 6.59
C ILE H 111 71.57 -100.25 5.35
N LEU H 112 71.08 -100.75 4.22
CA LEU H 112 71.29 -100.05 2.96
C LEU H 112 70.23 -98.97 2.74
N ILE H 113 70.67 -97.85 2.17
CA ILE H 113 69.76 -96.74 1.87
C ILE H 113 69.67 -96.55 0.36
N PRO H 114 68.48 -96.25 -0.17
CA PRO H 114 68.34 -96.09 -1.62
C PRO H 114 69.39 -95.13 -2.17
N GLY H 115 70.04 -95.55 -3.25
CA GLY H 115 71.07 -94.77 -3.89
C GLY H 115 72.45 -94.95 -3.31
N GLN H 116 72.59 -95.62 -2.18
CA GLN H 116 73.89 -95.83 -1.56
C GLN H 116 74.63 -96.93 -2.28
N THR H 117 75.95 -96.78 -2.39
CA THR H 117 76.79 -97.77 -3.05
C THR H 117 77.24 -98.81 -2.04
N LEU H 118 77.18 -100.08 -2.42
CA LEU H 118 77.57 -101.18 -1.54
C LEU H 118 78.62 -102.03 -2.26
N PRO H 119 79.83 -102.12 -1.75
CA PRO H 119 80.81 -103.02 -2.34
C PRO H 119 80.91 -104.32 -1.56
N LEU H 120 81.09 -105.44 -2.26
CA LEU H 120 81.08 -106.75 -1.63
C LEU H 120 82.16 -107.62 -2.24
N GLN H 121 82.79 -108.42 -1.40
CA GLN H 121 83.68 -109.49 -1.83
C GLN H 121 83.11 -110.81 -1.31
N LEU H 122 82.75 -111.70 -2.23
CA LEU H 122 82.12 -112.97 -1.88
C LEU H 122 83.08 -114.10 -2.17
N PHE H 123 83.35 -114.90 -1.14
CA PHE H 123 84.23 -116.06 -1.20
C PHE H 123 83.48 -117.38 -1.10
N HIS H 124 82.43 -117.45 -0.27
CA HIS H 124 81.74 -118.70 -0.04
C HIS H 124 81.07 -119.19 -1.32
N PRO H 125 81.20 -120.46 -1.68
CA PRO H 125 80.61 -120.93 -2.95
C PRO H 125 79.12 -120.64 -3.06
N GLN H 126 78.39 -120.76 -1.96
CA GLN H 126 76.95 -120.49 -1.99
C GLN H 126 76.68 -119.06 -2.43
N GLU H 127 77.41 -118.10 -1.86
CA GLU H 127 77.25 -116.70 -2.24
C GLU H 127 77.61 -116.50 -3.71
N VAL H 128 78.70 -117.12 -4.16
CA VAL H 128 79.12 -116.95 -5.54
C VAL H 128 78.04 -117.47 -6.49
N SER H 129 77.47 -118.63 -6.18
CA SER H 129 76.42 -119.19 -7.02
C SER H 129 75.19 -118.29 -7.03
N MET H 130 74.79 -117.78 -5.86
CA MET H 130 73.62 -116.93 -5.81
C MET H 130 73.83 -115.64 -6.60
N VAL H 131 75.04 -115.09 -6.54
CA VAL H 131 75.31 -113.85 -7.29
C VAL H 131 75.42 -114.13 -8.78
N ARG H 132 75.90 -115.31 -9.17
CA ARG H 132 75.84 -115.67 -10.59
C ARG H 132 74.39 -115.71 -11.06
N ASN H 133 73.55 -116.46 -10.35
CA ASN H 133 72.14 -116.54 -10.70
C ASN H 133 71.51 -115.15 -10.78
N LEU H 134 71.90 -114.25 -9.87
CA LEU H 134 71.39 -112.88 -9.91
C LEU H 134 71.87 -112.16 -11.16
N ILE H 135 73.16 -112.27 -11.47
CA ILE H 135 73.70 -111.59 -12.65
C ILE H 135 72.99 -112.02 -13.90
N GLN H 136 72.54 -113.29 -13.96
CA GLN H 136 71.82 -113.76 -15.13
C GLN H 136 70.35 -113.35 -15.13
N LYS H 137 69.80 -112.91 -13.99
CA LYS H 137 68.40 -112.54 -13.92
C LYS H 137 68.24 -111.03 -13.80
N ASP H 138 67.53 -110.56 -12.77
CA ASP H 138 67.28 -109.13 -12.58
C ASP H 138 68.39 -108.44 -11.77
N ARG H 139 69.35 -109.20 -11.25
CA ARG H 139 70.52 -108.64 -10.58
C ARG H 139 70.15 -107.88 -9.30
N THR H 140 69.06 -108.28 -8.65
CA THR H 140 68.57 -107.61 -7.46
C THR H 140 68.48 -108.59 -6.31
N PHE H 141 69.03 -108.19 -5.16
CA PHE H 141 68.95 -108.96 -3.93
C PHE H 141 68.47 -108.05 -2.82
N ALA H 142 68.04 -108.65 -1.71
CA ALA H 142 67.50 -107.91 -0.59
C ALA H 142 68.55 -107.77 0.50
N VAL H 143 68.65 -106.55 1.04
CA VAL H 143 69.53 -106.26 2.16
C VAL H 143 68.63 -105.94 3.36
N LEU H 144 68.60 -106.85 4.33
CA LEU H 144 67.67 -106.72 5.43
C LEU H 144 68.17 -105.73 6.46
N ALA H 145 67.26 -104.88 6.94
CA ALA H 145 67.56 -103.95 8.03
C ALA H 145 67.25 -104.65 9.34
N TYR H 146 68.28 -105.21 9.96
CA TYR H 146 68.12 -106.07 11.13
C TYR H 146 67.90 -105.25 12.40
N SER H 147 66.73 -105.41 13.01
CA SER H 147 66.51 -104.85 14.34
C SER H 147 67.27 -105.65 15.40
N ASN H 148 67.24 -106.98 15.30
CA ASN H 148 68.02 -107.87 16.15
C ASN H 148 68.93 -108.71 15.26
N VAL H 149 70.19 -108.30 15.16
CA VAL H 149 71.12 -108.97 14.26
C VAL H 149 71.40 -110.39 14.73
N GLN H 150 71.43 -110.62 16.04
CA GLN H 150 71.72 -111.95 16.56
C GLN H 150 70.74 -112.98 16.01
N GLU H 151 69.45 -112.76 16.23
CA GLU H 151 68.42 -113.71 15.82
C GLU H 151 67.89 -113.43 14.42
N ARG H 152 68.55 -112.55 13.66
CA ARG H 152 68.18 -112.30 12.26
C ARG H 152 66.71 -111.86 12.14
N GLU H 153 66.32 -110.93 13.00
CA GLU H 153 64.99 -110.34 12.91
C GLU H 153 65.04 -109.12 11.99
N ALA H 154 64.02 -108.97 11.16
CA ALA H 154 63.98 -107.87 10.22
C ALA H 154 62.54 -107.55 9.84
N GLN H 155 62.17 -106.27 9.94
CA GLN H 155 60.86 -105.82 9.50
C GLN H 155 60.92 -104.95 8.25
N PHE H 156 62.05 -104.31 7.98
CA PHE H 156 62.21 -103.50 6.79
C PHE H 156 63.55 -103.84 6.14
N GLY H 157 63.70 -103.38 4.89
CA GLY H 157 64.94 -103.57 4.18
C GLY H 157 64.96 -102.73 2.92
N THR H 158 66.01 -102.90 2.14
CA THR H 158 66.17 -102.18 0.88
C THR H 158 66.69 -103.12 -0.19
N THR H 159 66.20 -102.95 -1.41
CA THR H 159 66.68 -103.76 -2.52
C THR H 159 67.97 -103.17 -3.09
N ALA H 160 68.85 -104.06 -3.54
CA ALA H 160 70.14 -103.68 -4.09
C ALA H 160 70.28 -104.28 -5.47
N GLU H 161 70.63 -103.44 -6.45
CA GLU H 161 70.80 -103.88 -7.83
C GLU H 161 72.28 -103.88 -8.18
N ILE H 162 72.80 -105.05 -8.53
CA ILE H 162 74.20 -105.18 -8.92
C ILE H 162 74.42 -104.41 -10.21
N TYR H 163 75.34 -103.44 -10.18
CA TYR H 163 75.72 -102.72 -11.39
C TYR H 163 77.16 -102.96 -11.81
N ALA H 164 77.97 -103.64 -10.99
CA ALA H 164 79.33 -103.99 -11.41
C ALA H 164 79.69 -105.33 -10.79
N TYR H 165 80.43 -106.15 -11.53
CA TYR H 165 80.88 -107.43 -11.00
C TYR H 165 82.17 -107.85 -11.68
N ARG H 166 82.93 -108.68 -10.98
CA ARG H 166 84.17 -109.27 -11.51
C ARG H 166 84.31 -110.65 -10.90
N GLU H 167 84.39 -111.66 -11.76
CA GLU H 167 84.44 -113.06 -11.33
C GLU H 167 85.85 -113.56 -11.60
N GLU H 168 86.63 -113.78 -10.55
CA GLU H 168 88.04 -114.11 -10.73
C GLU H 168 88.41 -115.38 -9.98
N GLN H 169 89.15 -116.27 -10.64
CA GLN H 169 89.70 -117.47 -10.03
C GLN H 169 91.18 -117.18 -9.76
N ASP H 170 91.48 -116.82 -8.52
CA ASP H 170 92.83 -116.38 -8.16
C ASP H 170 93.48 -117.40 -7.23
N PHE H 171 94.71 -117.79 -7.56
CA PHE H 171 95.48 -118.69 -6.71
C PHE H 171 94.71 -119.97 -6.39
N GLY H 172 93.85 -120.39 -7.32
CA GLY H 172 93.11 -121.62 -7.15
C GLY H 172 91.87 -121.52 -6.30
N ILE H 173 91.42 -120.31 -5.98
CA ILE H 173 90.17 -120.11 -5.25
C ILE H 173 89.30 -119.14 -6.04
N GLU H 174 88.01 -119.45 -6.13
CA GLU H 174 87.06 -118.69 -6.92
C GLU H 174 86.38 -117.64 -6.05
N ILE H 175 86.35 -116.39 -6.54
CA ILE H 175 85.75 -115.28 -5.78
C ILE H 175 85.08 -114.30 -6.74
N VAL H 176 84.15 -113.51 -6.19
CA VAL H 176 83.39 -112.54 -6.96
C VAL H 176 83.32 -111.22 -6.22
N LYS H 177 83.73 -110.14 -6.89
CA LYS H 177 83.64 -108.79 -6.37
C LYS H 177 82.46 -108.08 -7.03
N VAL H 178 81.70 -107.33 -6.25
CA VAL H 178 80.43 -106.78 -6.70
C VAL H 178 80.28 -105.36 -6.20
N LYS H 179 79.72 -104.50 -7.05
CA LYS H 179 79.30 -103.14 -6.69
C LYS H 179 77.81 -103.04 -6.98
N ALA H 180 77.02 -102.88 -5.93
CA ALA H 180 75.58 -102.75 -6.05
C ALA H 180 75.14 -101.39 -5.53
N ILE H 181 73.86 -101.07 -5.74
CA ILE H 181 73.33 -99.80 -5.31
C ILE H 181 71.88 -99.99 -4.89
N GLY H 182 71.51 -99.35 -3.78
CA GLY H 182 70.16 -99.46 -3.29
C GLY H 182 69.15 -98.84 -4.24
N ARG H 183 67.96 -99.44 -4.29
CA ARG H 183 66.93 -99.02 -5.22
C ARG H 183 65.63 -98.68 -4.50
N GLN H 184 64.93 -99.67 -3.92
CA GLN H 184 63.62 -99.45 -3.33
C GLN H 184 63.59 -99.94 -1.89
N ARG H 185 62.89 -99.20 -1.04
CA ARG H 185 62.62 -99.65 0.32
C ARG H 185 61.51 -100.69 0.30
N PHE H 186 61.47 -101.52 1.33
CA PHE H 186 60.46 -102.56 1.35
C PHE H 186 60.21 -103.05 2.77
N LYS H 187 58.98 -103.51 2.98
CA LYS H 187 58.54 -104.14 4.23
C LYS H 187 58.66 -105.66 4.09
N VAL H 188 59.15 -106.31 5.15
CA VAL H 188 59.43 -107.74 5.12
C VAL H 188 58.15 -108.48 5.48
N LEU H 189 57.59 -109.19 4.52
CA LEU H 189 56.41 -109.99 4.78
C LEU H 189 56.75 -111.39 5.28
N GLU H 190 57.88 -111.94 4.87
CA GLU H 190 58.31 -113.26 5.28
C GLU H 190 59.80 -113.44 4.99
N LEU H 191 60.51 -114.11 5.89
CA LEU H 191 61.90 -114.48 5.69
C LEU H 191 61.97 -116.00 5.63
N ARG H 192 62.22 -116.54 4.44
CA ARG H 192 62.01 -117.95 4.19
C ARG H 192 63.30 -118.58 3.67
N THR H 193 63.97 -119.36 4.52
CA THR H 193 65.27 -119.93 4.18
C THR H 193 65.10 -121.33 3.59
N GLN H 194 65.57 -121.50 2.35
CA GLN H 194 65.47 -122.77 1.66
C GLN H 194 66.42 -123.81 2.27
N SER H 195 66.28 -125.06 1.81
CA SER H 195 67.10 -126.15 2.30
C SER H 195 68.55 -126.04 1.86
N ASP H 196 68.86 -125.14 0.92
CA ASP H 196 70.24 -124.93 0.49
C ASP H 196 71.05 -124.10 1.48
N GLY H 197 70.39 -123.44 2.43
CA GLY H 197 71.04 -122.50 3.32
C GLY H 197 70.90 -121.06 2.90
N ILE H 198 70.55 -120.80 1.65
CA ILE H 198 70.33 -119.45 1.15
C ILE H 198 68.85 -119.11 1.29
N GLN H 199 68.56 -117.93 1.80
CA GLN H 199 67.18 -117.58 2.12
C GLN H 199 66.64 -116.57 1.13
N GLN H 200 65.32 -116.59 0.97
CA GLN H 200 64.55 -115.63 0.21
C GLN H 200 63.77 -114.74 1.16
N ALA H 201 63.19 -113.68 0.60
CA ALA H 201 62.36 -112.76 1.36
C ALA H 201 61.12 -112.44 0.55
N LYS H 202 59.96 -112.77 1.11
CA LYS H 202 58.68 -112.28 0.62
C LYS H 202 58.53 -110.86 1.12
N VAL H 203 58.39 -109.92 0.19
CA VAL H 203 58.63 -108.51 0.47
C VAL H 203 57.52 -107.69 -0.19
N GLN H 204 57.21 -106.55 0.41
CA GLN H 204 56.25 -105.61 -0.14
C GLN H 204 56.93 -104.27 -0.37
N ILE H 205 57.03 -103.87 -1.63
CA ILE H 205 57.69 -102.62 -1.97
C ILE H 205 56.92 -101.46 -1.36
N LEU H 206 57.65 -100.60 -0.66
CA LEU H 206 57.05 -99.39 -0.08
C LEU H 206 57.12 -98.25 -1.08
N PRO H 207 56.04 -97.50 -1.26
CA PRO H 207 56.06 -96.42 -2.24
C PRO H 207 56.68 -95.15 -1.67
N GLU H 208 57.16 -94.31 -2.57
CA GLU H 208 57.75 -93.03 -2.21
C GLU H 208 56.65 -91.98 -2.23
N CYS H 209 56.34 -91.42 -1.06
CA CYS H 209 55.27 -90.43 -0.93
C CYS H 209 55.75 -89.09 -1.48
N VAL H 210 55.14 -88.64 -2.57
CA VAL H 210 55.43 -87.32 -3.16
C VAL H 210 54.24 -86.42 -2.87
N LEU H 211 54.49 -85.34 -2.15
CA LEU H 211 53.44 -84.39 -1.81
C LEU H 211 53.61 -83.11 -2.61
N PRO H 212 52.52 -82.48 -3.01
CA PRO H 212 52.61 -81.16 -3.65
C PRO H 212 52.96 -80.09 -2.63
N SER H 213 53.20 -78.88 -3.12
CA SER H 213 53.47 -77.76 -2.25
C SER H 213 52.35 -77.61 -1.22
N THR H 214 52.72 -77.21 -0.01
CA THR H 214 51.70 -76.99 1.00
C THR H 214 50.75 -75.86 0.61
N MET H 215 51.18 -74.97 -0.29
CA MET H 215 50.32 -73.89 -0.80
C MET H 215 49.56 -74.28 -2.06
N SER H 216 49.87 -75.43 -2.66
CA SER H 216 49.32 -75.77 -3.97
C SER H 216 47.80 -75.81 -3.97
N ALA H 217 47.19 -76.19 -2.86
CA ALA H 217 45.74 -76.19 -2.79
C ALA H 217 45.19 -74.76 -2.68
N VAL H 218 45.77 -73.97 -1.79
CA VAL H 218 45.24 -72.64 -1.50
C VAL H 218 45.74 -71.56 -2.45
N GLN H 219 46.67 -71.89 -3.35
CA GLN H 219 47.25 -70.86 -4.22
C GLN H 219 46.18 -70.27 -5.13
N LEU H 220 46.13 -68.94 -5.18
CA LEU H 220 45.17 -68.24 -6.03
C LEU H 220 45.58 -68.39 -7.50
N GLU H 221 44.59 -68.48 -8.37
CA GLU H 221 44.87 -68.62 -9.79
C GLU H 221 45.65 -67.43 -10.32
N SER H 222 45.30 -66.22 -9.86
CA SER H 222 46.01 -65.02 -10.32
C SER H 222 47.48 -65.08 -9.94
N LEU H 223 47.78 -65.51 -8.72
CA LEU H 223 49.14 -65.56 -8.23
C LEU H 223 49.90 -66.81 -8.68
N ASN H 224 49.29 -67.65 -9.53
CA ASN H 224 49.97 -68.86 -9.98
C ASN H 224 51.20 -68.53 -10.83
N LYS H 225 51.07 -67.56 -11.73
CA LYS H 225 52.19 -67.19 -12.58
C LYS H 225 53.32 -66.54 -11.81
N CYS H 226 53.05 -66.10 -10.58
CA CYS H 226 54.06 -65.45 -9.76
C CYS H 226 54.84 -66.42 -8.87
N GLN H 227 54.46 -67.70 -8.84
CA GLN H 227 55.09 -68.65 -7.94
C GLN H 227 56.50 -69.03 -8.39
N ILE H 228 56.81 -68.88 -9.67
CA ILE H 228 58.12 -69.26 -10.20
C ILE H 228 59.11 -68.13 -9.92
N PHE H 229 60.31 -68.50 -9.47
CA PHE H 229 61.37 -67.56 -9.13
C PHE H 229 62.35 -67.41 -10.28
N PRO H 230 62.89 -66.21 -10.49
CA PRO H 230 63.85 -65.97 -11.59
C PRO H 230 65.25 -66.50 -11.27
N SER H 231 65.39 -67.82 -11.36
CA SER H 231 66.67 -68.46 -11.18
C SER H 231 67.18 -68.30 -9.75
N LYS H 232 68.25 -69.00 -9.42
CA LYS H 232 68.94 -69.03 -8.15
C LYS H 232 70.19 -68.15 -8.21
N PRO H 233 70.57 -67.54 -7.07
CA PRO H 233 71.79 -66.71 -7.08
C PRO H 233 73.08 -67.53 -7.16
N VAL H 234 73.06 -68.77 -6.67
CA VAL H 234 74.24 -69.66 -6.62
C VAL H 234 75.52 -68.88 -6.42
N SER H 235 75.50 -67.91 -5.50
CA SER H 235 76.70 -67.21 -5.05
C SER H 235 76.74 -67.37 -3.54
N ARG H 236 77.75 -68.10 -3.04
CA ARG H 236 77.81 -68.46 -1.63
C ARG H 236 77.39 -67.33 -0.71
N GLU H 237 77.94 -66.13 -0.92
CA GLU H 237 77.62 -65.01 -0.05
C GLU H 237 76.18 -64.54 -0.23
N ASP H 238 75.71 -64.50 -1.48
CA ASP H 238 74.35 -64.01 -1.75
C ASP H 238 73.30 -64.93 -1.16
N GLN H 239 73.47 -66.25 -1.31
CA GLN H 239 72.49 -67.18 -0.78
C GLN H 239 72.63 -67.36 0.72
N CYS H 240 73.84 -67.27 1.26
CA CYS H 240 74.00 -67.33 2.71
C CYS H 240 73.41 -66.10 3.38
N SER H 241 73.29 -65.00 2.65
CA SER H 241 72.62 -63.82 3.16
C SER H 241 71.11 -64.06 3.20
N TYR H 242 70.50 -63.83 4.37
CA TYR H 242 69.11 -64.21 4.57
C TYR H 242 68.11 -63.27 3.90
N LYS H 243 68.58 -62.27 3.14
CA LYS H 243 67.64 -61.42 2.41
C LYS H 243 66.96 -62.20 1.29
N TRP H 244 67.73 -62.99 0.54
CA TRP H 244 67.13 -63.78 -0.53
C TRP H 244 66.10 -64.75 0.04
N TRP H 245 66.35 -65.29 1.22
CA TRP H 245 65.40 -66.24 1.81
C TRP H 245 64.19 -65.52 2.41
N GLN H 246 64.36 -64.30 2.93
CA GLN H 246 63.20 -63.48 3.24
C GLN H 246 62.32 -63.32 2.01
N LYS H 247 62.93 -63.00 0.87
CA LYS H 247 62.17 -62.83 -0.37
C LYS H 247 61.48 -64.13 -0.78
N TYR H 248 62.22 -65.23 -0.73
CA TYR H 248 61.66 -66.54 -1.08
C TYR H 248 60.44 -66.86 -0.22
N GLN H 249 60.56 -66.67 1.11
CA GLN H 249 59.45 -66.95 2.01
C GLN H 249 58.27 -66.03 1.73
N LYS H 250 58.52 -64.74 1.50
CA LYS H 250 57.44 -63.83 1.20
C LYS H 250 56.72 -64.22 -0.09
N ARG H 251 57.45 -64.76 -1.07
CA ARG H 251 56.83 -65.03 -2.37
C ARG H 251 56.11 -66.37 -2.39
N LYS H 252 56.76 -67.43 -1.92
CA LYS H 252 56.20 -68.76 -2.08
C LYS H 252 55.02 -69.01 -1.16
N PHE H 253 55.06 -68.45 0.05
CA PHE H 253 54.04 -68.68 1.05
C PHE H 253 53.18 -67.44 1.27
N HIS H 254 52.88 -66.71 0.20
CA HIS H 254 52.01 -65.56 0.30
C HIS H 254 50.60 -65.99 0.73
N CYS H 255 50.03 -66.95 0.01
CA CYS H 255 48.67 -67.41 0.28
C CYS H 255 48.54 -68.04 1.66
N ALA H 256 49.62 -68.03 2.44
CA ALA H 256 49.50 -68.37 3.85
C ALA H 256 48.53 -67.45 4.58
N ASN H 257 48.33 -66.23 4.06
CA ASN H 257 47.33 -65.35 4.66
C ASN H 257 45.92 -65.91 4.50
N LEU H 258 45.71 -66.83 3.56
CA LEU H 258 44.41 -67.46 3.37
C LEU H 258 44.13 -68.52 4.43
N THR H 259 45.19 -69.15 4.96
CA THR H 259 45.05 -70.22 5.93
C THR H 259 45.05 -69.64 7.34
N SER H 260 45.15 -70.52 8.35
CA SER H 260 45.16 -70.10 9.75
C SER H 260 46.56 -70.14 10.35
N TRP H 261 47.60 -70.23 9.53
CA TRP H 261 48.97 -70.29 10.00
C TRP H 261 49.82 -69.30 9.22
N PRO H 262 50.95 -68.87 9.80
CA PRO H 262 51.82 -67.91 9.10
C PRO H 262 52.77 -68.59 8.13
N ARG H 263 53.67 -67.79 7.53
CA ARG H 263 54.57 -68.32 6.51
C ARG H 263 55.71 -69.12 7.12
N TRP H 264 56.29 -68.63 8.22
CA TRP H 264 57.43 -69.31 8.82
C TRP H 264 57.10 -70.73 9.25
N LEU H 265 55.81 -71.04 9.46
CA LEU H 265 55.42 -72.42 9.73
C LEU H 265 55.59 -73.28 8.48
N TYR H 266 54.93 -72.88 7.39
CA TYR H 266 55.02 -73.66 6.16
C TYR H 266 56.45 -73.77 5.66
N SER H 267 57.30 -72.78 5.96
CA SER H 267 58.70 -72.87 5.57
C SER H 267 59.38 -74.06 6.23
N LEU H 268 58.92 -74.45 7.42
CA LEU H 268 59.49 -75.62 8.09
C LEU H 268 59.08 -76.92 7.42
N TYR H 269 58.09 -76.91 6.54
CA TYR H 269 57.68 -78.09 5.79
C TYR H 269 57.86 -77.88 4.29
N ASP H 270 58.85 -77.08 3.91
CA ASP H 270 59.11 -76.78 2.51
C ASP H 270 60.36 -77.51 2.05
N ALA H 271 60.23 -78.28 0.97
CA ALA H 271 61.33 -79.14 0.53
C ALA H 271 62.58 -78.33 0.21
N GLU H 272 62.43 -77.21 -0.49
CA GLU H 272 63.58 -76.43 -0.90
C GLU H 272 64.21 -75.70 0.28
N THR H 273 63.39 -75.16 1.18
CA THR H 273 63.93 -74.50 2.36
C THR H 273 64.75 -75.47 3.21
N LEU H 274 64.18 -76.67 3.46
CA LEU H 274 64.90 -77.66 4.24
C LEU H 274 66.16 -78.13 3.52
N MET H 275 66.08 -78.31 2.20
CA MET H 275 67.24 -78.78 1.46
C MET H 275 68.37 -77.77 1.52
N ASP H 276 68.06 -76.47 1.45
CA ASP H 276 69.14 -75.49 1.57
C ASP H 276 69.63 -75.36 3.01
N ARG H 277 68.74 -75.54 4.00
CA ARG H 277 69.21 -75.60 5.38
C ARG H 277 70.17 -76.76 5.58
N ILE H 278 69.97 -77.85 4.84
CA ILE H 278 70.90 -78.97 4.90
C ILE H 278 72.16 -78.65 4.09
N LYS H 279 72.02 -77.89 3.00
CA LYS H 279 73.18 -77.49 2.23
C LYS H 279 74.13 -76.63 3.05
N LYS H 280 73.58 -75.76 3.90
CA LYS H 280 74.41 -74.90 4.72
C LYS H 280 75.21 -75.69 5.76
N GLN H 281 74.73 -76.87 6.14
CA GLN H 281 75.50 -77.77 6.99
C GLN H 281 76.47 -78.63 6.19
N LEU H 282 76.09 -79.04 4.98
CA LEU H 282 76.96 -79.85 4.15
C LEU H 282 78.17 -79.05 3.67
N ARG H 283 77.99 -77.76 3.36
CA ARG H 283 79.13 -76.92 3.01
C ARG H 283 80.12 -76.83 4.16
N GLU H 284 79.63 -76.94 5.40
CA GLU H 284 80.51 -77.01 6.55
C GLU H 284 81.40 -78.23 6.53
N TRP H 285 81.01 -79.29 5.80
CA TRP H 285 81.80 -80.50 5.71
C TRP H 285 82.63 -80.59 4.44
N ASP H 286 82.14 -80.03 3.33
CA ASP H 286 82.82 -80.11 2.05
C ASP H 286 82.74 -78.76 1.35
N GLU H 287 83.74 -78.46 0.54
CA GLU H 287 83.83 -77.19 -0.19
C GLU H 287 83.34 -77.30 -1.63
N ASN H 288 82.72 -78.42 -2.00
CA ASN H 288 82.14 -78.56 -3.33
C ASN H 288 80.76 -77.90 -3.36
N LEU H 289 80.55 -77.06 -4.37
CA LEU H 289 79.31 -76.30 -4.46
C LEU H 289 78.13 -77.23 -4.75
N LYS H 290 76.95 -76.79 -4.32
CA LYS H 290 75.71 -77.50 -4.63
C LYS H 290 75.33 -77.39 -6.10
N ASP H 291 75.97 -76.50 -6.85
CA ASP H 291 75.63 -76.29 -8.25
C ASP H 291 75.64 -77.60 -9.04
N ASP H 292 76.49 -78.54 -8.66
CA ASP H 292 76.62 -79.78 -9.44
C ASP H 292 76.46 -81.00 -8.55
N SER H 293 77.23 -81.05 -7.46
CA SER H 293 77.31 -82.29 -6.67
C SER H 293 75.96 -82.64 -6.04
N LEU H 294 75.23 -81.64 -5.54
CA LEU H 294 74.02 -82.07 -4.83
C LEU H 294 72.85 -82.22 -5.80
N PRO H 295 72.00 -83.21 -5.58
CA PRO H 295 70.84 -83.41 -6.45
C PRO H 295 69.73 -82.41 -6.16
N SER H 296 68.89 -82.22 -7.18
CA SER H 296 67.81 -81.25 -7.09
C SER H 296 66.49 -81.84 -6.65
N ASN H 297 66.33 -83.16 -6.75
CA ASN H 297 65.08 -83.80 -6.35
C ASN H 297 65.08 -84.03 -4.85
N PRO H 298 63.98 -83.69 -4.15
CA PRO H 298 63.98 -83.87 -2.69
C PRO H 298 64.14 -85.31 -2.26
N ILE H 299 63.64 -86.26 -3.05
CA ILE H 299 63.79 -87.67 -2.71
C ILE H 299 65.27 -88.06 -2.76
N ASP H 300 65.91 -87.86 -3.92
CA ASP H 300 67.31 -88.20 -4.06
C ASP H 300 68.17 -87.45 -3.05
N PHE H 301 67.86 -86.17 -2.81
CA PHE H 301 68.65 -85.39 -1.86
C PHE H 301 68.50 -85.92 -0.44
N SER H 302 67.27 -86.26 -0.03
CA SER H 302 67.06 -86.79 1.30
C SER H 302 67.76 -88.14 1.48
N TYR H 303 67.75 -88.98 0.45
CA TYR H 303 68.45 -90.26 0.56
C TYR H 303 69.95 -90.08 0.59
N ARG H 304 70.48 -89.18 -0.26
CA ARG H 304 71.91 -88.91 -0.26
C ARG H 304 72.36 -88.39 1.10
N VAL H 305 71.53 -87.57 1.75
CA VAL H 305 71.88 -87.05 3.07
C VAL H 305 71.79 -88.14 4.13
N ALA H 306 70.74 -88.95 4.08
CA ALA H 306 70.58 -90.03 5.05
C ALA H 306 71.69 -91.06 4.92
N ALA H 307 72.26 -91.20 3.73
CA ALA H 307 73.32 -92.20 3.53
C ALA H 307 74.59 -91.83 4.29
N CYS H 308 74.82 -90.55 4.53
CA CYS H 308 76.07 -90.09 5.12
C CYS H 308 75.88 -89.41 6.46
N LEU H 309 74.87 -89.85 7.23
CA LEU H 309 74.68 -89.34 8.57
C LEU H 309 75.11 -90.40 9.57
N PRO H 310 76.13 -90.15 10.39
CA PRO H 310 76.60 -91.19 11.32
C PRO H 310 75.66 -91.38 12.50
N ILE H 311 74.65 -92.23 12.33
CA ILE H 311 73.73 -92.56 13.42
C ILE H 311 73.77 -94.07 13.63
N ASP H 312 73.25 -94.51 14.78
CA ASP H 312 73.20 -95.91 15.12
C ASP H 312 72.09 -96.62 14.34
N ASP H 313 72.08 -97.94 14.42
CA ASP H 313 71.22 -98.73 13.54
C ASP H 313 69.75 -98.48 13.79
N VAL H 314 69.36 -98.17 15.03
CA VAL H 314 67.94 -97.96 15.31
C VAL H 314 67.47 -96.65 14.70
N LEU H 315 68.28 -95.59 14.82
CA LEU H 315 67.94 -94.32 14.18
C LEU H 315 67.85 -94.47 12.67
N ARG H 316 68.81 -95.19 12.08
CA ARG H 316 68.76 -95.38 10.63
C ARG H 316 67.57 -96.21 10.21
N ILE H 317 67.13 -97.16 11.04
CA ILE H 317 65.94 -97.92 10.72
C ILE H 317 64.70 -97.01 10.76
N GLN H 318 64.58 -96.20 11.81
CA GLN H 318 63.47 -95.26 11.88
C GLN H 318 63.50 -94.29 10.71
N LEU H 319 64.70 -93.91 10.27
CA LEU H 319 64.83 -93.04 9.12
C LEU H 319 64.40 -93.75 7.84
N LEU H 320 64.76 -95.03 7.71
CA LEU H 320 64.35 -95.82 6.56
C LEU H 320 62.84 -96.02 6.52
N LYS H 321 62.19 -95.98 7.68
CA LYS H 321 60.74 -96.13 7.71
C LYS H 321 60.02 -94.92 7.13
N ILE H 322 60.69 -93.77 7.07
CA ILE H 322 60.05 -92.55 6.61
C ILE H 322 59.78 -92.65 5.11
N GLY H 323 58.55 -92.31 4.71
CA GLY H 323 58.16 -92.43 3.32
C GLY H 323 58.03 -91.10 2.60
N SER H 324 57.95 -90.01 3.36
CA SER H 324 57.84 -88.66 2.81
C SER H 324 59.20 -87.98 2.80
N ALA H 325 59.59 -87.42 1.66
CA ALA H 325 60.87 -86.72 1.59
C ALA H 325 60.89 -85.53 2.53
N ILE H 326 59.74 -84.88 2.75
CA ILE H 326 59.68 -83.74 3.66
C ILE H 326 60.05 -84.17 5.07
N GLN H 327 59.41 -85.23 5.56
CA GLN H 327 59.70 -85.71 6.90
C GLN H 327 61.14 -86.20 7.01
N ARG H 328 61.64 -86.88 5.99
CA ARG H 328 63.02 -87.37 6.03
C ARG H 328 64.01 -86.23 6.10
N LEU H 329 63.82 -85.18 5.29
CA LEU H 329 64.66 -84.00 5.37
C LEU H 329 64.57 -83.35 6.75
N ARG H 330 63.37 -83.27 7.31
CA ARG H 330 63.21 -82.64 8.62
C ARG H 330 63.92 -83.44 9.70
N CYS H 331 63.78 -84.76 9.68
CA CYS H 331 64.48 -85.61 10.63
C CYS H 331 65.99 -85.49 10.46
N GLU H 332 66.47 -85.36 9.22
CA GLU H 332 67.90 -85.22 9.00
C GLU H 332 68.42 -83.91 9.55
N LEU H 333 67.69 -82.81 9.33
CA LEU H 333 68.08 -81.54 9.92
C LEU H 333 68.10 -81.63 11.44
N ASP H 334 67.05 -82.20 12.03
CA ASP H 334 66.99 -82.29 13.47
C ASP H 334 68.14 -83.13 14.02
N ILE H 335 68.49 -84.21 13.34
CA ILE H 335 69.62 -85.03 13.78
C ILE H 335 70.92 -84.24 13.68
N MET H 336 71.11 -83.51 12.58
CA MET H 336 72.34 -82.75 12.41
C MET H 336 72.45 -81.60 13.39
N ASN H 337 71.32 -81.13 13.93
CA ASN H 337 71.36 -80.05 14.92
C ASN H 337 71.50 -80.57 16.35
N LYS H 338 70.85 -81.68 16.68
CA LYS H 338 70.90 -82.18 18.05
C LYS H 338 72.17 -82.98 18.31
N CYS H 339 72.35 -84.08 17.60
CA CYS H 339 73.51 -84.95 17.81
C CYS H 339 74.80 -84.25 17.40
N THR H 340 75.46 -83.61 18.38
CA THR H 340 76.72 -82.93 18.13
C THR H 340 77.94 -83.75 18.54
N SER H 341 77.76 -84.75 19.39
CA SER H 341 78.84 -85.59 19.85
C SER H 341 78.71 -87.00 19.27
N LEU H 342 79.85 -87.69 19.17
CA LEU H 342 79.89 -89.08 18.72
C LEU H 342 80.74 -89.84 19.72
N CYS H 343 80.10 -90.77 20.42
CA CYS H 343 80.75 -91.53 21.50
C CYS H 343 80.90 -92.99 21.09
N CYS H 344 81.62 -93.73 21.93
CA CYS H 344 81.84 -95.15 21.72
C CYS H 344 80.57 -95.93 22.06
N LYS H 345 80.09 -96.73 21.11
CA LYS H 345 78.83 -97.43 21.32
C LYS H 345 78.91 -98.41 22.49
N GLN H 346 80.06 -99.05 22.67
CA GLN H 346 80.22 -99.98 23.79
C GLN H 346 80.27 -99.24 25.12
N CYS H 347 80.81 -98.02 25.14
CA CYS H 347 80.90 -97.20 26.33
C CYS H 347 79.65 -96.38 26.59
N GLN H 348 79.09 -95.78 25.53
CA GLN H 348 77.92 -94.91 25.63
C GLN H 348 78.26 -93.59 26.32
N GLU H 349 79.40 -93.53 26.99
CA GLU H 349 79.82 -92.34 27.70
C GLU H 349 81.20 -91.82 27.27
N THR H 350 81.99 -92.64 26.58
CA THR H 350 83.32 -92.22 26.13
C THR H 350 83.17 -91.45 24.83
N GLU H 351 83.40 -90.13 24.88
CA GLU H 351 83.28 -89.33 23.68
C GLU H 351 84.46 -89.60 22.74
N ILE H 352 84.15 -89.79 21.46
CA ILE H 352 85.17 -90.05 20.45
C ILE H 352 85.44 -88.82 19.59
N THR H 353 84.38 -88.14 19.13
CA THR H 353 84.56 -86.96 18.29
C THR H 353 83.30 -86.11 18.36
N THR H 354 83.26 -85.07 17.54
CA THR H 354 82.13 -84.15 17.47
C THR H 354 81.86 -83.80 16.01
N LYS H 355 80.66 -83.28 15.76
CA LYS H 355 80.27 -82.94 14.39
C LYS H 355 81.12 -81.82 13.81
N ASN H 356 81.82 -81.05 14.65
CA ASN H 356 82.68 -80.00 14.14
C ASN H 356 83.91 -80.55 13.45
N GLU H 357 84.26 -81.81 13.70
CA GLU H 357 85.41 -82.45 13.07
C GLU H 357 85.06 -83.24 11.83
N ILE H 358 83.77 -83.45 11.55
CA ILE H 358 83.37 -84.21 10.38
C ILE H 358 83.72 -83.43 9.12
N PHE H 359 84.35 -84.12 8.16
CA PHE H 359 84.66 -83.49 6.89
C PHE H 359 84.54 -84.54 5.80
N SER H 360 84.33 -84.07 4.56
CA SER H 360 84.09 -84.93 3.42
C SER H 360 85.40 -85.15 2.67
N LEU H 361 85.87 -86.41 2.66
CA LEU H 361 87.00 -86.79 1.84
C LEU H 361 86.58 -87.48 0.55
N SER H 362 85.27 -87.73 0.38
CA SER H 362 84.74 -88.36 -0.83
C SER H 362 83.55 -87.57 -1.33
N LEU H 363 83.27 -87.73 -2.63
CA LEU H 363 82.14 -87.05 -3.23
C LEU H 363 80.83 -87.44 -2.56
N CYS H 364 80.72 -88.68 -2.10
CA CYS H 364 79.49 -89.15 -1.46
C CYS H 364 79.20 -88.40 -0.17
N GLY H 365 80.21 -87.84 0.47
CA GLY H 365 80.05 -87.15 1.72
C GLY H 365 81.13 -87.53 2.71
N PRO H 366 80.85 -87.34 4.01
CA PRO H 366 81.84 -87.69 5.03
C PRO H 366 81.89 -89.17 5.36
N MET H 367 80.85 -89.93 5.01
CA MET H 367 80.75 -91.34 5.35
C MET H 367 80.37 -92.15 4.13
N ALA H 368 81.08 -93.25 3.92
CA ALA H 368 80.83 -94.13 2.77
C ALA H 368 81.16 -95.56 3.15
N ALA H 369 80.56 -96.51 2.44
CA ALA H 369 80.77 -97.92 2.72
C ALA H 369 81.97 -98.45 1.94
N TYR H 370 82.84 -99.19 2.64
CA TYR H 370 84.00 -99.83 2.02
C TYR H 370 84.06 -101.28 2.47
N VAL H 371 84.74 -102.09 1.68
CA VAL H 371 84.87 -103.52 1.95
C VAL H 371 86.34 -103.83 2.16
N ASN H 372 86.62 -104.65 3.17
CA ASN H 372 88.00 -104.99 3.51
C ASN H 372 88.40 -106.28 2.81
N PRO H 373 89.64 -106.71 2.96
CA PRO H 373 90.11 -107.90 2.21
C PRO H 373 89.27 -109.14 2.44
N HIS H 374 88.58 -109.23 3.57
CA HIS H 374 87.85 -110.43 3.90
C HIS H 374 86.35 -110.30 3.69
N GLY H 375 85.89 -109.24 3.02
CA GLY H 375 84.47 -109.13 2.76
C GLY H 375 83.66 -108.45 3.83
N TYR H 376 84.29 -107.93 4.87
CA TYR H 376 83.58 -107.16 5.89
C TYR H 376 83.36 -105.74 5.39
N VAL H 377 82.14 -105.22 5.59
CA VAL H 377 81.76 -103.91 5.10
C VAL H 377 81.69 -102.94 6.28
N HIS H 378 82.42 -101.83 6.18
CA HIS H 378 82.43 -100.78 7.19
C HIS H 378 81.96 -99.49 6.55
N GLU H 379 81.01 -98.84 7.20
CA GLU H 379 80.62 -97.48 6.83
C GLU H 379 81.55 -96.53 7.56
N THR H 380 82.59 -96.09 6.86
CA THR H 380 83.63 -95.25 7.44
C THR H 380 83.27 -93.78 7.31
N LEU H 381 83.39 -93.05 8.43
CA LEU H 381 83.21 -91.61 8.49
C LEU H 381 84.57 -90.96 8.72
N THR H 382 84.91 -89.99 7.89
CA THR H 382 86.20 -89.31 7.99
C THR H 382 86.06 -88.07 8.87
N VAL H 383 86.95 -87.95 9.86
CA VAL H 383 86.99 -86.80 10.74
C VAL H 383 88.43 -86.32 10.87
N TYR H 384 88.58 -85.06 11.26
CA TYR H 384 89.92 -84.49 11.39
C TYR H 384 90.59 -84.95 12.68
N LYS H 385 89.90 -84.83 13.81
CA LYS H 385 90.48 -85.15 15.10
C LYS H 385 89.58 -86.11 15.85
N ALA H 386 90.20 -86.95 16.68
CA ALA H 386 89.48 -87.89 17.52
C ALA H 386 90.28 -88.13 18.79
N CYS H 387 89.57 -88.44 19.87
CA CYS H 387 90.18 -88.59 21.19
C CYS H 387 89.79 -89.93 21.81
N ASN H 388 90.47 -90.27 22.90
CA ASN H 388 90.19 -91.50 23.65
C ASN H 388 90.41 -92.74 22.79
N LEU H 389 91.46 -92.70 21.97
CA LEU H 389 91.75 -93.78 21.03
C LEU H 389 93.21 -94.22 21.18
N ASN H 390 93.42 -95.53 21.25
CA ASN H 390 94.75 -96.12 21.23
C ASN H 390 95.02 -96.72 19.86
N LEU H 391 96.25 -96.54 19.37
CA LEU H 391 96.66 -97.10 18.09
C LEU H 391 97.34 -98.45 18.33
N ILE H 392 96.87 -99.48 17.62
CA ILE H 392 97.39 -100.84 17.75
C ILE H 392 98.22 -101.16 16.50
N GLY H 393 99.42 -101.72 16.72
CA GLY H 393 100.27 -102.07 15.60
C GLY H 393 100.88 -100.84 14.94
N ARG H 394 101.25 -100.99 13.67
CA ARG H 394 101.81 -99.89 12.92
C ARG H 394 101.05 -99.71 11.62
N PRO H 395 100.87 -98.47 11.17
CA PRO H 395 100.08 -98.22 9.95
C PRO H 395 100.54 -99.07 8.77
N SER H 396 99.64 -99.26 7.81
CA SER H 396 99.95 -100.03 6.61
C SER H 396 99.14 -99.47 5.45
N THR H 397 99.67 -99.63 4.24
CA THR H 397 99.00 -99.20 3.01
C THR H 397 98.32 -100.35 2.28
N GLU H 398 98.31 -101.53 2.87
CA GLU H 398 97.75 -102.71 2.23
C GLU H 398 96.23 -102.62 2.20
N HIS H 399 95.65 -102.54 1.01
CA HIS H 399 94.19 -102.48 0.83
C HIS H 399 93.61 -101.22 1.46
N SER H 400 94.34 -100.12 1.36
CA SER H 400 93.86 -98.86 1.91
C SER H 400 92.70 -98.32 1.08
N TRP H 401 91.62 -97.94 1.76
CA TRP H 401 90.45 -97.42 1.06
C TRP H 401 90.67 -96.01 0.54
N PHE H 402 91.68 -95.31 1.05
CA PHE H 402 92.01 -93.96 0.60
C PHE H 402 93.42 -93.97 0.03
N PRO H 403 93.58 -94.07 -1.29
CA PRO H 403 94.92 -94.21 -1.86
C PRO H 403 95.82 -93.07 -1.43
N GLY H 404 97.02 -93.43 -0.96
CA GLY H 404 97.99 -92.47 -0.50
C GLY H 404 98.10 -92.34 1.00
N TYR H 405 97.22 -92.99 1.75
CA TYR H 405 97.25 -92.93 3.20
C TYR H 405 97.48 -94.33 3.76
N ALA H 406 97.97 -94.37 5.00
CA ALA H 406 98.20 -95.61 5.71
C ALA H 406 97.30 -95.66 6.94
N TRP H 407 96.74 -96.84 7.20
CA TRP H 407 95.74 -97.02 8.25
C TRP H 407 96.35 -97.67 9.48
N THR H 408 95.81 -97.30 10.64
CA THR H 408 96.19 -97.88 11.92
C THR H 408 94.95 -98.22 12.73
N VAL H 409 94.86 -99.47 13.15
CA VAL H 409 93.72 -99.91 13.96
C VAL H 409 93.63 -99.04 15.20
N ALA H 410 92.42 -98.51 15.46
CA ALA H 410 92.18 -97.63 16.59
C ALA H 410 91.14 -98.24 17.51
N GLN H 411 91.47 -98.34 18.79
CA GLN H 411 90.59 -98.91 19.81
C GLN H 411 90.20 -97.85 20.82
N CYS H 412 89.11 -98.11 21.53
CA CYS H 412 88.70 -97.22 22.61
C CYS H 412 89.61 -97.41 23.82
N LYS H 413 89.98 -96.29 24.44
CA LYS H 413 90.90 -96.35 25.58
C LYS H 413 90.31 -97.09 26.77
N ILE H 414 88.99 -97.22 26.84
CA ILE H 414 88.35 -97.81 28.02
C ILE H 414 88.01 -99.26 27.77
N CYS H 415 87.25 -99.53 26.71
CA CYS H 415 86.74 -100.87 26.43
C CYS H 415 87.52 -101.61 25.36
N ALA H 416 88.51 -100.96 24.74
CA ALA H 416 89.36 -101.59 23.74
C ALA H 416 88.57 -102.08 22.53
N SER H 417 87.36 -101.57 22.34
CA SER H 417 86.57 -101.91 21.17
C SER H 417 87.03 -101.10 19.97
N HIS H 418 87.18 -101.80 18.84
CA HIS H 418 87.66 -101.16 17.63
C HIS H 418 86.68 -100.09 17.17
N ILE H 419 87.17 -98.85 17.05
CA ILE H 419 86.33 -97.72 16.66
C ILE H 419 86.59 -97.38 15.19
N GLY H 420 87.80 -97.68 14.72
CA GLY H 420 88.14 -97.41 13.34
C GLY H 420 89.63 -97.46 13.09
N TRP H 421 90.14 -96.48 12.33
CA TRP H 421 91.54 -96.45 11.97
C TRP H 421 92.02 -94.99 11.93
N LYS H 422 93.33 -94.83 11.99
CA LYS H 422 93.96 -93.53 11.80
C LYS H 422 94.74 -93.56 10.49
N PHE H 423 94.38 -92.68 9.57
CA PHE H 423 95.00 -92.61 8.26
C PHE H 423 96.04 -91.50 8.26
N THR H 424 97.28 -91.87 7.93
CA THR H 424 98.40 -90.94 7.88
C THR H 424 98.96 -90.92 6.47
N ALA H 425 99.16 -89.71 5.93
CA ALA H 425 99.65 -89.58 4.57
C ALA H 425 101.02 -90.22 4.40
N THR H 426 101.33 -90.64 3.18
CA THR H 426 102.62 -91.22 2.86
C THR H 426 103.58 -90.23 2.23
N LYS H 427 103.09 -89.13 1.65
CA LYS H 427 103.91 -88.08 1.07
C LYS H 427 103.73 -86.80 1.86
N LYS H 428 104.83 -86.04 2.02
CA LYS H 428 104.78 -84.83 2.82
C LYS H 428 103.88 -83.76 2.19
N ASP H 429 103.71 -83.80 0.87
CA ASP H 429 102.93 -82.79 0.15
C ASP H 429 101.43 -83.01 0.24
N MET H 430 100.97 -84.15 0.77
CA MET H 430 99.54 -84.42 0.86
C MET H 430 98.91 -83.65 1.99
N SER H 431 97.65 -83.25 1.77
CA SER H 431 96.89 -82.52 2.76
C SER H 431 95.46 -83.03 2.66
N PRO H 432 94.83 -83.38 3.79
CA PRO H 432 95.38 -83.31 5.15
C PRO H 432 96.46 -84.36 5.36
N GLN H 433 97.34 -84.15 6.34
CA GLN H 433 98.40 -85.09 6.64
C GLN H 433 97.92 -86.28 7.44
N LYS H 434 96.84 -86.14 8.20
CA LYS H 434 96.31 -87.25 8.99
C LYS H 434 94.85 -86.99 9.32
N PHE H 435 94.09 -88.08 9.41
CA PHE H 435 92.69 -88.00 9.79
C PHE H 435 92.28 -89.36 10.37
N TRP H 436 91.00 -89.48 10.72
CA TRP H 436 90.48 -90.69 11.34
C TRP H 436 89.29 -91.22 10.56
N GLY H 437 89.25 -92.53 10.36
CA GLY H 437 88.10 -93.17 9.76
C GLY H 437 87.40 -94.05 10.77
N LEU H 438 86.21 -93.64 11.20
CA LEU H 438 85.45 -94.33 12.24
C LEU H 438 84.35 -95.17 11.61
N THR H 439 84.25 -96.43 12.00
CA THR H 439 83.19 -97.29 11.50
C THR H 439 81.89 -96.94 12.21
N ARG H 440 80.80 -96.82 11.43
CA ARG H 440 79.53 -96.36 12.00
C ARG H 440 79.00 -97.33 13.04
N SER H 441 79.33 -98.61 12.91
CA SER H 441 78.80 -99.61 13.83
C SER H 441 79.28 -99.40 15.25
N ALA H 442 80.42 -98.73 15.45
CA ALA H 442 81.01 -98.55 16.77
C ALA H 442 80.72 -97.18 17.36
N LEU H 443 79.99 -96.32 16.65
CA LEU H 443 79.72 -94.96 17.09
C LEU H 443 78.28 -94.82 17.55
N LEU H 444 78.06 -93.85 18.43
CA LEU H 444 76.75 -93.58 19.00
C LEU H 444 76.55 -92.07 18.97
N PRO H 445 75.50 -91.58 18.30
CA PRO H 445 75.23 -90.14 18.34
C PRO H 445 74.80 -89.70 19.74
N THR H 446 75.21 -88.51 20.13
CA THR H 446 74.99 -88.03 21.48
C THR H 446 74.77 -86.52 21.47
N ILE H 447 73.86 -86.07 22.32
CA ILE H 447 73.63 -84.64 22.52
C ILE H 447 74.73 -84.12 23.45
N PRO H 448 75.12 -82.86 23.36
CA PRO H 448 76.14 -82.34 24.27
C PRO H 448 75.54 -81.93 25.61
N ASP H 449 76.28 -82.20 26.68
CA ASP H 449 75.86 -81.78 28.01
C ASP H 449 75.79 -80.26 28.07
N THR H 450 74.67 -79.75 28.60
CA THR H 450 74.41 -78.31 28.55
C THR H 450 75.50 -77.54 29.31
N GLU H 451 75.81 -76.34 28.80
CA GLU H 451 76.79 -75.50 29.49
C GLU H 451 76.30 -75.13 30.88
N ASP H 452 75.01 -74.87 31.03
CA ASP H 452 74.39 -74.61 32.31
C ASP H 452 73.69 -75.88 32.78
N GLU H 453 74.19 -76.49 33.86
CA GLU H 453 73.60 -77.73 34.37
C GLU H 453 72.16 -77.54 34.86
N ILE H 454 71.77 -76.31 35.25
CA ILE H 454 70.42 -76.08 35.75
C ILE H 454 69.36 -76.15 34.67
N SER H 455 69.74 -75.99 33.39
CA SER H 455 68.81 -75.98 32.28
C SER H 455 69.02 -77.20 31.39
N PRO H 456 68.31 -78.31 31.63
CA PRO H 456 68.41 -79.46 30.72
C PRO H 456 67.13 -79.70 29.94
N ASP H 457 66.79 -78.78 29.04
CA ASP H 457 65.56 -78.93 28.27
C ASP H 457 65.55 -80.24 27.50
N LYS H 458 64.35 -80.72 27.19
CA LYS H 458 64.21 -82.00 26.51
C LYS H 458 64.82 -81.95 25.12
N VAL H 459 65.60 -82.98 24.78
CA VAL H 459 66.21 -83.12 23.46
C VAL H 459 65.75 -84.42 22.84
N ILE H 460 64.44 -84.68 22.89
CA ILE H 460 63.90 -85.90 22.30
C ILE H 460 64.05 -85.87 20.79
N LEU H 461 64.03 -87.05 20.19
CA LEU H 461 64.09 -87.15 18.74
C LEU H 461 62.86 -86.47 18.12
N CYS H 462 63.10 -85.53 17.20
CA CYS H 462 62.03 -84.76 16.57
C CYS H 462 62.03 -84.96 15.07
N LEU H 463 60.83 -85.03 14.50
CA LEU H 463 60.67 -85.14 13.05
C LEU H 463 59.41 -84.40 12.62
N MET I 29 4.57 -22.40 77.89
CA MET I 29 5.00 -21.58 76.76
C MET I 29 4.95 -22.39 75.46
N SER I 30 4.54 -21.73 74.38
CA SER I 30 4.32 -22.39 73.10
C SER I 30 5.46 -22.13 72.11
N TYR I 31 5.64 -20.88 71.69
CA TYR I 31 6.68 -20.54 70.72
C TYR I 31 6.37 -21.17 69.36
N ASN I 32 5.62 -20.47 68.52
CA ASN I 32 5.25 -21.01 67.21
C ASN I 32 5.25 -19.90 66.17
N TYR I 33 5.43 -20.30 64.91
CA TYR I 33 5.54 -19.40 63.77
C TYR I 33 4.64 -19.91 62.66
N VAL I 34 3.86 -19.01 62.06
CA VAL I 34 2.90 -19.39 61.02
C VAL I 34 3.07 -18.43 59.85
N VAL I 35 3.08 -18.96 58.64
CA VAL I 35 3.33 -18.18 57.43
C VAL I 35 2.45 -18.66 56.30
N THR I 36 2.09 -17.74 55.41
CA THR I 36 1.24 -18.04 54.27
C THR I 36 2.11 -18.54 53.12
N ALA I 37 1.88 -19.79 52.69
CA ALA I 37 2.56 -20.29 51.52
C ALA I 37 1.81 -19.95 50.24
N GLN I 38 0.47 -20.05 50.27
CA GLN I 38 -0.37 -19.73 49.14
C GLN I 38 -1.48 -18.79 49.61
N LYS I 39 -1.59 -17.63 48.95
CA LYS I 39 -2.62 -16.68 49.32
C LYS I 39 -4.01 -17.23 49.00
N PRO I 40 -5.04 -16.70 49.64
CA PRO I 40 -6.40 -17.17 49.38
C PRO I 40 -6.79 -16.93 47.93
N THR I 41 -7.19 -18.01 47.26
CA THR I 41 -7.51 -17.95 45.84
C THR I 41 -9.01 -17.82 45.57
N ALA I 42 -9.87 -18.09 46.56
CA ALA I 42 -11.30 -18.01 46.34
C ALA I 42 -11.75 -16.55 46.27
N VAL I 43 -12.57 -16.23 45.28
CA VAL I 43 -13.10 -14.89 45.09
C VAL I 43 -14.45 -14.79 45.78
N ASN I 44 -14.55 -13.88 46.75
CA ASN I 44 -15.81 -13.62 47.41
C ASN I 44 -16.41 -12.26 47.07
N GLY I 45 -15.67 -11.39 46.40
CA GLY I 45 -16.21 -10.10 46.01
C GLY I 45 -15.66 -9.63 44.68
N CYS I 46 -16.46 -8.82 43.97
CA CYS I 46 -16.03 -8.25 42.71
C CYS I 46 -16.95 -7.10 42.33
N VAL I 47 -16.36 -5.94 42.02
CA VAL I 47 -17.11 -4.75 41.65
C VAL I 47 -16.34 -3.99 40.58
N THR I 48 -17.06 -3.43 39.62
CA THR I 48 -16.48 -2.61 38.56
C THR I 48 -16.76 -1.14 38.82
N GLY I 49 -15.87 -0.30 38.32
CA GLY I 49 -16.03 1.14 38.48
C GLY I 49 -14.89 1.95 37.91
N HIS I 50 -14.68 3.14 38.46
CA HIS I 50 -13.58 4.02 38.04
C HIS I 50 -12.81 4.37 39.32
N PHE I 51 -11.98 3.44 39.76
CA PHE I 51 -11.29 3.60 41.04
C PHE I 51 -9.92 4.26 40.89
N THR I 52 -9.15 3.88 39.87
CA THR I 52 -7.84 4.50 39.66
C THR I 52 -8.00 5.90 39.09
N SER I 53 -8.56 6.02 37.88
CA SER I 53 -8.81 7.31 37.25
C SER I 53 -10.20 7.30 36.64
N ALA I 54 -10.79 8.49 36.54
CA ALA I 54 -12.15 8.61 36.03
C ALA I 54 -12.27 8.12 34.59
N GLU I 55 -11.15 7.99 33.86
CA GLU I 55 -11.21 7.60 32.45
C GLU I 55 -11.35 6.09 32.31
N ASP I 56 -10.28 5.36 32.60
CA ASP I 56 -10.26 3.92 32.37
C ASP I 56 -11.19 3.18 33.34
N LEU I 57 -11.54 1.96 32.95
CA LEU I 57 -12.45 1.13 33.72
C LEU I 57 -11.67 0.14 34.58
N ASN I 58 -12.09 -0.02 35.83
CA ASN I 58 -11.41 -0.84 36.82
C ASN I 58 -12.30 -1.97 37.29
N LEU I 59 -11.66 -3.10 37.57
CA LEU I 59 -12.29 -4.26 38.18
C LEU I 59 -11.57 -4.56 39.49
N LEU I 60 -12.30 -4.48 40.60
CA LEU I 60 -11.76 -4.80 41.92
C LEU I 60 -12.29 -6.15 42.34
N ILE I 61 -11.37 -7.01 42.80
CA ILE I 61 -11.68 -8.36 43.24
C ILE I 61 -11.26 -8.49 44.70
N ALA I 62 -12.08 -9.18 45.48
CA ALA I 62 -11.85 -9.38 46.91
C ALA I 62 -11.75 -10.87 47.17
N LYS I 63 -10.54 -11.31 47.53
CA LYS I 63 -10.25 -12.70 47.91
C LYS I 63 -9.93 -12.69 49.41
N ASN I 64 -10.99 -12.67 50.22
CA ASN I 64 -10.87 -12.73 51.67
C ASN I 64 -10.10 -11.54 52.23
N THR I 65 -8.79 -11.72 52.44
CA THR I 65 -7.93 -10.68 52.97
C THR I 65 -7.15 -9.94 51.90
N ARG I 66 -7.25 -10.35 50.65
CA ARG I 66 -6.52 -9.73 49.55
C ARG I 66 -7.46 -8.94 48.65
N LEU I 67 -6.95 -7.83 48.12
CA LEU I 67 -7.69 -6.96 47.21
C LEU I 67 -6.88 -6.76 45.94
N GLU I 68 -7.46 -7.14 44.81
CA GLU I 68 -6.82 -7.00 43.51
C GLU I 68 -7.52 -5.93 42.69
N ILE I 69 -6.74 -5.14 41.95
CA ILE I 69 -7.22 -4.01 41.20
C ILE I 69 -6.68 -4.15 39.79
N TYR I 70 -7.56 -4.41 38.83
CA TYR I 70 -7.24 -4.55 37.42
C TYR I 70 -7.86 -3.41 36.62
N VAL I 71 -7.30 -3.18 35.44
CA VAL I 71 -7.85 -2.25 34.46
C VAL I 71 -8.46 -3.07 33.33
N VAL I 72 -9.69 -2.73 32.96
CA VAL I 72 -10.41 -3.45 31.91
C VAL I 72 -9.88 -2.97 30.56
N THR I 73 -9.28 -3.89 29.80
CA THR I 73 -8.77 -3.60 28.47
C THR I 73 -9.57 -4.37 27.43
N ALA I 74 -9.31 -4.05 26.16
CA ALA I 74 -9.99 -4.75 25.07
C ALA I 74 -9.53 -6.20 24.97
N GLU I 75 -8.29 -6.49 25.34
CA GLU I 75 -7.80 -7.86 25.30
C GLU I 75 -8.30 -8.66 26.49
N GLY I 76 -8.11 -8.15 27.70
CA GLY I 76 -8.55 -8.83 28.90
C GLY I 76 -8.44 -7.95 30.14
N LEU I 77 -7.72 -8.43 31.15
CA LEU I 77 -7.53 -7.71 32.40
C LEU I 77 -6.06 -7.39 32.59
N ARG I 78 -5.75 -6.12 32.89
CA ARG I 78 -4.39 -5.69 33.11
C ARG I 78 -4.15 -5.52 34.61
N PRO I 79 -3.33 -6.35 35.25
CA PRO I 79 -3.13 -6.20 36.69
C PRO I 79 -2.46 -4.87 37.03
N VAL I 80 -3.08 -4.12 37.94
CA VAL I 80 -2.61 -2.80 38.34
C VAL I 80 -2.02 -2.81 39.74
N LYS I 81 -2.78 -3.31 40.72
CA LYS I 81 -2.30 -3.24 42.10
C LYS I 81 -2.91 -4.35 42.95
N GLU I 82 -2.10 -4.94 43.83
CA GLU I 82 -2.57 -5.95 44.76
C GLU I 82 -2.16 -5.56 46.17
N VAL I 83 -3.13 -5.52 47.08
CA VAL I 83 -2.87 -5.12 48.47
C VAL I 83 -3.47 -6.17 49.41
N GLY I 84 -3.00 -6.13 50.64
CA GLY I 84 -3.49 -7.01 51.69
C GLY I 84 -4.00 -6.20 52.87
N MET I 85 -5.14 -6.60 53.41
CA MET I 85 -5.77 -5.92 54.53
C MET I 85 -5.69 -6.79 55.78
N TYR I 86 -5.71 -6.14 56.94
CA TYR I 86 -5.70 -6.82 58.23
C TYR I 86 -7.14 -7.10 58.70
N GLY I 87 -7.84 -7.90 57.91
CA GLY I 87 -9.23 -8.23 58.18
C GLY I 87 -9.91 -8.87 57.01
N LYS I 88 -10.94 -9.67 57.28
CA LYS I 88 -11.68 -10.35 56.22
C LYS I 88 -12.66 -9.38 55.58
N ILE I 89 -12.55 -9.20 54.26
CA ILE I 89 -13.35 -8.20 53.56
C ILE I 89 -14.77 -8.75 53.40
N ALA I 90 -15.72 -8.15 54.13
CA ALA I 90 -17.13 -8.52 54.03
C ALA I 90 -17.87 -7.67 53.00
N VAL I 91 -17.72 -6.34 53.08
CA VAL I 91 -18.39 -5.41 52.19
C VAL I 91 -17.35 -4.68 51.36
N MET I 92 -17.65 -4.48 50.09
CA MET I 92 -16.75 -3.76 49.18
C MET I 92 -17.59 -3.10 48.10
N GLU I 93 -17.68 -1.77 48.14
CA GLU I 93 -18.49 -1.01 47.20
C GLU I 93 -17.79 0.28 46.83
N LEU I 94 -17.89 0.66 45.57
CA LEU I 94 -17.35 1.90 45.05
C LEU I 94 -18.43 2.98 45.01
N PHE I 95 -18.01 4.23 45.10
CA PHE I 95 -18.95 5.34 45.13
C PHE I 95 -18.19 6.63 44.88
N ARG I 96 -18.80 7.53 44.13
CA ARG I 96 -18.19 8.83 43.85
C ARG I 96 -19.01 9.94 44.51
N PRO I 97 -18.53 10.55 45.58
CA PRO I 97 -19.30 11.61 46.24
C PRO I 97 -19.42 12.84 45.37
N LYS I 98 -20.25 13.77 45.84
CA LYS I 98 -20.40 15.06 45.17
C LYS I 98 -19.09 15.82 45.23
N GLY I 99 -18.55 16.19 44.07
CA GLY I 99 -17.32 16.95 44.00
C GLY I 99 -16.08 16.10 44.22
N GLU I 100 -15.98 14.99 43.48
CA GLU I 100 -14.83 14.11 43.56
C GLU I 100 -14.42 13.72 42.14
N SER I 101 -13.11 13.61 41.93
CA SER I 101 -12.59 13.29 40.60
C SER I 101 -12.94 11.86 40.20
N LYS I 102 -12.50 10.89 40.98
CA LYS I 102 -12.73 9.48 40.70
C LYS I 102 -13.49 8.84 41.87
N ASP I 103 -13.69 7.53 41.79
CA ASP I 103 -14.48 6.82 42.76
C ASP I 103 -13.66 6.44 43.98
N LEU I 104 -14.33 6.44 45.14
CA LEU I 104 -13.76 5.98 46.39
C LEU I 104 -14.26 4.56 46.69
N LEU I 105 -13.51 3.84 47.52
CA LEU I 105 -13.80 2.44 47.81
C LEU I 105 -14.13 2.30 49.29
N PHE I 106 -15.36 1.88 49.58
CA PHE I 106 -15.76 1.58 50.96
C PHE I 106 -15.61 0.09 51.23
N ILE I 107 -14.90 -0.24 52.31
CA ILE I 107 -14.64 -1.62 52.68
C ILE I 107 -14.95 -1.80 54.17
N LEU I 108 -15.74 -2.82 54.47
CA LEU I 108 -16.00 -3.24 55.85
C LEU I 108 -15.43 -4.63 56.06
N THR I 109 -14.84 -4.85 57.24
CA THR I 109 -14.23 -6.14 57.56
C THR I 109 -15.15 -6.97 58.42
N ALA I 110 -14.76 -8.24 58.62
CA ALA I 110 -15.55 -9.12 59.48
C ALA I 110 -15.58 -8.59 60.91
N LYS I 111 -14.46 -8.07 61.40
CA LYS I 111 -14.40 -7.48 62.73
C LYS I 111 -14.97 -6.07 62.77
N TYR I 112 -15.77 -5.70 61.78
CA TYR I 112 -16.50 -4.42 61.78
C TYR I 112 -15.55 -3.23 61.69
N ASN I 113 -14.48 -3.37 60.90
CA ASN I 113 -13.60 -2.25 60.56
C ASN I 113 -14.08 -1.68 59.23
N ALA I 114 -14.69 -0.51 59.27
CA ALA I 114 -15.10 0.19 58.06
C ALA I 114 -14.05 1.23 57.69
N CYS I 115 -13.92 1.47 56.39
CA CYS I 115 -12.97 2.46 55.91
C CYS I 115 -13.32 2.88 54.50
N ILE I 116 -12.95 4.11 54.17
CA ILE I 116 -13.03 4.66 52.82
C ILE I 116 -11.61 4.89 52.34
N LEU I 117 -11.24 4.22 51.25
CA LEU I 117 -9.92 4.26 50.65
C LEU I 117 -9.99 4.97 49.30
N GLU I 118 -8.86 5.52 48.91
CA GLU I 118 -8.71 6.25 47.64
C GLU I 118 -7.45 5.80 46.94
N TYR I 119 -7.50 5.73 45.62
CA TYR I 119 -6.37 5.33 44.81
C TYR I 119 -5.55 6.57 44.46
N LYS I 120 -4.27 6.56 44.83
CA LYS I 120 -3.36 7.65 44.52
C LYS I 120 -2.06 7.09 43.97
N GLN I 121 -1.59 7.65 42.87
CA GLN I 121 -0.36 7.23 42.20
C GLN I 121 0.48 8.45 41.90
N SER I 122 1.77 8.39 42.23
CA SER I 122 2.72 9.47 41.99
C SER I 122 3.86 8.91 41.14
N GLY I 123 3.84 9.22 39.85
CA GLY I 123 4.85 8.74 38.94
C GLY I 123 4.80 7.23 38.76
N GLU I 124 5.53 6.51 39.61
CA GLU I 124 5.54 5.05 39.56
C GLU I 124 5.37 4.44 40.94
N SER I 125 4.83 5.19 41.90
CA SER I 125 4.61 4.72 43.27
C SER I 125 3.11 4.68 43.52
N ILE I 126 2.56 3.47 43.64
CA ILE I 126 1.13 3.27 43.86
C ILE I 126 0.89 3.06 45.34
N ASP I 127 -0.11 3.74 45.88
CA ASP I 127 -0.45 3.64 47.29
C ASP I 127 -1.95 3.79 47.45
N ILE I 128 -2.54 2.94 48.28
CA ILE I 128 -3.97 3.01 48.59
C ILE I 128 -4.06 3.75 49.91
N ILE I 129 -4.22 5.06 49.84
CA ILE I 129 -4.27 5.88 51.05
C ILE I 129 -5.64 5.75 51.69
N THR I 130 -5.68 5.86 53.02
CA THR I 130 -6.91 5.71 53.79
C THR I 130 -7.54 7.08 53.99
N ARG I 131 -8.63 7.35 53.28
CA ARG I 131 -9.31 8.63 53.46
C ARG I 131 -10.05 8.67 54.79
N ALA I 132 -10.65 7.56 55.21
CA ALA I 132 -11.35 7.52 56.49
C ALA I 132 -11.38 6.07 56.99
N HIS I 133 -11.58 5.93 58.30
CA HIS I 133 -11.60 4.60 58.91
C HIS I 133 -12.22 4.67 60.29
N GLY I 134 -12.60 3.51 60.79
CA GLY I 134 -13.11 3.38 62.15
C GLY I 134 -13.82 2.06 62.33
N ASN I 135 -13.97 1.66 63.59
CA ASN I 135 -14.68 0.43 63.91
C ASN I 135 -16.14 0.74 64.22
N VAL I 136 -17.05 0.00 63.61
CA VAL I 136 -18.48 0.25 63.73
C VAL I 136 -19.18 -0.85 64.53
N GLN I 137 -18.46 -1.56 65.39
CA GLN I 137 -19.06 -2.64 66.17
C GLN I 137 -19.85 -2.06 67.34
N ASP I 138 -20.93 -2.76 67.68
CA ASP I 138 -21.83 -2.34 68.76
C ASP I 138 -21.74 -3.36 69.88
N ARG I 139 -21.18 -2.94 71.02
CA ARG I 139 -21.18 -3.82 72.19
C ARG I 139 -22.61 -4.09 72.62
N ILE I 140 -23.01 -5.37 72.55
CA ILE I 140 -24.39 -5.86 72.65
C ILE I 140 -25.09 -5.66 71.31
N GLY I 141 -25.78 -6.70 70.86
CA GLY I 141 -26.40 -6.71 69.55
C GLY I 141 -26.28 -8.08 68.90
N ARG I 142 -27.42 -8.68 68.57
CA ARG I 142 -27.43 -10.02 67.99
C ARG I 142 -27.17 -9.93 66.50
N PRO I 143 -26.07 -10.51 65.99
CA PRO I 143 -25.83 -10.49 64.55
C PRO I 143 -26.99 -11.13 63.79
N SER I 144 -27.30 -10.57 62.63
CA SER I 144 -28.47 -11.01 61.87
C SER I 144 -28.22 -12.38 61.25
N GLU I 145 -29.30 -12.97 60.73
CA GLU I 145 -29.22 -14.30 60.12
C GLU I 145 -28.69 -14.26 58.69
N THR I 146 -28.95 -13.17 57.98
CA THR I 146 -28.45 -13.00 56.62
C THR I 146 -27.07 -12.34 56.58
N GLY I 147 -26.39 -12.21 57.72
CA GLY I 147 -25.06 -11.67 57.74
C GLY I 147 -25.02 -10.15 57.56
N ILE I 148 -23.79 -9.65 57.47
CA ILE I 148 -23.57 -8.22 57.28
C ILE I 148 -24.10 -7.80 55.92
N ILE I 149 -24.82 -6.68 55.89
CA ILE I 149 -25.34 -6.12 54.64
C ILE I 149 -24.96 -4.65 54.56
N GLY I 150 -24.12 -4.30 53.59
CA GLY I 150 -23.66 -2.94 53.43
C GLY I 150 -24.13 -2.38 52.10
N ILE I 151 -24.76 -1.21 52.15
CA ILE I 151 -25.24 -0.52 50.97
C ILE I 151 -24.92 0.97 51.11
N ILE I 152 -24.90 1.66 49.97
CA ILE I 152 -24.58 3.08 49.90
C ILE I 152 -25.66 3.77 49.07
N ASP I 153 -25.99 5.00 49.45
CA ASP I 153 -27.00 5.76 48.73
C ASP I 153 -26.50 6.07 47.31
N PRO I 154 -27.39 6.01 46.31
CA PRO I 154 -26.94 6.31 44.93
C PRO I 154 -26.31 7.68 44.79
N GLU I 155 -26.86 8.68 45.50
CA GLU I 155 -26.30 10.02 45.49
C GLU I 155 -25.35 10.26 46.66
N CYS I 156 -24.86 9.18 47.29
CA CYS I 156 -23.82 9.26 48.31
C CYS I 156 -24.27 10.15 49.48
N ARG I 157 -25.51 9.97 49.91
CA ARG I 157 -26.00 10.68 51.09
C ARG I 157 -25.45 10.04 52.37
N MET I 158 -25.32 8.72 52.40
CA MET I 158 -24.91 8.00 53.59
C MET I 158 -24.54 6.58 53.21
N ILE I 159 -24.03 5.85 54.20
CA ILE I 159 -23.75 4.42 54.09
C ILE I 159 -24.62 3.71 55.11
N GLY I 160 -25.44 2.77 54.63
CA GLY I 160 -26.36 2.05 55.48
C GLY I 160 -25.84 0.64 55.72
N LEU I 161 -25.71 0.29 56.99
CA LEU I 161 -25.20 -0.99 57.43
C LEU I 161 -26.29 -1.71 58.21
N ARG I 162 -26.48 -3.00 57.92
CA ARG I 162 -27.35 -3.89 58.66
C ARG I 162 -26.45 -5.00 59.20
N LEU I 163 -26.08 -4.86 60.48
CA LEU I 163 -25.19 -5.79 61.18
C LEU I 163 -25.91 -6.61 62.23
N TYR I 164 -26.85 -6.01 62.95
CA TYR I 164 -27.58 -6.68 64.00
C TYR I 164 -29.07 -6.55 63.73
N ASP I 165 -29.82 -7.59 64.11
CA ASP I 165 -31.26 -7.58 63.89
C ASP I 165 -31.92 -6.48 64.71
N GLY I 166 -32.85 -5.77 64.08
CA GLY I 166 -33.60 -4.73 64.75
C GLY I 166 -32.94 -3.36 64.80
N LEU I 167 -31.76 -3.21 64.21
CA LEU I 167 -31.06 -1.94 64.20
C LEU I 167 -30.52 -1.68 62.80
N PHE I 168 -30.52 -0.41 62.39
CA PHE I 168 -29.98 -0.02 61.10
C PHE I 168 -28.95 1.09 61.32
N LYS I 169 -27.67 0.75 61.17
CA LYS I 169 -26.62 1.73 61.39
C LYS I 169 -26.45 2.61 60.16
N VAL I 170 -26.21 3.90 60.40
CA VAL I 170 -26.08 4.89 59.35
C VAL I 170 -24.81 5.69 59.60
N ILE I 171 -23.97 5.76 58.57
CA ILE I 171 -22.77 6.59 58.57
C ILE I 171 -23.03 7.74 57.60
N PRO I 172 -23.21 8.97 58.08
CA PRO I 172 -23.45 10.10 57.16
C PRO I 172 -22.19 10.46 56.39
N LEU I 173 -22.34 10.64 55.07
CA LEU I 173 -21.22 10.97 54.19
C LEU I 173 -21.04 12.48 54.19
N ASP I 174 -20.33 12.97 55.20
CA ASP I 174 -19.95 14.37 55.31
C ASP I 174 -18.44 14.48 55.31
N ARG I 175 -17.94 15.59 54.75
CA ARG I 175 -16.50 15.82 54.72
C ARG I 175 -15.91 15.92 56.11
N ASP I 176 -16.73 16.27 57.12
CA ASP I 176 -16.25 16.32 58.50
C ASP I 176 -16.10 14.93 59.10
N ASN I 177 -16.97 13.99 58.72
CA ASN I 177 -16.97 12.66 59.31
C ASN I 177 -15.74 11.86 58.87
N LYS I 178 -14.64 12.00 59.61
CA LYS I 178 -13.42 11.26 59.31
C LYS I 178 -13.31 9.96 60.11
N GLU I 179 -13.78 9.96 61.34
CA GLU I 179 -13.77 8.75 62.17
C GLU I 179 -14.91 7.81 61.84
N LEU I 180 -15.80 8.17 60.92
CA LEU I 180 -16.94 7.34 60.55
C LEU I 180 -17.92 7.18 61.70
N LYS I 181 -18.15 8.27 62.44
CA LYS I 181 -19.15 8.25 63.50
C LYS I 181 -20.52 7.93 62.90
N ALA I 182 -21.17 6.91 63.43
CA ALA I 182 -22.45 6.45 62.92
C ALA I 182 -23.47 6.36 64.04
N PHE I 183 -24.73 6.27 63.65
CA PHE I 183 -25.83 6.17 64.61
C PHE I 183 -26.80 5.09 64.17
N ASN I 184 -27.39 4.42 65.14
CA ASN I 184 -28.35 3.37 64.85
C ASN I 184 -29.77 3.93 64.80
N ILE I 185 -30.61 3.31 63.97
CA ILE I 185 -32.02 3.64 63.86
C ILE I 185 -32.82 2.40 64.25
N ARG I 186 -33.86 2.62 65.05
CA ARG I 186 -34.74 1.52 65.48
C ARG I 186 -35.47 0.93 64.29
N LEU I 187 -35.35 -0.38 64.12
CA LEU I 187 -35.98 -1.10 63.02
C LEU I 187 -36.99 -2.07 63.61
N GLU I 188 -38.27 -1.84 63.34
CA GLU I 188 -39.30 -2.71 63.90
C GLU I 188 -39.29 -4.08 63.24
N GLU I 189 -38.85 -4.18 62.00
CA GLU I 189 -38.76 -5.47 61.32
C GLU I 189 -37.46 -6.14 61.74
N LEU I 190 -37.57 -7.19 62.57
CA LEU I 190 -36.37 -7.86 63.06
C LEU I 190 -35.71 -8.68 61.97
N HIS I 191 -36.50 -9.48 61.24
CA HIS I 191 -35.97 -10.46 60.31
C HIS I 191 -35.96 -9.85 58.90
N VAL I 192 -34.89 -9.11 58.61
CA VAL I 192 -34.68 -8.50 57.30
C VAL I 192 -33.77 -9.40 56.48
N ILE I 193 -34.20 -9.70 55.25
CA ILE I 193 -33.49 -10.65 54.40
C ILE I 193 -32.50 -9.92 53.49
N ASP I 194 -33.01 -8.98 52.68
CA ASP I 194 -32.17 -8.18 51.80
C ASP I 194 -32.68 -6.75 51.79
N VAL I 195 -31.76 -5.81 51.60
CA VAL I 195 -32.09 -4.39 51.63
C VAL I 195 -31.22 -3.66 50.61
N LYS I 196 -31.80 -2.66 49.96
CA LYS I 196 -31.09 -1.86 48.97
C LYS I 196 -31.50 -0.40 49.12
N PHE I 197 -30.70 0.48 48.52
CA PHE I 197 -31.02 1.90 48.39
C PHE I 197 -31.65 2.15 47.03
N LEU I 198 -32.81 2.79 47.02
CA LEU I 198 -33.55 3.01 45.79
C LEU I 198 -33.00 4.20 45.00
N TYR I 199 -33.25 4.18 43.70
CA TYR I 199 -32.84 5.25 42.81
C TYR I 199 -34.00 6.22 42.59
N GLY I 200 -33.65 7.46 42.25
CA GLY I 200 -34.64 8.47 41.92
C GLY I 200 -35.64 8.74 43.03
N CYS I 201 -35.14 9.13 44.20
CA CYS I 201 -36.00 9.48 45.32
C CYS I 201 -35.57 10.83 45.87
N GLN I 202 -36.55 11.62 46.30
CA GLN I 202 -36.24 12.92 46.90
C GLN I 202 -35.34 12.76 48.11
N ALA I 203 -35.74 11.93 49.06
CA ALA I 203 -34.94 11.62 50.23
C ALA I 203 -34.37 10.21 50.13
N PRO I 204 -33.22 9.94 50.73
CA PRO I 204 -32.66 8.58 50.70
C PRO I 204 -33.68 7.55 51.17
N THR I 205 -33.99 6.58 50.32
CA THR I 205 -35.03 5.61 50.60
C THR I 205 -34.45 4.20 50.51
N ILE I 206 -34.73 3.39 51.55
CA ILE I 206 -34.31 2.00 51.58
C ILE I 206 -35.52 1.11 51.32
N CYS I 207 -35.30 0.05 50.54
CA CYS I 207 -36.32 -0.95 50.25
C CYS I 207 -35.78 -2.31 50.62
N PHE I 208 -36.55 -3.06 51.40
CA PHE I 208 -36.05 -4.31 51.97
C PHE I 208 -37.17 -5.33 52.06
N VAL I 209 -36.78 -6.61 51.95
CA VAL I 209 -37.68 -7.73 52.14
C VAL I 209 -37.44 -8.31 53.54
N TYR I 210 -38.52 -8.52 54.28
CA TYR I 210 -38.46 -9.06 55.63
C TYR I 210 -39.51 -10.16 55.77
N GLN I 211 -39.45 -10.87 56.90
CA GLN I 211 -40.36 -11.97 57.15
C GLN I 211 -40.94 -11.83 58.56
N ASP I 212 -42.24 -12.08 58.67
CA ASP I 212 -42.96 -12.13 59.94
C ASP I 212 -43.86 -13.36 59.93
N PRO I 213 -44.62 -13.60 60.99
CA PRO I 213 -45.45 -14.81 61.02
C PRO I 213 -46.42 -14.94 59.85
N GLN I 214 -46.73 -13.81 59.21
CA GLN I 214 -47.67 -13.82 58.09
C GLN I 214 -46.99 -14.01 56.74
N GLY I 215 -45.68 -14.25 56.70
CA GLY I 215 -44.98 -14.41 55.45
C GLY I 215 -43.92 -13.35 55.19
N ARG I 216 -43.49 -13.21 53.95
CA ARG I 216 -42.48 -12.23 53.59
C ARG I 216 -43.13 -11.05 52.87
N HIS I 217 -42.60 -9.86 53.13
CA HIS I 217 -43.13 -8.62 52.57
C HIS I 217 -41.97 -7.68 52.23
N VAL I 218 -42.20 -6.82 51.24
CA VAL I 218 -41.24 -5.78 50.85
C VAL I 218 -41.77 -4.44 51.36
N LYS I 219 -40.89 -3.67 52.00
CA LYS I 219 -41.28 -2.42 52.63
C LYS I 219 -40.19 -1.38 52.39
N THR I 220 -40.59 -0.11 52.45
CA THR I 220 -39.70 1.01 52.19
C THR I 220 -39.74 2.00 53.33
N TYR I 221 -38.59 2.64 53.57
CA TYR I 221 -38.45 3.67 54.58
C TYR I 221 -37.64 4.83 54.01
N GLU I 222 -37.85 6.02 54.56
CA GLU I 222 -37.09 7.21 54.20
C GLU I 222 -36.18 7.58 55.36
N VAL I 223 -34.88 7.53 55.13
CA VAL I 223 -33.89 7.76 56.18
C VAL I 223 -33.64 9.26 56.29
N SER I 224 -34.05 9.86 57.41
CA SER I 224 -33.84 11.27 57.67
C SER I 224 -32.61 11.44 58.55
N LEU I 225 -31.60 12.14 58.01
CA LEU I 225 -30.39 12.42 58.77
C LEU I 225 -30.58 13.56 59.75
N ARG I 226 -31.49 14.49 59.44
CA ARG I 226 -31.79 15.57 60.37
C ARG I 226 -32.50 15.02 61.61
N GLU I 227 -33.64 14.36 61.41
CA GLU I 227 -34.33 13.70 62.50
C GLU I 227 -33.55 12.48 63.01
N LYS I 228 -32.65 11.93 62.21
CA LYS I 228 -31.90 10.73 62.57
C LYS I 228 -32.84 9.56 62.83
N GLU I 229 -33.78 9.34 61.90
CA GLU I 229 -34.81 8.34 62.12
C GLU I 229 -35.41 7.92 60.79
N PHE I 230 -36.44 7.08 60.86
CA PHE I 230 -37.15 6.61 59.68
C PHE I 230 -38.41 7.43 59.46
N ASN I 231 -38.86 7.47 58.21
CA ASN I 231 -40.12 8.10 57.83
C ASN I 231 -40.82 7.19 56.84
N LYS I 232 -42.13 7.39 56.70
CA LYS I 232 -42.93 6.54 55.83
C LYS I 232 -42.33 6.51 54.42
N GLY I 233 -42.24 5.31 53.87
CA GLY I 233 -41.69 5.13 52.54
C GLY I 233 -42.70 5.48 51.46
N PRO I 234 -42.18 5.66 50.25
CA PRO I 234 -43.08 6.01 49.13
C PRO I 234 -44.20 5.01 48.91
N TRP I 235 -43.93 3.72 49.09
CA TRP I 235 -44.96 2.69 48.98
C TRP I 235 -44.64 1.63 50.02
N LYS I 236 -45.41 1.62 51.11
CA LYS I 236 -45.10 0.76 52.24
C LYS I 236 -45.56 -0.67 51.97
N GLN I 237 -45.54 -1.50 53.02
CA GLN I 237 -45.65 -2.95 52.95
C GLN I 237 -46.40 -3.49 51.73
N GLU I 238 -45.76 -4.42 51.03
CA GLU I 238 -46.37 -5.15 49.92
C GLU I 238 -45.97 -6.62 50.05
N ASN I 239 -46.93 -7.51 49.84
CA ASN I 239 -46.69 -8.94 50.04
C ASN I 239 -45.91 -9.53 48.87
N VAL I 240 -44.88 -10.30 49.19
CA VAL I 240 -44.06 -10.97 48.18
C VAL I 240 -44.20 -12.48 48.33
N GLU I 241 -43.47 -13.23 47.52
CA GLU I 241 -43.58 -14.68 47.56
C GLU I 241 -42.91 -15.23 48.82
N ALA I 242 -43.14 -16.53 49.08
CA ALA I 242 -42.64 -17.14 50.29
C ALA I 242 -41.13 -17.20 50.34
N GLU I 243 -40.48 -17.40 49.18
CA GLU I 243 -39.03 -17.55 49.11
C GLU I 243 -38.35 -16.31 48.56
N ALA I 244 -39.00 -15.16 48.65
CA ALA I 244 -38.40 -13.92 48.15
C ALA I 244 -37.08 -13.66 48.87
N SER I 245 -35.97 -13.68 48.12
CA SER I 245 -34.65 -13.65 48.73
C SER I 245 -33.74 -12.53 48.23
N MET I 246 -34.02 -11.91 47.08
CA MET I 246 -33.10 -10.92 46.51
C MET I 246 -33.81 -9.64 46.17
N VAL I 247 -33.15 -8.51 46.41
CA VAL I 247 -33.69 -7.18 46.13
C VAL I 247 -32.68 -6.42 45.27
N ILE I 248 -33.16 -5.81 44.18
CA ILE I 248 -32.30 -5.11 43.23
C ILE I 248 -32.92 -3.74 42.95
N ALA I 249 -32.15 -2.69 43.19
CA ALA I 249 -32.61 -1.34 42.89
C ALA I 249 -32.36 -1.04 41.41
N VAL I 250 -33.39 -0.53 40.74
CA VAL I 250 -33.30 -0.23 39.31
C VAL I 250 -32.94 1.25 39.14
N PRO I 251 -32.04 1.59 38.21
CA PRO I 251 -31.62 3.00 38.07
C PRO I 251 -32.74 3.96 37.72
N GLU I 252 -32.38 5.20 37.42
CA GLU I 252 -33.35 6.28 37.29
C GLU I 252 -34.41 6.02 36.21
N PRO I 253 -34.04 5.65 34.99
CA PRO I 253 -35.07 5.47 33.94
C PRO I 253 -36.29 4.68 34.42
N PHE I 254 -36.07 3.52 35.03
CA PHE I 254 -37.16 2.68 35.50
C PHE I 254 -37.62 3.08 36.90
N GLY I 255 -36.71 2.99 37.87
CA GLY I 255 -37.07 3.20 39.26
C GLY I 255 -37.59 1.94 39.91
N GLY I 256 -38.07 2.11 41.15
CA GLY I 256 -38.62 0.97 41.86
C GLY I 256 -37.56 -0.07 42.17
N ALA I 257 -38.01 -1.33 42.28
CA ALA I 257 -37.11 -2.41 42.66
C ALA I 257 -37.60 -3.72 42.06
N ILE I 258 -36.70 -4.70 42.08
CA ILE I 258 -36.95 -6.04 41.58
C ILE I 258 -36.72 -7.01 42.72
N ILE I 259 -37.74 -7.82 43.04
CA ILE I 259 -37.66 -8.83 44.08
C ILE I 259 -37.65 -10.20 43.41
N ILE I 260 -36.60 -10.97 43.68
CA ILE I 260 -36.41 -12.29 43.11
C ILE I 260 -36.55 -13.33 44.21
N GLY I 261 -37.39 -14.33 43.97
CA GLY I 261 -37.54 -15.44 44.88
C GLY I 261 -37.12 -16.74 44.24
N GLN I 262 -37.77 -17.85 44.62
CA GLN I 262 -37.43 -19.15 44.06
C GLN I 262 -38.15 -19.41 42.74
N GLU I 263 -39.45 -19.10 42.67
CA GLU I 263 -40.25 -19.40 41.49
C GLU I 263 -40.54 -18.19 40.61
N SER I 264 -40.55 -16.99 41.18
CA SER I 264 -41.02 -15.81 40.46
C SER I 264 -40.03 -14.66 40.58
N ILE I 265 -40.13 -13.74 39.62
CA ILE I 265 -39.43 -12.47 39.64
C ILE I 265 -40.46 -11.37 39.49
N THR I 266 -40.45 -10.41 40.42
CA THR I 266 -41.42 -9.33 40.44
C THR I 266 -40.71 -7.99 40.40
N TYR I 267 -41.40 -7.00 39.83
CA TYR I 267 -40.96 -5.61 39.83
C TYR I 267 -42.04 -4.76 40.47
N HIS I 268 -41.63 -3.92 41.43
CA HIS I 268 -42.55 -3.04 42.14
C HIS I 268 -42.10 -1.60 41.99
N ASN I 269 -43.04 -0.71 41.70
CA ASN I 269 -42.73 0.71 41.57
C ASN I 269 -44.02 1.49 41.90
N GLY I 270 -44.08 2.05 43.09
CA GLY I 270 -45.23 2.82 43.52
C GLY I 270 -46.54 2.10 43.36
N ASP I 271 -47.23 2.35 42.24
CA ASP I 271 -48.53 1.74 42.00
C ASP I 271 -48.45 0.47 41.17
N LYS I 272 -47.47 0.36 40.27
CA LYS I 272 -47.39 -0.79 39.39
C LYS I 272 -46.63 -1.93 40.06
N TYR I 273 -47.10 -3.15 39.83
CA TYR I 273 -46.55 -4.35 40.46
C TYR I 273 -46.69 -5.49 39.45
N LEU I 274 -45.63 -5.70 38.67
CA LEU I 274 -45.62 -6.72 37.64
C LEU I 274 -44.89 -7.95 38.15
N ALA I 275 -45.32 -9.13 37.70
CA ALA I 275 -44.74 -10.36 38.21
C ALA I 275 -44.76 -11.43 37.12
N ILE I 276 -43.66 -12.18 37.02
CA ILE I 276 -43.57 -13.29 36.08
C ILE I 276 -42.99 -14.50 36.79
N ALA I 277 -43.45 -15.69 36.41
CA ALA I 277 -43.02 -16.96 37.01
C ALA I 277 -42.45 -17.84 35.90
N PRO I 278 -41.25 -17.54 35.42
CA PRO I 278 -40.67 -18.31 34.32
C PRO I 278 -40.23 -19.69 34.80
N PRO I 279 -40.63 -20.75 34.08
CA PRO I 279 -40.20 -22.10 34.47
C PRO I 279 -38.71 -22.34 34.33
N ILE I 280 -38.00 -21.51 33.57
CA ILE I 280 -36.57 -21.73 33.33
C ILE I 280 -35.71 -21.48 34.55
N ILE I 281 -36.27 -20.87 35.60
CA ILE I 281 -35.53 -20.56 36.82
C ILE I 281 -35.98 -21.40 38.00
N LYS I 282 -36.95 -22.30 37.81
CA LYS I 282 -37.50 -23.03 38.94
C LYS I 282 -36.55 -24.11 39.44
N GLN I 283 -35.71 -24.66 38.57
CA GLN I 283 -34.90 -25.82 38.95
C GLN I 283 -33.80 -25.47 39.94
N SER I 284 -33.47 -24.19 40.10
CA SER I 284 -32.43 -23.80 41.04
C SER I 284 -32.66 -22.36 41.47
N THR I 285 -32.07 -22.00 42.61
CA THR I 285 -32.27 -20.68 43.19
C THR I 285 -31.24 -19.70 42.64
N ILE I 286 -31.70 -18.51 42.28
CA ILE I 286 -30.82 -17.43 41.83
C ILE I 286 -30.21 -16.79 43.07
N VAL I 287 -28.88 -16.74 43.13
CA VAL I 287 -28.16 -16.34 44.33
C VAL I 287 -27.25 -15.15 44.11
N CYS I 288 -27.13 -14.65 42.87
CA CYS I 288 -26.29 -13.50 42.61
C CYS I 288 -26.75 -12.81 41.34
N HIS I 289 -26.52 -11.50 41.27
CA HIS I 289 -26.96 -10.68 40.15
C HIS I 289 -25.90 -9.62 39.85
N ASN I 290 -26.11 -8.91 38.75
CA ASN I 290 -25.26 -7.78 38.39
C ASN I 290 -25.91 -7.05 37.23
N ARG I 291 -25.69 -5.73 37.19
CA ARG I 291 -26.33 -4.87 36.20
C ARG I 291 -25.48 -4.79 34.94
N VAL I 292 -26.13 -4.97 33.79
CA VAL I 292 -25.44 -4.89 32.50
C VAL I 292 -25.50 -3.45 32.01
N ASP I 293 -26.68 -3.03 31.56
CA ASP I 293 -26.84 -1.68 31.03
C ASP I 293 -26.97 -0.68 32.17
N PRO I 294 -26.25 0.44 32.12
CA PRO I 294 -26.35 1.42 33.22
C PRO I 294 -27.76 1.97 33.44
N ASN I 295 -28.64 1.87 32.44
CA ASN I 295 -30.01 2.35 32.61
C ASN I 295 -30.92 1.30 33.25
N GLY I 296 -30.45 0.07 33.37
CA GLY I 296 -31.24 -1.00 33.97
C GLY I 296 -32.03 -1.84 33.01
N SER I 297 -31.73 -1.80 31.71
CA SER I 297 -32.49 -2.57 30.74
C SER I 297 -32.15 -4.06 30.78
N ARG I 298 -30.98 -4.42 31.29
CA ARG I 298 -30.58 -5.82 31.33
C ARG I 298 -29.81 -6.10 32.62
N TYR I 299 -29.96 -7.33 33.10
CA TYR I 299 -29.31 -7.81 34.31
C TYR I 299 -28.85 -9.23 34.11
N LEU I 300 -27.78 -9.61 34.80
CA LEU I 300 -27.26 -10.97 34.78
C LEU I 300 -27.63 -11.69 36.08
N LEU I 301 -28.12 -12.92 35.95
CA LEU I 301 -28.53 -13.71 37.10
C LEU I 301 -27.77 -15.02 37.12
N GLY I 302 -27.30 -15.41 38.30
CA GLY I 302 -26.57 -16.67 38.45
C GLY I 302 -27.16 -17.54 39.53
N ASP I 303 -27.40 -18.82 39.23
CA ASP I 303 -28.00 -19.71 40.21
C ASP I 303 -26.91 -20.53 40.91
N MET I 304 -27.35 -21.42 41.82
CA MET I 304 -26.40 -22.19 42.61
C MET I 304 -25.61 -23.16 41.75
N GLU I 305 -26.25 -23.73 40.72
CA GLU I 305 -25.65 -24.79 39.91
C GLU I 305 -24.90 -24.27 38.70
N GLY I 306 -24.52 -22.99 38.70
CA GLY I 306 -23.70 -22.42 37.65
C GLY I 306 -24.44 -21.80 36.49
N ARG I 307 -25.76 -21.96 36.42
CA ARG I 307 -26.53 -21.40 35.32
C ARG I 307 -26.50 -19.88 35.35
N LEU I 308 -26.40 -19.28 34.16
CA LEU I 308 -26.36 -17.84 33.96
C LEU I 308 -27.50 -17.45 33.02
N PHE I 309 -28.39 -16.60 33.51
CA PHE I 309 -29.55 -16.08 32.79
C PHE I 309 -29.41 -14.58 32.56
N MET I 310 -30.18 -14.08 31.60
CA MET I 310 -30.27 -12.66 31.30
C MET I 310 -31.71 -12.20 31.56
N LEU I 311 -31.86 -11.25 32.46
CA LEU I 311 -33.15 -10.66 32.80
C LEU I 311 -33.28 -9.32 32.07
N LEU I 312 -34.26 -9.21 31.18
CA LEU I 312 -34.44 -8.02 30.36
C LEU I 312 -35.66 -7.24 30.82
N LEU I 313 -35.50 -5.91 30.86
CA LEU I 313 -36.58 -4.99 31.21
C LEU I 313 -36.93 -4.19 29.95
N GLU I 314 -38.10 -4.47 29.38
CA GLU I 314 -38.54 -3.75 28.20
C GLU I 314 -39.06 -2.37 28.59
N LYS I 315 -38.79 -1.39 27.73
CA LYS I 315 -39.14 0.00 28.00
C LYS I 315 -40.47 0.37 27.34
N GLU I 316 -40.97 1.54 27.72
CA GLU I 316 -42.22 2.06 27.14
C GLU I 316 -42.17 3.58 27.27
N GLU I 317 -41.93 4.28 26.16
CA GLU I 317 -41.68 5.71 26.21
C GLU I 317 -42.89 6.47 26.75
N GLN I 318 -44.10 6.02 26.41
CA GLN I 318 -45.33 6.72 26.78
C GLN I 318 -45.36 8.14 26.21
N MET I 319 -44.63 8.35 25.10
CA MET I 319 -44.65 9.58 24.33
C MET I 319 -44.02 10.77 25.04
N ASP I 320 -44.64 11.29 26.10
CA ASP I 320 -44.14 12.53 26.70
C ASP I 320 -42.77 12.35 27.37
N GLY I 321 -42.37 11.11 27.66
CA GLY I 321 -41.05 10.85 28.20
C GLY I 321 -41.02 10.34 29.63
N THR I 322 -42.04 9.59 30.03
CA THR I 322 -42.11 9.04 31.39
C THR I 322 -41.41 7.69 31.52
N VAL I 323 -41.14 7.01 30.39
CA VAL I 323 -40.46 5.72 30.35
C VAL I 323 -40.87 4.82 31.52
N THR I 324 -41.85 3.95 31.28
CA THR I 324 -42.31 2.96 32.25
C THR I 324 -41.89 1.57 31.80
N LEU I 325 -41.95 0.63 32.74
CA LEU I 325 -41.64 -0.76 32.44
C LEU I 325 -42.80 -1.40 31.70
N LYS I 326 -42.49 -2.09 30.60
CA LYS I 326 -43.50 -2.78 29.80
C LYS I 326 -43.65 -4.25 30.19
N ASP I 327 -42.54 -4.98 30.25
CA ASP I 327 -42.60 -6.41 30.51
C ASP I 327 -41.26 -6.87 31.07
N LEU I 328 -41.23 -8.14 31.49
CA LEU I 328 -40.04 -8.76 32.05
C LEU I 328 -39.78 -10.08 31.32
N ARG I 329 -38.50 -10.38 31.10
CA ARG I 329 -38.09 -11.57 30.36
C ARG I 329 -36.84 -12.16 30.96
N VAL I 330 -36.78 -13.50 31.00
CA VAL I 330 -35.62 -14.23 31.48
C VAL I 330 -35.20 -15.19 30.38
N GLU I 331 -33.92 -15.15 30.02
CA GLU I 331 -33.39 -15.96 28.94
C GLU I 331 -32.10 -16.63 29.40
N LEU I 332 -32.06 -17.96 29.32
CA LEU I 332 -30.92 -18.72 29.79
C LEU I 332 -29.74 -18.53 28.84
N LEU I 333 -28.72 -17.80 29.30
CA LEU I 333 -27.52 -17.62 28.49
C LEU I 333 -26.70 -18.89 28.42
N GLY I 334 -26.36 -19.46 29.56
CA GLY I 334 -25.57 -20.69 29.51
C GLY I 334 -25.16 -21.18 30.88
N GLU I 335 -24.02 -21.86 30.91
CA GLU I 335 -23.46 -22.42 32.15
C GLU I 335 -22.06 -21.85 32.38
N THR I 336 -21.80 -21.42 33.60
CA THR I 336 -20.47 -20.98 34.01
C THR I 336 -20.05 -21.75 35.26
N SER I 337 -18.95 -21.34 35.88
CA SER I 337 -18.61 -21.88 37.18
C SER I 337 -19.63 -21.43 38.21
N ILE I 338 -19.79 -22.24 39.26
CA ILE I 338 -20.72 -21.90 40.34
C ILE I 338 -20.39 -20.50 40.84
N ALA I 339 -21.19 -19.52 40.43
CA ALA I 339 -20.84 -18.12 40.58
C ALA I 339 -21.22 -17.62 41.97
N GLU I 340 -20.23 -17.19 42.74
CA GLU I 340 -20.50 -16.47 43.98
C GLU I 340 -20.90 -15.02 43.69
N CYS I 341 -20.28 -14.41 42.68
CA CYS I 341 -20.54 -13.02 42.34
C CYS I 341 -20.30 -12.82 40.85
N LEU I 342 -21.08 -11.93 40.25
CA LEU I 342 -20.98 -11.59 38.83
C LEU I 342 -20.75 -10.10 38.67
N THR I 343 -20.11 -9.73 37.56
CA THR I 343 -19.89 -8.33 37.23
C THR I 343 -19.62 -8.22 35.73
N TYR I 344 -20.41 -7.41 35.04
CA TYR I 344 -20.26 -7.21 33.61
C TYR I 344 -19.17 -6.17 33.35
N LEU I 345 -18.16 -6.56 32.58
CA LEU I 345 -17.07 -5.64 32.27
C LEU I 345 -17.46 -4.72 31.12
N ASP I 346 -17.33 -5.20 29.88
CA ASP I 346 -17.75 -4.44 28.72
C ASP I 346 -17.61 -5.26 27.44
N ASN I 347 -18.42 -4.94 26.43
CA ASN I 347 -18.36 -5.63 25.13
C ASN I 347 -18.62 -7.13 25.29
N GLY I 348 -19.67 -7.45 26.03
CA GLY I 348 -20.06 -8.84 26.20
C GLY I 348 -19.11 -9.70 27.02
N VAL I 349 -18.18 -9.09 27.76
CA VAL I 349 -17.25 -9.82 28.62
C VAL I 349 -17.76 -9.76 30.05
N VAL I 350 -17.89 -10.91 30.67
CA VAL I 350 -18.41 -11.03 32.03
C VAL I 350 -17.39 -11.78 32.88
N PHE I 351 -17.10 -11.24 34.06
CA PHE I 351 -16.22 -11.89 35.02
C PHE I 351 -17.06 -12.66 36.02
N VAL I 352 -16.82 -13.95 36.13
CA VAL I 352 -17.50 -14.82 37.09
C VAL I 352 -16.51 -15.12 38.20
N GLY I 353 -16.78 -14.56 39.39
CA GLY I 353 -16.02 -14.92 40.58
C GLY I 353 -16.64 -16.15 41.22
N SER I 354 -15.81 -17.15 41.50
CA SER I 354 -16.29 -18.43 42.01
C SER I 354 -15.61 -18.79 43.32
N ARG I 355 -16.36 -19.41 44.22
CA ARG I 355 -15.84 -19.94 45.47
C ARG I 355 -15.63 -21.45 45.43
N LEU I 356 -16.49 -22.18 44.73
CA LEU I 356 -16.37 -23.63 44.64
C LEU I 356 -15.45 -24.08 43.52
N GLY I 357 -15.20 -23.23 42.52
CA GLY I 357 -14.35 -23.60 41.40
C GLY I 357 -13.49 -22.46 40.89
N ASP I 358 -12.86 -22.66 39.73
CA ASP I 358 -12.00 -21.63 39.16
C ASP I 358 -12.82 -20.40 38.79
N SER I 359 -12.19 -19.23 38.91
CA SER I 359 -12.84 -18.02 38.42
C SER I 359 -12.71 -17.94 36.90
N GLN I 360 -13.60 -17.18 36.29
CA GLN I 360 -13.71 -17.20 34.83
C GLN I 360 -13.85 -15.80 34.26
N LEU I 361 -13.32 -15.63 33.05
CA LEU I 361 -13.70 -14.55 32.15
C LEU I 361 -14.39 -15.20 30.96
N VAL I 362 -15.66 -14.84 30.75
CA VAL I 362 -16.47 -15.47 29.73
C VAL I 362 -17.01 -14.41 28.77
N LYS I 363 -17.29 -14.83 27.55
CA LYS I 363 -17.80 -13.96 26.50
C LYS I 363 -19.24 -14.32 26.18
N LEU I 364 -20.06 -13.29 25.99
CA LEU I 364 -21.46 -13.48 25.61
C LEU I 364 -21.62 -13.15 24.14
N ASN I 365 -22.09 -14.12 23.36
CA ASN I 365 -22.30 -13.96 21.93
C ASN I 365 -23.78 -13.83 21.62
N VAL I 366 -24.07 -13.27 20.45
CA VAL I 366 -25.45 -13.04 20.06
C VAL I 366 -26.06 -14.30 19.46
N ASP I 367 -25.34 -14.93 18.54
CA ASP I 367 -25.87 -16.05 17.77
C ASP I 367 -25.77 -17.39 18.48
N SER I 368 -25.18 -17.43 19.67
CA SER I 368 -25.00 -18.68 20.39
C SER I 368 -24.16 -19.65 19.56
N ASN I 369 -24.19 -20.93 19.92
CA ASN I 369 -23.47 -21.95 19.16
C ASN I 369 -24.38 -23.14 18.86
N GLU I 370 -23.82 -24.20 18.27
CA GLU I 370 -24.63 -25.33 17.86
C GLU I 370 -25.30 -26.00 19.06
N GLN I 371 -24.62 -26.03 20.21
CA GLN I 371 -25.20 -26.61 21.40
C GLN I 371 -26.35 -25.77 21.96
N GLY I 372 -26.39 -24.48 21.62
CA GLY I 372 -27.40 -23.59 22.14
C GLY I 372 -26.93 -22.64 23.22
N SER I 373 -25.66 -22.73 23.63
CA SER I 373 -25.13 -21.86 24.67
C SER I 373 -24.70 -20.52 24.07
N TYR I 374 -24.99 -19.44 24.80
CA TYR I 374 -24.57 -18.11 24.40
C TYR I 374 -23.30 -17.65 25.12
N VAL I 375 -22.78 -18.46 26.04
CA VAL I 375 -21.59 -18.10 26.79
C VAL I 375 -20.41 -18.91 26.27
N VAL I 376 -19.23 -18.28 26.23
CA VAL I 376 -18.02 -18.91 25.74
C VAL I 376 -16.88 -18.54 26.68
N ALA I 377 -16.25 -19.56 27.28
CA ALA I 377 -15.18 -19.32 28.24
C ALA I 377 -13.99 -18.65 27.57
N MET I 378 -13.38 -17.71 28.28
CA MET I 378 -12.20 -16.99 27.80
C MET I 378 -10.98 -17.30 28.64
N GLU I 379 -11.02 -16.97 29.93
CA GLU I 379 -9.89 -17.21 30.83
C GLU I 379 -10.37 -17.98 32.06
N THR I 380 -9.46 -18.79 32.60
CA THR I 380 -9.74 -19.62 33.77
C THR I 380 -8.67 -19.33 34.83
N PHE I 381 -9.01 -18.51 35.82
CA PHE I 381 -8.13 -18.20 36.93
C PHE I 381 -8.20 -19.32 37.95
N THR I 382 -7.05 -19.89 38.28
CA THR I 382 -7.00 -21.05 39.18
C THR I 382 -7.45 -20.66 40.58
N ASN I 383 -8.33 -21.49 41.15
CA ASN I 383 -8.82 -21.32 42.52
C ASN I 383 -8.72 -22.66 43.23
N LEU I 384 -7.79 -22.75 44.20
CA LEU I 384 -7.66 -23.97 44.98
C LEU I 384 -8.94 -24.31 45.73
N GLY I 385 -9.92 -23.41 45.76
CA GLY I 385 -11.22 -23.67 46.31
C GLY I 385 -11.18 -24.27 47.71
N PRO I 386 -12.29 -24.84 48.14
CA PRO I 386 -12.33 -25.47 49.47
C PRO I 386 -11.44 -26.70 49.53
N ILE I 387 -10.29 -26.57 50.18
CA ILE I 387 -9.35 -27.68 50.33
C ILE I 387 -9.87 -28.56 51.46
N VAL I 388 -10.58 -29.64 51.12
CA VAL I 388 -11.16 -30.52 52.13
C VAL I 388 -10.18 -31.57 52.65
N ASP I 389 -9.16 -31.92 51.87
CA ASP I 389 -8.14 -32.86 52.30
C ASP I 389 -6.93 -32.68 51.40
N MET I 390 -5.77 -33.12 51.89
CA MET I 390 -4.54 -32.95 51.14
C MET I 390 -3.47 -33.88 51.70
N CYS I 391 -2.44 -34.09 50.88
CA CYS I 391 -1.31 -34.92 51.26
C CYS I 391 -0.06 -34.41 50.57
N VAL I 392 1.10 -34.84 51.07
CA VAL I 392 2.39 -34.47 50.52
C VAL I 392 3.04 -35.71 49.93
N VAL I 393 3.49 -35.60 48.68
CA VAL I 393 4.09 -36.73 47.97
C VAL I 393 5.32 -36.25 47.22
N ASP I 394 6.34 -37.10 47.17
CA ASP I 394 7.58 -36.71 46.50
C ASP I 394 7.42 -36.75 44.99
N LEU I 395 6.88 -37.84 44.46
CA LEU I 395 6.55 -37.95 43.04
C LEU I 395 7.79 -38.08 42.16
N GLU I 396 8.28 -36.95 41.64
CA GLU I 396 9.30 -36.97 40.60
C GLU I 396 10.72 -36.74 41.12
N ARG I 397 10.93 -35.66 41.88
CA ARG I 397 12.28 -35.28 42.26
C ARG I 397 12.93 -36.28 43.22
N GLN I 398 12.13 -37.05 43.95
CA GLN I 398 12.65 -37.97 44.97
C GLN I 398 13.46 -37.23 46.02
N GLY I 399 13.20 -35.94 46.19
CA GLY I 399 13.89 -35.11 47.15
C GLY I 399 12.97 -34.13 47.87
N GLN I 400 12.46 -33.15 47.15
CA GLN I 400 11.52 -32.20 47.73
C GLN I 400 10.09 -32.65 47.45
N GLY I 401 9.17 -32.20 48.29
CA GLY I 401 7.81 -32.65 48.21
C GLY I 401 6.89 -31.73 47.42
N GLN I 402 5.77 -32.31 46.98
CA GLN I 402 4.70 -31.60 46.30
C GLN I 402 3.40 -31.86 47.02
N LEU I 403 2.43 -30.95 46.85
CA LEU I 403 1.20 -31.00 47.63
C LEU I 403 0.02 -31.34 46.72
N VAL I 404 -0.68 -32.42 47.03
CA VAL I 404 -1.86 -32.84 46.27
C VAL I 404 -3.09 -32.58 47.14
N THR I 405 -4.02 -31.77 46.63
CA THR I 405 -5.19 -31.38 47.41
C THR I 405 -6.47 -31.74 46.66
N CYS I 406 -7.50 -32.07 47.45
CA CYS I 406 -8.86 -32.25 46.93
C CYS I 406 -9.56 -30.88 47.01
N SER I 407 -9.80 -30.26 45.86
CA SER I 407 -10.34 -28.92 45.82
C SER I 407 -11.71 -28.92 45.14
N GLY I 408 -12.43 -27.81 45.33
CA GLY I 408 -13.71 -27.62 44.67
C GLY I 408 -14.81 -28.54 45.14
N ALA I 409 -16.03 -28.30 44.65
CA ALA I 409 -17.19 -29.09 45.02
C ALA I 409 -18.11 -29.23 43.82
N PHE I 410 -18.82 -30.35 43.77
CA PHE I 410 -19.79 -30.61 42.69
C PHE I 410 -19.02 -30.64 41.36
N LYS I 411 -19.56 -30.06 40.29
CA LYS I 411 -18.89 -30.13 39.00
C LYS I 411 -17.55 -29.39 39.01
N GLU I 412 -17.31 -28.55 40.00
CA GLU I 412 -16.03 -27.85 40.12
C GLU I 412 -14.98 -28.66 40.88
N GLY I 413 -15.36 -29.80 41.44
CA GLY I 413 -14.42 -30.59 42.20
C GLY I 413 -13.29 -31.12 41.33
N SER I 414 -12.11 -31.21 41.92
CA SER I 414 -10.90 -31.54 41.18
C SER I 414 -9.79 -31.87 42.17
N LEU I 415 -8.64 -32.27 41.61
CA LEU I 415 -7.40 -32.38 42.36
C LEU I 415 -6.42 -31.33 41.87
N ARG I 416 -5.58 -30.86 42.79
CA ARG I 416 -4.59 -29.84 42.49
C ARG I 416 -3.22 -30.32 42.94
N ILE I 417 -2.26 -30.33 42.03
CA ILE I 417 -0.88 -30.71 42.34
C ILE I 417 -0.07 -29.42 42.35
N ILE I 418 0.19 -28.90 43.55
CA ILE I 418 0.96 -27.69 43.74
C ILE I 418 2.44 -28.05 43.87
N ARG I 419 3.26 -27.40 43.04
CA ARG I 419 4.71 -27.50 43.07
C ARG I 419 5.31 -26.17 43.51
N ASN I 420 6.53 -26.25 44.01
CA ASN I 420 7.21 -25.06 44.51
C ASN I 420 8.32 -24.60 43.58
N ILE I 436 -1.08 -24.03 38.31
CA ILE I 436 -1.05 -25.25 39.10
C ILE I 436 -1.73 -26.40 38.36
N ARG I 437 -1.10 -27.57 38.38
CA ARG I 437 -1.63 -28.72 37.67
C ARG I 437 -3.00 -29.10 38.20
N THR I 438 -4.03 -28.97 37.37
CA THR I 438 -5.40 -29.27 37.73
C THR I 438 -5.84 -30.57 37.07
N VAL I 439 -6.53 -31.41 37.83
CA VAL I 439 -7.13 -32.63 37.33
C VAL I 439 -8.62 -32.58 37.63
N PRO I 440 -9.45 -32.25 36.65
CA PRO I 440 -10.88 -32.10 36.91
C PRO I 440 -11.55 -33.44 37.13
N LEU I 441 -12.44 -33.48 38.14
CA LEU I 441 -13.18 -34.69 38.47
C LEU I 441 -14.67 -34.58 38.18
N TYR I 442 -15.21 -33.37 38.09
CA TYR I 442 -16.63 -33.14 37.85
C TYR I 442 -17.51 -33.76 38.93
N GLU I 443 -16.91 -34.05 40.09
CA GLU I 443 -17.66 -34.50 41.25
C GLU I 443 -16.86 -34.13 42.49
N SER I 444 -17.48 -34.33 43.66
CA SER I 444 -16.93 -33.78 44.89
C SER I 444 -15.87 -34.71 45.50
N PRO I 445 -14.60 -34.29 45.56
CA PRO I 445 -13.59 -35.09 46.27
C PRO I 445 -13.61 -34.78 47.76
N ARG I 446 -13.37 -35.80 48.56
CA ARG I 446 -13.45 -35.69 50.02
C ARG I 446 -12.13 -36.02 50.70
N LYS I 447 -11.57 -37.20 50.47
CA LYS I 447 -10.35 -37.63 51.13
C LYS I 447 -9.36 -38.15 50.09
N ILE I 448 -8.07 -38.05 50.42
CA ILE I 448 -7.01 -38.45 49.50
C ILE I 448 -5.86 -39.08 50.29
N CYS I 449 -5.26 -40.11 49.72
CA CYS I 449 -4.09 -40.76 50.29
C CYS I 449 -3.25 -41.35 49.16
N TYR I 450 -1.95 -41.38 49.37
CA TYR I 450 -0.99 -41.84 48.37
C TYR I 450 -0.46 -43.22 48.72
N GLN I 451 -0.29 -44.06 47.71
CA GLN I 451 0.21 -45.43 47.87
C GLN I 451 1.42 -45.60 46.97
N GLU I 452 2.62 -45.55 47.56
CA GLU I 452 3.84 -45.61 46.76
C GLU I 452 4.06 -46.99 46.16
N VAL I 453 3.61 -48.04 46.85
CA VAL I 453 3.81 -49.39 46.35
C VAL I 453 3.18 -49.57 44.98
N SER I 454 1.97 -49.01 44.79
CA SER I 454 1.25 -49.13 43.53
C SER I 454 1.36 -47.88 42.66
N GLN I 455 2.12 -46.87 43.09
CA GLN I 455 2.37 -45.68 42.28
C GLN I 455 1.06 -45.01 41.87
N CYS I 456 0.19 -44.77 42.84
CA CYS I 456 -1.09 -44.13 42.55
C CYS I 456 -1.70 -43.61 43.84
N PHE I 457 -2.77 -42.83 43.69
CA PHE I 457 -3.52 -42.26 44.80
C PHE I 457 -4.86 -42.96 44.95
N GLY I 458 -5.35 -42.99 46.18
CA GLY I 458 -6.71 -43.41 46.47
C GLY I 458 -7.52 -42.25 47.00
N VAL I 459 -8.65 -41.92 46.36
CA VAL I 459 -9.38 -40.70 46.68
C VAL I 459 -10.85 -41.05 46.88
N LEU I 460 -11.42 -40.62 48.00
CA LEU I 460 -12.86 -40.75 48.18
C LEU I 460 -13.57 -39.60 47.48
N SER I 461 -14.72 -39.91 46.88
CA SER I 461 -15.47 -38.89 46.16
C SER I 461 -16.95 -39.22 46.20
N SER I 462 -17.77 -38.23 45.86
CA SER I 462 -19.22 -38.38 45.85
C SER I 462 -19.80 -37.61 44.67
N ARG I 463 -20.82 -38.20 44.05
CA ARG I 463 -21.50 -37.59 42.92
C ARG I 463 -23.00 -37.59 43.18
N ILE I 464 -23.66 -36.49 42.85
CA ILE I 464 -25.09 -36.37 43.08
C ILE I 464 -25.85 -36.99 41.92
N GLU I 465 -26.87 -37.79 42.25
CA GLU I 465 -27.80 -38.32 41.26
C GLU I 465 -29.22 -38.02 41.74
N VAL I 466 -30.18 -38.16 40.83
CA VAL I 466 -31.57 -37.82 41.10
C VAL I 466 -32.41 -39.08 40.98
N GLN I 467 -33.42 -39.19 41.84
CA GLN I 467 -34.31 -40.35 41.82
C GLN I 467 -35.09 -40.37 40.51
N ASP I 468 -35.11 -41.53 39.87
CA ASP I 468 -35.77 -41.70 38.58
C ASP I 468 -37.15 -42.30 38.78
N THR I 469 -38.05 -42.04 37.82
CA THR I 469 -39.38 -42.62 37.85
C THR I 469 -39.33 -44.14 37.89
N SER I 470 -38.36 -44.76 37.21
CA SER I 470 -38.28 -46.22 37.20
C SER I 470 -38.01 -46.79 38.59
N GLY I 471 -37.35 -46.02 39.45
CA GLY I 471 -37.04 -46.47 40.78
C GLY I 471 -35.58 -46.26 41.15
N GLY I 472 -34.69 -46.44 40.18
CA GLY I 472 -33.27 -46.22 40.37
C GLY I 472 -32.94 -44.74 40.38
N THR I 473 -31.65 -44.45 40.19
CA THR I 473 -31.14 -43.10 40.18
C THR I 473 -30.41 -42.82 38.87
N THR I 474 -30.43 -41.56 38.46
CA THR I 474 -29.80 -41.11 37.22
C THR I 474 -28.79 -40.01 37.52
N ALA I 475 -27.64 -40.07 36.86
CA ALA I 475 -26.59 -39.10 37.08
C ALA I 475 -26.91 -37.79 36.36
N LEU I 476 -26.26 -36.71 36.83
CA LEU I 476 -26.46 -35.40 36.22
C LEU I 476 -25.50 -35.20 35.04
N ARG I 477 -24.24 -35.55 35.22
CA ARG I 477 -23.23 -35.33 34.21
C ARG I 477 -22.19 -36.44 34.34
N PRO I 478 -21.47 -36.75 33.26
CA PRO I 478 -20.42 -37.76 33.34
C PRO I 478 -19.24 -37.27 34.16
N SER I 479 -19.01 -37.91 35.31
CA SER I 479 -17.95 -37.52 36.23
C SER I 479 -16.89 -38.62 36.31
N ALA I 480 -15.93 -38.44 37.21
CA ALA I 480 -14.80 -39.36 37.29
C ALA I 480 -15.24 -40.76 37.68
N SER I 481 -16.16 -40.88 38.64
CA SER I 481 -16.60 -42.20 39.08
C SER I 481 -17.31 -42.96 37.97
N THR I 482 -17.96 -42.24 37.05
CA THR I 482 -18.66 -42.88 35.94
C THR I 482 -17.74 -43.18 34.76
N GLN I 483 -16.76 -42.31 34.50
CA GLN I 483 -15.84 -42.49 33.38
C GLN I 483 -14.53 -43.10 33.85
N ALA I 484 -14.63 -44.31 34.40
CA ALA I 484 -13.48 -45.03 34.93
C ALA I 484 -13.13 -46.20 34.03
N LEU I 485 -11.84 -46.51 33.96
CA LEU I 485 -11.39 -47.67 33.19
C LEU I 485 -11.97 -48.96 33.78
N SER I 486 -11.59 -49.27 35.00
CA SER I 486 -12.14 -50.41 35.73
C SER I 486 -13.21 -49.94 36.70
N SER I 487 -14.22 -50.78 36.91
CA SER I 487 -15.34 -50.44 37.77
C SER I 487 -15.73 -51.64 38.61
N SER I 488 -16.43 -51.36 39.71
CA SER I 488 -16.88 -52.41 40.63
C SER I 488 -17.87 -51.80 41.60
N VAL I 489 -18.70 -52.65 42.18
CA VAL I 489 -19.68 -52.25 43.19
C VAL I 489 -19.55 -53.17 44.39
N SER I 490 -19.84 -52.64 45.56
CA SER I 490 -19.78 -53.43 46.79
C SER I 490 -20.95 -54.40 46.84
N SER I 491 -20.64 -55.69 46.85
CA SER I 491 -21.65 -56.75 46.88
C SER I 491 -21.53 -57.45 48.24
N SER I 492 -22.03 -56.78 49.27
CA SER I 492 -21.92 -57.26 50.64
C SER I 492 -23.27 -57.78 51.13
N LYS I 493 -23.21 -58.51 52.24
CA LYS I 493 -24.39 -59.12 52.84
C LYS I 493 -24.68 -58.64 54.25
N LEU I 494 -23.85 -57.76 54.81
CA LEU I 494 -24.07 -57.29 56.17
C LEU I 494 -25.39 -56.53 56.29
N PHE I 495 -25.59 -55.52 55.45
CA PHE I 495 -26.76 -54.67 55.51
C PHE I 495 -27.80 -55.00 54.44
N SER I 496 -27.46 -55.86 53.48
CA SER I 496 -28.45 -56.28 52.49
C SER I 496 -29.61 -56.99 53.17
N SER I 497 -29.33 -57.76 54.22
CA SER I 497 -30.38 -58.40 55.02
C SER I 497 -30.81 -57.54 56.21
N SER I 498 -29.88 -56.79 56.80
CA SER I 498 -30.19 -55.88 57.90
C SER I 498 -30.36 -54.47 57.33
N THR I 499 -31.57 -54.20 56.84
CA THR I 499 -31.92 -52.91 56.25
C THR I 499 -33.26 -52.44 56.78
N ALA I 500 -33.39 -51.11 56.92
CA ALA I 500 -34.60 -50.49 57.42
C ALA I 500 -35.60 -50.25 56.27
N PRO I 501 -36.89 -50.29 56.56
CA PRO I 501 -37.89 -50.10 55.51
C PRO I 501 -38.15 -48.63 55.22
N HIS I 502 -37.99 -48.24 53.96
CA HIS I 502 -38.19 -46.85 53.55
C HIS I 502 -38.14 -46.79 52.03
N GLU I 503 -38.57 -45.66 51.48
CA GLU I 503 -38.60 -45.44 50.04
C GLU I 503 -38.31 -43.97 49.74
N THR I 504 -37.61 -43.74 48.63
CA THR I 504 -37.25 -42.40 48.19
C THR I 504 -38.18 -41.94 47.08
N SER I 505 -38.64 -40.69 47.19
CA SER I 505 -39.57 -40.15 46.21
C SER I 505 -38.83 -39.67 44.96
N PHE I 506 -39.58 -39.55 43.86
CA PHE I 506 -39.00 -39.10 42.61
C PHE I 506 -38.52 -37.65 42.72
N GLY I 507 -37.39 -37.37 42.07
CA GLY I 507 -36.80 -36.05 42.06
C GLY I 507 -35.82 -35.77 43.18
N GLU I 508 -35.87 -36.54 44.27
CA GLU I 508 -34.97 -36.31 45.39
C GLU I 508 -33.53 -36.63 44.99
N GLU I 509 -32.60 -35.86 45.56
CA GLU I 509 -31.18 -36.03 45.29
C GLU I 509 -30.56 -36.99 46.29
N VAL I 510 -29.64 -37.81 45.80
CA VAL I 510 -28.90 -38.75 46.63
C VAL I 510 -27.46 -38.81 46.11
N GLU I 511 -26.51 -38.79 47.03
CA GLU I 511 -25.10 -38.80 46.65
C GLU I 511 -24.55 -40.22 46.72
N VAL I 512 -23.85 -40.62 45.67
CA VAL I 512 -23.21 -41.92 45.58
C VAL I 512 -21.73 -41.72 45.88
N HIS I 513 -21.21 -42.54 46.79
CA HIS I 513 -19.82 -42.46 47.22
C HIS I 513 -18.99 -43.51 46.50
N ASN I 514 -17.77 -43.13 46.11
CA ASN I 514 -16.87 -44.01 45.37
C ASN I 514 -15.45 -43.82 45.87
N LEU I 515 -14.66 -44.88 45.71
CA LEU I 515 -13.22 -44.86 45.93
C LEU I 515 -12.54 -44.93 44.57
N LEU I 516 -11.81 -43.87 44.22
CA LEU I 516 -11.14 -43.77 42.94
C LEU I 516 -9.66 -44.09 43.12
N ILE I 517 -9.16 -45.02 42.29
CA ILE I 517 -7.74 -45.29 42.19
C ILE I 517 -7.23 -44.56 40.96
N ILE I 518 -6.34 -43.59 41.17
CA ILE I 518 -5.94 -42.63 40.15
C ILE I 518 -4.42 -42.69 39.99
N ASP I 519 -3.96 -42.77 38.75
CA ASP I 519 -2.52 -42.86 38.51
C ASP I 519 -1.80 -41.61 39.01
N GLN I 520 -0.57 -41.81 39.49
CA GLN I 520 0.23 -40.70 40.00
C GLN I 520 0.93 -39.92 38.91
N HIS I 521 1.05 -40.49 37.71
CA HIS I 521 1.69 -39.83 36.59
C HIS I 521 0.66 -39.18 35.66
N THR I 522 -0.22 -40.00 35.07
CA THR I 522 -1.23 -39.50 34.16
C THR I 522 -2.45 -38.92 34.87
N PHE I 523 -2.68 -39.32 36.12
CA PHE I 523 -3.85 -38.86 36.88
C PHE I 523 -5.15 -39.23 36.17
N GLU I 524 -5.18 -40.41 35.57
CA GLU I 524 -6.40 -40.96 34.99
C GLU I 524 -7.05 -41.90 35.98
N VAL I 525 -8.38 -41.92 35.97
CA VAL I 525 -9.14 -42.78 36.87
C VAL I 525 -8.91 -44.23 36.48
N LEU I 526 -7.92 -44.87 37.11
CA LEU I 526 -7.67 -46.28 36.84
C LEU I 526 -8.83 -47.15 37.28
N HIS I 527 -9.38 -46.89 38.47
CA HIS I 527 -10.47 -47.70 39.00
C HIS I 527 -11.44 -46.82 39.77
N ALA I 528 -12.70 -47.27 39.84
CA ALA I 528 -13.74 -46.61 40.62
C ALA I 528 -14.61 -47.68 41.26
N HIS I 529 -14.54 -47.78 42.59
CA HIS I 529 -15.30 -48.76 43.35
C HIS I 529 -16.45 -48.04 44.06
N GLN I 530 -17.68 -48.39 43.71
CA GLN I 530 -18.86 -47.78 44.29
C GLN I 530 -19.27 -48.51 45.55
N PHE I 531 -19.66 -47.76 46.57
CA PHE I 531 -20.03 -48.32 47.85
C PHE I 531 -21.53 -48.65 47.91
N LEU I 532 -21.94 -49.25 49.01
CA LEU I 532 -23.32 -49.70 49.16
C LEU I 532 -24.28 -48.51 49.12
N GLN I 533 -25.55 -48.82 48.88
CA GLN I 533 -26.58 -47.80 48.92
C GLN I 533 -26.77 -47.29 50.34
N ASN I 534 -26.91 -45.98 50.48
CA ASN I 534 -27.04 -45.33 51.78
C ASN I 534 -25.77 -45.42 52.61
N GLU I 535 -24.64 -45.75 51.99
CA GLU I 535 -23.37 -45.85 52.69
C GLU I 535 -22.53 -44.60 52.42
N TYR I 536 -22.04 -43.97 53.49
CA TYR I 536 -21.27 -42.74 53.42
C TYR I 536 -19.85 -43.04 53.87
N ALA I 537 -18.87 -42.79 53.01
CA ALA I 537 -17.47 -43.04 53.34
C ALA I 537 -16.88 -41.82 54.03
N LEU I 538 -16.29 -42.03 55.20
CA LEU I 538 -15.77 -40.96 56.04
C LEU I 538 -14.26 -40.90 56.08
N SER I 539 -13.59 -42.02 56.36
CA SER I 539 -12.15 -42.05 56.57
C SER I 539 -11.48 -42.98 55.57
N LEU I 540 -10.19 -42.74 55.33
CA LEU I 540 -9.43 -43.45 54.31
C LEU I 540 -7.96 -43.42 54.67
N VAL I 541 -7.31 -44.58 54.63
CA VAL I 541 -5.88 -44.70 54.91
C VAL I 541 -5.25 -45.72 53.96
N SER I 542 -3.93 -45.64 53.86
CA SER I 542 -3.15 -46.57 53.05
C SER I 542 -1.90 -46.93 53.81
N CYS I 543 -1.75 -48.19 54.18
CA CYS I 543 -0.67 -48.59 55.08
C CYS I 543 -0.52 -50.12 55.05
N LYS I 544 0.54 -50.60 55.70
CA LYS I 544 0.81 -52.02 55.87
C LYS I 544 0.52 -52.40 57.32
N LEU I 545 -0.21 -53.50 57.50
CA LEU I 545 -0.73 -53.90 58.81
C LEU I 545 -0.12 -55.23 59.22
N GLY I 546 0.52 -55.25 60.39
CA GLY I 546 1.07 -56.48 60.94
C GLY I 546 2.17 -57.09 60.07
N LYS I 547 2.21 -58.42 60.07
CA LYS I 547 3.24 -59.12 59.32
C LYS I 547 2.97 -59.10 57.83
N ASP I 548 1.76 -58.76 57.42
CA ASP I 548 1.39 -58.79 56.02
C ASP I 548 2.23 -57.77 55.26
N PRO I 549 2.96 -58.18 54.22
CA PRO I 549 3.77 -57.21 53.45
C PRO I 549 2.96 -56.40 52.46
N ASN I 550 1.70 -56.75 52.20
CA ASN I 550 0.89 -56.00 51.26
C ASN I 550 0.45 -54.67 51.84
N THR I 551 0.33 -53.68 50.96
CA THR I 551 -0.18 -52.35 51.32
C THR I 551 -1.62 -52.26 50.85
N TYR I 552 -2.54 -51.96 51.76
CA TYR I 552 -3.96 -51.96 51.48
C TYR I 552 -4.53 -50.55 51.53
N PHE I 553 -5.69 -50.39 50.91
CA PHE I 553 -6.51 -49.18 51.03
C PHE I 553 -7.64 -49.50 52.01
N ILE I 554 -7.63 -48.87 53.18
CA ILE I 554 -8.62 -49.11 54.21
C ILE I 554 -9.57 -47.92 54.26
N VAL I 555 -10.87 -48.20 54.21
CA VAL I 555 -11.89 -47.17 54.15
C VAL I 555 -12.90 -47.41 55.29
N GLY I 556 -13.24 -46.34 56.00
CA GLY I 556 -14.28 -46.39 57.01
C GLY I 556 -15.57 -45.78 56.47
N THR I 557 -16.69 -46.40 56.81
CA THR I 557 -17.98 -45.99 56.28
C THR I 557 -18.98 -45.86 57.41
N ALA I 558 -20.21 -45.50 57.03
CA ALA I 558 -21.31 -45.40 57.97
C ALA I 558 -22.62 -45.42 57.19
N MET I 559 -23.58 -46.23 57.65
CA MET I 559 -24.86 -46.33 56.97
C MET I 559 -25.73 -45.18 57.42
N VAL I 560 -26.05 -44.28 56.48
CA VAL I 560 -26.80 -43.06 56.76
C VAL I 560 -28.21 -43.23 56.19
N TYR I 561 -29.19 -43.31 57.07
CA TYR I 561 -30.58 -43.34 56.64
C TYR I 561 -31.30 -42.08 57.10
N PRO I 562 -32.36 -41.66 56.40
CA PRO I 562 -33.02 -40.41 56.75
C PRO I 562 -33.69 -40.44 58.12
N GLU I 563 -34.44 -41.51 58.39
CA GLU I 563 -35.15 -41.59 59.67
C GLU I 563 -34.20 -41.81 60.84
N GLU I 564 -32.99 -42.32 60.60
CA GLU I 564 -32.03 -42.61 61.66
C GLU I 564 -31.13 -41.39 61.87
N ALA I 565 -31.23 -40.79 63.05
CA ALA I 565 -30.43 -39.61 63.39
C ALA I 565 -28.95 -39.95 63.49
N GLU I 566 -28.57 -40.67 64.53
CA GLU I 566 -27.17 -41.02 64.73
C GLU I 566 -26.90 -42.39 64.14
N PRO I 567 -25.82 -42.55 63.39
CA PRO I 567 -25.58 -43.83 62.69
C PRO I 567 -25.33 -44.97 63.66
N LYS I 568 -25.94 -46.11 63.38
CA LYS I 568 -25.77 -47.32 64.18
C LYS I 568 -25.12 -48.45 63.41
N GLN I 569 -24.72 -48.23 62.16
CA GLN I 569 -24.09 -49.26 61.34
C GLN I 569 -22.96 -48.65 60.53
N GLY I 570 -21.91 -49.44 60.31
CA GLY I 570 -20.79 -48.99 59.51
C GLY I 570 -19.89 -50.15 59.17
N ARG I 571 -18.90 -49.88 58.31
CA ARG I 571 -17.97 -50.89 57.87
C ARG I 571 -16.55 -50.34 57.83
N ILE I 572 -15.59 -51.24 58.05
CA ILE I 572 -14.19 -51.00 57.76
C ILE I 572 -13.84 -51.99 56.66
N VAL I 573 -13.51 -51.46 55.48
CA VAL I 573 -13.27 -52.28 54.29
C VAL I 573 -11.80 -52.15 53.92
N VAL I 574 -11.13 -53.29 53.78
CA VAL I 574 -9.72 -53.36 53.40
C VAL I 574 -9.66 -53.88 51.98
N PHE I 575 -9.29 -53.00 51.05
CA PHE I 575 -9.09 -53.30 49.63
C PHE I 575 -7.61 -53.45 49.33
N GLN I 576 -7.31 -54.12 48.22
CA GLN I 576 -5.96 -54.20 47.68
C GLN I 576 -6.03 -53.95 46.18
N TYR I 577 -5.21 -53.01 45.70
CA TYR I 577 -5.14 -52.68 44.28
C TYR I 577 -3.95 -53.41 43.66
N SER I 578 -4.24 -54.27 42.69
CA SER I 578 -3.21 -55.05 42.02
C SER I 578 -3.73 -55.49 40.66
N ASP I 579 -2.85 -55.43 39.66
CA ASP I 579 -3.19 -55.87 38.30
C ASP I 579 -4.31 -55.03 37.72
N GLY I 580 -4.35 -53.75 38.09
CA GLY I 580 -5.34 -52.85 37.55
C GLY I 580 -6.74 -53.02 38.10
N LYS I 581 -6.91 -53.82 39.15
CA LYS I 581 -8.22 -54.06 39.74
C LYS I 581 -8.15 -53.89 41.25
N LEU I 582 -9.28 -53.50 41.83
CA LEU I 582 -9.42 -53.31 43.27
C LEU I 582 -10.29 -54.43 43.81
N GLN I 583 -9.72 -55.26 44.69
CA GLN I 583 -10.42 -56.40 45.27
C GLN I 583 -10.58 -56.21 46.76
N THR I 584 -11.71 -56.67 47.29
CA THR I 584 -12.01 -56.54 48.72
C THR I 584 -11.29 -57.65 49.48
N VAL I 585 -10.30 -57.27 50.29
CA VAL I 585 -9.57 -58.25 51.09
C VAL I 585 -10.34 -58.59 52.36
N ALA I 586 -10.84 -57.57 53.06
CA ALA I 586 -11.50 -57.82 54.33
C ALA I 586 -12.64 -56.83 54.54
N GLU I 587 -13.59 -57.24 55.37
CA GLU I 587 -14.77 -56.45 55.68
C GLU I 587 -15.14 -56.67 57.13
N LYS I 588 -15.21 -55.60 57.91
CA LYS I 588 -15.53 -55.68 59.33
C LYS I 588 -16.70 -54.76 59.63
N GLU I 589 -17.78 -55.31 60.16
CA GLU I 589 -18.94 -54.51 60.51
C GLU I 589 -18.74 -53.88 61.89
N VAL I 590 -19.31 -52.69 62.06
CA VAL I 590 -19.23 -51.96 63.33
C VAL I 590 -20.58 -51.31 63.61
N LYS I 591 -20.87 -51.14 64.91
CA LYS I 591 -22.14 -50.63 65.38
C LYS I 591 -22.22 -49.10 65.32
N GLY I 592 -21.48 -48.46 64.41
CA GLY I 592 -21.51 -47.01 64.37
C GLY I 592 -20.74 -46.49 63.18
N ALA I 593 -20.52 -45.18 63.17
CA ALA I 593 -19.84 -44.51 62.06
C ALA I 593 -18.33 -44.49 62.30
N VAL I 594 -17.58 -44.96 61.32
CA VAL I 594 -16.12 -44.91 61.40
C VAL I 594 -15.66 -43.53 60.97
N TYR I 595 -15.52 -42.63 61.95
CA TYR I 595 -15.21 -41.24 61.61
C TYR I 595 -13.78 -41.11 61.10
N SER I 596 -12.81 -41.63 61.83
CA SER I 596 -11.41 -41.49 61.46
C SER I 596 -10.68 -42.81 61.71
N MET I 597 -9.53 -42.95 61.03
CA MET I 597 -8.65 -44.09 61.20
C MET I 597 -7.20 -43.63 61.00
N VAL I 598 -6.29 -44.27 61.71
CA VAL I 598 -4.88 -43.97 61.61
C VAL I 598 -4.08 -45.25 61.77
N GLU I 599 -2.90 -45.28 61.15
CA GLU I 599 -1.98 -46.40 61.29
C GLU I 599 -1.28 -46.28 62.64
N PHE I 600 -1.43 -47.29 63.48
CA PHE I 600 -0.95 -47.25 64.87
C PHE I 600 -0.03 -48.43 65.13
N ASN I 601 1.26 -48.25 64.85
CA ASN I 601 2.29 -49.24 65.18
C ASN I 601 1.92 -50.62 64.64
N GLY I 602 1.68 -50.66 63.34
CA GLY I 602 1.28 -51.88 62.66
C GLY I 602 -0.11 -52.37 62.97
N LYS I 603 -0.90 -51.61 63.73
CA LYS I 603 -2.28 -51.94 64.05
C LYS I 603 -3.19 -50.85 63.50
N LEU I 604 -4.50 -51.14 63.45
CA LEU I 604 -5.46 -50.20 62.90
C LEU I 604 -6.23 -49.54 64.04
N LEU I 605 -6.07 -48.24 64.20
CA LEU I 605 -6.77 -47.47 65.23
C LEU I 605 -7.94 -46.76 64.56
N ALA I 606 -9.16 -47.14 64.92
CA ALA I 606 -10.37 -46.59 64.34
C ALA I 606 -11.21 -45.92 65.42
N SER I 607 -12.19 -45.13 64.97
CA SER I 607 -13.10 -44.43 65.86
C SER I 607 -14.53 -44.68 65.39
N ILE I 608 -15.32 -45.33 66.24
CA ILE I 608 -16.72 -45.64 65.95
C ILE I 608 -17.55 -44.88 66.99
N ASN I 609 -18.12 -43.74 66.56
CA ASN I 609 -18.89 -42.89 67.46
C ASN I 609 -18.10 -42.49 68.69
N SER I 610 -18.49 -42.98 69.86
CA SER I 610 -17.83 -42.64 71.12
C SER I 610 -16.65 -43.54 71.42
N THR I 611 -16.49 -44.64 70.69
CA THR I 611 -15.46 -45.63 70.98
C THR I 611 -14.23 -45.40 70.12
N VAL I 612 -13.06 -45.50 70.74
CA VAL I 612 -11.79 -45.57 70.04
C VAL I 612 -11.33 -47.02 70.14
N ARG I 613 -11.34 -47.71 69.01
CA ARG I 613 -11.06 -49.13 68.95
C ARG I 613 -9.71 -49.39 68.28
N LEU I 614 -9.06 -50.46 68.69
CA LEU I 614 -7.74 -50.85 68.17
C LEU I 614 -7.82 -52.29 67.70
N TYR I 615 -7.68 -52.47 66.38
CA TYR I 615 -7.74 -53.75 65.70
C TYR I 615 -6.34 -54.23 65.34
N GLU I 616 -6.17 -55.55 65.32
CA GLU I 616 -4.98 -56.20 64.83
C GLU I 616 -5.29 -56.95 63.52
N TRP I 617 -4.29 -57.05 62.67
CA TRP I 617 -4.41 -57.72 61.37
C TRP I 617 -3.93 -59.16 61.53
N THR I 618 -4.88 -60.08 61.69
CA THR I 618 -4.53 -61.48 61.95
C THR I 618 -3.89 -62.11 60.72
N THR I 619 -3.26 -63.27 60.94
CA THR I 619 -2.66 -64.03 59.85
C THR I 619 -3.71 -64.54 58.87
N GLU I 620 -4.97 -64.66 59.30
CA GLU I 620 -6.08 -65.04 58.43
C GLU I 620 -6.57 -63.88 57.57
N LYS I 621 -5.87 -62.75 57.57
CA LYS I 621 -6.26 -61.56 56.82
C LYS I 621 -7.65 -61.09 57.22
N GLU I 622 -7.80 -60.85 58.53
CA GLU I 622 -9.05 -60.34 59.09
C GLU I 622 -8.73 -59.40 60.23
N LEU I 623 -9.61 -58.43 60.46
CA LEU I 623 -9.46 -57.48 61.55
C LEU I 623 -10.01 -58.07 62.84
N ARG I 624 -9.19 -58.05 63.89
CA ARG I 624 -9.55 -58.62 65.18
C ARG I 624 -9.46 -57.54 66.26
N THR I 625 -10.57 -57.32 66.96
CA THR I 625 -10.60 -56.30 68.00
C THR I 625 -9.64 -56.67 69.12
N GLU I 626 -8.75 -55.74 69.45
CA GLU I 626 -7.84 -55.94 70.58
C GLU I 626 -8.08 -54.96 71.72
N CYS I 627 -8.46 -53.71 71.44
CA CYS I 627 -8.64 -52.73 72.51
C CYS I 627 -9.84 -51.85 72.24
N ASN I 628 -10.46 -51.39 73.33
CA ASN I 628 -11.57 -50.45 73.26
C ASN I 628 -11.38 -49.38 74.33
N HIS I 629 -11.74 -48.14 73.99
CA HIS I 629 -11.79 -47.07 74.97
C HIS I 629 -13.02 -46.21 74.71
N TYR I 630 -13.93 -46.14 75.69
CA TYR I 630 -15.16 -45.40 75.56
C TYR I 630 -14.99 -44.01 76.18
N ASN I 631 -15.30 -42.98 75.40
CA ASN I 631 -15.04 -41.60 75.79
C ASN I 631 -16.34 -40.86 76.05
N ASN I 632 -16.22 -39.73 76.73
CA ASN I 632 -17.34 -38.83 76.96
C ASN I 632 -17.67 -37.98 75.74
N ILE I 633 -16.81 -37.97 74.73
CA ILE I 633 -17.00 -37.19 73.51
C ILE I 633 -17.07 -38.14 72.32
N MET I 634 -17.39 -37.56 71.16
CA MET I 634 -17.46 -38.31 69.91
C MET I 634 -16.10 -38.23 69.23
N ALA I 635 -15.46 -39.38 69.03
CA ALA I 635 -14.10 -39.45 68.50
C ALA I 635 -14.03 -39.05 67.03
N LEU I 636 -14.29 -37.79 66.71
CA LEU I 636 -14.23 -37.31 65.34
C LEU I 636 -12.79 -37.22 64.86
N TYR I 637 -12.02 -36.32 65.46
CA TYR I 637 -10.63 -36.12 65.08
C TYR I 637 -9.75 -37.15 65.80
N LEU I 638 -8.98 -37.91 65.02
CA LEU I 638 -8.07 -38.92 65.54
C LEU I 638 -6.69 -38.67 64.97
N LYS I 639 -5.73 -38.33 65.84
CA LYS I 639 -4.33 -38.22 65.44
C LYS I 639 -3.49 -39.08 66.37
N THR I 640 -2.27 -39.40 65.93
CA THR I 640 -1.44 -40.27 66.74
C THR I 640 0.03 -39.92 66.54
N LYS I 641 0.81 -40.13 67.61
CA LYS I 641 2.25 -39.94 67.58
C LYS I 641 2.86 -41.02 68.47
N GLY I 642 3.47 -42.03 67.85
CA GLY I 642 4.04 -43.12 68.61
C GLY I 642 2.99 -43.87 69.40
N ASP I 643 2.98 -43.67 70.72
CA ASP I 643 2.00 -44.30 71.60
C ASP I 643 0.96 -43.33 72.12
N PHE I 644 1.02 -42.06 71.76
CA PHE I 644 0.03 -41.08 72.18
C PHE I 644 -1.07 -40.96 71.13
N ILE I 645 -2.31 -40.84 71.60
CA ILE I 645 -3.47 -40.68 70.74
C ILE I 645 -4.16 -39.38 71.12
N LEU I 646 -4.45 -38.56 70.12
CA LEU I 646 -5.20 -37.32 70.31
C LEU I 646 -6.60 -37.53 69.75
N VAL I 647 -7.60 -37.31 70.60
CA VAL I 647 -9.00 -37.49 70.25
C VAL I 647 -9.72 -36.15 70.41
N GLY I 648 -10.64 -35.87 69.50
CA GLY I 648 -11.39 -34.63 69.57
C GLY I 648 -12.76 -34.76 68.95
N ASP I 649 -13.66 -33.88 69.39
CA ASP I 649 -15.01 -33.79 68.84
C ASP I 649 -15.23 -32.43 68.21
N LEU I 650 -16.46 -32.18 67.76
CA LEU I 650 -16.74 -30.97 67.01
C LEU I 650 -16.76 -29.72 67.89
N MET I 651 -16.82 -29.86 69.20
CA MET I 651 -16.94 -28.73 70.11
C MET I 651 -15.67 -28.50 70.90
N ARG I 652 -14.52 -28.72 70.26
CA ARG I 652 -13.21 -28.38 70.82
C ARG I 652 -12.92 -29.13 72.13
N SER I 653 -13.41 -30.36 72.24
CA SER I 653 -13.17 -31.17 73.43
C SER I 653 -11.94 -32.03 73.18
N VAL I 654 -10.78 -31.54 73.61
CA VAL I 654 -9.51 -32.21 73.37
C VAL I 654 -9.30 -33.28 74.42
N LEU I 655 -8.79 -34.44 73.99
CA LEU I 655 -8.55 -35.58 74.87
C LEU I 655 -7.25 -36.24 74.44
N LEU I 656 -6.43 -36.63 75.42
CA LEU I 656 -5.12 -37.22 75.14
C LEU I 656 -5.02 -38.54 75.87
N LEU I 657 -4.99 -39.64 75.11
CA LEU I 657 -4.87 -41.00 75.60
C LEU I 657 -3.49 -41.56 75.25
N ALA I 658 -3.21 -42.73 75.81
CA ALA I 658 -1.93 -43.40 75.57
C ALA I 658 -2.14 -44.91 75.58
N TYR I 659 -1.50 -45.59 74.64
CA TYR I 659 -1.57 -47.04 74.56
C TYR I 659 -0.52 -47.64 75.48
N LYS I 660 -0.97 -48.44 76.45
CA LYS I 660 -0.06 -49.12 77.38
C LYS I 660 0.29 -50.48 76.80
N PRO I 661 1.50 -50.68 76.26
CA PRO I 661 1.80 -51.97 75.62
C PRO I 661 1.85 -53.14 76.58
N MET I 662 2.45 -52.95 77.76
CA MET I 662 2.59 -54.07 78.70
C MET I 662 1.25 -54.48 79.30
N GLU I 663 0.31 -53.54 79.42
CA GLU I 663 -1.01 -53.86 79.96
C GLU I 663 -1.99 -54.29 78.88
N GLY I 664 -1.87 -53.76 77.68
CA GLY I 664 -2.78 -54.12 76.60
C GLY I 664 -4.11 -53.38 76.64
N ASN I 665 -4.09 -52.09 76.95
CA ASN I 665 -5.31 -51.29 77.00
C ASN I 665 -4.92 -49.83 76.91
N PHE I 666 -5.93 -48.98 76.79
CA PHE I 666 -5.70 -47.56 76.69
C PHE I 666 -5.74 -46.91 78.07
N GLU I 667 -5.04 -45.77 78.19
CA GLU I 667 -5.01 -44.98 79.41
C GLU I 667 -5.17 -43.51 79.05
N GLU I 668 -6.06 -42.81 79.76
CA GLU I 668 -6.27 -41.40 79.53
C GLU I 668 -5.17 -40.60 80.23
N ILE I 669 -4.46 -39.77 79.45
CA ILE I 669 -3.40 -38.94 80.01
C ILE I 669 -3.94 -37.60 80.47
N ALA I 670 -4.68 -36.90 79.61
CA ALA I 670 -5.15 -35.57 79.97
C ALA I 670 -6.33 -35.19 79.09
N ARG I 671 -6.87 -33.99 79.33
CA ARG I 671 -7.99 -33.51 78.56
C ARG I 671 -8.17 -32.02 78.80
N ASP I 672 -8.97 -31.40 77.93
CA ASP I 672 -9.33 -29.99 78.06
C ASP I 672 -10.62 -29.78 77.30
N PHE I 673 -11.67 -29.39 77.99
CA PHE I 673 -12.99 -29.22 77.38
C PHE I 673 -13.40 -27.76 77.48
N ASN I 674 -13.29 -27.05 76.36
CA ASN I 674 -13.79 -25.68 76.26
C ASN I 674 -14.76 -25.61 75.09
N PRO I 675 -16.04 -25.34 75.33
CA PRO I 675 -17.02 -25.38 74.23
C PRO I 675 -16.67 -24.34 73.18
N ASN I 676 -16.40 -24.82 71.96
CA ASN I 676 -16.19 -23.96 70.81
C ASN I 676 -16.05 -24.83 69.57
N TRP I 677 -16.64 -24.39 68.46
CA TRP I 677 -16.61 -25.17 67.24
C TRP I 677 -15.18 -25.38 66.77
N MET I 678 -14.79 -26.64 66.58
CA MET I 678 -13.45 -27.01 66.13
C MET I 678 -13.53 -27.64 64.75
N SER I 679 -12.60 -27.24 63.87
CA SER I 679 -12.57 -27.68 62.49
C SER I 679 -11.48 -28.70 62.22
N ALA I 680 -10.31 -28.56 62.83
CA ALA I 680 -9.23 -29.51 62.61
C ALA I 680 -8.30 -29.50 63.80
N VAL I 681 -7.47 -30.54 63.89
CA VAL I 681 -6.53 -30.70 64.99
C VAL I 681 -5.30 -31.43 64.46
N GLU I 682 -4.20 -31.33 65.20
CA GLU I 682 -2.95 -31.97 64.79
C GLU I 682 -1.99 -31.96 65.97
N ILE I 683 -1.05 -32.91 65.96
CA ILE I 683 -0.07 -33.08 67.02
C ILE I 683 1.24 -32.45 66.55
N LEU I 684 1.61 -31.33 67.16
CA LEU I 684 2.88 -30.68 66.82
C LEU I 684 4.06 -31.54 67.27
N ASP I 685 4.19 -31.75 68.57
CA ASP I 685 5.24 -32.60 69.13
C ASP I 685 4.62 -33.44 70.24
N ASP I 686 5.48 -34.07 71.05
CA ASP I 686 5.01 -34.98 72.09
C ASP I 686 4.16 -34.27 73.13
N ASP I 687 4.36 -32.97 73.30
CA ASP I 687 3.66 -32.21 74.35
C ASP I 687 2.72 -31.14 73.81
N ASN I 688 2.88 -30.70 72.57
CA ASN I 688 2.06 -29.62 72.01
C ASN I 688 1.08 -30.17 70.98
N PHE I 689 -0.11 -29.58 70.95
CA PHE I 689 -1.18 -30.00 70.06
C PHE I 689 -1.83 -28.77 69.45
N LEU I 690 -1.85 -28.70 68.12
CA LEU I 690 -2.39 -27.57 67.37
C LEU I 690 -3.81 -27.87 66.89
N GLY I 691 -4.63 -26.83 66.84
CA GLY I 691 -6.00 -26.98 66.38
C GLY I 691 -6.56 -25.67 65.86
N ALA I 692 -7.68 -25.78 65.16
CA ALA I 692 -8.39 -24.62 64.61
C ALA I 692 -9.80 -24.58 65.15
N GLU I 693 -10.16 -23.49 65.81
CA GLU I 693 -11.49 -23.34 66.40
C GLU I 693 -12.20 -22.11 65.84
N ASN I 694 -13.43 -21.94 66.31
CA ASN I 694 -14.39 -21.06 65.68
C ASN I 694 -13.83 -19.66 65.52
N ALA I 695 -14.39 -18.95 64.54
CA ALA I 695 -14.00 -17.60 64.20
C ALA I 695 -12.62 -17.56 63.53
N PHE I 696 -12.29 -18.63 62.81
CA PHE I 696 -11.05 -18.72 62.06
C PHE I 696 -9.84 -18.50 62.97
N ASN I 697 -9.81 -19.23 64.09
CA ASN I 697 -8.75 -19.08 65.07
C ASN I 697 -7.90 -20.34 65.14
N LEU I 698 -6.62 -20.15 65.44
CA LEU I 698 -5.69 -21.23 65.72
C LEU I 698 -5.34 -21.22 67.20
N PHE I 699 -5.27 -22.40 67.79
CA PHE I 699 -4.92 -22.54 69.19
C PHE I 699 -3.94 -23.69 69.36
N VAL I 700 -3.24 -23.67 70.49
CA VAL I 700 -2.22 -24.65 70.81
C VAL I 700 -2.35 -25.00 72.28
N CYS I 701 -2.62 -26.27 72.58
CA CYS I 701 -2.65 -26.81 73.93
C CYS I 701 -1.35 -27.54 74.23
N GLN I 702 -1.02 -27.63 75.52
CA GLN I 702 0.25 -28.21 75.95
C GLN I 702 0.00 -29.19 77.08
N LYS I 703 0.74 -30.31 77.04
CA LYS I 703 0.64 -31.34 78.06
C LYS I 703 1.67 -31.08 79.15
N ASP I 704 1.19 -30.88 80.38
CA ASP I 704 2.08 -30.68 81.52
C ASP I 704 2.51 -32.04 82.04
N SER I 705 3.80 -32.36 81.89
CA SER I 705 4.34 -33.64 82.32
C SER I 705 5.28 -33.42 83.50
N ALA I 706 5.19 -34.30 84.49
CA ALA I 706 6.05 -34.26 85.67
C ALA I 706 5.71 -33.07 86.57
N ALA I 707 4.42 -32.73 86.65
CA ALA I 707 3.97 -31.68 87.57
C ALA I 707 3.92 -32.25 88.98
N THR I 708 3.17 -31.59 89.86
CA THR I 708 2.97 -32.08 91.22
C THR I 708 1.66 -32.83 91.37
N THR I 709 0.54 -32.14 91.16
CA THR I 709 -0.78 -32.73 91.36
C THR I 709 -1.22 -33.51 90.14
N ASP I 710 -1.84 -34.66 90.37
CA ASP I 710 -2.49 -35.39 89.28
C ASP I 710 -3.55 -34.54 88.61
N GLU I 711 -4.23 -33.68 89.38
CA GLU I 711 -5.26 -32.82 88.83
C GLU I 711 -4.70 -31.94 87.72
N GLU I 712 -3.59 -31.25 87.99
CA GLU I 712 -2.99 -30.41 86.96
C GLU I 712 -2.28 -31.21 85.88
N ARG I 713 -1.78 -32.40 86.22
CA ARG I 713 -1.16 -33.24 85.20
C ARG I 713 -2.15 -33.65 84.12
N GLN I 714 -3.42 -33.86 84.49
CA GLN I 714 -4.43 -34.34 83.57
C GLN I 714 -5.17 -33.20 82.86
N HIS I 715 -4.58 -32.00 82.80
CA HIS I 715 -5.19 -30.85 82.15
C HIS I 715 -4.22 -30.24 81.15
N LEU I 716 -4.68 -30.05 79.92
CA LEU I 716 -3.91 -29.41 78.87
C LEU I 716 -4.12 -27.90 78.96
N GLN I 717 -3.04 -27.15 79.14
CA GLN I 717 -3.12 -25.70 79.25
C GLN I 717 -3.07 -25.08 77.87
N GLU I 718 -3.95 -24.11 77.64
CA GLU I 718 -4.02 -23.42 76.36
C GLU I 718 -2.86 -22.43 76.28
N VAL I 719 -1.85 -22.75 75.49
CA VAL I 719 -0.62 -21.97 75.43
C VAL I 719 -0.50 -21.16 74.16
N GLY I 720 -1.45 -21.26 73.24
CA GLY I 720 -1.39 -20.45 72.04
C GLY I 720 -2.72 -20.06 71.44
N LEU I 721 -2.89 -18.78 71.10
CA LEU I 721 -4.09 -18.28 70.44
C LEU I 721 -3.67 -17.31 69.34
N PHE I 722 -4.36 -17.37 68.21
CA PHE I 722 -3.99 -16.52 67.07
C PHE I 722 -5.11 -16.49 66.04
N HIS I 723 -5.62 -15.30 65.72
CA HIS I 723 -6.66 -15.18 64.70
C HIS I 723 -6.02 -15.33 63.32
N LEU I 724 -6.21 -16.48 62.69
CA LEU I 724 -5.62 -16.74 61.39
C LEU I 724 -6.39 -16.06 60.27
N GLY I 725 -7.72 -16.01 60.37
CA GLY I 725 -8.55 -15.47 59.31
C GLY I 725 -9.00 -16.46 58.27
N GLU I 726 -8.59 -17.73 58.38
CA GLU I 726 -8.97 -18.77 57.42
C GLU I 726 -9.59 -19.94 58.18
N PHE I 727 -10.42 -20.70 57.46
CA PHE I 727 -11.10 -21.87 58.02
C PHE I 727 -10.30 -23.11 57.62
N VAL I 728 -9.51 -23.62 58.57
CA VAL I 728 -8.65 -24.78 58.30
C VAL I 728 -9.51 -26.03 58.24
N ASN I 729 -9.27 -26.86 57.22
CA ASN I 729 -9.96 -28.13 57.07
C ASN I 729 -9.05 -29.34 57.19
N VAL I 730 -7.75 -29.17 57.01
CA VAL I 730 -6.82 -30.30 57.10
C VAL I 730 -5.44 -29.78 57.47
N PHE I 731 -4.86 -30.38 58.51
CA PHE I 731 -3.44 -30.27 58.84
C PHE I 731 -2.71 -31.49 58.30
N CYS I 732 -1.44 -31.30 57.94
CA CYS I 732 -0.64 -32.38 57.36
C CYS I 732 0.83 -32.06 57.56
N HIS I 733 1.56 -32.99 58.18
CA HIS I 733 2.99 -32.81 58.35
C HIS I 733 3.70 -32.91 57.01
N GLY I 734 4.62 -31.98 56.76
CA GLY I 734 5.36 -31.98 55.52
C GLY I 734 5.93 -30.61 55.23
N SER I 735 6.63 -30.52 54.10
CA SER I 735 7.24 -29.27 53.66
C SER I 735 7.39 -29.29 52.14
N LEU I 736 7.23 -28.12 51.53
CA LEU I 736 7.28 -27.97 50.08
C LEU I 736 8.63 -27.46 49.58
N VAL I 737 9.66 -27.57 50.40
CA VAL I 737 11.01 -27.12 50.03
C VAL I 737 11.96 -28.31 50.17
N MET I 738 13.17 -28.13 49.65
CA MET I 738 14.18 -29.18 49.72
C MET I 738 14.58 -29.40 51.16
N GLN I 739 14.45 -30.65 51.64
CA GLN I 739 14.72 -30.98 53.03
C GLN I 739 16.18 -30.78 53.42
N ASN I 740 17.07 -30.57 52.44
CA ASN I 740 18.47 -30.26 52.74
C ASN I 740 19.17 -31.45 53.39
N LEU I 741 20.06 -32.10 52.64
CA LEU I 741 20.81 -33.24 53.14
C LEU I 741 21.67 -32.85 54.34
N GLY I 742 22.71 -32.04 54.09
CA GLY I 742 23.61 -31.60 55.13
C GLY I 742 22.92 -30.73 56.17
N GLU I 743 22.66 -31.29 57.36
CA GLU I 743 21.99 -30.56 58.42
C GLU I 743 22.86 -29.40 58.88
N THR I 744 22.41 -28.18 58.63
CA THR I 744 23.14 -26.96 58.98
C THR I 744 22.31 -26.12 59.94
N SER I 745 22.23 -26.58 61.20
CA SER I 745 21.54 -25.89 62.28
C SER I 745 20.29 -25.13 61.82
N THR I 746 19.17 -25.84 61.71
CA THR I 746 17.95 -25.20 61.27
C THR I 746 17.38 -24.30 62.37
N PRO I 747 16.87 -23.12 62.03
CA PRO I 747 16.31 -22.23 63.06
C PRO I 747 14.91 -22.66 63.49
N THR I 748 14.16 -23.28 62.59
CA THR I 748 12.81 -23.74 62.87
C THR I 748 12.78 -25.25 62.98
N GLN I 749 11.99 -25.76 63.92
CA GLN I 749 11.81 -27.19 64.12
C GLN I 749 10.37 -27.58 63.80
N GLY I 750 10.21 -28.63 63.01
CA GLY I 750 8.89 -29.09 62.61
C GLY I 750 8.36 -28.35 61.41
N SER I 751 7.33 -28.93 60.79
CA SER I 751 6.70 -28.34 59.62
C SER I 751 5.32 -28.96 59.46
N VAL I 752 4.28 -28.13 59.52
CA VAL I 752 2.90 -28.59 59.41
C VAL I 752 2.17 -27.67 58.45
N LEU I 753 1.83 -28.18 57.27
CA LEU I 753 1.02 -27.43 56.32
C LEU I 753 -0.46 -27.59 56.65
N PHE I 754 -1.27 -26.64 56.19
CA PHE I 754 -2.71 -26.72 56.40
C PHE I 754 -3.43 -26.05 55.24
N GLY I 755 -4.55 -26.66 54.85
CA GLY I 755 -5.39 -26.15 53.78
C GLY I 755 -6.67 -25.56 54.35
N THR I 756 -7.17 -24.52 53.71
CA THR I 756 -8.35 -23.79 54.19
C THR I 756 -9.44 -23.78 53.12
N VAL I 757 -10.57 -23.14 53.47
CA VAL I 757 -11.71 -23.13 52.58
C VAL I 757 -11.49 -22.16 51.42
N ASN I 758 -10.79 -21.05 51.65
CA ASN I 758 -10.53 -20.06 50.62
C ASN I 758 -9.34 -20.42 49.73
N GLY I 759 -8.89 -21.68 49.76
CA GLY I 759 -7.73 -22.09 48.99
C GLY I 759 -6.40 -21.66 49.55
N MET I 760 -6.40 -20.91 50.64
CA MET I 760 -5.14 -20.49 51.26
C MET I 760 -4.44 -21.68 51.89
N ILE I 761 -3.12 -21.74 51.70
CA ILE I 761 -2.27 -22.79 52.26
C ILE I 761 -1.31 -22.13 53.24
N GLY I 762 -1.19 -22.71 54.43
CA GLY I 762 -0.35 -22.15 55.46
C GLY I 762 0.63 -23.18 55.99
N LEU I 763 1.66 -22.67 56.66
CA LEU I 763 2.70 -23.52 57.25
C LEU I 763 3.00 -23.04 58.67
N VAL I 764 3.04 -23.99 59.60
CA VAL I 764 3.31 -23.73 61.00
C VAL I 764 4.54 -24.50 61.41
N THR I 765 5.38 -23.87 62.24
CA THR I 765 6.62 -24.48 62.72
C THR I 765 6.87 -23.99 64.14
N SER I 766 7.83 -24.65 64.80
CA SER I 766 8.18 -24.33 66.17
C SER I 766 9.50 -23.57 66.22
N LEU I 767 9.62 -22.68 67.19
CA LEU I 767 10.79 -21.84 67.38
C LEU I 767 11.37 -22.07 68.77
N SER I 768 12.47 -21.38 69.05
CA SER I 768 13.05 -21.35 70.39
C SER I 768 12.59 -20.10 71.13
N GLU I 769 12.80 -20.09 72.44
CA GLU I 769 12.36 -18.96 73.25
C GLU I 769 13.08 -17.69 72.83
N SER I 770 14.38 -17.77 72.60
CA SER I 770 15.13 -16.59 72.16
C SER I 770 14.62 -16.08 70.82
N TRP I 771 14.53 -16.96 69.82
CA TRP I 771 14.01 -16.56 68.52
C TRP I 771 12.60 -16.01 68.64
N TYR I 772 11.76 -16.63 69.47
CA TYR I 772 10.40 -16.17 69.61
C TYR I 772 10.35 -14.76 70.19
N ASN I 773 11.09 -14.51 71.26
CA ASN I 773 11.09 -13.17 71.85
C ASN I 773 11.62 -12.14 70.87
N LEU I 774 12.71 -12.49 70.15
CA LEU I 774 13.26 -11.57 69.17
C LEU I 774 12.21 -11.22 68.12
N LEU I 775 11.56 -12.23 67.55
CA LEU I 775 10.57 -11.98 66.51
C LEU I 775 9.37 -11.22 67.04
N LEU I 776 9.02 -11.42 68.31
CA LEU I 776 7.90 -10.68 68.88
C LEU I 776 8.23 -9.20 69.01
N ASP I 777 9.39 -8.90 69.60
CA ASP I 777 9.85 -7.52 69.63
C ASP I 777 9.91 -6.94 68.22
N MET I 778 10.33 -7.75 67.26
CA MET I 778 10.47 -7.26 65.89
C MET I 778 9.11 -6.98 65.27
N GLN I 779 8.10 -7.78 65.61
CA GLN I 779 6.74 -7.50 65.17
C GLN I 779 6.24 -6.19 65.75
N ASN I 780 6.45 -6.00 67.05
CA ASN I 780 6.04 -4.76 67.70
C ASN I 780 6.72 -3.55 67.07
N ARG I 781 7.97 -3.72 66.62
CA ARG I 781 8.69 -2.63 65.96
C ARG I 781 8.21 -2.42 64.53
N LEU I 782 7.90 -3.51 63.82
CA LEU I 782 7.40 -3.40 62.45
C LEU I 782 6.05 -2.69 62.40
N ASN I 783 5.19 -2.97 63.37
CA ASN I 783 3.86 -2.38 63.35
C ASN I 783 3.92 -0.86 63.36
N LYS I 784 4.98 -0.28 63.90
CA LYS I 784 5.06 1.18 64.00
C LYS I 784 5.40 1.80 62.65
N VAL I 785 6.22 1.13 61.85
CA VAL I 785 6.64 1.71 60.57
C VAL I 785 5.77 1.25 59.41
N ILE I 786 5.17 0.07 59.50
CA ILE I 786 4.35 -0.43 58.40
C ILE I 786 3.06 0.36 58.31
N LYS I 787 2.52 0.47 57.11
CA LYS I 787 1.28 1.21 56.84
C LYS I 787 0.18 0.22 56.51
N SER I 788 -0.88 0.22 57.34
CA SER I 788 -1.97 -0.73 57.19
C SER I 788 -3.08 -0.15 56.33
N VAL I 789 -3.58 -0.95 55.40
CA VAL I 789 -4.71 -0.54 54.59
C VAL I 789 -5.94 -0.43 55.48
N GLY I 790 -6.60 0.73 55.43
CA GLY I 790 -7.68 1.02 56.33
C GLY I 790 -7.25 1.39 57.74
N LYS I 791 -5.94 1.42 58.01
CA LYS I 791 -5.42 1.77 59.32
C LYS I 791 -5.97 0.84 60.40
N ILE I 792 -5.96 -0.46 60.11
CA ILE I 792 -6.37 -1.48 61.05
C ILE I 792 -5.15 -1.91 61.86
N GLU I 793 -5.28 -1.94 63.18
CA GLU I 793 -4.18 -2.35 64.04
C GLU I 793 -3.90 -3.84 63.88
N HIS I 794 -2.63 -4.18 63.64
CA HIS I 794 -2.26 -5.58 63.51
C HIS I 794 -2.60 -6.35 64.78
N SER I 795 -2.33 -5.75 65.94
CA SER I 795 -2.68 -6.39 67.20
C SER I 795 -4.17 -6.75 67.24
N PHE I 796 -5.02 -5.80 66.83
CA PHE I 796 -6.46 -6.07 66.82
C PHE I 796 -6.81 -7.13 65.79
N TRP I 797 -6.12 -7.14 64.65
CA TRP I 797 -6.45 -8.08 63.58
C TRP I 797 -6.16 -9.51 64.01
N ARG I 798 -4.97 -9.75 64.57
CA ARG I 798 -4.57 -11.11 64.93
C ARG I 798 -5.06 -11.55 66.30
N SER I 799 -5.74 -10.68 67.04
CA SER I 799 -6.21 -11.05 68.36
C SER I 799 -7.28 -12.13 68.27
N PHE I 800 -7.19 -13.11 69.16
CA PHE I 800 -8.20 -14.15 69.25
C PHE I 800 -9.58 -13.53 69.45
N HIS I 801 -10.52 -13.90 68.58
CA HIS I 801 -11.83 -13.25 68.57
C HIS I 801 -12.93 -14.28 68.41
N THR I 802 -13.91 -14.22 69.31
CA THR I 802 -15.18 -14.91 69.17
C THR I 802 -16.28 -13.96 69.62
N GLU I 803 -17.54 -14.33 69.33
CA GLU I 803 -18.66 -13.49 69.74
C GLU I 803 -18.75 -13.33 71.25
N ARG I 804 -18.19 -14.26 72.02
CA ARG I 804 -18.24 -14.18 73.47
C ARG I 804 -17.05 -13.38 74.00
N LYS I 805 -15.84 -13.89 73.83
CA LYS I 805 -14.62 -13.27 74.33
C LYS I 805 -13.68 -12.94 73.19
N THR I 806 -12.83 -11.93 73.41
CA THR I 806 -11.84 -11.49 72.42
C THR I 806 -10.55 -11.15 73.17
N GLU I 807 -9.59 -12.08 73.15
CA GLU I 807 -8.33 -11.91 73.85
C GLU I 807 -7.19 -11.63 72.88
N PRO I 808 -6.07 -11.12 73.37
CA PRO I 808 -4.92 -10.90 72.50
C PRO I 808 -4.26 -12.21 72.08
N ALA I 809 -3.54 -12.15 70.96
CA ALA I 809 -2.87 -13.32 70.44
C ALA I 809 -1.62 -13.64 71.25
N THR I 810 -1.35 -14.93 71.42
CA THR I 810 -0.20 -15.38 72.19
C THR I 810 0.38 -16.64 71.55
N GLY I 811 1.68 -16.84 71.72
CA GLY I 811 2.34 -18.04 71.27
C GLY I 811 2.44 -18.23 69.78
N PHE I 812 2.25 -17.17 69.00
CA PHE I 812 2.30 -17.26 67.55
C PHE I 812 3.04 -16.07 66.98
N ILE I 813 3.79 -16.31 65.91
CA ILE I 813 4.53 -15.28 65.19
C ILE I 813 3.94 -15.16 63.79
N ASP I 814 3.39 -13.99 63.47
CA ASP I 814 2.80 -13.77 62.15
C ASP I 814 3.92 -13.72 61.12
N GLY I 815 4.07 -14.80 60.37
CA GLY I 815 5.16 -14.89 59.40
C GLY I 815 5.02 -13.88 58.27
N ASP I 816 3.79 -13.54 57.90
CA ASP I 816 3.60 -12.55 56.85
C ASP I 816 4.16 -11.19 57.28
N LEU I 817 3.87 -10.78 58.52
CA LEU I 817 4.38 -9.50 59.01
C LEU I 817 5.90 -9.51 59.13
N ILE I 818 6.47 -10.65 59.52
CA ILE I 818 7.92 -10.74 59.65
C ILE I 818 8.59 -10.67 58.28
N GLU I 819 8.07 -11.44 57.31
CA GLU I 819 8.66 -11.46 55.98
C GLU I 819 8.40 -10.18 55.20
N SER I 820 7.41 -9.37 55.60
CA SER I 820 7.24 -8.07 54.97
C SER I 820 8.40 -7.13 55.24
N PHE I 821 9.31 -7.50 56.16
CA PHE I 821 10.46 -6.65 56.47
C PHE I 821 11.40 -6.51 55.27
N LEU I 822 11.47 -7.52 54.41
CA LEU I 822 12.35 -7.48 53.25
C LEU I 822 11.80 -6.60 52.13
N ASP I 823 10.52 -6.21 52.18
CA ASP I 823 9.88 -5.46 51.11
C ASP I 823 9.66 -3.99 51.46
N ILE I 824 10.42 -3.46 52.42
CA ILE I 824 10.30 -2.07 52.82
C ILE I 824 11.63 -1.36 52.56
N SER I 825 11.59 -0.03 52.64
CA SER I 825 12.78 0.76 52.37
C SER I 825 13.81 0.59 53.48
N ARG I 826 15.04 0.99 53.18
CA ARG I 826 16.17 0.82 54.09
C ARG I 826 16.14 1.81 55.26
N PRO I 827 15.69 3.05 55.06
CA PRO I 827 15.54 3.94 56.22
C PRO I 827 14.55 3.41 57.26
N LYS I 828 13.43 2.85 56.81
CA LYS I 828 12.50 2.24 57.76
C LYS I 828 13.09 0.97 58.38
N MET I 829 13.88 0.21 57.61
CA MET I 829 14.61 -0.90 58.20
C MET I 829 15.51 -0.43 59.33
N GLN I 830 16.19 0.69 59.13
CA GLN I 830 17.02 1.25 60.18
C GLN I 830 16.17 1.70 61.37
N GLU I 831 15.01 2.29 61.09
CA GLU I 831 14.09 2.63 62.17
C GLU I 831 13.75 1.40 63.01
N VAL I 832 13.51 0.27 62.35
CA VAL I 832 13.12 -0.95 63.06
C VAL I 832 14.24 -1.42 63.97
N VAL I 833 15.47 -1.44 63.47
CA VAL I 833 16.60 -2.00 64.21
C VAL I 833 17.21 -0.92 65.10
N ALA I 834 16.54 0.23 65.21
CA ALA I 834 17.05 1.33 66.02
C ALA I 834 17.08 0.91 67.49
N ASN I 835 18.27 0.97 68.10
CA ASN I 835 18.45 0.60 69.50
C ASN I 835 17.96 -0.82 69.76
N LEU I 836 18.37 -1.75 68.90
CA LEU I 836 17.97 -3.14 68.98
C LEU I 836 19.22 -4.01 69.12
N GLN I 837 19.21 -4.88 70.13
CA GLN I 837 20.34 -5.75 70.42
C GLN I 837 20.13 -7.12 69.79
N TYR I 838 21.15 -7.62 69.11
CA TYR I 838 21.08 -8.85 68.33
C TYR I 838 22.24 -9.76 68.68
N ASP I 839 21.98 -11.07 68.60
CA ASP I 839 22.96 -12.11 68.89
C ASP I 839 23.24 -12.89 67.61
N ASP I 840 24.47 -12.81 67.13
CA ASP I 840 24.89 -13.50 65.91
C ASP I 840 25.65 -14.79 66.19
N GLY I 841 25.68 -15.24 67.45
CA GLY I 841 26.37 -16.47 67.79
C GLY I 841 27.20 -16.37 69.05
N SER I 842 26.60 -16.72 70.20
CA SER I 842 27.29 -16.74 71.48
C SER I 842 27.69 -15.34 71.93
N GLY I 843 28.82 -14.85 71.41
CA GLY I 843 29.29 -13.51 71.75
C GLY I 843 28.62 -12.42 70.94
N MET I 844 28.23 -11.35 71.63
CA MET I 844 27.53 -10.24 71.01
C MET I 844 26.19 -10.72 70.44
N LYS I 845 25.07 -10.20 70.95
CA LYS I 845 25.02 -9.14 71.95
C LYS I 845 25.64 -7.83 71.45
N ARG I 846 25.19 -7.38 70.27
CA ARG I 846 25.71 -6.15 69.69
C ARG I 846 24.56 -5.38 69.03
N GLU I 847 24.86 -4.16 68.59
CA GLU I 847 23.85 -3.36 67.91
C GLU I 847 23.48 -4.00 66.59
N ALA I 848 22.18 -4.25 66.40
CA ALA I 848 21.70 -4.94 65.21
C ALA I 848 21.65 -3.98 64.02
N THR I 849 22.08 -4.48 62.86
CA THR I 849 21.97 -3.75 61.62
C THR I 849 20.80 -4.29 60.80
N ALA I 850 20.31 -3.45 59.88
CA ALA I 850 19.21 -3.87 59.04
C ALA I 850 19.54 -5.13 58.24
N ASP I 851 20.82 -5.35 57.95
CA ASP I 851 21.23 -6.44 57.08
C ASP I 851 21.41 -7.76 57.82
N ASP I 852 21.80 -7.75 59.09
CA ASP I 852 21.74 -8.96 59.90
C ASP I 852 20.31 -9.49 59.96
N LEU I 853 19.37 -8.59 60.22
CA LEU I 853 17.97 -8.99 60.23
C LEU I 853 17.50 -9.41 58.85
N ILE I 854 18.03 -8.78 57.79
CA ILE I 854 17.69 -9.21 56.44
C ILE I 854 18.15 -10.64 56.21
N LYS I 855 19.35 -10.98 56.69
CA LYS I 855 19.83 -12.36 56.59
C LYS I 855 18.92 -13.32 57.36
N VAL I 856 18.52 -12.92 58.57
CA VAL I 856 17.64 -13.77 59.37
C VAL I 856 16.32 -14.01 58.65
N VAL I 857 15.74 -12.94 58.09
CA VAL I 857 14.43 -13.06 57.44
C VAL I 857 14.54 -13.84 56.13
N GLU I 858 15.66 -13.70 55.42
CA GLU I 858 15.86 -14.52 54.23
C GLU I 858 15.99 -16.00 54.59
N GLU I 859 16.63 -16.29 55.73
CA GLU I 859 16.65 -17.67 56.22
C GLU I 859 15.25 -18.16 56.54
N LEU I 860 14.43 -17.30 57.16
CA LEU I 860 13.05 -17.69 57.46
C LEU I 860 12.26 -17.98 56.19
N THR I 861 12.43 -17.16 55.16
CA THR I 861 11.65 -17.30 53.93
C THR I 861 11.95 -18.59 53.17
N ARG I 862 12.96 -19.35 53.58
CA ARG I 862 13.33 -20.58 52.90
C ARG I 862 12.61 -21.81 53.44
N ILE I 863 11.66 -21.63 54.35
CA ILE I 863 10.88 -22.75 54.87
C ILE I 863 9.66 -23.06 54.03
N HIS I 864 9.31 -22.20 53.08
CA HIS I 864 8.17 -22.43 52.21
C HIS I 864 8.44 -21.96 50.79
N ILE J 68 -57.46 -38.02 82.03
CA ILE J 68 -56.73 -36.93 81.39
C ILE J 68 -57.61 -35.68 81.36
N ASN J 69 -58.02 -35.22 82.55
CA ASN J 69 -58.83 -34.01 82.65
C ASN J 69 -58.62 -33.26 83.96
N PHE J 70 -57.53 -33.54 84.67
CA PHE J 70 -57.24 -32.91 85.96
C PHE J 70 -57.26 -31.40 85.88
N ASP J 71 -56.18 -30.81 85.35
CA ASP J 71 -55.97 -29.37 85.25
C ASP J 71 -54.51 -29.08 85.53
N THR J 72 -53.67 -29.14 84.50
CA THR J 72 -52.23 -29.01 84.69
C THR J 72 -51.81 -27.68 85.28
N SER J 73 -52.72 -26.70 85.36
CA SER J 73 -52.39 -25.39 85.91
C SER J 73 -52.54 -25.31 87.43
N LEU J 74 -53.05 -26.37 88.06
CA LEU J 74 -53.29 -26.37 89.51
C LEU J 74 -52.01 -26.58 90.31
N PRO J 75 -51.18 -27.56 89.96
CA PRO J 75 -49.96 -27.78 90.74
C PRO J 75 -49.02 -26.59 90.76
N THR J 76 -48.88 -25.88 89.63
CA THR J 76 -47.98 -24.74 89.56
C THR J 76 -48.43 -23.58 90.44
N SER J 77 -49.72 -23.53 90.78
CA SER J 77 -50.24 -22.45 91.63
C SER J 77 -49.83 -22.62 93.08
N HIS J 78 -49.54 -23.84 93.53
CA HIS J 78 -49.21 -24.13 94.92
C HIS J 78 -50.32 -23.62 95.83
N THR J 79 -51.56 -23.91 95.43
CA THR J 79 -52.71 -23.46 96.19
C THR J 79 -52.70 -23.99 97.61
N TYR J 80 -51.96 -25.07 97.88
CA TYR J 80 -51.94 -25.64 99.23
C TYR J 80 -51.25 -24.71 100.23
N LEU J 81 -50.55 -23.69 99.74
CA LEU J 81 -49.84 -22.79 100.63
C LEU J 81 -50.75 -21.73 101.25
N GLY J 82 -51.98 -21.60 100.79
CA GLY J 82 -52.90 -20.66 101.42
C GLY J 82 -53.32 -19.49 100.57
N ALA J 83 -53.55 -18.35 101.23
CA ALA J 83 -54.02 -17.16 100.53
C ALA J 83 -53.01 -16.71 99.49
N ASP J 84 -53.45 -15.79 98.64
CA ASP J 84 -52.58 -15.24 97.60
C ASP J 84 -51.42 -14.47 98.23
N MET J 85 -50.24 -14.66 97.69
CA MET J 85 -49.03 -14.07 98.24
C MET J 85 -48.78 -12.67 97.65
N GLU J 86 -47.96 -11.91 98.36
CA GLU J 86 -47.49 -10.62 97.84
C GLU J 86 -46.48 -10.88 96.72
N GLU J 87 -46.71 -10.27 95.57
CA GLU J 87 -45.92 -10.54 94.38
C GLU J 87 -45.05 -9.35 94.03
N PHE J 88 -43.87 -9.65 93.49
CA PHE J 88 -42.94 -8.64 93.01
C PHE J 88 -42.85 -8.70 91.50
N HIS J 89 -42.52 -7.56 90.89
CA HIS J 89 -42.32 -7.47 89.47
C HIS J 89 -40.89 -7.14 89.06
N GLY J 90 -40.08 -6.61 89.97
CA GLY J 90 -38.69 -6.31 89.64
C GLY J 90 -37.84 -7.55 89.50
N ARG J 91 -36.74 -7.41 88.79
CA ARG J 91 -35.82 -8.51 88.51
C ARG J 91 -34.38 -8.05 88.75
N THR J 92 -33.58 -8.93 89.35
CA THR J 92 -32.20 -8.64 89.68
C THR J 92 -31.29 -9.64 88.98
N LEU J 93 -30.32 -9.14 88.24
CA LEU J 93 -29.35 -9.99 87.55
C LEU J 93 -27.95 -9.40 87.73
N HIS J 94 -27.00 -10.25 88.14
CA HIS J 94 -25.62 -9.84 88.32
C HIS J 94 -24.84 -10.02 87.01
N ASP J 95 -23.78 -9.23 86.87
CA ASP J 95 -22.94 -9.30 85.68
C ASP J 95 -22.21 -10.64 85.65
N ASP J 96 -22.01 -11.16 84.44
CA ASP J 96 -21.29 -12.40 84.28
C ASP J 96 -19.86 -12.26 84.78
N ASP J 97 -19.32 -13.35 85.32
CA ASP J 97 -17.96 -13.42 85.85
C ASP J 97 -17.72 -12.51 87.04
N SER J 98 -18.75 -11.81 87.52
CA SER J 98 -18.60 -10.93 88.68
C SER J 98 -18.62 -11.74 89.98
N CYS J 99 -18.06 -11.12 91.02
CA CYS J 99 -18.03 -11.72 92.34
C CYS J 99 -19.10 -11.09 93.22
N GLN J 100 -19.82 -11.94 93.96
CA GLN J 100 -20.94 -11.50 94.78
C GLN J 100 -20.90 -12.23 96.12
N VAL J 101 -21.55 -11.64 97.11
CA VAL J 101 -21.70 -12.25 98.42
C VAL J 101 -23.19 -12.40 98.69
N ILE J 102 -23.67 -13.64 98.70
CA ILE J 102 -25.11 -13.89 98.79
C ILE J 102 -25.41 -14.79 99.98
N PRO J 103 -26.49 -14.55 100.71
CA PRO J 103 -26.83 -15.44 101.84
C PRO J 103 -27.42 -16.76 101.37
N VAL J 104 -27.20 -17.79 102.18
CA VAL J 104 -27.70 -19.13 101.91
C VAL J 104 -28.67 -19.53 103.01
N LEU J 105 -29.75 -20.19 102.62
CA LEU J 105 -30.72 -20.68 103.59
C LEU J 105 -30.23 -21.98 104.21
N PRO J 106 -30.26 -22.10 105.54
CA PRO J 106 -29.59 -23.25 106.17
C PRO J 106 -30.17 -24.60 105.76
N GLN J 107 -31.49 -24.75 105.81
CA GLN J 107 -32.12 -26.06 105.66
C GLN J 107 -32.48 -26.40 104.22
N VAL J 108 -32.08 -25.59 103.25
CA VAL J 108 -32.34 -25.88 101.85
C VAL J 108 -31.31 -26.89 101.37
N MET J 109 -31.79 -28.03 100.85
CA MET J 109 -30.93 -29.09 100.38
C MET J 109 -31.15 -29.43 98.90
N MET J 110 -31.99 -28.68 98.21
CA MET J 110 -32.28 -28.98 96.82
C MET J 110 -31.20 -28.40 95.91
N ILE J 111 -31.09 -28.99 94.72
CA ILE J 111 -30.20 -28.48 93.67
C ILE J 111 -31.06 -27.70 92.69
N LEU J 112 -30.92 -26.38 92.73
CA LEU J 112 -31.81 -25.51 91.98
C LEU J 112 -31.30 -25.32 90.55
N ILE J 113 -32.24 -25.29 89.61
CA ILE J 113 -31.92 -25.08 88.19
C ILE J 113 -32.50 -23.74 87.75
N PRO J 114 -31.78 -22.97 86.94
CA PRO J 114 -32.32 -21.70 86.46
C PRO J 114 -33.70 -21.89 85.85
N GLY J 115 -34.63 -21.02 86.23
CA GLY J 115 -35.99 -21.09 85.76
C GLY J 115 -36.90 -22.00 86.56
N GLN J 116 -36.35 -22.78 87.48
CA GLN J 116 -37.16 -23.69 88.28
C GLN J 116 -37.77 -22.95 89.46
N THR J 117 -39.01 -23.28 89.78
CA THR J 117 -39.70 -22.66 90.90
C THR J 117 -39.41 -23.43 92.18
N LEU J 118 -39.16 -22.70 93.25
CA LEU J 118 -38.84 -23.30 94.55
C LEU J 118 -39.77 -22.73 95.61
N PRO J 119 -40.64 -23.53 96.21
CA PRO J 119 -41.46 -23.04 97.32
C PRO J 119 -40.86 -23.40 98.67
N LEU J 120 -41.04 -22.53 99.67
CA LEU J 120 -40.43 -22.74 100.97
C LEU J 120 -41.36 -22.26 102.06
N GLN J 121 -41.35 -22.96 103.19
CA GLN J 121 -42.04 -22.55 104.41
C GLN J 121 -40.99 -22.44 105.51
N LEU J 122 -40.76 -21.22 105.99
CA LEU J 122 -39.73 -20.96 106.99
C LEU J 122 -40.40 -20.67 108.33
N PHE J 123 -40.00 -21.45 109.34
CA PHE J 123 -40.47 -21.29 110.71
C PHE J 123 -39.40 -20.76 111.64
N HIS J 124 -38.14 -21.13 111.42
CA HIS J 124 -37.06 -20.72 112.30
C HIS J 124 -36.93 -19.20 112.31
N PRO J 125 -36.78 -18.57 113.48
CA PRO J 125 -36.67 -17.09 113.51
C PRO J 125 -35.50 -16.56 112.71
N GLN J 126 -34.37 -17.29 112.68
CA GLN J 126 -33.22 -16.87 111.90
C GLN J 126 -33.58 -16.80 110.42
N GLU J 127 -34.24 -17.85 109.91
CA GLU J 127 -34.63 -17.87 108.49
C GLU J 127 -35.62 -16.76 108.19
N VAL J 128 -36.59 -16.53 109.09
CA VAL J 128 -37.59 -15.49 108.85
C VAL J 128 -36.91 -14.13 108.79
N SER J 129 -35.99 -13.85 109.72
CA SER J 129 -35.29 -12.58 109.71
C SER J 129 -34.46 -12.41 108.42
N MET J 130 -33.78 -13.48 108.00
CA MET J 130 -32.98 -13.39 106.79
C MET J 130 -33.86 -13.12 105.58
N VAL J 131 -35.05 -13.75 105.53
CA VAL J 131 -35.93 -13.54 104.39
C VAL J 131 -36.53 -12.14 104.41
N ARG J 132 -36.81 -11.60 105.60
CA ARG J 132 -37.22 -10.20 105.66
C ARG J 132 -36.14 -9.31 105.07
N ASN J 133 -34.91 -9.43 105.58
CA ASN J 133 -33.81 -8.63 105.05
C ASN J 133 -33.71 -8.77 103.54
N LEU J 134 -33.88 -9.98 103.02
CA LEU J 134 -33.81 -10.18 101.58
C LEU J 134 -34.94 -9.46 100.85
N ILE J 135 -36.16 -9.56 101.38
CA ILE J 135 -37.30 -8.90 100.75
C ILE J 135 -37.06 -7.40 100.68
N GLN J 136 -36.35 -6.85 101.67
CA GLN J 136 -36.04 -5.43 101.64
C GLN J 136 -34.90 -5.08 100.69
N LYS J 137 -34.04 -6.03 100.35
CA LYS J 137 -32.88 -5.77 99.50
C LYS J 137 -33.13 -6.33 98.09
N ASP J 138 -32.23 -7.14 97.55
CA ASP J 138 -32.37 -7.63 96.17
C ASP J 138 -33.23 -8.89 96.06
N ARG J 139 -33.61 -9.51 97.19
CA ARG J 139 -34.48 -10.68 97.19
C ARG J 139 -33.82 -11.89 96.54
N THR J 140 -32.52 -12.04 96.70
CA THR J 140 -31.78 -13.14 96.08
C THR J 140 -30.96 -13.85 97.15
N PHE J 141 -31.10 -15.17 97.22
CA PHE J 141 -30.28 -16.00 98.09
C PHE J 141 -29.64 -17.10 97.26
N ALA J 142 -28.65 -17.77 97.84
CA ALA J 142 -27.87 -18.79 97.16
C ALA J 142 -28.34 -20.17 97.57
N VAL J 143 -28.60 -21.02 96.58
CA VAL J 143 -28.95 -22.41 96.78
C VAL J 143 -27.75 -23.24 96.41
N LEU J 144 -27.07 -23.79 97.41
CA LEU J 144 -25.84 -24.54 97.17
C LEU J 144 -26.15 -25.94 96.65
N ALA J 145 -25.43 -26.35 95.61
CA ALA J 145 -25.52 -27.71 95.08
C ALA J 145 -24.51 -28.56 95.85
N TYR J 146 -24.99 -29.29 96.86
CA TYR J 146 -24.10 -30.02 97.76
C TYR J 146 -23.62 -31.30 97.11
N SER J 147 -22.30 -31.43 96.97
CA SER J 147 -21.71 -32.71 96.57
C SER J 147 -21.68 -33.68 97.73
N ASN J 148 -21.38 -33.19 98.93
CA ASN J 148 -21.44 -33.97 100.17
C ASN J 148 -22.39 -33.22 101.11
N VAL J 149 -23.63 -33.70 101.21
CA VAL J 149 -24.63 -32.99 102.01
C VAL J 149 -24.33 -33.08 103.50
N GLN J 150 -23.74 -34.18 103.95
CA GLN J 150 -23.46 -34.34 105.38
C GLN J 150 -22.55 -33.23 105.88
N GLU J 151 -21.40 -33.03 105.23
CA GLU J 151 -20.41 -32.07 105.67
C GLU J 151 -20.58 -30.69 105.02
N ARG J 152 -21.68 -30.47 104.30
CA ARG J 152 -21.99 -29.17 103.70
C ARG J 152 -20.89 -28.72 102.74
N GLU J 153 -20.52 -29.62 101.83
CA GLU J 153 -19.55 -29.29 100.79
C GLU J 153 -20.30 -28.86 99.53
N ALA J 154 -19.78 -27.82 98.87
CA ALA J 154 -20.42 -27.28 97.68
C ALA J 154 -19.39 -26.57 96.83
N GLN J 155 -19.37 -26.90 95.54
CA GLN J 155 -18.51 -26.21 94.58
C GLN J 155 -19.29 -25.35 93.59
N PHE J 156 -20.56 -25.65 93.35
CA PHE J 156 -21.39 -24.87 92.45
C PHE J 156 -22.72 -24.55 93.14
N GLY J 157 -23.56 -23.80 92.45
CA GLY J 157 -24.87 -23.49 92.98
C GLY J 157 -25.65 -22.63 92.01
N THR J 158 -26.85 -22.25 92.45
CA THR J 158 -27.75 -21.42 91.65
C THR J 158 -28.34 -20.34 92.54
N THR J 159 -28.50 -19.14 91.99
CA THR J 159 -29.14 -18.07 92.73
C THR J 159 -30.65 -18.18 92.60
N ALA J 160 -31.35 -17.77 93.65
CA ALA J 160 -32.80 -17.79 93.67
C ALA J 160 -33.30 -16.39 93.99
N GLU J 161 -34.30 -15.94 93.25
CA GLU J 161 -34.92 -14.64 93.46
C GLU J 161 -36.34 -14.85 93.97
N ILE J 162 -36.62 -14.32 95.16
CA ILE J 162 -37.96 -14.43 95.74
C ILE J 162 -38.91 -13.57 94.92
N TYR J 163 -39.93 -14.20 94.33
CA TYR J 163 -40.95 -13.46 93.60
C TYR J 163 -42.30 -13.46 94.27
N ALA J 164 -42.48 -14.23 95.35
CA ALA J 164 -43.71 -14.19 96.11
C ALA J 164 -43.39 -14.46 97.58
N TYR J 165 -44.12 -13.79 98.47
CA TYR J 165 -43.95 -14.05 99.89
C TYR J 165 -45.25 -13.74 100.63
N ARG J 166 -45.39 -14.37 101.79
CA ARG J 166 -46.51 -14.10 102.69
C ARG J 166 -46.01 -14.27 104.11
N GLU J 167 -46.17 -13.23 104.91
CA GLU J 167 -45.66 -13.19 106.28
C GLU J 167 -46.84 -13.26 107.23
N GLU J 168 -47.02 -14.40 107.88
CA GLU J 168 -48.23 -14.63 108.67
C GLU J 168 -47.89 -15.05 110.10
N GLN J 169 -48.64 -14.52 111.05
CA GLN J 169 -48.51 -14.83 112.46
C GLN J 169 -49.71 -15.68 112.85
N ASP J 170 -49.54 -17.00 112.84
CA ASP J 170 -50.64 -17.94 113.03
C ASP J 170 -50.52 -18.62 114.38
N PHE J 171 -51.62 -18.64 115.14
CA PHE J 171 -51.68 -19.30 116.45
C PHE J 171 -50.54 -18.86 117.36
N GLY J 172 -50.09 -17.62 117.18
CA GLY J 172 -49.08 -17.07 118.05
C GLY J 172 -47.65 -17.39 117.67
N ILE J 173 -47.42 -17.98 116.50
CA ILE J 173 -46.07 -18.23 116.01
C ILE J 173 -45.93 -17.58 114.63
N GLU J 174 -44.75 -17.01 114.38
CA GLU J 174 -44.48 -16.23 113.18
C GLU J 174 -43.81 -17.11 112.13
N ILE J 175 -44.37 -17.12 110.91
CA ILE J 175 -43.85 -17.94 109.84
C ILE J 175 -43.95 -17.18 108.51
N VAL J 176 -43.16 -17.63 107.54
CA VAL J 176 -43.08 -16.95 106.24
C VAL J 176 -43.07 -18.00 105.13
N LYS J 177 -43.97 -17.83 104.17
CA LYS J 177 -44.00 -18.68 102.98
C LYS J 177 -43.44 -17.89 101.81
N VAL J 178 -42.67 -18.58 100.95
CA VAL J 178 -41.95 -17.90 99.88
C VAL J 178 -42.00 -18.74 98.61
N LYS J 179 -42.09 -18.06 97.48
CA LYS J 179 -41.95 -18.64 96.16
C LYS J 179 -40.80 -17.92 95.47
N ALA J 180 -39.70 -18.63 95.22
CA ALA J 180 -38.57 -18.07 94.52
C ALA J 180 -38.36 -18.82 93.21
N ILE J 181 -37.42 -18.33 92.41
CA ILE J 181 -37.11 -18.96 91.14
C ILE J 181 -35.61 -18.86 90.89
N GLY J 182 -35.07 -19.89 90.26
CA GLY J 182 -33.65 -19.92 89.98
C GLY J 182 -33.30 -18.92 88.89
N ARG J 183 -32.15 -18.27 89.04
CA ARG J 183 -31.73 -17.25 88.10
C ARG J 183 -30.39 -17.61 87.45
N GLN J 184 -29.27 -17.49 88.16
CA GLN J 184 -27.95 -17.61 87.56
C GLN J 184 -27.16 -18.73 88.23
N ARG J 185 -26.46 -19.51 87.40
CA ARG J 185 -25.51 -20.48 87.91
C ARG J 185 -24.29 -19.75 88.46
N PHE J 186 -23.61 -20.40 89.41
CA PHE J 186 -22.44 -19.75 89.98
C PHE J 186 -21.49 -20.78 90.56
N LYS J 187 -20.21 -20.41 90.61
CA LYS J 187 -19.17 -21.20 91.23
C LYS J 187 -18.91 -20.67 92.63
N VAL J 188 -18.86 -21.58 93.61
CA VAL J 188 -18.68 -21.18 95.00
C VAL J 188 -17.20 -20.87 95.22
N LEU J 189 -16.91 -19.64 95.62
CA LEU J 189 -15.55 -19.25 95.97
C LEU J 189 -15.27 -19.34 97.46
N GLU J 190 -16.29 -19.19 98.30
CA GLU J 190 -16.12 -19.24 99.75
C GLU J 190 -17.47 -19.43 100.41
N LEU J 191 -17.50 -20.24 101.47
CA LEU J 191 -18.69 -20.44 102.30
C LEU J 191 -18.34 -19.98 103.70
N ARG J 192 -18.97 -18.90 104.16
CA ARG J 192 -18.51 -18.16 105.33
C ARG J 192 -19.67 -17.94 106.29
N THR J 193 -19.71 -18.74 107.35
CA THR J 193 -20.85 -18.77 108.28
C THR J 193 -20.61 -17.77 109.41
N GLN J 194 -21.45 -16.73 109.47
CA GLN J 194 -21.27 -15.66 110.45
C GLN J 194 -21.54 -16.16 111.87
N SER J 195 -21.27 -15.28 112.83
CA SER J 195 -21.48 -15.62 114.24
C SER J 195 -22.96 -15.80 114.58
N ASP J 196 -23.87 -15.39 113.68
CA ASP J 196 -25.30 -15.53 113.93
C ASP J 196 -25.80 -16.94 113.63
N GLY J 197 -24.97 -17.79 113.03
CA GLY J 197 -25.40 -19.07 112.55
C GLY J 197 -25.83 -19.09 111.10
N ILE J 198 -26.05 -17.92 110.51
CA ILE J 198 -26.43 -17.80 109.10
C ILE J 198 -25.16 -17.54 108.30
N GLN J 199 -25.02 -18.22 107.16
CA GLN J 199 -23.80 -18.16 106.38
C GLN J 199 -24.03 -17.42 105.07
N GLN J 200 -22.93 -16.85 104.56
CA GLN J 200 -22.87 -16.20 103.27
C GLN J 200 -22.02 -17.03 102.31
N ALA J 201 -22.09 -16.68 101.03
CA ALA J 201 -21.35 -17.36 99.97
C ALA J 201 -20.70 -16.32 99.09
N LYS J 202 -19.37 -16.29 99.09
CA LYS J 202 -18.60 -15.60 98.08
C LYS J 202 -18.64 -16.44 96.82
N VAL J 203 -19.14 -15.85 95.74
CA VAL J 203 -19.61 -16.59 94.58
C VAL J 203 -19.19 -15.86 93.31
N GLN J 204 -19.00 -16.61 92.24
CA GLN J 204 -18.63 -16.07 90.94
C GLN J 204 -19.67 -16.50 89.92
N ILE J 205 -20.36 -15.53 89.34
CA ILE J 205 -21.45 -15.85 88.41
C ILE J 205 -20.87 -16.52 87.18
N LEU J 206 -21.46 -17.66 86.80
CA LEU J 206 -21.03 -18.41 85.62
C LEU J 206 -21.77 -17.92 84.39
N PRO J 207 -21.07 -17.61 83.30
CA PRO J 207 -21.74 -17.04 82.12
C PRO J 207 -22.36 -18.11 81.24
N GLU J 208 -23.43 -17.71 80.56
CA GLU J 208 -24.12 -18.59 79.64
C GLU J 208 -23.44 -18.50 78.28
N CYS J 209 -22.78 -19.58 77.87
CA CYS J 209 -22.07 -19.61 76.60
C CYS J 209 -23.06 -19.78 75.46
N VAL J 210 -23.17 -18.76 74.61
CA VAL J 210 -24.02 -18.80 73.43
C VAL J 210 -23.11 -18.91 72.22
N LEU J 211 -23.29 -19.96 71.44
CA LEU J 211 -22.46 -20.17 70.26
C LEU J 211 -23.27 -19.90 68.99
N PRO J 212 -22.64 -19.38 67.96
CA PRO J 212 -23.33 -19.21 66.67
C PRO J 212 -23.52 -20.55 65.98
N SER J 213 -24.34 -20.53 64.94
CA SER J 213 -24.53 -21.72 64.12
C SER J 213 -23.19 -22.31 63.73
N THR J 214 -23.09 -23.64 63.78
CA THR J 214 -21.87 -24.29 63.34
C THR J 214 -21.56 -23.98 61.87
N MET J 215 -22.56 -23.60 61.10
CA MET J 215 -22.38 -23.17 59.71
C MET J 215 -22.15 -21.68 59.57
N SER J 216 -22.31 -20.90 60.64
CA SER J 216 -22.26 -19.44 60.52
C SER J 216 -20.92 -18.96 59.99
N ALA J 217 -19.85 -19.69 60.28
CA ALA J 217 -18.53 -19.26 59.82
C ALA J 217 -18.31 -19.60 58.35
N VAL J 218 -18.72 -20.79 57.91
CA VAL J 218 -18.45 -21.25 56.55
C VAL J 218 -19.57 -20.91 55.58
N GLN J 219 -20.68 -20.34 56.05
CA GLN J 219 -21.80 -20.07 55.16
C GLN J 219 -21.42 -19.06 54.09
N LEU J 220 -21.74 -19.38 52.84
CA LEU J 220 -21.44 -18.49 51.73
C LEU J 220 -22.37 -17.28 51.76
N GLU J 221 -21.84 -16.13 51.30
CA GLU J 221 -22.63 -14.91 51.32
C GLU J 221 -23.84 -15.03 50.40
N SER J 222 -23.68 -15.69 49.25
CA SER J 222 -24.80 -15.84 48.33
C SER J 222 -25.91 -16.69 48.95
N LEU J 223 -25.56 -17.66 49.78
CA LEU J 223 -26.53 -18.53 50.40
C LEU J 223 -27.08 -18.01 51.72
N ASN J 224 -26.65 -16.82 52.15
CA ASN J 224 -27.13 -16.27 53.42
C ASN J 224 -28.62 -15.98 53.36
N LYS J 225 -29.10 -15.44 52.23
CA LYS J 225 -30.51 -15.13 52.09
C LYS J 225 -31.38 -16.38 52.10
N CYS J 226 -30.80 -17.56 51.88
CA CYS J 226 -31.56 -18.80 51.80
C CYS J 226 -31.57 -19.58 53.10
N GLN J 227 -30.90 -19.08 54.15
CA GLN J 227 -30.84 -19.81 55.41
C GLN J 227 -32.16 -19.74 56.17
N ILE J 228 -32.93 -18.67 55.98
CA ILE J 228 -34.19 -18.50 56.70
C ILE J 228 -35.25 -19.41 56.10
N PHE J 229 -35.98 -20.11 56.97
CA PHE J 229 -37.02 -21.04 56.56
C PHE J 229 -38.39 -20.37 56.58
N PRO J 230 -39.28 -20.78 55.69
CA PRO J 230 -40.65 -20.19 55.64
C PRO J 230 -41.59 -20.78 56.68
N SER J 231 -41.41 -20.37 57.93
CA SER J 231 -42.29 -20.77 59.02
C SER J 231 -42.21 -22.27 59.30
N LYS J 232 -42.86 -22.71 60.38
CA LYS J 232 -42.91 -24.09 60.85
C LYS J 232 -44.25 -24.72 60.51
N PRO J 233 -44.29 -26.05 60.31
CA PRO J 233 -45.56 -26.69 60.00
C PRO J 233 -46.49 -26.82 61.19
N VAL J 234 -45.93 -26.93 62.40
CA VAL J 234 -46.68 -27.11 63.65
C VAL J 234 -47.94 -27.94 63.43
N SER J 235 -47.82 -29.00 62.64
CA SER J 235 -48.87 -30.00 62.50
C SER J 235 -48.26 -31.33 62.93
N ARG J 236 -48.73 -31.87 64.06
CA ARG J 236 -48.08 -33.03 64.67
C ARG J 236 -47.66 -34.07 63.64
N GLU J 237 -48.56 -34.42 62.73
CA GLU J 237 -48.24 -35.45 61.73
C GLU J 237 -47.18 -34.96 60.74
N ASP J 238 -47.27 -33.69 60.33
CA ASP J 238 -46.35 -33.17 59.33
C ASP J 238 -44.93 -33.05 59.87
N GLN J 239 -44.79 -32.61 61.13
CA GLN J 239 -43.47 -32.47 61.72
C GLN J 239 -42.91 -33.81 62.19
N CYS J 240 -43.77 -34.72 62.67
CA CYS J 240 -43.30 -36.06 63.01
C CYS J 240 -42.85 -36.84 61.78
N SER J 241 -43.34 -36.47 60.60
CA SER J 241 -42.85 -37.06 59.35
C SER J 241 -41.46 -36.54 59.04
N TYR J 242 -40.51 -37.45 58.84
CA TYR J 242 -39.12 -37.06 58.70
C TYR J 242 -38.80 -36.40 57.36
N LYS J 243 -39.80 -36.18 56.49
CA LYS J 243 -39.53 -35.48 55.24
C LYS J 243 -39.16 -34.02 55.49
N TRP J 244 -39.92 -33.34 56.36
CA TRP J 244 -39.60 -31.96 56.66
C TRP J 244 -38.22 -31.83 57.29
N TRP J 245 -37.81 -32.83 58.09
CA TRP J 245 -36.49 -32.77 58.70
C TRP J 245 -35.39 -33.10 57.70
N GLN J 246 -35.65 -33.99 56.75
CA GLN J 246 -34.73 -34.12 55.61
C GLN J 246 -34.52 -32.78 54.93
N LYS J 247 -35.61 -32.06 54.68
CA LYS J 247 -35.51 -30.74 54.04
C LYS J 247 -34.72 -29.77 54.91
N TYR J 248 -35.01 -29.74 56.21
CA TYR J 248 -34.32 -28.86 57.12
C TYR J 248 -32.82 -29.12 57.13
N GLN J 249 -32.43 -30.41 57.20
CA GLN J 249 -31.01 -30.75 57.20
C GLN J 249 -30.35 -30.39 55.88
N LYS J 250 -31.03 -30.66 54.76
CA LYS J 250 -30.46 -30.31 53.47
C LYS J 250 -30.23 -28.81 53.34
N ARG J 251 -31.16 -28.01 53.84
CA ARG J 251 -31.05 -26.56 53.67
C ARG J 251 -30.05 -25.94 54.63
N LYS J 252 -30.20 -26.20 55.93
CA LYS J 252 -29.40 -25.48 56.92
C LYS J 252 -27.92 -25.83 56.82
N PHE J 253 -27.60 -27.11 56.61
CA PHE J 253 -26.22 -27.59 56.60
C PHE J 253 -25.73 -27.87 55.19
N HIS J 254 -26.16 -27.07 54.21
CA HIS J 254 -25.64 -27.25 52.86
C HIS J 254 -24.13 -27.03 52.83
N CYS J 255 -23.68 -25.91 53.39
CA CYS J 255 -22.27 -25.53 53.36
C CYS J 255 -21.40 -26.57 54.07
N ALA J 256 -22.01 -27.62 54.60
CA ALA J 256 -21.24 -28.75 55.09
C ALA J 256 -20.34 -29.33 54.00
N ASN J 257 -20.70 -29.16 52.73
CA ASN J 257 -19.83 -29.62 51.66
C ASN J 257 -18.50 -28.87 51.64
N LEU J 258 -18.44 -27.65 52.19
CA LEU J 258 -17.20 -26.91 52.27
C LEU J 258 -16.26 -27.47 53.33
N THR J 259 -16.80 -28.12 54.36
CA THR J 259 -16.00 -28.62 55.47
C THR J 259 -15.59 -30.07 55.21
N SER J 260 -15.00 -30.71 56.21
CA SER J 260 -14.54 -32.09 56.12
C SER J 260 -15.49 -33.06 56.79
N TRP J 261 -16.73 -32.66 57.06
CA TRP J 261 -17.73 -33.50 57.68
C TRP J 261 -19.06 -33.34 56.96
N PRO J 262 -19.93 -34.35 57.03
CA PRO J 262 -21.22 -34.26 56.35
C PRO J 262 -22.26 -33.49 57.16
N ARG J 263 -23.50 -33.48 56.68
CA ARG J 263 -24.56 -32.71 57.32
C ARG J 263 -25.08 -33.39 58.58
N TRP J 264 -25.33 -34.69 58.51
CA TRP J 264 -25.88 -35.40 59.66
C TRP J 264 -25.00 -35.26 60.90
N LEU J 265 -23.71 -34.98 60.72
CA LEU J 265 -22.85 -34.72 61.87
C LEU J 265 -23.23 -33.40 62.54
N TYR J 266 -23.26 -32.32 61.76
CA TYR J 266 -23.63 -31.03 62.32
C TYR J 266 -25.04 -31.07 62.90
N SER J 267 -25.92 -31.92 62.35
CA SER J 267 -27.27 -32.02 62.89
C SER J 267 -27.26 -32.46 64.35
N LEU J 268 -26.24 -33.22 64.76
CA LEU J 268 -26.15 -33.65 66.14
C LEU J 268 -25.72 -32.54 67.09
N TYR J 269 -25.28 -31.40 66.56
CA TYR J 269 -24.91 -30.27 67.38
C TYR J 269 -25.77 -29.04 67.09
N ASP J 270 -26.97 -29.24 66.57
CA ASP J 270 -27.85 -28.15 66.17
C ASP J 270 -28.90 -27.92 67.23
N ALA J 271 -28.98 -26.69 67.74
CA ALA J 271 -29.89 -26.38 68.83
C ALA J 271 -31.33 -26.77 68.48
N GLU J 272 -31.80 -26.39 67.30
CA GLU J 272 -33.20 -26.63 66.94
C GLU J 272 -33.46 -28.11 66.72
N THR J 273 -32.52 -28.82 66.08
CA THR J 273 -32.69 -30.25 65.87
C THR J 273 -32.80 -30.98 67.21
N LEU J 274 -31.87 -30.68 68.13
CA LEU J 274 -31.92 -31.30 69.44
C LEU J 274 -33.20 -30.92 70.19
N MET J 275 -33.63 -29.67 70.04
CA MET J 275 -34.83 -29.23 70.75
C MET J 275 -36.07 -29.96 70.24
N ASP J 276 -36.14 -30.22 68.94
CA ASP J 276 -37.30 -30.97 68.46
C ASP J 276 -37.19 -32.46 68.75
N ARG J 277 -35.97 -33.01 68.77
CA ARG J 277 -35.83 -34.38 69.24
C ARG J 277 -36.30 -34.52 70.68
N ILE J 278 -36.02 -33.52 71.51
CA ILE J 278 -36.50 -33.53 72.89
C ILE J 278 -38.00 -33.31 72.94
N LYS J 279 -38.54 -32.46 72.04
CA LYS J 279 -39.98 -32.27 71.97
C LYS J 279 -40.69 -33.58 71.66
N LYS J 280 -40.10 -34.40 70.77
CA LYS J 280 -40.74 -35.67 70.46
C LYS J 280 -40.82 -36.56 71.69
N GLN J 281 -39.89 -36.42 72.63
CA GLN J 281 -39.96 -37.18 73.87
C GLN J 281 -40.93 -36.55 74.85
N LEU J 282 -40.98 -35.23 74.89
CA LEU J 282 -41.87 -34.56 75.84
C LEU J 282 -43.33 -34.72 75.45
N ARG J 283 -43.62 -34.85 74.15
CA ARG J 283 -44.98 -35.14 73.73
C ARG J 283 -45.41 -36.53 74.18
N GLU J 284 -44.45 -37.44 74.33
CA GLU J 284 -44.73 -38.74 74.92
C GLU J 284 -45.13 -38.63 76.39
N TRP J 285 -44.83 -37.51 77.04
CA TRP J 285 -45.18 -37.29 78.44
C TRP J 285 -46.39 -36.39 78.62
N ASP J 286 -46.60 -35.43 77.72
CA ASP J 286 -47.71 -34.50 77.83
C ASP J 286 -48.31 -34.27 76.44
N GLU J 287 -49.61 -34.00 76.40
CA GLU J 287 -50.32 -33.76 75.16
C GLU J 287 -50.46 -32.28 74.82
N ASN J 288 -49.76 -31.41 75.54
CA ASN J 288 -49.79 -29.98 75.25
C ASN J 288 -48.81 -29.65 74.13
N LEU J 289 -49.29 -28.94 73.12
CA LEU J 289 -48.47 -28.64 71.95
C LEU J 289 -47.31 -27.72 72.32
N LYS J 290 -46.19 -27.89 71.61
CA LYS J 290 -45.04 -27.01 71.75
C LYS J 290 -45.33 -25.60 71.26
N ASP J 291 -46.41 -25.40 70.50
CA ASP J 291 -46.72 -24.10 69.94
C ASP J 291 -46.69 -23.00 71.00
N ASP J 292 -47.04 -23.32 72.24
CA ASP J 292 -47.14 -22.30 73.28
C ASP J 292 -46.29 -22.67 74.49
N SER J 293 -46.51 -23.87 75.03
CA SER J 293 -45.93 -24.22 76.33
C SER J 293 -44.40 -24.21 76.26
N LEU J 294 -43.82 -24.74 75.19
CA LEU J 294 -42.37 -24.86 75.28
C LEU J 294 -41.68 -23.59 74.81
N PRO J 295 -40.56 -23.23 75.42
CA PRO J 295 -39.81 -22.06 74.99
C PRO J 295 -39.10 -22.31 73.67
N SER J 296 -38.78 -21.21 72.98
CA SER J 296 -38.05 -21.25 71.73
C SER J 296 -36.56 -21.00 71.90
N ASN J 297 -36.15 -20.39 73.00
CA ASN J 297 -34.74 -20.09 73.21
C ASN J 297 -34.02 -21.35 73.70
N PRO J 298 -32.84 -21.65 73.15
CA PRO J 298 -32.14 -22.89 73.55
C PRO J 298 -31.72 -22.91 75.01
N ILE J 299 -31.36 -21.76 75.58
CA ILE J 299 -31.00 -21.70 76.99
C ILE J 299 -32.22 -22.04 77.86
N ASP J 300 -33.32 -21.32 77.63
CA ASP J 300 -34.54 -21.55 78.42
C ASP J 300 -35.08 -22.97 78.20
N PHE J 301 -35.05 -23.45 76.96
CA PHE J 301 -35.52 -24.81 76.68
C PHE J 301 -34.67 -25.84 77.40
N SER J 302 -33.34 -25.69 77.33
CA SER J 302 -32.47 -26.65 78.00
C SER J 302 -32.70 -26.65 79.50
N TYR J 303 -32.84 -25.47 80.11
CA TYR J 303 -33.07 -25.44 81.55
C TYR J 303 -34.44 -26.02 81.91
N ARG J 304 -35.47 -25.69 81.14
CA ARG J 304 -36.80 -26.23 81.42
C ARG J 304 -36.82 -27.75 81.28
N VAL J 305 -35.99 -28.30 80.40
CA VAL J 305 -35.92 -29.76 80.28
C VAL J 305 -35.14 -30.34 81.45
N ALA J 306 -34.03 -29.69 81.83
CA ALA J 306 -33.23 -30.20 82.94
C ALA J 306 -34.01 -30.19 84.24
N ALA J 307 -34.92 -29.23 84.41
CA ALA J 307 -35.64 -29.11 85.67
C ALA J 307 -36.55 -30.30 85.93
N CYS J 308 -37.02 -30.98 84.88
CA CYS J 308 -37.98 -32.07 85.05
C CYS J 308 -37.41 -33.41 84.58
N LEU J 309 -36.10 -33.61 84.74
CA LEU J 309 -35.50 -34.90 84.47
C LEU J 309 -35.22 -35.63 85.77
N PRO J 310 -35.81 -36.79 86.00
CA PRO J 310 -35.58 -37.54 87.25
C PRO J 310 -34.22 -38.24 87.29
N ILE J 311 -33.20 -37.48 87.67
CA ILE J 311 -31.85 -38.03 87.83
C ILE J 311 -31.40 -37.76 89.26
N ASP J 312 -30.33 -38.46 89.65
CA ASP J 312 -29.76 -38.31 90.97
C ASP J 312 -28.92 -37.04 91.05
N ASP J 313 -28.47 -36.72 92.27
CA ASP J 313 -27.85 -35.43 92.51
C ASP J 313 -26.53 -35.26 91.76
N VAL J 314 -25.77 -36.35 91.57
CA VAL J 314 -24.48 -36.22 90.90
C VAL J 314 -24.67 -35.89 89.43
N LEU J 315 -25.60 -36.58 88.77
CA LEU J 315 -25.91 -36.26 87.38
C LEU J 315 -26.43 -34.83 87.25
N ARG J 316 -27.28 -34.40 88.18
CA ARG J 316 -27.80 -33.05 88.11
C ARG J 316 -26.69 -32.03 88.31
N ILE J 317 -25.73 -32.31 89.18
CA ILE J 317 -24.59 -31.40 89.36
C ILE J 317 -23.79 -31.32 88.08
N GLN J 318 -23.51 -32.47 87.46
CA GLN J 318 -22.78 -32.46 86.21
C GLN J 318 -23.53 -31.71 85.12
N LEU J 319 -24.86 -31.80 85.14
CA LEU J 319 -25.66 -31.07 84.16
C LEU J 319 -25.65 -29.57 84.44
N LEU J 320 -25.63 -29.19 85.72
CA LEU J 320 -25.54 -27.78 86.09
C LEU J 320 -24.19 -27.18 85.72
N LYS J 321 -23.13 -28.01 85.69
CA LYS J 321 -21.82 -27.51 85.31
C LYS J 321 -21.73 -27.11 83.84
N ILE J 322 -22.64 -27.61 83.00
CA ILE J 322 -22.60 -27.31 81.58
C ILE J 322 -22.95 -25.84 81.35
N GLY J 323 -22.19 -25.18 80.49
CA GLY J 323 -22.40 -23.77 80.21
C GLY J 323 -22.91 -23.49 78.81
N SER J 324 -22.82 -24.48 77.93
CA SER J 324 -23.31 -24.36 76.56
C SER J 324 -24.67 -25.06 76.44
N ALA J 325 -25.65 -24.34 75.89
CA ALA J 325 -26.97 -24.94 75.72
C ALA J 325 -26.92 -26.16 74.80
N ILE J 326 -25.96 -26.19 73.89
CA ILE J 326 -25.86 -27.32 72.97
C ILE J 326 -25.49 -28.59 73.72
N GLN J 327 -24.46 -28.51 74.56
CA GLN J 327 -24.05 -29.67 75.34
C GLN J 327 -25.12 -30.09 76.33
N ARG J 328 -25.83 -29.12 76.94
CA ARG J 328 -26.89 -29.45 77.87
C ARG J 328 -28.03 -30.18 77.17
N LEU J 329 -28.45 -29.69 76.00
CA LEU J 329 -29.49 -30.38 75.25
C LEU J 329 -29.03 -31.78 74.83
N ARG J 330 -27.79 -31.92 74.41
CA ARG J 330 -27.29 -33.23 73.99
C ARG J 330 -27.26 -34.20 75.16
N CYS J 331 -26.77 -33.75 76.32
CA CYS J 331 -26.75 -34.62 77.48
C CYS J 331 -28.15 -34.98 77.92
N GLU J 332 -29.10 -34.04 77.81
CA GLU J 332 -30.47 -34.35 78.19
C GLU J 332 -31.08 -35.40 77.26
N LEU J 333 -30.80 -35.29 75.96
CA LEU J 333 -31.27 -36.32 75.03
C LEU J 333 -30.65 -37.67 75.37
N ASP J 334 -29.34 -37.68 75.65
CA ASP J 334 -28.67 -38.94 75.96
C ASP J 334 -29.24 -39.56 77.24
N ILE J 335 -29.53 -38.73 78.25
CA ILE J 335 -30.13 -39.23 79.48
C ILE J 335 -31.52 -39.79 79.21
N MET J 336 -32.31 -39.08 78.40
CA MET J 336 -33.67 -39.53 78.09
C MET J 336 -33.66 -40.83 77.31
N ASN J 337 -32.62 -41.09 76.53
CA ASN J 337 -32.57 -42.32 75.74
C ASN J 337 -31.95 -43.50 76.50
N LYS J 338 -30.96 -43.25 77.35
CA LYS J 338 -30.28 -44.36 78.02
C LYS J 338 -31.02 -44.81 79.27
N CYS J 339 -31.20 -43.91 80.24
CA CYS J 339 -31.85 -44.24 81.50
C CYS J 339 -33.34 -44.48 81.25
N THR J 340 -33.72 -45.75 81.09
CA THR J 340 -35.11 -46.11 80.88
C THR J 340 -35.78 -46.66 82.14
N SER J 341 -35.01 -47.02 83.15
CA SER J 341 -35.54 -47.56 84.40
C SER J 341 -35.28 -46.59 85.55
N LEU J 342 -36.12 -46.66 86.56
CA LEU J 342 -35.99 -45.86 87.77
C LEU J 342 -36.10 -46.80 88.96
N CYS J 343 -34.98 -46.99 89.66
CA CYS J 343 -34.90 -47.93 90.77
C CYS J 343 -34.85 -47.18 92.09
N CYS J 344 -34.89 -47.94 93.18
CA CYS J 344 -34.76 -47.39 94.51
C CYS J 344 -33.30 -47.04 94.79
N LYS J 345 -33.04 -45.81 95.24
CA LYS J 345 -31.66 -45.37 95.43
C LYS J 345 -30.95 -46.16 96.52
N GLN J 346 -31.66 -46.53 97.59
CA GLN J 346 -31.04 -47.32 98.66
C GLN J 346 -30.76 -48.74 98.18
N CYS J 347 -31.69 -49.33 97.42
CA CYS J 347 -31.47 -50.67 96.88
C CYS J 347 -30.49 -50.65 95.73
N GLN J 348 -30.63 -49.67 94.83
CA GLN J 348 -29.83 -49.57 93.60
C GLN J 348 -30.21 -50.66 92.61
N GLU J 349 -30.88 -51.71 93.08
CA GLU J 349 -31.31 -52.80 92.22
C GLU J 349 -32.82 -53.01 92.18
N THR J 350 -33.56 -52.49 93.15
CA THR J 350 -35.01 -52.66 93.20
C THR J 350 -35.66 -51.68 92.22
N GLU J 351 -36.27 -52.20 91.17
CA GLU J 351 -36.90 -51.36 90.15
C GLU J 351 -38.23 -50.83 90.67
N ILE J 352 -38.46 -49.53 90.50
CA ILE J 352 -39.69 -48.87 90.92
C ILE J 352 -40.58 -48.55 89.72
N THR J 353 -40.00 -48.01 88.65
CA THR J 353 -40.81 -47.63 87.49
C THR J 353 -39.91 -47.53 86.26
N THR J 354 -40.50 -47.11 85.14
CA THR J 354 -39.77 -46.90 83.90
C THR J 354 -40.23 -45.60 83.25
N LYS J 355 -39.41 -45.12 82.30
CA LYS J 355 -39.73 -43.88 81.63
C LYS J 355 -41.02 -43.97 80.81
N ASN J 356 -41.49 -45.19 80.52
CA ASN J 356 -42.72 -45.34 79.77
C ASN J 356 -43.95 -44.92 80.59
N GLU J 357 -43.85 -44.95 81.91
CA GLU J 357 -44.96 -44.56 82.79
C GLU J 357 -44.93 -43.09 83.18
N ILE J 358 -43.85 -42.38 82.86
CA ILE J 358 -43.77 -40.96 83.20
C ILE J 358 -44.82 -40.20 82.40
N PHE J 359 -45.56 -39.33 83.09
CA PHE J 359 -46.54 -38.48 82.43
C PHE J 359 -46.60 -37.14 83.17
N SER J 360 -46.98 -36.10 82.43
CA SER J 360 -46.99 -34.74 82.97
C SER J 360 -48.38 -34.43 83.52
N LEU J 361 -48.45 -34.19 84.83
CA LEU J 361 -49.67 -33.70 85.46
C LEU J 361 -49.63 -32.21 85.73
N SER J 362 -48.50 -31.55 85.45
CA SER J 362 -48.36 -30.12 85.63
C SER J 362 -47.79 -29.50 84.37
N LEU J 363 -47.97 -28.18 84.25
CA LEU J 363 -47.45 -27.48 83.08
C LEU J 363 -45.94 -27.51 83.03
N CYS J 364 -45.28 -27.54 84.18
CA CYS J 364 -43.81 -27.58 84.22
C CYS J 364 -43.27 -28.88 83.64
N GLY J 365 -44.07 -29.95 83.63
CA GLY J 365 -43.63 -31.23 83.15
C GLY J 365 -44.07 -32.36 84.06
N PRO J 366 -43.34 -33.46 84.03
CA PRO J 366 -43.70 -34.60 84.89
C PRO J 366 -43.25 -34.42 86.33
N MET J 367 -42.20 -33.64 86.53
CA MET J 367 -41.59 -33.49 87.85
C MET J 367 -41.54 -32.02 88.24
N ALA J 368 -41.88 -31.76 89.50
CA ALA J 368 -41.85 -30.38 90.01
C ALA J 368 -41.60 -30.41 91.51
N ALA J 369 -41.07 -29.31 92.03
CA ALA J 369 -40.78 -29.20 93.45
C ALA J 369 -42.00 -28.75 94.23
N TYR J 370 -42.25 -29.40 95.37
CA TYR J 370 -43.32 -29.00 96.27
C TYR J 370 -42.80 -28.99 97.71
N VAL J 371 -43.51 -28.28 98.57
CA VAL J 371 -43.12 -28.14 99.98
C VAL J 371 -44.21 -28.73 100.85
N ASN J 372 -43.81 -29.48 101.87
CA ASN J 372 -44.72 -30.12 102.80
C ASN J 372 -44.99 -29.22 103.98
N PRO J 373 -45.93 -29.59 104.84
CA PRO J 373 -46.33 -28.70 105.93
C PRO J 373 -45.19 -28.29 106.83
N HIS J 374 -44.12 -29.09 106.87
CA HIS J 374 -43.02 -28.81 107.80
C HIS J 374 -41.81 -28.19 107.12
N GLY J 375 -41.93 -27.75 105.87
CA GLY J 375 -40.85 -27.06 105.21
C GLY J 375 -39.94 -27.94 104.36
N TYR J 376 -40.15 -29.24 104.36
CA TYR J 376 -39.35 -30.14 103.54
C TYR J 376 -39.79 -30.05 102.09
N VAL J 377 -38.81 -30.04 101.19
CA VAL J 377 -39.07 -29.89 99.75
C VAL J 377 -38.81 -31.21 99.07
N HIS J 378 -39.81 -31.69 98.32
CA HIS J 378 -39.71 -32.91 97.54
C HIS J 378 -39.94 -32.60 96.08
N GLU J 379 -39.00 -33.02 95.24
CA GLU J 379 -39.19 -32.96 93.80
C GLU J 379 -39.99 -34.20 93.40
N THR J 380 -41.28 -34.02 93.20
CA THR J 380 -42.19 -35.12 92.93
C THR J 380 -42.33 -35.35 91.43
N LEU J 381 -42.19 -36.61 91.02
CA LEU J 381 -42.39 -37.05 89.64
C LEU J 381 -43.65 -37.88 89.59
N THR J 382 -44.55 -37.53 88.67
CA THR J 382 -45.84 -38.19 88.52
C THR J 382 -45.73 -39.29 87.48
N VAL J 383 -46.05 -40.52 87.87
CA VAL J 383 -46.02 -41.66 86.97
C VAL J 383 -47.34 -42.39 87.08
N TYR J 384 -47.65 -43.17 86.03
CA TYR J 384 -48.91 -43.91 86.01
C TYR J 384 -48.85 -45.15 86.90
N LYS J 385 -47.82 -45.98 86.72
CA LYS J 385 -47.73 -47.24 87.43
C LYS J 385 -46.37 -47.36 88.11
N ALA J 386 -46.36 -48.04 89.25
CA ALA J 386 -45.13 -48.29 90.00
C ALA J 386 -45.27 -49.62 90.73
N CYS J 387 -44.14 -50.29 90.92
CA CYS J 387 -44.11 -51.61 91.53
C CYS J 387 -43.15 -51.62 92.71
N ASN J 388 -43.16 -52.72 93.46
CA ASN J 388 -42.27 -52.91 94.60
C ASN J 388 -42.47 -51.81 95.64
N LEU J 389 -43.72 -51.44 95.89
CA LEU J 389 -44.05 -50.40 96.85
C LEU J 389 -45.15 -50.89 97.78
N ASN J 390 -44.93 -50.70 99.08
CA ASN J 390 -45.93 -50.95 100.11
C ASN J 390 -46.56 -49.64 100.54
N LEU J 391 -47.88 -49.65 100.71
CA LEU J 391 -48.59 -48.47 101.15
C LEU J 391 -48.71 -48.50 102.67
N ILE J 392 -48.47 -47.37 103.32
CA ILE J 392 -48.53 -47.25 104.78
C ILE J 392 -49.71 -46.35 105.13
N GLY J 393 -50.57 -46.84 106.03
CA GLY J 393 -51.69 -46.04 106.47
C GLY J 393 -52.83 -46.01 105.46
N ARG J 394 -53.64 -44.95 105.54
CA ARG J 394 -54.77 -44.76 104.65
C ARG J 394 -54.68 -43.41 103.96
N PRO J 395 -55.26 -43.28 102.76
CA PRO J 395 -55.14 -42.01 102.02
C PRO J 395 -55.60 -40.81 102.84
N SER J 396 -55.10 -39.63 102.48
CA SER J 396 -55.51 -38.39 103.13
C SER J 396 -55.37 -37.25 102.13
N THR J 397 -56.25 -36.26 102.27
CA THR J 397 -56.23 -35.09 101.41
C THR J 397 -55.60 -33.88 102.09
N GLU J 398 -55.06 -34.04 103.30
CA GLU J 398 -54.49 -32.92 104.03
C GLU J 398 -53.21 -32.47 103.36
N HIS J 399 -53.20 -31.22 102.88
CA HIS J 399 -52.00 -30.63 102.29
C HIS J 399 -51.59 -31.37 101.02
N SER J 400 -52.57 -31.83 100.25
CA SER J 400 -52.28 -32.55 99.02
C SER J 400 -51.76 -31.58 97.96
N TRP J 401 -50.61 -31.90 97.39
CA TRP J 401 -50.04 -31.08 96.32
C TRP J 401 -50.85 -31.12 95.05
N PHE J 402 -51.76 -32.08 94.90
CA PHE J 402 -52.61 -32.21 93.73
C PHE J 402 -54.06 -32.16 94.19
N PRO J 403 -54.68 -30.98 94.17
CA PRO J 403 -56.06 -30.85 94.67
C PRO J 403 -56.98 -31.84 94.00
N GLY J 404 -57.76 -32.55 94.82
CA GLY J 404 -58.68 -33.56 94.35
C GLY J 404 -58.19 -34.98 94.51
N TYR J 405 -56.90 -35.17 94.79
CA TYR J 405 -56.34 -36.49 95.01
C TYR J 405 -55.95 -36.64 96.48
N ALA J 406 -55.98 -37.88 96.95
CA ALA J 406 -55.57 -38.21 98.31
C ALA J 406 -54.29 -39.03 98.27
N TRP J 407 -53.36 -38.71 99.15
CA TRP J 407 -52.04 -39.31 99.14
C TRP J 407 -51.91 -40.40 100.20
N THR J 408 -51.06 -41.39 99.91
CA THR J 408 -50.74 -42.45 100.84
C THR J 408 -49.24 -42.72 100.78
N VAL J 409 -48.61 -42.79 101.95
CA VAL J 409 -47.16 -42.96 102.00
C VAL J 409 -46.78 -44.27 101.35
N ALA J 410 -45.74 -44.25 100.53
CA ALA J 410 -45.27 -45.41 99.80
C ALA J 410 -43.82 -45.70 100.15
N GLN J 411 -43.56 -46.93 100.59
CA GLN J 411 -42.22 -47.39 100.92
C GLN J 411 -41.77 -48.47 99.94
N CYS J 412 -40.46 -48.68 99.87
CA CYS J 412 -39.93 -49.76 99.06
C CYS J 412 -40.27 -51.10 99.70
N LYS J 413 -40.71 -52.05 98.88
CA LYS J 413 -41.05 -53.38 99.39
C LYS J 413 -39.85 -54.08 100.03
N ILE J 414 -38.64 -53.71 99.64
CA ILE J 414 -37.43 -54.37 100.13
C ILE J 414 -36.80 -53.60 101.29
N CYS J 415 -36.56 -52.31 101.12
CA CYS J 415 -35.82 -51.53 102.09
C CYS J 415 -36.69 -50.59 102.93
N ALA J 416 -37.93 -50.34 102.53
CA ALA J 416 -38.84 -49.45 103.25
C ALA J 416 -38.45 -47.98 103.13
N SER J 417 -37.66 -47.63 102.11
CA SER J 417 -37.40 -46.24 101.81
C SER J 417 -38.68 -45.54 101.43
N HIS J 418 -38.90 -44.35 101.99
CA HIS J 418 -39.99 -43.55 101.47
C HIS J 418 -39.70 -43.24 100.01
N ILE J 419 -40.37 -43.92 99.08
CA ILE J 419 -40.19 -43.61 97.67
C ILE J 419 -41.11 -42.49 97.23
N GLY J 420 -42.23 -42.31 97.90
CA GLY J 420 -43.14 -41.23 97.59
C GLY J 420 -44.53 -41.46 98.14
N TRP J 421 -45.53 -41.27 97.29
CA TRP J 421 -46.91 -41.44 97.70
C TRP J 421 -47.72 -41.97 96.53
N LYS J 422 -48.86 -42.57 96.85
CA LYS J 422 -49.83 -43.01 95.85
C LYS J 422 -51.04 -42.10 95.93
N PHE J 423 -51.27 -41.33 94.86
CA PHE J 423 -52.39 -40.39 94.81
C PHE J 423 -53.60 -41.08 94.18
N THR J 424 -54.72 -41.03 94.89
CA THR J 424 -55.97 -41.67 94.48
C THR J 424 -57.07 -40.63 94.42
N ALA J 425 -57.79 -40.58 93.30
CA ALA J 425 -58.81 -39.55 93.10
C ALA J 425 -59.90 -39.64 94.16
N THR J 426 -60.49 -38.50 94.48
CA THR J 426 -61.60 -38.44 95.42
C THR J 426 -62.97 -38.52 94.75
N LYS J 427 -63.06 -38.17 93.47
CA LYS J 427 -64.30 -38.24 92.71
C LYS J 427 -64.18 -39.27 91.60
N LYS J 428 -65.26 -40.02 91.38
CA LYS J 428 -65.23 -41.08 90.39
C LYS J 428 -64.99 -40.53 88.98
N ASP J 429 -65.41 -39.29 88.72
CA ASP J 429 -65.29 -38.69 87.39
C ASP J 429 -63.88 -38.23 87.07
N MET J 430 -62.97 -38.20 88.04
CA MET J 430 -61.62 -37.72 87.79
C MET J 430 -60.81 -38.74 87.00
N SER J 431 -59.89 -38.23 86.18
CA SER J 431 -59.02 -39.05 85.39
C SER J 431 -57.67 -38.34 85.30
N PRO J 432 -56.57 -39.03 85.60
CA PRO J 432 -56.48 -40.44 85.98
C PRO J 432 -57.07 -40.71 87.36
N GLN J 433 -57.50 -41.94 87.62
CA GLN J 433 -58.07 -42.26 88.91
C GLN J 433 -57.00 -42.48 89.98
N LYS J 434 -55.80 -42.87 89.58
CA LYS J 434 -54.72 -43.10 90.53
C LYS J 434 -53.38 -42.97 89.81
N PHE J 435 -52.39 -42.43 90.52
CA PHE J 435 -51.04 -42.33 90.01
C PHE J 435 -50.07 -42.33 91.18
N TRP J 436 -48.78 -42.16 90.89
CA TRP J 436 -47.75 -42.21 91.91
C TRP J 436 -46.88 -40.97 91.83
N GLY J 437 -46.61 -40.36 92.98
CA GLY J 437 -45.66 -39.27 93.06
C GLY J 437 -44.41 -39.70 93.79
N LEU J 438 -43.31 -39.82 93.06
CA LEU J 438 -42.05 -40.31 93.61
C LEU J 438 -41.10 -39.14 93.86
N THR J 439 -40.48 -39.11 95.03
CA THR J 439 -39.52 -38.05 95.33
C THR J 439 -38.19 -38.36 94.66
N ARG J 440 -37.62 -37.36 94.00
CA ARG J 440 -36.40 -37.60 93.23
C ARG J 440 -35.24 -38.07 94.12
N SER J 441 -35.20 -37.60 95.36
CA SER J 441 -34.09 -37.94 96.23
C SER J 441 -34.01 -39.43 96.51
N ALA J 442 -35.08 -40.18 96.26
CA ALA J 442 -35.12 -41.61 96.55
C ALA J 442 -35.06 -42.48 95.31
N LEU J 443 -34.92 -41.88 94.13
CA LEU J 443 -34.87 -42.64 92.89
C LEU J 443 -33.44 -42.66 92.35
N LEU J 444 -33.20 -43.60 91.46
CA LEU J 444 -31.91 -43.76 90.80
C LEU J 444 -32.14 -44.11 89.34
N PRO J 445 -31.64 -43.32 88.40
CA PRO J 445 -31.79 -43.66 86.98
C PRO J 445 -30.95 -44.90 86.66
N THR J 446 -31.46 -45.73 85.78
CA THR J 446 -30.80 -47.00 85.48
C THR J 446 -31.05 -47.37 84.03
N ILE J 447 -30.06 -48.03 83.42
CA ILE J 447 -30.20 -48.55 82.07
C ILE J 447 -30.90 -49.90 82.17
N PRO J 448 -31.62 -50.32 81.13
CA PRO J 448 -32.28 -51.62 81.17
C PRO J 448 -31.32 -52.74 80.79
N ASP J 449 -31.40 -53.85 81.53
CA ASP J 449 -30.60 -55.02 81.19
C ASP J 449 -30.93 -55.48 79.78
N THR J 450 -29.88 -55.73 78.99
CA THR J 450 -30.07 -56.04 77.57
C THR J 450 -30.88 -57.31 77.40
N GLU J 451 -31.72 -57.33 76.36
CA GLU J 451 -32.49 -58.53 76.06
C GLU J 451 -31.58 -59.71 75.75
N ASP J 452 -30.45 -59.45 75.08
CA ASP J 452 -29.45 -60.46 74.79
C ASP J 452 -28.30 -60.26 75.77
N GLU J 453 -28.13 -61.20 76.70
CA GLU J 453 -27.09 -61.08 77.71
C GLU J 453 -25.70 -61.13 77.09
N ILE J 454 -25.55 -61.79 75.94
CA ILE J 454 -24.24 -61.89 75.31
C ILE J 454 -23.77 -60.55 74.77
N SER J 455 -24.68 -59.61 74.56
CA SER J 455 -24.36 -58.30 73.98
C SER J 455 -24.54 -57.22 75.05
N PRO J 456 -23.48 -56.87 75.80
CA PRO J 456 -23.59 -55.77 76.77
C PRO J 456 -22.73 -54.58 76.41
N ASP J 457 -23.01 -53.91 75.28
CA ASP J 457 -22.20 -52.78 74.85
C ASP J 457 -22.18 -51.69 75.92
N LYS J 458 -21.14 -50.87 75.87
CA LYS J 458 -20.97 -49.83 76.88
C LYS J 458 -22.07 -48.78 76.78
N VAL J 459 -22.69 -48.48 77.92
CA VAL J 459 -23.72 -47.45 78.02
C VAL J 459 -23.22 -46.37 78.97
N ILE J 460 -22.07 -45.77 78.66
CA ILE J 460 -21.48 -44.74 79.51
C ILE J 460 -22.18 -43.41 79.27
N LEU J 461 -22.18 -42.55 80.29
CA LEU J 461 -22.76 -41.22 80.16
C LEU J 461 -22.14 -40.49 78.97
N CYS J 462 -22.98 -39.98 78.09
CA CYS J 462 -22.52 -39.32 76.87
C CYS J 462 -23.06 -37.90 76.78
N LEU J 463 -22.21 -36.99 76.31
CA LEU J 463 -22.60 -35.60 76.13
C LEU J 463 -21.86 -35.02 74.92
N ARG K 28 58.76 13.54 50.00
CA ARG K 28 57.88 14.29 49.11
C ARG K 28 56.59 13.51 48.84
N MET K 29 55.50 13.94 49.44
CA MET K 29 54.22 13.26 49.36
C MET K 29 53.13 14.24 48.97
N SER K 30 52.08 13.73 48.33
CA SER K 30 50.98 14.55 47.84
C SER K 30 49.70 14.38 48.64
N TYR K 31 49.10 13.19 48.62
CA TYR K 31 47.85 12.95 49.33
C TYR K 31 46.72 13.78 48.73
N ASN K 32 46.03 13.24 47.72
CA ASN K 32 44.95 13.95 47.06
C ASN K 32 43.83 12.98 46.70
N TYR K 33 42.64 13.54 46.51
CA TYR K 33 41.42 12.81 46.25
C TYR K 33 40.69 13.49 45.10
N VAL K 34 40.17 12.71 44.17
CA VAL K 34 39.50 13.23 42.98
C VAL K 34 38.24 12.42 42.74
N VAL K 35 37.13 13.11 42.49
CA VAL K 35 35.83 12.45 42.33
C VAL K 35 35.05 13.13 41.22
N THR K 36 34.21 12.35 40.54
CA THR K 36 33.39 12.85 39.44
C THR K 36 32.09 13.41 40.02
N ALA K 37 31.86 14.71 39.80
CA ALA K 37 30.60 15.32 40.20
C ALA K 37 29.54 15.19 39.11
N GLN K 38 29.94 15.31 37.84
CA GLN K 38 29.05 15.16 36.71
C GLN K 38 29.69 14.23 35.69
N LYS K 39 28.98 13.18 35.29
CA LYS K 39 29.50 12.24 34.32
C LYS K 39 29.68 12.92 32.97
N PRO K 40 30.55 12.38 32.13
CA PRO K 40 30.73 12.96 30.79
C PRO K 40 29.43 12.93 30.01
N THR K 41 29.04 14.08 29.48
CA THR K 41 27.76 14.26 28.83
C THR K 41 27.84 14.25 27.30
N ALA K 42 29.03 14.39 26.73
CA ALA K 42 29.19 14.40 25.29
C ALA K 42 29.12 12.99 24.73
N VAL K 43 28.40 12.84 23.62
CA VAL K 43 28.24 11.56 22.94
C VAL K 43 29.26 11.47 21.83
N ASN K 44 30.10 10.44 21.87
CA ASN K 44 31.11 10.22 20.83
C ASN K 44 30.85 8.98 20.00
N GLY K 45 29.74 8.27 20.25
CA GLY K 45 29.42 7.09 19.47
C GLY K 45 28.06 6.52 19.79
N CYS K 46 27.42 5.90 18.80
CA CYS K 46 26.09 5.34 18.99
C CYS K 46 25.85 4.28 17.92
N VAL K 47 25.21 3.18 18.31
CA VAL K 47 24.94 2.07 17.41
C VAL K 47 23.60 1.43 17.78
N THR K 48 22.85 1.00 16.78
CA THR K 48 21.59 0.31 16.99
C THR K 48 21.73 -1.17 16.65
N GLY K 49 20.95 -1.99 17.35
CA GLY K 49 21.03 -3.42 17.11
C GLY K 49 20.08 -4.19 18.01
N HIS K 50 20.42 -5.46 18.26
CA HIS K 50 19.63 -6.35 19.11
C HIS K 50 20.56 -6.92 20.18
N PHE K 51 20.89 -6.09 21.16
CA PHE K 51 21.88 -6.45 22.17
C PHE K 51 21.26 -7.13 23.39
N THR K 52 20.12 -6.64 23.86
CA THR K 52 19.47 -7.26 25.02
C THR K 52 18.81 -8.58 24.61
N SER K 53 17.82 -8.51 23.73
CA SER K 53 17.14 -9.70 23.24
C SER K 53 16.93 -9.57 21.74
N ALA K 54 16.92 -10.72 21.06
CA ALA K 54 16.78 -10.72 19.60
C ALA K 54 15.49 -10.05 19.14
N GLU K 55 14.51 -9.88 20.02
CA GLU K 55 13.23 -9.31 19.61
C GLU K 55 13.28 -7.78 19.56
N ASP K 56 13.37 -7.15 20.72
CA ASP K 56 13.28 -5.70 20.81
C ASP K 56 14.53 -5.04 20.22
N LEU K 57 14.39 -3.76 19.90
CA LEU K 57 15.45 -2.96 19.29
C LEU K 57 16.17 -2.14 20.36
N ASN K 58 17.50 -2.15 20.29
CA ASN K 58 18.36 -1.51 21.28
C ASN K 58 19.16 -0.39 20.65
N LEU K 59 19.36 0.67 21.43
CA LEU K 59 20.23 1.78 21.08
C LEU K 59 21.32 1.90 22.14
N LEU K 60 22.57 1.74 21.72
CA LEU K 60 23.73 1.85 22.60
C LEU K 60 24.43 3.18 22.33
N ILE K 61 24.69 3.94 23.39
CA ILE K 61 25.34 5.23 23.30
C ILE K 61 26.60 5.19 24.17
N ALA K 62 27.66 5.82 23.68
CA ALA K 62 28.94 5.87 24.37
C ALA K 62 29.26 7.32 24.71
N LYS K 63 29.44 7.59 26.01
CA LYS K 63 29.85 8.90 26.51
C LYS K 63 31.20 8.71 27.18
N ASN K 64 32.25 8.66 26.35
CA ASN K 64 33.63 8.50 26.81
C ASN K 64 33.81 7.20 27.60
N THR K 65 33.70 7.28 28.92
CA THR K 65 33.89 6.13 29.79
C THR K 65 32.58 5.48 30.21
N ARG K 66 31.44 6.03 29.80
CA ARG K 66 30.13 5.53 30.16
C ARG K 66 29.43 4.91 28.95
N LEU K 67 28.61 3.90 29.23
CA LEU K 67 27.87 3.18 28.20
C LEU K 67 26.41 3.09 28.61
N GLU K 68 25.52 3.62 27.77
CA GLU K 68 24.09 3.60 28.03
C GLU K 68 23.41 2.67 27.03
N ILE K 69 22.43 1.92 27.52
CA ILE K 69 21.72 0.92 26.72
C ILE K 69 20.23 1.20 26.89
N TYR K 70 19.58 1.63 25.80
CA TYR K 70 18.16 1.92 25.76
C TYR K 70 17.45 0.92 24.85
N VAL K 71 16.14 0.81 25.06
CA VAL K 71 15.25 0.05 24.17
C VAL K 71 14.42 1.03 23.38
N VAL K 72 14.36 0.84 22.06
CA VAL K 72 13.61 1.73 21.19
C VAL K 72 12.13 1.39 21.28
N THR K 73 11.33 2.34 21.71
CA THR K 73 9.88 2.19 21.78
C THR K 73 9.20 3.14 20.80
N ALA K 74 7.89 2.95 20.65
CA ALA K 74 7.14 3.82 19.76
C ALA K 74 7.10 5.25 20.29
N GLU K 75 7.07 5.42 21.61
CA GLU K 75 7.07 6.76 22.19
C GLU K 75 8.44 7.41 22.04
N GLY K 76 9.47 6.77 22.57
CA GLY K 76 10.82 7.30 22.49
C GLY K 76 11.89 6.29 22.85
N LEU K 77 12.64 6.57 23.91
CA LEU K 77 13.71 5.71 24.38
C LEU K 77 13.46 5.32 25.83
N ARG K 78 13.52 4.02 26.12
CA ARG K 78 13.32 3.50 27.46
C ARG K 78 14.66 3.10 28.06
N PRO K 79 15.14 3.80 29.09
CA PRO K 79 16.44 3.46 29.67
C PRO K 79 16.42 2.06 30.28
N VAL K 80 17.39 1.24 29.87
CA VAL K 80 17.50 -0.14 30.30
C VAL K 80 18.69 -0.34 31.23
N LYS K 81 19.88 0.06 30.81
CA LYS K 81 21.06 -0.16 31.63
C LYS K 81 22.08 0.95 31.40
N GLU K 82 22.95 1.15 32.39
CA GLU K 82 24.02 2.13 32.28
C GLU K 82 25.22 1.60 33.05
N VAL K 83 26.36 1.50 32.36
CA VAL K 83 27.57 0.94 32.95
C VAL K 83 28.72 1.91 32.76
N GLY K 84 29.77 1.70 33.57
CA GLY K 84 30.99 2.45 33.44
C GLY K 84 32.21 1.57 33.20
N MET K 85 33.05 1.95 32.24
CA MET K 85 34.24 1.18 31.90
C MET K 85 35.50 1.88 32.39
N TYR K 86 36.52 1.08 32.66
CA TYR K 86 37.83 1.60 33.07
C TYR K 86 38.69 1.93 31.84
N GLY K 87 38.14 2.80 30.99
CA GLY K 87 38.81 3.17 29.75
C GLY K 87 37.97 4.04 28.85
N LYS K 88 38.61 4.76 27.94
CA LYS K 88 37.93 5.63 27.00
C LYS K 88 37.50 4.80 25.78
N ILE K 89 36.19 4.75 25.54
CA ILE K 89 35.63 3.93 24.48
C ILE K 89 35.99 4.55 23.13
N ALA K 90 36.84 3.88 22.36
CA ALA K 90 37.18 4.34 21.02
C ALA K 90 36.32 3.65 19.96
N VAL K 91 36.20 2.33 20.05
CA VAL K 91 35.43 1.54 19.10
C VAL K 91 34.27 0.88 19.83
N MET K 92 33.11 0.84 19.18
CA MET K 92 31.92 0.22 19.76
C MET K 92 31.04 -0.26 18.61
N GLU K 93 30.94 -1.57 18.44
CA GLU K 93 30.16 -2.16 17.35
C GLU K 93 29.46 -3.41 17.84
N LEU K 94 28.28 -3.66 17.29
CA LEU K 94 27.49 -4.85 17.58
C LEU K 94 27.61 -5.86 16.43
N PHE K 95 27.52 -7.15 16.78
CA PHE K 95 27.67 -8.20 15.80
C PHE K 95 27.08 -9.48 16.35
N ARG K 96 26.48 -10.27 15.47
CA ARG K 96 25.89 -11.56 15.85
C ARG K 96 26.62 -12.69 15.15
N PRO K 97 27.47 -13.46 15.84
CA PRO K 97 28.21 -14.53 15.17
C PRO K 97 27.34 -15.70 14.73
N LYS K 98 27.93 -16.67 14.04
CA LYS K 98 27.20 -17.85 13.60
C LYS K 98 26.80 -18.70 14.80
N GLY K 99 25.51 -18.85 15.03
CA GLY K 99 25.02 -19.65 16.13
C GLY K 99 24.94 -18.90 17.43
N GLU K 100 24.32 -17.72 17.41
CA GLU K 100 24.13 -16.91 18.59
C GLU K 100 22.70 -16.36 18.62
N SER K 101 22.12 -16.33 19.82
CA SER K 101 20.75 -15.86 19.97
C SER K 101 20.63 -14.38 19.64
N LYS K 102 21.34 -13.54 20.39
CA LYS K 102 21.30 -12.10 20.22
C LYS K 102 22.70 -11.58 19.89
N ASP K 103 22.80 -10.26 19.76
CA ASP K 103 24.04 -9.64 19.32
C ASP K 103 25.01 -9.46 20.47
N LEU K 104 26.30 -9.58 20.16
CA LEU K 104 27.38 -9.29 21.09
C LEU K 104 27.95 -7.89 20.80
N LEU K 105 28.64 -7.34 21.79
CA LEU K 105 29.14 -5.97 21.70
C LEU K 105 30.65 -5.97 21.79
N PHE K 106 31.31 -5.49 20.74
CA PHE K 106 32.76 -5.34 20.72
C PHE K 106 33.13 -3.91 21.08
N ILE K 107 34.05 -3.77 22.03
CA ILE K 107 34.47 -2.46 22.52
C ILE K 107 35.98 -2.44 22.65
N LEU K 108 36.61 -1.43 22.06
CA LEU K 108 38.03 -1.17 22.20
C LEU K 108 38.24 0.15 22.93
N THR K 109 39.20 0.18 23.83
CA THR K 109 39.50 1.37 24.62
C THR K 109 40.68 2.12 24.03
N ALA K 110 40.86 3.35 24.52
CA ALA K 110 41.99 4.17 24.07
C ALA K 110 43.31 3.49 24.39
N LYS K 111 43.39 2.78 25.52
CA LYS K 111 44.59 2.04 25.89
C LYS K 111 44.67 0.67 25.24
N TYR K 112 43.91 0.44 24.16
CA TYR K 112 43.99 -0.80 23.39
C TYR K 112 43.53 -2.00 24.21
N ASN K 113 42.48 -1.81 25.01
CA ASN K 113 41.80 -2.91 25.68
C ASN K 113 40.60 -3.30 24.82
N ALA K 114 40.67 -4.44 24.16
CA ALA K 114 39.56 -4.96 23.36
C ALA K 114 38.79 -6.00 24.16
N CYS K 115 37.48 -6.03 23.93
CA CYS K 115 36.63 -6.95 24.66
C CYS K 115 35.35 -7.21 23.87
N ILE K 116 34.82 -8.41 24.04
CA ILE K 116 33.49 -8.78 23.55
C ILE K 116 32.62 -9.03 24.79
N LEU K 117 31.55 -8.25 24.90
CA LEU K 117 30.61 -8.29 26.01
C LEU K 117 29.26 -8.83 25.55
N GLU K 118 28.53 -9.40 26.50
CA GLU K 118 27.22 -9.98 26.26
C GLU K 118 26.24 -9.48 27.32
N TYR K 119 25.00 -9.24 26.90
CA TYR K 119 23.94 -8.80 27.81
C TYR K 119 23.26 -10.04 28.40
N LYS K 120 23.28 -10.15 29.73
CA LYS K 120 22.64 -11.25 30.43
C LYS K 120 21.80 -10.72 31.58
N GLN K 121 20.55 -11.15 31.65
CA GLN K 121 19.60 -10.71 32.66
C GLN K 121 18.92 -11.93 33.28
N SER K 122 18.86 -11.95 34.61
CA SER K 122 18.26 -13.05 35.35
C SER K 122 17.21 -12.48 36.30
N GLY K 123 15.94 -12.60 35.94
CA GLY K 123 14.87 -12.05 36.74
C GLY K 123 14.87 -10.54 36.76
N GLU K 124 15.58 -9.95 37.73
CA GLU K 124 15.68 -8.49 37.83
C GLU K 124 17.10 -8.03 38.11
N SER K 125 18.11 -8.84 37.79
CA SER K 125 19.52 -8.49 38.00
C SER K 125 20.18 -8.41 36.63
N ILE K 126 20.59 -7.21 36.23
CA ILE K 126 21.19 -6.97 34.93
C ILE K 126 22.70 -6.93 35.10
N ASP K 127 23.42 -7.63 34.22
CA ASP K 127 24.87 -7.69 34.26
C ASP K 127 25.41 -7.82 32.85
N ILE K 128 26.46 -7.06 32.56
CA ILE K 128 27.13 -7.10 31.26
C ILE K 128 28.36 -7.99 31.45
N ILE K 129 28.18 -9.27 31.17
CA ILE K 129 29.26 -10.24 31.37
C ILE K 129 30.26 -10.13 30.24
N THR K 130 31.53 -10.35 30.56
CA THR K 130 32.63 -10.23 29.60
C THR K 130 32.88 -11.60 28.97
N ARG K 131 32.44 -11.76 27.72
CA ARG K 131 32.69 -13.01 27.02
C ARG K 131 34.17 -13.17 26.68
N ALA K 132 34.82 -12.09 26.28
CA ALA K 132 36.24 -12.16 25.94
C ALA K 132 36.88 -10.80 26.15
N HIS K 133 38.21 -10.80 26.34
CA HIS K 133 38.92 -9.55 26.56
C HIS K 133 40.41 -9.79 26.34
N GLY K 134 41.14 -8.69 26.20
CA GLY K 134 42.58 -8.71 26.08
C GLY K 134 43.09 -7.39 25.54
N ASN K 135 44.36 -7.12 25.79
CA ASN K 135 45.00 -5.91 25.30
C ASN K 135 45.65 -6.19 23.95
N VAL K 136 45.41 -5.31 22.98
CA VAL K 136 45.88 -5.50 21.61
C VAL K 136 46.92 -4.46 21.23
N GLN K 137 47.65 -3.95 22.21
CA GLN K 137 48.67 -2.96 21.94
C GLN K 137 49.94 -3.63 21.42
N ASP K 138 50.67 -2.91 20.56
CA ASP K 138 51.91 -3.40 19.98
C ASP K 138 53.07 -2.53 20.48
N ARG K 139 54.00 -3.15 21.19
CA ARG K 139 55.16 -2.44 21.73
C ARG K 139 56.10 -2.13 20.58
N ILE K 140 55.93 -0.93 20.00
CA ILE K 140 56.59 -0.40 18.80
C ILE K 140 55.52 -0.32 17.72
N GLY K 141 55.39 0.87 17.13
CA GLY K 141 54.35 1.10 16.13
C GLY K 141 53.86 2.53 16.18
N ARG K 142 53.89 3.20 15.03
CA ARG K 142 53.49 4.60 14.96
C ARG K 142 51.97 4.70 14.83
N PRO K 143 51.26 5.27 15.80
CA PRO K 143 49.81 5.41 15.67
C PRO K 143 49.46 6.20 14.41
N SER K 144 48.41 5.75 13.73
CA SER K 144 48.04 6.34 12.46
C SER K 144 47.51 7.76 12.64
N GLU K 145 47.41 8.47 11.52
CA GLU K 145 46.92 9.84 11.54
C GLU K 145 45.41 9.91 11.68
N THR K 146 44.69 8.94 11.12
CA THR K 146 43.24 8.88 11.23
C THR K 146 42.77 8.21 12.51
N GLY K 147 43.68 7.89 13.43
CA GLY K 147 43.31 7.30 14.69
C GLY K 147 43.01 5.81 14.58
N ILE K 148 42.38 5.30 15.63
CA ILE K 148 42.02 3.89 15.68
C ILE K 148 40.81 3.66 14.79
N ILE K 149 40.86 2.60 13.99
CA ILE K 149 39.75 2.22 13.11
C ILE K 149 39.42 0.75 13.37
N GLY K 150 38.23 0.49 13.91
CA GLY K 150 37.82 -0.87 14.17
C GLY K 150 36.61 -1.27 13.36
N ILE K 151 36.72 -2.35 12.58
CA ILE K 151 35.61 -2.85 11.77
C ILE K 151 35.48 -4.34 12.00
N ILE K 152 34.31 -4.87 11.62
CA ILE K 152 34.00 -6.28 11.79
C ILE K 152 33.45 -6.83 10.49
N ASP K 153 33.82 -8.06 10.16
CA ASP K 153 33.34 -8.71 8.95
C ASP K 153 31.81 -8.85 9.03
N PRO K 154 31.10 -8.65 7.92
CA PRO K 154 29.64 -8.77 7.98
C PRO K 154 29.17 -10.14 8.43
N GLU K 155 29.88 -11.20 8.05
CA GLU K 155 29.57 -12.55 8.49
C GLU K 155 30.41 -12.99 9.68
N CYS K 156 30.98 -12.03 10.40
CA CYS K 156 31.68 -12.29 11.67
C CYS K 156 32.83 -13.28 11.49
N ARG K 157 33.58 -13.11 10.39
CA ARG K 157 34.76 -13.93 10.17
C ARG K 157 35.91 -13.50 11.08
N MET K 158 36.02 -12.20 11.37
CA MET K 158 37.12 -11.66 12.15
C MET K 158 36.81 -10.23 12.51
N ILE K 159 37.71 -9.63 13.30
CA ILE K 159 37.67 -8.22 13.65
C ILE K 159 38.94 -7.59 13.14
N GLY K 160 38.81 -6.53 12.35
CA GLY K 160 39.94 -5.89 11.73
C GLY K 160 40.18 -4.55 12.40
N LEU K 161 41.40 -4.38 12.90
CA LEU K 161 41.81 -3.16 13.59
C LEU K 161 42.93 -2.50 12.80
N ARG K 162 42.86 -1.18 12.68
CA ARG K 162 43.90 -0.34 12.12
C ARG K 162 44.31 0.63 13.24
N LEU K 163 45.42 0.30 13.91
CA LEU K 163 45.95 1.08 15.01
C LEU K 163 47.24 1.78 14.67
N TYR K 164 48.10 1.15 13.87
CA TYR K 164 49.39 1.72 13.51
C TYR K 164 49.55 1.70 12.00
N ASP K 165 50.19 2.74 11.46
CA ASP K 165 50.38 2.83 10.02
C ASP K 165 51.22 1.65 9.53
N GLY K 166 50.83 1.11 8.37
CA GLY K 166 51.56 0.03 7.75
C GLY K 166 51.27 -1.36 8.28
N LEU K 167 50.36 -1.49 9.24
CA LEU K 167 50.00 -2.78 9.80
C LEU K 167 48.49 -2.88 9.89
N PHE K 168 47.97 -4.10 9.73
CA PHE K 168 46.55 -4.36 9.86
C PHE K 168 46.35 -5.53 10.82
N LYS K 169 45.87 -5.25 12.02
CA LYS K 169 45.71 -6.29 13.03
C LYS K 169 44.40 -7.04 12.80
N VAL K 170 44.44 -8.36 12.98
CA VAL K 170 43.31 -9.22 12.74
C VAL K 170 43.10 -10.10 13.96
N ILE K 171 41.88 -10.09 14.51
CA ILE K 171 41.47 -10.96 15.60
C ILE K 171 40.49 -11.97 15.02
N PRO K 172 40.88 -13.24 14.88
CA PRO K 172 39.95 -14.23 14.33
C PRO K 172 38.81 -14.52 15.30
N LEU K 173 37.59 -14.58 14.75
CA LEU K 173 36.40 -14.85 15.55
C LEU K 173 36.16 -16.35 15.61
N ASP K 174 36.88 -17.00 16.51
CA ASP K 174 36.73 -18.43 16.77
C ASP K 174 36.31 -18.63 18.22
N ARG K 175 35.52 -19.69 18.46
CA ARG K 175 35.06 -19.96 19.81
C ARG K 175 36.21 -20.24 20.75
N ASP K 176 37.36 -20.66 20.23
CA ASP K 176 38.53 -20.90 21.08
C ASP K 176 39.21 -19.61 21.48
N ASN K 177 39.18 -18.60 20.63
CA ASN K 177 39.87 -17.34 20.89
C ASN K 177 39.19 -16.57 22.02
N LYS K 178 39.60 -16.83 23.26
CA LYS K 178 39.07 -16.14 24.42
C LYS K 178 39.95 -14.98 24.89
N GLU K 179 41.26 -15.08 24.70
CA GLU K 179 42.18 -14.01 25.05
C GLU K 179 42.29 -12.95 23.97
N LEU K 180 41.66 -13.16 22.82
CA LEU K 180 41.71 -12.21 21.70
C LEU K 180 43.10 -12.18 21.08
N LYS K 181 43.71 -13.35 20.92
CA LYS K 181 45.00 -13.43 20.24
C LYS K 181 44.84 -12.99 18.80
N ALA K 182 45.61 -11.98 18.40
CA ALA K 182 45.52 -11.41 17.07
C ALA K 182 46.88 -11.46 16.38
N PHE K 183 46.86 -11.22 15.07
CA PHE K 183 48.09 -11.19 14.29
C PHE K 183 48.06 -10.03 13.31
N ASN K 184 49.22 -9.42 13.09
CA ASN K 184 49.33 -8.29 12.19
C ASN K 184 49.61 -8.77 10.76
N ILE K 185 49.11 -8.00 9.80
CA ILE K 185 49.38 -8.24 8.39
C ILE K 185 50.09 -7.01 7.82
N ARG K 186 51.12 -7.26 7.03
CA ARG K 186 51.90 -6.19 6.40
C ARG K 186 51.02 -5.42 5.42
N LEU K 187 50.98 -4.10 5.57
CA LEU K 187 50.17 -3.22 4.73
C LEU K 187 51.11 -2.27 3.99
N GLU K 188 51.22 -2.44 2.67
CA GLU K 188 52.12 -1.61 1.89
C GLU K 188 51.64 -0.16 1.84
N GLU K 189 50.34 0.08 1.96
CA GLU K 189 49.79 1.43 1.97
C GLU K 189 49.89 1.97 3.38
N LEU K 190 50.78 2.94 3.59
CA LEU K 190 51.01 3.47 4.93
C LEU K 190 49.89 4.41 5.37
N HIS K 191 49.49 5.32 4.49
CA HIS K 191 48.54 6.38 4.83
C HIS K 191 47.14 5.95 4.43
N VAL K 192 46.51 5.16 5.29
CA VAL K 192 45.13 4.73 5.10
C VAL K 192 44.21 5.72 5.79
N ILE K 193 43.19 6.19 5.07
CA ILE K 193 42.28 7.20 5.60
C ILE K 193 41.08 6.52 6.24
N ASP K 194 40.36 5.71 5.47
CA ASP K 194 39.20 4.97 5.97
C ASP K 194 39.21 3.57 5.36
N VAL K 195 38.61 2.63 6.08
CA VAL K 195 38.57 1.24 5.65
C VAL K 195 37.28 0.61 6.18
N LYS K 196 36.70 -0.27 5.38
CA LYS K 196 35.48 -0.98 5.74
C LYS K 196 35.58 -2.43 5.27
N PHE K 197 34.69 -3.27 5.79
CA PHE K 197 34.52 -4.63 5.31
C PHE K 197 33.37 -4.67 4.31
N LEU K 198 33.61 -5.25 3.14
CA LEU K 198 32.61 -5.27 2.08
C LEU K 198 31.59 -6.38 2.33
N TYR K 199 30.41 -6.19 1.74
CA TYR K 199 29.33 -7.16 1.83
C TYR K 199 29.33 -8.06 0.60
N GLY K 200 28.84 -9.29 0.78
CA GLY K 200 28.67 -10.22 -0.32
C GLY K 200 29.96 -10.60 -1.01
N CYS K 201 30.93 -11.09 -0.26
CA CYS K 201 32.20 -11.54 -0.81
C CYS K 201 32.48 -12.96 -0.36
N GLN K 202 33.03 -13.76 -1.27
CA GLN K 202 33.37 -15.15 -0.93
C GLN K 202 34.30 -15.19 0.27
N ALA K 203 35.39 -14.43 0.21
CA ALA K 203 36.32 -14.30 1.32
C ALA K 203 36.20 -12.92 1.95
N PRO K 204 36.56 -12.77 3.22
CA PRO K 204 36.50 -11.45 3.85
C PRO K 204 37.36 -10.44 3.09
N THR K 205 36.72 -9.37 2.63
CA THR K 205 37.37 -8.36 1.81
C THR K 205 37.26 -7.01 2.46
N ILE K 206 38.38 -6.29 2.53
CA ILE K 206 38.43 -4.92 3.04
C ILE K 206 38.59 -3.97 1.87
N CYS K 207 37.91 -2.83 1.94
CA CYS K 207 38.04 -1.76 0.96
C CYS K 207 38.39 -0.48 1.70
N PHE K 208 39.45 0.20 1.26
CA PHE K 208 40.00 1.33 1.99
C PHE K 208 40.51 2.38 1.03
N VAL K 209 40.42 3.63 1.45
CA VAL K 209 40.96 4.76 0.71
C VAL K 209 42.27 5.18 1.37
N TYR K 210 43.32 5.32 0.57
CA TYR K 210 44.64 5.70 1.03
C TYR K 210 45.18 6.82 0.15
N GLN K 211 46.30 7.39 0.57
CA GLN K 211 46.93 8.49 -0.14
C GLN K 211 48.41 8.22 -0.32
N ASP K 212 48.90 8.49 -1.53
CA ASP K 212 50.32 8.43 -1.85
C ASP K 212 50.70 9.69 -2.62
N PRO K 213 51.97 9.85 -3.01
CA PRO K 213 52.34 11.07 -3.74
C PRO K 213 51.49 11.36 -4.97
N GLN K 214 50.81 10.35 -5.54
CA GLN K 214 50.01 10.53 -6.74
C GLN K 214 48.55 10.85 -6.45
N GLY K 215 48.20 11.05 -5.19
CA GLY K 215 46.84 11.32 -4.79
C GLY K 215 46.23 10.21 -3.97
N ARG K 216 44.90 10.22 -3.90
CA ARG K 216 44.15 9.25 -3.11
C ARG K 216 43.53 8.21 -4.02
N HIS K 217 43.50 6.97 -3.57
CA HIS K 217 42.96 5.85 -4.32
C HIS K 217 42.22 4.91 -3.38
N VAL K 218 41.24 4.20 -3.92
CA VAL K 218 40.49 3.18 -3.19
C VAL K 218 40.95 1.81 -3.66
N LYS K 219 41.27 0.93 -2.70
CA LYS K 219 41.85 -0.37 -3.01
C LYS K 219 41.23 -1.43 -2.10
N THR K 220 41.21 -2.66 -2.59
CA THR K 220 40.60 -3.78 -1.88
C THR K 220 41.61 -4.91 -1.69
N TYR K 221 41.44 -5.62 -0.58
CA TYR K 221 42.27 -6.78 -0.26
C TYR K 221 41.39 -7.89 0.28
N GLU K 222 41.81 -9.13 0.06
CA GLU K 222 41.15 -10.30 0.62
C GLU K 222 41.99 -10.82 1.79
N VAL K 223 41.39 -10.87 2.97
CA VAL K 223 42.10 -11.29 4.18
C VAL K 223 41.99 -12.80 4.31
N SER K 224 43.12 -13.49 4.23
CA SER K 224 43.16 -14.95 4.37
C SER K 224 43.66 -15.29 5.76
N LEU K 225 42.80 -15.95 6.55
CA LEU K 225 43.17 -16.37 7.90
C LEU K 225 44.04 -17.61 7.88
N ARG K 226 43.89 -18.46 6.85
CA ARG K 226 44.75 -19.64 6.74
C ARG K 226 46.17 -19.23 6.39
N GLU K 227 46.34 -18.49 5.29
CA GLU K 227 47.65 -17.92 4.96
C GLU K 227 48.05 -16.81 5.91
N LYS K 228 47.09 -16.24 6.65
CA LYS K 228 47.36 -15.13 7.55
C LYS K 228 48.01 -13.97 6.79
N GLU K 229 47.39 -13.59 5.67
CA GLU K 229 48.00 -12.57 4.81
C GLU K 229 46.95 -11.99 3.88
N PHE K 230 47.39 -11.07 3.04
CA PHE K 230 46.51 -10.42 2.07
C PHE K 230 46.56 -11.14 0.74
N ASN K 231 45.49 -10.99 -0.03
CA ASN K 231 45.38 -11.50 -1.38
C ASN K 231 44.73 -10.45 -2.27
N LYS K 232 44.97 -10.55 -3.57
CA LYS K 232 44.43 -9.58 -4.50
C LYS K 232 42.92 -9.43 -4.30
N GLY K 233 42.45 -8.19 -4.32
CA GLY K 233 41.05 -7.90 -4.12
C GLY K 233 40.25 -8.08 -5.38
N PRO K 234 38.92 -8.09 -5.22
CA PRO K 234 38.05 -8.24 -6.41
C PRO K 234 38.28 -7.16 -7.46
N TRP K 235 38.51 -5.92 -7.02
CA TRP K 235 38.78 -4.81 -7.94
C TRP K 235 39.81 -3.91 -7.27
N LYS K 236 41.06 -4.00 -7.72
CA LYS K 236 42.16 -3.31 -7.05
C LYS K 236 42.19 -1.83 -7.47
N GLN K 237 43.27 -1.14 -7.11
CA GLN K 237 43.38 0.32 -7.10
C GLN K 237 42.48 1.03 -8.10
N GLU K 238 41.73 2.01 -7.61
CA GLU K 238 40.92 2.90 -8.43
C GLU K 238 41.10 4.33 -7.90
N ASN K 239 41.28 5.28 -8.81
CA ASN K 239 41.54 6.66 -8.40
C ASN K 239 40.25 7.34 -7.94
N VAL K 240 40.35 8.06 -6.82
CA VAL K 240 39.22 8.78 -6.24
C VAL K 240 39.53 10.28 -6.23
N GLU K 241 38.64 11.08 -5.64
CA GLU K 241 38.85 12.52 -5.61
C GLU K 241 39.93 12.89 -4.60
N ALA K 242 40.36 14.15 -4.67
CA ALA K 242 41.46 14.59 -3.82
C ALA K 242 41.11 14.56 -2.34
N GLU K 243 39.86 14.86 -2.00
CA GLU K 243 39.42 14.96 -0.62
C GLU K 243 38.55 13.77 -0.21
N ALA K 244 38.76 12.61 -0.83
CA ALA K 244 38.00 11.41 -0.47
C ALA K 244 38.30 11.01 0.96
N SER K 245 37.28 11.08 1.83
CA SER K 245 37.48 10.88 3.26
C SER K 245 36.63 9.80 3.90
N MET K 246 35.55 9.34 3.26
CA MET K 246 34.63 8.40 3.90
C MET K 246 34.38 7.19 3.00
N VAL K 247 34.33 6.01 3.61
CA VAL K 247 34.05 4.75 2.91
C VAL K 247 32.87 4.07 3.59
N ILE K 248 31.90 3.62 2.80
CA ILE K 248 30.68 3.00 3.31
C ILE K 248 30.45 1.72 2.52
N ALA K 249 30.37 0.59 3.22
CA ALA K 249 30.05 -0.68 2.57
C ALA K 249 28.54 -0.81 2.42
N VAL K 250 28.09 -1.17 1.22
CA VAL K 250 26.67 -1.29 0.94
C VAL K 250 26.24 -2.75 1.08
N PRO K 251 25.06 -3.01 1.65
CA PRO K 251 24.64 -4.40 1.91
C PRO K 251 24.52 -5.26 0.66
N GLU K 252 24.05 -6.50 0.85
CA GLU K 252 24.08 -7.49 -0.22
C GLU K 252 23.36 -7.04 -1.48
N PRO K 253 22.14 -6.49 -1.42
CA PRO K 253 21.45 -6.12 -2.67
C PRO K 253 22.34 -5.36 -3.64
N PHE K 254 22.96 -4.26 -3.20
CA PHE K 254 23.83 -3.47 -4.06
C PHE K 254 25.24 -4.05 -4.11
N GLY K 255 25.92 -4.09 -2.97
CA GLY K 255 27.31 -4.51 -2.94
C GLY K 255 28.23 -3.34 -3.21
N GLY K 256 29.52 -3.65 -3.32
CA GLY K 256 30.48 -2.60 -3.59
C GLY K 256 30.61 -1.64 -2.41
N ALA K 257 30.92 -0.39 -2.73
CA ALA K 257 31.14 0.61 -1.69
C ALA K 257 30.85 2.01 -2.23
N ILE K 258 30.70 2.94 -1.28
CA ILE K 258 30.47 4.35 -1.57
C ILE K 258 31.60 5.16 -0.94
N ILE K 259 32.25 5.98 -1.76
CA ILE K 259 33.33 6.85 -1.30
C ILE K 259 32.83 8.29 -1.36
N ILE K 260 32.88 8.96 -0.20
CA ILE K 260 32.42 10.33 -0.04
C ILE K 260 33.63 11.23 0.17
N GLY K 261 33.72 12.29 -0.62
CA GLY K 261 34.76 13.29 -0.46
C GLY K 261 34.18 14.66 -0.14
N GLN K 262 34.85 15.72 -0.58
CA GLN K 262 34.36 17.06 -0.28
C GLN K 262 33.32 17.51 -1.30
N GLU K 263 33.60 17.30 -2.58
CA GLU K 263 32.71 17.77 -3.64
C GLU K 263 31.85 16.68 -4.26
N SER K 264 32.27 15.42 -4.18
CA SER K 264 31.60 14.36 -4.92
C SER K 264 31.33 13.15 -4.04
N ILE K 265 30.34 12.38 -4.47
CA ILE K 265 29.99 11.09 -3.89
C ILE K 265 30.02 10.06 -5.01
N THR K 266 30.80 9.01 -4.83
CA THR K 266 30.97 7.99 -5.86
C THR K 266 30.58 6.62 -5.31
N TYR K 267 30.14 5.75 -6.21
CA TYR K 267 29.83 4.36 -5.91
C TYR K 267 30.64 3.49 -6.84
N HIS K 268 31.37 2.54 -6.26
CA HIS K 268 32.22 1.63 -7.01
C HIS K 268 31.81 0.19 -6.72
N ASN K 269 31.69 -0.61 -7.77
CA ASN K 269 31.37 -2.03 -7.62
C ASN K 269 31.92 -2.79 -8.81
N GLY K 270 33.00 -3.53 -8.61
CA GLY K 270 33.62 -4.30 -9.67
C GLY K 270 33.91 -3.48 -10.91
N ASP K 271 33.03 -3.55 -11.90
CA ASP K 271 33.23 -2.85 -13.16
C ASP K 271 32.55 -1.49 -13.20
N LYS K 272 31.44 -1.32 -12.49
CA LYS K 272 30.68 -0.08 -12.54
C LYS K 272 31.24 0.93 -11.56
N TYR K 273 31.24 2.21 -11.97
CA TYR K 273 31.81 3.29 -11.17
C TYR K 273 31.01 4.55 -11.48
N LEU K 274 29.97 4.79 -10.69
CA LEU K 274 29.11 5.95 -10.86
C LEU K 274 29.55 7.05 -9.91
N ALA K 275 29.33 8.30 -10.32
CA ALA K 275 29.81 9.42 -9.52
C ALA K 275 28.93 10.63 -9.75
N ILE K 276 28.62 11.34 -8.67
CA ILE K 276 27.81 12.55 -8.74
C ILE K 276 28.45 13.63 -7.90
N ALA K 277 28.33 14.87 -8.37
CA ALA K 277 28.88 16.05 -7.69
C ALA K 277 27.74 17.01 -7.39
N PRO K 278 26.92 16.71 -6.40
CA PRO K 278 25.79 17.59 -6.07
C PRO K 278 26.26 18.86 -5.38
N PRO K 279 25.86 20.03 -5.89
CA PRO K 279 26.29 21.28 -5.26
C PRO K 279 25.77 21.46 -3.85
N ILE K 280 24.73 20.71 -3.45
CA ILE K 280 24.15 20.90 -2.13
C ILE K 280 25.06 20.45 -1.01
N ILE K 281 26.17 19.78 -1.33
CA ILE K 281 27.10 19.28 -0.31
C ILE K 281 28.45 19.99 -0.37
N LYS K 282 28.58 21.02 -1.21
CA LYS K 282 29.88 21.65 -1.41
C LYS K 282 30.24 22.63 -0.31
N GLN K 283 29.25 23.21 0.37
CA GLN K 283 29.54 24.27 1.34
C GLN K 283 30.16 23.74 2.63
N SER K 284 30.09 22.43 2.89
CA SER K 284 30.67 21.86 4.10
C SER K 284 30.98 20.39 3.85
N THR K 285 31.83 19.84 4.71
CA THR K 285 32.28 18.46 4.57
C THR K 285 31.38 17.52 5.35
N ILE K 286 31.04 16.39 4.72
CA ILE K 286 30.27 15.34 5.38
C ILE K 286 31.22 14.52 6.25
N VAL K 287 30.88 14.38 7.53
CA VAL K 287 31.77 13.77 8.51
C VAL K 287 31.14 12.60 9.23
N CYS K 288 29.88 12.27 8.97
CA CYS K 288 29.25 11.13 9.63
C CYS K 288 28.11 10.62 8.77
N HIS K 289 27.88 9.30 8.83
CA HIS K 289 26.85 8.66 8.04
C HIS K 289 26.17 7.60 8.89
N ASN K 290 25.07 7.07 8.34
CA ASN K 290 24.35 5.96 8.96
C ASN K 290 23.37 5.38 7.95
N ARG K 291 23.16 4.08 8.03
CA ARG K 291 22.30 3.36 7.09
C ARG K 291 20.86 3.37 7.59
N VAL K 292 19.94 3.74 6.70
CA VAL K 292 18.52 3.79 7.02
C VAL K 292 17.90 2.44 6.72
N ASP K 293 17.72 2.13 5.43
CA ASP K 293 17.14 0.85 5.02
C ASP K 293 18.18 -0.25 5.12
N PRO K 294 17.84 -1.41 5.72
CA PRO K 294 18.82 -2.49 5.83
C PRO K 294 19.34 -2.99 4.50
N ASN K 295 18.59 -2.82 3.41
CA ASN K 295 19.05 -3.23 2.09
C ASN K 295 20.01 -2.23 1.47
N GLY K 296 20.12 -1.03 2.02
CA GLY K 296 21.04 -0.03 1.53
C GLY K 296 20.46 1.01 0.60
N SER K 297 19.12 1.10 0.51
CA SER K 297 18.51 2.04 -0.41
C SER K 297 18.64 3.49 0.05
N ARG K 298 18.79 3.72 1.35
CA ARG K 298 18.89 5.08 1.87
C ARG K 298 19.98 5.16 2.92
N TYR K 299 20.60 6.34 3.00
CA TYR K 299 21.63 6.63 3.99
C TYR K 299 21.45 8.06 4.50
N LEU K 300 21.86 8.29 5.74
CA LEU K 300 21.83 9.62 6.35
C LEU K 300 23.24 10.18 6.39
N LEU K 301 23.37 11.46 6.02
CA LEU K 301 24.67 12.12 5.99
C LEU K 301 24.62 13.39 6.82
N GLY K 302 25.65 13.63 7.61
CA GLY K 302 25.74 14.84 8.41
C GLY K 302 27.04 15.56 8.15
N ASP K 303 26.95 16.87 7.99
CA ASP K 303 28.14 17.68 7.75
C ASP K 303 28.59 18.35 9.05
N MET K 304 29.67 19.12 8.96
CA MET K 304 30.25 19.73 10.16
C MET K 304 29.35 20.79 10.76
N GLU K 305 28.57 21.49 9.93
CA GLU K 305 27.80 22.64 10.37
C GLU K 305 26.37 22.28 10.76
N GLY K 306 26.07 20.99 10.97
CA GLY K 306 24.77 20.57 11.45
C GLY K 306 23.78 20.14 10.38
N ARG K 307 24.14 20.23 9.11
CA ARG K 307 23.23 19.86 8.04
C ARG K 307 23.09 18.33 7.93
N LEU K 308 21.86 17.90 7.67
CA LEU K 308 21.51 16.48 7.55
C LEU K 308 20.86 16.26 6.20
N PHE K 309 21.48 15.41 5.38
CA PHE K 309 21.05 15.04 4.05
C PHE K 309 20.64 13.57 4.01
N MET K 310 19.90 13.22 2.94
CA MET K 310 19.51 11.85 2.65
C MET K 310 20.12 11.46 1.31
N LEU K 311 20.93 10.40 1.31
CA LEU K 311 21.53 9.85 0.11
C LEU K 311 20.73 8.61 -0.31
N LEU K 312 20.10 8.67 -1.47
CA LEU K 312 19.24 7.60 -1.95
C LEU K 312 19.94 6.81 -3.05
N LEU K 313 19.78 5.49 -3.01
CA LEU K 313 20.32 4.59 -4.02
C LEU K 313 19.15 3.95 -4.76
N GLU K 314 18.94 4.37 -6.01
CA GLU K 314 17.87 3.82 -6.81
C GLU K 314 18.22 2.42 -7.30
N LYS K 315 17.22 1.54 -7.32
CA LYS K 315 17.40 0.16 -7.71
C LYS K 315 17.18 -0.02 -9.21
N GLU K 316 17.51 -1.21 -9.69
CA GLU K 316 17.23 -1.59 -11.09
C GLU K 316 17.16 -3.12 -11.12
N GLU K 317 15.94 -3.65 -11.19
CA GLU K 317 15.75 -5.09 -11.08
C GLU K 317 16.47 -5.85 -12.18
N GLN K 318 16.57 -5.28 -13.38
CA GLN K 318 17.12 -5.97 -14.55
C GLN K 318 16.37 -7.27 -14.83
N MET K 319 15.10 -7.33 -14.42
CA MET K 319 14.21 -8.45 -14.67
C MET K 319 14.57 -9.70 -13.89
N ASP K 320 15.67 -10.39 -14.27
CA ASP K 320 15.96 -11.69 -13.67
C ASP K 320 16.37 -11.59 -12.20
N GLY K 321 16.71 -10.40 -11.72
CA GLY K 321 16.97 -10.20 -10.30
C GLY K 321 18.42 -10.07 -9.90
N THR K 322 19.21 -9.34 -10.68
CA THR K 322 20.57 -9.00 -10.28
C THR K 322 20.64 -7.69 -9.50
N VAL K 323 19.57 -6.89 -9.52
CA VAL K 323 19.46 -5.62 -8.81
C VAL K 323 20.77 -4.86 -8.82
N THR K 324 20.93 -3.96 -9.79
CA THR K 324 22.10 -3.09 -9.90
C THR K 324 21.72 -1.67 -9.50
N LEU K 325 22.74 -0.86 -9.25
CA LEU K 325 22.53 0.54 -8.90
C LEU K 325 22.21 1.34 -10.15
N LYS K 326 21.13 2.13 -10.10
CA LYS K 326 20.72 2.93 -11.25
C LYS K 326 21.27 4.35 -11.19
N ASP K 327 21.13 5.03 -10.05
CA ASP K 327 21.54 6.42 -9.94
C ASP K 327 21.74 6.76 -8.47
N LEU K 328 22.31 7.93 -8.22
CA LEU K 328 22.56 8.43 -6.87
C LEU K 328 21.92 9.81 -6.71
N ARG K 329 21.36 10.06 -5.53
CA ARG K 329 20.68 11.31 -5.24
C ARG K 329 21.02 11.77 -3.83
N VAL K 330 21.09 13.09 -3.66
CA VAL K 330 21.31 13.70 -2.36
C VAL K 330 20.26 14.77 -2.15
N GLU K 331 19.57 14.70 -1.01
CA GLU K 331 18.49 15.62 -0.69
C GLU K 331 18.70 16.17 0.72
N LEU K 332 18.69 17.50 0.84
CA LEU K 332 18.93 18.16 2.11
C LEU K 332 17.69 18.04 3.00
N LEU K 333 17.75 17.17 4.00
CA LEU K 333 16.62 17.01 4.91
C LEU K 333 16.45 18.24 5.78
N GLY K 334 17.49 18.64 6.50
CA GLY K 334 17.38 19.81 7.35
C GLY K 334 18.62 20.14 8.17
N GLU K 335 18.42 20.78 9.32
CA GLU K 335 19.52 21.12 10.22
C GLU K 335 19.28 20.52 11.60
N THR K 336 20.33 19.92 12.15
CA THR K 336 20.28 19.39 13.52
C THR K 336 21.44 19.98 14.32
N SER K 337 21.69 19.41 15.49
CA SER K 337 22.90 19.76 16.21
C SER K 337 24.12 19.21 15.47
N ILE K 338 25.26 19.87 15.64
CA ILE K 338 26.50 19.44 15.01
C ILE K 338 26.76 17.98 15.37
N ALA K 339 26.46 17.08 14.43
CA ALA K 339 26.39 15.65 14.73
C ALA K 339 27.77 15.02 14.68
N GLU K 340 28.17 14.39 15.79
CA GLU K 340 29.35 13.54 15.79
C GLU K 340 29.05 12.16 15.22
N CYS K 341 27.83 11.69 15.40
CA CYS K 341 27.43 10.38 14.89
C CYS K 341 25.91 10.37 14.75
N LEU K 342 25.44 9.57 13.79
CA LEU K 342 24.01 9.44 13.52
C LEU K 342 23.62 7.98 13.56
N THR K 343 22.34 7.73 13.88
CA THR K 343 21.81 6.38 13.86
C THR K 343 20.30 6.46 13.70
N TYR K 344 19.77 5.74 12.72
CA TYR K 344 18.34 5.71 12.45
C TYR K 344 17.70 4.65 13.34
N LEU K 345 16.72 5.07 14.15
CA LEU K 345 16.02 4.16 15.04
C LEU K 345 14.94 3.40 14.28
N ASP K 346 13.77 4.01 14.12
CA ASP K 346 12.70 3.41 13.35
C ASP K 346 11.53 4.38 13.27
N ASN K 347 10.74 4.25 12.21
CA ASN K 347 9.55 5.07 12.00
C ASN K 347 9.89 6.56 11.92
N GLY K 348 10.97 6.87 11.20
CA GLY K 348 11.34 8.25 10.96
C GLY K 348 12.03 8.96 12.11
N VAL K 349 12.33 8.27 13.21
CA VAL K 349 12.98 8.86 14.36
C VAL K 349 14.48 8.60 14.27
N VAL K 350 15.26 9.67 14.28
CA VAL K 350 16.72 9.60 14.17
C VAL K 350 17.33 10.19 15.43
N PHE K 351 18.34 9.50 15.96
CA PHE K 351 19.10 9.97 17.11
C PHE K 351 20.36 10.65 16.62
N VAL K 352 20.54 11.91 17.02
CA VAL K 352 21.72 12.70 16.68
C VAL K 352 22.55 12.82 17.94
N GLY K 353 23.67 12.11 17.99
CA GLY K 353 24.64 12.29 19.06
C GLY K 353 25.55 13.46 18.72
N SER K 354 25.69 14.38 19.66
CA SER K 354 26.45 15.60 19.45
C SER K 354 27.55 15.74 20.49
N ARG K 355 28.70 16.27 20.06
CA ARG K 355 29.80 16.61 20.94
C ARG K 355 29.83 18.08 21.30
N LEU K 356 29.59 18.96 20.32
CA LEU K 356 29.62 20.40 20.57
C LEU K 356 28.32 20.92 21.17
N GLY K 357 27.21 20.22 20.97
CA GLY K 357 25.93 20.68 21.49
C GLY K 357 25.10 19.58 22.10
N ASP K 358 23.84 19.88 22.43
CA ASP K 358 22.97 18.89 23.03
C ASP K 358 22.63 17.78 22.05
N SER K 359 22.49 16.56 22.56
CA SER K 359 22.06 15.47 21.69
C SER K 359 20.57 15.57 21.44
N GLN K 360 20.09 14.88 20.40
CA GLN K 360 18.73 15.08 19.93
C GLN K 360 18.08 13.78 19.50
N LEU K 361 16.76 13.73 19.66
CA LEU K 361 15.88 12.78 19.00
C LEU K 361 14.99 13.60 18.09
N VAL K 362 15.13 13.41 16.77
CA VAL K 362 14.41 14.21 15.79
C VAL K 362 13.53 13.29 14.94
N LYS K 363 12.51 13.89 14.35
CA LYS K 363 11.56 13.18 13.51
C LYS K 363 11.69 13.67 12.07
N LEU K 364 11.70 12.72 11.14
CA LEU K 364 11.74 13.03 9.71
C LEU K 364 10.33 12.87 9.14
N ASN K 365 9.82 13.94 8.53
CA ASN K 365 8.49 13.96 7.96
C ASN K 365 8.56 13.89 6.44
N VAL K 366 7.41 13.59 5.83
CA VAL K 366 7.36 13.43 4.38
C VAL K 366 7.16 14.78 3.71
N ASP K 367 6.15 15.53 4.14
CA ASP K 367 5.73 16.74 3.45
C ASP K 367 6.53 17.97 3.83
N SER K 368 7.51 17.85 4.73
CA SER K 368 8.28 18.99 5.21
C SER K 368 7.35 20.00 5.88
N ASN K 369 7.85 21.22 6.11
CA ASN K 369 7.01 22.27 6.66
C ASN K 369 7.12 23.53 5.79
N GLU K 370 6.51 24.63 6.26
CA GLU K 370 6.49 25.84 5.45
C GLU K 370 7.88 26.40 5.20
N GLN K 371 8.79 26.22 6.16
CA GLN K 371 10.16 26.72 5.97
C GLN K 371 10.95 25.88 4.98
N GLY K 372 10.51 24.64 4.72
CA GLY K 372 11.20 23.75 3.80
C GLY K 372 11.98 22.64 4.48
N SER K 373 12.08 22.64 5.80
CA SER K 373 12.79 21.60 6.51
C SER K 373 11.93 20.35 6.67
N TYR K 374 12.57 19.19 6.58
CA TYR K 374 11.89 17.92 6.76
C TYR K 374 12.15 17.30 8.12
N VAL K 375 12.97 17.94 8.96
CA VAL K 375 13.32 17.41 10.27
C VAL K 375 12.60 18.25 11.34
N VAL K 376 12.15 17.59 12.39
CA VAL K 376 11.47 18.24 13.50
C VAL K 376 11.99 17.62 14.79
N ALA K 377 12.40 18.47 15.72
CA ALA K 377 13.01 17.98 16.95
C ALA K 377 11.96 17.39 17.89
N MET K 378 12.31 16.28 18.53
CA MET K 378 11.46 15.62 19.52
C MET K 378 12.00 15.81 20.93
N GLU K 379 13.19 15.29 21.19
CA GLU K 379 13.80 15.39 22.52
C GLU K 379 15.18 16.03 22.41
N THR K 380 15.58 16.70 23.48
CA THR K 380 16.89 17.37 23.56
C THR K 380 17.58 16.93 24.84
N PHE K 381 18.54 16.03 24.72
CA PHE K 381 19.33 15.57 25.86
C PHE K 381 20.46 16.56 26.13
N THR K 382 20.49 17.07 27.34
CA THR K 382 21.47 18.10 27.70
C THR K 382 22.88 17.55 27.60
N ASN K 383 23.78 18.37 27.02
CA ASN K 383 25.19 18.06 26.92
C ASN K 383 25.97 19.30 27.33
N LEU K 384 26.66 19.24 28.47
CA LEU K 384 27.49 20.35 28.90
C LEU K 384 28.61 20.63 27.91
N GLY K 385 28.81 19.77 26.92
CA GLY K 385 29.74 20.00 25.84
C GLY K 385 31.11 20.41 26.31
N PRO K 386 31.89 21.00 25.42
CA PRO K 386 33.25 21.42 25.77
C PRO K 386 33.25 22.60 26.75
N ILE K 387 33.47 22.32 28.03
CA ILE K 387 33.53 23.37 29.05
C ILE K 387 34.85 24.11 28.89
N VAL K 388 34.83 25.28 28.25
CA VAL K 388 36.05 26.05 28.02
C VAL K 388 36.40 26.97 29.19
N ASP K 389 35.42 27.32 30.03
CA ASP K 389 35.67 28.14 31.21
C ASP K 389 34.43 28.06 32.08
N MET K 390 34.60 28.42 33.35
CA MET K 390 33.50 28.30 34.31
C MET K 390 33.83 29.13 35.54
N CYS K 391 32.80 29.36 36.36
CA CYS K 391 32.94 30.12 37.59
C CYS K 391 31.82 29.73 38.55
N VAL K 392 32.12 29.81 39.84
CA VAL K 392 31.16 29.47 40.89
C VAL K 392 30.57 30.76 41.44
N VAL K 393 29.24 30.80 41.54
CA VAL K 393 28.52 31.97 42.04
C VAL K 393 27.42 31.51 42.99
N ASP K 394 27.14 32.32 44.01
CA ASP K 394 26.13 31.97 44.99
C ASP K 394 24.72 32.21 44.45
N LEU K 395 24.49 33.37 43.84
CA LEU K 395 23.23 33.67 43.16
C LEU K 395 22.08 33.87 44.12
N GLU K 396 21.32 32.81 44.41
CA GLU K 396 20.06 32.92 45.13
C GLU K 396 20.16 32.52 46.60
N ARG K 397 20.69 31.33 46.89
CA ARG K 397 20.65 30.83 48.26
C ARG K 397 21.48 31.66 49.22
N GLN K 398 22.47 32.40 48.73
CA GLN K 398 23.40 33.16 49.57
C GLN K 398 24.11 32.26 50.56
N GLY K 399 24.21 30.96 50.25
CA GLY K 399 24.86 30.00 51.11
C GLY K 399 25.69 29.00 50.34
N GLN K 400 25.04 28.13 49.58
CA GLN K 400 25.75 27.15 48.75
C GLN K 400 25.94 27.70 47.34
N GLY K 401 26.93 27.15 46.64
CA GLY K 401 27.33 27.66 45.35
C GLY K 401 26.74 26.88 44.18
N GLN K 402 26.59 27.58 43.06
CA GLN K 402 26.18 27.01 41.80
C GLN K 402 27.28 27.26 40.76
N LEU K 403 27.28 26.46 39.69
CA LEU K 403 28.38 26.48 38.73
C LEU K 403 27.88 26.97 37.38
N VAL K 404 28.50 28.02 36.84
CA VAL K 404 28.12 28.58 35.54
C VAL K 404 29.27 28.31 34.58
N THR K 405 28.98 27.60 33.49
CA THR K 405 29.99 27.18 32.54
C THR K 405 29.66 27.71 31.14
N CYS K 406 30.73 28.01 30.38
CA CYS K 406 30.62 28.32 28.96
C CYS K 406 30.74 27.00 28.20
N SER K 407 29.62 26.52 27.65
CA SER K 407 29.58 25.22 27.00
C SER K 407 29.34 25.35 25.50
N GLY K 408 29.62 24.27 24.79
CA GLY K 408 29.35 24.20 23.37
C GLY K 408 30.22 25.14 22.55
N ALA K 409 29.99 25.11 21.25
CA ALA K 409 30.74 25.93 20.30
C ALA K 409 29.86 26.23 19.10
N PHE K 410 30.12 27.37 18.47
CA PHE K 410 29.40 27.79 17.26
C PHE K 410 27.92 27.96 17.63
N LYS K 411 26.99 27.55 16.77
CA LYS K 411 25.57 27.71 17.06
C LYS K 411 25.12 26.91 18.28
N GLU K 412 25.93 25.92 18.69
CA GLU K 412 25.63 25.15 19.90
C GLU K 412 26.15 25.81 21.16
N GLY K 413 26.91 26.91 21.03
CA GLY K 413 27.45 27.56 22.21
C GLY K 413 26.35 28.09 23.11
N SER K 414 26.59 28.02 24.42
CA SER K 414 25.58 28.38 25.41
C SER K 414 26.26 28.55 26.75
N LEU K 415 25.47 28.95 27.74
CA LEU K 415 25.86 28.94 29.14
C LEU K 415 25.04 27.89 29.88
N ARG K 416 25.63 27.31 30.92
CA ARG K 416 24.96 26.28 31.70
C ARG K 416 25.07 26.62 33.18
N ILE K 417 23.93 26.69 33.85
CA ILE K 417 23.88 26.97 35.29
C ILE K 417 23.51 25.66 35.97
N ILE K 418 24.52 24.99 36.52
CA ILE K 418 24.35 23.71 37.21
C ILE K 418 24.11 23.98 38.69
N ARG K 419 23.03 23.40 39.21
CA ARG K 419 22.67 23.43 40.63
C ARG K 419 22.80 22.01 41.20
N ASN K 420 22.94 21.95 42.52
CA ASN K 420 23.08 20.67 43.20
C ASN K 420 21.83 20.31 43.99
N ILE K 436 19.32 20.83 33.54
CA ILE K 436 20.24 21.93 33.81
C ILE K 436 19.83 23.19 33.04
N ARG K 437 19.77 24.31 33.76
CA ARG K 437 19.34 25.56 33.16
C ARG K 437 20.29 25.99 32.04
N THR K 438 19.80 25.97 30.81
CA THR K 438 20.59 26.32 29.64
C THR K 438 20.24 27.71 29.15
N VAL K 439 21.25 28.44 28.68
CA VAL K 439 21.07 29.76 28.11
C VAL K 439 21.75 29.77 26.74
N PRO K 440 21.01 29.52 25.67
CA PRO K 440 21.64 29.44 24.34
C PRO K 440 22.15 30.79 23.88
N LEU K 441 23.36 30.78 23.30
CA LEU K 441 23.98 32.00 22.78
C LEU K 441 24.11 32.01 21.27
N TYR K 442 24.06 30.84 20.62
CA TYR K 442 24.18 30.74 19.16
C TYR K 442 25.53 31.24 18.66
N GLU K 443 26.51 31.34 19.55
CA GLU K 443 27.87 31.67 19.18
C GLU K 443 28.81 31.09 20.24
N SER K 444 30.11 31.22 20.00
CA SER K 444 31.09 30.48 20.78
C SER K 444 31.49 31.26 22.04
N PRO K 445 31.11 30.80 23.23
CA PRO K 445 31.60 31.45 24.45
C PRO K 445 32.99 30.95 24.80
N ARG K 446 33.80 31.84 25.39
CA ARG K 446 35.19 31.55 25.67
C ARG K 446 35.55 31.73 27.14
N LYS K 447 35.26 32.90 27.72
CA LYS K 447 35.58 33.20 29.10
C LYS K 447 34.37 33.78 29.81
N ILE K 448 34.35 33.64 31.13
CA ILE K 448 33.22 34.08 31.93
C ILE K 448 33.72 34.51 33.30
N CYS K 449 33.14 35.59 33.83
CA CYS K 449 33.45 36.06 35.17
C CYS K 449 32.20 36.75 35.73
N TYR K 450 32.05 36.68 37.05
CA TYR K 450 30.90 37.23 37.73
C TYR K 450 31.25 38.53 38.43
N GLN K 451 30.33 39.48 38.40
CA GLN K 451 30.50 40.80 39.02
C GLN K 451 29.31 41.03 39.95
N GLU K 452 29.53 40.88 41.26
CA GLU K 452 28.43 40.97 42.21
C GLU K 452 27.95 42.39 42.40
N VAL K 453 28.81 43.38 42.13
CA VAL K 453 28.41 44.77 42.33
C VAL K 453 27.30 45.16 41.36
N SER K 454 27.37 44.64 40.13
CA SER K 454 26.36 44.95 39.11
C SER K 454 25.38 43.81 38.89
N GLN K 455 25.47 42.74 39.67
CA GLN K 455 24.50 41.64 39.62
C GLN K 455 24.39 41.06 38.20
N CYS K 456 25.53 40.78 37.59
CA CYS K 456 25.53 40.23 36.23
C CYS K 456 26.88 39.57 35.96
N PHE K 457 26.94 38.88 34.83
CA PHE K 457 28.15 38.22 34.36
C PHE K 457 28.75 38.96 33.17
N GLY K 458 30.06 38.84 33.03
CA GLY K 458 30.75 39.27 31.83
C GLY K 458 31.33 38.07 31.11
N VAL K 459 31.04 37.90 29.83
CA VAL K 459 31.45 36.69 29.10
C VAL K 459 32.06 37.10 27.76
N LEU K 460 33.25 36.59 27.47
CA LEU K 460 33.84 36.78 26.15
C LEU K 460 33.24 35.77 25.18
N SER K 461 32.99 36.22 23.95
CA SER K 461 32.39 35.35 22.95
C SER K 461 32.91 35.72 21.57
N SER K 462 32.73 34.80 20.63
CA SER K 462 33.15 35.00 19.25
C SER K 462 32.10 34.41 18.31
N ARG K 463 31.82 35.13 17.23
CA ARG K 463 30.87 34.69 16.23
C ARG K 463 31.54 34.73 14.86
N ILE K 464 31.26 33.73 14.04
CA ILE K 464 31.86 33.62 12.71
C ILE K 464 31.02 34.44 11.72
N GLU K 465 31.69 35.23 10.89
CA GLU K 465 31.07 35.93 9.78
C GLU K 465 31.88 35.64 8.53
N VAL K 466 31.28 35.94 7.38
CA VAL K 466 31.87 35.63 6.08
C VAL K 466 32.11 36.93 5.33
N GLN K 467 33.21 36.99 4.59
CA GLN K 467 33.55 38.17 3.82
C GLN K 467 32.49 38.41 2.74
N ASP K 468 32.03 39.65 2.63
CA ASP K 468 30.99 40.03 1.69
C ASP K 468 31.62 40.69 0.47
N THR K 469 30.91 40.58 -0.66
CA THR K 469 31.39 41.23 -1.89
C THR K 469 31.57 42.72 -1.72
N SER K 470 30.73 43.36 -0.89
CA SER K 470 30.84 44.80 -0.70
C SER K 470 32.15 45.19 -0.04
N GLY K 471 32.73 44.30 0.76
CA GLY K 471 33.96 44.60 1.45
C GLY K 471 33.88 44.27 2.94
N GLY K 472 32.71 44.54 3.53
CA GLY K 472 32.49 44.22 4.92
C GLY K 472 32.24 42.73 5.12
N THR K 473 31.72 42.41 6.30
CA THR K 473 31.43 41.04 6.69
C THR K 473 29.94 40.87 6.96
N THR K 474 29.46 39.64 6.77
CA THR K 474 28.05 39.31 6.98
C THR K 474 27.94 38.13 7.93
N ALA K 475 27.01 38.22 8.88
CA ALA K 475 26.82 37.16 9.86
C ALA K 475 26.05 36.00 9.26
N LEU K 476 26.22 34.83 9.89
CA LEU K 476 25.53 33.63 9.42
C LEU K 476 24.13 33.54 10.01
N ARG K 477 24.00 33.78 11.31
CA ARG K 477 22.74 33.66 12.01
C ARG K 477 22.70 34.69 13.12
N PRO K 478 21.51 35.08 13.57
CA PRO K 478 21.43 36.01 14.71
C PRO K 478 21.80 35.34 16.02
N SER K 479 22.91 35.77 16.61
CA SER K 479 23.41 35.24 17.87
C SER K 479 23.30 36.28 18.97
N ALA K 480 23.90 35.98 20.14
CA ALA K 480 23.73 36.84 21.29
C ALA K 480 24.40 38.20 21.09
N SER K 481 25.57 38.22 20.46
CA SER K 481 26.28 39.49 20.28
C SER K 481 25.53 40.42 19.32
N THR K 482 24.75 39.87 18.40
CA THR K 482 23.97 40.69 17.49
C THR K 482 22.61 41.06 18.05
N GLN K 483 22.02 40.19 18.86
CA GLN K 483 20.71 40.45 19.48
C GLN K 483 20.88 40.91 20.92
N ALA K 484 21.52 42.06 21.07
CA ALA K 484 21.77 42.66 22.37
C ALA K 484 20.98 43.94 22.54
N LEU K 485 20.56 44.20 23.77
CA LEU K 485 19.83 45.42 24.09
C LEU K 485 20.72 46.63 23.80
N SER K 486 21.81 46.77 24.55
CA SER K 486 22.78 47.83 24.32
C SER K 486 23.96 47.28 23.53
N SER K 487 24.51 48.10 22.64
CA SER K 487 25.60 47.69 21.78
C SER K 487 26.65 48.79 21.74
N SER K 488 27.85 48.43 21.31
CA SER K 488 28.94 49.38 21.17
C SER K 488 30.10 48.69 20.44
N VAL K 489 30.98 49.51 19.86
CA VAL K 489 32.17 49.04 19.17
C VAL K 489 33.36 49.82 19.67
N SER K 490 34.53 49.18 19.67
CA SER K 490 35.75 49.83 20.14
C SER K 490 36.21 50.86 19.12
N SER K 491 36.25 52.12 19.54
CA SER K 491 36.68 53.23 18.70
C SER K 491 38.01 53.76 19.23
N SER K 492 39.07 53.00 19.00
CA SER K 492 40.38 53.31 19.51
C SER K 492 41.28 53.83 18.39
N LYS K 493 42.41 54.42 18.80
CA LYS K 493 43.37 54.99 17.87
C LYS K 493 44.74 54.33 17.94
N LEU K 494 44.92 53.34 18.81
CA LEU K 494 46.22 52.69 18.94
C LEU K 494 46.64 52.03 17.63
N PHE K 495 45.82 51.11 17.12
CA PHE K 495 46.13 50.36 15.91
C PHE K 495 45.39 50.88 14.68
N SER K 496 44.51 51.87 14.86
CA SER K 496 43.87 52.48 13.70
C SER K 496 44.91 53.15 12.79
N SER K 497 45.94 53.73 13.40
CA SER K 497 47.05 54.29 12.64
C SER K 497 48.19 53.30 12.45
N SER K 498 48.43 52.43 13.44
CA SER K 498 49.49 51.42 13.35
C SER K 498 48.85 50.10 12.93
N THR K 499 48.66 49.95 11.63
CA THR K 499 48.07 48.74 11.04
C THR K 499 48.89 48.30 9.84
N ALA K 500 48.91 46.97 9.61
CA ALA K 500 49.64 46.37 8.49
C ALA K 500 48.78 46.34 7.24
N PRO K 501 49.41 46.41 6.06
CA PRO K 501 48.65 46.40 4.81
C PRO K 501 48.30 44.99 4.37
N HIS K 502 47.00 44.74 4.17
CA HIS K 502 46.52 43.42 3.76
C HIS K 502 45.04 43.54 3.43
N GLU K 503 44.54 42.55 2.69
CA GLU K 503 43.15 42.52 2.27
C GLU K 503 42.63 41.08 2.34
N THR K 504 41.36 40.94 2.71
CA THR K 504 40.71 39.64 2.82
C THR K 504 39.87 39.36 1.58
N SER K 505 39.94 38.12 1.09
CA SER K 505 39.22 37.74 -0.11
C SER K 505 37.77 37.36 0.22
N PHE K 506 36.92 37.41 -0.80
CA PHE K 506 35.51 37.09 -0.62
C PHE K 506 35.34 35.64 -0.17
N GLY K 507 34.38 35.42 0.72
CA GLY K 507 34.05 34.09 1.20
C GLY K 507 34.84 33.63 2.40
N GLU K 508 35.97 34.27 2.70
CA GLU K 508 36.78 33.86 3.85
C GLU K 508 36.05 34.15 5.14
N GLU K 509 36.21 33.26 6.13
CA GLU K 509 35.57 33.40 7.42
C GLU K 509 36.47 34.20 8.36
N VAL K 510 35.84 35.01 9.20
CA VAL K 510 36.53 35.80 10.22
C VAL K 510 35.64 35.85 11.46
N GLU K 511 36.25 35.65 12.63
CA GLU K 511 35.51 35.63 13.88
C GLU K 511 35.59 37.00 14.55
N VAL K 512 34.43 37.53 14.91
CA VAL K 512 34.32 38.79 15.63
C VAL K 512 34.18 38.47 17.11
N HIS K 513 34.98 39.14 17.93
CA HIS K 513 34.99 38.94 19.37
C HIS K 513 34.17 40.03 20.05
N ASN K 514 33.46 39.65 21.11
CA ASN K 514 32.58 40.55 21.83
C ASN K 514 32.64 40.25 23.32
N LEU K 515 32.38 41.28 24.11
CA LEU K 515 32.20 41.17 25.55
C LEU K 515 30.72 41.35 25.85
N LEU K 516 30.09 40.31 26.39
CA LEU K 516 28.66 40.33 26.69
C LEU K 516 28.46 40.55 28.18
N ILE K 517 27.65 41.55 28.53
CA ILE K 517 27.19 41.77 29.89
C ILE K 517 25.79 41.19 29.98
N ILE K 518 25.64 40.16 30.82
CA ILE K 518 24.44 39.32 30.86
C ILE K 518 23.88 39.35 32.28
N ASP K 519 22.58 39.60 32.40
CA ASP K 519 21.96 39.67 33.71
C ASP K 519 22.11 38.33 34.45
N GLN K 520 22.21 38.40 35.77
CA GLN K 520 22.38 37.19 36.58
C GLN K 520 21.07 36.49 36.89
N HIS K 521 19.93 37.16 36.71
CA HIS K 521 18.62 36.58 36.98
C HIS K 521 17.93 36.13 35.70
N THR K 522 17.71 37.05 34.76
CA THR K 522 17.05 36.71 33.51
C THR K 522 18.01 36.13 32.47
N PHE K 523 19.31 36.38 32.60
CA PHE K 523 20.30 35.87 31.66
C PHE K 523 20.05 36.40 30.25
N GLU K 524 19.60 37.64 30.16
CA GLU K 524 19.44 38.31 28.88
C GLU K 524 20.68 39.13 28.56
N VAL K 525 21.00 39.22 27.27
CA VAL K 525 22.16 39.99 26.83
C VAL K 525 21.90 41.46 27.07
N LEU K 526 22.33 41.96 28.24
CA LEU K 526 22.15 43.37 28.56
C LEU K 526 22.98 44.26 27.64
N HIS K 527 24.25 43.90 27.43
CA HIS K 527 25.12 44.69 26.58
C HIS K 527 26.05 43.80 25.79
N ALA K 528 26.51 44.29 24.64
CA ALA K 528 27.48 43.58 23.80
C ALA K 528 28.45 44.61 23.22
N HIS K 529 29.71 44.51 23.62
CA HIS K 529 30.77 45.42 23.18
C HIS K 529 31.65 44.67 22.19
N GLN K 530 31.65 45.12 20.93
CA GLN K 530 32.47 44.51 19.89
C GLN K 530 33.87 45.13 19.90
N PHE K 531 34.88 44.28 19.77
CA PHE K 531 36.26 44.71 19.81
C PHE K 531 36.74 45.12 18.41
N LEU K 532 37.97 45.61 18.35
CA LEU K 532 38.52 46.11 17.10
C LEU K 532 38.62 44.98 16.07
N GLN K 533 38.85 45.38 14.82
CA GLN K 533 39.04 44.41 13.76
C GLN K 533 40.39 43.72 13.91
N ASN K 534 40.40 42.40 13.74
CA ASN K 534 41.57 41.56 13.89
C ASN K 534 42.01 41.41 15.34
N GLU K 535 41.18 41.79 16.30
CA GLU K 535 41.50 41.72 17.71
C GLU K 535 40.90 40.46 18.31
N TYR K 536 41.72 39.69 19.02
CA TYR K 536 41.33 38.43 19.64
C TYR K 536 41.39 38.60 21.15
N ALA K 537 40.25 38.45 21.82
CA ALA K 537 40.19 38.59 23.27
C ALA K 537 40.59 37.26 23.93
N LEU K 538 41.56 37.33 24.84
CA LEU K 538 42.11 36.14 25.47
C LEU K 538 41.73 35.99 26.93
N SER K 539 41.91 37.03 27.73
CA SER K 539 41.71 36.96 29.17
C SER K 539 40.63 37.95 29.60
N LEU K 540 40.06 37.69 30.79
CA LEU K 540 38.96 38.47 31.31
C LEU K 540 38.90 38.32 32.82
N VAL K 541 38.78 39.45 33.52
CA VAL K 541 38.71 39.47 34.98
C VAL K 541 37.77 40.59 35.43
N SER K 542 37.26 40.43 36.66
CA SER K 542 36.37 41.41 37.27
C SER K 542 36.80 41.60 38.71
N CYS K 543 37.28 42.80 39.04
CA CYS K 543 37.88 43.04 40.36
C CYS K 543 37.92 44.54 40.64
N LYS K 544 38.36 44.86 41.85
CA LYS K 544 38.60 46.23 42.28
C LYS K 544 40.10 46.44 42.41
N LEU K 545 40.59 47.56 41.88
CA LEU K 545 42.03 47.82 41.79
C LEU K 545 42.38 49.07 42.58
N GLY K 546 43.35 48.93 43.49
CA GLY K 546 43.86 50.06 44.25
C GLY K 546 42.80 50.71 45.13
N LYS K 547 42.91 52.04 45.25
CA LYS K 547 41.98 52.78 46.09
C LYS K 547 40.62 52.95 45.43
N ASP K 548 40.52 52.70 44.14
CA ASP K 548 39.27 52.91 43.43
C ASP K 548 38.20 51.95 43.95
N PRO K 549 37.05 52.46 44.40
CA PRO K 549 35.99 51.56 44.89
C PRO K 549 35.16 50.92 43.79
N ASN K 550 35.32 51.34 42.53
CA ASN K 550 34.56 50.78 41.44
C ASN K 550 35.10 49.39 41.06
N THR K 551 34.19 48.53 40.63
CA THR K 551 34.53 47.20 40.15
C THR K 551 34.47 47.20 38.63
N TYR K 552 35.60 46.89 37.98
CA TYR K 552 35.74 47.00 36.54
C TYR K 552 35.81 45.63 35.88
N PHE K 553 35.47 45.62 34.60
CA PHE K 553 35.67 44.45 33.73
C PHE K 553 36.95 44.69 32.92
N ILE K 554 37.98 43.90 33.19
CA ILE K 554 39.28 44.07 32.53
C ILE K 554 39.45 42.93 31.53
N VAL K 555 39.79 43.28 30.29
CA VAL K 555 39.92 42.31 29.21
C VAL K 555 41.28 42.48 28.55
N GLY K 556 41.97 41.35 28.35
CA GLY K 556 43.24 41.33 27.63
C GLY K 556 43.01 40.85 26.20
N THR K 557 43.71 41.47 25.27
CA THR K 557 43.50 41.22 23.84
C THR K 557 44.84 41.00 23.15
N ALA K 558 44.77 40.68 21.87
CA ALA K 558 45.96 40.55 21.05
C ALA K 558 45.57 40.75 19.59
N MET K 559 46.35 41.54 18.86
CA MET K 559 46.05 41.80 17.45
C MET K 559 46.60 40.65 16.62
N VAL K 560 45.69 39.87 16.02
CA VAL K 560 46.04 38.68 15.26
C VAL K 560 45.90 39.00 13.77
N TYR K 561 47.02 38.96 13.05
CA TYR K 561 47.03 39.12 11.61
C TYR K 561 47.55 37.83 10.95
N PRO K 562 47.13 37.54 9.73
CA PRO K 562 47.52 36.27 9.09
C PRO K 562 49.00 36.19 8.78
N GLU K 563 49.57 37.24 8.21
CA GLU K 563 50.99 37.23 7.89
C GLU K 563 51.87 37.24 9.13
N GLU K 564 51.36 37.74 10.25
CA GLU K 564 52.12 37.84 11.49
C GLU K 564 51.97 36.54 12.28
N ALA K 565 53.08 35.83 12.48
CA ALA K 565 53.07 34.59 13.24
C ALA K 565 52.78 34.85 14.71
N GLU K 566 53.76 35.42 15.43
CA GLU K 566 53.58 35.67 16.84
C GLU K 566 53.09 37.10 17.06
N PRO K 567 52.07 37.30 17.88
CA PRO K 567 51.49 38.66 18.02
C PRO K 567 52.48 39.63 18.62
N LYS K 568 52.49 40.86 18.07
CA LYS K 568 53.36 41.93 18.55
C LYS K 568 52.56 43.14 19.05
N GLN K 569 51.24 43.02 19.16
CA GLN K 569 50.40 44.10 19.64
C GLN K 569 49.24 43.53 20.45
N GLY K 570 48.83 44.28 21.47
CA GLY K 570 47.70 43.87 22.29
C GLY K 570 47.25 45.02 23.16
N ARG K 571 46.11 44.81 23.82
CA ARG K 571 45.54 45.83 24.68
C ARG K 571 45.07 45.23 25.99
N ILE K 572 45.11 46.05 27.03
CA ILE K 572 44.44 45.80 28.30
C ILE K 572 43.39 46.89 28.42
N VAL K 573 42.12 46.51 28.36
CA VAL K 573 41.01 47.45 28.34
C VAL K 573 40.21 47.29 29.63
N VAL K 574 40.00 48.40 30.33
CA VAL K 574 39.25 48.43 31.58
C VAL K 574 37.92 49.12 31.30
N PHE K 575 36.84 48.35 31.33
CA PHE K 575 35.47 48.83 31.18
C PHE K 575 34.80 48.96 32.55
N GLN K 576 33.75 49.77 32.60
CA GLN K 576 32.88 49.86 33.76
C GLN K 576 31.44 49.78 33.30
N TYR K 577 30.68 48.85 33.86
CA TYR K 577 29.27 48.68 33.53
C TYR K 577 28.42 49.43 34.56
N SER K 578 27.64 50.40 34.08
CA SER K 578 26.80 51.21 34.94
C SER K 578 25.69 51.84 34.09
N ASP K 579 24.49 51.89 34.66
CA ASP K 579 23.34 52.51 33.99
C ASP K 579 23.01 51.79 32.69
N GLY K 580 23.24 50.48 32.67
CA GLY K 580 22.87 49.71 31.51
C GLY K 580 23.77 49.92 30.31
N LYS K 581 24.92 50.56 30.50
CA LYS K 581 25.86 50.81 29.42
C LYS K 581 27.28 50.46 29.86
N LEU K 582 28.07 49.99 28.91
CA LEU K 582 29.48 49.68 29.14
C LEU K 582 30.33 50.80 28.56
N GLN K 583 31.15 51.41 29.41
CA GLN K 583 32.00 52.52 29.02
C GLN K 583 33.46 52.16 29.25
N THR K 584 34.32 52.57 28.30
CA THR K 584 35.74 52.27 28.36
C THR K 584 36.40 53.22 29.36
N VAL K 585 36.83 52.69 30.50
CA VAL K 585 37.51 53.50 31.50
C VAL K 585 38.96 53.75 31.09
N ALA K 586 39.68 52.69 30.74
CA ALA K 586 41.11 52.81 30.45
C ALA K 586 41.50 51.88 29.31
N GLU K 587 42.58 52.24 28.64
CA GLU K 587 43.13 51.46 27.53
C GLU K 587 44.65 51.54 27.59
N LYS K 588 45.32 50.38 27.69
CA LYS K 588 46.77 50.32 27.77
C LYS K 588 47.28 49.43 26.65
N GLU K 589 48.17 49.97 25.82
CA GLU K 589 48.76 49.19 24.75
C GLU K 589 49.95 48.38 25.26
N VAL K 590 50.12 47.18 24.68
CA VAL K 590 51.21 46.29 25.06
C VAL K 590 51.80 45.67 23.81
N LYS K 591 53.06 45.27 23.91
CA LYS K 591 53.83 44.83 22.74
C LYS K 591 53.65 43.34 22.50
N GLY K 592 52.51 42.78 22.86
CA GLY K 592 52.31 41.36 22.68
C GLY K 592 50.91 40.94 23.03
N ALA K 593 50.72 39.63 23.19
CA ALA K 593 49.43 39.04 23.50
C ALA K 593 49.26 38.93 25.02
N VAL K 594 48.14 39.47 25.51
CA VAL K 594 47.79 39.36 26.91
C VAL K 594 47.12 38.02 27.15
N TYR K 595 47.92 37.01 27.48
CA TYR K 595 47.39 35.65 27.58
C TYR K 595 46.49 35.49 28.81
N SER K 596 46.97 35.93 29.97
CA SER K 596 46.22 35.75 31.21
C SER K 596 46.39 36.96 32.10
N MET K 597 45.43 37.13 33.01
CA MET K 597 45.47 38.19 34.00
C MET K 597 44.83 37.67 35.29
N VAL K 598 45.29 38.20 36.42
CA VAL K 598 44.75 37.82 37.72
C VAL K 598 44.82 39.04 38.63
N GLU K 599 43.92 39.08 39.61
CA GLU K 599 43.92 40.14 40.60
C GLU K 599 44.99 39.84 41.64
N PHE K 600 45.98 40.72 41.74
CA PHE K 600 47.17 40.50 42.57
C PHE K 600 47.27 41.60 43.62
N ASN K 601 46.63 41.36 44.77
CA ASN K 601 46.74 42.25 45.92
C ASN K 601 46.46 43.70 45.53
N GLY K 602 45.33 43.92 44.90
CA GLY K 602 44.94 45.24 44.46
C GLY K 602 45.62 45.74 43.21
N LYS K 603 46.55 44.98 42.65
CA LYS K 603 47.25 45.33 41.43
C LYS K 603 46.88 44.35 40.32
N LEU K 604 47.22 44.70 39.08
CA LEU K 604 46.85 43.90 37.93
C LEU K 604 48.09 43.14 37.44
N LEU K 605 48.05 41.81 37.55
CA LEU K 605 49.15 40.97 37.08
C LEU K 605 48.75 40.40 35.71
N ALA K 606 49.46 40.83 34.68
CA ALA K 606 49.18 40.41 33.31
C ALA K 606 50.38 39.65 32.75
N SER K 607 50.14 38.97 31.64
CA SER K 607 51.17 38.18 30.96
C SER K 607 51.16 38.56 29.49
N ILE K 608 52.25 39.16 29.02
CA ILE K 608 52.41 39.57 27.63
C ILE K 608 53.52 38.71 27.04
N ASN K 609 53.14 37.68 26.29
CA ASN K 609 54.09 36.75 25.70
C ASN K 609 55.03 36.14 26.73
N SER K 610 56.30 36.56 26.72
CA SER K 610 57.29 36.01 27.64
C SER K 610 57.41 36.81 28.94
N THR K 611 56.74 37.94 29.04
CA THR K 611 56.86 38.83 30.18
C THR K 611 55.67 38.68 31.12
N VAL K 612 55.95 38.62 32.41
CA VAL K 612 54.93 38.73 33.45
C VAL K 612 55.04 40.14 34.00
N ARG K 613 54.03 40.96 33.75
CA ARG K 613 54.04 42.37 34.10
C ARG K 613 53.07 42.62 35.25
N LEU K 614 53.38 43.61 36.07
CA LEU K 614 52.55 44.00 37.20
C LEU K 614 52.27 45.49 37.11
N TYR K 615 51.00 45.84 36.96
CA TYR K 615 50.51 47.20 36.81
C TYR K 615 49.83 47.66 38.10
N GLU K 616 49.93 48.96 38.36
CA GLU K 616 49.23 49.63 39.45
C GLU K 616 48.18 50.57 38.88
N TRP K 617 47.05 50.68 39.58
CA TRP K 617 45.94 51.53 39.16
C TRP K 617 46.12 52.91 39.81
N THR K 618 46.61 53.86 39.03
CA THR K 618 46.90 55.19 39.55
C THR K 618 45.61 55.93 39.89
N THR K 619 45.74 57.03 40.64
CA THR K 619 44.59 57.85 40.99
C THR K 619 44.00 58.54 39.77
N GLU K 620 44.77 58.65 38.68
CA GLU K 620 44.28 59.19 37.41
C GLU K 620 43.49 58.17 36.61
N LYS K 621 43.21 57.00 37.19
CA LYS K 621 42.47 55.94 36.52
C LYS K 621 43.20 55.50 35.24
N GLU K 622 44.44 55.08 35.42
CA GLU K 622 45.26 54.60 34.31
C GLU K 622 46.22 53.54 34.83
N LEU K 623 46.55 52.59 33.97
CA LEU K 623 47.47 51.52 34.32
C LEU K 623 48.91 52.00 34.21
N ARG K 624 49.68 51.83 35.28
CA ARG K 624 51.07 52.26 35.34
C ARG K 624 51.94 51.05 35.63
N THR K 625 52.91 50.80 34.75
CA THR K 625 53.77 49.64 34.90
C THR K 625 54.64 49.78 36.15
N GLU K 626 54.60 48.76 37.00
CA GLU K 626 55.43 48.74 38.20
C GLU K 626 56.47 47.62 38.21
N CYS K 627 56.17 46.46 37.64
CA CYS K 627 57.13 45.35 37.67
C CYS K 627 57.12 44.59 36.36
N ASN K 628 58.28 44.02 36.02
CA ASN K 628 58.44 43.15 34.87
C ASN K 628 59.30 41.96 35.24
N HIS K 629 58.96 40.79 34.71
CA HIS K 629 59.79 39.60 34.85
C HIS K 629 59.80 38.85 33.52
N TYR K 630 60.96 38.77 32.88
CA TYR K 630 61.08 38.10 31.59
C TYR K 630 61.48 36.65 31.80
N ASN K 631 60.71 35.74 31.21
CA ASN K 631 60.86 34.31 31.46
C ASN K 631 61.38 33.59 30.22
N ASN K 632 61.91 32.39 30.46
CA ASN K 632 62.35 31.51 29.38
C ASN K 632 61.18 30.86 28.66
N ILE K 633 59.97 30.90 29.22
CA ILE K 633 58.79 30.29 28.63
C ILE K 633 57.79 31.37 28.27
N MET K 634 56.66 30.97 27.68
CA MET K 634 55.58 31.88 27.32
C MET K 634 54.51 31.82 28.40
N ALA K 635 54.28 32.94 29.09
CA ALA K 635 53.40 32.99 30.26
C ALA K 635 51.95 32.81 29.84
N LEU K 636 51.60 31.56 29.52
CA LEU K 636 50.21 31.24 29.16
C LEU K 636 49.35 31.15 30.41
N TYR K 637 49.60 30.13 31.24
CA TYR K 637 48.83 29.94 32.45
C TYR K 637 49.38 30.82 33.56
N LEU K 638 48.50 31.63 34.16
CA LEU K 638 48.86 32.54 35.26
C LEU K 638 47.90 32.29 36.41
N LYS K 639 48.44 31.80 37.52
CA LYS K 639 47.67 31.69 38.76
C LYS K 639 48.45 32.40 39.87
N THR K 640 47.76 32.67 40.98
CA THR K 640 48.38 33.41 42.07
C THR K 640 47.75 33.02 43.39
N LYS K 641 48.56 33.05 44.44
CA LYS K 641 48.10 32.82 45.80
C LYS K 641 48.90 33.73 46.74
N GLY K 642 48.23 34.74 47.28
CA GLY K 642 48.93 35.70 48.11
C GLY K 642 50.04 36.42 47.36
N ASP K 643 51.28 36.06 47.64
CA ASP K 643 52.43 36.65 46.97
C ASP K 643 53.14 35.67 46.04
N PHE K 644 52.66 34.44 45.93
CA PHE K 644 53.24 33.47 45.00
C PHE K 644 52.52 33.55 43.66
N ILE K 645 53.29 33.44 42.58
CA ILE K 645 52.77 33.44 41.22
C ILE K 645 53.19 32.15 40.54
N LEU K 646 52.24 31.46 39.94
CA LEU K 646 52.49 30.24 39.18
C LEU K 646 52.33 30.58 37.71
N VAL K 647 53.39 30.35 36.93
CA VAL K 647 53.41 30.63 35.50
C VAL K 647 53.66 29.32 34.75
N GLY K 648 53.02 29.20 33.59
CA GLY K 648 53.16 27.98 32.81
C GLY K 648 52.97 28.24 31.33
N ASP K 649 53.52 27.33 30.53
CA ASP K 649 53.41 27.37 29.08
C ASP K 649 52.72 26.10 28.58
N LEU K 650 52.59 26.01 27.26
CA LEU K 650 51.84 24.90 26.66
C LEU K 650 52.59 23.58 26.77
N MET K 651 53.88 23.60 27.06
CA MET K 651 54.68 22.37 27.12
C MET K 651 55.04 21.99 28.56
N ARG K 652 54.09 22.19 29.48
CA ARG K 652 54.22 21.73 30.86
C ARG K 652 55.45 22.29 31.56
N SER K 653 55.84 23.52 31.21
CA SER K 653 56.99 24.18 31.82
C SER K 653 56.50 24.99 33.01
N VAL K 654 56.53 24.38 34.19
CA VAL K 654 56.02 25.04 35.38
C VAL K 654 57.09 25.96 35.94
N LEU K 655 56.67 27.13 36.42
CA LEU K 655 57.57 28.12 37.00
C LEU K 655 56.87 28.76 38.18
N LEU K 656 57.61 28.97 39.28
CA LEU K 656 57.03 29.53 40.51
C LEU K 656 57.87 30.73 40.92
N LEU K 657 57.26 31.92 40.83
CA LEU K 657 57.84 33.19 41.20
C LEU K 657 57.21 33.72 42.48
N ALA K 658 57.82 34.76 43.05
CA ALA K 658 57.31 35.40 44.25
C ALA K 658 57.54 36.90 44.16
N TYR K 659 56.53 37.67 44.56
CA TYR K 659 56.62 39.12 44.58
C TYR K 659 57.26 39.57 45.88
N LYS K 660 58.37 40.29 45.78
CA LYS K 660 59.07 40.80 46.96
C LYS K 660 58.58 42.21 47.25
N PRO K 661 57.79 42.42 48.30
CA PRO K 661 57.22 43.75 48.54
C PRO K 661 58.27 44.80 48.91
N MET K 662 59.19 44.45 49.82
CA MET K 662 60.18 45.42 50.27
C MET K 662 61.13 45.82 49.14
N GLU K 663 61.42 44.91 48.21
CA GLU K 663 62.28 45.23 47.07
C GLU K 663 61.52 45.92 45.95
N GLY K 664 60.34 45.42 45.58
CA GLY K 664 59.58 45.98 44.49
C GLY K 664 59.91 45.34 43.16
N ASN K 665 60.04 44.02 43.15
CA ASN K 665 60.36 43.29 41.93
C ASN K 665 60.03 41.82 42.15
N PHE K 666 60.18 41.03 41.09
CA PHE K 666 59.84 39.62 41.12
C PHE K 666 61.09 38.78 41.37
N GLU K 667 60.87 37.63 42.02
CA GLU K 667 61.93 36.68 42.33
C GLU K 667 61.49 35.29 41.92
N GLU K 668 62.36 34.56 41.22
CA GLU K 668 62.04 33.19 40.84
C GLU K 668 62.33 32.27 42.02
N ILE K 669 61.31 31.56 42.47
CA ILE K 669 61.47 30.59 43.56
C ILE K 669 61.91 29.23 43.03
N ALA K 670 61.18 28.67 42.09
CA ALA K 670 61.49 27.32 41.62
C ALA K 670 60.95 27.13 40.21
N ARG K 671 61.18 25.93 39.67
CA ARG K 671 60.70 25.60 38.34
C ARG K 671 60.82 24.09 38.12
N ASP K 672 60.16 23.62 37.07
CA ASP K 672 60.25 22.22 36.64
C ASP K 672 59.85 22.17 35.18
N PHE K 673 60.77 21.75 34.33
CA PHE K 673 60.53 21.74 32.89
C PHE K 673 60.57 20.30 32.40
N ASN K 674 59.39 19.73 32.16
CA ASN K 674 59.28 18.41 31.54
C ASN K 674 58.44 18.54 30.29
N PRO K 675 59.00 18.33 29.10
CA PRO K 675 58.24 18.56 27.86
C PRO K 675 57.03 17.63 27.79
N ASN K 676 55.84 18.25 27.83
CA ASN K 676 54.59 17.52 27.62
C ASN K 676 53.47 18.55 27.49
N TRP K 677 52.50 18.24 26.63
CA TRP K 677 51.41 19.18 26.41
C TRP K 677 50.59 19.33 27.69
N MET K 678 50.42 20.58 28.14
CA MET K 678 49.65 20.89 29.33
C MET K 678 48.44 21.73 28.95
N SER K 679 47.29 21.41 29.56
CA SER K 679 46.01 22.03 29.23
C SER K 679 45.52 23.00 30.29
N ALA K 680 45.73 22.71 31.57
CA ALA K 680 45.32 23.61 32.64
C ALA K 680 46.19 23.38 33.86
N VAL K 681 46.21 24.39 34.73
CA VAL K 681 47.03 24.36 35.94
C VAL K 681 46.30 25.11 37.03
N GLU K 682 46.68 24.85 38.27
CA GLU K 682 46.05 25.48 39.42
C GLU K 682 46.93 25.29 40.65
N ILE K 683 46.76 26.18 41.62
CA ILE K 683 47.51 26.15 42.87
C ILE K 683 46.61 25.53 43.93
N LEU K 684 46.96 24.31 44.37
CA LEU K 684 46.21 23.67 45.44
C LEU K 684 46.39 24.42 46.75
N ASP K 685 47.63 24.44 47.25
CA ASP K 685 47.97 25.14 48.49
C ASP K 685 49.30 25.86 48.28
N ASP K 686 49.88 26.35 49.38
CA ASP K 686 51.11 27.14 49.28
C ASP K 686 52.25 26.35 48.64
N ASP K 687 52.24 25.03 48.79
CA ASP K 687 53.35 24.20 48.31
C ASP K 687 52.98 23.23 47.21
N ASN K 688 51.70 22.96 46.99
CA ASN K 688 51.27 22.01 45.98
C ASN K 688 50.64 22.74 44.81
N PHE K 689 50.86 22.21 43.60
CA PHE K 689 50.35 22.79 42.38
C PHE K 689 49.82 21.69 41.49
N LEU K 690 48.56 21.81 41.07
CA LEU K 690 47.87 20.81 40.28
C LEU K 690 47.81 21.23 38.81
N GLY K 691 47.86 20.24 37.92
CA GLY K 691 47.77 20.53 36.51
C GLY K 691 47.30 19.32 35.73
N ALA K 692 46.93 19.56 34.47
CA ALA K 692 46.51 18.52 33.55
C ALA K 692 47.43 18.51 32.35
N GLU K 693 48.01 17.35 32.06
CA GLU K 693 48.96 17.19 30.96
C GLU K 693 48.50 16.08 30.01
N ASN K 694 49.29 15.93 28.95
CA ASN K 694 48.88 15.15 27.78
C ASN K 694 48.41 13.77 28.17
N ALA K 695 47.57 13.20 27.30
CA ALA K 695 46.99 11.88 27.48
C ALA K 695 45.98 11.87 28.62
N PHE K 696 45.33 13.02 28.83
CA PHE K 696 44.28 13.13 29.84
C PHE K 696 44.80 12.71 31.21
N ASN K 697 45.92 13.30 31.61
CA ASN K 697 46.53 12.98 32.90
C ASN K 697 46.48 14.18 33.82
N LEU K 698 46.42 13.91 35.12
CA LEU K 698 46.55 14.90 36.16
C LEU K 698 47.86 14.68 36.90
N PHE K 699 48.56 15.78 37.19
CA PHE K 699 49.81 15.72 37.93
C PHE K 699 49.80 16.80 39.02
N VAL K 700 50.67 16.59 40.00
CA VAL K 700 50.79 17.46 41.16
C VAL K 700 52.28 17.63 41.45
N CYS K 701 52.76 18.87 41.37
CA CYS K 701 54.12 19.23 41.72
C CYS K 701 54.15 19.86 43.10
N GLN K 702 55.28 19.74 43.78
CA GLN K 702 55.41 20.21 45.15
C GLN K 702 56.68 21.04 45.30
N LYS K 703 56.56 22.15 46.04
CA LYS K 703 57.66 23.05 46.29
C LYS K 703 58.40 22.61 47.55
N ASP K 704 59.69 22.33 47.42
CA ASP K 704 60.52 21.92 48.55
C ASP K 704 61.05 23.17 49.23
N SER K 705 60.52 23.48 50.41
CA SER K 705 60.95 24.64 51.16
C SER K 705 61.83 24.20 52.33
N ALA K 706 62.92 24.94 52.53
CA ALA K 706 63.83 24.70 53.65
C ALA K 706 64.67 23.44 53.47
N ALA K 707 65.01 23.11 52.22
CA ALA K 707 65.92 22.00 51.96
C ALA K 707 67.33 22.39 52.38
N THR K 708 68.33 21.66 51.88
CA THR K 708 69.73 21.97 52.14
C THR K 708 70.34 22.77 50.99
N THR K 709 70.33 22.21 49.78
CA THR K 709 70.95 22.84 48.62
C THR K 709 69.97 23.79 47.94
N ASP K 710 70.50 24.94 47.50
CA ASP K 710 69.71 25.83 46.66
C ASP K 710 69.28 25.13 45.38
N GLU K 711 70.09 24.20 44.88
CA GLU K 711 69.74 23.46 43.68
C GLU K 711 68.43 22.71 43.86
N GLU K 712 68.31 21.92 44.92
CA GLU K 712 67.08 21.17 45.17
C GLU K 712 65.94 22.08 45.62
N ARG K 713 66.25 23.19 46.29
CA ARG K 713 65.19 24.12 46.68
C ARG K 713 64.48 24.70 45.46
N GLN K 714 65.21 24.92 44.36
CA GLN K 714 64.67 25.55 43.18
C GLN K 714 64.07 24.57 42.18
N HIS K 715 63.73 23.35 42.63
CA HIS K 715 63.14 22.34 41.77
C HIS K 715 61.86 21.83 42.39
N LEU K 716 60.78 21.83 41.60
CA LEU K 716 59.49 21.31 42.04
C LEU K 716 59.47 19.81 41.74
N GLN K 717 59.22 19.01 42.78
CA GLN K 717 59.21 17.57 42.64
C GLN K 717 57.81 17.10 42.26
N GLU K 718 57.74 16.22 41.26
CA GLU K 718 56.47 15.66 40.82
C GLU K 718 55.99 14.64 41.84
N VAL K 719 54.95 14.99 42.61
CA VAL K 719 54.48 14.16 43.71
C VAL K 719 53.15 13.50 43.41
N GLY K 720 52.55 13.78 42.27
CA GLY K 720 51.29 13.13 41.94
C GLY K 720 51.05 12.88 40.46
N LEU K 721 50.64 11.66 40.12
CA LEU K 721 50.29 11.30 38.76
C LEU K 721 49.03 10.44 38.77
N PHE K 722 48.12 10.72 37.83
CA PHE K 722 46.87 9.99 37.78
C PHE K 722 46.17 10.11 36.43
N HIS K 723 45.86 9.00 35.78
CA HIS K 723 45.16 9.08 34.50
C HIS K 723 43.69 9.35 34.78
N LEU K 724 43.24 10.58 34.50
CA LEU K 724 41.86 10.97 34.76
C LEU K 724 40.92 10.48 33.67
N GLY K 725 41.38 10.45 32.41
CA GLY K 725 40.55 10.08 31.30
C GLY K 725 39.76 11.21 30.68
N GLU K 726 39.96 12.45 31.14
CA GLU K 726 39.28 13.62 30.60
C GLU K 726 40.30 14.73 30.33
N PHE K 727 39.96 15.60 29.38
CA PHE K 727 40.82 16.71 28.99
C PHE K 727 40.34 17.95 29.73
N VAL K 728 41.04 18.30 30.82
CA VAL K 728 40.63 19.44 31.64
C VAL K 728 40.92 20.73 30.89
N ASN K 729 39.96 21.66 30.94
CA ASN K 729 40.12 22.98 30.33
C ASN K 729 40.20 24.10 31.35
N VAL K 730 39.61 23.93 32.52
CA VAL K 730 39.58 24.98 33.53
C VAL K 730 39.49 24.35 34.90
N PHE K 731 40.38 24.77 35.80
CA PHE K 731 40.25 24.53 37.23
C PHE K 731 39.65 25.76 37.89
N CYS K 732 38.99 25.55 39.01
CA CYS K 732 38.30 26.64 39.70
C CYS K 732 38.09 26.25 41.14
N HIS K 733 38.59 27.07 42.07
CA HIS K 733 38.35 26.81 43.48
C HIS K 733 36.88 27.06 43.80
N GLY K 734 36.28 26.13 44.53
CA GLY K 734 34.88 26.25 44.91
C GLY K 734 34.29 24.89 45.22
N SER K 735 33.03 24.92 45.65
CA SER K 735 32.32 23.71 45.99
C SER K 735 30.83 23.91 45.75
N LEU K 736 30.15 22.86 45.29
CA LEU K 736 28.74 22.91 44.96
C LEU K 736 27.86 22.42 46.11
N VAL K 737 28.41 22.32 47.31
CA VAL K 737 27.67 21.85 48.48
C VAL K 737 27.65 22.97 49.52
N MET K 738 26.78 22.80 50.51
CA MET K 738 26.67 23.78 51.58
C MET K 738 27.97 23.80 52.39
N GLN K 739 28.56 24.99 52.52
CA GLN K 739 29.86 25.12 53.18
C GLN K 739 29.81 24.81 54.67
N ASN K 740 28.61 24.66 55.25
CA ASN K 740 28.48 24.23 56.64
C ASN K 740 29.01 25.29 57.60
N LEU K 741 28.10 25.98 58.29
CA LEU K 741 28.49 27.02 59.25
C LEU K 741 29.33 26.43 60.38
N GLY K 742 28.71 25.63 61.24
CA GLY K 742 29.42 25.02 62.35
C GLY K 742 30.51 24.07 61.90
N GLU K 743 31.76 24.50 62.03
CA GLU K 743 32.89 23.70 61.60
C GLU K 743 32.97 22.43 62.45
N THR K 744 32.73 21.28 61.84
CA THR K 744 32.73 20.00 62.52
C THR K 744 33.80 19.09 61.91
N SER K 745 35.07 19.40 62.19
CA SER K 745 36.22 18.60 61.77
C SER K 745 36.03 17.96 60.40
N THR K 746 36.33 18.71 59.35
CA THR K 746 36.17 18.18 58.00
C THR K 746 37.29 17.19 57.68
N PRO K 747 36.99 16.07 57.02
CA PRO K 747 38.04 15.10 56.68
C PRO K 747 38.87 15.54 55.49
N THR K 748 38.27 16.29 54.58
CA THR K 748 38.94 16.78 53.38
C THR K 748 39.20 18.27 53.50
N GLN K 749 40.36 18.72 53.02
CA GLN K 749 40.75 20.12 53.04
C GLN K 749 40.88 20.62 51.61
N GLY K 750 40.27 21.76 51.33
CA GLY K 750 40.31 22.35 50.00
C GLY K 750 39.26 21.77 49.08
N SER K 751 39.05 22.46 47.96
CA SER K 751 38.05 22.04 46.98
C SER K 751 38.34 22.75 45.67
N VAL K 752 38.63 21.98 44.62
CA VAL K 752 38.95 22.53 43.31
C VAL K 752 38.14 21.75 42.27
N LEU K 753 37.12 22.39 41.72
CA LEU K 753 36.37 21.80 40.63
C LEU K 753 37.13 22.00 39.31
N PHE K 754 36.76 21.22 38.31
CA PHE K 754 37.37 21.36 37.00
C PHE K 754 36.41 20.86 35.92
N GLY K 755 36.40 21.58 34.80
CA GLY K 755 35.56 21.24 33.66
C GLY K 755 36.39 20.63 32.55
N THR K 756 35.77 19.75 31.77
CA THR K 756 36.47 18.99 30.74
C THR K 756 35.79 19.18 29.39
N VAL K 757 36.39 18.57 28.36
CA VAL K 757 35.88 18.70 27.01
C VAL K 757 34.62 17.87 26.81
N ASN K 758 34.53 16.73 27.48
CA ASN K 758 33.36 15.87 27.36
C ASN K 758 32.21 16.29 28.27
N GLY K 759 32.28 17.50 28.85
CA GLY K 759 31.26 17.95 29.78
C GLY K 759 31.38 17.39 31.18
N MET K 760 32.32 16.48 31.42
CA MET K 760 32.51 15.92 32.75
C MET K 760 33.05 16.98 33.69
N ILE K 761 32.50 17.03 34.90
CA ILE K 761 32.94 17.95 35.94
C ILE K 761 33.50 17.14 37.09
N GLY K 762 34.66 17.55 37.60
CA GLY K 762 35.32 16.83 38.65
C GLY K 762 35.69 17.72 39.81
N LEU K 763 36.03 17.08 40.93
CA LEU K 763 36.40 17.80 42.14
C LEU K 763 37.63 17.13 42.78
N VAL K 764 38.62 17.94 43.11
CA VAL K 764 39.86 17.48 43.74
C VAL K 764 40.00 18.15 45.09
N THR K 765 40.47 17.38 46.07
CA THR K 765 40.64 17.86 47.43
C THR K 765 41.87 17.20 48.02
N SER K 766 42.32 17.71 49.16
CA SER K 766 43.49 17.19 49.84
C SER K 766 43.06 16.36 51.05
N LEU K 767 43.88 15.37 51.39
CA LEU K 767 43.64 14.47 52.51
C LEU K 767 44.84 14.53 53.47
N SER K 768 44.74 13.72 54.52
CA SER K 768 45.87 13.50 55.42
C SER K 768 46.57 12.21 55.06
N GLU K 769 47.76 12.02 55.64
CA GLU K 769 48.52 10.81 55.35
C GLU K 769 47.78 9.57 55.82
N SER K 770 47.18 9.63 57.00
CA SER K 770 46.43 8.48 57.51
C SER K 770 45.26 8.15 56.61
N TRP K 771 44.42 9.15 56.31
CA TRP K 771 43.26 8.94 55.44
C TRP K 771 43.71 8.45 54.07
N TYR K 772 44.80 9.01 53.55
CA TYR K 772 45.28 8.60 52.23
C TYR K 772 45.69 7.13 52.22
N ASN K 773 46.48 6.71 53.22
CA ASN K 773 46.90 5.31 53.28
C ASN K 773 45.71 4.39 53.45
N LEU K 774 44.76 4.76 54.31
CA LEU K 774 43.56 3.95 54.49
C LEU K 774 42.81 3.78 53.19
N LEU K 775 42.55 4.90 52.49
CA LEU K 775 41.81 4.84 51.24
C LEU K 775 42.58 4.08 50.17
N LEU K 776 43.91 4.12 50.20
CA LEU K 776 44.69 3.37 49.21
C LEU K 776 44.58 1.87 49.44
N ASP K 777 44.76 1.44 50.69
CA ASP K 777 44.53 0.03 51.00
C ASP K 777 43.10 -0.37 50.66
N MET K 778 42.15 0.55 50.85
CA MET K 778 40.75 0.25 50.58
C MET K 778 40.51 0.10 49.08
N GLN K 779 41.15 0.92 48.26
CA GLN K 779 41.09 0.73 46.82
C GLN K 779 41.67 -0.62 46.43
N ASN K 780 42.84 -0.96 46.99
CA ASN K 780 43.48 -2.23 46.66
C ASN K 780 42.60 -3.41 47.04
N ARG K 781 41.82 -3.27 48.12
CA ARG K 781 40.89 -4.34 48.49
C ARG K 781 39.65 -4.33 47.61
N LEU K 782 39.14 -3.14 47.26
CA LEU K 782 37.95 -3.05 46.41
C LEU K 782 38.18 -3.68 45.05
N ASN K 783 39.37 -3.47 44.48
CA ASN K 783 39.65 -4.00 43.14
C ASN K 783 39.49 -5.51 43.09
N LYS K 784 39.64 -6.19 44.23
CA LYS K 784 39.54 -7.65 44.23
C LYS K 784 38.09 -8.11 44.12
N VAL K 785 37.17 -7.38 44.75
CA VAL K 785 35.77 -7.79 44.76
C VAL K 785 34.98 -7.14 43.63
N ILE K 786 35.35 -5.94 43.21
CA ILE K 786 34.60 -5.24 42.17
C ILE K 786 34.77 -5.99 40.84
N LYS K 787 33.76 -5.89 39.98
CA LYS K 787 33.74 -6.54 38.68
C LYS K 787 33.87 -5.48 37.59
N SER K 788 34.93 -5.58 36.79
CA SER K 788 35.21 -4.58 35.77
C SER K 788 34.61 -5.00 34.43
N VAL K 789 33.99 -4.04 33.75
CA VAL K 789 33.41 -4.29 32.43
C VAL K 789 34.55 -4.50 31.45
N GLY K 790 34.55 -5.66 30.78
CA GLY K 790 35.67 -6.05 29.95
C GLY K 790 36.87 -6.57 30.70
N LYS K 791 36.80 -6.63 32.04
CA LYS K 791 37.89 -7.16 32.86
C LYS K 791 39.18 -6.35 32.67
N ILE K 792 39.04 -5.02 32.72
CA ILE K 792 40.17 -4.12 32.66
C ILE K 792 40.64 -3.80 34.07
N GLU K 793 41.95 -3.91 34.30
CA GLU K 793 42.51 -3.65 35.61
C GLU K 793 42.40 -2.16 35.95
N HIS K 794 41.85 -1.87 37.13
CA HIS K 794 41.78 -0.48 37.57
C HIS K 794 43.18 0.13 37.68
N SER K 795 44.15 -0.63 38.17
CA SER K 795 45.52 -0.14 38.25
C SER K 795 46.03 0.28 36.87
N PHE K 796 45.83 -0.58 35.87
CA PHE K 796 46.23 -0.23 34.51
C PHE K 796 45.45 0.97 33.98
N TRP K 797 44.18 1.09 34.34
CA TRP K 797 43.34 2.16 33.81
C TRP K 797 43.78 3.52 34.34
N ARG K 798 43.99 3.62 35.66
CA ARG K 798 44.36 4.90 36.25
C ARG K 798 45.85 5.20 36.17
N SER K 799 46.65 4.29 35.61
CA SER K 799 48.09 4.52 35.53
C SER K 799 48.41 5.67 34.58
N PHE K 800 49.35 6.51 34.99
CA PHE K 800 49.81 7.59 34.13
C PHE K 800 50.34 7.02 32.82
N HIS K 801 49.79 7.50 31.70
CA HIS K 801 50.08 6.92 30.41
C HIS K 801 50.37 8.02 29.39
N THR K 802 51.47 7.88 28.67
CA THR K 802 51.75 8.66 27.48
C THR K 802 52.38 7.72 26.46
N GLU K 803 52.48 8.18 25.21
CA GLU K 803 53.08 7.35 24.17
C GLU K 803 54.52 7.01 24.49
N ARG K 804 55.20 7.84 25.29
CA ARG K 804 56.61 7.60 25.63
C ARG K 804 56.71 6.67 26.84
N LYS K 805 56.26 7.14 28.00
CA LYS K 805 56.35 6.39 29.24
C LYS K 805 54.97 6.14 29.84
N THR K 806 54.85 5.08 30.63
CA THR K 806 53.60 4.71 31.29
C THR K 806 53.93 4.21 32.69
N GLU K 807 53.73 5.06 33.68
CA GLU K 807 54.05 4.76 35.07
C GLU K 807 52.79 4.55 35.91
N PRO K 808 52.91 3.92 37.08
CA PRO K 808 51.74 3.75 37.94
C PRO K 808 51.30 5.06 38.57
N ALA K 809 50.01 5.13 38.87
CA ALA K 809 49.47 6.33 39.50
C ALA K 809 49.97 6.45 40.93
N THR K 810 50.12 7.70 41.38
CA THR K 810 50.62 7.97 42.72
C THR K 810 49.98 9.25 43.23
N GLY K 811 49.81 9.33 44.54
CA GLY K 811 49.34 10.55 45.18
C GLY K 811 47.93 10.96 44.79
N PHE K 812 47.10 10.00 44.39
CA PHE K 812 45.71 10.28 44.03
C PHE K 812 44.83 9.15 44.50
N ILE K 813 43.60 9.49 44.90
CA ILE K 813 42.62 8.53 45.35
C ILE K 813 41.42 8.62 44.41
N ASP K 814 41.15 7.53 43.70
CA ASP K 814 40.03 7.48 42.77
C ASP K 814 38.73 7.53 43.57
N GLY K 815 38.12 8.71 43.63
CA GLY K 815 36.89 8.86 44.41
C GLY K 815 35.74 8.02 43.89
N ASP K 816 35.71 7.76 42.59
CA ASP K 816 34.64 6.93 42.02
C ASP K 816 34.73 5.51 42.54
N LEU K 817 35.94 4.93 42.55
CA LEU K 817 36.10 3.57 43.06
C LEU K 817 35.80 3.50 44.55
N ILE K 818 36.13 4.56 45.30
CA ILE K 818 35.86 4.57 46.73
C ILE K 818 34.36 4.65 46.99
N GLU K 819 33.67 5.55 46.27
CA GLU K 819 32.24 5.72 46.47
C GLU K 819 31.42 4.56 45.91
N SER K 820 32.00 3.74 45.04
CA SER K 820 31.31 2.54 44.61
C SER K 820 31.14 1.53 45.72
N PHE K 821 31.78 1.74 46.88
CA PHE K 821 31.67 0.81 47.99
C PHE K 821 30.25 0.77 48.56
N LEU K 822 29.51 1.87 48.43
CA LEU K 822 28.15 1.95 48.96
C LEU K 822 27.13 1.26 48.08
N ASP K 823 27.50 0.85 46.87
CA ASP K 823 26.55 0.28 45.92
C ASP K 823 26.81 -1.20 45.64
N ILE K 824 27.51 -1.89 46.55
CA ILE K 824 27.81 -3.31 46.39
C ILE K 824 27.10 -4.08 47.51
N SER K 825 27.12 -5.41 47.38
CA SER K 825 26.50 -6.27 48.37
C SER K 825 27.34 -6.32 49.65
N ARG K 826 26.67 -6.64 50.75
CA ARG K 826 27.32 -6.59 52.06
C ARG K 826 28.24 -7.79 52.30
N PRO K 827 27.99 -8.95 51.70
CA PRO K 827 29.03 -9.99 51.76
C PRO K 827 30.34 -9.53 51.18
N LYS K 828 30.29 -8.80 50.05
CA LYS K 828 31.52 -8.25 49.48
C LYS K 828 32.07 -7.11 50.31
N MET K 829 31.20 -6.33 50.96
CA MET K 829 31.68 -5.32 51.91
C MET K 829 32.46 -5.97 53.05
N GLN K 830 31.96 -7.11 53.55
CA GLN K 830 32.68 -7.81 54.61
C GLN K 830 33.98 -8.40 54.09
N GLU K 831 33.98 -8.91 52.86
CA GLU K 831 35.23 -9.33 52.25
C GLU K 831 36.24 -8.18 52.20
N VAL K 832 35.76 -6.97 51.93
CA VAL K 832 36.65 -5.81 51.85
C VAL K 832 37.27 -5.52 53.20
N VAL K 833 36.46 -5.49 54.26
CA VAL K 833 36.92 -5.09 55.59
C VAL K 833 37.46 -6.30 56.34
N ALA K 834 37.65 -7.41 55.63
CA ALA K 834 38.16 -8.63 56.26
C ALA K 834 39.59 -8.42 56.71
N ASN K 835 39.83 -8.57 58.02
CA ASN K 835 41.17 -8.39 58.59
C ASN K 835 41.71 -6.99 58.30
N LEU K 836 40.87 -5.98 58.54
CA LEU K 836 41.21 -4.59 58.27
C LEU K 836 41.07 -3.80 59.57
N GLN K 837 42.15 -3.12 59.96
CA GLN K 837 42.16 -2.32 61.18
C GLN K 837 41.76 -0.89 60.88
N TYR K 838 40.92 -0.32 61.76
CA TYR K 838 40.35 0.99 61.56
C TYR K 838 40.46 1.80 62.85
N ASP K 839 40.60 3.11 62.69
CA ASP K 839 40.71 4.06 63.79
C ASP K 839 39.51 4.98 63.76
N ASP K 840 38.68 4.90 64.80
CA ASP K 840 37.48 5.72 64.91
C ASP K 840 37.69 6.94 65.81
N GLY K 841 38.93 7.21 66.22
CA GLY K 841 39.20 8.36 67.06
C GLY K 841 40.15 8.07 68.21
N SER K 842 41.45 8.31 68.00
CA SER K 842 42.45 8.12 69.05
C SER K 842 42.59 6.65 69.42
N GLY K 843 41.76 6.18 70.35
CA GLY K 843 41.85 4.80 70.79
C GLY K 843 41.13 3.85 69.84
N MET K 844 41.80 2.75 69.52
CA MET K 844 41.26 1.75 68.59
C MET K 844 41.13 2.35 67.20
N LYS K 845 41.85 1.81 66.21
CA LYS K 845 42.70 0.62 66.35
C LYS K 845 41.91 -0.62 66.70
N ARG K 846 40.87 -0.91 65.91
CA ARG K 846 40.03 -2.08 66.14
C ARG K 846 39.61 -2.68 64.81
N GLU K 847 38.97 -3.85 64.88
CA GLU K 847 38.51 -4.52 63.67
C GLU K 847 37.39 -3.72 63.01
N ALA K 848 37.58 -3.39 61.74
CA ALA K 848 36.63 -2.55 61.02
C ALA K 848 35.41 -3.35 60.59
N THR K 849 34.23 -2.77 60.81
CA THR K 849 32.98 -3.35 60.36
C THR K 849 32.49 -2.62 59.12
N ALA K 850 31.53 -3.24 58.42
CA ALA K 850 31.01 -2.62 57.21
C ALA K 850 30.33 -1.29 57.49
N ASP K 851 29.73 -1.14 58.67
CA ASP K 851 28.99 0.08 58.98
C ASP K 851 29.93 1.27 59.19
N ASP K 852 31.08 1.03 59.83
CA ASP K 852 32.06 2.10 60.00
C ASP K 852 32.51 2.65 58.64
N LEU K 853 32.89 1.76 57.74
CA LEU K 853 33.33 2.19 56.42
C LEU K 853 32.19 2.81 55.63
N ILE K 854 30.96 2.33 55.82
CA ILE K 854 29.82 2.97 55.18
C ILE K 854 29.66 4.41 55.66
N LYS K 855 29.83 4.62 56.97
CA LYS K 855 29.76 5.96 57.53
C LYS K 855 30.84 6.86 56.92
N VAL K 856 32.06 6.33 56.82
CA VAL K 856 33.15 7.13 56.27
C VAL K 856 32.89 7.49 54.82
N VAL K 857 32.42 6.52 54.03
CA VAL K 857 32.18 6.78 52.60
C VAL K 857 31.00 7.72 52.42
N GLU K 858 29.99 7.63 53.29
CA GLU K 858 28.89 8.59 53.22
C GLU K 858 29.37 9.99 53.58
N GLU K 859 30.30 10.11 54.52
CA GLU K 859 30.91 11.41 54.78
C GLU K 859 31.66 11.92 53.57
N LEU K 860 32.36 11.02 52.87
CA LEU K 860 33.07 11.42 51.65
C LEU K 860 32.12 11.92 50.58
N THR K 861 30.98 11.24 50.43
CA THR K 861 30.03 11.56 49.35
C THR K 861 29.38 12.92 49.52
N ARG K 862 29.55 13.59 50.65
CA ARG K 862 28.89 14.87 50.90
C ARG K 862 29.73 16.06 50.43
N ILE K 863 30.90 15.84 49.85
CA ILE K 863 31.73 16.93 49.35
C ILE K 863 31.27 17.44 48.00
N HIS K 864 30.42 16.68 47.30
CA HIS K 864 29.92 17.10 46.00
C HIS K 864 28.42 16.81 45.88
N ILE L 68 77.54 31.98 -8.44
CA ILE L 68 76.65 30.92 -7.99
C ILE L 68 76.74 29.73 -8.93
N ASN L 69 77.94 29.15 -9.05
CA ASN L 69 78.13 28.00 -9.93
C ASN L 69 79.28 27.10 -9.47
N PHE L 70 79.71 27.21 -8.21
CA PHE L 70 80.82 26.43 -7.68
C PHE L 70 80.60 24.93 -7.82
N ASP L 71 79.71 24.38 -6.98
CA ASP L 71 79.37 22.96 -6.89
C ASP L 71 79.26 22.58 -5.42
N THR L 72 78.07 22.75 -4.84
CA THR L 72 77.90 22.54 -3.40
C THR L 72 78.21 21.11 -2.96
N SER L 73 78.47 20.19 -3.90
CA SER L 73 78.76 18.80 -3.56
C SER L 73 80.25 18.55 -3.32
N LEU L 74 81.10 19.54 -3.53
CA LEU L 74 82.55 19.36 -3.40
C LEU L 74 83.01 19.40 -1.94
N PRO L 75 82.59 20.41 -1.15
CA PRO L 75 83.07 20.48 0.24
C PRO L 75 82.72 19.24 1.06
N THR L 76 81.52 18.68 0.86
CA THR L 76 81.12 17.51 1.63
C THR L 76 81.97 16.29 1.31
N SER L 77 82.58 16.23 0.13
CA SER L 77 83.42 15.10 -0.23
C SER L 77 84.72 15.06 0.56
N HIS L 78 85.18 16.21 1.05
CA HIS L 78 86.47 16.29 1.73
C HIS L 78 87.58 15.73 0.85
N THR L 79 87.55 16.11 -0.43
CA THR L 79 88.53 15.60 -1.38
C THR L 79 89.96 15.98 -0.99
N TYR L 80 90.14 17.01 -0.16
CA TYR L 80 91.47 17.43 0.26
C TYR L 80 92.15 16.39 1.13
N LEU L 81 91.41 15.38 1.62
CA LEU L 81 92.01 14.34 2.43
C LEU L 81 92.75 13.30 1.62
N GLY L 82 92.58 13.28 0.30
CA GLY L 82 93.32 12.35 -0.52
C GLY L 82 92.46 11.29 -1.21
N ALA L 83 93.06 10.12 -1.43
CA ALA L 83 92.38 9.05 -2.13
C ALA L 83 91.09 8.67 -1.39
N ASP L 84 90.30 7.83 -2.05
CA ASP L 84 89.04 7.39 -1.47
C ASP L 84 89.27 6.49 -0.26
N MET L 85 88.46 6.67 0.77
CA MET L 85 88.62 5.94 2.01
C MET L 85 87.85 4.63 2.00
N GLU L 86 88.25 3.73 2.89
CA GLU L 86 87.49 2.51 3.12
C GLU L 86 86.19 2.84 3.82
N GLU L 87 85.07 2.41 3.25
CA GLU L 87 83.76 2.78 3.76
C GLU L 87 83.08 1.60 4.44
N PHE L 88 82.27 1.92 5.44
CA PHE L 88 81.48 0.94 6.16
C PHE L 88 80.00 1.17 5.88
N HIS L 89 79.23 0.08 5.92
CA HIS L 89 77.78 0.15 5.75
C HIS L 89 77.00 -0.20 7.00
N GLY L 90 77.61 -0.88 7.97
CA GLY L 90 76.91 -1.23 9.18
C GLY L 90 76.70 -0.04 10.09
N ARG L 91 75.68 -0.16 10.94
CA ARG L 91 75.28 0.92 11.84
C ARG L 91 75.08 0.38 13.24
N THR L 92 75.58 1.12 14.24
CA THR L 92 75.50 0.72 15.63
C THR L 92 74.74 1.78 16.41
N LEU L 93 73.70 1.34 17.12
CA LEU L 93 72.91 2.23 17.97
C LEU L 93 72.69 1.56 19.32
N HIS L 94 72.92 2.29 20.40
CA HIS L 94 72.71 1.78 21.74
C HIS L 94 71.28 2.06 22.20
N ASP L 95 70.83 1.27 23.16
CA ASP L 95 69.48 1.43 23.69
C ASP L 95 69.35 2.73 24.47
N ASP L 96 68.18 3.35 24.38
CA ASP L 96 67.94 4.58 25.12
C ASP L 96 68.08 4.34 26.61
N ASP L 97 68.58 5.34 27.32
CA ASP L 97 68.79 5.35 28.76
C ASP L 97 69.79 4.30 29.24
N SER L 98 70.42 3.56 28.34
CA SER L 98 71.38 2.54 28.73
C SER L 98 72.72 3.16 29.11
N CYS L 99 73.52 2.38 29.81
CA CYS L 99 74.85 2.80 30.25
C CYS L 99 75.90 2.12 29.37
N GLN L 100 76.87 2.91 28.89
CA GLN L 100 77.89 2.43 27.98
C GLN L 100 79.24 3.04 28.33
N VAL L 101 80.31 2.33 28.02
CA VAL L 101 81.67 2.82 28.22
C VAL L 101 82.29 3.00 26.84
N ILE L 102 82.55 4.25 26.49
CA ILE L 102 83.02 4.57 25.13
C ILE L 102 84.33 5.36 25.22
N PRO L 103 85.31 5.07 24.37
CA PRO L 103 86.57 5.83 24.40
C PRO L 103 86.43 7.21 23.79
N VAL L 104 87.24 8.14 24.32
CA VAL L 104 87.24 9.53 23.87
C VAL L 104 88.57 9.83 23.19
N LEU L 105 88.52 10.61 22.12
CA LEU L 105 89.73 11.05 21.46
C LEU L 105 90.33 12.24 22.22
N PRO L 106 91.63 12.24 22.48
CA PRO L 106 92.19 13.27 23.37
C PRO L 106 92.10 14.68 22.81
N GLN L 107 92.44 14.87 21.55
CA GLN L 107 92.60 16.22 21.00
C GLN L 107 91.34 16.74 20.31
N VAL L 108 90.23 16.02 20.39
CA VAL L 108 88.98 16.52 19.82
C VAL L 108 88.36 17.51 20.80
N MET L 109 88.06 18.72 20.31
CA MET L 109 87.48 19.76 21.12
C MET L 109 86.13 20.24 20.62
N MET L 110 85.64 19.67 19.52
CA MET L 110 84.38 20.12 18.93
C MET L 110 83.18 19.55 19.69
N ILE L 111 82.07 20.25 19.58
CA ILE L 111 80.81 19.82 20.16
C ILE L 111 80.00 19.22 19.01
N LEU L 112 79.91 17.90 18.96
CA LEU L 112 79.32 17.22 17.82
C LEU L 112 77.80 17.19 17.95
N ILE L 113 77.12 17.33 16.81
CA ILE L 113 75.67 17.24 16.75
C ILE L 113 75.28 15.98 15.99
N PRO L 114 74.27 15.25 16.45
CA PRO L 114 73.86 14.03 15.74
C PRO L 114 73.62 14.34 14.27
N GLY L 115 74.12 13.44 13.41
CA GLY L 115 74.02 13.62 11.98
C GLY L 115 75.07 14.51 11.37
N GLN L 116 75.92 15.13 12.19
CA GLN L 116 76.96 16.00 11.68
C GLN L 116 78.21 15.19 11.36
N THR L 117 78.84 15.51 10.24
CA THR L 117 80.05 14.82 9.81
C THR L 117 81.27 15.45 10.47
N LEU L 118 82.18 14.61 10.93
CA LEU L 118 83.43 15.05 11.57
C LEU L 118 84.61 14.40 10.86
N PRO L 119 85.47 15.19 10.20
CA PRO L 119 86.68 14.61 9.61
C PRO L 119 87.87 14.80 10.54
N LEU L 120 88.78 13.83 10.58
CA LEU L 120 89.89 13.86 11.51
C LEU L 120 91.13 13.30 10.83
N GLN L 121 92.29 13.83 11.23
CA GLN L 121 93.59 13.31 10.82
C GLN L 121 94.39 13.03 12.08
N LEU L 122 94.61 11.74 12.36
CA LEU L 122 95.29 11.33 13.58
C LEU L 122 96.72 10.94 13.28
N PHE L 123 97.65 11.55 14.00
CA PHE L 123 99.08 11.31 13.88
C PHE L 123 99.66 10.61 15.09
N HIS L 124 99.22 10.98 16.30
CA HIS L 124 99.76 10.38 17.50
C HIS L 124 99.57 8.87 17.47
N PRO L 125 100.60 8.10 17.84
CA PRO L 125 100.43 6.63 17.84
C PRO L 125 99.31 6.15 18.75
N GLN L 126 99.12 6.81 19.89
CA GLN L 126 98.03 6.44 20.78
C GLN L 126 96.69 6.55 20.08
N GLU L 127 96.45 7.68 19.40
CA GLU L 127 95.20 7.87 18.68
C GLU L 127 95.05 6.85 17.57
N VAL L 128 96.13 6.55 16.86
CA VAL L 128 96.06 5.59 15.77
C VAL L 128 95.68 4.21 16.30
N SER L 129 96.30 3.80 17.41
CA SER L 129 95.97 2.50 18.00
C SER L 129 94.52 2.47 18.45
N MET L 130 94.05 3.55 19.10
CA MET L 130 92.65 3.58 19.53
C MET L 130 91.71 3.48 18.34
N VAL L 131 92.04 4.15 17.23
CA VAL L 131 91.17 4.11 16.06
C VAL L 131 91.20 2.75 15.39
N ARG L 132 92.35 2.07 15.39
CA ARG L 132 92.37 0.68 14.91
C ARG L 132 91.44 -0.18 15.75
N ASN L 133 91.60 -0.14 17.07
CA ASN L 133 90.72 -0.91 17.94
C ASN L 133 89.26 -0.60 17.64
N LEU L 134 88.93 0.68 17.43
CA LEU L 134 87.56 1.05 17.13
C LEU L 134 87.10 0.45 15.81
N ILE L 135 87.92 0.55 14.76
CA ILE L 135 87.55 -0.02 13.47
C ILE L 135 87.31 -1.51 13.60
N GLN L 136 87.97 -2.18 14.53
CA GLN L 136 87.75 -3.59 14.72
C GLN L 136 86.51 -3.90 15.57
N LYS L 137 86.03 -2.95 16.36
CA LYS L 137 84.87 -3.18 17.23
C LYS L 137 83.62 -2.50 16.68
N ASP L 138 83.03 -1.60 17.46
CA ASP L 138 81.78 -0.95 17.08
C ASP L 138 81.98 0.37 16.34
N ARG L 139 83.21 0.86 16.25
CA ARG L 139 83.51 2.06 15.46
C ARG L 139 82.81 3.31 16.02
N THR L 140 82.68 3.37 17.34
CA THR L 140 82.00 4.50 17.98
C THR L 140 82.89 5.02 19.11
N PHE L 141 83.16 6.33 19.07
CA PHE L 141 83.86 7.01 20.16
C PHE L 141 82.99 8.16 20.65
N ALA L 142 83.38 8.71 21.79
CA ALA L 142 82.63 9.78 22.44
C ALA L 142 83.28 11.12 22.14
N VAL L 143 82.46 12.11 21.79
CA VAL L 143 82.91 13.47 21.57
C VAL L 143 82.32 14.32 22.69
N LEU L 144 83.18 14.72 23.63
CA LEU L 144 82.72 15.42 24.81
C LEU L 144 82.45 16.90 24.50
N ALA L 145 81.32 17.40 24.99
CA ALA L 145 80.98 18.81 24.88
C ALA L 145 81.54 19.53 26.10
N TYR L 146 82.67 20.20 25.93
CA TYR L 146 83.40 20.78 27.05
C TYR L 146 82.79 22.11 27.47
N SER L 147 82.26 22.16 28.70
CA SER L 147 81.86 23.43 29.29
C SER L 147 83.08 24.24 29.70
N ASN L 148 84.09 23.58 30.24
CA ASN L 148 85.38 24.20 30.57
C ASN L 148 86.46 23.38 29.85
N VAL L 149 86.91 23.89 28.70
CA VAL L 149 87.86 23.15 27.89
C VAL L 149 89.22 23.06 28.58
N GLN L 150 89.61 24.09 29.32
CA GLN L 150 90.91 24.08 29.97
C GLN L 150 91.05 22.87 30.91
N GLU L 151 90.11 22.72 31.84
CA GLU L 151 90.18 21.66 32.83
C GLU L 151 89.47 20.38 32.39
N ARG L 152 89.04 20.31 31.12
CA ARG L 152 88.44 19.09 30.57
C ARG L 152 87.19 18.68 31.35
N GLU L 153 86.31 19.64 31.59
CA GLU L 153 85.04 19.37 32.22
C GLU L 153 83.98 19.10 31.16
N ALA L 154 83.12 18.11 31.41
CA ALA L 154 82.11 17.73 30.44
C ALA L 154 80.95 17.04 31.15
N GLN L 155 79.73 17.56 30.93
CA GLN L 155 78.53 16.94 31.45
C GLN L 155 77.69 16.24 30.40
N PHE L 156 77.80 16.65 29.13
CA PHE L 156 77.08 16.02 28.03
C PHE L 156 78.06 15.67 26.93
N GLY L 157 77.55 15.02 25.89
CA GLY L 157 78.39 14.71 24.74
C GLY L 157 77.58 14.02 23.66
N THR L 158 78.27 13.70 22.57
CA THR L 158 77.67 13.01 21.44
C THR L 158 78.59 11.90 20.97
N THR L 159 78.01 10.76 20.65
CA THR L 159 78.77 9.63 20.11
C THR L 159 79.01 9.83 18.63
N ALA L 160 80.15 9.33 18.16
CA ALA L 160 80.53 9.43 16.76
C ALA L 160 80.88 8.04 16.24
N GLU L 161 80.30 7.68 15.10
CA GLU L 161 80.51 6.38 14.48
C GLU L 161 81.35 6.57 13.23
N ILE L 162 82.53 5.95 13.20
CA ILE L 162 83.42 6.04 12.05
C ILE L 162 82.78 5.33 10.88
N TYR L 163 82.58 6.04 9.77
CA TYR L 163 82.06 5.44 8.56
C TYR L 163 83.05 5.44 7.41
N ALA L 164 84.17 6.15 7.53
CA ALA L 164 85.23 6.10 6.53
C ALA L 164 86.58 6.17 7.21
N TYR L 165 87.56 5.44 6.68
CA TYR L 165 88.91 5.50 7.23
C TYR L 165 89.91 5.17 6.14
N ARG L 166 91.13 5.65 6.35
CA ARG L 166 92.26 5.38 5.46
C ARG L 166 93.52 5.35 6.31
N GLU L 167 94.20 4.21 6.32
CA GLU L 167 95.38 3.99 7.14
C GLU L 167 96.59 4.01 6.22
N GLU L 168 97.40 5.08 6.30
CA GLU L 168 98.49 5.24 5.35
C GLU L 168 99.80 5.53 6.07
N GLN L 169 100.87 4.87 5.61
CA GLN L 169 102.21 5.08 6.12
C GLN L 169 102.96 5.90 5.07
N ASP L 170 103.06 7.21 5.30
CA ASP L 170 103.60 8.13 4.32
C ASP L 170 104.93 8.70 4.82
N PHE L 171 105.95 8.67 3.95
CA PHE L 171 107.26 9.23 4.27
C PHE L 171 107.82 8.67 5.58
N GLY L 172 107.51 7.41 5.86
CA GLY L 172 108.05 6.77 7.05
C GLY L 172 107.32 7.07 8.34
N ILE L 173 106.18 7.75 8.29
CA ILE L 173 105.38 8.02 9.48
C ILE L 173 103.96 7.52 9.23
N GLU L 174 103.38 6.88 10.25
CA GLU L 174 102.07 6.25 10.16
C GLU L 174 100.99 7.22 10.60
N ILE L 175 99.95 7.38 9.76
CA ILE L 175 98.85 8.28 10.06
C ILE L 175 97.54 7.67 9.58
N VAL L 176 96.44 8.18 10.14
CA VAL L 176 95.11 7.67 9.84
C VAL L 176 94.17 8.84 9.59
N LYS L 177 93.39 8.76 8.52
CA LYS L 177 92.36 9.75 8.21
C LYS L 177 91.00 9.11 8.41
N VAL L 178 90.08 9.84 9.01
CA VAL L 178 88.81 9.27 9.44
C VAL L 178 87.68 10.24 9.14
N LYS L 179 86.53 9.68 8.77
CA LYS L 179 85.27 10.40 8.63
C LYS L 179 84.26 9.71 9.51
N ALA L 180 83.81 10.39 10.57
CA ALA L 180 82.80 9.88 11.47
C ALA L 180 81.56 10.76 11.40
N ILE L 181 80.50 10.34 12.08
CA ILE L 181 79.25 11.07 12.07
C ILE L 181 78.62 11.00 13.46
N GLY L 182 77.95 12.08 13.84
CA GLY L 182 77.28 12.11 15.13
C GLY L 182 76.09 11.17 15.16
N ARG L 183 75.94 10.48 16.28
CA ARG L 183 74.87 9.49 16.40
C ARG L 183 73.92 9.83 17.55
N GLN L 184 74.33 9.58 18.78
CA GLN L 184 73.44 9.66 19.93
C GLN L 184 73.95 10.65 20.96
N ARG L 185 73.05 11.50 21.46
CA ARG L 185 73.38 12.36 22.58
C ARG L 185 73.48 11.53 23.85
N PHE L 186 74.29 11.99 24.80
CA PHE L 186 74.48 11.24 26.03
C PHE L 186 74.88 12.17 27.16
N LYS L 187 74.55 11.73 28.38
CA LYS L 187 74.99 12.39 29.60
C LYS L 187 76.24 11.68 30.12
N VAL L 188 77.21 12.47 30.58
CA VAL L 188 78.48 11.93 31.06
C VAL L 188 78.30 11.48 32.49
N LEU L 189 78.52 10.19 32.75
CA LEU L 189 78.47 9.67 34.10
C LEU L 189 79.84 9.53 34.74
N GLU L 190 80.90 9.44 33.94
CA GLU L 190 82.23 9.24 34.49
C GLU L 190 83.27 9.39 33.37
N LEU L 191 84.39 10.03 33.70
CA LEU L 191 85.50 10.21 32.77
C LEU L 191 86.74 9.61 33.41
N ARG L 192 87.25 8.52 32.82
CA ARG L 192 88.23 7.67 33.48
C ARG L 192 89.41 7.45 32.54
N THR L 193 90.52 8.13 32.82
CA THR L 193 91.69 8.13 31.94
C THR L 193 92.65 7.02 32.36
N GLN L 194 92.70 5.95 31.57
CA GLN L 194 93.51 4.79 31.88
C GLN L 194 95.00 5.16 31.95
N SER L 195 95.81 4.20 32.39
CA SER L 195 97.24 4.41 32.52
C SER L 195 97.95 4.59 31.20
N ASP L 196 97.28 4.30 30.08
CA ASP L 196 97.89 4.49 28.76
C ASP L 196 97.83 5.94 28.30
N GLY L 197 97.09 6.80 29.00
CA GLY L 197 96.85 8.15 28.56
C GLY L 197 95.53 8.35 27.83
N ILE L 198 94.90 7.28 27.39
CA ILE L 198 93.61 7.36 26.71
C ILE L 198 92.51 7.15 27.74
N GLN L 199 91.45 7.94 27.63
CA GLN L 199 90.38 7.91 28.61
C GLN L 199 89.10 7.28 28.03
N GLN L 200 88.31 6.70 28.92
CA GLN L 200 87.00 6.16 28.63
C GLN L 200 85.93 7.03 29.29
N ALA L 201 84.69 6.85 28.83
CA ALA L 201 83.56 7.62 29.33
C ALA L 201 82.43 6.66 29.68
N LYS L 202 82.10 6.58 30.96
CA LYS L 202 80.85 5.99 31.40
C LYS L 202 79.73 6.98 31.11
N VAL L 203 78.79 6.55 30.28
CA VAL L 203 77.88 7.44 29.57
C VAL L 203 76.47 6.87 29.63
N GLN L 204 75.48 7.75 29.61
CA GLN L 204 74.08 7.36 29.60
C GLN L 204 73.43 7.95 28.36
N ILE L 205 72.86 7.09 27.51
CA ILE L 205 72.29 7.54 26.25
C ILE L 205 71.02 8.33 26.52
N LEU L 206 70.94 9.55 25.98
CA LEU L 206 69.75 10.35 26.18
C LEU L 206 68.71 10.02 25.11
N PRO L 207 67.46 9.77 25.48
CA PRO L 207 66.45 9.41 24.49
C PRO L 207 65.92 10.61 23.74
N GLU L 208 65.41 10.34 22.54
CA GLU L 208 64.82 11.37 21.69
C GLU L 208 63.32 11.41 21.97
N CYS L 209 62.87 12.49 22.61
CA CYS L 209 61.46 12.64 22.97
C CYS L 209 60.64 12.97 21.72
N VAL L 210 59.75 12.06 21.35
CA VAL L 210 58.81 12.29 20.25
C VAL L 210 57.45 12.54 20.88
N LEU L 211 56.85 13.68 20.57
CA LEU L 211 55.55 14.04 21.10
C LEU L 211 54.49 13.96 20.01
N PRO L 212 53.28 13.52 20.34
CA PRO L 212 52.19 13.50 19.36
C PRO L 212 51.71 14.90 19.08
N SER L 213 50.91 15.03 18.02
CA SER L 213 50.28 16.29 17.71
C SER L 213 49.60 16.87 18.95
N THR L 214 49.78 18.17 19.16
CA THR L 214 49.12 18.81 20.28
C THR L 214 47.60 18.66 20.20
N MET L 215 47.06 18.46 19.00
CA MET L 215 45.64 18.18 18.80
C MET L 215 45.30 16.70 18.84
N SER L 216 46.30 15.82 18.87
CA SER L 216 46.04 14.39 18.80
C SER L 216 45.15 13.92 19.95
N ALA L 217 45.21 14.60 21.10
CA ALA L 217 44.40 14.19 22.24
C ALA L 217 42.95 14.67 22.10
N VAL L 218 42.75 15.92 21.69
CA VAL L 218 41.41 16.50 21.64
C VAL L 218 40.71 16.29 20.31
N GLN L 219 41.40 15.74 19.30
CA GLN L 219 40.81 15.60 17.98
C GLN L 219 39.57 14.72 18.03
N LEU L 220 38.50 15.17 17.36
CA LEU L 220 37.27 14.39 17.31
C LEU L 220 37.42 13.21 16.36
N GLU L 221 36.71 12.13 16.66
CA GLU L 221 36.79 10.94 15.81
C GLU L 221 36.24 11.21 14.41
N SER L 222 35.18 12.01 14.31
CA SER L 222 34.61 12.33 13.01
C SER L 222 35.58 13.14 12.16
N LEU L 223 36.38 14.00 12.79
CA LEU L 223 37.31 14.86 12.07
C LEU L 223 38.68 14.22 11.85
N ASN L 224 38.86 12.97 12.29
CA ASN L 224 40.14 12.31 12.09
C ASN L 224 40.44 12.13 10.61
N LYS L 225 39.43 11.77 9.82
CA LYS L 225 39.63 11.52 8.39
C LYS L 225 39.94 12.80 7.63
N CYS L 226 39.72 13.96 8.25
CA CYS L 226 39.98 15.23 7.58
C CYS L 226 41.32 15.82 7.95
N GLN L 227 42.09 15.19 8.84
CA GLN L 227 43.36 15.75 9.27
C GLN L 227 44.43 15.66 8.19
N ILE L 228 44.35 14.64 7.33
CA ILE L 228 45.34 14.48 6.27
C ILE L 228 45.10 15.52 5.18
N PHE L 229 46.19 16.14 4.71
CA PHE L 229 46.15 17.15 3.67
C PHE L 229 46.45 16.55 2.31
N PRO L 230 45.85 17.09 1.25
CA PRO L 230 46.09 16.57 -0.11
C PRO L 230 47.41 17.06 -0.71
N SER L 231 48.51 16.47 -0.24
CA SER L 231 49.83 16.78 -0.78
C SER L 231 50.21 18.23 -0.53
N LYS L 232 51.46 18.60 -0.86
CA LYS L 232 52.09 19.90 -0.68
C LYS L 232 52.18 20.64 -2.02
N PRO L 233 52.09 21.97 -2.00
CA PRO L 233 52.17 22.72 -3.26
C PRO L 233 53.57 22.73 -3.86
N VAL L 234 54.61 22.66 -3.02
CA VAL L 234 56.02 22.71 -3.43
C VAL L 234 56.20 23.62 -4.65
N SER L 235 55.56 24.77 -4.63
CA SER L 235 55.79 25.84 -5.60
C SER L 235 56.17 27.08 -4.80
N ARG L 236 57.43 27.51 -4.92
CA ARG L 236 57.96 28.58 -4.07
C ARG L 236 56.96 29.69 -3.83
N GLU L 237 56.32 30.17 -4.90
CA GLU L 237 55.38 31.29 -4.75
C GLU L 237 54.12 30.87 -4.02
N ASP L 238 53.61 29.67 -4.30
CA ASP L 238 52.36 29.23 -3.70
C ASP L 238 52.52 28.99 -2.20
N GLN L 239 53.64 28.40 -1.78
CA GLN L 239 53.87 28.13 -0.37
C GLN L 239 54.31 29.38 0.38
N CYS L 240 55.09 30.25 -0.27
CA CYS L 240 55.43 31.52 0.37
C CYS L 240 54.23 32.43 0.55
N SER L 241 53.16 32.21 -0.23
CA SER L 241 51.91 32.93 -0.03
C SER L 241 51.19 32.39 1.21
N TYR L 242 50.86 33.27 2.14
CA TYR L 242 50.33 32.85 3.43
C TYR L 242 48.90 32.33 3.36
N LYS L 243 48.30 32.25 2.18
CA LYS L 243 46.96 31.68 2.07
C LYS L 243 46.98 30.18 2.37
N TRP L 244 47.95 29.46 1.79
CA TRP L 244 48.04 28.03 2.07
C TRP L 244 48.26 27.78 3.55
N TRP L 245 49.01 28.65 4.22
CA TRP L 245 49.24 28.45 5.64
C TRP L 245 48.03 28.84 6.49
N GLN L 246 47.25 29.84 6.04
CA GLN L 246 45.95 30.07 6.67
C GLN L 246 45.10 28.81 6.62
N LYS L 247 45.06 28.17 5.44
CA LYS L 247 44.27 26.95 5.28
C LYS L 247 44.81 25.84 6.18
N TYR L 248 46.14 25.66 6.20
CA TYR L 248 46.76 24.66 7.05
C TYR L 248 46.39 24.86 8.51
N GLN L 249 46.50 26.10 9.00
CA GLN L 249 46.17 26.37 10.39
C GLN L 249 44.69 26.13 10.67
N LYS L 250 43.81 26.54 9.76
CA LYS L 250 42.38 26.31 9.96
C LYS L 250 42.07 24.83 10.05
N ARG L 251 42.73 24.02 9.21
CA ARG L 251 42.39 22.60 9.17
C ARG L 251 43.00 21.83 10.35
N LYS L 252 44.31 21.97 10.56
CA LYS L 252 44.99 21.12 11.52
C LYS L 252 44.56 21.42 12.95
N PHE L 253 44.35 22.69 13.28
CA PHE L 253 44.05 23.12 14.64
C PHE L 253 42.59 23.55 14.79
N HIS L 254 41.68 22.88 14.08
CA HIS L 254 40.27 23.18 14.25
C HIS L 254 39.82 22.90 15.68
N CYS L 255 40.11 21.69 16.17
CA CYS L 255 39.70 21.28 17.50
C CYS L 255 40.27 22.17 18.59
N ALA L 256 41.04 23.19 18.20
CA ALA L 256 41.45 24.20 19.17
C ALA L 256 40.26 24.90 19.79
N ASN L 257 39.09 24.87 19.12
CA ASN L 257 37.90 25.43 19.73
C ASN L 257 37.45 24.63 20.95
N LEU L 258 37.83 23.35 21.04
CA LEU L 258 37.50 22.56 22.22
C LEU L 258 38.33 22.96 23.42
N THR L 259 39.53 23.50 23.19
CA THR L 259 40.45 23.83 24.26
C THR L 259 40.20 25.26 24.75
N SER L 260 41.09 25.77 25.61
CA SER L 260 40.98 27.13 26.12
C SER L 260 41.97 28.07 25.45
N TRP L 261 42.51 27.70 24.29
CA TRP L 261 43.47 28.50 23.54
C TRP L 261 43.09 28.52 22.07
N PRO L 262 43.51 29.55 21.33
CA PRO L 262 43.20 29.61 19.90
C PRO L 262 44.15 28.78 19.05
N ARG L 263 44.05 28.93 17.73
CA ARG L 263 44.84 28.10 16.82
C ARG L 263 46.27 28.63 16.70
N TRP L 264 46.42 29.93 16.51
CA TRP L 264 47.75 30.50 16.31
C TRP L 264 48.69 30.16 17.46
N LEU L 265 48.16 29.87 18.65
CA LEU L 265 49.00 29.42 19.75
C LEU L 265 49.61 28.05 19.43
N TYR L 266 48.75 27.07 19.12
CA TYR L 266 49.24 25.75 18.80
C TYR L 266 50.12 25.75 17.57
N SER L 267 49.95 26.74 16.69
CA SER L 267 50.81 26.84 15.52
C SER L 267 52.26 27.07 15.90
N LEU L 268 52.50 27.68 17.06
CA LEU L 268 53.86 27.93 17.53
C LEU L 268 54.53 26.69 18.09
N TYR L 269 53.80 25.60 18.32
CA TYR L 269 54.36 24.35 18.81
C TYR L 269 54.14 23.22 17.81
N ASP L 270 54.02 23.56 16.53
CA ASP L 270 53.72 22.59 15.49
C ASP L 270 54.99 22.29 14.68
N ALA L 271 55.36 21.00 14.62
CA ALA L 271 56.61 20.62 13.99
C ALA L 271 56.69 21.12 12.54
N GLU L 272 55.63 20.90 11.76
CA GLU L 272 55.68 21.26 10.35
C GLU L 272 55.69 22.77 10.16
N THR L 273 54.90 23.49 10.96
CA THR L 273 54.87 24.94 10.86
C THR L 273 56.26 25.52 11.16
N LEU L 274 56.88 25.06 12.25
CA LEU L 274 58.22 25.51 12.58
C LEU L 274 59.23 25.12 11.50
N MET L 275 59.09 23.91 10.96
CA MET L 275 60.05 23.45 9.97
C MET L 275 59.96 24.28 8.69
N ASP L 276 58.76 24.70 8.30
CA ASP L 276 58.66 25.56 7.12
C ASP L 276 59.05 27.00 7.42
N ARG L 277 58.77 27.49 8.63
CA ARG L 277 59.30 28.79 9.00
C ARG L 277 60.83 28.80 8.93
N ILE L 278 61.45 27.67 9.29
CA ILE L 278 62.91 27.55 9.16
C ILE L 278 63.32 27.39 7.70
N LYS L 279 62.51 26.70 6.90
CA LYS L 279 62.80 26.60 5.47
C LYS L 279 62.83 27.97 4.82
N LYS L 280 61.96 28.87 5.26
CA LYS L 280 61.93 30.19 4.65
C LYS L 280 63.21 30.96 4.95
N GLN L 281 63.89 30.59 6.03
CA GLN L 281 65.17 31.24 6.33
C GLN L 281 66.31 30.51 5.63
N LEU L 282 66.18 29.20 5.46
CA LEU L 282 67.24 28.44 4.80
C LEU L 282 67.28 28.76 3.31
N ARG L 283 66.12 29.03 2.71
CA ARG L 283 66.10 29.45 1.31
C ARG L 283 66.80 30.80 1.14
N GLU L 284 66.75 31.64 2.17
CA GLU L 284 67.51 32.89 2.17
C GLU L 284 69.01 32.65 2.10
N TRP L 285 69.47 31.45 2.47
CA TRP L 285 70.88 31.10 2.42
C TRP L 285 71.25 30.28 1.20
N ASP L 286 70.37 29.38 0.76
CA ASP L 286 70.66 28.49 -0.35
C ASP L 286 69.45 28.42 -1.27
N GLU L 287 69.71 28.24 -2.56
CA GLU L 287 68.67 28.18 -3.58
C GLU L 287 68.23 26.76 -3.89
N ASN L 288 68.69 25.77 -3.12
CA ASN L 288 68.24 24.39 -3.31
C ASN L 288 66.88 24.20 -2.66
N LEU L 289 65.97 23.56 -3.39
CA LEU L 289 64.61 23.37 -2.89
C LEU L 289 64.57 22.35 -1.76
N LYS L 290 63.59 22.54 -0.86
CA LYS L 290 63.35 21.59 0.22
C LYS L 290 62.78 20.26 -0.28
N ASP L 291 62.39 20.19 -1.54
CA ASP L 291 61.79 18.97 -2.08
C ASP L 291 62.70 17.76 -1.88
N ASP L 292 64.01 17.95 -1.91
CA ASP L 292 64.93 16.83 -1.83
C ASP L 292 65.94 17.00 -0.70
N SER L 293 66.62 18.15 -0.67
CA SER L 293 67.76 18.32 0.24
C SER L 293 67.33 18.22 1.70
N LEU L 294 66.25 18.92 2.08
CA LEU L 294 65.90 19.00 3.50
C LEU L 294 65.12 17.77 3.94
N PRO L 295 65.42 17.24 5.12
CA PRO L 295 64.69 16.07 5.62
C PRO L 295 63.29 16.44 6.08
N SER L 296 62.42 15.42 6.12
CA SER L 296 61.04 15.61 6.51
C SER L 296 60.79 15.30 7.99
N ASN L 297 61.65 14.51 8.62
CA ASN L 297 61.45 14.15 10.03
C ASN L 297 61.86 15.33 10.92
N PRO L 298 61.06 15.66 11.94
CA PRO L 298 61.43 16.81 12.80
C PRO L 298 62.71 16.61 13.57
N ILE L 299 63.03 15.38 13.95
CA ILE L 299 64.29 15.12 14.64
C ILE L 299 65.48 15.41 13.72
N ASP L 300 65.51 14.74 12.57
CA ASP L 300 66.59 14.94 11.62
C ASP L 300 66.66 16.39 11.16
N PHE L 301 65.51 17.01 10.90
CA PHE L 301 65.49 18.41 10.46
C PHE L 301 66.07 19.32 11.54
N SER L 302 65.66 19.11 12.79
CA SER L 302 66.17 19.94 13.88
C SER L 302 67.68 19.78 14.05
N TYR L 303 68.18 18.56 13.94
CA TYR L 303 69.63 18.35 14.09
C TYR L 303 70.41 18.94 12.91
N ARG L 304 69.89 18.76 11.69
CA ARG L 304 70.55 19.34 10.52
C ARG L 304 70.58 20.86 10.62
N VAL L 305 69.54 21.47 11.19
CA VAL L 305 69.55 22.93 11.36
C VAL L 305 70.50 23.34 12.46
N ALA L 306 70.52 22.60 13.57
CA ALA L 306 71.43 22.93 14.66
C ALA L 306 72.89 22.80 14.23
N ALA L 307 73.18 21.87 13.32
CA ALA L 307 74.58 21.64 12.94
C ALA L 307 75.18 22.84 12.23
N CYS L 308 74.36 23.69 11.60
CA CYS L 308 74.85 24.80 10.78
C CYS L 308 74.35 26.14 11.32
N LEU L 309 74.26 26.27 12.63
CA LEU L 309 73.92 27.55 13.25
C LEU L 309 75.16 28.12 13.92
N PRO L 310 75.66 29.27 13.46
CA PRO L 310 76.89 29.85 14.02
C PRO L 310 76.67 30.48 15.39
N ILE L 311 76.72 29.64 16.42
CA ILE L 311 76.57 30.08 17.80
C ILE L 311 77.80 29.64 18.58
N ASP L 312 78.00 30.27 19.73
CA ASP L 312 79.12 29.92 20.59
C ASP L 312 78.84 28.61 21.33
N ASP L 313 79.85 28.12 22.03
CA ASP L 313 79.80 26.76 22.58
C ASP L 313 78.74 26.64 23.68
N VAL L 314 78.48 27.70 24.44
CA VAL L 314 77.49 27.60 25.50
C VAL L 314 76.09 27.45 24.92
N LEU L 315 75.76 28.26 23.91
CA LEU L 315 74.48 28.12 23.24
C LEU L 315 74.33 26.74 22.60
N ARG L 316 75.40 26.24 21.99
CA ARG L 316 75.32 24.92 21.36
C ARG L 316 75.15 23.82 22.41
N ILE L 317 75.78 23.95 23.57
CA ILE L 317 75.56 22.99 24.64
C ILE L 317 74.10 23.01 25.09
N GLN L 318 73.56 24.21 25.31
CA GLN L 318 72.16 24.32 25.71
C GLN L 318 71.25 23.72 24.65
N LEU L 319 71.57 23.92 23.38
CA LEU L 319 70.79 23.33 22.31
C LEU L 319 70.90 21.81 22.34
N LEU L 320 72.10 21.28 22.60
CA LEU L 320 72.28 19.84 22.68
C LEU L 320 71.51 19.24 23.85
N LYS L 321 71.27 20.04 24.90
CA LYS L 321 70.50 19.54 26.03
C LYS L 321 69.03 19.31 25.70
N ILE L 322 68.55 19.89 24.60
CA ILE L 322 67.14 19.77 24.24
C ILE L 322 66.87 18.36 23.75
N GLY L 323 65.80 17.75 24.25
CA GLY L 323 65.44 16.39 23.87
C GLY L 323 64.22 16.31 22.98
N SER L 324 63.42 17.37 22.96
CA SER L 324 62.22 17.45 22.15
C SER L 324 62.51 18.19 20.85
N ALA L 325 62.17 17.57 19.71
CA ALA L 325 62.40 18.24 18.43
C ALA L 325 61.61 19.54 18.33
N ILE L 326 60.47 19.63 19.01
CA ILE L 326 59.67 20.85 18.98
C ILE L 326 60.44 21.99 19.64
N GLN L 327 60.96 21.76 20.84
CA GLN L 327 61.73 22.78 21.54
C GLN L 327 63.00 23.15 20.78
N ARG L 328 63.67 22.15 20.19
CA ARG L 328 64.88 22.44 19.43
C ARG L 328 64.58 23.31 18.22
N LEU L 329 63.52 22.99 17.47
CA LEU L 329 63.12 23.82 16.34
C LEU L 329 62.76 25.23 16.79
N ARG L 330 62.03 25.35 17.91
CA ARG L 330 61.64 26.67 18.39
C ARG L 330 62.86 27.50 18.78
N CYS L 331 63.80 26.89 19.50
CA CYS L 331 65.01 27.59 19.87
C CYS L 331 65.83 27.98 18.64
N GLU L 332 65.88 27.11 17.63
CA GLU L 332 66.61 27.43 16.42
C GLU L 332 65.97 28.64 15.71
N LEU L 333 64.64 28.67 15.65
CA LEU L 333 63.97 29.82 15.03
C LEU L 333 64.24 31.09 15.81
N ASP L 334 64.14 31.01 17.14
CA ASP L 334 64.40 32.19 17.96
C ASP L 334 65.82 32.70 17.75
N ILE L 335 66.79 31.78 17.67
CA ILE L 335 68.17 32.17 17.45
C ILE L 335 68.31 32.83 16.07
N MET L 336 67.70 32.23 15.05
CA MET L 336 67.81 32.79 13.70
C MET L 336 67.18 34.17 13.61
N ASN L 337 66.20 34.46 14.47
CA ASN L 337 65.54 35.77 14.40
C ASN L 337 66.24 36.83 15.26
N LYS L 338 66.77 36.44 16.42
CA LYS L 338 67.36 37.42 17.32
C LYS L 338 68.79 37.76 16.92
N CYS L 339 69.69 36.78 16.98
CA CYS L 339 71.10 37.01 16.68
C CYS L 339 71.24 37.36 15.20
N THR L 340 71.41 38.64 14.91
CA THR L 340 71.61 39.09 13.54
C THR L 340 73.04 39.51 13.24
N SER L 341 73.86 39.76 14.25
CA SER L 341 75.24 40.15 14.05
C SER L 341 76.17 39.03 14.54
N LEU L 342 77.37 38.99 13.98
CA LEU L 342 78.41 38.05 14.37
C LEU L 342 79.66 38.86 14.65
N CYS L 343 80.06 38.92 15.92
CA CYS L 343 81.20 39.70 16.36
C CYS L 343 82.39 38.79 16.66
N CYS L 344 83.52 39.43 16.95
CA CYS L 344 84.73 38.72 17.36
C CYS L 344 84.60 38.29 18.81
N LYS L 345 84.83 37.00 19.07
CA LYS L 345 84.63 36.48 20.42
C LYS L 345 85.61 37.11 21.41
N GLN L 346 86.83 37.39 20.96
CA GLN L 346 87.81 38.01 21.85
C GLN L 346 87.46 39.47 22.12
N CYS L 347 86.83 40.11 21.14
CA CYS L 347 86.44 41.51 21.31
C CYS L 347 85.08 41.61 21.98
N GLN L 348 84.13 40.79 21.53
CA GLN L 348 82.76 40.81 22.00
C GLN L 348 82.01 42.02 21.43
N GLU L 349 82.75 43.04 20.98
CA GLU L 349 82.16 44.26 20.45
C GLU L 349 82.55 44.55 19.00
N THR L 350 83.59 43.90 18.49
CA THR L 350 84.04 44.13 17.12
C THR L 350 83.18 43.29 16.18
N GLU L 351 82.30 43.97 15.42
CA GLU L 351 81.42 43.26 14.49
C GLU L 351 82.21 42.71 13.32
N ILE L 352 81.97 41.44 12.98
CA ILE L 352 82.63 40.80 11.86
C ILE L 352 81.70 40.66 10.66
N THR L 353 80.47 40.19 10.87
CA THR L 353 79.53 40.03 9.76
C THR L 353 78.11 40.06 10.31
N THR L 354 77.15 39.84 9.42
CA THR L 354 75.74 39.76 9.78
C THR L 354 75.10 38.57 9.08
N LYS L 355 73.92 38.17 9.57
CA LYS L 355 73.24 37.02 9.00
C LYS L 355 72.79 37.27 7.57
N ASN L 356 72.70 38.53 7.15
CA ASN L 356 72.31 38.84 5.78
C ASN L 356 73.36 38.40 4.77
N GLU L 357 74.61 38.24 5.20
CA GLU L 357 75.68 37.80 4.32
C GLU L 357 75.88 36.29 4.32
N ILE L 358 75.20 35.57 5.21
CA ILE L 358 75.36 34.13 5.30
C ILE L 358 74.80 33.48 4.05
N PHE L 359 75.56 32.57 3.45
CA PHE L 359 75.12 31.84 2.28
C PHE L 359 75.73 30.45 2.31
N SER L 360 75.06 29.50 1.65
CA SER L 360 75.45 28.10 1.69
C SER L 360 76.27 27.77 0.45
N LEU L 361 77.56 27.48 0.67
CA LEU L 361 78.41 26.97 -0.40
C LEU L 361 78.48 25.45 -0.41
N SER L 362 77.89 24.79 0.59
CA SER L 362 77.90 23.34 0.68
C SER L 362 76.47 22.84 0.87
N LEU L 363 76.25 21.58 0.50
CA LEU L 363 74.92 20.99 0.65
C LEU L 363 74.48 20.98 2.11
N CYS L 364 75.41 20.78 3.04
CA CYS L 364 75.06 20.75 4.45
C CYS L 364 74.52 22.09 4.94
N GLY L 365 74.85 23.18 4.26
CA GLY L 365 74.41 24.50 4.66
C GLY L 365 75.54 25.50 4.60
N PRO L 366 75.41 26.60 5.37
CA PRO L 366 76.47 27.61 5.37
C PRO L 366 77.67 27.26 6.22
N MET L 367 77.54 26.35 7.18
CA MET L 367 78.62 26.02 8.09
C MET L 367 78.83 24.52 8.13
N ALA L 368 80.10 24.11 8.07
CA ALA L 368 80.46 22.69 8.10
C ALA L 368 81.84 22.52 8.71
N ALA L 369 82.11 21.32 9.19
CA ALA L 369 83.37 21.01 9.86
C ALA L 369 84.40 20.52 8.86
N TYR L 370 85.61 21.07 8.92
CA TYR L 370 86.73 20.65 8.09
C TYR L 370 87.97 20.48 8.95
N VAL L 371 88.93 19.72 8.44
CA VAL L 371 90.17 19.43 9.16
C VAL L 371 91.34 19.99 8.36
N ASN L 372 92.28 20.60 9.07
CA ASN L 372 93.47 21.17 8.43
C ASN L 372 94.59 20.14 8.40
N PRO L 373 95.68 20.43 7.71
CA PRO L 373 96.73 19.43 7.53
C PRO L 373 97.27 18.88 8.82
N HIS L 374 97.17 19.63 9.92
CA HIS L 374 97.73 19.20 11.20
C HIS L 374 96.65 18.70 12.15
N GLY L 375 95.47 18.34 11.66
CA GLY L 375 94.46 17.73 12.49
C GLY L 375 93.56 18.69 13.24
N TYR L 376 93.73 19.99 13.05
CA TYR L 376 92.87 20.97 13.70
C TYR L 376 91.55 21.08 12.96
N VAL L 377 90.45 20.97 13.70
CA VAL L 377 89.11 20.99 13.11
C VAL L 377 88.52 22.38 13.28
N HIS L 378 88.03 22.94 12.18
CA HIS L 378 87.37 24.24 12.18
C HIS L 378 85.98 24.09 11.58
N GLU L 379 84.98 24.61 12.28
CA GLU L 379 83.63 24.72 11.73
C GLU L 379 83.57 26.02 10.95
N THR L 380 83.75 25.93 9.64
CA THR L 380 83.82 27.09 8.78
C THR L 380 82.42 27.49 8.31
N LEU L 381 82.10 28.76 8.46
CA LEU L 381 80.87 29.37 7.97
C LEU L 381 81.21 30.30 6.81
N THR L 382 80.54 30.09 5.68
CA THR L 382 80.81 30.85 4.46
C THR L 382 79.88 32.06 4.40
N VAL L 383 80.47 33.26 4.30
CA VAL L 383 79.72 34.50 4.20
C VAL L 383 80.22 35.27 2.99
N TYR L 384 79.36 36.15 2.47
CA TYR L 384 79.74 36.97 1.33
C TYR L 384 80.71 38.08 1.71
N LYS L 385 80.33 38.90 2.69
CA LYS L 385 81.13 40.06 3.08
C LYS L 385 81.45 40.02 4.57
N ALA L 386 82.62 40.56 4.91
CA ALA L 386 83.07 40.66 6.29
C ALA L 386 83.93 41.91 6.43
N CYS L 387 83.91 42.51 7.62
CA CYS L 387 84.63 43.74 7.88
C CYS L 387 85.48 43.60 9.13
N ASN L 388 86.36 44.58 9.33
CA ASN L 388 87.25 44.61 10.49
C ASN L 388 88.22 43.44 10.49
N LEU L 389 88.71 43.08 9.32
CA LEU L 389 89.60 41.92 9.15
C LEU L 389 90.82 42.32 8.33
N ASN L 390 92.00 41.96 8.83
CA ASN L 390 93.25 42.13 8.10
C ASN L 390 93.66 40.79 7.50
N LEU L 391 94.20 40.83 6.28
CA LEU L 391 94.71 39.63 5.63
C LEU L 391 96.21 39.52 5.89
N ILE L 392 96.63 38.34 6.33
CA ILE L 392 98.04 38.07 6.63
C ILE L 392 98.60 37.14 5.56
N GLY L 393 99.78 37.48 5.05
CA GLY L 393 100.37 36.67 4.01
C GLY L 393 99.65 36.85 2.67
N ARG L 394 99.79 35.86 1.82
CA ARG L 394 99.18 35.87 0.50
C ARG L 394 98.39 34.60 0.28
N PRO L 395 97.28 34.68 -0.46
CA PRO L 395 96.44 33.50 -0.66
C PRO L 395 97.23 32.27 -1.06
N SER L 396 96.66 31.08 -0.82
CA SER L 396 97.28 29.83 -1.21
C SER L 396 96.19 28.80 -1.41
N THR L 397 96.46 27.85 -2.31
CA THR L 397 95.52 26.78 -2.62
C THR L 397 95.90 25.45 -1.96
N GLU L 398 96.93 25.44 -1.13
CA GLU L 398 97.39 24.20 -0.51
C GLU L 398 96.38 23.74 0.53
N HIS L 399 95.81 22.55 0.31
CA HIS L 399 94.87 21.95 1.24
C HIS L 399 93.60 22.78 1.38
N SER L 400 93.18 23.40 0.28
CA SER L 400 91.99 24.23 0.30
C SER L 400 90.75 23.36 0.48
N TRP L 401 89.94 23.69 1.49
CA TRP L 401 88.69 22.97 1.70
C TRP L 401 87.69 23.19 0.59
N PHE L 402 87.81 24.30 -0.14
CA PHE L 402 86.94 24.62 -1.26
C PHE L 402 87.78 24.56 -2.54
N PRO L 403 87.83 23.43 -3.22
CA PRO L 403 88.65 23.32 -4.43
C PRO L 403 88.33 24.41 -5.44
N GLY L 404 89.38 25.09 -5.90
CA GLY L 404 89.25 26.19 -6.82
C GLY L 404 89.37 27.56 -6.18
N TYR L 405 89.37 27.63 -4.86
CA TYR L 405 89.53 28.89 -4.15
C TYR L 405 90.85 28.87 -3.38
N ALA L 406 91.43 30.06 -3.20
CA ALA L 406 92.66 30.24 -2.47
C ALA L 406 92.39 30.99 -1.17
N TRP L 407 93.01 30.54 -0.09
CA TRP L 407 92.71 31.03 1.25
C TRP L 407 93.80 31.96 1.76
N THR L 408 93.39 32.92 2.57
CA THR L 408 94.29 33.89 3.18
C THR L 408 93.89 34.09 4.63
N VAL L 409 94.86 33.94 5.54
CA VAL L 409 94.56 34.08 6.96
C VAL L 409 93.98 35.46 7.24
N ALA L 410 92.94 35.50 8.07
CA ALA L 410 92.22 36.72 8.39
C ALA L 410 92.20 36.92 9.90
N GLN L 411 92.68 38.07 10.36
CA GLN L 411 92.72 38.43 11.77
C GLN L 411 91.76 39.58 12.05
N CYS L 412 91.34 39.67 13.30
CA CYS L 412 90.56 40.84 13.72
C CYS L 412 91.45 42.07 13.71
N LYS L 413 90.85 43.21 13.37
CA LYS L 413 91.61 44.45 13.29
C LYS L 413 92.01 45.00 14.66
N ILE L 414 91.31 44.61 15.72
CA ILE L 414 91.59 45.13 17.06
C ILE L 414 92.48 44.19 17.85
N CYS L 415 92.12 42.91 17.92
CA CYS L 415 92.80 41.94 18.76
C CYS L 415 93.69 40.98 17.98
N ALA L 416 93.70 41.08 16.64
CA ALA L 416 94.52 40.23 15.78
C ALA L 416 94.23 38.75 15.98
N SER L 417 93.06 38.42 16.53
CA SER L 417 92.69 37.03 16.76
C SER L 417 92.14 36.42 15.47
N HIS L 418 92.68 35.27 15.10
CA HIS L 418 92.25 34.62 13.87
C HIS L 418 90.74 34.47 13.85
N ILE L 419 90.11 35.05 12.82
CA ILE L 419 88.67 34.96 12.64
C ILE L 419 88.37 33.94 11.56
N GLY L 420 89.26 33.83 10.58
CA GLY L 420 89.13 32.83 9.55
C GLY L 420 90.03 33.04 8.35
N TRP L 421 89.47 32.85 7.16
CA TRP L 421 90.22 32.99 5.92
C TRP L 421 89.34 33.71 4.90
N LYS L 422 89.99 34.29 3.89
CA LYS L 422 89.30 34.88 2.75
C LYS L 422 89.61 34.03 1.53
N PHE L 423 88.58 33.43 0.94
CA PHE L 423 88.73 32.54 -0.21
C PHE L 423 88.52 33.35 -1.49
N THR L 424 89.53 33.34 -2.36
CA THR L 424 89.52 34.07 -3.61
C THR L 424 89.61 33.09 -4.77
N ALA L 425 88.71 33.22 -5.74
CA ALA L 425 88.65 32.29 -6.85
C ALA L 425 89.94 32.32 -7.65
N THR L 426 90.31 31.17 -8.21
CA THR L 426 91.49 31.05 -9.05
C THR L 426 91.20 31.28 -10.52
N LYS L 427 89.97 31.05 -10.97
CA LYS L 427 89.57 31.30 -12.35
C LYS L 427 88.59 32.45 -12.41
N LYS L 428 88.68 33.25 -13.47
CA LYS L 428 87.82 34.42 -13.60
C LYS L 428 86.36 34.02 -13.77
N ASP L 429 86.10 32.83 -14.30
CA ASP L 429 84.75 32.38 -14.57
C ASP L 429 84.02 31.87 -13.34
N MET L 430 84.72 31.64 -12.22
CA MET L 430 84.07 31.13 -11.03
C MET L 430 83.25 32.23 -10.35
N SER L 431 82.15 31.80 -9.72
CA SER L 431 81.25 32.70 -9.02
C SER L 431 80.77 31.97 -7.78
N PRO L 432 80.83 32.59 -6.60
CA PRO L 432 81.31 33.96 -6.34
C PRO L 432 82.81 34.05 -6.52
N GLN L 433 83.33 35.24 -6.81
CA GLN L 433 84.76 35.41 -6.99
C GLN L 433 85.52 35.45 -5.67
N LYS L 434 84.86 35.81 -4.58
CA LYS L 434 85.53 35.86 -3.28
C LYS L 434 84.47 35.78 -2.19
N PHE L 435 84.85 35.14 -1.08
CA PHE L 435 83.99 35.04 0.09
C PHE L 435 84.87 34.87 1.32
N TRP L 436 84.24 34.68 2.48
CA TRP L 436 84.95 34.56 3.74
C TRP L 436 84.53 33.29 4.45
N GLY L 437 85.50 32.52 4.93
CA GLY L 437 85.21 31.37 5.77
C GLY L 437 85.65 31.62 7.19
N LEU L 438 84.68 31.82 8.10
CA LEU L 438 84.97 32.16 9.47
C LEU L 438 84.84 30.95 10.37
N THR L 439 85.79 30.78 11.30
CA THR L 439 85.73 29.64 12.21
C THR L 439 84.80 29.94 13.37
N ARG L 440 83.94 28.97 13.70
CA ARG L 440 82.92 29.21 14.71
C ARG L 440 83.52 29.53 16.07
N SER L 441 84.68 28.95 16.38
CA SER L 441 85.28 29.17 17.69
C SER L 441 85.64 30.64 17.93
N ALA L 442 85.78 31.43 16.87
CA ALA L 442 86.21 32.82 16.98
C ALA L 442 85.05 33.81 16.89
N LEU L 443 83.83 33.34 16.67
CA LEU L 443 82.69 34.22 16.49
C LEU L 443 81.82 34.23 17.73
N LEU L 444 80.98 35.27 17.82
CA LEU L 444 80.03 35.45 18.90
C LEU L 444 78.72 35.98 18.33
N PRO L 445 77.61 35.26 18.50
CA PRO L 445 76.33 35.80 18.04
C PRO L 445 75.94 37.02 18.85
N THR L 446 75.27 37.95 18.20
CA THR L 446 74.94 39.22 18.84
C THR L 446 73.62 39.75 18.30
N ILE L 447 72.89 40.43 19.17
CA ILE L 447 71.66 41.10 18.78
C ILE L 447 72.05 42.47 18.23
N PRO L 448 71.29 43.03 17.29
CA PRO L 448 71.64 44.35 16.74
C PRO L 448 71.14 45.47 17.65
N ASP L 449 71.98 46.50 17.78
CA ASP L 449 71.58 47.67 18.55
C ASP L 449 70.35 48.32 17.91
N THR L 450 69.34 48.60 18.74
CA THR L 450 68.06 49.07 18.23
C THR L 450 68.22 50.38 17.48
N GLU L 451 67.40 50.56 16.44
CA GLU L 451 67.41 51.81 15.69
C GLU L 451 67.01 52.97 16.60
N ASP L 452 66.07 52.75 17.50
CA ASP L 452 65.64 53.75 18.48
C ASP L 452 66.27 53.39 19.82
N GLU L 453 67.23 54.22 20.26
CA GLU L 453 67.93 53.94 21.51
C GLU L 453 67.00 53.98 22.71
N ILE L 454 65.90 54.73 22.62
CA ILE L 454 64.98 54.83 23.74
C ILE L 454 64.21 53.54 23.94
N SER L 455 64.13 52.69 22.92
CA SER L 455 63.36 51.44 23.00
C SER L 455 64.30 50.25 23.01
N PRO L 456 64.67 49.72 24.18
CA PRO L 456 65.52 48.52 24.22
C PRO L 456 64.86 47.34 24.89
N ASP L 457 63.79 46.80 24.28
CA ASP L 457 63.07 45.68 24.89
C ASP L 457 64.01 44.49 25.10
N LYS L 458 63.71 43.70 26.14
CA LYS L 458 64.55 42.56 26.46
C LYS L 458 64.57 41.56 25.32
N VAL L 459 65.77 41.15 24.91
CA VAL L 459 65.96 40.16 23.86
C VAL L 459 66.59 38.91 24.45
N ILE L 460 65.99 38.41 25.53
CA ILE L 460 66.56 37.25 26.23
C ILE L 460 66.39 36.00 25.39
N LEU L 461 67.29 35.03 25.59
CA LEU L 461 67.17 33.74 24.90
C LEU L 461 65.81 33.13 25.16
N CYS L 462 65.09 32.80 24.09
CA CYS L 462 63.75 32.22 24.20
C CYS L 462 63.68 30.87 23.51
N LEU L 463 62.91 29.95 24.11
CA LEU L 463 62.76 28.61 23.56
C LEU L 463 61.34 28.12 23.84
N ARG M 28 20.18 -7.14 -93.47
CA ARG M 28 21.39 -7.32 -92.67
C ARG M 28 21.52 -8.77 -92.20
N MET M 29 22.48 -9.50 -92.76
CA MET M 29 22.68 -10.91 -92.46
C MET M 29 24.16 -11.19 -92.22
N SER M 30 24.44 -12.17 -91.36
CA SER M 30 25.80 -12.48 -90.95
C SER M 30 26.31 -13.78 -91.58
N TYR M 31 25.67 -14.91 -91.28
CA TYR M 31 26.09 -16.21 -91.79
C TYR M 31 27.49 -16.56 -91.28
N ASN M 32 27.57 -17.33 -90.19
CA ASN M 32 28.86 -17.70 -89.62
C ASN M 32 28.76 -19.08 -88.99
N TYR M 33 29.94 -19.69 -88.80
CA TYR M 33 30.05 -21.06 -88.31
C TYR M 33 31.16 -21.11 -87.27
N VAL M 34 30.88 -21.73 -86.13
CA VAL M 34 31.81 -21.78 -85.01
C VAL M 34 31.90 -23.21 -84.49
N VAL M 35 33.12 -23.72 -84.35
CA VAL M 35 33.35 -25.10 -83.93
C VAL M 35 34.45 -25.13 -82.88
N THR M 36 34.44 -26.17 -82.07
CA THR M 36 35.43 -26.35 -81.01
C THR M 36 36.59 -27.19 -81.54
N ALA M 37 37.80 -26.61 -81.56
CA ALA M 37 38.99 -27.35 -81.98
C ALA M 37 39.63 -28.07 -80.80
N GLN M 38 39.62 -27.47 -79.62
CA GLN M 38 40.16 -28.08 -78.41
C GLN M 38 39.17 -27.88 -77.28
N LYS M 39 38.78 -28.97 -76.62
CA LYS M 39 37.82 -28.89 -75.53
C LYS M 39 38.41 -28.13 -74.35
N PRO M 40 37.56 -27.60 -73.48
CA PRO M 40 38.07 -26.91 -72.28
C PRO M 40 38.87 -27.86 -71.40
N THR M 41 40.11 -27.48 -71.12
CA THR M 41 41.04 -28.32 -70.38
C THR M 41 41.15 -27.96 -68.90
N ALA M 42 40.62 -26.80 -68.49
CA ALA M 42 40.70 -26.40 -67.09
C ALA M 42 39.65 -27.14 -66.27
N VAL M 43 40.05 -27.61 -65.09
CA VAL M 43 39.17 -28.34 -64.19
C VAL M 43 38.64 -27.37 -63.14
N ASN M 44 37.32 -27.26 -63.05
CA ASN M 44 36.67 -26.39 -62.10
C ASN M 44 35.93 -27.13 -61.00
N GLY M 45 36.01 -28.46 -60.96
CA GLY M 45 35.36 -29.25 -59.93
C GLY M 45 35.63 -30.73 -60.06
N CYS M 46 35.65 -31.43 -58.93
CA CYS M 46 35.91 -32.87 -58.94
C CYS M 46 35.34 -33.47 -57.66
N VAL M 47 34.69 -34.63 -57.81
CA VAL M 47 34.07 -35.33 -56.68
C VAL M 47 34.26 -36.83 -56.85
N THR M 48 34.52 -37.51 -55.74
CA THR M 48 34.62 -38.96 -55.74
C THR M 48 33.35 -39.57 -55.17
N GLY M 49 33.05 -40.79 -55.60
CA GLY M 49 31.87 -41.47 -55.10
C GLY M 49 31.71 -42.83 -55.74
N HIS M 50 30.48 -43.34 -55.71
CA HIS M 50 30.13 -44.62 -56.31
C HIS M 50 29.02 -44.34 -57.33
N PHE M 51 29.41 -43.82 -58.48
CA PHE M 51 28.44 -43.39 -59.49
C PHE M 51 28.13 -44.48 -60.50
N THR M 52 29.14 -45.21 -60.97
CA THR M 52 28.90 -46.28 -61.94
C THR M 52 28.24 -47.49 -61.27
N SER M 53 28.91 -48.07 -60.28
CA SER M 53 28.36 -49.19 -59.53
C SER M 53 28.74 -49.03 -58.07
N ALA M 54 27.96 -49.68 -57.19
CA ALA M 54 28.19 -49.53 -55.75
C ALA M 54 29.53 -50.09 -55.30
N GLU M 55 30.18 -50.91 -56.13
CA GLU M 55 31.43 -51.58 -55.73
C GLU M 55 32.65 -50.67 -55.98
N ASP M 56 32.97 -50.45 -57.25
CA ASP M 56 34.19 -49.72 -57.60
C ASP M 56 34.06 -48.24 -57.29
N LEU M 57 35.22 -47.59 -57.15
CA LEU M 57 35.29 -46.17 -56.83
C LEU M 57 35.40 -45.34 -58.10
N ASN M 58 34.68 -44.22 -58.12
CA ASN M 58 34.59 -43.35 -59.29
C ASN M 58 35.05 -41.95 -58.96
N LEU M 59 35.73 -41.32 -59.93
CA LEU M 59 36.14 -39.93 -59.86
C LEU M 59 35.48 -39.17 -61.01
N LEU M 60 34.69 -38.15 -60.67
CA LEU M 60 34.02 -37.30 -61.63
C LEU M 60 34.74 -35.96 -61.68
N ILE M 61 35.06 -35.51 -62.90
CA ILE M 61 35.76 -34.25 -63.14
C ILE M 61 34.89 -33.40 -64.05
N ALA M 62 34.82 -32.10 -63.76
CA ALA M 62 34.03 -31.16 -64.53
C ALA M 62 34.94 -30.14 -65.17
N LYS M 63 34.97 -30.11 -66.50
CA LYS M 63 35.74 -29.14 -67.26
C LYS M 63 34.74 -28.25 -68.01
N ASN M 64 34.19 -27.28 -67.29
CA ASN M 64 33.23 -26.32 -67.82
C ASN M 64 31.96 -27.02 -68.33
N THR M 65 31.94 -27.37 -69.62
CA THR M 65 30.80 -28.03 -70.24
C THR M 65 31.00 -29.54 -70.40
N ARG M 66 32.17 -30.07 -70.08
CA ARG M 66 32.47 -31.48 -70.22
C ARG M 66 32.49 -32.16 -68.87
N LEU M 67 32.10 -33.44 -68.86
CA LEU M 67 32.05 -34.25 -67.65
C LEU M 67 32.77 -35.57 -67.89
N GLU M 68 33.85 -35.80 -67.15
CA GLU M 68 34.66 -37.01 -67.27
C GLU M 68 34.40 -37.91 -66.07
N ILE M 69 34.34 -39.22 -66.32
CA ILE M 69 34.01 -40.23 -65.33
C ILE M 69 35.08 -41.31 -65.43
N TYR M 70 35.92 -41.42 -64.39
CA TYR M 70 36.97 -42.42 -64.29
C TYR M 70 36.66 -43.39 -63.16
N VAL M 71 37.29 -44.56 -63.22
CA VAL M 71 37.27 -45.54 -62.15
C VAL M 71 38.63 -45.54 -61.47
N VAL M 72 38.63 -45.46 -60.14
CA VAL M 72 39.87 -45.42 -59.38
C VAL M 72 40.45 -46.82 -59.30
N THR M 73 41.65 -46.99 -59.85
CA THR M 73 42.37 -48.26 -59.83
C THR M 73 43.60 -48.13 -58.94
N ALA M 74 44.35 -49.23 -58.83
CA ALA M 74 45.56 -49.22 -58.01
C ALA M 74 46.71 -48.48 -58.67
N GLU M 75 46.75 -48.45 -60.01
CA GLU M 75 47.80 -47.75 -60.73
C GLU M 75 47.49 -46.27 -60.87
N GLY M 76 46.32 -45.95 -61.41
CA GLY M 76 45.92 -44.57 -61.58
C GLY M 76 44.43 -44.42 -61.80
N LEU M 77 44.06 -43.82 -62.93
CA LEU M 77 42.66 -43.58 -63.28
C LEU M 77 42.34 -44.31 -64.59
N ARG M 78 41.23 -45.04 -64.60
CA ARG M 78 40.79 -45.74 -65.80
C ARG M 78 39.64 -44.97 -66.42
N PRO M 79 39.80 -44.39 -67.60
CA PRO M 79 38.70 -43.62 -68.21
C PRO M 79 37.51 -44.52 -68.53
N VAL M 80 36.32 -44.08 -68.12
CA VAL M 80 35.09 -44.85 -68.27
C VAL M 80 34.13 -44.16 -69.23
N LYS M 81 33.84 -42.87 -69.01
CA LYS M 81 32.84 -42.22 -69.84
C LYS M 81 33.04 -40.71 -69.83
N GLU M 82 32.96 -40.10 -71.02
CA GLU M 82 33.05 -38.64 -71.17
C GLU M 82 31.81 -38.14 -71.89
N VAL M 83 31.14 -37.14 -71.29
CA VAL M 83 29.91 -36.59 -71.85
C VAL M 83 30.02 -35.07 -71.92
N GLY M 84 29.14 -34.49 -72.71
CA GLY M 84 29.08 -33.05 -72.87
C GLY M 84 27.66 -32.56 -72.60
N MET M 85 27.57 -31.48 -71.84
CA MET M 85 26.29 -30.89 -71.44
C MET M 85 26.11 -29.53 -72.10
N TYR M 86 24.86 -29.16 -72.34
CA TYR M 86 24.50 -27.88 -72.92
C TYR M 86 24.39 -26.82 -71.83
N GLY M 87 25.49 -26.63 -71.12
CA GLY M 87 25.54 -25.66 -70.04
C GLY M 87 26.85 -25.69 -69.27
N LYS M 88 27.17 -24.59 -68.61
CA LYS M 88 28.36 -24.51 -67.78
C LYS M 88 28.07 -25.13 -66.42
N ILE M 89 28.81 -26.17 -66.06
CA ILE M 89 28.57 -26.93 -64.84
C ILE M 89 29.02 -26.08 -63.64
N ALA M 90 28.07 -25.55 -62.89
CA ALA M 90 28.37 -24.81 -61.67
C ALA M 90 28.43 -25.72 -60.45
N VAL M 91 27.40 -26.53 -60.24
CA VAL M 91 27.31 -27.42 -59.08
C VAL M 91 27.37 -28.85 -59.57
N MET M 92 28.08 -29.69 -58.81
CA MET M 92 28.23 -31.10 -59.18
C MET M 92 28.51 -31.88 -57.90
N GLU M 93 27.51 -32.63 -57.43
CA GLU M 93 27.63 -33.39 -56.20
C GLU M 93 26.95 -34.74 -56.35
N LEU M 94 27.53 -35.76 -55.73
CA LEU M 94 26.97 -37.10 -55.71
C LEU M 94 26.18 -37.34 -54.43
N PHE M 95 25.18 -38.22 -54.52
CA PHE M 95 24.32 -38.52 -53.38
C PHE M 95 23.57 -39.82 -53.64
N ARG M 96 23.36 -40.60 -52.59
CA ARG M 96 22.62 -41.86 -52.67
C ARG M 96 21.38 -41.78 -51.81
N PRO M 97 20.19 -41.61 -52.39
CA PRO M 97 18.97 -41.48 -51.59
C PRO M 97 18.65 -42.79 -50.88
N LYS M 98 17.62 -42.72 -50.03
CA LYS M 98 17.14 -43.90 -49.33
C LYS M 98 16.58 -44.90 -50.33
N GLY M 99 17.15 -46.11 -50.35
CA GLY M 99 16.68 -47.14 -51.24
C GLY M 99 17.18 -46.97 -52.67
N GLU M 100 18.49 -46.80 -52.82
CA GLU M 100 19.12 -46.69 -54.12
C GLU M 100 20.37 -47.55 -54.15
N SER M 101 20.58 -48.25 -55.25
CA SER M 101 21.74 -49.13 -55.38
C SER M 101 23.04 -48.34 -55.33
N LYS M 102 23.21 -47.41 -56.27
CA LYS M 102 24.42 -46.61 -56.39
C LYS M 102 24.07 -45.12 -56.28
N ASP M 103 25.10 -44.29 -56.44
CA ASP M 103 24.94 -42.86 -56.24
C ASP M 103 24.36 -42.19 -57.49
N LEU M 104 23.53 -41.19 -57.26
CA LEU M 104 23.02 -40.32 -58.32
C LEU M 104 23.83 -39.03 -58.34
N LEU M 105 23.82 -38.34 -59.48
CA LEU M 105 24.63 -37.14 -59.68
C LEU M 105 23.72 -35.94 -59.85
N PHE M 106 23.88 -34.94 -58.99
CA PHE M 106 23.16 -33.68 -59.12
C PHE M 106 24.06 -32.65 -59.78
N ILE M 107 23.55 -32.02 -60.84
CA ILE M 107 24.31 -31.03 -61.60
C ILE M 107 23.44 -29.81 -61.85
N LEU M 108 23.95 -28.64 -61.48
CA LEU M 108 23.33 -27.36 -61.79
C LEU M 108 24.22 -26.60 -62.76
N THR M 109 23.61 -25.95 -63.74
CA THR M 109 24.33 -25.20 -64.75
C THR M 109 24.34 -23.72 -64.40
N ALA M 110 25.14 -22.96 -65.15
CA ALA M 110 25.20 -21.51 -64.94
C ALA M 110 23.85 -20.86 -65.19
N LYS M 111 23.14 -21.32 -66.22
CA LYS M 111 21.80 -20.82 -66.55
C LYS M 111 20.71 -21.40 -65.65
N TYR M 112 21.08 -22.00 -64.52
CA TYR M 112 20.12 -22.49 -63.54
C TYR M 112 19.31 -23.67 -64.08
N ASN M 113 19.98 -24.59 -64.78
CA ASN M 113 19.41 -25.86 -65.18
C ASN M 113 19.87 -26.92 -64.18
N ALA M 114 18.95 -27.41 -63.35
CA ALA M 114 19.25 -28.43 -62.36
C ALA M 114 18.79 -29.79 -62.88
N CYS M 115 19.56 -30.83 -62.56
CA CYS M 115 19.22 -32.17 -63.03
C CYS M 115 19.82 -33.20 -62.09
N ILE M 116 19.12 -34.33 -61.99
CA ILE M 116 19.63 -35.53 -61.33
C ILE M 116 19.80 -36.59 -62.41
N LEU M 117 21.03 -37.04 -62.59
CA LEU M 117 21.42 -38.02 -63.58
C LEU M 117 21.82 -39.33 -62.90
N GLU M 118 21.72 -40.41 -63.66
CA GLU M 118 22.02 -41.75 -63.18
C GLU M 118 22.83 -42.49 -64.24
N TYR M 119 23.81 -43.26 -63.78
CA TYR M 119 24.68 -44.03 -64.67
C TYR M 119 24.01 -45.37 -64.97
N LYS M 120 23.72 -45.62 -66.24
CA LYS M 120 23.11 -46.87 -66.67
C LYS M 120 23.86 -47.42 -67.87
N GLN M 121 24.25 -48.69 -67.79
CA GLN M 121 24.98 -49.37 -68.85
C GLN M 121 24.36 -50.73 -69.12
N SER M 122 24.22 -51.06 -70.41
CA SER M 122 23.65 -52.33 -70.85
C SER M 122 24.64 -52.98 -71.82
N GLY M 123 25.30 -54.04 -71.36
CA GLY M 123 26.31 -54.70 -72.16
C GLY M 123 27.53 -53.84 -72.38
N GLU M 124 27.54 -53.09 -73.49
CA GLU M 124 28.64 -52.16 -73.74
C GLU M 124 28.14 -50.81 -74.22
N SER M 125 26.88 -50.48 -73.96
CA SER M 125 26.29 -49.20 -74.34
C SER M 125 26.12 -48.36 -73.08
N ILE M 126 26.97 -47.35 -72.93
CA ILE M 126 26.95 -46.48 -71.76
C ILE M 126 26.06 -45.28 -72.05
N ASP M 127 25.20 -44.94 -71.09
CA ASP M 127 24.28 -43.82 -71.25
C ASP M 127 24.03 -43.18 -69.89
N ILE M 128 24.11 -41.86 -69.84
CA ILE M 128 23.85 -41.10 -68.62
C ILE M 128 22.40 -40.62 -68.72
N ILE M 129 21.48 -41.44 -68.22
CA ILE M 129 20.07 -41.12 -68.33
C ILE M 129 19.70 -40.02 -67.34
N THR M 130 18.71 -39.22 -67.70
CA THR M 130 18.28 -38.08 -66.89
C THR M 130 17.12 -38.53 -66.01
N ARG M 131 17.41 -38.76 -64.73
CA ARG M 131 16.35 -39.14 -63.80
C ARG M 131 15.38 -38.00 -63.57
N ALA M 132 15.89 -36.78 -63.41
CA ALA M 132 15.03 -35.61 -63.22
C ALA M 132 15.73 -34.37 -63.73
N HIS M 133 14.95 -33.33 -64.02
CA HIS M 133 15.52 -32.11 -64.55
C HIS M 133 14.51 -30.97 -64.42
N GLY M 134 15.02 -29.75 -64.50
CA GLY M 134 14.19 -28.56 -64.47
C GLY M 134 14.98 -27.28 -64.29
N ASN M 135 14.41 -26.14 -64.66
CA ASN M 135 15.07 -24.85 -64.50
C ASN M 135 14.65 -24.21 -63.18
N VAL M 136 15.63 -23.82 -62.37
CA VAL M 136 15.37 -23.30 -61.03
C VAL M 136 15.65 -21.80 -60.94
N GLN M 137 15.56 -21.08 -62.06
CA GLN M 137 15.78 -19.65 -62.06
C GLN M 137 14.55 -18.92 -61.52
N ASP M 138 14.77 -17.76 -60.91
CA ASP M 138 13.72 -16.93 -60.36
C ASP M 138 13.71 -15.59 -61.08
N ARG M 139 12.58 -15.27 -61.72
CA ARG M 139 12.45 -14.03 -62.50
C ARG M 139 12.29 -12.88 -61.52
N ILE M 140 13.44 -12.35 -61.08
CA ILE M 140 13.63 -11.28 -60.09
C ILE M 140 14.44 -11.88 -58.95
N GLY M 141 15.53 -11.21 -58.60
CA GLY M 141 16.43 -11.71 -57.58
C GLY M 141 17.87 -11.32 -57.87
N ARG M 142 18.53 -10.72 -56.89
CA ARG M 142 19.90 -10.27 -57.08
C ARG M 142 20.87 -11.41 -56.84
N PRO M 143 21.65 -11.82 -57.84
CA PRO M 143 22.62 -12.91 -57.62
C PRO M 143 23.60 -12.57 -56.51
N SER M 144 23.89 -13.56 -55.67
CA SER M 144 24.72 -13.35 -54.51
C SER M 144 26.14 -12.97 -54.92
N GLU M 145 26.91 -12.51 -53.93
CA GLU M 145 28.30 -12.12 -54.18
C GLU M 145 29.23 -13.32 -54.22
N THR M 146 28.92 -14.38 -53.47
CA THR M 146 29.73 -15.59 -53.46
C THR M 146 29.34 -16.57 -54.56
N GLY M 147 28.41 -16.19 -55.43
CA GLY M 147 28.02 -17.04 -56.53
C GLY M 147 26.99 -18.09 -56.12
N ILE M 148 26.81 -19.05 -57.02
CA ILE M 148 25.88 -20.14 -56.77
C ILE M 148 26.48 -21.08 -55.73
N ILE M 149 25.66 -21.49 -54.76
CA ILE M 149 26.08 -22.45 -53.74
C ILE M 149 25.07 -23.59 -53.71
N GLY M 150 25.51 -24.79 -54.07
CA GLY M 150 24.63 -25.95 -54.03
C GLY M 150 25.09 -27.00 -53.05
N ILE M 151 24.23 -27.36 -52.09
CA ILE M 151 24.55 -28.38 -51.10
C ILE M 151 23.38 -29.35 -51.03
N ILE M 152 23.67 -30.55 -50.51
CA ILE M 152 22.69 -31.60 -50.38
C ILE M 152 22.70 -32.11 -48.94
N ASP M 153 21.53 -32.45 -48.43
CA ASP M 153 21.44 -33.00 -47.08
C ASP M 153 22.19 -34.33 -47.02
N PRO M 154 22.93 -34.59 -45.93
CA PRO M 154 23.65 -35.87 -45.86
C PRO M 154 22.74 -37.08 -45.99
N GLU M 155 21.52 -37.01 -45.44
CA GLU M 155 20.54 -38.07 -45.56
C GLU M 155 19.57 -37.86 -46.72
N CYS M 156 19.93 -37.00 -47.67
CA CYS M 156 19.17 -36.83 -48.91
C CYS M 156 17.72 -36.42 -48.62
N ARG M 157 17.54 -35.54 -47.64
CA ARG M 157 16.22 -35.00 -47.38
C ARG M 157 15.82 -33.98 -48.44
N MET M 158 16.77 -33.20 -48.94
CA MET M 158 16.48 -32.14 -49.90
C MET M 158 17.79 -31.66 -50.51
N ILE M 159 17.67 -30.74 -51.46
CA ILE M 159 18.81 -30.04 -52.06
C ILE M 159 18.62 -28.56 -51.76
N GLY M 160 19.62 -27.94 -51.14
CA GLY M 160 19.57 -26.54 -50.79
C GLY M 160 20.45 -25.72 -51.73
N LEU M 161 19.84 -24.71 -52.34
CA LEU M 161 20.52 -23.84 -53.29
C LEU M 161 20.51 -22.41 -52.77
N ARG M 162 21.65 -21.73 -52.89
CA ARG M 162 21.80 -20.32 -52.57
C ARG M 162 22.23 -19.64 -53.85
N LEU M 163 21.25 -19.03 -54.54
CA LEU M 163 21.45 -18.35 -55.82
C LEU M 163 21.33 -16.85 -55.72
N TYR M 164 20.37 -16.35 -54.94
CA TYR M 164 20.13 -14.93 -54.80
C TYR M 164 20.19 -14.55 -53.32
N ASP M 165 20.70 -13.35 -53.05
CA ASP M 165 20.83 -12.89 -51.67
C ASP M 165 19.46 -12.76 -51.02
N GLY M 166 19.36 -13.23 -49.78
CA GLY M 166 18.14 -13.13 -49.01
C GLY M 166 17.12 -14.22 -49.26
N LEU M 167 17.44 -15.21 -50.09
CA LEU M 167 16.53 -16.31 -50.37
C LEU M 167 17.31 -17.62 -50.33
N PHE M 168 16.65 -18.68 -49.87
CA PHE M 168 17.25 -20.01 -49.84
C PHE M 168 16.31 -20.99 -50.52
N LYS M 169 16.67 -21.45 -51.71
CA LYS M 169 15.80 -22.34 -52.47
C LYS M 169 15.97 -23.77 -52.00
N VAL M 170 14.86 -24.50 -51.93
CA VAL M 170 14.83 -25.87 -51.42
C VAL M 170 14.10 -26.75 -52.44
N ILE M 171 14.77 -27.81 -52.87
CA ILE M 171 14.18 -28.84 -53.73
C ILE M 171 13.99 -30.09 -52.89
N PRO M 172 12.76 -30.47 -52.54
CA PRO M 172 12.57 -31.68 -51.73
C PRO M 172 12.88 -32.94 -52.53
N LEU M 173 13.60 -33.85 -51.89
CA LEU M 173 13.99 -35.12 -52.52
C LEU M 173 12.89 -36.15 -52.27
N ASP M 174 11.86 -36.09 -53.11
CA ASP M 174 10.77 -37.05 -53.09
C ASP M 174 10.71 -37.77 -54.42
N ARG M 175 10.27 -39.03 -54.39
CA ARG M 175 10.13 -39.79 -55.63
C ARG M 175 9.12 -39.17 -56.59
N ASP M 176 8.16 -38.39 -56.11
CA ASP M 176 7.20 -37.73 -56.96
C ASP M 176 7.79 -36.52 -57.68
N ASN M 177 8.75 -35.83 -57.06
CA ASN M 177 9.33 -34.62 -57.63
C ASN M 177 10.24 -34.94 -58.81
N LYS M 178 9.67 -34.97 -60.01
CA LYS M 178 10.44 -35.21 -61.23
C LYS M 178 10.82 -33.93 -61.96
N GLU M 179 9.98 -32.89 -61.88
CA GLU M 179 10.28 -31.60 -62.48
C GLU M 179 11.14 -30.71 -61.59
N LEU M 180 11.54 -31.20 -60.41
CA LEU M 180 12.38 -30.44 -59.49
C LEU M 180 11.66 -29.17 -59.01
N LYS M 181 10.38 -29.30 -58.68
CA LYS M 181 9.63 -28.20 -58.09
C LYS M 181 10.23 -27.83 -56.74
N ALA M 182 10.65 -26.57 -56.59
CA ALA M 182 11.29 -26.11 -55.38
C ALA M 182 10.56 -24.89 -54.83
N PHE M 183 10.91 -24.52 -53.60
CA PHE M 183 10.31 -23.37 -52.94
C PHE M 183 11.39 -22.56 -52.24
N ASN M 184 11.24 -21.24 -52.25
CA ASN M 184 12.21 -20.35 -51.61
C ASN M 184 11.82 -20.08 -50.16
N ILE M 185 12.82 -19.92 -49.31
CA ILE M 185 12.65 -19.61 -47.91
C ILE M 185 13.27 -18.26 -47.64
N ARG M 186 12.55 -17.41 -46.89
CA ARG M 186 13.04 -16.09 -46.55
C ARG M 186 14.27 -16.19 -45.66
N LEU M 187 15.36 -15.53 -46.07
CA LEU M 187 16.63 -15.56 -45.35
C LEU M 187 16.94 -14.13 -44.91
N GLU M 188 16.87 -13.89 -43.60
CA GLU M 188 17.14 -12.55 -43.08
C GLU M 188 18.60 -12.15 -43.30
N GLU M 189 19.52 -13.12 -43.28
CA GLU M 189 20.93 -12.83 -43.52
C GLU M 189 21.15 -12.69 -45.02
N LEU M 190 21.37 -11.46 -45.48
CA LEU M 190 21.54 -11.20 -46.91
C LEU M 190 22.91 -11.65 -47.40
N HIS M 191 23.97 -11.27 -46.68
CA HIS M 191 25.34 -11.51 -47.14
C HIS M 191 25.84 -12.82 -46.53
N VAL M 192 25.51 -13.91 -47.22
CA VAL M 192 25.92 -15.26 -46.83
C VAL M 192 27.17 -15.63 -47.61
N ILE M 193 28.23 -16.01 -46.90
CA ILE M 193 29.52 -16.32 -47.50
C ILE M 193 29.56 -17.79 -47.91
N ASP M 194 29.44 -18.69 -46.94
CA ASP M 194 29.48 -20.12 -47.19
C ASP M 194 28.40 -20.80 -46.34
N VAL M 195 27.88 -21.91 -46.84
CA VAL M 195 26.84 -22.65 -46.15
C VAL M 195 27.02 -24.14 -46.43
N LYS M 196 26.73 -24.96 -45.42
CA LYS M 196 26.82 -26.41 -45.53
C LYS M 196 25.64 -27.04 -44.79
N PHE M 197 25.41 -28.32 -45.08
CA PHE M 197 24.45 -29.13 -44.34
C PHE M 197 25.18 -29.91 -43.25
N LEU M 198 24.66 -29.86 -42.03
CA LEU M 198 25.31 -30.50 -40.90
C LEU M 198 24.96 -31.98 -40.84
N TYR M 199 25.88 -32.75 -40.25
CA TYR M 199 25.68 -34.18 -40.04
C TYR M 199 25.11 -34.43 -38.65
N GLY M 200 24.51 -35.60 -38.49
CA GLY M 200 24.00 -36.03 -37.20
C GLY M 200 23.00 -35.09 -36.57
N CYS M 201 22.00 -34.67 -37.33
CA CYS M 201 20.94 -33.82 -36.83
C CYS M 201 19.59 -34.49 -37.00
N GLN M 202 18.68 -34.23 -36.05
CA GLN M 202 17.34 -34.81 -36.14
C GLN M 202 16.60 -34.28 -37.36
N ALA M 203 16.57 -32.96 -37.53
CA ALA M 203 15.99 -32.32 -38.70
C ALA M 203 17.10 -31.73 -39.57
N PRO M 204 16.84 -31.56 -40.87
CA PRO M 204 17.87 -30.98 -41.75
C PRO M 204 18.31 -29.61 -41.27
N THR M 205 19.60 -29.48 -40.98
CA THR M 205 20.17 -28.27 -40.42
C THR M 205 21.25 -27.72 -41.33
N ILE M 206 21.17 -26.42 -41.61
CA ILE M 206 22.18 -25.71 -42.39
C ILE M 206 23.00 -24.84 -41.44
N CYS M 207 24.30 -24.77 -41.69
CA CYS M 207 25.22 -23.93 -40.93
C CYS M 207 25.98 -23.06 -41.92
N PHE M 208 25.98 -21.74 -41.67
CA PHE M 208 26.49 -20.79 -42.65
C PHE M 208 27.16 -19.63 -41.96
N VAL M 209 28.19 -19.09 -42.61
CA VAL M 209 28.88 -17.89 -42.16
C VAL M 209 28.39 -16.71 -42.99
N TYR M 210 27.95 -15.66 -42.31
CA TYR M 210 27.45 -14.45 -42.96
C TYR M 210 28.14 -13.23 -42.35
N GLN M 211 27.89 -12.07 -42.96
CA GLN M 211 28.50 -10.82 -42.52
C GLN M 211 27.45 -9.72 -42.42
N ASP M 212 27.55 -8.94 -41.35
CA ASP M 212 26.70 -7.77 -41.09
C ASP M 212 27.58 -6.63 -40.63
N PRO M 213 27.02 -5.45 -40.35
CA PRO M 213 27.86 -4.32 -39.93
C PRO M 213 28.74 -4.61 -38.71
N GLN M 214 28.38 -5.61 -37.90
CA GLN M 214 29.15 -5.94 -36.71
C GLN M 214 30.22 -6.99 -36.95
N GLY M 215 30.43 -7.41 -38.20
CA GLY M 215 31.42 -8.43 -38.48
C GLY M 215 30.82 -9.70 -39.05
N ARG M 216 31.56 -10.81 -38.99
CA ARG M 216 31.10 -12.09 -39.52
C ARG M 216 30.71 -13.03 -38.40
N HIS M 217 29.65 -13.81 -38.63
CA HIS M 217 29.12 -14.74 -37.64
C HIS M 217 28.68 -16.03 -38.30
N VAL M 218 28.76 -17.12 -37.57
CA VAL M 218 28.29 -18.43 -38.01
C VAL M 218 26.97 -18.73 -37.32
N LYS M 219 25.97 -19.16 -38.09
CA LYS M 219 24.63 -19.36 -37.58
C LYS M 219 24.02 -20.60 -38.23
N THR M 220 23.05 -21.20 -37.54
CA THR M 220 22.42 -22.43 -38.00
C THR M 220 20.91 -22.28 -38.03
N TYR M 221 20.30 -23.04 -38.94
CA TYR M 221 18.85 -23.06 -39.12
C TYR M 221 18.40 -24.49 -39.36
N GLU M 222 17.16 -24.79 -38.93
CA GLU M 222 16.55 -26.08 -39.17
C GLU M 222 15.50 -25.92 -40.27
N VAL M 223 15.69 -26.63 -41.38
CA VAL M 223 14.82 -26.50 -42.54
C VAL M 223 13.62 -27.42 -42.36
N SER M 224 12.42 -26.84 -42.35
CA SER M 224 11.19 -27.61 -42.21
C SER M 224 10.50 -27.66 -43.57
N LEU M 225 10.39 -28.86 -44.13
CA LEU M 225 9.74 -29.03 -45.42
C LEU M 225 8.22 -28.99 -45.29
N ARG M 226 7.68 -29.40 -44.14
CA ARG M 226 6.24 -29.34 -43.93
C ARG M 226 5.80 -27.89 -43.73
N GLU M 227 6.41 -27.21 -42.75
CA GLU M 227 6.17 -25.78 -42.59
C GLU M 227 6.72 -24.97 -43.76
N LYS M 228 7.68 -25.54 -44.51
CA LYS M 228 8.33 -24.84 -45.62
C LYS M 228 8.98 -23.55 -45.13
N GLU M 229 9.79 -23.67 -44.09
CA GLU M 229 10.35 -22.47 -43.46
C GLU M 229 11.57 -22.84 -42.63
N PHE M 230 12.10 -21.86 -41.91
CA PHE M 230 13.25 -22.02 -41.04
C PHE M 230 12.81 -22.14 -39.58
N ASN M 231 13.62 -22.81 -38.79
CA ASN M 231 13.41 -22.94 -37.36
C ASN M 231 14.74 -22.72 -36.65
N LYS M 232 14.66 -22.39 -35.37
CA LYS M 232 15.86 -22.10 -34.59
C LYS M 232 16.83 -23.28 -34.67
N GLY M 233 18.10 -22.97 -34.90
CA GLY M 233 19.11 -23.99 -35.05
C GLY M 233 19.57 -24.52 -33.71
N PRO M 234 20.29 -25.65 -33.76
CA PRO M 234 20.83 -26.22 -32.51
C PRO M 234 21.68 -25.25 -31.72
N TRP M 235 22.50 -24.44 -32.40
CA TRP M 235 23.34 -23.45 -31.73
C TRP M 235 23.42 -22.23 -32.65
N LYS M 236 22.64 -21.19 -32.33
CA LYS M 236 22.50 -20.04 -33.20
C LYS M 236 23.73 -19.14 -33.11
N GLN M 237 23.61 -17.93 -33.64
CA GLN M 237 24.73 -17.02 -33.93
C GLN M 237 25.93 -17.17 -33.01
N GLU M 238 27.11 -17.35 -33.61
CA GLU M 238 28.39 -17.37 -32.91
C GLU M 238 29.37 -16.50 -33.69
N ASN M 239 30.11 -15.66 -32.99
CA ASN M 239 31.04 -14.75 -33.65
C ASN M 239 32.27 -15.49 -34.15
N VAL M 240 32.68 -15.19 -35.39
CA VAL M 240 33.87 -15.79 -35.98
C VAL M 240 34.85 -14.69 -36.34
N GLU M 241 35.97 -15.06 -36.96
CA GLU M 241 36.99 -14.07 -37.30
C GLU M 241 36.50 -13.18 -38.43
N ALA M 242 37.28 -12.12 -38.69
CA ALA M 242 36.87 -11.14 -39.69
C ALA M 242 36.92 -11.71 -41.10
N GLU M 243 37.85 -12.63 -41.38
CA GLU M 243 38.04 -13.18 -42.71
C GLU M 243 37.55 -14.62 -42.81
N ALA M 244 36.48 -14.95 -42.08
CA ALA M 244 35.93 -16.31 -42.10
C ALA M 244 35.27 -16.58 -43.45
N SER M 245 35.81 -17.52 -44.21
CA SER M 245 35.38 -17.75 -45.58
C SER M 245 34.96 -19.18 -45.92
N MET M 246 35.36 -20.18 -45.12
CA MET M 246 35.10 -21.58 -45.48
C MET M 246 34.37 -22.31 -44.36
N VAL M 247 33.36 -23.10 -44.72
CA VAL M 247 32.60 -23.91 -43.77
C VAL M 247 32.67 -25.37 -44.22
N ILE M 248 32.95 -26.25 -43.27
CA ILE M 248 33.12 -27.68 -43.55
C ILE M 248 32.32 -28.47 -42.52
N ALA M 249 31.34 -29.24 -42.99
CA ALA M 249 30.57 -30.11 -42.10
C ALA M 249 31.37 -31.37 -41.78
N VAL M 250 31.46 -31.72 -40.50
CA VAL M 250 32.22 -32.87 -40.05
C VAL M 250 31.27 -34.06 -39.91
N PRO M 251 31.68 -35.28 -40.28
CA PRO M 251 30.77 -36.43 -40.24
C PRO M 251 30.24 -36.76 -38.85
N GLU M 252 29.51 -37.87 -38.75
CA GLU M 252 28.80 -38.21 -37.52
C GLU M 252 29.72 -38.32 -36.30
N PRO M 253 30.85 -39.06 -36.35
CA PRO M 253 31.69 -39.21 -35.16
C PRO M 253 31.92 -37.91 -34.40
N PHE M 254 32.37 -36.87 -35.10
CA PHE M 254 32.64 -35.59 -34.47
C PHE M 254 31.39 -34.73 -34.40
N GLY M 255 30.80 -34.39 -35.54
CA GLY M 255 29.68 -33.46 -35.58
C GLY M 255 30.13 -32.02 -35.67
N GLY M 256 29.15 -31.12 -35.60
CA GLY M 256 29.48 -29.71 -35.66
C GLY M 256 30.04 -29.31 -37.02
N ALA M 257 30.92 -28.32 -37.00
CA ALA M 257 31.48 -27.79 -38.23
C ALA M 257 32.85 -27.17 -37.96
N ILE M 258 33.58 -26.94 -39.05
CA ILE M 258 34.89 -26.30 -39.03
C ILE M 258 34.81 -25.04 -39.88
N ILE M 259 35.15 -23.90 -39.29
CA ILE M 259 35.18 -22.61 -39.99
C ILE M 259 36.65 -22.23 -40.20
N ILE M 260 37.00 -22.00 -41.46
CA ILE M 260 38.36 -21.65 -41.86
C ILE M 260 38.38 -20.21 -42.35
N GLY M 261 39.30 -19.42 -41.80
CA GLY M 261 39.50 -18.05 -42.23
C GLY M 261 40.90 -17.81 -42.74
N GLN M 262 41.41 -16.58 -42.57
CA GLN M 262 42.75 -16.27 -43.06
C GLN M 262 43.82 -16.70 -42.06
N GLU M 263 43.64 -16.34 -40.79
CA GLU M 263 44.64 -16.62 -39.76
C GLU M 263 44.33 -17.83 -38.91
N SER M 264 43.06 -18.19 -38.75
CA SER M 264 42.67 -19.20 -37.77
C SER M 264 41.77 -20.26 -38.40
N ILE M 265 41.74 -21.41 -37.73
CA ILE M 265 40.81 -22.50 -38.02
C ILE M 265 40.10 -22.83 -36.72
N THR M 266 38.77 -22.82 -36.74
CA THR M 266 37.98 -23.08 -35.55
C THR M 266 37.04 -24.24 -35.79
N TYR M 267 36.69 -24.93 -34.71
CA TYR M 267 35.71 -26.00 -34.71
C TYR M 267 34.61 -25.67 -33.70
N HIS M 268 33.36 -25.71 -34.15
CA HIS M 268 32.21 -25.40 -33.32
C HIS M 268 31.27 -26.59 -33.26
N ASN M 269 30.79 -26.92 -32.06
CA ASN M 269 29.84 -28.01 -31.90
C ASN M 269 29.05 -27.76 -30.61
N GLY M 270 27.81 -27.32 -30.78
CA GLY M 270 26.94 -27.07 -29.64
C GLY M 270 27.52 -26.12 -28.61
N ASP M 271 28.12 -26.67 -27.55
CA ASP M 271 28.72 -25.88 -26.49
C ASP M 271 30.22 -25.71 -26.64
N LYS M 272 30.91 -26.64 -27.30
CA LYS M 272 32.36 -26.57 -27.44
C LYS M 272 32.75 -25.73 -28.65
N TYR M 273 33.79 -24.92 -28.46
CA TYR M 273 34.24 -23.98 -29.50
C TYR M 273 35.76 -23.89 -29.39
N LEU M 274 36.45 -24.75 -30.13
CA LEU M 274 37.90 -24.78 -30.12
C LEU M 274 38.43 -23.94 -31.29
N ALA M 275 39.61 -23.36 -31.11
CA ALA M 275 40.17 -22.48 -32.13
C ALA M 275 41.68 -22.54 -32.07
N ILE M 276 42.31 -22.56 -33.25
CA ILE M 276 43.76 -22.54 -33.36
C ILE M 276 44.17 -21.55 -34.44
N ALA M 277 45.32 -20.92 -34.26
CA ALA M 277 45.86 -19.94 -35.20
C ALA M 277 47.27 -20.35 -35.62
N PRO M 278 47.39 -21.39 -36.44
CA PRO M 278 48.72 -21.86 -36.84
C PRO M 278 49.40 -20.86 -37.75
N PRO M 279 50.64 -20.47 -37.44
CA PRO M 279 51.34 -19.51 -38.31
C PRO M 279 51.69 -20.07 -39.67
N ILE M 280 51.61 -21.39 -39.87
CA ILE M 280 51.98 -21.97 -41.16
C ILE M 280 50.96 -21.69 -42.25
N ILE M 281 49.77 -21.19 -41.88
CA ILE M 281 48.72 -20.91 -42.85
C ILE M 281 48.49 -19.42 -43.04
N LYS M 282 49.30 -18.56 -42.42
CA LYS M 282 49.05 -17.13 -42.47
C LYS M 282 49.54 -16.49 -43.76
N GLN M 283 50.52 -17.09 -44.43
CA GLN M 283 51.12 -16.46 -45.61
C GLN M 283 50.22 -16.51 -46.84
N SER M 284 49.15 -17.31 -46.82
CA SER M 284 48.23 -17.37 -47.95
C SER M 284 46.90 -17.92 -47.46
N THR M 285 45.85 -17.65 -48.24
CA THR M 285 44.50 -18.03 -47.86
C THR M 285 44.18 -19.44 -48.35
N ILE M 286 43.56 -20.23 -47.49
CA ILE M 286 43.05 -21.55 -47.84
C ILE M 286 41.75 -21.37 -48.61
N VAL M 287 41.69 -21.94 -49.81
CA VAL M 287 40.59 -21.70 -50.74
C VAL M 287 39.87 -22.98 -51.15
N CYS M 288 40.40 -24.14 -50.83
CA CYS M 288 39.72 -25.39 -51.16
C CYS M 288 40.07 -26.45 -50.12
N HIS M 289 39.15 -27.39 -49.93
CA HIS M 289 39.32 -28.44 -48.94
C HIS M 289 38.76 -29.74 -49.49
N ASN M 290 39.03 -30.83 -48.77
CA ASN M 290 38.46 -32.13 -49.11
C ASN M 290 38.72 -33.09 -47.95
N ARG M 291 37.78 -34.01 -47.76
CA ARG M 291 37.82 -34.94 -46.64
C ARG M 291 38.63 -36.18 -47.02
N VAL M 292 39.55 -36.57 -46.14
CA VAL M 292 40.38 -37.74 -46.37
C VAL M 292 39.71 -38.96 -45.76
N ASP M 293 39.62 -38.99 -44.43
CA ASP M 293 39.01 -40.11 -43.73
C ASP M 293 37.51 -39.93 -43.66
N PRO M 294 36.72 -40.95 -44.00
CA PRO M 294 35.26 -40.79 -43.98
C PRO M 294 34.68 -40.39 -42.63
N ASN M 295 35.38 -40.68 -41.53
CA ASN M 295 34.89 -40.27 -40.22
C ASN M 295 35.19 -38.82 -39.89
N GLY M 296 36.05 -38.17 -40.66
CA GLY M 296 36.40 -36.78 -40.44
C GLY M 296 37.68 -36.55 -39.67
N SER M 297 38.52 -37.57 -39.51
CA SER M 297 39.75 -37.41 -38.74
C SER M 297 40.82 -36.63 -39.50
N ARG M 298 40.76 -36.59 -40.82
CA ARG M 298 41.75 -35.88 -41.61
C ARG M 298 41.07 -35.15 -42.76
N TYR M 299 41.65 -34.01 -43.12
CA TYR M 299 41.19 -33.18 -44.23
C TYR M 299 42.40 -32.65 -44.99
N LEU M 300 42.19 -32.38 -46.27
CA LEU M 300 43.21 -31.77 -47.12
C LEU M 300 42.84 -30.33 -47.40
N LEU M 301 43.81 -29.43 -47.26
CA LEU M 301 43.61 -28.00 -47.47
C LEU M 301 44.58 -27.48 -48.52
N GLY M 302 44.10 -26.59 -49.37
CA GLY M 302 44.93 -26.01 -50.40
C GLY M 302 44.79 -24.50 -50.43
N ASP M 303 45.92 -23.79 -50.50
CA ASP M 303 45.91 -22.34 -50.51
C ASP M 303 46.05 -21.82 -51.94
N MET M 304 46.04 -20.49 -52.07
CA MET M 304 46.08 -19.88 -53.40
C MET M 304 47.39 -20.17 -54.11
N GLU M 305 48.50 -20.27 -53.38
CA GLU M 305 49.82 -20.36 -53.99
C GLU M 305 50.29 -21.80 -54.17
N GLY M 306 49.39 -22.78 -54.10
CA GLY M 306 49.72 -24.16 -54.39
C GLY M 306 50.09 -25.00 -53.19
N ARG M 307 50.10 -24.44 -51.99
CA ARG M 307 50.47 -25.19 -50.79
C ARG M 307 49.33 -26.12 -50.37
N LEU M 308 49.72 -27.34 -49.99
CA LEU M 308 48.80 -28.39 -49.55
C LEU M 308 49.14 -28.78 -48.12
N PHE M 309 48.16 -28.63 -47.24
CA PHE M 309 48.26 -28.94 -45.82
C PHE M 309 47.33 -30.10 -45.47
N MET M 310 47.60 -30.70 -44.31
CA MET M 310 46.76 -31.75 -43.74
C MET M 310 46.24 -31.28 -42.39
N LEU M 311 44.92 -31.19 -42.26
CA LEU M 311 44.25 -30.81 -41.03
C LEU M 311 43.77 -32.06 -40.31
N LEU M 312 44.28 -32.29 -39.10
CA LEU M 312 43.98 -33.50 -38.35
C LEU M 312 43.08 -33.17 -37.16
N LEU M 313 42.06 -33.99 -36.95
CA LEU M 313 41.13 -33.88 -35.83
C LEU M 313 41.37 -35.05 -34.89
N GLU M 314 41.98 -34.79 -33.74
CA GLU M 314 42.24 -35.84 -32.77
C GLU M 314 40.97 -36.24 -32.05
N LYS M 315 40.89 -37.52 -31.69
CA LYS M 315 39.70 -38.10 -31.06
C LYS M 315 39.87 -38.15 -29.54
N GLU M 316 38.77 -38.46 -28.86
CA GLU M 316 38.78 -38.67 -27.42
C GLU M 316 37.59 -39.58 -27.11
N GLU M 317 37.89 -40.85 -26.83
CA GLU M 317 36.82 -41.84 -26.66
C GLU M 317 35.86 -41.44 -25.55
N GLN M 318 36.38 -40.83 -24.49
CA GLN M 318 35.57 -40.47 -23.32
C GLN M 318 34.93 -41.71 -22.71
N MET M 319 35.57 -42.87 -22.89
CA MET M 319 35.17 -44.12 -22.26
C MET M 319 33.74 -44.55 -22.61
N ASP M 320 32.73 -43.88 -22.06
CA ASP M 320 31.35 -44.24 -22.32
C ASP M 320 31.04 -44.34 -23.81
N GLY M 321 31.83 -43.68 -24.66
CA GLY M 321 31.66 -43.81 -26.09
C GLY M 321 30.99 -42.62 -26.75
N THR M 322 31.32 -41.41 -26.29
CA THR M 322 30.78 -40.19 -26.87
C THR M 322 31.68 -39.57 -27.92
N VAL M 323 32.94 -40.01 -28.01
CA VAL M 323 33.92 -39.52 -28.98
C VAL M 323 33.78 -38.02 -29.23
N THR M 324 34.55 -37.22 -28.51
CA THR M 324 34.59 -35.78 -28.68
C THR M 324 35.92 -35.37 -29.32
N LEU M 325 35.95 -34.14 -29.84
CA LEU M 325 37.17 -33.60 -30.44
C LEU M 325 38.15 -33.17 -29.37
N LYS M 326 39.39 -33.62 -29.49
CA LYS M 326 40.39 -33.30 -28.48
C LYS M 326 41.23 -32.08 -28.88
N ASP M 327 41.74 -32.06 -30.11
CA ASP M 327 42.63 -30.99 -30.54
C ASP M 327 42.62 -30.92 -32.06
N LEU M 328 43.16 -29.81 -32.57
CA LEU M 328 43.28 -29.58 -34.00
C LEU M 328 44.75 -29.37 -34.36
N ARG M 329 45.13 -29.83 -35.56
CA ARG M 329 46.51 -29.75 -36.01
C ARG M 329 46.55 -29.48 -37.50
N VAL M 330 47.57 -28.74 -37.93
CA VAL M 330 47.79 -28.43 -39.34
C VAL M 330 49.24 -28.75 -39.67
N GLU M 331 49.44 -29.54 -40.72
CA GLU M 331 50.78 -29.95 -41.14
C GLU M 331 50.94 -29.67 -42.62
N LEU M 332 52.01 -28.96 -42.97
CA LEU M 332 52.29 -28.62 -44.37
C LEU M 332 52.80 -29.85 -45.10
N LEU M 333 51.93 -30.46 -45.91
CA LEU M 333 52.34 -31.62 -46.69
C LEU M 333 53.33 -31.22 -47.77
N GLY M 334 52.96 -30.26 -48.62
CA GLY M 334 53.88 -29.84 -49.66
C GLY M 334 53.35 -28.81 -50.63
N GLU M 335 53.84 -28.83 -51.86
CA GLU M 335 53.41 -27.91 -52.90
C GLU M 335 52.89 -28.69 -54.10
N THR M 336 51.73 -28.28 -54.61
CA THR M 336 51.18 -28.84 -55.84
C THR M 336 50.88 -27.72 -56.82
N SER M 337 50.16 -28.02 -57.90
CA SER M 337 49.66 -26.97 -58.76
C SER M 337 48.61 -26.15 -58.01
N ILE M 338 48.48 -24.88 -58.40
CA ILE M 338 47.49 -24.00 -57.79
C ILE M 338 46.12 -24.68 -57.89
N ALA M 339 45.67 -25.24 -56.77
CA ALA M 339 44.54 -26.16 -56.77
C ALA M 339 43.22 -25.38 -56.70
N GLU M 340 42.39 -25.54 -57.73
CA GLU M 340 41.03 -25.07 -57.66
C GLU M 340 40.15 -25.99 -56.81
N CYS M 341 40.44 -27.29 -56.84
CA CYS M 341 39.66 -28.28 -56.10
C CYS M 341 40.54 -29.49 -55.82
N LEU M 342 40.30 -30.12 -54.67
CA LEU M 342 41.03 -31.30 -54.25
C LEU M 342 40.07 -32.45 -54.00
N THR M 343 40.56 -33.67 -54.15
CA THR M 343 39.77 -34.86 -53.86
C THR M 343 40.73 -36.01 -53.58
N TYR M 344 40.55 -36.66 -52.43
CA TYR M 344 41.39 -37.79 -52.03
C TYR M 344 40.83 -39.07 -52.65
N LEU M 345 41.64 -39.75 -53.45
CA LEU M 345 41.22 -40.99 -54.10
C LEU M 345 41.33 -42.15 -53.12
N ASP M 346 42.52 -42.74 -53.00
CA ASP M 346 42.72 -43.83 -52.06
C ASP M 346 44.21 -44.19 -52.03
N ASN M 347 44.64 -44.74 -50.90
CA ASN M 347 46.01 -45.20 -50.72
C ASN M 347 47.01 -44.05 -50.92
N GLY M 348 46.68 -42.90 -50.34
CA GLY M 348 47.57 -41.74 -50.39
C GLY M 348 47.61 -41.00 -51.71
N VAL M 349 46.78 -41.36 -52.68
CA VAL M 349 46.76 -40.70 -53.98
C VAL M 349 45.72 -39.58 -53.96
N VAL M 350 46.16 -38.37 -54.29
CA VAL M 350 45.30 -37.19 -54.28
C VAL M 350 45.28 -36.60 -55.69
N PHE M 351 44.08 -36.27 -56.16
CA PHE M 351 43.90 -35.61 -57.44
C PHE M 351 43.74 -34.11 -57.22
N VAL M 352 44.59 -33.33 -57.86
CA VAL M 352 44.59 -31.88 -57.78
C VAL M 352 44.05 -31.34 -59.10
N GLY M 353 42.83 -30.84 -59.07
CA GLY M 353 42.27 -30.17 -60.23
C GLY M 353 42.71 -28.70 -60.23
N SER M 354 43.26 -28.26 -61.35
CA SER M 354 43.87 -26.93 -61.45
C SER M 354 43.25 -26.15 -62.60
N ARG M 355 43.08 -24.85 -62.36
CA ARG M 355 42.62 -23.90 -63.36
C ARG M 355 43.76 -23.10 -63.98
N LEU M 356 44.71 -22.65 -63.16
CA LEU M 356 45.83 -21.87 -63.64
C LEU M 356 46.94 -22.73 -64.24
N GLY M 357 47.01 -24.00 -63.87
CA GLY M 357 48.06 -24.87 -64.37
C GLY M 357 47.58 -26.28 -64.67
N ASP M 358 48.51 -27.19 -64.90
CA ASP M 358 48.16 -28.57 -65.20
C ASP M 358 47.54 -29.25 -63.98
N SER M 359 46.62 -30.17 -64.25
CA SER M 359 46.07 -30.98 -63.17
C SER M 359 47.04 -32.10 -62.82
N GLN M 360 46.88 -32.65 -61.62
CA GLN M 360 47.88 -33.56 -61.10
C GLN M 360 47.25 -34.76 -60.41
N LEU M 361 47.95 -35.88 -60.47
CA LEU M 361 47.79 -36.99 -59.55
C LEU M 361 49.08 -37.08 -58.76
N VAL M 362 48.99 -36.91 -57.43
CA VAL M 362 50.14 -36.85 -56.56
C VAL M 362 50.03 -37.92 -55.49
N LYS M 363 51.17 -38.36 -54.98
CA LYS M 363 51.25 -39.37 -53.93
C LYS M 363 51.68 -38.73 -52.63
N LEU M 364 51.00 -39.09 -51.55
CA LEU M 364 51.33 -38.60 -50.21
C LEU M 364 52.09 -39.70 -49.48
N ASN M 365 53.36 -39.46 -49.21
CA ASN M 365 54.20 -40.40 -48.48
C ASN M 365 54.24 -40.05 -47.00
N VAL M 366 54.55 -41.04 -46.18
CA VAL M 366 54.56 -40.85 -44.73
C VAL M 366 55.91 -40.32 -44.25
N ASP M 367 57.01 -40.81 -44.80
CA ASP M 367 58.35 -40.44 -44.34
C ASP M 367 58.88 -39.16 -44.99
N SER M 368 58.15 -38.58 -45.95
CA SER M 368 58.62 -37.40 -46.67
C SER M 368 59.94 -37.70 -47.35
N ASN M 369 60.59 -36.66 -47.88
CA ASN M 369 61.88 -36.84 -48.56
C ASN M 369 62.93 -35.91 -47.97
N GLU M 370 64.09 -35.83 -48.63
CA GLU M 370 65.19 -35.04 -48.09
C GLU M 370 64.86 -33.56 -48.04
N GLN M 371 64.12 -33.07 -49.03
CA GLN M 371 63.77 -31.64 -49.06
C GLN M 371 62.75 -31.28 -47.99
N GLY M 372 62.03 -32.26 -47.44
CA GLY M 372 61.02 -32.02 -46.43
C GLY M 372 59.59 -32.11 -46.93
N SER M 373 59.38 -32.39 -48.21
CA SER M 373 58.04 -32.49 -48.77
C SER M 373 57.50 -33.90 -48.59
N TYR M 374 56.20 -33.99 -48.34
CA TYR M 374 55.51 -35.27 -48.21
C TYR M 374 54.75 -35.65 -49.46
N VAL M 375 54.72 -34.78 -50.47
CA VAL M 375 53.96 -35.00 -51.69
C VAL M 375 54.93 -35.32 -52.83
N VAL M 376 54.53 -36.23 -53.71
CA VAL M 376 55.33 -36.62 -54.86
C VAL M 376 54.38 -36.77 -56.05
N ALA M 377 54.67 -36.04 -57.13
CA ALA M 377 53.78 -36.05 -58.28
C ALA M 377 53.85 -37.40 -59.00
N MET M 378 52.70 -37.86 -59.48
CA MET M 378 52.58 -39.08 -60.25
C MET M 378 52.26 -38.80 -61.71
N GLU M 379 51.13 -38.13 -61.96
CA GLU M 379 50.69 -37.82 -63.31
C GLU M 379 50.44 -36.32 -63.43
N THR M 380 50.61 -35.81 -64.66
CA THR M 380 50.42 -34.40 -64.96
C THR M 380 49.52 -34.29 -66.20
N PHE M 381 48.24 -34.02 -65.98
CA PHE M 381 47.29 -33.83 -67.07
C PHE M 381 47.41 -32.41 -67.61
N THR M 382 47.68 -32.30 -68.91
CA THR M 382 47.91 -31.00 -69.53
C THR M 382 46.66 -30.15 -69.47
N ASN M 383 46.84 -28.88 -69.11
CA ASN M 383 45.76 -27.89 -69.06
C ASN M 383 46.27 -26.64 -69.77
N LEU M 384 45.70 -26.35 -70.94
CA LEU M 384 46.06 -25.12 -71.65
C LEU M 384 45.76 -23.87 -70.82
N GLY M 385 45.02 -24.02 -69.73
CA GLY M 385 44.81 -22.94 -68.80
C GLY M 385 44.31 -21.66 -69.43
N PRO M 386 44.44 -20.56 -68.71
CA PRO M 386 44.00 -19.27 -69.26
C PRO M 386 44.86 -18.83 -70.43
N ILE M 387 44.33 -18.93 -71.65
CA ILE M 387 45.04 -18.51 -72.86
C ILE M 387 44.88 -16.99 -72.96
N VAL M 388 45.90 -16.25 -72.52
CA VAL M 388 45.83 -14.79 -72.57
C VAL M 388 46.28 -14.22 -73.91
N ASP M 389 47.00 -15.00 -74.72
CA ASP M 389 47.44 -14.56 -76.02
C ASP M 389 47.97 -15.77 -76.78
N MET M 390 48.03 -15.65 -78.09
CA MET M 390 48.47 -16.76 -78.93
C MET M 390 48.80 -16.23 -80.31
N CYS M 391 49.48 -17.08 -81.09
CA CYS M 391 49.83 -16.76 -82.46
C CYS M 391 50.05 -18.05 -83.22
N VAL M 392 49.89 -17.97 -84.55
CA VAL M 392 50.05 -19.11 -85.43
C VAL M 392 51.38 -18.98 -86.16
N VAL M 393 52.16 -20.06 -86.16
CA VAL M 393 53.46 -20.08 -86.81
C VAL M 393 53.62 -21.40 -87.55
N ASP M 394 54.32 -21.34 -88.69
CA ASP M 394 54.52 -22.54 -89.50
C ASP M 394 55.58 -23.46 -88.91
N LEU M 395 56.72 -22.89 -88.53
CA LEU M 395 57.75 -23.64 -87.82
C LEU M 395 58.46 -24.66 -88.70
N GLU M 396 58.00 -25.91 -88.68
CA GLU M 396 58.74 -27.01 -89.30
C GLU M 396 58.24 -27.39 -90.68
N ARG M 397 56.93 -27.62 -90.83
CA ARG M 397 56.41 -28.19 -92.08
C ARG M 397 56.47 -27.21 -93.24
N GLN M 398 56.53 -25.91 -92.97
CA GLN M 398 56.50 -24.91 -94.04
C GLN M 398 55.24 -25.05 -94.90
N GLY M 399 54.17 -25.57 -94.31
CA GLY M 399 52.92 -25.77 -95.02
C GLY M 399 51.70 -25.50 -94.15
N GLN M 400 51.45 -26.39 -93.20
CA GLN M 400 50.37 -26.19 -92.24
C GLN M 400 50.89 -25.49 -90.99
N GLY M 401 49.97 -24.87 -90.25
CA GLY M 401 50.31 -24.05 -89.12
C GLY M 401 50.16 -24.75 -87.78
N GLN M 402 50.89 -24.22 -86.79
CA GLN M 402 50.82 -24.66 -85.41
C GLN M 402 50.50 -23.45 -84.53
N LEU M 403 49.95 -23.71 -83.34
CA LEU M 403 49.44 -22.64 -82.49
C LEU M 403 50.28 -22.54 -81.22
N VAL M 404 50.88 -21.38 -80.98
CA VAL M 404 51.69 -21.14 -79.78
C VAL M 404 50.93 -20.19 -78.88
N THR M 405 50.64 -20.62 -77.66
CA THR M 405 49.83 -19.87 -76.72
C THR M 405 50.60 -19.59 -75.43
N CYS M 406 50.29 -18.45 -74.82
CA CYS M 406 50.77 -18.11 -73.47
C CYS M 406 49.73 -18.59 -72.48
N SER M 407 50.02 -19.70 -71.80
CA SER M 407 49.06 -20.34 -70.91
C SER M 407 49.48 -20.17 -69.45
N GLY M 408 48.54 -20.42 -68.55
CA GLY M 408 48.81 -20.44 -67.13
C GLY M 408 49.17 -19.07 -66.57
N ALA M 409 49.38 -19.04 -65.26
CA ALA M 409 49.71 -17.82 -64.56
C ALA M 409 50.60 -18.14 -63.37
N PHE M 410 51.47 -17.20 -63.02
CA PHE M 410 52.37 -17.33 -61.85
C PHE M 410 53.31 -18.50 -62.13
N LYS M 411 53.61 -19.34 -61.12
CA LYS M 411 54.52 -20.45 -61.34
C LYS M 411 53.99 -21.43 -62.38
N GLU M 412 52.68 -21.46 -62.61
CA GLU M 412 52.08 -22.34 -63.61
C GLU M 412 52.17 -21.78 -65.02
N GLY M 413 52.60 -20.53 -65.18
CA GLY M 413 52.70 -19.96 -66.50
C GLY M 413 53.66 -20.73 -67.38
N SER M 414 53.35 -20.75 -68.68
CA SER M 414 54.13 -21.52 -69.64
C SER M 414 53.70 -21.13 -71.05
N LEU M 415 54.37 -21.73 -72.02
CA LEU M 415 53.97 -21.67 -73.42
C LEU M 415 53.52 -23.06 -73.87
N ARG M 416 52.57 -23.08 -74.79
CA ARG M 416 52.04 -24.34 -75.31
C ARG M 416 52.10 -24.31 -76.84
N ILE M 417 52.73 -25.33 -77.42
CA ILE M 417 52.85 -25.46 -78.87
C ILE M 417 51.91 -26.59 -79.28
N ILE M 418 50.71 -26.23 -79.71
CA ILE M 418 49.70 -27.18 -80.14
C ILE M 418 49.92 -27.50 -81.62
N ARG M 419 50.00 -28.80 -81.91
CA ARG M 419 50.09 -29.36 -83.25
C ARG M 419 48.81 -30.12 -83.57
N ASN M 420 48.54 -30.26 -84.86
CA ASN M 420 47.33 -30.96 -85.31
C ASN M 420 47.68 -32.31 -85.92
N ILE M 436 50.55 -32.08 -75.40
CA ILE M 436 50.93 -30.82 -76.06
C ILE M 436 52.29 -30.35 -75.56
N ARG M 437 53.16 -29.96 -76.48
CA ARG M 437 54.50 -29.51 -76.12
C ARG M 437 54.41 -28.31 -75.19
N THR M 438 54.93 -28.47 -73.97
CA THR M 438 54.86 -27.44 -72.95
C THR M 438 56.26 -26.89 -72.66
N VAL M 439 56.34 -25.57 -72.54
CA VAL M 439 57.58 -24.88 -72.18
C VAL M 439 57.30 -24.10 -70.90
N PRO M 440 57.69 -24.64 -69.73
CA PRO M 440 57.39 -23.96 -68.48
C PRO M 440 58.25 -22.72 -68.29
N LEU M 441 57.61 -21.64 -67.86
CA LEU M 441 58.28 -20.37 -67.61
C LEU M 441 58.35 -20.00 -66.14
N TYR M 442 57.50 -20.58 -65.30
CA TYR M 442 57.46 -20.30 -63.86
C TYR M 442 57.17 -18.83 -63.57
N GLU M 443 56.63 -18.11 -64.55
CA GLU M 443 56.16 -16.74 -64.37
C GLU M 443 55.06 -16.48 -65.38
N SER M 444 54.36 -15.36 -65.20
CA SER M 444 53.12 -15.12 -65.95
C SER M 444 53.42 -14.61 -67.36
N PRO M 445 53.09 -15.37 -68.40
CA PRO M 445 53.19 -14.83 -69.76
C PRO M 445 51.94 -14.06 -70.14
N ARG M 446 52.13 -12.99 -70.92
CA ARG M 446 51.05 -12.09 -71.27
C ARG M 446 50.84 -11.96 -72.76
N LYS M 447 51.88 -11.63 -73.53
CA LYS M 447 51.77 -11.44 -74.96
C LYS M 447 52.88 -12.20 -75.66
N ILE M 448 52.64 -12.53 -76.93
CA ILE M 448 53.58 -13.33 -77.71
C ILE M 448 53.48 -12.92 -79.16
N CYS M 449 54.62 -12.94 -79.85
CA CYS M 449 54.69 -12.63 -81.27
C CYS M 449 55.88 -13.36 -81.87
N TYR M 450 55.76 -13.72 -83.14
CA TYR M 450 56.79 -14.49 -83.84
C TYR M 450 57.57 -13.58 -84.79
N GLN M 451 58.88 -13.80 -84.86
CA GLN M 451 59.77 -13.04 -85.73
C GLN M 451 60.53 -14.05 -86.60
N GLU M 452 60.12 -14.16 -87.86
CA GLU M 452 60.71 -15.16 -88.73
C GLU M 452 62.15 -14.81 -89.13
N VAL M 453 62.47 -13.52 -89.17
CA VAL M 453 63.81 -13.11 -89.60
C VAL M 453 64.86 -13.64 -88.63
N SER M 454 64.54 -13.66 -87.33
CA SER M 454 65.46 -14.09 -86.30
C SER M 454 65.17 -15.50 -85.79
N GLN M 455 64.13 -16.16 -86.32
CA GLN M 455 63.83 -17.55 -85.97
C GLN M 455 63.61 -17.70 -84.46
N CYS M 456 62.72 -16.86 -83.91
CA CYS M 456 62.45 -16.91 -82.48
C CYS M 456 61.16 -16.16 -82.20
N PHE M 457 60.72 -16.25 -80.94
CA PHE M 457 59.52 -15.57 -80.46
C PHE M 457 59.90 -14.47 -79.48
N GLY M 458 59.07 -13.44 -79.44
CA GLY M 458 59.15 -12.43 -78.41
C GLY M 458 57.92 -12.49 -77.52
N VAL M 459 58.11 -12.60 -76.21
CA VAL M 459 56.99 -12.84 -75.29
C VAL M 459 57.11 -11.88 -74.11
N LEU M 460 56.05 -11.14 -73.84
CA LEU M 460 56.01 -10.33 -72.63
C LEU M 460 55.65 -11.20 -71.44
N SER M 461 56.30 -10.94 -70.30
CA SER M 461 56.05 -11.75 -69.12
C SER M 461 56.22 -10.87 -67.87
N SER M 462 55.72 -11.39 -66.76
CA SER M 462 55.80 -10.69 -65.48
C SER M 462 56.03 -11.69 -64.37
N ARG M 463 56.87 -11.31 -63.42
CA ARG M 463 57.20 -12.15 -62.27
C ARG M 463 57.01 -11.35 -60.99
N ILE M 464 56.38 -11.98 -59.99
CA ILE M 464 56.11 -11.32 -58.72
C ILE M 464 57.35 -11.36 -57.85
N GLU M 465 57.69 -10.22 -57.26
CA GLU M 465 58.74 -10.13 -56.26
C GLU M 465 58.20 -9.40 -55.04
N VAL M 466 58.92 -9.51 -53.93
CA VAL M 466 58.48 -8.98 -52.65
C VAL M 466 59.45 -7.91 -52.19
N GLN M 467 58.93 -6.87 -51.55
CA GLN M 467 59.77 -5.80 -51.05
C GLN M 467 60.70 -6.33 -49.95
N ASP M 468 61.99 -6.01 -50.07
CA ASP M 468 63.00 -6.48 -49.14
C ASP M 468 63.29 -5.39 -48.09
N THR M 469 63.75 -5.84 -46.92
CA THR M 469 64.12 -4.89 -45.87
C THR M 469 65.22 -3.94 -46.34
N SER M 470 66.15 -4.41 -47.17
CA SER M 470 67.23 -3.54 -47.64
C SER M 470 66.72 -2.39 -48.48
N GLY M 471 65.56 -2.56 -49.13
CA GLY M 471 65.00 -1.53 -49.97
C GLY M 471 64.60 -2.05 -51.34
N GLY M 472 65.43 -2.92 -51.90
CA GLY M 472 65.12 -3.52 -53.18
C GLY M 472 64.07 -4.59 -53.08
N THR M 473 63.94 -5.41 -54.11
CA THR M 473 62.97 -6.49 -54.15
C THR M 473 63.68 -7.83 -54.31
N THR M 474 63.00 -8.89 -53.88
CA THR M 474 63.54 -10.24 -53.93
C THR M 474 62.54 -11.15 -54.63
N ALA M 475 63.06 -12.03 -55.49
CA ALA M 475 62.22 -12.94 -56.25
C ALA M 475 61.73 -14.09 -55.37
N LEU M 476 60.61 -14.69 -55.78
CA LEU M 476 60.07 -15.83 -55.06
C LEU M 476 60.72 -17.14 -55.49
N ARG M 477 60.90 -17.33 -56.79
CA ARG M 477 61.51 -18.54 -57.33
C ARG M 477 62.24 -18.19 -58.61
N PRO M 478 63.20 -19.00 -59.03
CA PRO M 478 63.89 -18.74 -60.30
C PRO M 478 63.00 -19.06 -61.49
N SER M 479 62.59 -18.02 -62.23
CA SER M 479 61.70 -18.15 -63.37
C SER M 479 62.45 -17.85 -64.66
N ALA M 480 61.69 -17.77 -65.77
CA ALA M 480 62.32 -17.61 -67.08
C ALA M 480 63.09 -16.31 -67.18
N SER M 481 62.51 -15.22 -66.70
CA SER M 481 63.16 -13.92 -66.83
C SER M 481 64.46 -13.86 -66.03
N THR M 482 64.56 -14.65 -64.96
CA THR M 482 65.78 -14.67 -64.16
C THR M 482 66.81 -15.65 -64.68
N GLN M 483 66.38 -16.77 -65.25
CA GLN M 483 67.29 -17.78 -65.79
C GLN M 483 67.40 -17.63 -67.30
N ALA M 484 67.94 -16.50 -67.72
CA ALA M 484 68.14 -16.18 -69.12
C ALA M 484 69.62 -16.15 -69.46
N LEU M 485 69.94 -16.55 -70.69
CA LEU M 485 71.33 -16.50 -71.15
C LEU M 485 71.84 -15.07 -71.18
N SER M 486 71.25 -14.23 -72.02
CA SER M 486 71.57 -12.81 -72.07
C SER M 486 70.54 -12.03 -71.27
N SER M 487 71.00 -10.97 -70.61
CA SER M 487 70.13 -10.15 -69.77
C SER M 487 70.43 -8.68 -70.00
N SER M 488 69.48 -7.84 -69.64
CA SER M 488 69.62 -6.39 -69.76
C SER M 488 68.49 -5.72 -69.01
N VAL M 489 68.69 -4.44 -68.68
CA VAL M 489 67.69 -3.63 -68.00
C VAL M 489 67.54 -2.31 -68.75
N SER M 490 66.34 -1.75 -68.67
CA SER M 490 66.06 -0.47 -69.32
C SER M 490 66.78 0.65 -68.58
N SER M 491 67.69 1.32 -69.28
CA SER M 491 68.46 2.44 -68.73
C SER M 491 68.05 3.70 -69.49
N SER M 492 66.86 4.20 -69.18
CA SER M 492 66.30 5.37 -69.84
C SER M 492 66.33 6.58 -68.90
N LYS M 493 66.15 7.76 -69.50
CA LYS M 493 66.15 9.01 -68.77
C LYS M 493 64.80 9.73 -68.83
N LEU M 494 63.81 9.16 -69.50
CA LEU M 494 62.52 9.82 -69.61
C LEU M 494 61.88 10.03 -68.25
N PHE M 495 61.70 8.95 -67.49
CA PHE M 495 61.05 9.00 -66.20
C PHE M 495 62.02 8.89 -65.03
N SER M 496 63.32 8.70 -65.30
CA SER M 496 64.31 8.75 -64.23
C SER M 496 64.34 10.13 -63.57
N SER M 497 64.13 11.20 -64.34
CA SER M 497 64.01 12.55 -63.83
C SER M 497 62.58 12.98 -63.56
N SER M 498 61.63 12.51 -64.38
CA SER M 498 60.21 12.83 -64.22
C SER M 498 59.55 11.67 -63.48
N THR M 499 59.68 11.68 -62.16
CA THR M 499 59.12 10.65 -61.30
C THR M 499 58.40 11.29 -60.12
N ALA M 500 57.38 10.57 -59.59
CA ALA M 500 56.59 11.01 -58.45
C ALA M 500 57.20 10.49 -57.14
N PRO M 501 57.00 11.24 -56.05
CA PRO M 501 57.59 10.83 -54.76
C PRO M 501 56.70 9.83 -54.04
N HIS M 502 57.25 8.67 -53.71
CA HIS M 502 56.51 7.62 -53.02
C HIS M 502 57.49 6.54 -52.59
N GLU M 503 57.05 5.69 -51.68
CA GLU M 503 57.87 4.61 -51.13
C GLU M 503 57.00 3.39 -50.89
N THR M 504 57.59 2.21 -51.11
CA THR M 504 56.90 0.94 -50.91
C THR M 504 57.33 0.32 -49.58
N SER M 505 56.35 -0.22 -48.86
CA SER M 505 56.62 -0.81 -47.55
C SER M 505 57.13 -2.24 -47.71
N PHE M 506 57.74 -2.73 -46.63
CA PHE M 506 58.27 -4.09 -46.64
C PHE M 506 57.14 -5.11 -46.77
N GLY M 507 57.41 -6.17 -47.53
CA GLY M 507 56.47 -7.25 -47.71
C GLY M 507 55.50 -7.09 -48.86
N GLU M 508 55.32 -5.87 -49.37
CA GLU M 508 54.39 -5.66 -50.47
C GLU M 508 54.91 -6.31 -51.74
N GLU M 509 53.99 -6.84 -52.54
CA GLU M 509 54.32 -7.49 -53.79
C GLU M 509 54.33 -6.49 -54.93
N VAL M 510 55.27 -6.68 -55.86
CA VAL M 510 55.38 -5.86 -57.07
C VAL M 510 55.80 -6.77 -58.21
N GLU M 511 55.16 -6.60 -59.36
CA GLU M 511 55.44 -7.44 -60.52
C GLU M 511 56.43 -6.74 -61.45
N VAL M 512 57.50 -7.44 -61.81
CA VAL M 512 58.50 -6.95 -62.75
C VAL M 512 58.18 -7.50 -64.13
N HIS M 513 58.17 -6.63 -65.13
CA HIS M 513 57.85 -6.98 -66.49
C HIS M 513 59.11 -7.14 -67.32
N ASN M 514 59.09 -8.11 -68.24
CA ASN M 514 60.24 -8.44 -69.06
C ASN M 514 59.79 -8.81 -70.47
N LEU M 515 60.69 -8.60 -71.42
CA LEU M 515 60.53 -9.09 -72.78
C LEU M 515 61.51 -10.24 -72.99
N LEU M 516 60.98 -11.43 -73.25
CA LEU M 516 61.79 -12.63 -73.42
C LEU M 516 61.92 -12.94 -74.91
N ILE M 517 63.16 -13.11 -75.35
CA ILE M 517 63.48 -13.60 -76.69
C ILE M 517 63.79 -15.07 -76.56
N ILE M 518 62.95 -15.92 -77.14
CA ILE M 518 62.96 -17.36 -76.93
C ILE M 518 63.17 -18.04 -78.27
N ASP M 519 64.08 -19.01 -78.32
CA ASP M 519 64.36 -19.71 -79.57
C ASP M 519 63.12 -20.47 -80.04
N GLN M 520 62.96 -20.57 -81.36
CA GLN M 520 61.81 -21.24 -81.94
C GLN M 520 61.99 -22.75 -82.04
N HIS M 521 63.22 -23.25 -81.89
CA HIS M 521 63.50 -24.68 -81.93
C HIS M 521 63.65 -25.27 -80.54
N THR M 522 64.62 -24.76 -79.77
CA THR M 522 64.86 -25.26 -78.42
C THR M 522 63.93 -24.62 -77.39
N PHE M 523 63.34 -23.47 -77.69
CA PHE M 523 62.47 -22.77 -76.76
C PHE M 523 63.20 -22.41 -75.47
N GLU M 524 64.49 -22.11 -75.58
CA GLU M 524 65.27 -21.64 -74.44
C GLU M 524 65.26 -20.12 -74.41
N VAL M 525 65.30 -19.58 -73.19
CA VAL M 525 65.28 -18.12 -73.01
C VAL M 525 66.60 -17.54 -73.51
N LEU M 526 66.63 -17.14 -74.78
CA LEU M 526 67.83 -16.55 -75.36
C LEU M 526 68.17 -15.22 -74.69
N HIS M 527 67.16 -14.36 -74.48
CA HIS M 527 67.39 -13.05 -73.90
C HIS M 527 66.22 -12.66 -73.01
N ALA M 528 66.50 -11.82 -72.01
CA ALA M 528 65.47 -11.31 -71.11
C ALA M 528 65.78 -9.86 -70.80
N HIS M 529 64.93 -8.95 -71.31
CA HIS M 529 65.10 -7.52 -71.11
C HIS M 529 64.10 -7.04 -70.07
N GLN M 530 64.60 -6.55 -68.95
CA GLN M 530 63.75 -6.04 -67.88
C GLN M 530 63.44 -4.56 -68.11
N PHE M 531 62.18 -4.19 -67.93
CA PHE M 531 61.74 -2.83 -68.18
C PHE M 531 61.97 -1.96 -66.94
N LEU M 532 61.59 -0.68 -67.05
CA LEU M 532 61.82 0.27 -65.97
C LEU M 532 60.96 -0.07 -64.76
N GLN M 533 61.31 0.55 -63.63
CA GLN M 533 60.55 0.38 -62.41
C GLN M 533 59.19 1.05 -62.53
N ASN M 534 58.15 0.36 -62.09
CA ASN M 534 56.77 0.83 -62.18
C ASN M 534 56.27 0.87 -63.62
N GLU M 535 56.94 0.19 -64.54
CA GLU M 535 56.54 0.17 -65.94
C GLU M 535 55.82 -1.14 -66.24
N TYR M 536 54.65 -1.03 -66.86
CA TYR M 536 53.80 -2.15 -67.21
C TYR M 536 53.74 -2.26 -68.72
N ALA M 537 54.14 -3.41 -69.26
CA ALA M 537 54.12 -3.65 -70.69
C ALA M 537 52.76 -4.18 -71.10
N LEU M 538 52.12 -3.51 -72.05
CA LEU M 538 50.77 -3.85 -72.49
C LEU M 538 50.73 -4.50 -73.85
N SER M 539 51.32 -3.87 -74.87
CA SER M 539 51.23 -4.33 -76.25
C SER M 539 52.60 -4.76 -76.76
N LEU M 540 52.59 -5.48 -77.87
CA LEU M 540 53.81 -6.03 -78.46
C LEU M 540 53.54 -6.37 -79.92
N VAL M 541 54.47 -5.99 -80.79
CA VAL M 541 54.33 -6.28 -82.22
C VAL M 541 55.72 -6.50 -82.81
N SER M 542 55.76 -7.26 -83.90
CA SER M 542 57.00 -7.55 -84.62
C SER M 542 56.75 -7.34 -86.11
N CYS M 543 57.46 -6.40 -86.71
CA CYS M 543 57.17 -5.99 -88.07
C CYS M 543 58.32 -5.17 -88.63
N LYS M 544 58.22 -4.87 -89.92
CA LYS M 544 59.15 -3.98 -90.62
C LYS M 544 58.44 -2.68 -90.92
N LEU M 545 59.09 -1.56 -90.60
CA LEU M 545 58.47 -0.25 -90.68
C LEU M 545 59.16 0.60 -91.75
N GLY M 546 58.36 1.13 -92.68
CA GLY M 546 58.91 2.07 -93.64
C GLY M 546 59.91 1.41 -94.55
N LYS M 547 60.92 2.18 -94.97
CA LYS M 547 61.98 1.69 -95.84
C LYS M 547 62.98 0.79 -95.12
N ASP M 548 62.99 0.78 -93.79
CA ASP M 548 63.98 0.02 -93.04
C ASP M 548 63.78 -1.47 -93.27
N PRO M 549 64.81 -2.21 -93.73
CA PRO M 549 64.65 -3.65 -93.95
C PRO M 549 64.72 -4.48 -92.68
N ASN M 550 65.12 -3.90 -91.55
CA ASN M 550 65.23 -4.64 -90.31
C ASN M 550 63.85 -4.91 -89.71
N THR M 551 63.72 -6.04 -89.04
CA THR M 551 62.50 -6.41 -88.34
C THR M 551 62.70 -6.17 -86.85
N TYR M 552 61.84 -5.34 -86.26
CA TYR M 552 62.01 -4.90 -84.88
C TYR M 552 60.92 -5.48 -83.99
N PHE M 553 61.23 -5.53 -82.70
CA PHE M 553 60.26 -5.84 -81.65
C PHE M 553 59.81 -4.53 -81.02
N ILE M 554 58.54 -4.17 -81.20
CA ILE M 554 58.00 -2.92 -80.70
C ILE M 554 57.09 -3.22 -79.52
N VAL M 555 57.37 -2.57 -78.39
CA VAL M 555 56.66 -2.81 -77.14
C VAL M 555 56.05 -1.50 -76.66
N GLY M 556 54.76 -1.54 -76.30
CA GLY M 556 54.09 -0.41 -75.70
C GLY M 556 53.96 -0.62 -74.20
N THR M 557 54.16 0.46 -73.45
CA THR M 557 54.18 0.38 -71.99
C THR M 557 53.34 1.48 -71.38
N ALA M 558 53.32 1.51 -70.06
CA ALA M 558 52.61 2.53 -69.30
C ALA M 558 53.19 2.58 -67.90
N MET M 559 53.44 3.79 -67.39
CA MET M 559 53.97 3.96 -66.05
C MET M 559 52.81 3.90 -65.06
N VAL M 560 52.76 2.84 -64.27
CA VAL M 560 51.66 2.58 -63.34
C VAL M 560 52.14 2.91 -61.93
N TYR M 561 51.57 3.95 -61.34
CA TYR M 561 51.85 4.29 -59.96
C TYR M 561 50.59 4.09 -59.11
N PRO M 562 50.74 3.80 -57.82
CA PRO M 562 49.57 3.53 -56.97
C PRO M 562 48.67 4.74 -56.80
N GLU M 563 49.26 5.88 -56.48
CA GLU M 563 48.48 7.09 -56.28
C GLU M 563 47.88 7.61 -57.58
N GLU M 564 48.44 7.25 -58.73
CA GLU M 564 47.95 7.72 -60.01
C GLU M 564 46.91 6.73 -60.54
N ALA M 565 45.67 7.18 -60.64
CA ALA M 565 44.58 6.33 -61.14
C ALA M 565 44.79 6.02 -62.62
N GLU M 566 44.57 7.01 -63.49
CA GLU M 566 44.73 6.78 -64.92
C GLU M 566 46.14 7.14 -65.36
N PRO M 567 46.81 6.27 -66.11
CA PRO M 567 48.21 6.52 -66.45
C PRO M 567 48.38 7.75 -67.32
N LYS M 568 49.40 8.55 -67.00
CA LYS M 568 49.72 9.76 -67.76
C LYS M 568 51.08 9.68 -68.43
N GLN M 569 51.75 8.53 -68.36
CA GLN M 569 53.06 8.36 -68.97
C GLN M 569 53.18 6.96 -69.56
N GLY M 570 53.85 6.87 -70.71
CA GLY M 570 54.08 5.58 -71.35
C GLY M 570 55.19 5.69 -72.37
N ARG M 571 55.60 4.54 -72.88
CA ARG M 571 56.67 4.49 -73.86
C ARG M 571 56.30 3.55 -75.00
N ILE M 572 56.86 3.84 -76.17
CA ILE M 572 56.91 2.92 -77.30
C ILE M 572 58.38 2.67 -77.58
N VAL M 573 58.83 1.44 -77.33
CA VAL M 573 60.24 1.08 -77.43
C VAL M 573 60.40 0.14 -78.62
N VAL M 574 61.35 0.46 -79.49
CA VAL M 574 61.67 -0.35 -80.66
C VAL M 574 63.03 -1.00 -80.41
N PHE M 575 63.02 -2.32 -80.21
CA PHE M 575 64.20 -3.14 -80.03
C PHE M 575 64.54 -3.87 -81.33
N GLN M 576 65.80 -4.31 -81.43
CA GLN M 576 66.22 -5.19 -82.50
C GLN M 576 67.07 -6.31 -81.91
N TYR M 577 66.73 -7.55 -82.24
CA TYR M 577 67.47 -8.72 -81.77
C TYR M 577 68.45 -9.16 -82.85
N SER M 578 69.73 -9.20 -82.49
CA SER M 578 70.78 -9.59 -83.42
C SER M 578 72.02 -9.99 -82.63
N ASP M 579 72.70 -11.05 -83.09
CA ASP M 579 73.93 -11.51 -82.46
C ASP M 579 73.70 -11.91 -81.00
N GLY M 580 72.51 -12.47 -80.74
CA GLY M 580 72.23 -12.98 -79.41
C GLY M 580 71.96 -11.93 -78.36
N LYS M 581 71.81 -10.67 -78.75
CA LYS M 581 71.59 -9.58 -77.82
C LYS M 581 70.45 -8.70 -78.31
N LEU M 582 69.73 -8.12 -77.35
CA LEU M 582 68.62 -7.22 -77.64
C LEU M 582 69.04 -5.78 -77.35
N GLN M 583 69.04 -4.94 -78.39
CA GLN M 583 69.47 -3.56 -78.29
C GLN M 583 68.30 -2.62 -78.58
N THR M 584 68.22 -1.54 -77.80
CA THR M 584 67.15 -0.57 -77.94
C THR M 584 67.43 0.33 -79.14
N VAL M 585 66.59 0.23 -80.17
CA VAL M 585 66.75 1.06 -81.37
C VAL M 585 66.16 2.45 -81.13
N ALA M 586 64.92 2.51 -80.65
CA ALA M 586 64.24 3.78 -80.51
C ALA M 586 63.38 3.79 -79.26
N GLU M 587 63.12 4.99 -78.74
CA GLU M 587 62.31 5.19 -77.54
C GLU M 587 61.49 6.45 -77.72
N LYS M 588 60.16 6.32 -77.67
CA LYS M 588 59.25 7.45 -77.84
C LYS M 588 58.34 7.55 -76.62
N GLU M 589 58.39 8.70 -75.96
CA GLU M 589 57.54 8.94 -74.80
C GLU M 589 56.14 9.38 -75.24
N VAL M 590 55.13 8.98 -74.48
CA VAL M 590 53.75 9.33 -74.76
C VAL M 590 53.04 9.68 -73.45
N LYS M 591 51.93 10.43 -73.59
CA LYS M 591 51.27 11.02 -72.43
C LYS M 591 50.19 10.08 -71.90
N GLY M 592 50.39 8.78 -72.01
CA GLY M 592 49.38 7.85 -71.54
C GLY M 592 49.83 6.41 -71.71
N ALA M 593 48.87 5.50 -71.61
CA ALA M 593 49.13 4.07 -71.72
C ALA M 593 48.99 3.63 -73.17
N VAL M 594 50.01 2.93 -73.67
CA VAL M 594 49.95 2.34 -75.00
C VAL M 594 49.22 1.01 -74.91
N TYR M 595 47.90 1.03 -75.09
CA TYR M 595 47.11 -0.18 -74.89
C TYR M 595 47.36 -1.20 -75.99
N SER M 596 47.32 -0.77 -77.24
CA SER M 596 47.47 -1.69 -78.36
C SER M 596 48.30 -1.04 -79.46
N MET M 597 48.88 -1.89 -80.30
CA MET M 597 49.63 -1.45 -81.47
C MET M 597 49.46 -2.47 -82.57
N VAL M 598 49.43 -1.99 -83.81
CA VAL M 598 49.27 -2.85 -84.98
C VAL M 598 50.12 -2.30 -86.12
N GLU M 599 50.53 -3.20 -87.01
CA GLU M 599 51.27 -2.81 -88.20
C GLU M 599 50.29 -2.30 -89.25
N PHE M 600 50.42 -1.02 -89.60
CA PHE M 600 49.46 -0.33 -90.47
C PHE M 600 50.19 0.19 -91.71
N ASN M 601 50.22 -0.62 -92.76
CA ASN M 601 50.73 -0.22 -94.07
C ASN M 601 52.11 0.44 -93.95
N GLY M 602 53.03 -0.27 -93.28
CA GLY M 602 54.38 0.22 -93.10
C GLY M 602 54.53 1.29 -92.05
N LYS M 603 53.46 1.67 -91.37
CA LYS M 603 53.49 2.66 -90.29
C LYS M 603 53.04 1.99 -89.00
N LEU M 604 53.24 2.70 -87.89
CA LEU M 604 52.93 2.16 -86.57
C LEU M 604 51.66 2.82 -86.03
N LEU M 605 50.61 2.03 -85.87
CA LEU M 605 49.34 2.51 -85.34
C LEU M 605 49.26 2.13 -83.86
N ALA M 606 49.31 3.13 -82.99
CA ALA M 606 49.27 2.91 -81.55
C ALA M 606 48.05 3.57 -80.94
N SER M 607 47.75 3.19 -79.70
CA SER M 607 46.61 3.72 -78.97
C SER M 607 47.08 4.18 -77.61
N ILE M 608 46.97 5.48 -77.35
CA ILE M 608 47.37 6.08 -76.09
C ILE M 608 46.11 6.61 -75.43
N ASN M 609 45.56 5.84 -74.49
CA ASN M 609 44.33 6.18 -73.78
C ASN M 609 43.18 6.42 -74.75
N SER M 610 42.79 7.68 -74.94
CA SER M 610 41.68 8.04 -75.81
C SER M 610 42.12 8.36 -77.23
N THR M 611 43.43 8.45 -77.48
CA THR M 611 43.95 8.85 -78.77
C THR M 611 44.37 7.62 -79.58
N VAL M 612 44.04 7.63 -80.87
CA VAL M 612 44.58 6.67 -81.82
C VAL M 612 45.58 7.44 -82.67
N ARG M 613 46.86 7.09 -82.54
CA ARG M 613 47.95 7.83 -83.14
C ARG M 613 48.64 6.98 -84.20
N LEU M 614 49.10 7.64 -85.26
CA LEU M 614 49.78 6.98 -86.37
C LEU M 614 51.16 7.59 -86.53
N TYR M 615 52.18 6.78 -86.32
CA TYR M 615 53.58 7.16 -86.41
C TYR M 615 54.20 6.65 -87.70
N GLU M 616 55.18 7.40 -88.20
CA GLU M 616 56.00 7.02 -89.34
C GLU M 616 57.43 6.78 -88.88
N TRP M 617 58.09 5.82 -89.52
CA TRP M 617 59.47 5.45 -89.20
C TRP M 617 60.40 6.26 -90.11
N THR M 618 60.96 7.34 -89.57
CA THR M 618 61.81 8.21 -90.35
C THR M 618 63.11 7.51 -90.74
N THR M 619 63.83 8.12 -91.68
CA THR M 619 65.13 7.59 -92.08
C THR M 619 66.15 7.69 -90.96
N GLU M 620 65.95 8.59 -90.00
CA GLU M 620 66.81 8.70 -88.83
C GLU M 620 66.53 7.63 -87.79
N LYS M 621 65.70 6.64 -88.12
CA LYS M 621 65.33 5.56 -87.20
C LYS M 621 64.72 6.12 -85.92
N GLU M 622 63.64 6.88 -86.11
CA GLU M 622 62.89 7.44 -84.99
C GLU M 622 61.42 7.50 -85.39
N LEU M 623 60.55 7.42 -84.38
CA LEU M 623 59.11 7.49 -84.62
C LEU M 623 58.67 8.94 -84.72
N ARG M 624 57.97 9.27 -85.80
CA ARG M 624 57.49 10.62 -86.05
C ARG M 624 55.97 10.60 -86.15
N THR M 625 55.32 11.38 -85.29
CA THR M 625 53.87 11.44 -85.29
C THR M 625 53.36 12.01 -86.60
N GLU M 626 52.48 11.27 -87.28
CA GLU M 626 51.84 11.76 -88.50
C GLU M 626 50.35 12.02 -88.34
N CYS M 627 49.64 11.24 -87.52
CA CYS M 627 48.20 11.42 -87.41
C CYS M 627 47.73 11.20 -85.98
N ASN M 628 46.63 11.87 -85.63
CA ASN M 628 45.96 11.69 -84.36
C ASN M 628 44.46 11.65 -84.57
N HIS M 629 43.77 10.88 -83.73
CA HIS M 629 42.31 10.87 -83.72
C HIS M 629 41.85 10.67 -82.28
N TYR M 630 41.21 11.68 -81.71
CA TYR M 630 40.74 11.62 -80.34
C TYR M 630 39.30 11.11 -80.31
N ASN M 631 39.08 10.06 -79.52
CA ASN M 631 37.80 9.37 -79.52
C ASN M 631 37.05 9.62 -78.21
N ASN M 632 35.77 9.28 -78.22
CA ASN M 632 34.93 9.34 -77.04
C ASN M 632 35.15 8.16 -76.11
N ILE M 633 35.80 7.10 -76.58
CA ILE M 633 36.06 5.90 -75.79
C ILE M 633 37.55 5.76 -75.57
N MET M 634 37.95 4.73 -74.82
CA MET M 634 39.35 4.43 -74.54
C MET M 634 39.81 3.36 -75.52
N ALA M 635 40.78 3.70 -76.36
CA ALA M 635 41.25 2.80 -77.42
C ALA M 635 41.98 1.62 -76.80
N LEU M 636 41.19 0.63 -76.36
CA LEU M 636 41.73 -0.60 -75.80
C LEU M 636 42.04 -1.59 -76.91
N TYR M 637 41.00 -2.12 -77.55
CA TYR M 637 41.19 -3.05 -78.64
C TYR M 637 41.45 -2.28 -79.93
N LEU M 638 42.54 -2.65 -80.61
CA LEU M 638 42.92 -2.05 -81.89
C LEU M 638 43.15 -3.16 -82.90
N LYS M 639 42.34 -3.17 -83.96
CA LYS M 639 42.53 -4.08 -85.08
C LYS M 639 42.54 -3.26 -86.36
N THR M 640 43.00 -3.88 -87.45
CA THR M 640 43.11 -3.15 -88.70
C THR M 640 43.04 -4.12 -89.87
N LYS M 641 42.49 -3.62 -90.98
CA LYS M 641 42.43 -4.38 -92.23
C LYS M 641 42.61 -3.38 -93.37
N GLY M 642 43.77 -3.43 -94.02
CA GLY M 642 44.08 -2.49 -95.08
C GLY M 642 44.11 -1.06 -94.61
N ASP M 643 43.06 -0.30 -94.91
CA ASP M 643 42.94 1.08 -94.46
C ASP M 643 41.88 1.27 -93.38
N PHE M 644 41.11 0.24 -93.04
CA PHE M 644 40.11 0.34 -91.99
C PHE M 644 40.73 0.02 -90.63
N ILE M 645 40.28 0.74 -89.60
CA ILE M 645 40.75 0.55 -88.24
C ILE M 645 39.54 0.30 -87.35
N LEU M 646 39.60 -0.75 -86.54
CA LEU M 646 38.55 -1.07 -85.59
C LEU M 646 39.07 -0.76 -84.18
N VAL M 647 38.34 0.10 -83.47
CA VAL M 647 38.70 0.53 -82.12
C VAL M 647 37.60 0.12 -81.17
N GLY M 648 37.99 -0.26 -79.95
CA GLY M 648 37.03 -0.69 -78.96
C GLY M 648 37.52 -0.44 -77.56
N ASP M 649 36.56 -0.37 -76.64
CA ASP M 649 36.85 -0.19 -75.22
C ASP M 649 36.27 -1.37 -74.45
N LEU M 650 36.33 -1.28 -73.12
CA LEU M 650 35.92 -2.38 -72.27
C LEU M 650 34.40 -2.55 -72.20
N MET M 651 33.64 -1.52 -72.59
CA MET M 651 32.18 -1.56 -72.48
C MET M 651 31.52 -1.72 -73.85
N ARG M 652 32.11 -2.54 -74.70
CA ARG M 652 31.50 -2.94 -75.97
C ARG M 652 31.12 -1.73 -76.83
N SER M 653 31.99 -0.72 -76.82
CA SER M 653 31.80 0.49 -77.62
C SER M 653 32.61 0.34 -78.90
N VAL M 654 31.98 -0.22 -79.92
CA VAL M 654 32.66 -0.49 -81.19
C VAL M 654 32.74 0.80 -82.00
N LEU M 655 33.89 1.03 -82.62
CA LEU M 655 34.12 2.20 -83.45
C LEU M 655 34.92 1.77 -84.68
N LEU M 656 34.56 2.31 -85.84
CA LEU M 656 35.21 1.96 -87.10
C LEU M 656 35.66 3.23 -87.78
N LEU M 657 36.99 3.42 -87.87
CA LEU M 657 37.65 4.54 -88.51
C LEU M 657 38.29 4.09 -89.82
N ALA M 658 38.71 5.07 -90.61
CA ALA M 658 39.37 4.81 -91.88
C ALA M 658 40.46 5.85 -92.10
N TYR M 659 41.65 5.40 -92.50
CA TYR M 659 42.75 6.29 -92.81
C TYR M 659 42.58 6.82 -94.22
N LYS M 660 42.49 8.14 -94.36
CA LYS M 660 42.36 8.77 -95.67
C LYS M 660 43.76 9.09 -96.19
N PRO M 661 44.24 8.42 -97.23
CA PRO M 661 45.61 8.65 -97.71
C PRO M 661 45.78 10.02 -98.35
N MET M 662 44.86 10.39 -99.25
CA MET M 662 45.03 11.65 -99.97
C MET M 662 44.90 12.86 -99.05
N GLU M 663 44.12 12.75 -97.98
CA GLU M 663 43.96 13.86 -97.03
C GLU M 663 45.04 13.85 -95.95
N GLY M 664 45.42 12.66 -95.47
CA GLY M 664 46.45 12.55 -94.45
C GLY M 664 45.92 12.70 -93.05
N ASN M 665 44.79 12.06 -92.76
CA ASN M 665 44.20 12.11 -91.43
C ASN M 665 43.17 10.97 -91.33
N PHE M 666 42.58 10.84 -90.15
CA PHE M 666 41.61 9.78 -89.88
C PHE M 666 40.19 10.30 -90.07
N GLU M 667 39.30 9.39 -90.47
CA GLU M 667 37.89 9.69 -90.70
C GLU M 667 37.05 8.60 -90.07
N GLU M 668 36.08 8.99 -89.25
CA GLU M 668 35.20 8.02 -88.61
C GLU M 668 34.19 7.50 -89.61
N ILE M 669 34.11 6.18 -89.72
CA ILE M 669 33.17 5.53 -90.64
C ILE M 669 31.85 5.26 -89.91
N ALA M 670 31.92 4.53 -88.81
CA ALA M 670 30.69 4.13 -88.12
C ALA M 670 31.01 3.78 -86.67
N ARG M 671 29.97 3.36 -85.95
CA ARG M 671 30.11 3.03 -84.54
C ARG M 671 28.86 2.30 -84.07
N ASP M 672 28.96 1.72 -82.87
CA ASP M 672 27.82 1.10 -82.20
C ASP M 672 28.17 1.01 -80.72
N PHE M 673 27.42 1.72 -79.88
CA PHE M 673 27.72 1.81 -78.46
C PHE M 673 26.60 1.14 -77.69
N ASN M 674 26.85 -0.09 -77.24
CA ASN M 674 25.92 -0.81 -76.37
C ASN M 674 26.67 -1.18 -75.10
N PRO M 675 26.30 -0.65 -73.93
CA PRO M 675 27.06 -0.94 -72.71
C PRO M 675 27.02 -2.42 -72.37
N ASN M 676 28.19 -3.05 -72.39
CA ASN M 676 28.33 -4.43 -71.98
C ASN M 676 29.81 -4.78 -71.97
N TRP M 677 30.21 -5.60 -71.01
CA TRP M 677 31.63 -5.95 -70.85
C TRP M 677 32.10 -6.75 -72.06
N MET M 678 33.15 -6.26 -72.71
CA MET M 678 33.72 -6.91 -73.88
C MET M 678 35.15 -7.36 -73.56
N SER M 679 35.50 -8.55 -74.04
CA SER M 679 36.79 -9.18 -73.74
C SER M 679 37.73 -9.23 -74.93
N ALA M 680 37.22 -9.27 -76.15
CA ALA M 680 38.09 -9.32 -77.32
C ALA M 680 37.28 -8.92 -78.55
N VAL M 681 38.00 -8.62 -79.63
CA VAL M 681 37.38 -8.16 -80.87
C VAL M 681 38.28 -8.56 -82.03
N GLU M 682 37.69 -8.64 -83.21
CA GLU M 682 38.42 -9.04 -84.40
C GLU M 682 37.63 -8.64 -85.63
N ILE M 683 38.33 -8.46 -86.74
CA ILE M 683 37.73 -8.09 -88.02
C ILE M 683 37.61 -9.35 -88.86
N LEU M 684 36.38 -9.76 -89.15
CA LEU M 684 36.17 -10.95 -89.98
C LEU M 684 36.46 -10.65 -91.45
N ASP M 685 35.76 -9.67 -92.02
CA ASP M 685 36.01 -9.21 -93.38
C ASP M 685 35.85 -7.70 -93.42
N ASP M 686 35.76 -7.15 -94.63
CA ASP M 686 35.70 -5.70 -94.79
C ASP M 686 34.44 -5.10 -94.17
N ASP M 687 33.38 -5.90 -93.98
CA ASP M 687 32.10 -5.40 -93.49
C ASP M 687 31.65 -6.00 -92.16
N ASN M 688 32.16 -7.16 -91.78
CA ASN M 688 31.75 -7.80 -90.54
C ASN M 688 32.85 -7.71 -89.49
N PHE M 689 32.44 -7.64 -88.22
CA PHE M 689 33.35 -7.52 -87.10
C PHE M 689 32.87 -8.42 -85.97
N LEU M 690 33.75 -9.30 -85.50
CA LEU M 690 33.45 -10.28 -84.46
C LEU M 690 33.95 -9.80 -83.11
N GLY M 691 33.22 -10.16 -82.05
CA GLY M 691 33.62 -9.77 -80.72
C GLY M 691 33.02 -10.69 -79.68
N ALA M 692 33.58 -10.63 -78.47
CA ALA M 692 33.13 -11.43 -77.35
C ALA M 692 32.69 -10.51 -76.22
N GLU M 693 31.44 -10.64 -75.78
CA GLU M 693 30.87 -9.80 -74.74
C GLU M 693 30.34 -10.63 -73.59
N ASN M 694 29.89 -9.90 -72.57
CA ASN M 694 29.65 -10.46 -71.26
C ASN M 694 28.76 -11.68 -71.33
N ALA M 695 28.91 -12.54 -70.33
CA ALA M 695 28.16 -13.78 -70.21
C ALA M 695 28.62 -14.81 -71.25
N PHE M 696 29.90 -14.75 -71.61
CA PHE M 696 30.49 -15.72 -72.55
C PHE M 696 29.71 -15.75 -73.86
N ASN M 697 29.48 -14.57 -74.44
CA ASN M 697 28.72 -14.48 -75.67
C ASN M 697 29.60 -14.00 -76.81
N LEU M 698 29.26 -14.44 -78.02
CA LEU M 698 29.88 -13.97 -79.25
C LEU M 698 28.87 -13.15 -80.04
N PHE M 699 29.32 -12.04 -80.58
CA PHE M 699 28.47 -11.15 -81.37
C PHE M 699 29.21 -10.73 -82.63
N VAL M 700 28.41 -10.34 -83.62
CA VAL M 700 28.91 -9.93 -84.93
C VAL M 700 28.16 -8.68 -85.36
N CYS M 701 28.90 -7.58 -85.55
CA CYS M 701 28.38 -6.33 -86.09
C CYS M 701 28.70 -6.24 -87.58
N GLN M 702 27.92 -5.44 -88.29
CA GLN M 702 28.05 -5.31 -89.73
C GLN M 702 27.99 -3.85 -90.13
N LYS M 703 28.93 -3.44 -90.99
CA LYS M 703 28.97 -2.09 -91.50
C LYS M 703 28.00 -1.94 -92.67
N ASP M 704 27.11 -0.97 -92.58
CA ASP M 704 26.12 -0.72 -93.63
C ASP M 704 26.68 0.31 -94.60
N SER M 705 27.17 -0.16 -95.74
CA SER M 705 27.60 0.71 -96.81
C SER M 705 26.55 0.71 -97.92
N ALA M 706 26.46 1.84 -98.62
CA ALA M 706 25.52 2.03 -99.73
C ALA M 706 24.09 2.24 -99.24
N ALA M 707 23.90 2.64 -97.99
CA ALA M 707 22.57 2.93 -97.48
C ALA M 707 22.06 4.24 -98.09
N THR M 708 20.92 4.73 -97.59
CA THR M 708 20.37 6.01 -98.03
C THR M 708 20.80 7.16 -97.13
N THR M 709 20.48 7.07 -95.83
CA THR M 709 20.77 8.13 -94.88
C THR M 709 22.18 8.01 -94.33
N ASP M 710 22.85 9.16 -94.18
CA ASP M 710 24.11 9.17 -93.45
C ASP M 710 23.95 8.63 -92.05
N GLU M 711 22.78 8.86 -91.44
CA GLU M 711 22.53 8.37 -90.09
C GLU M 711 22.67 6.85 -90.02
N GLU M 712 21.96 6.14 -90.89
CA GLU M 712 22.04 4.68 -90.87
C GLU M 712 23.37 4.16 -91.38
N ARG M 713 24.02 4.91 -92.27
CA ARG M 713 25.32 4.47 -92.77
C ARG M 713 26.35 4.41 -91.65
N GLN M 714 26.27 5.33 -90.69
CA GLN M 714 27.25 5.44 -89.63
C GLN M 714 26.89 4.59 -88.41
N HIS M 715 26.03 3.59 -88.57
CA HIS M 715 25.63 2.71 -87.48
C HIS M 715 25.89 1.26 -87.86
N LEU M 716 26.60 0.55 -87.01
CA LEU M 716 26.89 -0.86 -87.20
C LEU M 716 25.74 -1.68 -86.63
N GLN M 717 25.10 -2.49 -87.47
CA GLN M 717 23.95 -3.28 -87.06
C GLN M 717 24.41 -4.60 -86.46
N GLU M 718 23.85 -4.97 -85.32
CA GLU M 718 24.18 -6.23 -84.66
C GLU M 718 23.53 -7.37 -85.43
N VAL M 719 24.34 -8.13 -86.16
CA VAL M 719 23.81 -9.17 -87.05
C VAL M 719 24.03 -10.57 -86.52
N GLY M 720 24.79 -10.76 -85.46
CA GLY M 720 24.99 -12.10 -84.93
C GLY M 720 25.11 -12.18 -83.42
N LEU M 721 24.42 -13.14 -82.80
CA LEU M 721 24.49 -13.37 -81.37
C LEU M 721 24.52 -14.87 -81.10
N PHE M 722 25.36 -15.29 -80.14
CA PHE M 722 25.52 -16.72 -79.88
C PHE M 722 26.21 -16.96 -78.54
N HIS M 723 25.57 -17.70 -77.64
CA HIS M 723 26.17 -18.01 -76.35
C HIS M 723 27.22 -19.08 -76.53
N LEU M 724 28.50 -18.69 -76.49
CA LEU M 724 29.59 -19.63 -76.68
C LEU M 724 29.83 -20.48 -75.43
N GLY M 725 29.69 -19.88 -74.25
CA GLY M 725 29.99 -20.56 -73.01
C GLY M 725 31.44 -20.48 -72.58
N GLU M 726 32.27 -19.74 -73.30
CA GLU M 726 33.68 -19.56 -72.96
C GLU M 726 34.02 -18.08 -72.97
N PHE M 727 35.03 -17.72 -72.20
CA PHE M 727 35.50 -16.34 -72.10
C PHE M 727 36.68 -16.18 -73.05
N VAL M 728 36.43 -15.58 -74.22
CA VAL M 728 37.47 -15.41 -75.21
C VAL M 728 38.42 -14.31 -74.77
N ASN M 729 39.72 -14.57 -74.86
CA ASN M 729 40.74 -13.58 -74.57
C ASN M 729 41.49 -13.10 -75.80
N VAL M 730 41.62 -13.92 -76.84
CA VAL M 730 42.40 -13.55 -78.00
C VAL M 730 41.78 -14.20 -79.24
N PHE M 731 41.51 -13.38 -80.24
CA PHE M 731 41.22 -13.82 -81.60
C PHE M 731 42.49 -13.74 -82.43
N CYS M 732 42.59 -14.62 -83.43
CA CYS M 732 43.79 -14.69 -84.25
C CYS M 732 43.45 -15.33 -85.58
N HIS M 733 43.75 -14.65 -86.68
CA HIS M 733 43.49 -15.23 -87.99
C HIS M 733 44.49 -16.33 -88.30
N GLY M 734 43.99 -17.47 -88.76
CA GLY M 734 44.84 -18.59 -89.08
C GLY M 734 44.05 -19.88 -89.06
N SER M 735 44.74 -20.96 -89.44
CA SER M 735 44.14 -22.28 -89.49
C SER M 735 45.18 -23.33 -89.17
N LEU M 736 44.77 -24.35 -88.41
CA LEU M 736 45.66 -25.43 -87.99
C LEU M 736 45.63 -26.64 -88.92
N VAL M 737 45.12 -26.48 -90.13
CA VAL M 737 45.08 -27.56 -91.11
C VAL M 737 45.88 -27.13 -92.33
N MET M 738 46.15 -28.10 -93.19
CA MET M 738 46.87 -27.82 -94.43
C MET M 738 46.05 -26.89 -95.30
N GLN M 739 46.65 -25.77 -95.70
CA GLN M 739 45.93 -24.75 -96.47
C GLN M 739 45.52 -25.25 -97.86
N ASN M 740 46.01 -26.41 -98.30
CA ASN M 740 45.58 -27.00 -99.56
C ASN M 740 46.02 -26.15 -100.74
N LEU M 741 47.01 -26.65 -101.51
CA LEU M 741 47.51 -25.93 -102.67
C LEU M 741 46.45 -25.75 -103.73
N GLY M 742 46.02 -26.85 -104.36
CA GLY M 742 45.01 -26.80 -105.38
C GLY M 742 43.65 -26.36 -104.87
N GLU M 743 43.25 -25.12 -105.17
CA GLU M 743 41.99 -24.59 -104.70
C GLU M 743 40.82 -25.37 -105.29
N THR M 744 40.12 -26.12 -104.45
CA THR M 744 39.01 -26.97 -104.88
C THR M 744 37.73 -26.49 -104.19
N SER M 745 37.23 -25.33 -104.62
CA SER M 745 35.97 -24.77 -104.16
C SER M 745 35.72 -25.03 -102.67
N THR M 746 36.29 -24.20 -101.82
CA THR M 746 36.12 -24.38 -100.39
C THR M 746 34.70 -23.97 -99.98
N PRO M 747 34.06 -24.72 -99.06
CA PRO M 747 32.71 -24.36 -98.62
C PRO M 747 32.71 -23.21 -97.63
N THR M 748 33.75 -23.12 -96.80
CA THR M 748 33.86 -22.08 -95.79
C THR M 748 34.91 -21.06 -96.22
N GLN M 749 34.63 -19.78 -95.93
CA GLN M 749 35.53 -18.69 -96.26
C GLN M 749 36.03 -18.05 -94.97
N GLY M 750 37.34 -17.85 -94.88
CA GLY M 750 37.94 -17.26 -93.71
C GLY M 750 38.20 -18.28 -92.61
N SER M 751 39.03 -17.88 -91.65
CA SER M 751 39.37 -18.75 -90.53
C SER M 751 39.92 -17.89 -89.40
N VAL M 752 39.27 -17.94 -88.24
CA VAL M 752 39.67 -17.13 -87.10
C VAL M 752 39.63 -18.02 -85.87
N LEU M 753 40.79 -18.38 -85.35
CA LEU M 753 40.86 -19.12 -84.10
C LEU M 753 40.74 -18.17 -82.92
N PHE M 754 40.41 -18.73 -81.76
CA PHE M 754 40.30 -17.93 -80.54
C PHE M 754 40.60 -18.79 -79.33
N GLY M 755 41.30 -18.19 -78.37
CA GLY M 755 41.66 -18.86 -77.11
C GLY M 755 40.82 -18.31 -75.97
N THR M 756 40.51 -19.18 -75.02
CA THR M 756 39.62 -18.86 -73.91
C THR M 756 40.33 -19.09 -72.57
N VAL M 757 39.60 -18.80 -71.49
CA VAL M 757 40.16 -18.93 -70.15
C VAL M 757 40.20 -20.38 -69.69
N ASN M 758 39.25 -21.20 -70.13
CA ASN M 758 39.21 -22.61 -69.79
C ASN M 758 40.11 -23.47 -70.68
N GLY M 759 41.02 -22.85 -71.43
CA GLY M 759 41.87 -23.59 -72.34
C GLY M 759 41.19 -24.05 -73.60
N MET M 760 39.89 -23.78 -73.76
CA MET M 760 39.18 -24.17 -74.97
C MET M 760 39.60 -23.31 -76.14
N ILE M 761 39.87 -23.94 -77.28
CA ILE M 761 40.24 -23.24 -78.50
C ILE M 761 39.11 -23.43 -79.51
N GLY M 762 38.69 -22.35 -80.15
CA GLY M 762 37.60 -22.41 -81.09
C GLY M 762 37.98 -21.82 -82.43
N LEU M 763 37.16 -22.11 -83.44
CA LEU M 763 37.40 -21.61 -84.79
C LEU M 763 36.11 -21.09 -85.39
N VAL M 764 36.18 -19.90 -85.98
CA VAL M 764 35.04 -19.25 -86.60
C VAL M 764 35.36 -19.04 -88.09
N THR M 765 34.35 -19.25 -88.93
CA THR M 765 34.48 -19.08 -90.36
C THR M 765 33.17 -18.55 -90.92
N SER M 766 33.22 -18.10 -92.16
CA SER M 766 32.05 -17.54 -92.83
C SER M 766 31.47 -18.55 -93.80
N LEU M 767 30.15 -18.49 -93.98
CA LEU M 767 29.41 -19.39 -94.86
C LEU M 767 28.63 -18.58 -95.89
N SER M 768 27.90 -19.30 -96.75
CA SER M 768 26.99 -18.71 -97.71
C SER M 768 25.55 -18.84 -97.20
N GLU M 769 24.67 -18.01 -97.75
CA GLU M 769 23.28 -18.01 -97.31
C GLU M 769 22.65 -19.38 -97.48
N SER M 770 22.90 -20.04 -98.61
CA SER M 770 22.35 -21.36 -98.83
C SER M 770 22.88 -22.35 -97.80
N TRP M 771 24.20 -22.41 -97.65
CA TRP M 771 24.79 -23.30 -96.67
C TRP M 771 24.29 -22.99 -95.26
N TYR M 772 24.15 -21.71 -94.94
CA TYR M 772 23.70 -21.33 -93.60
C TYR M 772 22.27 -21.80 -93.34
N ASN M 773 21.37 -21.56 -94.29
CA ASN M 773 19.99 -22.00 -94.11
C ASN M 773 19.91 -23.52 -94.01
N LEU M 774 20.68 -24.22 -94.85
CA LEU M 774 20.70 -25.67 -94.79
C LEU M 774 21.15 -26.14 -93.42
N LEU M 775 22.26 -25.59 -92.92
CA LEU M 775 22.79 -26.01 -91.62
C LEU M 775 21.84 -25.63 -90.49
N LEU M 776 21.11 -24.53 -90.62
CA LEU M 776 20.17 -24.13 -89.58
C LEU M 776 19.00 -25.12 -89.52
N ASP M 777 18.40 -25.42 -90.67
CA ASP M 777 17.37 -26.44 -90.70
C ASP M 777 17.90 -27.77 -90.18
N MET M 778 19.17 -28.06 -90.47
CA MET M 778 19.75 -29.33 -90.03
C MET M 778 19.95 -29.34 -88.52
N GLN M 779 20.30 -28.19 -87.93
CA GLN M 779 20.38 -28.09 -86.48
C GLN M 779 19.00 -28.32 -85.86
N ASN M 780 17.98 -27.68 -86.42
CA ASN M 780 16.63 -27.85 -85.90
C ASN M 780 16.17 -29.30 -85.98
N ARG M 781 16.59 -30.02 -87.03
CA ARG M 781 16.23 -31.43 -87.17
C ARG M 781 17.06 -32.31 -86.23
N LEU M 782 18.34 -31.97 -86.03
CA LEU M 782 19.19 -32.75 -85.14
C LEU M 782 18.72 -32.67 -83.70
N ASN M 783 18.26 -31.48 -83.28
CA ASN M 783 17.84 -31.31 -81.89
C ASN M 783 16.71 -32.27 -81.53
N LYS M 784 15.93 -32.71 -82.52
CA LYS M 784 14.81 -33.60 -82.24
C LYS M 784 15.27 -35.03 -81.96
N VAL M 785 16.39 -35.45 -82.54
CA VAL M 785 16.84 -36.82 -82.43
C VAL M 785 17.98 -36.92 -81.41
N ILE M 786 18.72 -35.83 -81.22
CA ILE M 786 19.85 -35.86 -80.29
C ILE M 786 19.32 -35.89 -78.86
N LYS M 787 20.06 -36.56 -77.99
CA LYS M 787 19.71 -36.71 -76.59
C LYS M 787 20.61 -35.83 -75.74
N SER M 788 20.00 -34.87 -75.02
CA SER M 788 20.74 -33.91 -74.24
C SER M 788 20.89 -34.39 -72.80
N VAL M 789 22.12 -34.31 -72.28
CA VAL M 789 22.36 -34.67 -70.89
C VAL M 789 21.64 -33.67 -69.99
N GLY M 790 20.79 -34.18 -69.11
CA GLY M 790 19.94 -33.33 -68.31
C GLY M 790 18.72 -32.79 -69.03
N LYS M 791 18.54 -33.13 -70.30
CA LYS M 791 17.39 -32.69 -71.08
C LYS M 791 17.34 -31.16 -71.16
N ILE M 792 18.49 -30.57 -71.47
CA ILE M 792 18.61 -29.13 -71.67
C ILE M 792 18.42 -28.83 -73.15
N GLU M 793 17.52 -27.91 -73.46
CA GLU M 793 17.27 -27.54 -74.85
C GLU M 793 18.49 -26.85 -75.44
N HIS M 794 18.91 -27.29 -76.62
CA HIS M 794 20.03 -26.65 -77.30
C HIS M 794 19.73 -25.20 -77.62
N SER M 795 18.49 -24.91 -78.02
CA SER M 795 18.12 -23.53 -78.32
C SER M 795 18.29 -22.64 -77.09
N PHE M 796 17.83 -23.10 -75.93
CA PHE M 796 17.99 -22.34 -74.70
C PHE M 796 19.47 -22.22 -74.32
N TRP M 797 20.25 -23.26 -74.60
CA TRP M 797 21.66 -23.25 -74.22
C TRP M 797 22.44 -22.22 -75.03
N ARG M 798 22.25 -22.20 -76.34
CA ARG M 798 23.00 -21.30 -77.21
C ARG M 798 22.36 -19.91 -77.32
N SER M 799 21.25 -19.66 -76.65
CA SER M 799 20.62 -18.35 -76.73
C SER M 799 21.46 -17.30 -76.03
N PHE M 800 21.60 -16.14 -76.68
CA PHE M 800 22.28 -15.00 -76.08
C PHE M 800 21.66 -14.68 -74.73
N HIS M 801 22.48 -14.68 -73.69
CA HIS M 801 22.00 -14.53 -72.32
C HIS M 801 22.84 -13.52 -71.56
N THR M 802 22.16 -12.56 -70.95
CA THR M 802 22.75 -11.67 -69.95
C THR M 802 21.74 -11.50 -68.82
N GLU M 803 22.21 -10.97 -67.69
CA GLU M 803 21.32 -10.75 -66.56
C GLU M 803 20.16 -9.83 -66.94
N ARG M 804 20.38 -8.94 -67.91
CA ARG M 804 19.32 -8.01 -68.33
C ARG M 804 18.38 -8.69 -69.33
N LYS M 805 18.88 -8.91 -70.55
CA LYS M 805 18.08 -9.47 -71.63
C LYS M 805 18.61 -10.84 -72.02
N THR M 806 17.72 -11.66 -72.58
CA THR M 806 18.07 -13.01 -73.04
C THR M 806 17.33 -13.26 -74.36
N GLU M 807 18.05 -13.16 -75.47
CA GLU M 807 17.47 -13.31 -76.80
C GLU M 807 17.95 -14.60 -77.47
N PRO M 808 17.25 -15.04 -78.52
CA PRO M 808 17.68 -16.25 -79.23
C PRO M 808 18.92 -15.98 -80.07
N ALA M 809 19.67 -17.07 -80.32
CA ALA M 809 20.89 -16.96 -81.11
C ALA M 809 20.56 -16.74 -82.57
N THR M 810 21.38 -15.94 -83.25
CA THR M 810 21.20 -15.64 -84.66
C THR M 810 22.56 -15.53 -85.34
N GLY M 811 22.58 -15.89 -86.62
CA GLY M 811 23.77 -15.71 -87.43
C GLY M 811 24.95 -16.58 -87.04
N PHE M 812 24.70 -17.69 -86.35
CA PHE M 812 25.76 -18.60 -85.94
C PHE M 812 25.29 -20.04 -86.09
N ILE M 813 26.19 -20.90 -86.53
CA ILE M 813 25.93 -22.33 -86.68
C ILE M 813 26.79 -23.07 -85.67
N ASP M 814 26.17 -23.79 -84.75
CA ASP M 814 26.92 -24.54 -83.75
C ASP M 814 27.61 -25.71 -84.42
N GLY M 815 28.93 -25.60 -84.58
CA GLY M 815 29.68 -26.64 -85.26
C GLY M 815 29.71 -27.95 -84.51
N ASP M 816 29.69 -27.89 -83.18
CA ASP M 816 29.66 -29.12 -82.39
C ASP M 816 28.40 -29.93 -82.69
N LEU M 817 27.25 -29.25 -82.74
CA LEU M 817 25.99 -29.94 -83.01
C LEU M 817 25.96 -30.50 -84.44
N ILE M 818 26.51 -29.75 -85.40
CA ILE M 818 26.52 -30.23 -86.77
C ILE M 818 27.44 -31.44 -86.92
N GLU M 819 28.62 -31.39 -86.31
CA GLU M 819 29.56 -32.50 -86.44
C GLU M 819 29.17 -33.71 -85.60
N SER M 820 28.30 -33.53 -84.60
CA SER M 820 27.78 -34.70 -83.90
C SER M 820 26.94 -35.59 -84.79
N PHE M 821 26.60 -35.15 -86.01
CA PHE M 821 25.77 -35.95 -86.91
C PHE M 821 26.49 -37.22 -87.33
N LEU M 822 27.81 -37.18 -87.43
CA LEU M 822 28.58 -38.35 -87.85
C LEU M 822 28.69 -39.41 -86.76
N ASP M 823 28.35 -39.09 -85.52
CA ASP M 823 28.55 -40.00 -84.39
C ASP M 823 27.23 -40.59 -83.89
N ILE M 824 26.19 -40.60 -84.72
CA ILE M 824 24.91 -41.17 -84.34
C ILE M 824 24.59 -42.34 -85.26
N SER M 825 23.53 -43.08 -84.90
CA SER M 825 23.13 -44.25 -85.66
C SER M 825 22.51 -43.84 -86.99
N ARG M 826 22.46 -44.81 -87.91
CA ARG M 826 21.98 -44.57 -89.27
C ARG M 826 20.47 -44.39 -89.32
N PRO M 827 19.69 -45.10 -88.51
CA PRO M 827 18.24 -44.82 -88.47
C PRO M 827 17.91 -43.39 -88.06
N LYS M 828 18.59 -42.87 -87.04
CA LYS M 828 18.38 -41.47 -86.68
C LYS M 828 18.89 -40.52 -87.75
N MET M 829 19.98 -40.90 -88.44
CA MET M 829 20.41 -40.13 -89.60
C MET M 829 19.31 -40.05 -90.64
N GLN M 830 18.63 -41.17 -90.90
CA GLN M 830 17.51 -41.16 -91.83
C GLN M 830 16.36 -40.31 -91.31
N GLU M 831 16.12 -40.35 -90.00
CA GLU M 831 15.11 -39.48 -89.40
C GLU M 831 15.42 -38.02 -89.69
N VAL M 832 16.69 -37.62 -89.58
CA VAL M 832 17.07 -36.22 -89.79
C VAL M 832 16.81 -35.81 -91.24
N VAL M 833 17.18 -36.67 -92.19
CA VAL M 833 17.09 -36.32 -93.61
C VAL M 833 15.71 -36.66 -94.16
N ALA M 834 14.78 -36.99 -93.27
CA ALA M 834 13.43 -37.35 -93.70
C ALA M 834 12.73 -36.14 -94.31
N ASN M 835 12.33 -36.25 -95.58
CA ASN M 835 11.63 -35.18 -96.28
C ASN M 835 12.47 -33.91 -96.33
N LEU M 836 13.76 -34.07 -96.65
CA LEU M 836 14.71 -32.98 -96.70
C LEU M 836 15.29 -32.88 -98.10
N GLN M 837 15.19 -31.70 -98.70
CA GLN M 837 15.68 -31.46 -100.05
C GLN M 837 17.12 -30.96 -100.02
N TYR M 838 17.94 -31.49 -100.92
CA TYR M 838 19.38 -31.21 -100.95
C TYR M 838 19.82 -30.89 -102.36
N ASP M 839 20.84 -30.03 -102.46
CA ASP M 839 21.41 -29.59 -103.72
C ASP M 839 22.86 -30.07 -103.77
N ASP M 840 23.16 -30.93 -104.74
CA ASP M 840 24.50 -31.48 -104.93
C ASP M 840 25.28 -30.79 -106.05
N GLY M 841 24.74 -29.71 -106.60
CA GLY M 841 25.41 -29.00 -107.66
C GLY M 841 24.50 -28.60 -108.80
N SER M 842 23.95 -27.39 -108.73
CA SER M 842 23.10 -26.84 -109.78
C SER M 842 21.78 -27.58 -109.89
N GLY M 843 21.79 -28.71 -110.61
CA GLY M 843 20.58 -29.51 -110.77
C GLY M 843 20.31 -30.44 -109.60
N MET M 844 19.06 -30.45 -109.15
CA MET M 844 18.65 -31.27 -108.01
C MET M 844 19.37 -30.78 -106.74
N LYS M 845 18.63 -30.32 -105.73
CA LYS M 845 17.17 -30.30 -105.71
C LYS M 845 16.58 -31.71 -105.75
N ARG M 846 17.05 -32.58 -104.85
CA ARG M 846 16.57 -33.95 -104.80
C ARG M 846 16.47 -34.40 -103.35
N GLU M 847 15.88 -35.57 -103.14
CA GLU M 847 15.74 -36.12 -101.80
C GLU M 847 17.10 -36.46 -101.23
N ALA M 848 17.40 -35.91 -100.05
CA ALA M 848 18.71 -36.09 -99.43
C ALA M 848 18.81 -37.46 -98.78
N THR M 849 19.95 -38.11 -98.99
CA THR M 849 20.27 -39.38 -98.35
C THR M 849 21.27 -39.15 -97.23
N ALA M 850 21.39 -40.15 -96.36
CA ALA M 850 22.34 -40.04 -95.24
C ALA M 850 23.77 -39.88 -95.74
N ASP M 851 24.09 -40.47 -96.90
CA ASP M 851 25.48 -40.45 -97.38
C ASP M 851 25.87 -39.06 -97.87
N ASP M 852 24.97 -38.36 -98.55
CA ASP M 852 25.28 -37.00 -99.00
C ASP M 852 25.59 -36.09 -97.81
N LEU M 853 24.76 -36.15 -96.77
CA LEU M 853 24.97 -35.31 -95.59
C LEU M 853 26.21 -35.74 -94.83
N ILE M 854 26.51 -37.03 -94.79
CA ILE M 854 27.76 -37.48 -94.18
C ILE M 854 28.96 -36.92 -94.92
N LYS M 855 28.88 -36.89 -96.26
CA LYS M 855 29.96 -36.31 -97.06
C LYS M 855 30.11 -34.83 -96.74
N VAL M 856 28.99 -34.10 -96.64
CA VAL M 856 29.06 -32.67 -96.35
C VAL M 856 29.67 -32.43 -94.97
N VAL M 857 29.24 -33.21 -93.97
CA VAL M 857 29.74 -33.00 -92.61
C VAL M 857 31.21 -33.39 -92.51
N GLU M 858 31.63 -34.41 -93.26
CA GLU M 858 33.05 -34.78 -93.29
C GLU M 858 33.88 -33.69 -93.96
N GLU M 859 33.32 -33.03 -94.97
CA GLU M 859 33.99 -31.87 -95.53
C GLU M 859 34.11 -30.76 -94.50
N LEU M 860 33.06 -30.56 -93.69
CA LEU M 860 33.12 -29.55 -92.64
C LEU M 860 34.20 -29.86 -91.61
N THR M 861 34.32 -31.13 -91.22
CA THR M 861 35.24 -31.51 -90.16
C THR M 861 36.71 -31.29 -90.52
N ARG M 862 37.03 -31.00 -91.77
CA ARG M 862 38.41 -30.85 -92.21
C ARG M 862 38.95 -29.44 -92.03
N ILE M 863 38.14 -28.50 -91.56
CA ILE M 863 38.62 -27.13 -91.33
C ILE M 863 39.39 -26.99 -90.03
N HIS M 864 39.41 -28.03 -89.19
CA HIS M 864 40.14 -27.99 -87.93
C HIS M 864 40.74 -29.36 -87.63
N ILE N 68 30.04 28.75 -41.74
CA ILE N 68 29.70 27.35 -41.90
C ILE N 68 28.78 26.90 -40.76
N ASN N 69 27.63 27.58 -40.64
CA ASN N 69 26.67 27.23 -39.59
C ASN N 69 25.23 27.54 -39.99
N PHE N 70 24.94 27.68 -41.29
CA PHE N 70 23.61 28.01 -41.77
C PHE N 70 22.56 27.00 -41.32
N ASP N 71 22.51 25.85 -42.02
CA ASP N 71 21.55 24.78 -41.78
C ASP N 71 21.16 24.17 -43.11
N THR N 72 21.91 23.17 -43.57
CA THR N 72 21.74 22.63 -44.91
C THR N 72 20.36 21.99 -45.12
N SER N 73 19.57 21.81 -44.06
CA SER N 73 18.25 21.21 -44.18
C SER N 73 17.15 22.22 -44.46
N LEU N 74 17.47 23.52 -44.48
CA LEU N 74 16.48 24.57 -44.71
C LEU N 74 16.10 24.71 -46.17
N PRO N 75 17.07 24.76 -47.09
CA PRO N 75 16.72 24.91 -48.52
C PRO N 75 15.86 23.78 -49.04
N THR N 76 16.14 22.54 -48.63
CA THR N 76 15.38 21.39 -49.12
C THR N 76 13.91 21.44 -48.68
N SER N 77 13.59 22.12 -47.57
CA SER N 77 12.22 22.21 -47.11
C SER N 77 11.36 23.13 -47.97
N HIS N 78 11.98 24.07 -48.68
CA HIS N 78 11.26 25.05 -49.49
C HIS N 78 10.23 25.79 -48.64
N THR N 79 10.69 26.28 -47.48
CA THR N 79 9.80 26.95 -46.55
C THR N 79 9.20 28.24 -47.13
N TYR N 80 9.82 28.80 -48.16
CA TYR N 80 9.30 30.01 -48.80
C TYR N 80 7.96 29.77 -49.49
N LEU N 81 7.57 28.52 -49.71
CA LEU N 81 6.30 28.21 -50.37
C LEU N 81 5.10 28.30 -49.43
N GLY N 82 5.32 28.51 -48.13
CA GLY N 82 4.22 28.72 -47.21
C GLY N 82 3.94 27.56 -46.28
N ALA N 83 2.66 27.36 -45.95
CA ALA N 83 2.28 26.34 -45.00
C ALA N 83 2.68 24.95 -45.49
N ASP N 84 2.55 23.97 -44.60
CA ASP N 84 2.90 22.60 -44.95
C ASP N 84 1.93 22.06 -45.98
N MET N 85 2.47 21.34 -46.96
CA MET N 85 1.69 20.82 -48.06
C MET N 85 1.10 19.46 -47.72
N GLU N 86 0.04 19.09 -48.44
CA GLU N 86 -0.51 17.75 -48.36
C GLU N 86 0.47 16.78 -49.01
N GLU N 87 0.82 15.72 -48.29
CA GLU N 87 1.84 14.78 -48.73
C GLU N 87 1.22 13.45 -49.10
N PHE N 88 1.82 12.80 -50.08
CA PHE N 88 1.40 11.46 -50.51
C PHE N 88 2.49 10.45 -50.14
N HIS N 89 2.05 9.21 -49.92
CA HIS N 89 2.98 8.11 -49.63
C HIS N 89 3.02 7.05 -50.70
N GLY N 90 2.03 7.00 -51.59
CA GLY N 90 2.05 6.02 -52.66
C GLY N 90 3.05 6.37 -53.74
N ARG N 91 3.50 5.33 -54.46
CA ARG N 91 4.50 5.47 -55.50
C ARG N 91 4.02 4.76 -56.76
N THR N 92 4.25 5.39 -57.91
CA THR N 92 3.85 4.87 -59.21
C THR N 92 5.09 4.70 -60.07
N LEU N 93 5.29 3.49 -60.59
CA LEU N 93 6.40 3.20 -61.50
C LEU N 93 5.88 2.35 -62.64
N HIS N 94 6.24 2.72 -63.87
CA HIS N 94 5.81 1.99 -65.05
C HIS N 94 6.84 0.94 -65.43
N ASP N 95 6.39 -0.09 -66.12
CA ASP N 95 7.27 -1.19 -66.52
C ASP N 95 8.29 -0.70 -67.54
N ASP N 96 9.50 -1.25 -67.45
CA ASP N 96 10.55 -0.87 -68.39
C ASP N 96 10.14 -1.21 -69.82
N ASP N 97 10.52 -0.34 -70.76
CA ASP N 97 10.28 -0.48 -72.18
C ASP N 97 8.81 -0.32 -72.56
N SER N 98 7.94 -0.04 -71.59
CA SER N 98 6.51 0.07 -71.88
C SER N 98 6.19 1.43 -72.50
N CYS N 99 5.04 1.47 -73.18
CA CYS N 99 4.55 2.69 -73.82
C CYS N 99 3.47 3.32 -72.93
N GLN N 100 3.56 4.64 -72.74
CA GLN N 100 2.65 5.36 -71.86
C GLN N 100 2.29 6.69 -72.48
N VAL N 101 1.17 7.26 -72.05
CA VAL N 101 0.72 8.59 -72.48
C VAL N 101 0.63 9.47 -71.25
N ILE N 102 1.55 10.41 -71.13
CA ILE N 102 1.63 11.22 -69.91
C ILE N 102 1.45 12.70 -70.24
N PRO N 103 0.76 13.46 -69.40
CA PRO N 103 0.59 14.88 -69.70
C PRO N 103 1.86 15.67 -69.42
N VAL N 104 2.00 16.79 -70.12
CA VAL N 104 3.14 17.69 -69.98
C VAL N 104 2.65 19.03 -69.48
N LEU N 105 3.41 19.62 -68.56
CA LEU N 105 3.12 20.97 -68.09
C LEU N 105 3.66 22.00 -69.08
N PRO N 106 2.83 22.95 -69.52
CA PRO N 106 3.25 23.80 -70.64
C PRO N 106 4.49 24.63 -70.37
N GLN N 107 4.56 25.27 -69.20
CA GLN N 107 5.59 26.25 -68.92
C GLN N 107 6.81 25.68 -68.20
N VAL N 108 6.88 24.36 -68.03
CA VAL N 108 8.05 23.75 -67.42
C VAL N 108 9.15 23.64 -68.46
N MET N 109 10.30 24.26 -68.18
CA MET N 109 11.42 24.28 -69.10
C MET N 109 12.65 23.56 -68.58
N MET N 110 12.59 22.98 -67.39
CA MET N 110 13.78 22.37 -66.80
C MET N 110 14.01 20.97 -67.34
N ILE N 111 15.25 20.52 -67.25
CA ILE N 111 15.64 19.16 -67.60
C ILE N 111 15.76 18.38 -66.30
N LEU N 112 14.78 17.52 -66.04
CA LEU N 112 14.64 16.87 -64.74
C LEU N 112 15.43 15.56 -64.69
N ILE N 113 16.13 15.36 -63.59
CA ILE N 113 16.91 14.14 -63.38
C ILE N 113 16.17 13.24 -62.40
N PRO N 114 16.17 11.93 -62.61
CA PRO N 114 15.51 11.04 -61.65
C PRO N 114 16.04 11.26 -60.25
N GLY N 115 15.11 11.39 -59.30
CA GLY N 115 15.45 11.64 -57.92
C GLY N 115 15.60 13.09 -57.54
N GLN N 116 15.56 13.99 -58.51
CA GLN N 116 15.67 15.41 -58.24
C GLN N 116 14.31 15.98 -57.88
N THR N 117 14.31 16.93 -56.94
CA THR N 117 13.06 17.56 -56.50
C THR N 117 12.76 18.77 -57.36
N LEU N 118 11.51 18.90 -57.78
CA LEU N 118 11.06 20.02 -58.58
C LEU N 118 9.92 20.75 -57.88
N PRO N 119 10.10 22.03 -57.53
CA PRO N 119 8.99 22.80 -56.96
C PRO N 119 8.31 23.66 -58.02
N LEU N 120 7.00 23.79 -57.95
CA LEU N 120 6.25 24.50 -58.97
C LEU N 120 5.12 25.30 -58.33
N GLN N 121 4.85 26.48 -58.88
CA GLN N 121 3.68 27.26 -58.55
C GLN N 121 2.89 27.48 -59.83
N LEU N 122 1.65 26.99 -59.85
CA LEU N 122 0.80 27.04 -61.03
C LEU N 122 -0.35 28.01 -60.79
N PHE N 123 -0.44 29.02 -61.64
CA PHE N 123 -1.49 30.02 -61.63
C PHE N 123 -2.50 29.85 -62.76
N HIS N 124 -2.05 29.40 -63.92
CA HIS N 124 -2.92 29.26 -65.07
C HIS N 124 -4.04 28.27 -64.76
N PRO N 125 -5.31 28.62 -65.04
CA PRO N 125 -6.40 27.67 -64.76
C PRO N 125 -6.23 26.34 -65.45
N GLN N 126 -5.72 26.34 -66.69
CA GLN N 126 -5.47 25.09 -67.40
C GLN N 126 -4.49 24.22 -66.61
N GLU N 127 -3.39 24.81 -66.16
CA GLU N 127 -2.41 24.06 -65.38
C GLU N 127 -2.99 23.56 -64.07
N VAL N 128 -3.79 24.40 -63.40
CA VAL N 128 -4.38 23.99 -62.14
C VAL N 128 -5.32 22.81 -62.34
N SER N 129 -6.12 22.86 -63.41
CA SER N 129 -7.02 21.75 -63.70
C SER N 129 -6.25 20.47 -64.02
N MET N 130 -5.19 20.58 -64.83
CA MET N 130 -4.40 19.39 -65.16
C MET N 130 -3.76 18.80 -63.91
N VAL N 131 -3.31 19.65 -62.99
CA VAL N 131 -2.68 19.14 -61.77
C VAL N 131 -3.72 18.52 -60.85
N ARG N 132 -4.95 19.05 -60.82
CA ARG N 132 -6.02 18.37 -60.08
C ARG N 132 -6.24 16.97 -60.65
N ASN N 133 -6.43 16.89 -61.97
CA ASN N 133 -6.61 15.58 -62.60
C ASN N 133 -5.47 14.65 -62.25
N LEU N 134 -4.24 15.15 -62.24
CA LEU N 134 -3.10 14.31 -61.87
C LEU N 134 -3.20 13.84 -60.43
N ILE N 135 -3.50 14.76 -59.52
CA ILE N 135 -3.61 14.41 -58.10
C ILE N 135 -4.64 13.31 -57.91
N GLN N 136 -5.68 13.29 -58.74
CA GLN N 136 -6.71 12.25 -58.60
C GLN N 136 -6.33 10.93 -59.28
N LYS N 137 -5.34 10.94 -60.15
CA LYS N 137 -4.94 9.76 -60.91
C LYS N 137 -3.58 9.27 -60.40
N ASP N 138 -2.57 9.07 -61.25
CA ASP N 138 -1.28 8.53 -60.82
C ASP N 138 -0.32 9.60 -60.34
N ARG N 139 -0.66 10.88 -60.50
CA ARG N 139 0.17 11.99 -60.02
C ARG N 139 1.51 12.07 -60.74
N THR N 140 1.54 11.70 -62.03
CA THR N 140 2.77 11.70 -62.81
C THR N 140 2.56 12.51 -64.07
N PHE N 141 3.46 13.46 -64.32
CA PHE N 141 3.50 14.19 -65.56
C PHE N 141 4.88 14.05 -66.18
N ALA N 142 4.99 14.47 -67.43
CA ALA N 142 6.24 14.38 -68.18
C ALA N 142 6.94 15.73 -68.18
N VAL N 143 8.26 15.69 -67.98
CA VAL N 143 9.12 16.87 -68.07
C VAL N 143 10.03 16.65 -69.28
N LEU N 144 9.76 17.37 -70.37
CA LEU N 144 10.49 17.16 -71.61
C LEU N 144 11.84 17.83 -71.57
N ALA N 145 12.88 17.11 -71.99
CA ALA N 145 14.22 17.66 -72.13
C ALA N 145 14.31 18.29 -73.52
N TYR N 146 14.14 19.61 -73.57
CA TYR N 146 14.08 20.32 -74.86
C TYR N 146 15.48 20.50 -75.43
N SER N 147 15.69 19.95 -76.63
CA SER N 147 16.91 20.26 -77.37
C SER N 147 16.83 21.63 -78.03
N ASN N 148 15.65 21.99 -78.54
CA ASN N 148 15.37 23.32 -79.07
C ASN N 148 14.16 23.86 -78.33
N VAL N 149 14.40 24.71 -77.33
CA VAL N 149 13.30 25.19 -76.49
C VAL N 149 12.36 26.08 -77.28
N GLN N 150 12.88 26.83 -78.25
CA GLN N 150 12.05 27.74 -79.02
C GLN N 150 10.90 27.00 -79.71
N GLU N 151 11.24 25.99 -80.51
CA GLU N 151 10.26 25.24 -81.28
C GLU N 151 9.72 24.02 -80.54
N ARG N 152 10.05 23.87 -79.25
CA ARG N 152 9.51 22.80 -78.42
C ARG N 152 9.83 21.42 -79.00
N GLU N 153 11.09 21.22 -79.35
CA GLU N 153 11.57 19.91 -79.79
C GLU N 153 12.14 19.15 -78.60
N ALA N 154 11.82 17.85 -78.53
CA ALA N 154 12.27 17.03 -77.42
C ALA N 154 12.34 15.57 -77.85
N GLN N 155 13.49 14.93 -77.58
CA GLN N 155 13.67 13.52 -77.89
C GLN N 155 13.71 12.63 -76.66
N PHE N 156 14.07 13.18 -75.49
CA PHE N 156 14.07 12.43 -74.25
C PHE N 156 13.40 13.27 -73.16
N GLY N 157 13.19 12.63 -72.01
CA GLY N 157 12.57 13.34 -70.90
C GLY N 157 12.60 12.47 -69.65
N THR N 158 12.00 13.00 -68.60
CA THR N 158 11.90 12.31 -67.32
C THR N 158 10.51 12.49 -66.74
N THR N 159 10.00 11.44 -66.11
CA THR N 159 8.70 11.52 -65.46
C THR N 159 8.85 12.14 -64.08
N ALA N 160 7.84 12.91 -63.68
CA ALA N 160 7.81 13.58 -62.39
C ALA N 160 6.55 13.15 -61.65
N GLU N 161 6.73 12.70 -60.40
CA GLU N 161 5.63 12.27 -59.55
C GLU N 161 5.40 13.32 -58.47
N ILE N 162 4.18 13.85 -58.41
CA ILE N 162 3.83 14.83 -57.40
C ILE N 162 3.73 14.13 -56.05
N TYR N 163 4.55 14.58 -55.09
CA TYR N 163 4.50 14.05 -53.75
C TYR N 163 4.01 15.05 -52.71
N ALA N 164 3.88 16.33 -53.06
CA ALA N 164 3.29 17.30 -52.16
C ALA N 164 2.51 18.32 -52.97
N TYR N 165 1.40 18.80 -52.41
CA TYR N 165 0.61 19.82 -53.08
C TYR N 165 -0.14 20.65 -52.06
N ARG N 166 -0.53 21.84 -52.49
CA ARG N 166 -1.32 22.75 -51.65
C ARG N 166 -2.17 23.61 -52.59
N GLU N 167 -3.49 23.51 -52.46
CA GLU N 167 -4.43 24.18 -53.34
C GLU N 167 -5.08 25.32 -52.58
N GLU N 168 -4.68 26.56 -52.89
CA GLU N 168 -5.12 27.70 -52.10
C GLU N 168 -5.78 28.75 -52.97
N GLN N 169 -6.90 29.28 -52.49
CA GLN N 169 -7.62 30.37 -53.15
C GLN N 169 -7.29 31.63 -52.35
N ASP N 170 -6.35 32.42 -52.85
CA ASP N 170 -5.83 33.58 -52.12
C ASP N 170 -6.18 34.86 -52.85
N PHE N 171 -6.67 35.86 -52.11
CA PHE N 171 -7.03 37.17 -52.65
C PHE N 171 -7.93 37.06 -53.87
N GLY N 172 -8.73 36.00 -53.92
CA GLY N 172 -9.70 35.85 -54.97
C GLY N 172 -9.21 35.14 -56.22
N ILE N 173 -7.98 34.65 -56.22
CA ILE N 173 -7.45 33.90 -57.35
C ILE N 173 -6.96 32.54 -56.86
N GLU N 174 -7.18 31.52 -57.69
CA GLU N 174 -6.90 30.13 -57.34
C GLU N 174 -5.52 29.72 -57.84
N ILE N 175 -4.69 29.19 -56.95
CA ILE N 175 -3.35 28.76 -57.31
C ILE N 175 -3.03 27.44 -56.63
N VAL N 176 -2.06 26.73 -57.19
CA VAL N 176 -1.64 25.42 -56.69
C VAL N 176 -0.13 25.37 -56.60
N LYS N 177 0.38 25.00 -55.43
CA LYS N 177 1.80 24.77 -55.24
C LYS N 177 2.04 23.26 -55.20
N VAL N 178 3.15 22.82 -55.78
CA VAL N 178 3.43 21.40 -55.94
C VAL N 178 4.91 21.13 -55.74
N LYS N 179 5.20 19.97 -55.17
CA LYS N 179 6.55 19.42 -55.07
C LYS N 179 6.51 18.03 -55.68
N ALA N 180 7.22 17.84 -56.78
CA ALA N 180 7.32 16.54 -57.43
C ALA N 180 8.77 16.07 -57.42
N ILE N 181 8.98 14.85 -57.89
CA ILE N 181 10.32 14.27 -57.92
C ILE N 181 10.48 13.44 -59.18
N GLY N 182 11.68 13.48 -59.76
CA GLY N 182 11.93 12.73 -60.96
C GLY N 182 11.93 11.24 -60.70
N ARG N 183 11.37 10.48 -61.64
CA ARG N 183 11.22 9.05 -61.46
C ARG N 183 11.97 8.28 -62.53
N GLN N 184 11.41 8.22 -63.74
CA GLN N 184 11.93 7.37 -64.80
C GLN N 184 12.31 8.20 -66.03
N ARG N 185 13.45 7.86 -66.63
CA ARG N 185 13.81 8.44 -67.92
C ARG N 185 12.94 7.82 -69.01
N PHE N 186 12.80 8.54 -70.12
CA PHE N 186 11.98 8.04 -71.21
C PHE N 186 12.38 8.67 -72.53
N LYS N 187 12.12 7.94 -73.60
CA LYS N 187 12.29 8.43 -74.96
C LYS N 187 10.94 8.93 -75.47
N VAL N 188 10.94 10.08 -76.12
CA VAL N 188 9.70 10.67 -76.62
C VAL N 188 9.36 10.02 -77.95
N LEU N 189 8.19 9.37 -78.01
CA LEU N 189 7.72 8.78 -79.25
C LEU N 189 6.79 9.72 -80.00
N GLU N 190 6.07 10.59 -79.29
CA GLU N 190 5.09 11.46 -79.92
C GLU N 190 4.73 12.59 -78.96
N LEU N 191 4.64 13.81 -79.48
CA LEU N 191 4.17 14.97 -78.74
C LEU N 191 2.84 15.41 -79.35
N ARG N 192 1.77 15.37 -78.55
CA ARG N 192 0.42 15.48 -79.10
C ARG N 192 -0.38 16.46 -78.26
N THR N 193 -0.59 17.67 -78.77
CA THR N 193 -1.25 18.73 -78.02
C THR N 193 -2.74 18.74 -78.35
N GLN N 194 -3.57 18.59 -77.33
CA GLN N 194 -5.01 18.50 -77.49
C GLN N 194 -5.61 19.86 -77.81
N SER N 195 -6.91 19.86 -78.14
CA SER N 195 -7.60 21.09 -78.47
C SER N 195 -7.77 22.01 -77.26
N ASP N 196 -7.47 21.54 -76.06
CA ASP N 196 -7.56 22.36 -74.86
C ASP N 196 -6.35 23.26 -74.67
N GLY N 197 -5.28 23.03 -75.42
CA GLY N 197 -4.02 23.71 -75.22
C GLY N 197 -3.01 22.93 -74.41
N ILE N 198 -3.44 21.90 -73.70
CA ILE N 198 -2.57 21.05 -72.91
C ILE N 198 -2.17 19.84 -73.75
N GLN N 199 -0.91 19.45 -73.66
CA GLN N 199 -0.37 18.40 -74.51
C GLN N 199 -0.03 17.16 -73.71
N GLN N 200 -0.07 16.02 -74.39
CA GLN N 200 0.34 14.72 -73.90
C GLN N 200 1.59 14.27 -74.65
N ALA N 201 2.23 13.23 -74.09
CA ALA N 201 3.43 12.65 -74.67
C ALA N 201 3.27 11.15 -74.71
N LYS N 202 3.28 10.59 -75.91
CA LYS N 202 3.46 9.15 -76.12
C LYS N 202 4.92 8.84 -75.92
N VAL N 203 5.22 8.01 -74.92
CA VAL N 203 6.54 7.92 -74.34
C VAL N 203 6.89 6.45 -74.16
N GLN N 204 8.18 6.15 -74.21
CA GLN N 204 8.69 4.80 -73.99
C GLN N 204 9.68 4.86 -72.82
N ILE N 205 9.37 4.13 -71.75
CA ILE N 205 10.23 4.15 -70.58
C ILE N 205 11.57 3.51 -70.90
N LEU N 206 12.64 4.20 -70.55
CA LEU N 206 13.97 3.65 -70.76
C LEU N 206 14.39 2.82 -69.55
N PRO N 207 14.95 1.63 -69.74
CA PRO N 207 15.34 0.80 -68.60
C PRO N 207 16.70 1.20 -68.04
N GLU N 208 16.87 0.96 -66.75
CA GLU N 208 18.13 1.22 -66.07
C GLU N 208 19.03 0.00 -66.24
N CYS N 209 20.12 0.17 -66.97
CA CYS N 209 21.04 -0.93 -67.24
C CYS N 209 21.89 -1.20 -65.99
N VAL N 210 21.75 -2.40 -65.43
CA VAL N 210 22.55 -2.84 -64.29
C VAL N 210 23.49 -3.93 -64.77
N LEU N 211 24.79 -3.68 -64.64
CA LEU N 211 25.80 -4.62 -65.09
C LEU N 211 26.48 -5.31 -63.91
N PRO N 212 26.82 -6.58 -64.04
CA PRO N 212 27.56 -7.25 -62.97
C PRO N 212 29.00 -6.77 -62.93
N SER N 213 29.70 -7.17 -61.88
CA SER N 213 31.11 -6.85 -61.77
C SER N 213 31.85 -7.30 -63.02
N THR N 214 32.80 -6.48 -63.46
CA THR N 214 33.59 -6.86 -64.63
C THR N 214 34.34 -8.17 -64.40
N MET N 215 34.57 -8.53 -63.14
CA MET N 215 35.21 -9.80 -62.78
C MET N 215 34.20 -10.93 -62.56
N SER N 216 32.91 -10.61 -62.51
CA SER N 216 31.91 -11.63 -62.15
C SER N 216 31.96 -12.83 -63.08
N ALA N 217 32.33 -12.62 -64.35
CA ALA N 217 32.40 -13.73 -65.28
C ALA N 217 33.65 -14.57 -65.05
N VAL N 218 34.80 -13.91 -64.90
CA VAL N 218 36.08 -14.62 -64.83
C VAL N 218 36.45 -15.05 -63.42
N GLN N 219 35.66 -14.66 -62.41
CA GLN N 219 36.03 -14.95 -61.03
C GLN N 219 36.04 -16.45 -60.79
N LEU N 220 37.12 -16.94 -60.18
CA LEU N 220 37.23 -18.35 -59.85
C LEU N 220 36.30 -18.72 -58.71
N GLU N 221 35.81 -19.96 -58.74
CA GLU N 221 34.89 -20.42 -57.69
C GLU N 221 35.58 -20.44 -56.33
N SER N 222 36.87 -20.80 -56.30
CA SER N 222 37.59 -20.85 -55.04
C SER N 222 37.75 -19.46 -54.44
N LEU N 223 37.88 -18.43 -55.27
CA LEU N 223 38.09 -17.07 -54.80
C LEU N 223 36.80 -16.30 -54.57
N ASN N 224 35.64 -16.91 -54.82
CA ASN N 224 34.37 -16.22 -54.61
C ASN N 224 34.20 -15.80 -53.15
N LYS N 225 34.54 -16.70 -52.22
CA LYS N 225 34.40 -16.39 -50.81
C LYS N 225 35.34 -15.27 -50.36
N CYS N 226 36.37 -14.96 -51.15
CA CYS N 226 37.33 -13.92 -50.81
C CYS N 226 36.95 -12.56 -51.39
N GLN N 227 35.88 -12.48 -52.19
CA GLN N 227 35.54 -11.22 -52.83
C GLN N 227 34.95 -10.23 -51.83
N ILE N 228 34.30 -10.70 -50.77
CA ILE N 228 33.67 -9.81 -49.80
C ILE N 228 34.74 -9.19 -48.91
N PHE N 229 34.63 -7.89 -48.68
CA PHE N 229 35.57 -7.18 -47.84
C PHE N 229 35.04 -7.04 -46.42
N PRO N 230 35.92 -6.99 -45.42
CA PRO N 230 35.50 -6.82 -44.02
C PRO N 230 35.18 -5.37 -43.65
N SER N 231 34.02 -4.90 -44.11
CA SER N 231 33.53 -3.57 -43.77
C SER N 231 34.43 -2.47 -44.33
N LYS N 232 34.00 -1.21 -44.18
CA LYS N 232 34.66 0.00 -44.65
C LYS N 232 35.32 0.75 -43.50
N PRO N 233 36.42 1.44 -43.76
CA PRO N 233 37.09 2.16 -42.67
C PRO N 233 36.35 3.40 -42.21
N VAL N 234 35.61 4.05 -43.12
CA VAL N 234 34.86 5.28 -42.86
C VAL N 234 35.60 6.16 -41.86
N SER N 235 36.92 6.27 -42.02
CA SER N 235 37.73 7.24 -41.29
C SER N 235 38.42 8.11 -42.34
N ARG N 236 38.02 9.38 -42.41
CA ARG N 236 38.46 10.26 -43.50
C ARG N 236 39.92 10.06 -43.85
N GLU N 237 40.81 10.06 -42.85
CA GLU N 237 42.23 9.92 -43.12
C GLU N 237 42.57 8.53 -43.64
N ASP N 238 41.94 7.49 -43.07
CA ASP N 238 42.26 6.13 -43.46
C ASP N 238 41.82 5.83 -44.90
N GLN N 239 40.63 6.30 -45.28
CA GLN N 239 40.14 6.06 -46.64
C GLN N 239 40.80 7.00 -47.65
N CYS N 240 41.13 8.23 -47.26
CA CYS N 240 41.88 9.11 -48.16
C CYS N 240 43.29 8.61 -48.41
N SER N 241 43.85 7.82 -47.49
CA SER N 241 45.14 7.19 -47.74
C SER N 241 44.98 6.07 -48.76
N TYR N 242 45.84 6.08 -49.78
CA TYR N 242 45.69 5.17 -50.93
C TYR N 242 46.13 3.75 -50.63
N LYS N 243 46.53 3.43 -49.39
CA LYS N 243 46.88 2.05 -49.05
C LYS N 243 45.64 1.16 -49.06
N TRP N 244 44.56 1.61 -48.44
CA TRP N 244 43.33 0.82 -48.45
C TRP N 244 42.85 0.57 -49.87
N TRP N 245 43.02 1.55 -50.76
CA TRP N 245 42.59 1.38 -52.14
C TRP N 245 43.54 0.48 -52.94
N GLN N 246 44.84 0.52 -52.63
CA GLN N 246 45.73 -0.50 -53.16
C GLN N 246 45.24 -1.89 -52.79
N LYS N 247 44.85 -2.06 -51.52
CA LYS N 247 44.33 -3.35 -51.07
C LYS N 247 43.05 -3.72 -51.80
N TYR N 248 42.13 -2.76 -51.91
CA TYR N 248 40.86 -3.00 -52.60
C TYR N 248 41.10 -3.44 -54.04
N GLN N 249 42.00 -2.75 -54.74
CA GLN N 249 42.29 -3.11 -56.13
C GLN N 249 42.93 -4.49 -56.20
N LYS N 250 43.88 -4.78 -55.33
CA LYS N 250 44.53 -6.09 -55.37
C LYS N 250 43.52 -7.21 -55.12
N ARG N 251 42.52 -6.95 -54.26
CA ARG N 251 41.60 -8.02 -53.90
C ARG N 251 40.49 -8.19 -54.95
N LYS N 252 39.80 -7.11 -55.29
CA LYS N 252 38.62 -7.25 -56.13
C LYS N 252 38.97 -7.72 -57.53
N PHE N 253 40.05 -7.18 -58.11
CA PHE N 253 40.42 -7.46 -59.49
C PHE N 253 41.62 -8.40 -59.57
N HIS N 254 41.66 -9.40 -58.70
CA HIS N 254 42.75 -10.38 -58.78
C HIS N 254 42.65 -11.18 -60.07
N CYS N 255 41.47 -11.70 -60.37
CA CYS N 255 41.26 -12.53 -61.55
C CYS N 255 41.54 -11.75 -62.83
N ALA N 256 41.96 -10.48 -62.69
CA ALA N 256 42.47 -9.75 -63.84
C ALA N 256 43.67 -10.44 -64.46
N ASN N 257 44.38 -11.27 -63.69
CA ASN N 257 45.47 -12.04 -64.28
C ASN N 257 44.97 -13.04 -65.31
N LEU N 258 43.69 -13.43 -65.21
CA LEU N 258 43.12 -14.38 -66.16
C LEU N 258 42.84 -13.73 -67.51
N THR N 259 42.50 -12.46 -67.53
CA THR N 259 42.15 -11.78 -68.76
C THR N 259 43.40 -11.24 -69.44
N SER N 260 43.22 -10.37 -70.43
CA SER N 260 44.33 -9.79 -71.16
C SER N 260 44.61 -8.33 -70.75
N TRP N 261 44.05 -7.88 -69.64
CA TRP N 261 44.23 -6.52 -69.16
C TRP N 261 44.61 -6.54 -67.69
N PRO N 262 45.26 -5.48 -67.20
CA PRO N 262 45.62 -5.42 -65.77
C PRO N 262 44.46 -4.97 -64.89
N ARG N 263 44.76 -4.73 -63.61
CA ARG N 263 43.71 -4.39 -62.66
C ARG N 263 43.31 -2.92 -62.74
N TRP N 264 44.31 -2.03 -62.85
CA TRP N 264 44.00 -0.60 -62.88
C TRP N 264 43.07 -0.24 -64.03
N LEU N 265 43.01 -1.07 -65.07
CA LEU N 265 42.03 -0.85 -66.12
C LEU N 265 40.62 -1.10 -65.62
N TYR N 266 40.38 -2.29 -65.06
CA TYR N 266 39.05 -2.60 -64.54
C TYR N 266 38.64 -1.67 -63.41
N SER N 267 39.60 -1.09 -62.69
CA SER N 267 39.25 -0.13 -61.65
C SER N 267 38.55 1.09 -62.23
N LEU N 268 38.88 1.46 -63.47
CA LEU N 268 38.27 2.62 -64.12
C LEU N 268 36.82 2.39 -64.49
N TYR N 269 36.35 1.14 -64.48
CA TYR N 269 34.96 0.82 -64.76
C TYR N 269 34.30 0.16 -63.55
N ASP N 270 34.81 0.43 -62.36
CA ASP N 270 34.31 -0.17 -61.13
C ASP N 270 33.40 0.82 -60.41
N ALA N 271 32.17 0.39 -60.14
CA ALA N 271 31.18 1.29 -59.55
C ALA N 271 31.69 1.89 -58.24
N GLU N 272 32.26 1.06 -57.36
CA GLU N 272 32.67 1.54 -56.05
C GLU N 272 33.87 2.47 -56.14
N THR N 273 34.85 2.12 -56.97
CA THR N 273 36.02 2.98 -57.16
C THR N 273 35.59 4.35 -57.67
N LEU N 274 34.73 4.36 -58.69
CA LEU N 274 34.24 5.63 -59.24
C LEU N 274 33.43 6.41 -58.20
N MET N 275 32.57 5.72 -57.45
CA MET N 275 31.74 6.41 -56.46
C MET N 275 32.60 7.06 -55.38
N ASP N 276 33.67 6.39 -54.95
CA ASP N 276 34.54 7.03 -53.96
C ASP N 276 35.40 8.13 -54.57
N ARG N 277 35.83 7.97 -55.82
CA ARG N 277 36.52 9.06 -56.50
C ARG N 277 35.64 10.30 -56.57
N ILE N 278 34.33 10.10 -56.74
CA ILE N 278 33.40 11.24 -56.73
C ILE N 278 33.18 11.75 -55.32
N LYS N 279 33.18 10.86 -54.33
CA LYS N 279 33.07 11.28 -52.94
C LYS N 279 34.21 12.21 -52.56
N LYS N 280 35.41 11.94 -53.07
CA LYS N 280 36.55 12.78 -52.72
C LYS N 280 36.38 14.20 -53.25
N GLN N 281 35.55 14.40 -54.27
CA GLN N 281 35.25 15.76 -54.72
C GLN N 281 34.08 16.34 -53.94
N LEU N 282 33.05 15.52 -53.72
CA LEU N 282 31.90 16.00 -52.96
C LEU N 282 32.30 16.45 -51.56
N ARG N 283 33.32 15.82 -50.98
CA ARG N 283 33.84 16.29 -49.70
C ARG N 283 34.51 17.64 -49.85
N GLU N 284 35.21 17.85 -50.97
CA GLU N 284 35.72 19.17 -51.29
C GLU N 284 34.61 20.21 -51.31
N TRP N 285 33.40 19.80 -51.68
CA TRP N 285 32.28 20.75 -51.68
C TRP N 285 31.56 20.82 -50.35
N ASP N 286 31.37 19.70 -49.66
CA ASP N 286 30.58 19.66 -48.43
C ASP N 286 31.33 18.84 -47.38
N GLU N 287 31.12 19.19 -46.11
CA GLU N 287 31.78 18.53 -44.99
C GLU N 287 30.92 17.44 -44.35
N ASN N 288 29.78 17.11 -44.95
CA ASN N 288 28.97 16.01 -44.46
C ASN N 288 29.54 14.68 -44.93
N LEU N 289 29.67 13.74 -44.00
CA LEU N 289 30.28 12.46 -44.32
C LEU N 289 29.38 11.61 -45.21
N LYS N 290 30.01 10.80 -46.06
CA LYS N 290 29.28 9.86 -46.89
C LYS N 290 28.60 8.76 -46.08
N ASP N 291 28.92 8.66 -44.80
CA ASP N 291 28.35 7.61 -43.95
C ASP N 291 26.83 7.59 -44.01
N ASP N 292 26.20 8.74 -44.20
CA ASP N 292 24.75 8.81 -44.16
C ASP N 292 24.17 9.51 -45.39
N SER N 293 24.66 10.70 -45.71
CA SER N 293 24.03 11.51 -46.75
C SER N 293 24.12 10.85 -48.11
N LEU N 294 25.28 10.27 -48.44
CA LEU N 294 25.38 9.76 -49.81
C LEU N 294 24.82 8.35 -49.91
N PRO N 295 24.09 8.06 -50.99
CA PRO N 295 23.54 6.71 -51.17
C PRO N 295 24.62 5.72 -51.58
N SER N 296 24.31 4.44 -51.36
CA SER N 296 25.23 3.36 -51.67
C SER N 296 24.97 2.72 -53.03
N ASN N 297 23.78 2.89 -53.59
CA ASN N 297 23.46 2.28 -54.88
C ASN N 297 24.07 3.11 -56.00
N PRO N 298 24.74 2.46 -56.97
CA PRO N 298 25.38 3.24 -58.05
C PRO N 298 24.40 4.04 -58.88
N ILE N 299 23.20 3.53 -59.13
CA ILE N 299 22.21 4.27 -59.88
C ILE N 299 21.80 5.53 -59.13
N ASP N 300 21.38 5.38 -57.88
CA ASP N 300 20.97 6.53 -57.08
C ASP N 300 22.12 7.51 -56.89
N PHE N 301 23.33 7.00 -56.66
CA PHE N 301 24.49 7.87 -56.48
C PHE N 301 24.77 8.66 -57.76
N SER N 302 24.71 8.00 -58.91
CA SER N 302 24.96 8.68 -60.18
C SER N 302 23.91 9.75 -60.45
N TYR N 303 22.64 9.46 -60.15
CA TYR N 303 21.61 10.45 -60.38
C TYR N 303 21.73 11.62 -59.41
N ARG N 304 22.03 11.34 -58.13
CA ARG N 304 22.25 12.41 -57.16
C ARG N 304 23.40 13.30 -57.59
N VAL N 305 24.48 12.72 -58.13
CA VAL N 305 25.61 13.53 -58.56
C VAL N 305 25.26 14.33 -59.81
N ALA N 306 24.56 13.70 -60.75
CA ALA N 306 24.18 14.39 -61.98
C ALA N 306 23.27 15.58 -61.67
N ALA N 307 22.39 15.43 -60.68
CA ALA N 307 21.45 16.50 -60.36
C ALA N 307 22.14 17.77 -59.90
N CYS N 308 23.38 17.69 -59.43
CA CYS N 308 24.07 18.84 -58.86
C CYS N 308 25.34 19.21 -59.63
N LEU N 309 25.41 18.86 -60.91
CA LEU N 309 26.56 19.22 -61.73
C LEU N 309 26.21 20.42 -62.60
N PRO N 310 26.79 21.59 -62.36
CA PRO N 310 26.43 22.77 -63.15
C PRO N 310 26.94 22.71 -64.57
N ILE N 311 26.20 22.04 -65.45
CA ILE N 311 26.54 21.94 -66.86
C ILE N 311 25.39 22.52 -67.68
N ASP N 312 25.68 22.81 -68.94
CA ASP N 312 24.66 23.37 -69.83
C ASP N 312 23.69 22.27 -70.27
N ASP N 313 22.60 22.70 -70.91
CA ASP N 313 21.50 21.79 -71.20
C ASP N 313 21.92 20.67 -72.14
N VAL N 314 22.84 20.93 -73.07
CA VAL N 314 23.25 19.89 -74.01
C VAL N 314 24.00 18.78 -73.28
N LEU N 315 24.92 19.16 -72.38
CA LEU N 315 25.63 18.15 -71.61
C LEU N 315 24.70 17.37 -70.71
N ARG N 316 23.73 18.05 -70.09
CA ARG N 316 22.80 17.34 -69.24
C ARG N 316 21.92 16.39 -70.04
N ILE N 317 21.57 16.74 -71.27
CA ILE N 317 20.80 15.82 -72.11
C ILE N 317 21.65 14.60 -72.45
N GLN N 318 22.91 14.83 -72.82
CA GLN N 318 23.80 13.71 -73.11
C GLN N 318 23.98 12.83 -71.89
N LEU N 319 24.03 13.43 -70.70
CA LEU N 319 24.14 12.66 -69.48
C LEU N 319 22.86 11.89 -69.18
N LEU N 320 21.70 12.46 -69.54
CA LEU N 320 20.43 11.77 -69.33
C LEU N 320 20.26 10.60 -70.30
N LYS N 321 20.93 10.65 -71.46
CA LYS N 321 20.84 9.55 -72.40
C LYS N 321 21.58 8.30 -71.93
N ILE N 322 22.53 8.45 -71.00
CA ILE N 322 23.28 7.30 -70.52
C ILE N 322 22.38 6.41 -69.68
N GLY N 323 22.46 5.09 -69.91
CA GLY N 323 21.63 4.15 -69.19
C GLY N 323 22.41 3.28 -68.22
N SER N 324 23.73 3.30 -68.33
CA SER N 324 24.62 2.52 -67.47
C SER N 324 25.15 3.40 -66.35
N ALA N 325 24.93 2.97 -65.10
CA ALA N 325 25.46 3.72 -63.97
C ALA N 325 26.97 3.87 -64.06
N ILE N 326 27.66 2.85 -64.60
CA ILE N 326 29.10 2.93 -64.75
C ILE N 326 29.49 4.11 -65.64
N GLN N 327 28.86 4.18 -66.82
CA GLN N 327 29.17 5.25 -67.76
C GLN N 327 28.77 6.62 -67.21
N ARG N 328 27.64 6.69 -66.50
CA ARG N 328 27.22 7.96 -65.93
C ARG N 328 28.20 8.44 -64.87
N LEU N 329 28.67 7.53 -64.02
CA LEU N 329 29.68 7.91 -63.02
C LEU N 329 30.98 8.35 -63.70
N ARG N 330 31.39 7.64 -64.77
CA ARG N 330 32.62 8.00 -65.45
C ARG N 330 32.51 9.38 -66.10
N CYS N 331 31.39 9.64 -66.77
CA CYS N 331 31.18 10.95 -67.37
C CYS N 331 31.15 12.04 -66.30
N GLU N 332 30.49 11.78 -65.17
CA GLU N 332 30.43 12.79 -64.11
C GLU N 332 31.82 13.09 -63.57
N LEU N 333 32.63 12.06 -63.35
CA LEU N 333 34.00 12.29 -62.90
C LEU N 333 34.79 13.10 -63.93
N ASP N 334 34.69 12.72 -65.20
CA ASP N 334 35.42 13.46 -66.22
C ASP N 334 34.99 14.92 -66.27
N ILE N 335 33.68 15.16 -66.07
CA ILE N 335 33.18 16.54 -66.06
C ILE N 335 33.74 17.29 -64.87
N MET N 336 33.75 16.66 -63.69
CA MET N 336 34.28 17.31 -62.50
C MET N 336 35.78 17.59 -62.60
N ASN N 337 36.50 16.81 -63.41
CA ASN N 337 37.93 17.02 -63.54
C ASN N 337 38.30 17.99 -64.66
N LYS N 338 37.56 18.00 -65.77
CA LYS N 338 37.89 18.87 -66.89
C LYS N 338 37.33 20.28 -66.68
N CYS N 339 36.01 20.39 -66.54
CA CYS N 339 35.35 21.68 -66.39
C CYS N 339 35.70 22.28 -65.03
N THR N 340 36.70 23.17 -65.02
CA THR N 340 37.10 23.87 -63.80
C THR N 340 36.62 25.31 -63.74
N SER N 341 36.25 25.90 -64.87
CA SER N 341 35.77 27.26 -64.95
C SER N 341 34.29 27.30 -65.30
N LEU N 342 33.61 28.37 -64.88
CA LEU N 342 32.20 28.59 -65.18
C LEU N 342 32.08 30.01 -65.72
N CYS N 343 31.73 30.13 -67.00
CA CYS N 343 31.65 31.41 -67.68
C CYS N 343 30.20 31.78 -67.95
N CYS N 344 30.02 33.00 -68.44
CA CYS N 344 28.70 33.48 -68.85
C CYS N 344 28.29 32.84 -70.17
N LYS N 345 27.08 32.27 -70.20
CA LYS N 345 26.68 31.51 -71.38
C LYS N 345 26.58 32.40 -72.61
N GLN N 346 26.10 33.64 -72.43
CA GLN N 346 25.98 34.55 -73.57
C GLN N 346 27.34 35.03 -74.03
N CYS N 347 28.24 35.34 -73.10
CA CYS N 347 29.60 35.73 -73.46
C CYS N 347 30.39 34.53 -73.98
N GLN N 348 30.30 33.41 -73.28
CA GLN N 348 31.08 32.20 -73.58
C GLN N 348 32.54 32.40 -73.20
N GLU N 349 32.98 33.65 -73.07
CA GLU N 349 34.35 33.97 -72.72
C GLU N 349 34.50 34.68 -71.39
N THR N 350 33.44 35.28 -70.85
CA THR N 350 33.49 36.02 -69.60
C THR N 350 33.42 35.03 -68.43
N GLU N 351 34.54 34.84 -67.74
CA GLU N 351 34.59 33.90 -66.64
C GLU N 351 33.82 34.46 -65.44
N ILE N 352 32.98 33.63 -64.84
CA ILE N 352 32.18 34.03 -63.68
C ILE N 352 32.72 33.45 -62.39
N THR N 353 33.05 32.16 -62.39
CA THR N 353 33.56 31.52 -61.17
C THR N 353 34.35 30.27 -61.57
N THR N 354 34.79 29.52 -60.56
CA THR N 354 35.56 28.30 -60.76
C THR N 354 35.09 27.22 -59.81
N LYS N 355 35.34 25.97 -60.19
CA LYS N 355 34.91 24.85 -59.37
C LYS N 355 35.52 24.89 -57.97
N ASN N 356 36.61 25.64 -57.79
CA ASN N 356 37.22 25.76 -56.48
C ASN N 356 36.34 26.53 -55.51
N GLU N 357 35.42 27.35 -56.01
CA GLU N 357 34.53 28.12 -55.16
C GLU N 357 33.22 27.42 -54.88
N ILE N 358 32.92 26.33 -55.59
CA ILE N 358 31.67 25.62 -55.38
C ILE N 358 31.63 25.08 -53.96
N PHE N 359 30.49 25.24 -53.30
CA PHE N 359 30.29 24.69 -51.97
C PHE N 359 28.81 24.37 -51.79
N SER N 360 28.53 23.42 -50.91
CA SER N 360 27.17 22.95 -50.68
C SER N 360 26.56 23.68 -49.49
N LEU N 361 25.51 24.45 -49.77
CA LEU N 361 24.71 25.06 -48.71
C LEU N 361 23.43 24.29 -48.44
N SER N 362 23.18 23.20 -49.17
CA SER N 362 22.01 22.36 -48.98
C SER N 362 22.43 20.89 -48.96
N LEU N 363 21.58 20.07 -48.36
CA LEU N 363 21.87 18.64 -48.29
C LEU N 363 21.98 18.03 -49.68
N CYS N 364 21.20 18.53 -50.64
CA CYS N 364 21.25 17.99 -52.00
C CYS N 364 22.61 18.22 -52.64
N GLY N 365 23.35 19.22 -52.18
CA GLY N 365 24.65 19.53 -52.74
C GLY N 365 24.80 21.02 -53.00
N PRO N 366 25.66 21.37 -53.95
CA PRO N 366 25.85 22.79 -54.27
C PRO N 366 24.75 23.40 -55.12
N MET N 367 24.00 22.59 -55.88
CA MET N 367 23.01 23.10 -56.81
C MET N 367 21.67 22.42 -56.59
N ALA N 368 20.60 23.22 -56.64
CA ALA N 368 19.26 22.69 -56.42
C ALA N 368 18.25 23.61 -57.11
N ALA N 369 17.08 23.05 -57.41
CA ALA N 369 16.04 23.77 -58.11
C ALA N 369 15.14 24.50 -57.12
N TYR N 370 14.86 25.78 -57.40
CA TYR N 370 13.96 26.59 -56.59
C TYR N 370 13.00 27.34 -57.51
N VAL N 371 11.87 27.73 -56.95
CA VAL N 371 10.83 28.42 -57.71
C VAL N 371 10.64 29.82 -57.14
N ASN N 372 10.49 30.80 -58.02
CA ASN N 372 10.30 32.18 -57.62
C ASN N 372 8.82 32.49 -57.50
N PRO N 373 8.48 33.68 -57.02
CA PRO N 373 7.06 34.00 -56.77
C PRO N 373 6.19 33.88 -58.00
N HIS N 374 6.78 33.94 -59.20
CA HIS N 374 5.99 33.93 -60.43
C HIS N 374 6.08 32.60 -61.17
N GLY N 375 6.48 31.53 -60.49
CA GLY N 375 6.47 30.22 -61.09
C GLY N 375 7.71 29.85 -61.90
N TYR N 376 8.67 30.75 -62.01
CA TYR N 376 9.90 30.46 -62.75
C TYR N 376 10.84 29.63 -61.90
N VAL N 377 11.42 28.59 -62.50
CA VAL N 377 12.29 27.65 -61.80
C VAL N 377 13.73 27.93 -62.19
N HIS N 378 14.58 28.10 -61.19
CA HIS N 378 16.02 28.31 -61.38
C HIS N 378 16.77 27.21 -60.65
N GLU N 379 17.74 26.62 -61.33
CA GLU N 379 18.69 25.71 -60.69
C GLU N 379 19.83 26.56 -60.14
N THR N 380 19.76 26.87 -58.86
CA THR N 380 20.74 27.74 -58.22
C THR N 380 21.92 26.93 -57.71
N LEU N 381 23.12 27.38 -58.05
CA LEU N 381 24.38 26.82 -57.57
C LEU N 381 25.02 27.83 -56.64
N THR N 382 25.36 27.40 -55.43
CA THR N 382 25.94 28.29 -54.44
C THR N 382 27.46 28.24 -54.53
N VAL N 383 28.08 29.41 -54.64
CA VAL N 383 29.53 29.54 -54.69
C VAL N 383 29.97 30.62 -53.71
N TYR N 384 31.23 30.55 -53.31
CA TYR N 384 31.76 31.50 -52.34
C TYR N 384 32.06 32.84 -53.00
N LYS N 385 32.78 32.83 -54.12
CA LYS N 385 33.20 34.05 -54.78
C LYS N 385 32.84 34.00 -56.26
N ALA N 386 32.55 35.18 -56.80
CA ALA N 386 32.25 35.33 -58.22
C ALA N 386 32.74 36.70 -58.67
N CYS N 387 33.11 36.78 -59.95
CA CYS N 387 33.67 38.01 -60.52
C CYS N 387 32.92 38.37 -61.79
N ASN N 388 33.21 39.58 -62.29
CA ASN N 388 32.61 40.09 -63.52
C ASN N 388 31.08 40.20 -63.39
N LEU N 389 30.62 40.62 -62.22
CA LEU N 389 29.19 40.71 -61.93
C LEU N 389 28.85 42.08 -61.36
N ASN N 390 27.79 42.68 -61.88
CA ASN N 390 27.24 43.93 -61.38
C ASN N 390 25.99 43.65 -60.56
N LEU N 391 25.85 44.35 -59.44
CA LEU N 391 24.68 44.21 -58.58
C LEU N 391 23.64 45.25 -58.96
N ILE N 392 22.44 44.81 -59.28
CA ILE N 392 21.34 45.67 -59.70
C ILE N 392 20.34 45.77 -58.55
N GLY N 393 19.85 46.99 -58.31
CA GLY N 393 18.92 47.18 -57.21
C GLY N 393 19.61 47.04 -55.86
N ARG N 394 18.81 46.66 -54.86
CA ARG N 394 19.31 46.50 -53.50
C ARG N 394 18.72 45.23 -52.90
N PRO N 395 19.48 44.53 -52.07
CA PRO N 395 19.03 43.22 -51.58
C PRO N 395 17.64 43.26 -50.99
N SER N 396 16.99 42.10 -50.92
CA SER N 396 15.70 41.96 -50.25
C SER N 396 15.60 40.55 -49.68
N THR N 397 14.79 40.41 -48.64
CA THR N 397 14.53 39.11 -48.03
C THR N 397 13.21 38.52 -48.48
N GLU N 398 12.54 39.14 -49.44
CA GLU N 398 11.24 38.67 -49.88
C GLU N 398 11.39 37.42 -50.73
N HIS N 399 10.78 36.32 -50.27
CA HIS N 399 10.80 35.06 -51.02
C HIS N 399 12.23 34.55 -51.17
N SER N 400 13.05 34.73 -50.15
CA SER N 400 14.43 34.24 -50.19
C SER N 400 14.45 32.73 -50.09
N TRP N 401 15.14 32.09 -51.04
CA TRP N 401 15.27 30.63 -51.02
C TRP N 401 16.17 30.15 -49.90
N PHE N 402 17.00 31.04 -49.33
CA PHE N 402 17.88 30.71 -48.22
C PHE N 402 17.49 31.60 -47.04
N PRO N 403 16.62 31.12 -46.15
CA PRO N 403 16.16 31.96 -45.04
C PRO N 403 17.32 32.51 -44.23
N GLY N 404 17.30 33.81 -43.99
CA GLY N 404 18.36 34.49 -43.28
C GLY N 404 19.31 35.27 -44.16
N TYR N 405 19.21 35.11 -45.48
CA TYR N 405 20.04 35.85 -46.42
C TYR N 405 19.18 36.75 -47.29
N ALA N 406 19.79 37.82 -47.78
CA ALA N 406 19.13 38.78 -48.65
C ALA N 406 19.76 38.71 -50.04
N TRP N 407 18.93 38.67 -51.07
CA TRP N 407 19.37 38.46 -52.44
C TRP N 407 19.45 39.76 -53.21
N THR N 408 20.37 39.80 -54.17
CA THR N 408 20.55 40.94 -55.05
C THR N 408 20.76 40.46 -56.47
N VAL N 409 19.99 41.02 -57.41
CA VAL N 409 20.12 40.61 -58.80
C VAL N 409 21.53 40.90 -59.28
N ALA N 410 22.12 39.93 -59.98
CA ALA N 410 23.48 40.06 -60.48
C ALA N 410 23.49 39.85 -61.99
N GLN N 411 24.08 40.79 -62.71
CA GLN N 411 24.19 40.75 -64.16
C GLN N 411 25.65 40.62 -64.56
N CYS N 412 25.88 40.16 -65.79
CA CYS N 412 27.23 40.11 -66.31
C CYS N 412 27.70 41.51 -66.65
N LYS N 413 28.98 41.79 -66.38
CA LYS N 413 29.51 43.12 -66.61
C LYS N 413 29.55 43.48 -68.09
N ILE N 414 29.49 42.49 -68.98
CA ILE N 414 29.66 42.74 -70.42
C ILE N 414 28.32 42.78 -71.12
N CYS N 415 27.53 41.72 -70.98
CA CYS N 415 26.27 41.58 -71.70
C CYS N 415 25.05 41.93 -70.86
N ALA N 416 25.22 42.16 -69.55
CA ALA N 416 24.13 42.50 -68.65
C ALA N 416 23.12 41.38 -68.48
N SER N 417 23.53 40.14 -68.76
CA SER N 417 22.64 39.00 -68.63
C SER N 417 22.56 38.56 -67.18
N HIS N 418 21.34 38.24 -66.74
CA HIS N 418 21.14 37.78 -65.38
C HIS N 418 21.88 36.48 -65.14
N ILE N 419 22.88 36.52 -64.26
CA ILE N 419 23.68 35.33 -63.96
C ILE N 419 23.15 34.70 -62.68
N GLY N 420 22.64 35.52 -61.78
CA GLY N 420 22.07 35.03 -60.54
C GLY N 420 21.81 36.10 -59.52
N TRP N 421 22.18 35.83 -58.28
CA TRP N 421 21.97 36.75 -57.17
C TRP N 421 23.15 36.67 -56.21
N LYS N 422 23.29 37.71 -55.41
CA LYS N 422 24.27 37.74 -54.33
C LYS N 422 23.52 37.73 -53.00
N PHE N 423 23.74 36.68 -52.21
CA PHE N 423 23.05 36.51 -50.94
C PHE N 423 23.94 37.00 -49.81
N THR N 424 23.40 37.93 -49.01
CA THR N 424 24.12 38.57 -47.92
C THR N 424 23.39 38.32 -46.61
N ALA N 425 24.13 37.88 -45.60
CA ALA N 425 23.52 37.53 -44.32
C ALA N 425 22.88 38.76 -43.68
N THR N 426 21.79 38.51 -42.93
CA THR N 426 21.10 39.57 -42.20
C THR N 426 21.59 39.73 -40.77
N LYS N 427 22.16 38.68 -40.17
CA LYS N 427 22.71 38.73 -38.83
C LYS N 427 24.22 38.60 -38.88
N LYS N 428 24.91 39.33 -38.00
CA LYS N 428 26.37 39.32 -38.02
C LYS N 428 26.93 37.95 -37.65
N ASP N 429 26.18 37.16 -36.88
CA ASP N 429 26.66 35.87 -36.38
C ASP N 429 26.60 34.76 -37.43
N MET N 430 25.96 35.00 -38.57
CA MET N 430 25.82 33.97 -39.58
C MET N 430 27.12 33.79 -40.34
N SER N 431 27.38 32.55 -40.78
CA SER N 431 28.53 32.21 -41.57
C SER N 431 28.12 31.15 -42.57
N PRO N 432 28.45 31.32 -43.86
CA PRO N 432 29.21 32.44 -44.43
C PRO N 432 28.41 33.74 -44.43
N GLN N 433 29.09 34.88 -44.45
CA GLN N 433 28.39 36.17 -44.43
C GLN N 433 27.82 36.54 -45.78
N LYS N 434 28.40 36.02 -46.87
CA LYS N 434 27.92 36.36 -48.21
C LYS N 434 28.38 35.30 -49.19
N PHE N 435 27.53 35.02 -50.17
CA PHE N 435 27.86 34.06 -51.23
C PHE N 435 27.06 34.44 -52.47
N TRP N 436 27.17 33.61 -53.51
CA TRP N 436 26.50 33.86 -54.77
C TRP N 436 25.68 32.66 -55.18
N GLY N 437 24.45 32.91 -55.63
CA GLY N 437 23.63 31.87 -56.21
C GLY N 437 23.45 32.08 -57.70
N LEU N 438 24.09 31.24 -58.51
CA LEU N 438 24.07 31.39 -59.95
C LEU N 438 23.08 30.42 -60.58
N THR N 439 22.24 30.91 -61.48
CA THR N 439 21.29 30.06 -62.16
C THR N 439 21.99 29.27 -63.25
N ARG N 440 21.71 27.96 -63.32
CA ARG N 440 22.41 27.10 -64.26
C ARG N 440 22.17 27.51 -65.71
N SER N 441 20.96 27.98 -66.02
CA SER N 441 20.64 28.32 -67.39
C SER N 441 21.59 29.37 -67.97
N ALA N 442 22.22 30.18 -67.12
CA ALA N 442 23.06 31.28 -67.56
C ALA N 442 24.55 30.96 -67.51
N LEU N 443 24.92 29.78 -67.05
CA LEU N 443 26.33 29.41 -66.90
C LEU N 443 26.76 28.49 -68.04
N LEU N 444 28.07 28.43 -68.24
CA LEU N 444 28.67 27.57 -69.24
C LEU N 444 29.91 26.90 -68.66
N PRO N 445 29.95 25.56 -68.61
CA PRO N 445 31.16 24.89 -68.15
C PRO N 445 32.31 25.14 -69.10
N THR N 446 33.52 25.22 -68.55
CA THR N 446 34.68 25.63 -69.32
C THR N 446 35.94 24.99 -68.76
N ILE N 447 36.86 24.63 -69.64
CA ILE N 447 38.15 24.10 -69.21
C ILE N 447 39.09 25.29 -69.05
N PRO N 448 40.10 25.20 -68.19
CA PRO N 448 40.99 26.35 -68.00
C PRO N 448 42.06 26.41 -69.09
N ASP N 449 42.40 27.64 -69.48
CA ASP N 449 43.48 27.83 -70.44
C ASP N 449 44.80 27.33 -69.84
N THR N 450 45.54 26.55 -70.62
CA THR N 450 46.72 25.89 -70.11
C THR N 450 47.76 26.90 -69.64
N GLU N 451 48.49 26.55 -68.57
CA GLU N 451 49.56 27.41 -68.10
C GLU N 451 50.63 27.60 -69.16
N ASP N 452 50.92 26.54 -69.92
CA ASP N 452 51.86 26.60 -71.04
C ASP N 452 51.05 26.63 -72.32
N GLU N 453 51.12 27.76 -73.04
CA GLU N 453 50.34 27.90 -74.27
C GLU N 453 50.81 26.96 -75.36
N ILE N 454 52.08 26.56 -75.33
CA ILE N 454 52.61 25.67 -76.36
C ILE N 454 52.02 24.27 -76.25
N SER N 455 51.53 23.89 -75.06
CA SER N 455 50.99 22.55 -74.84
C SER N 455 49.48 22.61 -74.68
N PRO N 456 48.70 22.39 -75.75
CA PRO N 456 47.25 22.37 -75.62
C PRO N 456 46.63 21.02 -75.96
N ASP N 457 46.86 20.01 -75.13
CA ASP N 457 46.33 18.67 -75.42
C ASP N 457 44.82 18.71 -75.52
N LYS N 458 44.27 17.81 -76.32
CA LYS N 458 42.83 17.76 -76.50
C LYS N 458 42.14 17.43 -75.18
N VAL N 459 41.07 18.16 -74.88
CA VAL N 459 40.26 17.94 -73.68
C VAL N 459 38.83 17.66 -74.12
N ILE N 460 38.66 16.71 -75.05
CA ILE N 460 37.33 16.39 -75.55
C ILE N 460 36.52 15.69 -74.47
N LEU N 461 35.21 15.81 -74.56
CA LEU N 461 34.31 15.11 -73.64
C LEU N 461 34.62 13.62 -73.64
N CYS N 462 34.89 13.08 -72.46
CA CYS N 462 35.23 11.66 -72.32
C CYS N 462 34.24 10.95 -71.41
N LEU N 463 33.88 9.74 -71.79
CA LEU N 463 32.97 8.92 -71.00
C LEU N 463 33.39 7.46 -71.09
N ARG O 28 -113.43 12.38 19.97
CA ARG O 28 -112.94 12.30 21.34
C ARG O 28 -112.34 13.64 21.76
N MET O 29 -113.10 14.41 22.56
CA MET O 29 -112.71 15.74 22.97
C MET O 29 -112.85 15.88 24.49
N SER O 30 -112.02 16.76 25.06
CA SER O 30 -111.95 16.94 26.51
C SER O 30 -112.58 18.25 26.97
N TYR O 31 -112.02 19.39 26.56
CA TYR O 31 -112.52 20.68 26.98
C TYR O 31 -112.38 20.87 28.48
N ASN O 32 -111.26 21.43 28.93
CA ASN O 32 -111.02 21.64 30.35
C ASN O 32 -110.28 22.95 30.58
N TYR O 33 -110.37 23.43 31.81
CA TYR O 33 -109.81 24.72 32.21
C TYR O 33 -109.10 24.52 33.55
N VAL O 34 -107.89 25.06 33.66
CA VAL O 34 -107.09 24.87 34.88
C VAL O 34 -106.49 26.21 35.26
N VAL O 35 -106.61 26.58 36.53
CA VAL O 35 -106.12 27.87 37.01
C VAL O 35 -105.42 27.69 38.34
N THR O 36 -104.49 28.59 38.63
CA THR O 36 -103.74 28.56 39.89
C THR O 36 -104.51 29.37 40.93
N ALA O 37 -104.93 28.71 42.01
CA ALA O 37 -105.58 29.38 43.13
C ALA O 37 -104.56 29.95 44.12
N GLN O 38 -103.45 29.24 44.33
CA GLN O 38 -102.39 29.68 45.21
C GLN O 38 -101.06 29.41 44.56
N LYS O 39 -100.21 30.45 44.47
CA LYS O 39 -98.92 30.31 43.84
C LYS O 39 -98.03 29.39 44.66
N PRO O 40 -97.03 28.77 44.01
CA PRO O 40 -96.09 27.92 44.75
C PRO O 40 -95.41 28.70 45.87
N THR O 41 -95.44 28.14 47.07
CA THR O 41 -94.93 28.79 48.26
C THR O 41 -93.58 28.24 48.72
N ALA O 42 -93.13 27.13 48.17
CA ALA O 42 -91.85 26.56 48.56
C ALA O 42 -90.69 27.30 47.89
N VAL O 43 -89.62 27.51 48.64
CA VAL O 43 -88.44 28.22 48.15
C VAL O 43 -87.37 27.22 47.79
N ASN O 44 -86.98 27.20 46.51
CA ASN O 44 -85.96 26.27 46.01
C ASN O 44 -84.63 26.95 45.68
N GLY O 45 -84.52 28.26 45.91
CA GLY O 45 -83.29 28.97 45.62
C GLY O 45 -83.33 30.43 46.02
N CYS O 46 -82.18 30.97 46.42
CA CYS O 46 -82.12 32.36 46.85
C CYS O 46 -80.69 32.86 46.70
N VAL O 47 -80.55 34.08 46.18
CA VAL O 47 -79.25 34.69 45.95
C VAL O 47 -79.32 36.17 46.30
N THR O 48 -78.22 36.69 46.83
CA THR O 48 -78.09 38.11 47.13
C THR O 48 -77.13 38.78 46.15
N GLY O 49 -77.37 40.07 45.89
CA GLY O 49 -76.52 40.80 44.99
C GLY O 49 -76.93 42.25 44.82
N HIS O 50 -76.67 42.81 43.63
CA HIS O 50 -77.04 44.18 43.28
C HIS O 50 -77.72 44.14 41.92
N PHE O 51 -78.97 43.70 41.91
CA PHE O 51 -79.70 43.46 40.67
C PHE O 51 -80.48 44.69 40.21
N THR O 52 -81.13 45.40 41.13
CA THR O 52 -81.87 46.61 40.75
C THR O 52 -80.91 47.75 40.44
N SER O 53 -80.16 48.21 41.45
CA SER O 53 -79.16 49.24 41.26
C SER O 53 -77.88 48.85 41.98
N ALA O 54 -76.76 49.40 41.52
CA ALA O 54 -75.47 49.05 42.10
C ALA O 54 -75.35 49.47 43.56
N GLU O 55 -76.22 50.36 44.04
CA GLU O 55 -76.12 50.85 45.41
C GLU O 55 -76.77 49.89 46.39
N ASP O 56 -78.10 49.79 46.35
CA ASP O 56 -78.83 49.01 47.33
C ASP O 56 -78.60 47.52 47.14
N LEU O 57 -78.81 46.76 48.22
CA LEU O 57 -78.64 45.31 48.21
C LEU O 57 -79.96 44.63 47.91
N ASN O 58 -79.91 43.60 47.07
CA ASN O 58 -81.09 42.90 46.61
C ASN O 58 -81.05 41.43 47.00
N LEU O 59 -82.23 40.89 47.29
CA LEU O 59 -82.42 39.47 47.58
C LEU O 59 -83.41 38.90 46.57
N LEU O 60 -82.97 37.92 45.78
CA LEU O 60 -83.79 37.25 44.79
C LEU O 60 -84.14 35.85 45.30
N ILE O 61 -85.42 35.53 45.27
CA ILE O 61 -85.93 34.23 45.72
C ILE O 61 -86.67 33.59 44.56
N ALA O 62 -86.51 32.27 44.42
CA ALA O 62 -87.15 31.50 43.37
C ALA O 62 -88.11 30.50 43.99
N LYS O 63 -89.38 30.61 43.63
CA LYS O 63 -90.42 29.68 44.07
C LYS O 63 -90.95 28.99 42.82
N ASN O 64 -90.22 27.96 42.36
CA ASN O 64 -90.58 27.20 41.17
C ASN O 64 -90.67 28.08 39.94
N THR O 65 -91.88 28.53 39.61
CA THR O 65 -92.12 29.34 38.44
C THR O 65 -92.22 30.82 38.75
N ARG O 66 -92.05 31.22 40.01
CA ARG O 66 -92.13 32.62 40.40
C ARG O 66 -90.76 33.12 40.86
N LEU O 67 -90.52 34.40 40.66
CA LEU O 67 -89.26 35.05 41.01
C LEU O 67 -89.55 36.35 41.76
N GLU O 68 -89.15 36.41 43.02
CA GLU O 68 -89.37 37.56 43.89
C GLU O 68 -88.06 38.33 44.06
N ILE O 69 -88.17 39.66 44.07
CA ILE O 69 -87.02 40.56 44.13
C ILE O 69 -87.30 41.56 45.24
N TYR O 70 -86.54 41.47 46.34
CA TYR O 70 -86.64 42.35 47.49
C TYR O 70 -85.39 43.21 47.60
N VAL O 71 -85.52 44.32 48.32
CA VAL O 71 -84.40 45.18 48.68
C VAL O 71 -84.11 45.00 50.16
N VAL O 72 -82.85 44.75 50.50
CA VAL O 72 -82.45 44.51 51.89
C VAL O 72 -82.41 45.84 52.62
N THR O 73 -83.26 45.98 53.64
CA THR O 73 -83.30 47.17 54.47
C THR O 73 -82.81 46.85 55.87
N ALA O 74 -82.70 47.90 56.69
CA ALA O 74 -82.26 47.71 58.08
C ALA O 74 -83.36 47.07 58.91
N GLU O 75 -84.62 47.31 58.58
CA GLU O 75 -85.73 46.70 59.31
C GLU O 75 -85.93 45.24 58.89
N GLY O 76 -86.10 45.00 57.59
CA GLY O 76 -86.29 43.66 57.07
C GLY O 76 -86.09 43.57 55.58
N LEU O 77 -87.12 43.13 54.86
CA LEU O 77 -87.10 43.02 53.42
C LEU O 77 -88.20 43.89 52.83
N ARG O 78 -87.85 44.67 51.80
CA ARG O 78 -88.83 45.54 51.15
C ARG O 78 -89.19 44.95 49.78
N PRO O 79 -90.41 44.45 49.59
CA PRO O 79 -90.77 43.87 48.30
C PRO O 79 -90.67 44.88 47.17
N VAL O 80 -89.99 44.50 46.10
CA VAL O 80 -89.74 45.37 44.95
C VAL O 80 -90.48 44.88 43.71
N LYS O 81 -90.23 43.64 43.29
CA LYS O 81 -90.81 43.17 42.03
C LYS O 81 -91.00 41.66 42.04
N GLU O 82 -92.18 41.20 41.64
CA GLU O 82 -92.48 39.78 41.52
C GLU O 82 -92.85 39.47 40.09
N VAL O 83 -92.21 38.45 39.51
CA VAL O 83 -92.45 38.08 38.11
C VAL O 83 -92.71 36.59 38.03
N GLY O 84 -93.33 36.19 36.91
CA GLY O 84 -93.61 34.79 36.65
C GLY O 84 -93.01 34.33 35.33
N MET O 85 -92.35 33.18 35.34
CA MET O 85 -91.70 32.64 34.15
C MET O 85 -92.46 31.43 33.63
N TYR O 86 -92.29 31.17 32.33
CA TYR O 86 -92.90 30.02 31.68
C TYR O 86 -91.93 28.82 31.72
N GLY O 87 -91.53 28.47 32.93
CA GLY O 87 -90.61 27.37 33.12
C GLY O 87 -90.17 27.22 34.57
N LYS O 88 -89.75 26.03 34.95
CA LYS O 88 -89.30 25.76 36.31
C LYS O 88 -87.86 26.25 36.47
N ILE O 89 -87.64 27.17 37.40
CA ILE O 89 -86.33 27.80 37.60
C ILE O 89 -85.40 26.78 38.24
N ALA O 90 -84.45 26.25 37.45
CA ALA O 90 -83.44 25.34 37.98
C ALA O 90 -82.20 26.07 38.46
N VAL O 91 -81.63 26.92 37.61
CA VAL O 91 -80.43 27.69 37.94
C VAL O 91 -80.80 29.16 38.04
N MET O 92 -80.19 29.85 39.00
CA MET O 92 -80.45 31.28 39.21
C MET O 92 -79.21 31.89 39.86
N GLU O 93 -78.42 32.62 39.06
CA GLU O 93 -77.18 33.22 39.54
C GLU O 93 -77.06 34.64 39.02
N LEU O 94 -76.55 35.53 39.86
CA LEU O 94 -76.26 36.91 39.49
C LEU O 94 -74.79 37.05 39.13
N PHE O 95 -74.50 38.02 38.25
CA PHE O 95 -73.14 38.24 37.78
C PHE O 95 -73.05 39.62 37.14
N ARG O 96 -71.89 40.26 37.30
CA ARG O 96 -71.64 41.57 36.71
C ARG O 96 -70.49 41.48 35.73
N PRO O 97 -70.74 41.51 34.41
CA PRO O 97 -69.65 41.41 33.43
C PRO O 97 -68.75 42.63 33.45
N LYS O 98 -67.69 42.60 32.64
CA LYS O 98 -66.79 43.75 32.52
C LYS O 98 -67.51 44.88 31.80
N GLY O 99 -67.58 46.04 32.45
CA GLY O 99 -68.22 47.19 31.85
C GLY O 99 -69.73 47.16 31.94
N GLU O 100 -70.25 46.95 33.14
CA GLU O 100 -71.69 46.94 33.40
C GLU O 100 -71.98 47.68 34.69
N SER O 101 -73.06 48.45 34.69
CA SER O 101 -73.42 49.24 35.87
C SER O 101 -73.81 48.34 37.04
N LYS O 102 -74.84 47.51 36.85
CA LYS O 102 -75.34 46.63 37.89
C LYS O 102 -75.27 45.19 37.42
N ASP O 103 -75.73 44.28 38.29
CA ASP O 103 -75.64 42.85 38.03
C ASP O 103 -76.73 42.38 37.08
N LEU O 104 -76.39 41.40 36.26
CA LEU O 104 -77.34 40.69 35.42
C LEU O 104 -77.70 39.35 36.06
N LEU O 105 -78.87 38.83 35.69
CA LEU O 105 -79.40 37.61 36.29
C LEU O 105 -79.45 36.51 35.26
N PHE O 106 -78.70 35.43 35.50
CA PHE O 106 -78.77 34.25 34.64
C PHE O 106 -79.77 33.25 35.21
N ILE O 107 -80.68 32.78 34.37
CA ILE O 107 -81.72 31.84 34.79
C ILE O 107 -81.83 30.74 33.74
N LEU O 108 -81.74 29.49 34.21
CA LEU O 108 -81.98 28.32 33.38
C LEU O 108 -83.22 27.61 33.90
N THR O 109 -84.06 27.13 32.98
CA THR O 109 -85.30 26.47 33.32
C THR O 109 -85.14 24.96 33.25
N ALA O 110 -86.20 24.25 33.67
CA ALA O 110 -86.16 22.79 33.65
C ALA O 110 -86.12 22.27 32.22
N LYS O 111 -86.81 22.94 31.30
CA LYS O 111 -86.79 22.57 29.88
C LYS O 111 -85.56 23.10 29.15
N TYR O 112 -84.54 23.53 29.89
CA TYR O 112 -83.26 23.95 29.31
C TYR O 112 -83.39 25.27 28.54
N ASN O 113 -84.20 26.19 29.08
CA ASN O 113 -84.29 27.56 28.59
C ASN O 113 -83.35 28.42 29.42
N ALA O 114 -82.23 28.84 28.83
CA ALA O 114 -81.28 29.73 29.49
C ALA O 114 -81.52 31.16 29.05
N CYS O 115 -81.27 32.10 29.96
CA CYS O 115 -81.53 33.50 29.66
C CYS O 115 -80.72 34.39 30.60
N ILE O 116 -80.32 35.55 30.08
CA ILE O 116 -79.73 36.62 30.86
C ILE O 116 -80.72 37.78 30.87
N LEU O 117 -81.17 38.14 32.07
CA LEU O 117 -82.14 39.20 32.29
C LEU O 117 -81.49 40.39 32.99
N GLU O 118 -82.08 41.55 32.81
CA GLU O 118 -81.60 42.80 33.39
C GLU O 118 -82.76 43.56 33.99
N TYR O 119 -82.51 44.22 35.12
CA TYR O 119 -83.53 45.02 35.81
C TYR O 119 -83.52 46.43 35.24
N LYS O 120 -84.66 46.86 34.72
CA LYS O 120 -84.81 48.21 34.17
C LYS O 120 -86.09 48.84 34.69
N GLN O 121 -85.97 50.05 35.23
CA GLN O 121 -87.10 50.79 35.79
C GLN O 121 -87.11 52.20 35.23
N SER O 122 -88.28 52.65 34.76
CA SER O 122 -88.45 53.98 34.19
C SER O 122 -89.53 54.70 34.98
N GLY O 123 -89.11 55.60 35.87
CA GLY O 123 -90.05 56.34 36.68
C GLY O 123 -90.79 55.47 37.67
N GLU O 124 -91.92 54.90 37.23
CA GLU O 124 -92.72 54.01 38.07
C GLU O 124 -93.16 52.77 37.31
N SER O 125 -92.46 52.41 36.24
CA SER O 125 -92.77 51.22 35.45
C SER O 125 -91.57 50.28 35.52
N ILE O 126 -91.74 49.16 36.22
CA ILE O 126 -90.69 48.16 36.39
C ILE O 126 -90.86 47.08 35.34
N ASP O 127 -89.76 46.70 34.70
CA ASP O 127 -89.79 45.69 33.66
C ASP O 127 -88.49 44.90 33.68
N ILE O 128 -88.61 43.58 33.58
CA ILE O 128 -87.46 42.69 33.54
C ILE O 128 -87.23 42.37 32.07
N ILE O 129 -86.38 43.16 31.43
CA ILE O 129 -86.10 42.98 30.00
C ILE O 129 -85.14 41.84 29.79
N THR O 130 -85.31 41.12 28.68
CA THR O 130 -84.51 39.94 28.38
C THR O 130 -83.31 40.35 27.54
N ARG O 131 -82.15 40.41 28.18
CA ARG O 131 -80.92 40.75 27.45
C ARG O 131 -80.53 39.65 26.47
N ALA O 132 -80.66 38.39 26.89
CA ALA O 132 -80.31 37.27 26.02
C ALA O 132 -81.14 36.06 26.41
N HIS O 133 -81.29 35.13 25.47
CA HIS O 133 -82.10 33.95 25.74
C HIS O 133 -81.79 32.88 24.68
N GLY O 134 -82.13 31.64 25.02
CA GLY O 134 -82.00 30.53 24.09
C GLY O 134 -82.11 29.17 24.76
N ASN O 135 -82.46 28.14 24.00
CA ASN O 135 -82.60 26.78 24.54
C ASN O 135 -81.27 26.05 24.40
N VAL O 136 -80.80 25.45 25.49
CA VAL O 136 -79.48 24.82 25.51
C VAL O 136 -79.62 23.31 25.62
N GLN O 137 -80.72 22.77 25.12
CA GLN O 137 -80.95 21.33 25.18
C GLN O 137 -80.22 20.62 24.05
N ASP O 138 -79.73 19.42 24.34
CA ASP O 138 -79.00 18.60 23.40
C ASP O 138 -79.84 17.37 23.05
N ARG O 139 -80.16 17.22 21.76
CA ARG O 139 -80.96 16.08 21.31
C ARG O 139 -80.07 14.85 21.28
N ILE O 140 -80.06 14.12 22.40
CA ILE O 140 -79.24 12.96 22.73
C ILE O 140 -78.31 13.37 23.86
N GLY O 141 -78.31 12.59 24.93
CA GLY O 141 -77.54 12.92 26.12
C GLY O 141 -78.23 12.45 27.39
N ARG O 142 -77.51 11.68 28.19
CA ARG O 142 -78.09 11.13 29.42
C ARG O 142 -78.01 12.18 30.53
N PRO O 143 -79.14 12.68 31.03
CA PRO O 143 -79.09 13.63 32.14
C PRO O 143 -78.33 13.06 33.33
N SER O 144 -77.54 13.92 33.96
CA SER O 144 -76.66 13.48 35.04
C SER O 144 -77.46 13.06 36.27
N GLU O 145 -76.77 12.43 37.21
CA GLU O 145 -77.41 11.96 38.43
C GLU O 145 -77.59 13.08 39.45
N THR O 146 -76.70 14.06 39.47
CA THR O 146 -76.84 15.20 40.36
C THR O 146 -77.69 16.32 39.78
N GLY O 147 -78.34 16.08 38.65
CA GLY O 147 -79.21 17.07 38.07
C GLY O 147 -78.45 18.15 37.31
N ILE O 148 -79.16 19.23 37.02
CA ILE O 148 -78.56 20.36 36.31
C ILE O 148 -77.66 21.13 37.26
N ILE O 149 -76.46 21.48 36.81
CA ILE O 149 -75.52 22.28 37.59
C ILE O 149 -75.11 23.48 36.74
N GLY O 150 -75.39 24.68 37.22
CA GLY O 150 -75.02 25.88 36.49
C GLY O 150 -74.13 26.81 37.29
N ILE O 151 -72.93 27.09 36.78
CA ILE O 151 -71.99 27.98 37.45
C ILE O 151 -71.52 29.03 36.45
N ILE O 152 -70.96 30.10 36.99
CA ILE O 152 -70.47 31.22 36.19
C ILE O 152 -69.06 31.55 36.66
N ASP O 153 -68.19 31.89 35.71
CA ASP O 153 -66.82 32.26 36.05
C ASP O 153 -66.83 33.51 36.94
N PRO O 154 -65.95 33.59 37.93
CA PRO O 154 -65.95 34.79 38.79
C PRO O 154 -65.72 36.08 38.02
N GLU O 155 -64.89 36.05 36.98
CA GLU O 155 -64.64 37.21 36.14
C GLU O 155 -65.49 37.22 34.88
N CYS O 156 -66.59 36.46 34.86
CA CYS O 156 -67.57 36.52 33.78
C CYS O 156 -66.96 36.18 32.42
N ARG O 157 -66.08 35.17 32.41
CA ARG O 157 -65.54 34.69 31.15
C ARG O 157 -66.55 33.87 30.38
N MET O 158 -67.32 33.04 31.09
CA MET O 158 -68.27 32.13 30.46
C MET O 158 -69.23 31.61 31.51
N ILE O 159 -70.24 30.88 31.03
CA ILE O 159 -71.19 30.16 31.88
C ILE O 159 -71.00 28.68 31.61
N GLY O 160 -70.78 27.90 32.67
CA GLY O 160 -70.53 26.50 32.56
C GLY O 160 -71.72 25.72 33.08
N LEU O 161 -72.28 24.88 32.21
CA LEU O 161 -73.44 24.07 32.53
C LEU O 161 -73.05 22.59 32.46
N ARG O 162 -73.52 21.82 33.44
CA ARG O 162 -73.41 20.37 33.48
C ARG O 162 -74.82 19.83 33.47
N LEU O 163 -75.25 19.34 32.30
CA LEU O 163 -76.59 18.82 32.07
C LEU O 163 -76.61 17.33 31.81
N TYR O 164 -75.61 16.80 31.10
CA TYR O 164 -75.56 15.39 30.75
C TYR O 164 -74.20 14.82 31.14
N ASP O 165 -74.21 13.56 31.54
CA ASP O 165 -72.98 12.90 31.95
C ASP O 165 -72.00 12.84 30.77
N GLY O 166 -70.75 13.18 31.05
CA GLY O 166 -69.70 13.10 30.05
C GLY O 166 -69.53 14.34 29.18
N LEU O 167 -70.36 15.36 29.38
CA LEU O 167 -70.30 16.58 28.57
C LEU O 167 -70.36 17.79 29.48
N PHE O 168 -69.63 18.84 29.10
CA PHE O 168 -69.63 20.10 29.85
C PHE O 168 -69.93 21.23 28.86
N LYS O 169 -71.14 21.79 28.94
CA LYS O 169 -71.54 22.84 28.01
C LYS O 169 -70.96 24.17 28.48
N VAL O 170 -70.54 24.99 27.51
CA VAL O 170 -69.92 26.28 27.78
C VAL O 170 -70.59 27.32 26.90
N ILE O 171 -71.11 28.37 27.53
CA ILE O 171 -71.67 29.53 26.84
C ILE O 171 -70.70 30.69 27.02
N PRO O 172 -69.98 31.11 25.99
CA PRO O 172 -69.02 32.21 26.15
C PRO O 172 -69.72 33.53 26.38
N LEU O 173 -69.21 34.31 27.34
CA LEU O 173 -69.79 35.60 27.68
C LEU O 173 -69.16 36.68 26.81
N ASP O 174 -69.71 36.83 25.60
CA ASP O 174 -69.32 37.87 24.67
C ASP O 174 -70.53 38.73 24.32
N ARG O 175 -70.28 40.01 24.08
CA ARG O 175 -71.37 40.92 23.72
C ARG O 175 -72.09 40.49 22.45
N ASP O 176 -71.40 39.76 21.56
CA ASP O 176 -72.04 39.28 20.34
C ASP O 176 -72.99 38.12 20.60
N ASN O 177 -72.68 37.28 21.60
CA ASN O 177 -73.49 36.11 21.88
C ASN O 177 -74.86 36.50 22.44
N LYS O 178 -75.83 36.72 21.56
CA LYS O 178 -77.20 37.05 21.96
C LYS O 178 -78.11 35.85 22.00
N GLU O 179 -77.93 34.87 21.12
CA GLU O 179 -78.73 33.65 21.12
C GLU O 179 -78.21 32.61 22.10
N LEU O 180 -77.14 32.90 22.84
CA LEU O 180 -76.56 31.97 23.81
C LEU O 180 -76.01 30.72 23.12
N LYS O 181 -75.33 30.92 21.99
CA LYS O 181 -74.68 29.81 21.31
C LYS O 181 -73.57 29.25 22.19
N ALA O 182 -73.65 27.95 22.47
CA ALA O 182 -72.71 27.28 23.36
C ALA O 182 -72.10 26.08 22.66
N PHE O 183 -71.07 25.53 23.28
CA PHE O 183 -70.38 24.35 22.75
C PHE O 183 -70.08 23.39 23.88
N ASN O 184 -70.15 22.08 23.59
CA ASN O 184 -69.87 21.06 24.58
C ASN O 184 -68.39 20.67 24.54
N ILE O 185 -67.86 20.36 25.73
CA ILE O 185 -66.50 19.85 25.89
C ILE O 185 -66.60 18.43 26.40
N ARG O 186 -65.85 17.52 25.77
CA ARG O 186 -65.83 16.12 26.18
C ARG O 186 -65.22 15.99 27.57
N LEU O 187 -65.93 15.31 28.46
CA LEU O 187 -65.52 15.14 29.85
C LEU O 187 -65.30 13.66 30.14
N GLU O 188 -64.06 13.30 30.45
CA GLU O 188 -63.74 11.90 30.70
C GLU O 188 -64.38 11.40 31.99
N GLU O 189 -64.54 12.28 32.98
CA GLU O 189 -65.17 11.90 34.24
C GLU O 189 -66.69 11.92 34.07
N LEU O 190 -67.30 10.74 34.03
CA LEU O 190 -68.74 10.65 33.78
C LEU O 190 -69.56 11.03 35.00
N HIS O 191 -69.17 10.55 36.19
CA HIS O 191 -69.96 10.72 37.41
C HIS O 191 -69.39 11.90 38.19
N VAL O 192 -69.80 13.10 37.79
CA VAL O 192 -69.40 14.33 38.46
C VAL O 192 -70.46 14.70 39.47
N ILE O 193 -70.03 14.90 40.73
CA ILE O 193 -70.95 15.18 41.82
C ILE O 193 -71.22 16.68 41.91
N ASP O 194 -70.18 17.47 42.19
CA ASP O 194 -70.30 18.92 42.28
C ASP O 194 -69.14 19.56 41.56
N VAL O 195 -69.36 20.76 41.04
CA VAL O 195 -68.36 21.49 40.28
C VAL O 195 -68.54 22.99 40.54
N LYS O 196 -67.42 23.70 40.61
CA LYS O 196 -67.43 25.15 40.83
C LYS O 196 -66.33 25.78 39.97
N PHE O 197 -66.40 27.10 39.84
CA PHE O 197 -65.35 27.89 39.20
C PHE O 197 -64.46 28.47 40.28
N LEU O 198 -63.15 28.30 40.12
CA LEU O 198 -62.21 28.76 41.14
C LEU O 198 -61.94 30.26 40.99
N TYR O 199 -61.51 30.85 42.10
CA TYR O 199 -61.12 32.25 42.14
C TYR O 199 -59.61 32.39 42.00
N GLY O 200 -59.18 33.55 41.53
CA GLY O 200 -57.77 33.86 41.41
C GLY O 200 -56.99 32.92 40.51
N CYS O 201 -57.45 32.77 39.27
CA CYS O 201 -56.79 31.92 38.29
C CYS O 201 -56.53 32.72 37.02
N GLN O 202 -55.39 32.46 36.39
CA GLN O 202 -55.07 33.13 35.13
C GLN O 202 -56.11 32.81 34.07
N ALA O 203 -56.39 31.52 33.87
CA ALA O 203 -57.42 31.07 32.95
C ALA O 203 -58.61 30.51 33.70
N PRO O 204 -59.80 30.51 33.10
CA PRO O 204 -60.98 29.96 33.78
C PRO O 204 -60.76 28.50 34.16
N THR O 205 -60.83 28.23 35.46
CA THR O 205 -60.56 26.91 36.00
C THR O 205 -61.77 26.39 36.74
N ILE O 206 -62.16 25.15 36.43
CA ILE O 206 -63.24 24.45 37.14
C ILE O 206 -62.62 23.41 38.06
N CYS O 207 -63.21 23.26 39.23
CA CYS O 207 -62.82 22.25 40.20
C CYS O 207 -64.05 21.44 40.58
N PHE O 208 -63.93 20.11 40.50
CA PHE O 208 -65.11 19.26 40.64
C PHE O 208 -64.72 17.96 41.33
N VAL O 209 -65.68 17.42 42.08
CA VAL O 209 -65.54 16.11 42.72
C VAL O 209 -66.31 15.08 41.90
N TYR O 210 -65.65 13.98 41.56
CA TYR O 210 -66.24 12.91 40.78
C TYR O 210 -65.97 11.59 41.45
N GLN O 211 -66.59 10.53 40.94
CA GLN O 211 -66.45 9.20 41.50
C GLN O 211 -66.13 8.21 40.39
N ASP O 212 -65.24 7.25 40.70
CA ASP O 212 -64.88 6.15 39.83
C ASP O 212 -64.78 4.88 40.68
N PRO O 213 -64.49 3.73 40.08
CA PRO O 213 -64.42 2.49 40.88
C PRO O 213 -63.43 2.56 42.03
N GLN O 214 -62.49 3.50 42.03
CA GLN O 214 -61.53 3.64 43.10
C GLN O 214 -61.94 4.61 44.20
N GLY O 215 -63.15 5.18 44.11
CA GLY O 215 -63.60 6.13 45.11
C GLY O 215 -63.87 7.51 44.53
N ARG O 216 -63.91 8.52 45.40
CA ARG O 216 -64.18 9.89 44.98
C ARG O 216 -62.90 10.71 44.98
N HIS O 217 -62.76 11.59 43.99
CA HIS O 217 -61.57 12.42 43.83
C HIS O 217 -61.98 13.81 43.37
N VAL O 218 -61.17 14.80 43.76
CA VAL O 218 -61.34 16.19 43.33
C VAL O 218 -60.30 16.49 42.26
N LYS O 219 -60.74 17.10 41.16
CA LYS O 219 -59.89 17.35 40.01
C LYS O 219 -60.19 18.72 39.43
N THR O 220 -59.20 19.30 38.77
CA THR O 220 -59.32 20.63 38.19
C THR O 220 -59.00 20.60 36.70
N TYR O 221 -59.62 21.53 35.97
CA TYR O 221 -59.39 21.70 34.54
C TYR O 221 -59.37 23.18 34.22
N GLU O 222 -58.63 23.54 33.17
CA GLU O 222 -58.60 24.91 32.65
C GLU O 222 -59.39 24.94 31.36
N VAL O 223 -60.42 25.78 31.32
CA VAL O 223 -61.30 25.88 30.16
C VAL O 223 -60.71 26.88 29.19
N SER O 224 -60.35 26.42 27.99
CA SER O 224 -59.81 27.28 26.95
C SER O 224 -60.90 27.53 25.90
N LEU O 225 -61.30 28.80 25.76
CA LEU O 225 -62.31 29.17 24.77
C LEU O 225 -61.73 29.23 23.37
N ARG O 226 -60.45 29.58 23.24
CA ARG O 226 -59.82 29.61 21.93
C ARG O 226 -59.70 28.20 21.37
N GLU O 227 -59.04 27.31 22.10
CA GLU O 227 -59.00 25.90 21.73
C GLU O 227 -60.36 25.24 21.86
N LYS O 228 -61.25 25.79 22.69
CA LYS O 228 -62.55 25.21 22.95
C LYS O 228 -62.42 23.82 23.56
N GLU O 229 -61.63 23.72 24.63
CA GLU O 229 -61.35 22.41 25.20
C GLU O 229 -60.84 22.58 26.63
N PHE O 230 -60.41 21.46 27.21
CA PHE O 230 -59.85 21.42 28.55
C PHE O 230 -58.34 21.38 28.49
N ASN O 231 -57.71 21.87 29.56
CA ASN O 231 -56.27 21.80 29.74
C ASN O 231 -55.98 21.40 31.17
N LYS O 232 -54.77 20.89 31.39
CA LYS O 232 -54.38 20.43 32.71
C LYS O 232 -54.63 21.52 33.75
N GLY O 233 -55.21 21.12 34.89
CA GLY O 233 -55.55 22.05 35.94
C GLY O 233 -54.36 22.37 36.82
N PRO O 234 -54.46 23.48 37.56
CA PRO O 234 -53.35 23.87 38.44
C PRO O 234 -52.92 22.76 39.39
N TRP O 235 -53.86 21.98 39.88
CA TRP O 235 -53.55 20.84 40.74
C TRP O 235 -54.57 19.74 40.42
N LYS O 236 -54.13 18.73 39.67
CA LYS O 236 -55.03 17.70 39.19
C LYS O 236 -55.36 16.70 40.31
N GLN O 237 -55.97 15.58 39.93
CA GLN O 237 -56.64 14.63 40.83
C GLN O 237 -56.08 14.59 42.24
N GLU O 238 -56.97 14.70 43.23
CA GLU O 238 -56.64 14.54 44.64
C GLU O 238 -57.73 13.70 45.29
N ASN O 239 -57.33 12.70 46.06
CA ASN O 239 -58.30 11.79 46.67
C ASN O 239 -59.06 12.48 47.80
N VAL O 240 -60.38 12.29 47.83
CA VAL O 240 -61.23 12.87 48.88
C VAL O 240 -61.93 11.75 49.63
N GLU O 241 -62.77 12.10 50.60
CA GLU O 241 -63.45 11.08 51.39
C GLU O 241 -64.51 10.38 50.56
N ALA O 242 -65.06 9.30 51.12
CA ALA O 242 -66.02 8.48 50.38
C ALA O 242 -67.33 9.23 50.13
N GLU O 243 -67.74 10.09 51.06
CA GLU O 243 -69.02 10.79 50.98
C GLU O 243 -68.84 12.26 50.61
N ALA O 244 -67.80 12.59 49.85
CA ALA O 244 -67.55 13.97 49.45
C ALA O 244 -68.66 14.44 48.51
N SER O 245 -69.43 15.45 48.94
CA SER O 245 -70.62 15.86 48.20
C SER O 245 -70.71 17.34 47.88
N MET O 246 -69.92 18.22 48.52
CA MET O 246 -70.06 19.65 48.32
C MET O 246 -68.71 20.28 48.00
N VAL O 247 -68.71 21.21 47.04
CA VAL O 247 -67.52 21.94 46.63
C VAL O 247 -67.81 23.44 46.71
N ILE O 248 -66.91 24.20 47.32
CA ILE O 248 -67.09 25.63 47.55
C ILE O 248 -65.82 26.34 47.13
N ALA O 249 -65.95 27.29 46.20
CA ALA O 249 -64.80 28.10 45.78
C ALA O 249 -64.59 29.25 46.75
N VAL O 250 -63.35 29.42 47.19
CA VAL O 250 -63.02 30.46 48.16
C VAL O 250 -62.50 31.69 47.41
N PRO O 251 -62.89 32.91 47.82
CA PRO O 251 -62.48 34.11 47.06
C PRO O 251 -60.98 34.32 46.99
N GLU O 252 -60.57 35.48 46.46
CA GLU O 252 -59.17 35.73 46.17
C GLU O 252 -58.25 35.61 47.38
N PRO O 253 -58.57 36.20 48.53
CA PRO O 253 -57.62 36.15 49.67
C PRO O 253 -57.09 34.76 49.97
N PHE O 254 -57.97 33.76 50.05
CA PHE O 254 -57.55 32.40 50.35
C PHE O 254 -57.22 31.61 49.08
N GLY O 255 -58.18 31.51 48.17
CA GLY O 255 -58.00 30.69 46.99
C GLY O 255 -58.35 29.24 47.24
N GLY O 256 -58.10 28.41 46.23
CA GLY O 256 -58.36 27.00 46.37
C GLY O 256 -59.85 26.70 46.50
N ALA O 257 -60.16 25.64 47.24
CA ALA O 257 -61.55 25.20 47.38
C ALA O 257 -61.73 24.43 48.68
N ILE O 258 -62.99 24.29 49.07
CA ILE O 258 -63.40 23.56 50.27
C ILE O 258 -64.30 22.41 49.83
N ILE O 259 -63.93 21.20 50.21
CA ILE O 259 -64.71 19.99 49.93
C ILE O 259 -65.34 19.51 51.24
N ILE O 260 -66.66 19.40 51.24
CA ILE O 260 -67.42 18.99 52.40
C ILE O 260 -68.05 17.63 52.12
N GLY O 261 -67.83 16.68 53.04
CA GLY O 261 -68.43 15.37 52.95
C GLY O 261 -69.32 15.08 54.13
N GLN O 262 -69.42 13.81 54.53
CA GLN O 262 -70.28 13.45 55.65
C GLN O 262 -69.58 13.68 56.98
N GLU O 263 -68.35 13.20 57.12
CA GLU O 263 -67.63 13.28 58.39
C GLU O 263 -66.61 14.41 58.45
N SER O 264 -66.09 14.85 57.32
CA SER O 264 -64.95 15.76 57.31
C SER O 264 -65.21 16.96 56.40
N ILE O 265 -64.45 18.02 56.66
CA ILE O 265 -64.38 19.20 55.81
C ILE O 265 -62.90 19.43 55.51
N THR O 266 -62.57 19.55 54.23
CA THR O 266 -61.18 19.73 53.81
C THR O 266 -61.05 20.99 52.97
N TYR O 267 -59.85 21.56 52.99
CA TYR O 267 -59.49 22.70 52.16
C TYR O 267 -58.26 22.35 51.35
N HIS O 268 -58.35 22.52 50.03
CA HIS O 268 -57.26 22.21 49.12
C HIS O 268 -56.85 23.47 48.37
N ASN O 269 -55.54 23.71 48.26
CA ASN O 269 -55.04 24.85 47.51
C ASN O 269 -53.62 24.50 47.05
N GLY O 270 -53.48 24.17 45.77
CA GLY O 270 -52.20 23.81 45.21
C GLY O 270 -51.47 22.73 45.98
N ASP O 271 -50.53 23.14 46.83
CA ASP O 271 -49.74 22.19 47.60
C ASP O 271 -50.34 21.88 48.96
N LYS O 272 -51.05 22.84 49.56
CA LYS O 272 -51.58 22.67 50.90
C LYS O 272 -52.92 21.94 50.86
N TYR O 273 -53.12 21.05 51.83
CA TYR O 273 -54.32 20.21 51.89
C TYR O 273 -54.62 19.96 53.37
N LEU O 274 -55.43 20.84 53.94
CA LEU O 274 -55.82 20.74 55.33
C LEU O 274 -57.15 20.02 55.44
N ALA O 275 -57.36 19.31 56.55
CA ALA O 275 -58.57 18.53 56.72
C ALA O 275 -58.92 18.42 58.19
N ILE O 276 -60.20 18.61 58.51
CA ILE O 276 -60.70 18.49 59.88
C ILE O 276 -61.93 17.62 59.86
N ALA O 277 -62.11 16.84 60.94
CA ALA O 277 -63.23 15.92 61.10
C ALA O 277 -63.97 16.28 62.39
N PRO O 278 -64.75 17.35 62.39
CA PRO O 278 -65.47 17.77 63.60
C PRO O 278 -66.61 16.81 63.91
N PRO O 279 -66.70 16.32 65.15
CA PRO O 279 -67.82 15.44 65.50
C PRO O 279 -69.18 16.14 65.51
N ILE O 280 -69.21 17.47 65.55
CA ILE O 280 -70.48 18.20 65.61
C ILE O 280 -71.27 18.12 64.30
N ILE O 281 -70.64 17.64 63.22
CA ILE O 281 -71.29 17.56 61.92
C ILE O 281 -71.54 16.12 61.49
N LYS O 282 -71.25 15.14 62.36
CA LYS O 282 -71.36 13.74 61.99
C LYS O 282 -72.79 13.20 62.07
N GLN O 283 -73.67 13.81 62.88
CA GLN O 283 -75.01 13.27 63.06
C GLN O 283 -75.93 13.53 61.86
N SER O 284 -75.56 14.44 60.96
CA SER O 284 -76.39 14.73 59.79
C SER O 284 -75.51 15.29 58.69
N THR O 285 -76.03 15.22 57.47
CA THR O 285 -75.28 15.64 56.29
C THR O 285 -75.53 17.12 56.00
N ILE O 286 -74.45 17.85 55.74
CA ILE O 286 -74.55 19.24 55.32
C ILE O 286 -74.94 19.26 53.85
N VAL O 287 -76.03 19.97 53.54
CA VAL O 287 -76.62 19.95 52.21
C VAL O 287 -76.69 21.33 51.57
N CYS O 288 -76.30 22.38 52.29
CA CYS O 288 -76.34 23.72 51.71
C CYS O 288 -75.34 24.61 52.43
N HIS O 289 -74.88 25.64 51.72
CA HIS O 289 -73.88 26.55 52.24
C HIS O 289 -74.15 27.94 51.71
N ASN O 290 -73.40 28.90 52.25
CA ASN O 290 -73.44 30.28 51.75
C ASN O 290 -72.31 31.04 52.39
N ARG O 291 -71.79 32.03 51.66
CA ARG O 291 -70.65 32.81 52.09
C ARG O 291 -71.11 34.01 52.91
N VAL O 292 -70.45 34.23 54.04
CA VAL O 292 -70.79 35.34 54.92
C VAL O 292 -69.92 36.55 54.57
N ASP O 293 -68.62 36.44 54.84
CA ASP O 293 -67.70 37.52 54.55
C ASP O 293 -67.26 37.46 53.09
N PRO O 294 -67.28 38.58 52.36
CA PRO O 294 -66.90 38.52 50.94
C PRO O 294 -65.50 37.99 50.72
N ASN O 295 -64.61 38.09 51.71
CA ASN O 295 -63.25 37.59 51.57
C ASN O 295 -63.15 36.09 51.75
N GLY O 296 -64.20 35.45 52.25
CA GLY O 296 -64.20 34.02 52.48
C GLY O 296 -63.78 33.59 53.88
N SER O 297 -63.77 34.52 54.84
CA SER O 297 -63.36 34.16 56.19
C SER O 297 -64.39 33.31 56.91
N ARG O 298 -65.65 33.35 56.50
CA ARG O 298 -66.68 32.59 57.18
C ARG O 298 -67.74 32.14 56.18
N TYR O 299 -68.37 31.00 56.51
CA TYR O 299 -69.42 30.41 55.70
C TYR O 299 -70.51 29.86 56.62
N LEU O 300 -71.74 29.82 56.11
CA LEU O 300 -72.86 29.23 56.81
C LEU O 300 -73.16 27.85 56.22
N LEU O 301 -73.36 26.87 57.10
CA LEU O 301 -73.63 25.49 56.69
C LEU O 301 -74.95 25.03 57.27
N GLY O 302 -75.74 24.33 56.46
CA GLY O 302 -77.00 23.80 56.93
C GLY O 302 -77.16 22.32 56.64
N ASP O 303 -77.56 21.54 57.63
CA ASP O 303 -77.72 20.10 57.43
C ASP O 303 -79.18 19.77 57.13
N MET O 304 -79.45 18.48 56.95
CA MET O 304 -80.79 18.05 56.55
C MET O 304 -81.82 18.28 57.66
N GLU O 305 -81.40 18.21 58.92
CA GLU O 305 -82.32 18.25 60.05
C GLU O 305 -82.47 19.65 60.64
N GLY O 306 -82.10 20.69 59.88
CA GLY O 306 -82.33 22.07 60.28
C GLY O 306 -81.20 22.72 61.04
N ARG O 307 -80.11 22.01 61.31
CA ARG O 307 -78.98 22.58 62.04
C ARG O 307 -78.20 23.56 61.18
N LEU O 308 -77.79 24.67 61.79
CA LEU O 308 -77.02 25.73 61.16
C LEU O 308 -75.70 25.90 61.89
N PHE O 309 -74.59 25.69 61.17
CA PHE O 309 -73.23 25.81 61.66
C PHE O 309 -72.53 26.98 60.98
N MET O 310 -71.41 27.39 61.59
CA MET O 310 -70.54 28.44 61.07
C MET O 310 -69.16 27.85 60.84
N LEU O 311 -68.71 27.86 59.59
CA LEU O 311 -67.38 27.38 59.24
C LEU O 311 -66.45 28.59 59.10
N LEU O 312 -65.42 28.66 59.94
CA LEU O 312 -64.52 29.79 59.98
C LEU O 312 -63.17 29.44 59.39
N LEU O 313 -62.63 30.34 58.57
CA LEU O 313 -61.32 30.19 57.95
C LEU O 313 -60.38 31.23 58.55
N GLU O 314 -59.43 30.77 59.35
CA GLU O 314 -58.48 31.67 59.98
C GLU O 314 -57.39 32.08 59.00
N LYS O 315 -56.93 33.32 59.14
CA LYS O 315 -55.95 33.89 58.23
C LYS O 315 -54.54 33.71 58.77
N GLU O 316 -53.56 34.07 57.93
CA GLU O 316 -52.15 34.05 58.32
C GLU O 316 -51.41 34.96 57.34
N GLU O 317 -51.08 36.17 57.79
CA GLU O 317 -50.48 37.15 56.90
C GLU O 317 -49.16 36.66 56.30
N GLN O 318 -48.40 35.88 57.05
CA GLN O 318 -47.07 35.42 56.63
C GLN O 318 -46.14 36.59 56.34
N MET O 319 -46.42 37.75 56.93
CA MET O 319 -45.55 38.93 56.86
C MET O 319 -45.49 39.52 55.46
N ASP O 320 -44.80 38.88 54.52
CA ASP O 320 -44.65 39.46 53.19
C ASP O 320 -45.99 39.82 52.57
N GLY O 321 -47.08 39.22 53.03
CA GLY O 321 -48.40 39.59 52.55
C GLY O 321 -49.03 38.59 51.60
N THR O 322 -48.84 37.30 51.89
CA THR O 322 -49.39 36.23 51.05
C THR O 322 -50.72 35.70 51.57
N VAL O 323 -51.09 36.02 52.81
CA VAL O 323 -52.33 35.57 53.44
C VAL O 323 -52.66 34.13 53.06
N THR O 324 -52.23 33.18 53.89
CA THR O 324 -52.52 31.77 53.73
C THR O 324 -53.53 31.33 54.78
N LEU O 325 -54.13 30.16 54.55
CA LEU O 325 -55.09 29.61 55.50
C LEU O 325 -54.34 28.98 56.67
N LYS O 326 -54.76 29.33 57.89
CA LYS O 326 -54.13 28.81 59.10
C LYS O 326 -54.86 27.58 59.66
N ASP O 327 -56.17 27.66 59.84
CA ASP O 327 -56.91 26.57 60.45
C ASP O 327 -58.37 26.67 60.05
N LEU O 328 -59.11 25.59 60.30
CA LEU O 328 -60.53 25.49 60.00
C LEU O 328 -61.30 25.20 61.28
N ARG O 329 -62.50 25.79 61.40
CA ARG O 329 -63.31 25.65 62.60
C ARG O 329 -64.78 25.54 62.22
N VAL O 330 -65.52 24.79 63.03
CA VAL O 330 -66.95 24.59 62.84
C VAL O 330 -67.65 24.83 64.16
N GLU O 331 -68.60 25.77 64.17
CA GLU O 331 -69.34 26.13 65.38
C GLU O 331 -70.84 25.99 65.10
N LEU O 332 -71.52 25.22 65.94
CA LEU O 332 -72.96 25.03 65.81
C LEU O 332 -73.68 26.29 66.25
N LEU O 333 -74.16 27.07 65.28
CA LEU O 333 -74.91 28.28 65.60
C LEU O 333 -76.26 27.94 66.24
N GLY O 334 -77.07 27.13 65.55
CA GLY O 334 -78.36 26.79 66.12
C GLY O 334 -79.26 25.93 65.25
N GLU O 335 -80.57 26.07 65.42
CA GLU O 335 -81.56 25.32 64.67
C GLU O 335 -82.49 26.27 63.92
N THR O 336 -82.69 26.00 62.64
CA THR O 336 -83.67 26.73 61.83
C THR O 336 -84.60 25.74 61.16
N SER O 337 -85.45 26.23 60.25
CA SER O 337 -86.22 25.31 59.43
C SER O 337 -85.28 24.49 58.56
N ILE O 338 -85.77 23.33 58.12
CA ILE O 338 -84.99 22.47 57.23
C ILE O 338 -84.64 23.26 55.98
N ALA O 339 -83.38 23.73 55.91
CA ALA O 339 -83.00 24.71 54.91
C ALA O 339 -82.68 24.05 53.58
N GLU O 340 -83.41 24.46 52.53
CA GLU O 340 -83.03 24.10 51.17
C GLU O 340 -81.91 24.99 50.65
N CYS O 341 -81.90 26.25 51.06
CA CYS O 341 -80.91 27.21 50.61
C CYS O 341 -80.72 28.28 51.68
N LEU O 342 -79.49 28.79 51.78
CA LEU O 342 -79.15 29.83 52.74
C LEU O 342 -78.56 31.02 52.00
N THR O 343 -78.68 32.20 52.62
CA THR O 343 -78.08 33.41 52.08
C THR O 343 -77.99 34.44 53.19
N TYR O 344 -76.79 34.98 53.40
CA TYR O 344 -76.54 35.99 54.42
C TYR O 344 -76.87 37.36 53.85
N LEU O 345 -77.79 38.07 54.49
CA LEU O 345 -78.18 39.39 54.04
C LEU O 345 -77.18 40.43 54.52
N ASP O 346 -77.34 40.90 55.76
CA ASP O 346 -76.38 41.84 56.35
C ASP O 346 -76.71 42.11 57.82
N ASN O 347 -75.68 42.43 58.61
CA ASN O 347 -75.86 42.76 60.02
C ASN O 347 -76.43 41.59 60.81
N GLY O 348 -75.91 40.38 60.53
CA GLY O 348 -76.31 39.22 61.29
C GLY O 348 -77.64 38.61 60.92
N VAL O 349 -78.30 39.10 59.88
CA VAL O 349 -79.60 38.59 59.45
C VAL O 349 -79.38 37.59 58.32
N VAL O 350 -79.93 36.39 58.50
CA VAL O 350 -79.80 35.31 57.52
C VAL O 350 -81.18 34.89 57.07
N PHE O 351 -81.35 34.71 55.75
CA PHE O 351 -82.59 34.24 55.17
C PHE O 351 -82.48 32.74 54.92
N VAL O 352 -83.39 31.98 55.51
CA VAL O 352 -83.45 30.52 55.37
C VAL O 352 -84.62 30.20 54.45
N GLY O 353 -84.33 29.83 53.22
CA GLY O 353 -85.36 29.33 52.32
C GLY O 353 -85.58 27.85 52.56
N SER O 354 -86.83 27.46 52.74
CA SER O 354 -87.18 26.10 53.13
C SER O 354 -88.20 25.52 52.16
N ARG O 355 -88.09 24.21 51.92
CA ARG O 355 -89.03 23.47 51.10
C ARG O 355 -90.01 22.64 51.94
N LEU O 356 -89.53 22.05 53.03
CA LEU O 356 -90.38 21.24 53.89
C LEU O 356 -91.14 22.06 54.93
N GLY O 357 -90.71 23.29 55.20
CA GLY O 357 -91.36 24.12 56.18
C GLY O 357 -91.42 25.58 55.80
N ASP O 358 -91.77 26.44 56.75
CA ASP O 358 -91.85 27.87 56.48
C ASP O 358 -90.46 28.47 56.28
N SER O 359 -90.39 29.49 55.42
CA SER O 359 -89.13 30.20 55.26
C SER O 359 -88.94 31.19 56.41
N GLN O 360 -87.69 31.59 56.62
CA GLN O 360 -87.37 32.35 57.83
C GLN O 360 -86.42 33.49 57.55
N LEU O 361 -86.56 34.55 58.33
CA LEU O 361 -85.54 35.58 58.52
C LEU O 361 -85.10 35.48 59.98
N VAL O 362 -83.83 35.13 60.19
CA VAL O 362 -83.31 34.89 61.53
C VAL O 362 -82.16 35.85 61.80
N LYS O 363 -81.91 36.09 63.08
CA LYS O 363 -80.84 36.96 63.53
C LYS O 363 -79.76 36.13 64.22
N LEU O 364 -78.50 36.45 63.93
CA LEU O 364 -77.35 35.75 64.49
C LEU O 364 -76.72 36.66 65.54
N ASN O 365 -76.93 36.33 66.80
CA ASN O 365 -76.36 37.09 67.91
C ASN O 365 -74.99 36.55 68.28
N VAL O 366 -74.17 37.40 68.90
CA VAL O 366 -72.82 37.04 69.26
C VAL O 366 -72.77 36.31 70.60
N ASP O 367 -73.54 36.79 71.59
CA ASP O 367 -73.48 36.26 72.94
C ASP O 367 -74.36 35.03 73.14
N SER O 368 -75.13 34.63 72.13
CA SER O 368 -76.06 33.50 72.26
C SER O 368 -77.07 33.77 73.37
N ASN O 369 -77.80 32.74 73.80
CA ASN O 369 -78.79 32.91 74.86
C ASN O 369 -78.63 31.83 75.93
N GLU O 370 -79.58 31.77 76.87
CA GLU O 370 -79.46 30.84 77.99
C GLU O 370 -79.47 29.40 77.52
N GLN O 371 -80.26 29.08 76.48
CA GLN O 371 -80.30 27.73 75.97
C GLN O 371 -79.03 27.35 75.22
N GLY O 372 -78.24 28.33 74.79
CA GLY O 372 -77.02 28.07 74.05
C GLY O 372 -77.10 28.34 72.58
N SER O 373 -78.27 28.70 72.06
CA SER O 373 -78.42 28.98 70.64
C SER O 373 -77.96 30.40 70.32
N TYR O 374 -77.34 30.56 69.15
CA TYR O 374 -76.92 31.86 68.66
C TYR O 374 -77.89 32.46 67.64
N VAL O 375 -78.92 31.70 67.24
CA VAL O 375 -79.86 32.14 66.23
C VAL O 375 -81.18 32.51 66.91
N VAL O 376 -81.81 33.58 66.42
CA VAL O 376 -83.10 34.03 66.93
C VAL O 376 -83.98 34.37 65.74
N ALA O 377 -85.18 33.80 65.71
CA ALA O 377 -86.06 33.99 64.57
C ALA O 377 -86.62 35.40 64.55
N MET O 378 -86.71 35.98 63.35
CA MET O 378 -87.30 37.29 63.15
C MET O 378 -88.64 37.20 62.44
N GLU O 379 -88.65 36.74 61.20
CA GLU O 379 -89.86 36.63 60.40
C GLU O 379 -90.07 35.19 59.94
N THR O 380 -91.33 34.82 59.77
CA THR O 380 -91.72 33.48 59.35
C THR O 380 -92.66 33.61 58.15
N PHE O 381 -92.12 33.35 56.95
CA PHE O 381 -92.91 33.38 55.73
C PHE O 381 -93.60 32.03 55.54
N THR O 382 -94.93 32.07 55.42
CA THR O 382 -95.72 30.86 55.32
C THR O 382 -95.37 30.09 54.05
N ASN O 383 -95.21 28.77 54.19
CA ASN O 383 -94.97 27.88 53.06
C ASN O 383 -95.89 26.67 53.24
N LEU O 384 -96.90 26.57 52.38
CA LEU O 384 -97.78 25.41 52.42
C LEU O 384 -97.03 24.10 52.20
N GLY O 385 -95.76 24.16 51.81
CA GLY O 385 -94.90 23.01 51.72
C GLY O 385 -95.54 21.84 50.98
N PRO O 386 -94.98 20.66 51.18
CA PRO O 386 -95.53 19.48 50.49
C PRO O 386 -96.94 19.16 50.96
N ILE O 387 -97.92 19.41 50.10
CA ILE O 387 -99.32 19.09 50.40
C ILE O 387 -99.54 17.63 50.01
N VAL O 388 -99.44 16.72 51.00
CA VAL O 388 -99.60 15.29 50.72
C VAL O 388 -101.05 14.86 50.73
N ASP O 389 -101.93 15.62 51.37
CA ASP O 389 -103.35 15.30 51.41
C ASP O 389 -104.10 16.55 51.86
N MET O 390 -105.39 16.60 51.56
CA MET O 390 -106.18 17.77 51.88
C MET O 390 -107.66 17.41 51.77
N CYS O 391 -108.50 18.30 52.31
CA CYS O 391 -109.94 18.13 52.25
C CYS O 391 -110.61 19.49 52.38
N VAL O 392 -111.86 19.57 51.92
CA VAL O 392 -112.63 20.81 51.95
C VAL O 392 -113.73 20.66 53.00
N VAL O 393 -113.82 21.64 53.90
CA VAL O 393 -114.77 21.61 55.00
C VAL O 393 -115.42 22.99 55.12
N ASP O 394 -116.70 23.01 55.46
CA ASP O 394 -117.43 24.27 55.56
C ASP O 394 -117.07 25.02 56.84
N LEU O 395 -117.04 24.31 57.97
CA LEU O 395 -116.58 24.89 59.22
C LEU O 395 -117.53 25.94 59.78
N GLU O 396 -117.28 27.22 59.48
CA GLU O 396 -117.98 28.31 60.14
C GLU O 396 -119.12 28.89 59.30
N ARG O 397 -118.84 29.31 58.06
CA ARG O 397 -119.83 30.04 57.30
C ARG O 397 -121.06 29.20 56.96
N GLN O 398 -120.95 27.88 56.94
CA GLN O 398 -122.05 27.00 56.55
C GLN O 398 -122.54 27.33 55.15
N GLY O 399 -121.66 27.89 54.32
CA GLY O 399 -122.01 28.24 52.95
C GLY O 399 -120.86 28.01 51.99
N GLN O 400 -119.77 28.76 52.15
CA GLN O 400 -118.58 28.56 51.34
C GLN O 400 -117.58 27.69 52.07
N GLY O 401 -116.74 27.01 51.30
CA GLY O 401 -115.82 26.04 51.85
C GLY O 401 -114.41 26.58 52.08
N GLN O 402 -113.70 25.89 53.00
CA GLN O 402 -112.32 26.17 53.33
C GLN O 402 -111.49 24.91 53.11
N LEU O 403 -110.19 25.09 52.92
CA LEU O 403 -109.33 23.98 52.51
C LEU O 403 -108.33 23.67 53.63
N VAL O 404 -108.38 22.46 54.17
CA VAL O 404 -107.47 22.02 55.22
C VAL O 404 -106.50 21.02 54.60
N THR O 405 -105.19 21.34 54.67
CA THR O 405 -104.16 20.54 54.02
C THR O 405 -103.14 20.05 55.04
N CYS O 406 -102.62 18.85 54.81
CA CYS O 406 -101.48 18.31 55.57
C CYS O 406 -100.21 18.82 54.89
N SER O 407 -99.48 19.71 55.55
CA SER O 407 -98.32 20.33 54.95
C SER O 407 -97.06 19.97 55.73
N GLY O 408 -95.91 20.19 55.10
CA GLY O 408 -94.63 20.00 55.74
C GLY O 408 -94.26 18.56 56.05
N ALA O 409 -93.04 18.36 56.51
CA ALA O 409 -92.54 17.03 56.81
C ALA O 409 -91.62 17.09 58.03
N PHE O 410 -91.70 16.07 58.88
CA PHE O 410 -90.86 16.01 60.07
C PHE O 410 -91.25 17.13 61.04
N LYS O 411 -90.27 17.81 61.66
CA LYS O 411 -90.62 18.84 62.62
C LYS O 411 -91.37 20.00 61.98
N GLU O 412 -91.24 20.17 60.65
CA GLU O 412 -91.98 21.22 59.94
C GLU O 412 -93.42 20.82 59.63
N GLY O 413 -93.79 19.57 59.88
CA GLY O 413 -95.12 19.11 59.56
C GLY O 413 -96.17 19.88 60.33
N SER O 414 -97.33 20.08 59.69
CA SER O 414 -98.38 20.92 60.25
C SER O 414 -99.65 20.74 59.42
N LEU O 415 -100.72 21.40 59.88
CA LEU O 415 -101.95 21.55 59.14
C LEU O 415 -102.13 23.01 58.74
N ARG O 416 -102.74 23.23 57.58
CA ARG O 416 -102.97 24.58 57.06
C ARG O 416 -104.44 24.73 56.74
N ILE O 417 -105.10 25.72 57.35
CA ILE O 417 -106.50 26.03 57.08
C ILE O 417 -106.52 27.27 56.19
N ILE O 418 -106.63 27.05 54.89
CA ILE O 418 -106.67 28.13 53.91
C ILE O 418 -108.11 28.61 53.76
N ARG O 419 -108.29 29.92 53.91
CA ARG O 419 -109.56 30.62 53.70
C ARG O 419 -109.44 31.53 52.48
N ASN O 420 -110.58 31.76 51.83
CA ASN O 420 -110.60 32.59 50.63
C ASN O 420 -111.07 34.01 50.95
N ILE O 436 -102.16 32.34 56.51
CA ILE O 436 -102.92 31.09 56.57
C ILE O 436 -102.82 30.47 57.96
N ARG O 437 -103.97 30.09 58.51
CA ARG O 437 -104.01 29.51 59.85
C ARG O 437 -103.19 28.22 59.91
N THR O 438 -102.09 28.26 60.66
CA THR O 438 -101.18 27.12 60.75
C THR O 438 -101.34 26.43 62.11
N VAL O 439 -101.35 25.11 62.07
CA VAL O 439 -101.39 24.28 63.27
C VAL O 439 -100.18 23.38 63.26
N PRO O 440 -99.13 23.74 64.01
CA PRO O 440 -97.89 22.95 63.98
C PRO O 440 -98.07 21.62 64.68
N LEU O 441 -97.59 20.55 64.04
CA LEU O 441 -97.66 19.20 64.60
C LEU O 441 -96.30 18.66 65.02
N TYR O 442 -95.20 19.21 64.50
CA TYR O 442 -93.86 18.75 64.82
C TYR O 442 -93.65 17.27 64.47
N GLU O 443 -94.50 16.74 63.60
CA GLU O 443 -94.34 15.40 63.06
C GLU O 443 -95.03 15.36 61.70
N SER O 444 -94.77 14.29 60.96
CA SER O 444 -95.18 14.25 59.55
C SER O 444 -96.65 13.84 59.40
N PRO O 445 -97.53 14.74 58.96
CA PRO O 445 -98.90 14.34 58.63
C PRO O 445 -98.95 13.72 57.24
N ARG O 446 -99.87 12.78 57.07
CA ARG O 446 -99.98 12.01 55.84
C ARG O 446 -101.36 12.10 55.20
N LYS O 447 -102.40 11.81 55.96
CA LYS O 447 -103.76 11.80 55.45
C LYS O 447 -104.67 12.56 56.41
N ILE O 448 -105.79 13.04 55.89
CA ILE O 448 -106.72 13.82 56.69
C ILE O 448 -108.12 13.60 56.16
N CYS O 449 -109.09 13.59 57.08
CA CYS O 449 -110.50 13.49 56.73
C CYS O 449 -111.31 14.16 57.82
N TYR O 450 -112.47 14.68 57.43
CA TYR O 450 -113.33 15.44 58.33
C TYR O 450 -114.56 14.61 58.70
N GLN O 451 -114.97 14.72 59.97
CA GLN O 451 -116.12 14.00 60.51
C GLN O 451 -117.05 15.03 61.15
N GLU O 452 -118.12 15.38 60.43
CA GLU O 452 -119.00 16.44 60.91
C GLU O 452 -119.82 16.00 62.12
N VAL O 453 -120.06 14.69 62.26
CA VAL O 453 -120.87 14.22 63.38
C VAL O 453 -120.19 14.52 64.71
N SER O 454 -118.86 14.40 64.76
CA SER O 454 -118.12 14.63 65.99
C SER O 454 -117.40 15.98 65.99
N GLN O 455 -117.56 16.78 64.93
CA GLN O 455 -117.00 18.13 64.88
C GLN O 455 -115.49 18.11 65.10
N CYS O 456 -114.80 17.33 64.28
CA CYS O 456 -113.35 17.23 64.40
C CYS O 456 -112.79 16.57 63.14
N PHE O 457 -111.46 16.57 63.05
CA PHE O 457 -110.73 15.94 61.96
C PHE O 457 -110.00 14.71 62.46
N GLY O 458 -109.83 13.75 61.55
CA GLY O 458 -108.94 12.62 61.77
C GLY O 458 -107.77 12.71 60.81
N VAL O 459 -106.57 12.58 61.36
CA VAL O 459 -105.36 12.77 60.58
C VAL O 459 -104.38 11.65 60.89
N LEU O 460 -103.90 10.96 59.86
CA LEU O 460 -102.82 10.00 60.03
C LEU O 460 -101.48 10.73 60.08
N SER O 461 -100.58 10.25 60.93
CA SER O 461 -99.31 10.92 61.11
C SER O 461 -98.24 9.91 61.49
N SER O 462 -96.99 10.34 61.36
CA SER O 462 -95.84 9.52 61.70
C SER O 462 -94.76 10.39 62.32
N ARG O 463 -94.12 9.86 63.36
CA ARG O 463 -93.02 10.54 64.03
C ARG O 463 -91.81 9.61 64.09
N ILE O 464 -90.63 10.18 63.89
CA ILE O 464 -89.40 9.40 63.88
C ILE O 464 -88.90 9.22 65.30
N GLU O 465 -88.49 7.99 65.64
CA GLU O 465 -87.82 7.70 66.90
C GLU O 465 -86.59 6.87 66.61
N VAL O 466 -85.68 6.83 67.58
CA VAL O 466 -84.38 6.17 67.44
C VAL O 466 -84.33 4.99 68.39
N GLN O 467 -83.69 3.91 67.95
CA GLN O 467 -83.55 2.73 68.78
C GLN O 467 -82.69 3.04 70.00
N ASP O 468 -83.18 2.65 71.17
CA ASP O 468 -82.50 2.92 72.44
C ASP O 468 -81.69 1.70 72.87
N THR O 469 -80.65 1.96 73.66
CA THR O 469 -79.85 0.88 74.20
C THR O 469 -80.67 -0.10 75.02
N SER O 470 -81.71 0.38 75.72
CA SER O 470 -82.51 -0.50 76.55
C SER O 470 -83.27 -1.53 75.70
N GLY O 471 -83.55 -1.20 74.45
CA GLY O 471 -84.30 -2.10 73.59
C GLY O 471 -85.46 -1.41 72.91
N GLY O 472 -86.12 -0.51 73.64
CA GLY O 472 -87.21 0.27 73.09
C GLY O 472 -86.71 1.40 72.22
N THR O 473 -87.62 2.33 71.93
CA THR O 473 -87.33 3.47 71.09
C THR O 473 -87.53 4.76 71.89
N THR O 474 -86.85 5.82 71.46
CA THR O 474 -86.93 7.13 72.10
C THR O 474 -87.22 8.19 71.05
N ALA O 475 -88.10 9.12 71.39
CA ALA O 475 -88.49 10.18 70.46
C ALA O 475 -87.42 11.26 70.37
N LEU O 476 -87.49 12.04 69.29
CA LEU O 476 -86.52 13.12 69.11
C LEU O 476 -86.99 14.41 69.75
N ARG O 477 -88.26 14.74 69.60
CA ARG O 477 -88.81 15.97 70.15
C ARG O 477 -90.29 15.74 70.46
N PRO O 478 -90.85 16.50 71.40
CA PRO O 478 -92.29 16.34 71.70
C PRO O 478 -93.15 16.84 70.55
N SER O 479 -93.87 15.92 69.90
CA SER O 479 -94.70 16.24 68.75
C SER O 479 -96.18 16.05 69.09
N ALA O 480 -97.02 16.13 68.05
CA ALA O 480 -98.46 16.10 68.27
C ALA O 480 -98.91 14.76 68.85
N SER O 481 -98.36 13.65 68.35
CA SER O 481 -98.78 12.34 68.82
C SER O 481 -98.37 12.06 70.27
N THR O 482 -97.35 12.74 70.78
CA THR O 482 -96.92 12.54 72.15
C THR O 482 -97.58 13.49 73.14
N GLN O 483 -97.92 14.70 72.70
CA GLN O 483 -98.58 15.68 73.56
C GLN O 483 -100.08 15.73 73.27
N ALA O 484 -100.74 14.60 73.50
CA ALA O 484 -102.16 14.46 73.27
C ALA O 484 -102.91 14.39 74.60
N LEU O 485 -104.15 14.84 74.59
CA LEU O 485 -104.99 14.76 75.79
C LEU O 485 -105.29 13.32 76.14
N SER O 486 -105.96 12.60 75.25
CA SER O 486 -106.22 11.18 75.41
C SER O 486 -105.25 10.39 74.53
N SER O 487 -104.82 9.23 75.03
CA SER O 487 -103.85 8.40 74.32
C SER O 487 -104.27 6.94 74.41
N SER O 488 -103.80 6.15 73.46
CA SER O 488 -104.11 4.72 73.41
C SER O 488 -103.13 4.04 72.46
N VAL O 489 -103.03 2.72 72.61
CA VAL O 489 -102.18 1.90 71.74
C VAL O 489 -102.98 0.70 71.25
N SER O 490 -102.64 0.25 70.04
CA SER O 490 -103.30 -0.90 69.45
C SER O 490 -102.90 -2.17 70.19
N SER O 491 -103.88 -2.81 70.82
CA SER O 491 -103.65 -4.04 71.57
C SER O 491 -104.36 -5.17 70.83
N SER O 492 -103.76 -5.60 69.71
CA SER O 492 -104.33 -6.63 68.86
C SER O 492 -103.54 -7.92 68.96
N LYS O 493 -104.20 -9.02 68.59
CA LYS O 493 -103.61 -10.35 68.64
C LYS O 493 -103.37 -10.95 67.27
N LEU O 494 -103.70 -10.23 66.19
CA LEU O 494 -103.52 -10.77 64.86
C LEU O 494 -102.05 -11.07 64.59
N PHE O 495 -101.20 -10.05 64.69
CA PHE O 495 -99.78 -10.20 64.39
C PHE O 495 -98.92 -10.32 65.65
N SER O 496 -99.53 -10.25 66.83
CA SER O 496 -98.78 -10.51 68.05
C SER O 496 -98.26 -11.94 68.07
N SER O 497 -99.04 -12.88 67.57
CA SER O 497 -98.63 -14.28 67.46
C SER O 497 -97.99 -14.58 66.11
N SER O 498 -98.53 -14.03 65.03
CA SER O 498 -97.99 -14.24 63.69
C SER O 498 -97.00 -13.12 63.38
N THR O 499 -95.78 -13.28 63.88
CA THR O 499 -94.72 -12.31 63.70
C THR O 499 -93.44 -13.01 63.24
N ALA O 500 -92.64 -12.28 62.43
CA ALA O 500 -91.37 -12.78 61.92
C ALA O 500 -90.23 -12.48 62.89
N PRO O 501 -89.21 -13.33 62.91
CA PRO O 501 -88.09 -13.13 63.85
C PRO O 501 -87.06 -12.16 63.27
N HIS O 502 -86.77 -11.10 64.01
CA HIS O 502 -85.80 -10.09 63.59
C HIS O 502 -85.55 -9.15 64.75
N GLU O 503 -84.49 -8.36 64.64
CA GLU O 503 -84.10 -7.43 65.69
C GLU O 503 -83.53 -6.17 65.07
N THR O 504 -83.80 -5.03 65.71
CA THR O 504 -83.29 -3.74 65.28
C THR O 504 -82.07 -3.35 66.11
N SER O 505 -81.07 -2.80 65.44
CA SER O 505 -79.84 -2.40 66.11
C SER O 505 -79.98 -1.00 66.70
N PHE O 506 -79.07 -0.67 67.62
CA PHE O 506 -79.10 0.62 68.27
C PHE O 506 -78.79 1.74 67.28
N GLY O 507 -79.50 2.87 67.44
CA GLY O 507 -79.30 4.03 66.60
C GLY O 507 -80.19 4.11 65.38
N GLU O 508 -80.67 2.97 64.88
CA GLU O 508 -81.52 2.97 63.69
C GLU O 508 -82.81 3.74 63.95
N GLU O 509 -83.33 4.36 62.90
CA GLU O 509 -84.56 5.14 62.98
C GLU O 509 -85.76 4.27 62.60
N VAL O 510 -86.87 4.49 63.29
CA VAL O 510 -88.14 3.82 63.01
C VAL O 510 -89.26 4.82 63.22
N GLU O 511 -90.21 4.86 62.28
CA GLU O 511 -91.31 5.81 62.34
C GLU O 511 -92.53 5.13 62.96
N VAL O 512 -93.10 5.79 63.95
CA VAL O 512 -94.32 5.32 64.61
C VAL O 512 -95.50 6.05 63.99
N HIS O 513 -96.54 5.30 63.65
CA HIS O 513 -97.73 5.83 63.01
C HIS O 513 -98.86 5.98 64.03
N ASN O 514 -99.61 7.07 63.91
CA ASN O 514 -100.68 7.38 64.85
C ASN O 514 -101.86 7.98 64.10
N LEU O 515 -103.04 7.83 64.69
CA LEU O 515 -104.26 8.49 64.25
C LEU O 515 -104.60 9.58 65.25
N LEU O 516 -104.62 10.82 64.79
CA LEU O 516 -104.89 11.98 65.63
C LEU O 516 -106.32 12.45 65.41
N ILE O 517 -107.06 12.59 66.50
CA ILE O 517 -108.38 13.19 66.51
C ILE O 517 -108.21 14.61 67.01
N ILE O 518 -108.46 15.58 66.13
CA ILE O 518 -108.11 16.98 66.33
C ILE O 518 -109.39 17.81 66.27
N ASP O 519 -109.61 18.65 67.26
CA ASP O 519 -110.81 19.48 67.27
C ASP O 519 -110.85 20.39 66.05
N GLN O 520 -112.07 20.69 65.59
CA GLN O 520 -112.26 21.52 64.40
C GLN O 520 -112.25 23.01 64.71
N HIS O 521 -112.42 23.40 65.98
CA HIS O 521 -112.41 24.82 66.36
C HIS O 521 -111.07 25.23 66.95
N THR O 522 -110.62 24.54 68.00
CA THR O 522 -109.34 24.83 68.64
C THR O 522 -108.16 24.15 67.97
N PHE O 523 -108.40 23.08 67.22
CA PHE O 523 -107.33 22.34 66.55
C PHE O 523 -106.31 21.79 67.55
N GLU O 524 -106.80 21.37 68.71
CA GLU O 524 -105.97 20.70 69.71
C GLU O 524 -106.05 19.19 69.53
N VAL O 525 -104.97 18.51 69.85
CA VAL O 525 -104.91 17.06 69.71
C VAL O 525 -105.79 16.41 70.76
N LEU O 526 -107.07 16.23 70.43
CA LEU O 526 -107.98 15.59 71.37
C LEU O 526 -107.51 14.18 71.72
N HIS O 527 -107.21 13.38 70.70
CA HIS O 527 -106.81 11.99 70.95
C HIS O 527 -105.69 11.60 70.00
N ALA O 528 -104.89 10.62 70.43
CA ALA O 528 -103.81 10.08 69.61
C ALA O 528 -103.76 8.57 69.84
N HIS O 529 -104.06 7.80 68.81
CA HIS O 529 -104.05 6.34 68.89
C HIS O 529 -102.84 5.82 68.12
N GLN O 530 -101.93 5.15 68.82
CA GLN O 530 -100.73 4.61 68.21
C GLN O 530 -100.99 3.21 67.66
N PHE O 531 -100.49 2.95 66.46
CA PHE O 531 -100.72 1.66 65.80
C PHE O 531 -99.69 0.64 66.27
N LEU O 532 -99.81 -0.57 65.74
CA LEU O 532 -98.93 -1.67 66.12
C LEU O 532 -97.49 -1.40 65.68
N GLN O 533 -96.58 -2.16 66.24
CA GLN O 533 -95.17 -2.08 65.85
C GLN O 533 -95.00 -2.62 64.44
N ASN O 534 -94.25 -1.88 63.62
CA ASN O 534 -94.00 -2.23 62.23
C ASN O 534 -95.24 -2.06 61.36
N GLU O 535 -96.28 -1.39 61.85
CA GLU O 535 -97.51 -1.19 61.11
C GLU O 535 -97.50 0.20 60.48
N TYR O 536 -97.76 0.26 59.18
CA TYR O 536 -97.74 1.51 58.41
C TYR O 536 -99.17 1.80 57.98
N ALA O 537 -99.68 2.96 58.34
CA ALA O 537 -101.03 3.37 57.97
C ALA O 537 -100.99 4.05 56.61
N LEU O 538 -101.80 3.57 55.69
CA LEU O 538 -101.83 4.05 54.31
C LEU O 538 -103.06 4.89 54.00
N SER O 539 -104.26 4.35 54.26
CA SER O 539 -105.51 4.98 53.87
C SER O 539 -106.31 5.37 55.11
N LEU O 540 -107.31 6.22 54.89
CA LEU O 540 -108.12 6.75 55.97
C LEU O 540 -109.40 7.33 55.38
N VAL O 541 -110.56 6.92 55.94
CA VAL O 541 -111.86 7.41 55.50
C VAL O 541 -112.77 7.58 56.71
N SER O 542 -113.78 8.43 56.54
CA SER O 542 -114.78 8.68 57.57
C SER O 542 -116.15 8.63 56.92
N CYS O 543 -116.99 7.70 57.36
CA CYS O 543 -118.26 7.46 56.66
C CYS O 543 -119.17 6.63 57.55
N LYS O 544 -120.44 6.54 57.13
CA LYS O 544 -121.42 5.67 57.73
C LYS O 544 -121.62 4.46 56.81
N LEU O 545 -121.62 3.26 57.39
CA LEU O 545 -121.67 2.02 56.63
C LEU O 545 -122.96 1.28 56.92
N GLY O 546 -123.65 0.89 55.86
CA GLY O 546 -124.83 0.05 56.02
C GLY O 546 -125.93 0.73 56.78
N LYS O 547 -126.68 -0.06 57.55
CA LYS O 547 -127.77 0.47 58.38
C LYS O 547 -127.26 1.19 59.63
N ASP O 548 -126.01 1.00 60.01
CA ASP O 548 -125.47 1.58 61.21
C ASP O 548 -125.52 3.11 61.12
N PRO O 549 -126.15 3.80 62.06
CA PRO O 549 -126.19 5.28 62.01
C PRO O 549 -124.94 5.96 62.54
N ASN O 550 -123.99 5.21 63.10
CA ASN O 550 -122.76 5.81 63.63
C ASN O 550 -121.79 6.13 62.50
N THR O 551 -120.99 7.18 62.71
CA THR O 551 -119.95 7.58 61.77
C THR O 551 -118.60 7.11 62.33
N TYR O 552 -117.90 6.28 61.56
CA TYR O 552 -116.67 5.65 62.02
C TYR O 552 -115.45 6.19 61.28
N PHE O 553 -114.30 6.05 61.93
CA PHE O 553 -113.00 6.32 61.31
C PHE O 553 -112.39 4.98 60.91
N ILE O 554 -112.26 4.75 59.61
CA ILE O 554 -111.74 3.49 59.07
C ILE O 554 -110.34 3.73 58.54
N VAL O 555 -109.39 2.92 59.01
CA VAL O 555 -107.98 3.08 58.66
C VAL O 555 -107.49 1.78 58.03
N GLY O 556 -106.75 1.91 56.94
CA GLY O 556 -106.10 0.77 56.29
C GLY O 556 -104.61 0.79 56.57
N THR O 557 -104.06 -0.39 56.84
CA THR O 557 -102.68 -0.53 57.27
C THR O 557 -101.98 -1.64 56.51
N ALA O 558 -100.67 -1.73 56.75
CA ALA O 558 -99.84 -2.76 56.13
C ALA O 558 -98.64 -3.01 57.03
N MET O 559 -98.38 -4.27 57.34
CA MET O 559 -97.24 -4.63 58.18
C MET O 559 -95.98 -4.59 57.32
N VAL O 560 -95.07 -3.69 57.65
CA VAL O 560 -93.86 -3.45 56.86
C VAL O 560 -92.67 -3.95 57.66
N TYR O 561 -92.06 -5.03 57.20
CA TYR O 561 -90.83 -5.52 57.79
C TYR O 561 -89.68 -5.31 56.81
N PRO O 562 -88.45 -5.23 57.30
CA PRO O 562 -87.31 -4.94 56.41
C PRO O 562 -86.99 -6.08 55.46
N GLU O 563 -86.96 -7.30 55.98
CA GLU O 563 -86.67 -8.46 55.14
C GLU O 563 -87.78 -8.77 54.16
N GLU O 564 -89.02 -8.37 54.45
CA GLU O 564 -90.15 -8.62 53.58
C GLU O 564 -90.25 -7.49 52.55
N ALA O 565 -90.11 -7.85 51.28
CA ALA O 565 -90.20 -6.86 50.21
C ALA O 565 -91.63 -6.35 50.08
N GLU O 566 -92.52 -7.19 49.54
CA GLU O 566 -93.91 -6.77 49.34
C GLU O 566 -94.76 -7.18 50.54
N PRO O 567 -95.60 -6.29 51.06
CA PRO O 567 -96.33 -6.59 52.29
C PRO O 567 -97.31 -7.74 52.09
N LYS O 568 -97.35 -8.64 53.07
CA LYS O 568 -98.25 -9.77 53.05
C LYS O 568 -99.27 -9.75 54.19
N GLN O 569 -99.25 -8.71 55.03
CA GLN O 569 -100.19 -8.59 56.13
C GLN O 569 -100.65 -7.15 56.24
N GLY O 570 -101.92 -6.96 56.62
CA GLY O 570 -102.48 -5.64 56.81
C GLY O 570 -103.77 -5.72 57.57
N ARG O 571 -104.29 -4.55 57.95
CA ARG O 571 -105.53 -4.49 58.71
C ARG O 571 -106.43 -3.41 58.15
N ILE O 572 -107.73 -3.60 58.36
CA ILE O 572 -108.74 -2.56 58.23
C ILE O 572 -109.35 -2.42 59.62
N VAL O 573 -109.14 -1.26 60.24
CA VAL O 573 -109.57 -1.02 61.62
C VAL O 573 -110.65 0.06 61.60
N VAL O 574 -111.77 -0.24 62.26
CA VAL O 574 -112.90 0.68 62.34
C VAL O 574 -112.96 1.18 63.79
N PHE O 575 -112.65 2.46 63.98
CA PHE O 575 -112.73 3.14 65.26
C PHE O 575 -113.99 3.99 65.33
N GLN O 576 -114.40 4.31 66.56
CA GLN O 576 -115.47 5.27 66.80
C GLN O 576 -115.02 6.25 67.87
N TYR O 577 -115.14 7.54 67.58
CA TYR O 577 -114.77 8.60 68.51
C TYR O 577 -116.03 9.10 69.21
N SER O 578 -116.05 9.01 70.54
CA SER O 578 -117.19 9.45 71.33
C SER O 578 -116.74 9.66 72.77
N ASP O 579 -117.30 10.68 73.42
CA ASP O 579 -117.00 11.00 74.81
C ASP O 579 -115.51 11.28 75.01
N GLY O 580 -114.85 11.82 74.00
CA GLY O 580 -113.45 12.16 74.12
C GLY O 580 -112.49 10.99 74.10
N LYS O 581 -112.93 9.84 73.61
CA LYS O 581 -112.09 8.65 73.55
C LYS O 581 -112.34 7.91 72.25
N LEU O 582 -111.27 7.32 71.72
CA LEU O 582 -111.32 6.57 70.47
C LEU O 582 -111.31 5.07 70.80
N GLN O 583 -112.37 4.37 70.41
CA GLN O 583 -112.51 2.96 70.70
C GLN O 583 -112.55 2.15 69.41
N THR O 584 -111.92 0.98 69.44
CA THR O 584 -111.84 0.10 68.27
C THR O 584 -113.15 -0.68 68.14
N VAL O 585 -113.93 -0.36 67.10
CA VAL O 585 -115.18 -1.07 66.87
C VAL O 585 -114.92 -2.41 66.20
N ALA O 586 -114.10 -2.43 65.16
CA ALA O 586 -113.90 -3.66 64.41
C ALA O 586 -112.46 -3.74 63.89
N GLU O 587 -112.03 -4.97 63.61
CA GLU O 587 -110.68 -5.25 63.14
C GLU O 587 -110.75 -6.40 62.15
N LYS O 588 -110.29 -6.17 60.92
CA LYS O 588 -110.31 -7.19 59.87
C LYS O 588 -108.90 -7.35 59.31
N GLU O 589 -108.36 -8.55 59.40
CA GLU O 589 -107.04 -8.82 58.85
C GLU O 589 -107.14 -9.07 57.35
N VAL O 590 -106.08 -8.72 56.63
CA VAL O 590 -106.02 -8.90 55.18
C VAL O 590 -104.62 -9.33 54.78
N LYS O 591 -104.53 -9.97 53.61
CA LYS O 591 -103.30 -10.66 53.19
C LYS O 591 -102.41 -9.72 52.39
N GLY O 592 -102.45 -8.42 52.70
CA GLY O 592 -101.64 -7.48 51.95
C GLY O 592 -101.79 -6.08 52.51
N ALA O 593 -101.37 -5.10 51.71
CA ALA O 593 -101.42 -3.70 52.10
C ALA O 593 -102.73 -3.08 51.66
N VAL O 594 -103.36 -2.33 52.57
CA VAL O 594 -104.59 -1.60 52.27
C VAL O 594 -104.15 -0.24 51.74
N TYR O 595 -103.98 -0.15 50.42
CA TYR O 595 -103.44 1.08 49.86
C TYR O 595 -104.46 2.22 49.88
N SER O 596 -105.71 1.93 49.54
CA SER O 596 -106.74 2.96 49.50
C SER O 596 -108.07 2.37 49.93
N MET O 597 -108.99 3.26 50.31
CA MET O 597 -110.35 2.89 50.66
C MET O 597 -111.28 4.03 50.30
N VAL O 598 -112.52 3.68 49.95
CA VAL O 598 -113.52 4.66 49.57
C VAL O 598 -114.89 4.16 50.01
N GLU O 599 -115.76 5.11 50.34
CA GLU O 599 -117.15 4.80 50.67
C GLU O 599 -117.90 4.50 49.37
N PHE O 600 -118.44 3.29 49.26
CA PHE O 600 -119.06 2.83 48.02
C PHE O 600 -120.50 2.40 48.32
N ASN O 601 -121.43 3.35 48.20
CA ASN O 601 -122.86 3.07 48.32
C ASN O 601 -123.17 2.30 49.60
N GLY O 602 -122.71 2.84 50.72
CA GLY O 602 -122.93 2.22 52.01
C GLY O 602 -122.06 1.03 52.32
N LYS O 603 -121.14 0.68 51.42
CA LYS O 603 -120.21 -0.43 51.60
C LYS O 603 -118.79 0.11 51.57
N LEU O 604 -117.84 -0.74 51.97
CA LEU O 604 -116.43 -0.34 52.10
C LEU O 604 -115.64 -0.96 50.94
N LEU O 605 -115.15 -0.12 50.05
CA LEU O 605 -114.35 -0.56 48.90
C LEU O 605 -112.87 -0.35 49.23
N ALA O 606 -112.15 -1.44 49.45
CA ALA O 606 -110.74 -1.40 49.81
C ALA O 606 -109.88 -2.01 48.71
N SER O 607 -108.58 -1.77 48.80
CA SER O 607 -107.62 -2.30 47.85
C SER O 607 -106.47 -2.93 48.61
N ILE O 608 -106.31 -4.24 48.44
CA ILE O 608 -105.25 -5.01 49.07
C ILE O 608 -104.34 -5.51 47.95
N ASN O 609 -103.22 -4.82 47.75
CA ASN O 609 -102.26 -5.17 46.69
C ASN O 609 -102.90 -5.18 45.32
N SER O 610 -103.11 -6.38 44.76
CA SER O 610 -103.69 -6.52 43.43
C SER O 610 -105.20 -6.72 43.46
N THR O 611 -105.79 -6.83 44.64
CA THR O 611 -107.21 -7.12 44.80
C THR O 611 -107.97 -5.86 45.13
N VAL O 612 -109.10 -5.65 44.45
CA VAL O 612 -110.08 -4.65 44.83
C VAL O 612 -111.23 -5.38 45.50
N ARG O 613 -111.36 -5.23 46.81
CA ARG O 613 -112.33 -5.96 47.60
C ARG O 613 -113.46 -5.04 48.04
N LEU O 614 -114.64 -5.60 48.17
CA LEU O 614 -115.83 -4.87 48.59
C LEU O 614 -116.42 -5.57 49.79
N TYR O 615 -116.42 -4.88 50.94
CA TYR O 615 -116.92 -5.34 52.22
C TYR O 615 -118.29 -4.72 52.50
N GLU O 616 -119.11 -5.49 53.22
CA GLU O 616 -120.38 -5.01 53.77
C GLU O 616 -120.30 -4.93 55.28
N TRP O 617 -121.05 -4.00 55.86
CA TRP O 617 -121.06 -3.78 57.31
C TRP O 617 -122.26 -4.53 57.88
N THR O 618 -121.98 -5.68 58.51
CA THR O 618 -123.04 -6.55 59.01
C THR O 618 -123.71 -5.91 60.23
N THR O 619 -124.87 -6.48 60.59
CA THR O 619 -125.56 -6.05 61.80
C THR O 619 -124.80 -6.40 63.06
N GLU O 620 -123.89 -7.37 62.99
CA GLU O 620 -123.00 -7.71 64.11
C GLU O 620 -121.80 -6.78 64.21
N LYS O 621 -121.81 -5.68 63.45
CA LYS O 621 -120.72 -4.70 63.45
C LYS O 621 -119.38 -5.35 63.12
N GLU O 622 -119.34 -6.00 61.96
CA GLU O 622 -118.14 -6.63 61.46
C GLU O 622 -118.10 -6.51 59.95
N LEU O 623 -116.88 -6.47 59.40
CA LEU O 623 -116.70 -6.41 57.96
C LEU O 623 -116.78 -7.80 57.36
N ARG O 624 -117.64 -7.97 56.36
CA ARG O 624 -117.85 -9.24 55.70
C ARG O 624 -117.59 -9.08 54.20
N THR O 625 -116.69 -9.88 53.67
CA THR O 625 -116.33 -9.79 52.26
C THR O 625 -117.53 -10.15 51.39
N GLU O 626 -117.87 -9.28 50.44
CA GLU O 626 -118.90 -9.56 49.46
C GLU O 626 -118.38 -9.69 48.05
N CYS O 627 -117.35 -8.93 47.67
CA CYS O 627 -116.86 -9.00 46.30
C CYS O 627 -115.35 -8.89 46.25
N ASN O 628 -114.77 -9.45 45.19
CA ASN O 628 -113.35 -9.34 44.91
C ASN O 628 -113.14 -9.16 43.42
N HIS O 629 -112.08 -8.44 43.07
CA HIS O 629 -111.66 -8.33 41.68
C HIS O 629 -110.14 -8.29 41.64
N TYR O 630 -109.53 -9.30 41.05
CA TYR O 630 -108.08 -9.41 40.97
C TYR O 630 -107.61 -8.81 39.65
N ASN O 631 -106.72 -7.83 39.73
CA ASN O 631 -106.28 -7.10 38.55
C ASN O 631 -104.86 -7.49 38.18
N ASN O 632 -104.44 -7.04 37.00
CA ASN O 632 -103.07 -7.20 36.53
C ASN O 632 -102.12 -6.16 37.12
N ILE O 633 -102.66 -5.09 37.71
CA ILE O 633 -101.86 -4.01 38.28
C ILE O 633 -102.02 -4.01 39.79
N MET O 634 -101.36 -3.08 40.47
CA MET O 634 -101.45 -2.93 41.91
C MET O 634 -102.39 -1.77 42.23
N ALA O 635 -103.51 -2.09 42.88
CA ALA O 635 -104.59 -1.12 43.12
C ALA O 635 -104.11 -0.06 44.11
N LEU O 636 -103.35 0.90 43.60
CA LEU O 636 -102.85 2.00 44.43
C LEU O 636 -103.88 3.12 44.55
N TYR O 637 -104.20 3.76 43.43
CA TYR O 637 -105.22 4.80 43.41
C TYR O 637 -106.59 4.17 43.25
N LEU O 638 -107.50 4.54 44.14
CA LEU O 638 -108.88 4.04 44.14
C LEU O 638 -109.82 5.22 44.24
N LYS O 639 -110.59 5.46 43.18
CA LYS O 639 -111.63 6.48 43.21
C LYS O 639 -112.94 5.85 42.76
N THR O 640 -114.04 6.54 43.04
CA THR O 640 -115.35 5.97 42.74
C THR O 640 -116.37 7.06 42.45
N LYS O 641 -117.30 6.75 41.58
CA LYS O 641 -118.43 7.64 41.26
C LYS O 641 -119.65 6.75 41.02
N GLY O 642 -120.59 6.76 41.96
CA GLY O 642 -121.78 5.93 41.84
C GLY O 642 -121.48 4.45 41.83
N ASP O 643 -121.54 3.84 40.65
CA ASP O 643 -121.20 2.43 40.47
C ASP O 643 -119.91 2.21 39.71
N PHE O 644 -119.24 3.28 39.26
CA PHE O 644 -117.98 3.15 38.55
C PHE O 644 -116.81 3.26 39.51
N ILE O 645 -115.80 2.42 39.31
CA ILE O 645 -114.60 2.38 40.13
C ILE O 645 -113.39 2.62 39.24
N LEU O 646 -112.56 3.58 39.60
CA LEU O 646 -111.33 3.91 38.88
C LEU O 646 -110.15 3.38 39.70
N VAL O 647 -109.36 2.51 39.08
CA VAL O 647 -108.21 1.88 39.71
C VAL O 647 -106.95 2.27 38.96
N GLY O 648 -105.86 2.46 39.69
CA GLY O 648 -104.61 2.85 39.06
C GLY O 648 -103.41 2.43 39.86
N ASP O 649 -102.29 2.28 39.17
CA ASP O 649 -101.02 1.92 39.78
C ASP O 649 -100.01 3.02 39.52
N LEU O 650 -98.77 2.78 39.98
CA LEU O 650 -97.74 3.81 39.94
C LEU O 650 -97.26 4.12 38.53
N MET O 651 -97.49 3.22 37.57
CA MET O 651 -97.01 3.41 36.20
C MET O 651 -98.13 3.76 35.25
N ARG O 652 -99.06 4.61 35.70
CA ARG O 652 -100.09 5.21 34.84
C ARG O 652 -100.93 4.15 34.14
N SER O 653 -101.20 3.05 34.84
CA SER O 653 -102.00 1.95 34.30
C SER O 653 -103.44 2.15 34.75
N VAL O 654 -104.23 2.85 33.92
CA VAL O 654 -105.58 3.22 34.28
C VAL O 654 -106.51 2.03 34.01
N LEU O 655 -107.45 1.80 34.93
CA LEU O 655 -108.41 0.71 34.82
C LEU O 655 -109.77 1.21 35.33
N LEU O 656 -110.84 0.85 34.62
CA LEU O 656 -112.19 1.32 34.95
C LEU O 656 -113.10 0.11 35.06
N LEU O 657 -113.55 -0.17 36.28
CA LEU O 657 -114.46 -1.26 36.61
C LEU O 657 -115.83 -0.72 36.96
N ALA O 658 -116.80 -1.62 37.05
CA ALA O 658 -118.17 -1.27 37.41
C ALA O 658 -118.76 -2.38 38.27
N TYR O 659 -119.48 -1.98 39.32
CA TYR O 659 -120.17 -2.91 40.21
C TYR O 659 -121.53 -3.23 39.63
N LYS O 660 -121.76 -4.50 39.31
CA LYS O 660 -123.04 -4.94 38.76
C LYS O 660 -123.97 -5.29 39.91
N PRO O 661 -124.98 -4.48 40.22
CA PRO O 661 -125.82 -4.79 41.39
C PRO O 661 -126.65 -6.05 41.23
N MET O 662 -127.23 -6.27 40.06
CA MET O 662 -128.09 -7.44 39.87
C MET O 662 -127.30 -8.73 39.76
N GLU O 663 -125.99 -8.67 39.58
CA GLU O 663 -125.14 -9.86 39.46
C GLU O 663 -124.34 -10.15 40.71
N GLY O 664 -123.80 -9.12 41.36
CA GLY O 664 -123.08 -9.30 42.61
C GLY O 664 -121.59 -9.56 42.45
N ASN O 665 -120.96 -8.84 41.54
CA ASN O 665 -119.53 -8.97 41.28
C ASN O 665 -119.08 -7.76 40.48
N PHE O 666 -117.78 -7.69 40.23
CA PHE O 666 -117.22 -6.58 39.49
C PHE O 666 -117.05 -6.95 38.02
N GLU O 667 -117.16 -5.93 37.17
CA GLU O 667 -117.04 -6.08 35.73
C GLU O 667 -116.10 -5.02 35.20
N GLU O 668 -115.12 -5.43 34.39
CA GLU O 668 -114.15 -4.49 33.84
C GLU O 668 -114.77 -3.75 32.66
N ILE O 669 -114.81 -2.43 32.75
CA ILE O 669 -115.35 -1.60 31.68
C ILE O 669 -114.28 -1.28 30.65
N ALA O 670 -113.14 -0.73 31.08
CA ALA O 670 -112.12 -0.30 30.13
C ALA O 670 -110.78 -0.18 30.84
N ARG O 671 -109.77 0.24 30.08
CA ARG O 671 -108.43 0.39 30.62
C ARG O 671 -107.56 1.12 29.60
N ASP O 672 -106.39 1.55 30.07
CA ASP O 672 -105.38 2.16 29.20
C ASP O 672 -104.04 2.03 29.91
N PHE O 673 -103.11 1.29 29.31
CA PHE O 673 -101.83 1.01 29.94
C PHE O 673 -100.73 1.68 29.13
N ASN O 674 -100.26 2.82 29.62
CA ASN O 674 -99.11 3.51 29.05
C ASN O 674 -98.06 3.70 30.14
N PRO O 675 -96.88 3.08 30.03
CA PRO O 675 -95.89 3.19 31.12
C PRO O 675 -95.47 4.63 31.33
N ASN O 676 -95.74 5.15 32.52
CA ASN O 676 -95.27 6.46 32.93
C ASN O 676 -95.63 6.67 34.39
N TRP O 677 -94.74 7.32 35.12
CA TRP O 677 -94.93 7.51 36.56
C TRP O 677 -96.14 8.39 36.81
N MET O 678 -97.09 7.88 37.58
CA MET O 678 -98.32 8.61 37.91
C MET O 678 -98.34 8.92 39.40
N SER O 679 -98.76 10.13 39.74
CA SER O 679 -98.77 10.61 41.11
C SER O 679 -100.16 10.72 41.73
N ALA O 680 -101.17 11.09 40.94
CA ALA O 680 -102.52 11.22 41.46
C ALA O 680 -103.51 11.01 40.33
N VAL O 681 -104.77 10.76 40.71
CA VAL O 681 -105.82 10.48 39.75
C VAL O 681 -107.15 10.92 40.38
N GLU O 682 -108.14 11.15 39.51
CA GLU O 682 -109.44 11.61 39.97
C GLU O 682 -110.44 11.46 38.84
N ILE O 683 -111.72 11.35 39.21
CA ILE O 683 -112.81 11.18 38.25
C ILE O 683 -113.47 12.53 38.05
N LEU O 684 -113.34 13.09 36.84
CA LEU O 684 -113.98 14.37 36.54
C LEU O 684 -115.49 14.20 36.43
N ASP O 685 -115.95 13.37 35.49
CA ASP O 685 -117.36 13.07 35.33
C ASP O 685 -117.48 11.59 34.99
N ASP O 686 -118.68 11.19 34.53
CA ASP O 686 -118.93 9.79 34.25
C ASP O 686 -118.06 9.24 33.13
N ASP O 687 -117.55 10.10 32.25
CA ASP O 687 -116.77 9.65 31.11
C ASP O 687 -115.33 10.13 31.10
N ASN O 688 -114.99 11.19 31.82
CA ASN O 688 -113.64 11.74 31.82
C ASN O 688 -112.94 11.44 33.14
N PHE O 689 -111.62 11.24 33.05
CA PHE O 689 -110.80 10.91 34.21
C PHE O 689 -109.52 11.71 34.13
N LEU O 690 -109.20 12.43 35.20
CA LEU O 690 -108.04 13.29 35.28
C LEU O 690 -106.93 12.62 36.08
N GLY O 691 -105.68 12.91 35.69
CA GLY O 691 -104.54 12.36 36.40
C GLY O 691 -103.31 13.21 36.19
N ALA O 692 -102.31 12.96 37.03
CA ALA O 692 -101.02 13.64 36.96
C ALA O 692 -99.93 12.62 36.73
N GLU O 693 -99.15 12.80 35.66
CA GLU O 693 -98.09 11.87 35.28
C GLU O 693 -96.74 12.60 35.16
N ASN O 694 -95.72 11.78 34.88
CA ASN O 694 -94.34 12.19 35.06
C ASN O 694 -94.05 13.49 34.33
N ALA O 695 -93.04 14.20 34.84
CA ALA O 695 -92.61 15.48 34.29
C ALA O 695 -93.63 16.57 34.55
N PHE O 696 -94.33 16.49 35.68
CA PHE O 696 -95.28 17.50 36.11
C PHE O 696 -96.33 17.76 35.03
N ASN O 697 -96.90 16.69 34.50
CA ASN O 697 -97.91 16.81 33.45
C ASN O 697 -99.27 16.39 33.98
N LEU O 698 -100.31 16.98 33.40
CA LEU O 698 -101.69 16.59 33.63
C LEU O 698 -102.25 15.95 32.37
N PHE O 699 -103.02 14.87 32.54
CA PHE O 699 -103.62 14.18 31.42
C PHE O 699 -105.07 13.86 31.75
N VAL O 700 -105.85 13.67 30.70
CA VAL O 700 -107.28 13.38 30.79
C VAL O 700 -107.59 12.25 29.81
N CYS O 701 -108.09 11.14 30.33
CA CYS O 701 -108.59 10.04 29.53
C CYS O 701 -110.10 10.08 29.47
N GLN O 702 -110.66 9.44 28.45
CA GLN O 702 -112.09 9.47 28.22
C GLN O 702 -112.61 8.09 27.89
N LYS O 703 -113.73 7.73 28.51
CA LYS O 703 -114.37 6.44 28.28
C LYS O 703 -115.22 6.52 27.02
N ASP O 704 -114.98 5.60 26.09
CA ASP O 704 -115.74 5.55 24.84
C ASP O 704 -116.91 4.60 25.03
N SER O 705 -118.09 5.16 25.26
CA SER O 705 -119.32 4.39 25.32
C SER O 705 -120.12 4.61 24.04
N ALA O 706 -120.87 3.58 23.64
CA ALA O 706 -121.69 3.61 22.44
C ALA O 706 -120.86 3.48 21.16
N ALA O 707 -119.66 2.93 21.24
CA ALA O 707 -118.84 2.71 20.05
C ALA O 707 -119.40 1.51 19.27
N THR O 708 -118.64 1.04 18.29
CA THR O 708 -119.05 -0.11 17.48
C THR O 708 -118.40 -1.39 17.99
N THR O 709 -117.07 -1.42 18.07
CA THR O 709 -116.34 -2.62 18.45
C THR O 709 -116.12 -2.69 19.95
N ASP O 710 -116.27 -3.88 20.52
CA ASP O 710 -115.91 -4.09 21.91
C ASP O 710 -114.47 -3.71 22.16
N GLU O 711 -113.59 -3.91 21.17
CA GLU O 711 -112.18 -3.58 21.32
C GLU O 711 -112.00 -2.09 21.64
N GLU O 712 -112.63 -1.23 20.85
CA GLU O 712 -112.48 0.21 21.08
C GLU O 712 -113.28 0.67 22.28
N ARG O 713 -114.38 -0.03 22.59
CA ARG O 713 -115.17 0.34 23.76
C ARG O 713 -114.38 0.16 25.04
N GLN O 714 -113.53 -0.87 25.09
CA GLN O 714 -112.75 -1.19 26.28
C GLN O 714 -111.42 -0.47 26.33
N HIS O 715 -111.27 0.64 25.59
CA HIS O 715 -110.05 1.42 25.60
C HIS O 715 -110.36 2.88 25.89
N LEU O 716 -109.68 3.44 26.88
CA LEU O 716 -109.81 4.84 27.23
C LEU O 716 -108.88 5.65 26.34
N GLN O 717 -109.42 6.63 25.64
CA GLN O 717 -108.62 7.46 24.74
C GLN O 717 -108.06 8.65 25.49
N GLU O 718 -106.78 8.92 25.27
CA GLU O 718 -106.10 10.05 25.92
C GLU O 718 -106.52 11.32 25.22
N VAL O 719 -107.40 12.10 25.85
CA VAL O 719 -108.00 13.27 25.22
C VAL O 719 -107.42 14.58 25.72
N GLY O 720 -106.57 14.55 26.75
CA GLY O 720 -106.00 15.80 27.24
C GLY O 720 -104.58 15.68 27.76
N LEU O 721 -103.70 16.61 27.36
CA LEU O 721 -102.33 16.67 27.84
C LEU O 721 -101.98 18.13 28.13
N PHE O 722 -101.21 18.35 29.20
CA PHE O 722 -100.87 19.73 29.56
C PHE O 722 -99.75 19.76 30.58
N HIS O 723 -98.68 20.48 30.29
CA HIS O 723 -97.58 20.60 31.25
C HIS O 723 -97.97 21.59 32.34
N LEU O 724 -98.26 21.09 33.53
CA LEU O 724 -98.68 21.97 34.64
C LEU O 724 -97.49 22.65 35.30
N GLY O 725 -96.36 21.96 35.38
CA GLY O 725 -95.21 22.49 36.10
C GLY O 725 -95.19 22.20 37.58
N GLU O 726 -96.15 21.42 38.10
CA GLU O 726 -96.22 21.08 39.51
C GLU O 726 -96.48 19.59 39.66
N PHE O 727 -96.04 19.04 40.80
CA PHE O 727 -96.19 17.61 41.10
C PHE O 727 -97.43 17.46 41.99
N VAL O 728 -98.53 17.00 41.41
CA VAL O 728 -99.78 16.87 42.14
C VAL O 728 -99.70 15.68 43.08
N ASN O 729 -100.18 15.85 44.31
CA ASN O 729 -100.25 14.77 45.29
C ASN O 729 -101.68 14.41 45.67
N VAL O 730 -102.62 15.33 45.56
CA VAL O 730 -104.00 15.07 45.94
C VAL O 730 -104.97 15.91 45.13
N PHE O 731 -105.91 15.25 44.47
CA PHE O 731 -107.08 15.89 43.90
C PHE O 731 -108.23 15.82 44.90
N CYS O 732 -109.13 16.78 44.83
CA CYS O 732 -110.23 16.86 45.79
C CYS O 732 -111.37 17.65 45.16
N HIS O 733 -112.55 17.04 45.11
CA HIS O 733 -113.72 17.74 44.58
C HIS O 733 -114.21 18.80 45.56
N GLY O 734 -114.41 20.01 45.07
CA GLY O 734 -114.87 21.10 45.90
C GLY O 734 -114.51 22.44 45.29
N SER O 735 -114.86 23.49 46.03
CA SER O 735 -114.59 24.85 45.59
C SER O 735 -114.45 25.76 46.79
N LEU O 736 -113.59 26.78 46.65
CA LEU O 736 -113.29 27.71 47.73
C LEU O 736 -114.05 29.03 47.61
N VAL O 737 -115.09 29.07 46.78
CA VAL O 737 -115.91 30.26 46.62
C VAL O 737 -117.35 29.92 47.00
N MET O 738 -118.17 30.96 47.12
CA MET O 738 -119.57 30.77 47.48
C MET O 738 -120.29 30.03 46.37
N GLN O 739 -120.92 28.91 46.72
CA GLN O 739 -121.58 28.06 45.73
C GLN O 739 -122.74 28.74 45.03
N ASN O 740 -123.20 29.90 45.51
CA ASN O 740 -124.23 30.67 44.84
C ASN O 740 -125.57 29.92 44.87
N LEU O 741 -126.51 30.41 45.68
CA LEU O 741 -127.83 29.79 45.80
C LEU O 741 -128.57 29.84 44.47
N GLY O 742 -128.97 31.04 44.04
CA GLY O 742 -129.69 31.19 42.79
C GLY O 742 -128.87 30.80 41.58
N GLU O 743 -129.16 29.63 41.01
CA GLU O 743 -128.41 29.14 39.86
C GLU O 743 -128.58 30.06 38.67
N THR O 744 -127.51 30.76 38.31
CA THR O 744 -127.54 31.75 37.23
C THR O 744 -126.59 31.28 36.13
N SER O 745 -126.99 30.24 35.40
CA SER O 745 -126.26 29.72 34.24
C SER O 745 -124.74 29.82 34.41
N THR O 746 -124.14 28.83 35.07
CA THR O 746 -122.71 28.86 35.28
C THR O 746 -121.97 28.54 33.99
N PRO O 747 -120.87 29.25 33.69
CA PRO O 747 -120.11 28.95 32.47
C PRO O 747 -119.26 27.70 32.60
N THR O 748 -118.74 27.46 33.81
CA THR O 748 -117.89 26.30 34.08
C THR O 748 -118.68 25.24 34.84
N GLN O 749 -118.44 23.98 34.50
CA GLN O 749 -119.11 22.84 35.14
C GLN O 749 -118.07 22.02 35.90
N GLY O 750 -118.38 21.71 37.17
CA GLY O 750 -117.49 20.94 38.01
C GLY O 750 -116.43 21.80 38.67
N SER O 751 -115.75 21.20 39.65
CA SER O 751 -114.70 21.90 40.37
C SER O 751 -113.83 20.86 41.08
N VAL O 752 -112.55 20.82 40.75
CA VAL O 752 -111.62 19.88 41.33
C VAL O 752 -110.35 20.62 41.71
N LEU O 753 -110.13 20.83 43.00
CA LEU O 753 -108.88 21.42 43.47
C LEU O 753 -107.81 20.34 43.54
N PHE O 754 -106.55 20.78 43.63
CA PHE O 754 -105.44 19.86 43.75
C PHE O 754 -104.27 20.55 44.42
N GLY O 755 -103.58 19.80 45.29
CA GLY O 755 -102.43 20.30 46.01
C GLY O 755 -101.14 19.68 45.47
N THR O 756 -100.06 20.45 45.52
CA THR O 756 -98.79 20.03 44.91
C THR O 756 -97.68 20.03 45.95
N VAL O 757 -96.46 19.71 45.49
CA VAL O 757 -95.32 19.59 46.38
C VAL O 757 -94.77 20.96 46.75
N ASN O 758 -94.83 21.92 45.82
CA ASN O 758 -94.33 23.26 46.08
C ASN O 758 -95.34 24.14 46.79
N GLY O 759 -96.42 23.56 47.33
CA GLY O 759 -97.46 24.33 47.98
C GLY O 759 -98.45 24.96 47.04
N MET O 760 -98.27 24.83 45.73
CA MET O 760 -99.20 25.41 44.77
C MET O 760 -100.52 24.66 44.81
N ILE O 761 -101.62 25.41 44.82
CA ILE O 761 -102.96 24.85 44.78
C ILE O 761 -103.61 25.26 43.45
N GLY O 762 -104.22 24.31 42.78
CA GLY O 762 -104.83 24.57 41.49
C GLY O 762 -106.28 24.11 41.46
N LEU O 763 -107.00 24.59 40.46
CA LEU O 763 -108.39 24.22 40.28
C LEU O 763 -108.66 23.90 38.82
N VAL O 764 -109.30 22.77 38.58
CA VAL O 764 -109.68 22.32 37.25
C VAL O 764 -111.19 22.28 37.16
N THR O 765 -111.70 22.57 35.97
CA THR O 765 -113.13 22.58 35.71
C THR O 765 -113.35 22.25 34.24
N SER O 766 -114.60 21.92 33.91
CA SER O 766 -114.97 21.56 32.55
C SER O 766 -115.65 22.72 31.86
N LEU O 767 -115.48 22.79 30.54
CA LEU O 767 -116.07 23.84 29.73
C LEU O 767 -116.94 23.22 28.64
N SER O 768 -117.49 24.08 27.79
CA SER O 768 -118.21 23.65 26.60
C SER O 768 -117.32 23.83 25.37
N GLU O 769 -117.73 23.19 24.27
CA GLU O 769 -116.93 23.25 23.04
C GLU O 769 -116.75 24.68 22.58
N SER O 770 -117.84 25.45 22.57
CA SER O 770 -117.76 26.83 22.12
C SER O 770 -116.82 27.64 23.00
N TRP O 771 -117.04 27.61 24.32
CA TRP O 771 -116.17 28.35 25.22
C TRP O 771 -114.72 27.89 25.09
N TYR O 772 -114.51 26.59 24.89
CA TYR O 772 -113.15 26.08 24.77
C TYR O 772 -112.46 26.64 23.53
N ASN O 773 -113.15 26.60 22.39
CA ASN O 773 -112.56 27.12 21.16
C ASN O 773 -112.30 28.62 21.26
N LEU O 774 -113.25 29.35 21.86
CA LEU O 774 -113.04 30.79 22.05
C LEU O 774 -111.82 31.06 22.89
N LEU O 775 -111.70 30.37 24.04
CA LEU O 775 -110.57 30.58 24.92
C LEU O 775 -109.26 30.14 24.28
N LEU O 776 -109.29 29.11 23.43
CA LEU O 776 -108.08 28.69 22.73
C LEU O 776 -107.62 29.76 21.75
N ASP O 777 -108.54 30.26 20.93
CA ASP O 777 -108.20 31.37 20.04
C ASP O 777 -107.70 32.56 20.84
N MET O 778 -108.29 32.79 22.02
CA MET O 778 -107.92 33.93 22.83
C MET O 778 -106.52 33.77 23.42
N GLN O 779 -106.15 32.54 23.79
CA GLN O 779 -104.79 32.26 24.23
C GLN O 779 -103.80 32.51 23.08
N ASN O 780 -104.14 32.01 21.89
CA ASN O 780 -103.26 32.20 20.75
C ASN O 780 -103.05 33.68 20.46
N ARG O 781 -104.09 34.49 20.65
CA ARG O 781 -103.97 35.92 20.44
C ARG O 781 -103.22 36.61 21.57
N LEU O 782 -103.41 36.13 22.81
CA LEU O 782 -102.71 36.72 23.94
C LEU O 782 -101.21 36.51 23.83
N ASN O 783 -100.81 35.31 23.39
CA ASN O 783 -99.38 35.01 23.30
C ASN O 783 -98.64 36.04 22.44
N LYS O 784 -99.32 36.62 21.46
CA LYS O 784 -98.66 37.59 20.58
C LYS O 784 -98.36 38.88 21.30
N VAL O 785 -99.26 39.32 22.19
CA VAL O 785 -99.10 40.61 22.84
C VAL O 785 -98.40 40.50 24.20
N ILE O 786 -98.51 39.35 24.86
CA ILE O 786 -97.91 39.20 26.19
C ILE O 786 -96.40 39.11 26.05
N LYS O 787 -95.71 39.59 27.08
CA LYS O 787 -94.25 39.62 27.11
C LYS O 787 -93.77 38.58 28.11
N SER O 788 -93.09 37.55 27.61
CA SER O 788 -92.60 36.45 28.43
C SER O 788 -91.23 36.76 28.98
N VAL O 789 -91.03 36.45 30.26
CA VAL O 789 -89.73 36.62 30.89
C VAL O 789 -88.76 35.58 30.34
N GLY O 790 -87.63 36.05 29.82
CA GLY O 790 -86.72 35.18 29.11
C GLY O 790 -87.14 34.84 27.70
N LYS O 791 -88.27 35.38 27.23
CA LYS O 791 -88.76 35.15 25.87
C LYS O 791 -88.97 33.66 25.60
N ILE O 792 -89.59 32.99 26.58
CA ILE O 792 -89.96 31.58 26.45
C ILE O 792 -91.35 31.51 25.85
N GLU O 793 -91.51 30.65 24.84
CA GLU O 793 -92.81 30.49 24.20
C GLU O 793 -93.77 29.77 25.15
N HIS O 794 -94.98 30.31 25.28
CA HIS O 794 -95.99 29.68 26.12
C HIS O 794 -96.37 28.30 25.59
N SER O 795 -96.45 28.16 24.27
CA SER O 795 -96.78 26.87 23.68
C SER O 795 -95.72 25.83 24.03
N PHE O 796 -94.45 26.21 23.96
CA PHE O 796 -93.37 25.30 24.37
C PHE O 796 -93.44 25.00 25.86
N TRP O 797 -93.78 26.00 26.67
CA TRP O 797 -93.82 25.82 28.12
C TRP O 797 -94.90 24.82 28.52
N ARG O 798 -96.12 25.02 28.03
CA ARG O 798 -97.24 24.17 28.41
C ARG O 798 -97.31 22.86 27.62
N SER O 799 -96.42 22.64 26.67
CA SER O 799 -96.47 21.41 25.88
C SER O 799 -96.09 20.22 26.74
N PHE O 800 -96.84 19.13 26.57
CA PHE O 800 -96.55 17.88 27.26
C PHE O 800 -95.12 17.45 26.98
N HIS O 801 -94.36 17.24 28.05
CA HIS O 801 -92.93 16.96 27.92
C HIS O 801 -92.53 15.80 28.83
N THR O 802 -91.84 14.82 28.24
CA THR O 802 -91.14 13.78 28.99
C THR O 802 -89.80 13.57 28.29
N GLU O 803 -88.91 12.84 28.98
CA GLU O 803 -87.60 12.57 28.37
C GLU O 803 -87.73 11.80 27.07
N ARG O 804 -88.80 11.04 26.90
CA ARG O 804 -88.99 10.25 25.67
C ARG O 804 -89.63 11.10 24.58
N LYS O 805 -90.90 11.46 24.76
CA LYS O 805 -91.67 12.20 23.77
C LYS O 805 -92.08 13.56 24.33
N THR O 806 -92.27 14.52 23.42
CA THR O 806 -92.69 15.88 23.80
C THR O 806 -93.72 16.34 22.78
N GLU O 807 -95.00 16.32 23.18
CA GLU O 807 -96.12 16.68 22.32
C GLU O 807 -96.77 17.98 22.76
N PRO O 808 -97.51 18.64 21.86
CA PRO O 808 -98.18 19.89 22.23
C PRO O 808 -99.32 19.65 23.21
N ALA O 809 -99.68 20.71 23.92
CA ALA O 809 -100.77 20.63 24.88
C ALA O 809 -102.11 20.59 24.17
N THR O 810 -103.04 19.78 24.70
CA THR O 810 -104.37 19.64 24.11
C THR O 810 -105.40 19.49 25.21
N GLY O 811 -106.62 19.95 24.91
CA GLY O 811 -107.74 19.79 25.83
C GLY O 811 -107.60 20.51 27.15
N PHE O 812 -106.77 21.56 27.22
CA PHE O 812 -106.58 22.32 28.43
C PHE O 812 -106.45 23.80 28.10
N ILE O 813 -107.06 24.63 28.95
CA ILE O 813 -107.03 26.09 28.81
C ILE O 813 -106.24 26.65 29.98
N ASP O 814 -105.13 27.31 29.69
CA ASP O 814 -104.29 27.89 30.74
C ASP O 814 -105.04 29.06 31.37
N GLY O 815 -105.58 28.84 32.58
CA GLY O 815 -106.33 29.88 33.25
C GLY O 815 -105.48 31.07 33.65
N ASP O 816 -104.20 30.84 33.95
CA ASP O 816 -103.32 31.96 34.27
C ASP O 816 -103.18 32.90 33.07
N LEU O 817 -102.97 32.33 31.89
CA LEU O 817 -102.82 33.16 30.69
C LEU O 817 -104.13 33.88 30.34
N ILE O 818 -105.26 33.21 30.51
CA ILE O 818 -106.54 33.84 30.21
C ILE O 818 -106.82 34.98 31.19
N GLU O 819 -106.52 34.76 32.48
CA GLU O 819 -106.79 35.76 33.50
C GLU O 819 -105.78 36.91 33.48
N SER O 820 -104.60 36.71 32.89
CA SER O 820 -103.68 37.83 32.71
C SER O 820 -104.22 38.89 31.75
N PHE O 821 -105.32 38.60 31.06
CA PHE O 821 -105.91 39.56 30.13
C PHE O 821 -106.42 40.80 30.85
N LEU O 822 -106.78 40.68 32.12
CA LEU O 822 -107.29 41.81 32.90
C LEU O 822 -106.20 42.73 33.42
N ASP O 823 -104.94 42.31 33.36
CA ASP O 823 -103.83 43.07 33.93
C ASP O 823 -102.94 43.72 32.86
N ILE O 824 -103.47 43.93 31.66
CA ILE O 824 -102.71 44.55 30.58
C ILE O 824 -103.41 45.85 30.17
N SER O 825 -102.72 46.63 29.35
CA SER O 825 -103.24 47.91 28.90
C SER O 825 -104.38 47.71 27.90
N ARG O 826 -105.17 48.78 27.72
CA ARG O 826 -106.35 48.73 26.86
C ARG O 826 -106.00 48.67 25.38
N PRO O 827 -104.93 49.33 24.93
CA PRO O 827 -104.54 49.16 23.52
C PRO O 827 -104.20 47.73 23.15
N LYS O 828 -103.47 47.02 24.01
CA LYS O 828 -103.18 45.61 23.74
C LYS O 828 -104.45 44.77 23.85
N MET O 829 -105.38 45.13 24.74
CA MET O 829 -106.68 44.47 24.76
C MET O 829 -107.38 44.62 23.42
N GLN O 830 -107.35 45.83 22.85
CA GLN O 830 -107.94 46.05 21.53
C GLN O 830 -107.23 45.20 20.48
N GLU O 831 -105.90 45.12 20.57
CA GLU O 831 -105.15 44.27 19.66
C GLU O 831 -105.64 42.83 19.73
N VAL O 832 -105.89 42.32 20.93
CA VAL O 832 -106.33 40.94 21.09
C VAL O 832 -107.68 40.72 20.43
N VAL O 833 -108.62 41.65 20.62
CA VAL O 833 -109.98 41.49 20.14
C VAL O 833 -110.10 42.00 18.71
N ALA O 834 -108.97 42.30 18.09
CA ALA O 834 -108.97 42.80 16.72
C ALA O 834 -109.46 41.73 15.77
N ASN O 835 -110.54 42.02 15.04
CA ASN O 835 -111.13 41.08 14.08
C ASN O 835 -111.50 39.76 14.75
N LEU O 836 -112.16 39.86 15.90
CA LEU O 836 -112.54 38.70 16.70
C LEU O 836 -114.05 38.72 16.90
N GLN O 837 -114.72 37.66 16.47
CA GLN O 837 -116.17 37.55 16.59
C GLN O 837 -116.55 36.93 17.92
N TYR O 838 -117.60 37.47 18.54
CA TYR O 838 -118.02 37.08 19.88
C TYR O 838 -119.54 36.90 19.90
N ASP O 839 -119.99 35.97 20.73
CA ASP O 839 -121.40 35.63 20.90
C ASP O 839 -121.81 36.00 22.31
N ASP O 840 -122.72 36.96 22.44
CA ASP O 840 -123.20 37.42 23.74
C ASP O 840 -124.56 36.84 24.10
N GLY O 841 -125.07 35.89 23.32
CA GLY O 841 -126.35 35.29 23.62
C GLY O 841 -127.23 35.09 22.40
N SER O 842 -127.11 33.91 21.78
CA SER O 842 -127.94 33.55 20.62
C SER O 842 -127.62 34.42 19.41
N GLY O 843 -128.22 35.62 19.34
CA GLY O 843 -127.99 36.50 18.21
C GLY O 843 -126.70 37.28 18.38
N MET O 844 -125.91 37.35 17.30
CA MET O 844 -124.62 38.04 17.32
C MET O 844 -123.67 37.35 18.30
N LYS O 845 -122.54 36.84 17.80
CA LYS O 845 -122.12 36.92 16.40
C LYS O 845 -121.85 38.36 15.97
N ARG O 846 -121.02 39.07 16.75
CA ARG O 846 -120.71 40.46 16.46
C ARG O 846 -119.26 40.75 16.80
N GLU O 847 -118.80 41.92 16.40
CA GLU O 847 -117.43 42.32 16.69
C GLU O 847 -117.23 42.46 18.20
N ALA O 848 -116.20 41.79 18.71
CA ALA O 848 -115.95 41.76 20.15
C ALA O 848 -115.21 43.03 20.58
N THR O 849 -115.69 43.63 21.66
CA THR O 849 -115.03 44.77 22.27
C THR O 849 -114.24 44.33 23.50
N ALA O 850 -113.34 45.20 23.95
CA ALA O 850 -112.55 44.87 25.14
C ALA O 850 -113.43 44.69 26.37
N ASP O 851 -114.56 45.38 26.43
CA ASP O 851 -115.42 45.32 27.61
C ASP O 851 -116.12 43.97 27.73
N ASP O 852 -116.60 43.43 26.60
CA ASP O 852 -117.23 42.11 26.62
C ASP O 852 -116.26 41.05 27.15
N LEU O 853 -115.03 41.06 26.62
CA LEU O 853 -114.04 40.08 27.06
C LEU O 853 -113.63 40.31 28.50
N ILE O 854 -113.56 41.56 28.93
CA ILE O 854 -113.26 41.84 30.34
C ILE O 854 -114.36 41.26 31.22
N LYS O 855 -115.63 41.39 30.80
CA LYS O 855 -116.73 40.81 31.56
C LYS O 855 -116.60 39.28 31.62
N VAL O 856 -116.27 38.65 30.49
CA VAL O 856 -116.15 37.19 30.48
C VAL O 856 -115.01 36.75 31.40
N VAL O 857 -113.88 37.44 31.35
CA VAL O 857 -112.73 37.04 32.18
C VAL O 857 -113.00 37.31 33.65
N GLU O 858 -113.74 38.37 33.98
CA GLU O 858 -114.14 38.59 35.35
C GLU O 858 -115.07 37.50 35.83
N GLU O 859 -115.94 37.00 34.95
CA GLU O 859 -116.76 35.85 35.32
C GLU O 859 -115.90 34.62 35.57
N LEU O 860 -114.86 34.43 34.76
CA LEU O 860 -113.97 33.29 34.96
C LEU O 860 -113.22 33.38 36.29
N THR O 861 -112.82 34.59 36.67
CA THR O 861 -112.04 34.76 37.91
C THR O 861 -112.83 34.48 39.17
N ARG O 862 -114.14 34.23 39.06
CA ARG O 862 -114.99 34.01 40.22
C ARG O 862 -115.03 32.55 40.67
N ILE O 863 -114.42 31.63 39.91
CA ILE O 863 -114.40 30.23 40.31
C ILE O 863 -113.40 29.94 41.40
N HIS O 864 -112.53 30.89 41.73
CA HIS O 864 -111.53 30.70 42.77
C HIS O 864 -111.31 32.00 43.55
N ILE P 68 -69.47 -29.65 39.09
CA ILE P 68 -69.44 -28.22 38.80
C ILE P 68 -68.07 -27.85 38.26
N ASN P 69 -67.69 -28.46 37.12
CA ASN P 69 -66.40 -28.18 36.50
C ASN P 69 -66.42 -28.37 34.98
N PHE P 70 -67.60 -28.33 34.35
CA PHE P 70 -67.74 -28.53 32.91
C PHE P 70 -66.95 -27.50 32.12
N ASP P 71 -67.50 -26.27 32.04
CA ASP P 71 -66.95 -25.15 31.28
C ASP P 71 -68.09 -24.39 30.64
N THR P 72 -68.67 -23.43 31.37
CA THR P 72 -69.86 -22.74 30.90
C THR P 72 -69.64 -21.98 29.61
N SER P 73 -68.41 -21.88 29.12
CA SER P 73 -68.11 -21.17 27.88
C SER P 73 -68.22 -22.07 26.65
N LEU P 74 -68.39 -23.38 26.84
CA LEU P 74 -68.45 -24.28 25.68
C LEU P 74 -69.78 -24.17 24.95
N PRO P 75 -70.94 -24.26 25.61
CA PRO P 75 -72.20 -24.22 24.86
C PRO P 75 -72.35 -22.98 24.01
N THR P 76 -71.95 -21.81 24.52
CA THR P 76 -72.13 -20.57 23.77
C THR P 76 -71.33 -20.58 22.48
N SER P 77 -70.28 -21.38 22.41
CA SER P 77 -69.45 -21.41 21.20
C SER P 77 -70.12 -22.16 20.06
N HIS P 78 -71.05 -23.07 20.37
CA HIS P 78 -71.71 -23.88 19.34
C HIS P 78 -70.67 -24.63 18.51
N THR P 79 -69.73 -25.28 19.21
CA THR P 79 -68.65 -25.99 18.53
C THR P 79 -69.16 -27.14 17.68
N TYR P 80 -70.40 -27.60 17.91
CA TYR P 80 -70.96 -28.69 17.13
C TYR P 80 -71.27 -28.27 15.70
N LEU P 81 -71.25 -26.98 15.39
CA LEU P 81 -71.50 -26.53 14.03
C LEU P 81 -70.30 -26.66 13.11
N GLY P 82 -69.13 -26.98 13.65
CA GLY P 82 -67.96 -27.21 12.82
C GLY P 82 -66.89 -26.15 12.91
N ALA P 83 -66.19 -25.91 11.80
CA ALA P 83 -65.09 -24.98 11.78
C ALA P 83 -65.57 -23.58 12.18
N ASP P 84 -64.60 -22.69 12.38
CA ASP P 84 -64.91 -21.32 12.76
C ASP P 84 -65.60 -20.60 11.61
N MET P 85 -66.63 -19.83 11.96
CA MET P 85 -67.45 -19.16 10.96
C MET P 85 -66.89 -17.78 10.63
N GLU P 86 -67.25 -17.31 9.44
CA GLU P 86 -66.94 -15.94 9.05
C GLU P 86 -67.75 -14.98 9.92
N GLU P 87 -67.07 -14.04 10.56
CA GLU P 87 -67.71 -13.14 11.51
C GLU P 87 -67.79 -11.73 10.93
N PHE P 88 -68.81 -11.00 11.35
CA PHE P 88 -69.00 -9.61 10.97
C PHE P 88 -68.85 -8.72 12.19
N HIS P 89 -68.41 -7.48 11.95
CA HIS P 89 -68.27 -6.49 13.00
C HIS P 89 -69.22 -5.30 12.87
N GLY P 90 -69.81 -5.08 11.70
CA GLY P 90 -70.76 -4.01 11.55
C GLY P 90 -72.10 -4.31 12.21
N ARG P 91 -72.81 -3.24 12.54
CA ARG P 91 -74.10 -3.35 13.21
C ARG P 91 -75.13 -2.45 12.52
N THR P 92 -76.33 -3.00 12.34
CA THR P 92 -77.42 -2.29 11.69
C THR P 92 -78.58 -2.13 12.66
N LEU P 93 -79.02 -0.89 12.85
CA LEU P 93 -80.16 -0.58 13.69
C LEU P 93 -81.08 0.40 12.95
N HIS P 94 -82.37 0.11 12.95
CA HIS P 94 -83.33 0.97 12.29
C HIS P 94 -83.91 1.97 13.28
N ASP P 95 -84.37 3.10 12.75
CA ASP P 95 -84.90 4.17 13.58
C ASP P 95 -86.19 3.73 14.25
N ASP P 96 -86.38 4.16 15.50
CA ASP P 96 -87.58 3.81 16.23
C ASP P 96 -88.82 4.31 15.50
N ASP P 97 -89.91 3.56 15.62
CA ASP P 97 -91.20 3.88 15.03
C ASP P 97 -91.17 3.87 13.50
N SER P 98 -90.02 3.65 12.87
CA SER P 98 -89.90 3.63 11.41
C SER P 98 -90.54 2.36 10.84
N CYS P 99 -90.85 2.43 9.55
CA CYS P 99 -91.43 1.29 8.84
C CYS P 99 -90.36 0.68 7.95
N GLN P 100 -90.28 -0.66 7.97
CA GLN P 100 -89.25 -1.40 7.24
C GLN P 100 -89.87 -2.61 6.58
N VAL P 101 -89.18 -3.15 5.58
CA VAL P 101 -89.59 -4.39 4.92
C VAL P 101 -88.42 -5.36 5.06
N ILE P 102 -88.64 -6.44 5.81
CA ILE P 102 -87.56 -7.36 6.13
C ILE P 102 -87.98 -8.78 5.77
N PRO P 103 -87.07 -9.62 5.28
CA PRO P 103 -87.44 -10.99 4.90
C PRO P 103 -87.55 -11.90 6.11
N VAL P 104 -88.37 -12.93 5.97
CA VAL P 104 -88.63 -13.89 7.03
C VAL P 104 -88.19 -15.27 6.56
N LEU P 105 -87.47 -15.99 7.42
CA LEU P 105 -87.11 -17.36 7.12
C LEU P 105 -88.31 -18.28 7.26
N PRO P 106 -88.59 -19.14 6.28
CA PRO P 106 -89.85 -19.91 6.33
C PRO P 106 -89.95 -20.87 7.51
N GLN P 107 -88.89 -21.59 7.84
CA GLN P 107 -88.96 -22.67 8.82
C GLN P 107 -88.58 -22.25 10.24
N VAL P 108 -88.32 -20.97 10.48
CA VAL P 108 -88.01 -20.50 11.82
C VAL P 108 -89.30 -20.34 12.60
N MET P 109 -89.40 -21.03 13.73
CA MET P 109 -90.60 -20.99 14.54
C MET P 109 -90.37 -20.40 15.92
N MET P 110 -89.15 -20.02 16.25
CA MET P 110 -88.86 -19.55 17.60
C MET P 110 -89.35 -18.12 17.80
N ILE P 111 -89.50 -17.74 19.06
CA ILE P 111 -89.81 -16.38 19.45
C ILE P 111 -88.51 -15.75 19.95
N LEU P 112 -87.92 -14.90 19.12
CA LEU P 112 -86.59 -14.39 19.40
C LEU P 112 -86.65 -13.17 20.33
N ILE P 113 -85.72 -13.12 21.27
CA ILE P 113 -85.63 -12.00 22.21
C ILE P 113 -84.39 -11.18 21.87
N PRO P 114 -84.48 -9.86 21.89
CA PRO P 114 -83.31 -9.02 21.59
C PRO P 114 -82.12 -9.43 22.45
N GLY P 115 -80.97 -9.57 21.81
CA GLY P 115 -79.76 -10.00 22.49
C GLY P 115 -79.59 -11.49 22.58
N GLN P 116 -80.57 -12.28 22.17
CA GLN P 116 -80.46 -13.72 22.22
C GLN P 116 -79.73 -14.23 20.97
N THR P 117 -78.98 -15.31 21.14
CA THR P 117 -78.26 -15.93 20.03
C THR P 117 -79.13 -17.00 19.39
N LEU P 118 -79.16 -17.01 18.06
CA LEU P 118 -79.95 -17.98 17.30
C LEU P 118 -79.04 -18.69 16.30
N PRO P 119 -78.79 -19.99 16.47
CA PRO P 119 -78.07 -20.74 15.46
C PRO P 119 -79.01 -21.44 14.48
N LEU P 120 -78.60 -21.47 13.23
CA LEU P 120 -79.43 -21.99 12.15
C LEU P 120 -78.57 -22.78 11.18
N GLN P 121 -79.13 -23.88 10.67
CA GLN P 121 -78.56 -24.63 9.57
C GLN P 121 -79.60 -24.65 8.45
N LEU P 122 -79.24 -24.10 7.29
CA LEU P 122 -80.14 -23.95 6.17
C LEU P 122 -79.69 -24.86 5.04
N PHE P 123 -80.62 -25.73 4.61
CA PHE P 123 -80.43 -26.68 3.52
C PHE P 123 -81.23 -26.30 2.28
N HIS P 124 -82.44 -25.79 2.45
CA HIS P 124 -83.30 -25.47 1.32
C HIS P 124 -82.62 -24.42 0.44
N PRO P 125 -82.54 -24.63 -0.88
CA PRO P 125 -81.90 -23.64 -1.75
C PRO P 125 -82.52 -22.25 -1.65
N GLN P 126 -83.83 -22.19 -1.46
CA GLN P 126 -84.48 -20.90 -1.26
C GLN P 126 -83.89 -20.17 -0.05
N GLU P 127 -83.80 -20.88 1.08
CA GLU P 127 -83.25 -20.29 2.31
C GLU P 127 -81.79 -19.90 2.12
N VAL P 128 -81.01 -20.74 1.44
CA VAL P 128 -79.61 -20.42 1.20
C VAL P 128 -79.48 -19.16 0.37
N SER P 129 -80.31 -19.04 -0.67
CA SER P 129 -80.28 -17.85 -1.51
C SER P 129 -80.65 -16.61 -0.71
N MET P 130 -81.72 -16.71 0.08
CA MET P 130 -82.14 -15.57 0.91
C MET P 130 -81.03 -15.15 1.86
N VAL P 131 -80.31 -16.14 2.42
CA VAL P 131 -79.25 -15.82 3.37
C VAL P 131 -78.06 -15.19 2.66
N ARG P 132 -77.76 -15.63 1.44
CA ARG P 132 -76.73 -14.96 0.67
C ARG P 132 -77.09 -13.50 0.45
N ASN P 133 -78.29 -13.26 -0.08
CA ASN P 133 -78.76 -11.90 -0.30
C ASN P 133 -78.62 -11.07 0.98
N LEU P 134 -79.05 -11.62 2.10
CA LEU P 134 -78.92 -10.91 3.38
C LEU P 134 -77.46 -10.59 3.68
N ILE P 135 -76.58 -11.58 3.53
CA ILE P 135 -75.17 -11.37 3.82
C ILE P 135 -74.62 -10.22 2.98
N GLN P 136 -75.16 -10.03 1.78
CA GLN P 136 -74.68 -8.94 0.93
C GLN P 136 -75.33 -7.60 1.24
N LYS P 137 -76.44 -7.59 1.97
CA LYS P 137 -77.18 -6.37 2.29
C LYS P 137 -76.98 -6.07 3.78
N ASP P 138 -78.05 -5.86 4.57
CA ASP P 138 -77.92 -5.45 5.96
C ASP P 138 -77.81 -6.63 6.93
N ARG P 139 -77.98 -7.87 6.45
CA ARG P 139 -77.81 -9.06 7.27
C ARG P 139 -78.88 -9.17 8.36
N THR P 140 -80.07 -8.65 8.10
CA THR P 140 -81.15 -8.65 9.08
C THR P 140 -82.37 -9.33 8.48
N PHE P 141 -82.93 -10.29 9.21
CA PHE P 141 -84.18 -10.93 8.85
C PHE P 141 -85.13 -10.83 10.03
N ALA P 142 -86.40 -11.13 9.78
CA ALA P 142 -87.43 -11.05 10.79
C ALA P 142 -87.77 -12.43 11.31
N VAL P 143 -87.85 -12.55 12.63
CA VAL P 143 -88.26 -13.78 13.30
C VAL P 143 -89.65 -13.51 13.86
N LEU P 144 -90.67 -14.06 13.22
CA LEU P 144 -92.04 -13.77 13.61
C LEU P 144 -92.42 -14.54 14.87
N ALA P 145 -93.04 -13.86 15.82
CA ALA P 145 -93.56 -14.49 17.04
C ALA P 145 -94.98 -14.95 16.74
N TYR P 146 -95.14 -16.25 16.50
CA TYR P 146 -96.42 -16.80 16.05
C TYR P 146 -97.35 -17.04 17.23
N SER P 147 -98.51 -16.37 17.22
CA SER P 147 -99.56 -16.68 18.17
C SER P 147 -100.28 -17.98 17.78
N ASN P 148 -100.49 -18.18 16.49
CA ASN P 148 -101.04 -19.42 15.94
C ASN P 148 -100.03 -19.93 14.91
N VAL P 149 -99.20 -20.90 15.31
CA VAL P 149 -98.14 -21.38 14.43
C VAL P 149 -98.72 -22.12 13.23
N GLN P 150 -99.84 -22.80 13.40
CA GLN P 150 -100.44 -23.56 12.30
C GLN P 150 -100.74 -22.66 11.11
N GLU P 151 -101.51 -21.61 11.33
CA GLU P 151 -101.93 -20.70 10.25
C GLU P 151 -100.97 -19.53 10.05
N ARG P 152 -99.79 -19.57 10.67
CA ARG P 152 -98.76 -18.55 10.46
C ARG P 152 -99.29 -17.14 10.77
N GLU P 153 -99.95 -17.01 11.92
CA GLU P 153 -100.41 -15.71 12.39
C GLU P 153 -99.33 -15.08 13.26
N ALA P 154 -99.13 -13.77 13.10
CA ALA P 154 -98.10 -13.07 13.84
C ALA P 154 -98.44 -11.59 13.94
N GLN P 155 -98.48 -11.07 15.16
CA GLN P 155 -98.70 -9.65 15.41
C GLN P 155 -97.43 -8.92 15.85
N PHE P 156 -96.47 -9.61 16.44
CA PHE P 156 -95.21 -9.01 16.85
C PHE P 156 -94.06 -9.88 16.37
N GLY P 157 -92.85 -9.38 16.54
CA GLY P 157 -91.68 -10.14 16.17
C GLY P 157 -90.42 -9.43 16.62
N THR P 158 -89.28 -10.01 16.25
CA THR P 158 -87.98 -9.47 16.58
C THR P 158 -87.09 -9.55 15.36
N THR P 159 -86.21 -8.57 15.20
CA THR P 159 -85.23 -8.58 14.13
C THR P 159 -83.97 -9.31 14.56
N ALA P 160 -83.38 -10.05 13.64
CA ALA P 160 -82.17 -10.82 13.90
C ALA P 160 -81.11 -10.40 12.91
N GLU P 161 -79.89 -10.19 13.41
CA GLU P 161 -78.76 -9.76 12.60
C GLU P 161 -77.75 -10.90 12.54
N ILE P 162 -77.47 -11.39 11.34
CA ILE P 162 -76.48 -12.45 11.16
C ILE P 162 -75.10 -11.89 11.49
N TYR P 163 -74.47 -12.46 12.52
CA TYR P 163 -73.11 -12.06 12.88
C TYR P 163 -72.07 -13.11 12.58
N ALA P 164 -72.48 -14.33 12.22
CA ALA P 164 -71.52 -15.34 11.78
C ALA P 164 -72.17 -16.21 10.72
N TYR P 165 -71.39 -16.62 9.72
CA TYR P 165 -71.89 -17.51 8.69
C TYR P 165 -70.77 -18.39 8.16
N ARG P 166 -71.17 -19.50 7.56
CA ARG P 166 -70.25 -20.43 6.92
C ARG P 166 -70.99 -21.10 5.77
N GLU P 167 -70.45 -20.98 4.57
CA GLU P 167 -71.11 -21.47 3.36
C GLU P 167 -70.32 -22.65 2.82
N GLU P 168 -70.85 -23.87 2.97
CA GLU P 168 -70.08 -25.06 2.66
C GLU P 168 -70.85 -25.98 1.71
N GLN P 169 -70.13 -26.50 0.72
CA GLN P 169 -70.68 -27.48 -0.23
C GLN P 169 -70.11 -28.84 0.15
N ASP P 170 -70.88 -29.62 0.90
CA ASP P 170 -70.41 -30.88 1.46
C ASP P 170 -71.11 -32.04 0.79
N PHE P 171 -70.34 -33.05 0.40
CA PHE P 171 -70.88 -34.27 -0.20
C PHE P 171 -71.79 -33.97 -1.38
N GLY P 172 -71.51 -32.87 -2.08
CA GLY P 172 -72.27 -32.53 -3.26
C GLY P 172 -73.58 -31.81 -3.01
N ILE P 173 -73.84 -31.37 -1.78
CA ILE P 173 -75.01 -30.57 -1.48
C ILE P 173 -74.57 -29.30 -0.76
N GLU P 174 -75.23 -28.19 -1.10
CA GLU P 174 -74.86 -26.87 -0.59
C GLU P 174 -75.67 -26.53 0.64
N ILE P 175 -74.99 -26.08 1.70
CA ILE P 175 -75.66 -25.70 2.94
C ILE P 175 -74.96 -24.50 3.55
N VAL P 176 -75.68 -23.81 4.43
CA VAL P 176 -75.19 -22.59 5.06
C VAL P 176 -75.51 -22.63 6.55
N LYS P 177 -74.50 -22.43 7.38
CA LYS P 177 -74.66 -22.34 8.82
C LYS P 177 -74.55 -20.88 9.23
N VAL P 178 -75.36 -20.47 10.20
CA VAL P 178 -75.48 -19.07 10.57
C VAL P 178 -75.67 -18.94 12.08
N LYS P 179 -75.09 -17.89 12.64
CA LYS P 179 -75.36 -17.45 14.00
C LYS P 179 -75.82 -16.00 13.93
N ALA P 180 -77.04 -15.74 14.37
CA ALA P 180 -77.59 -14.40 14.40
C ALA P 180 -77.90 -14.02 15.85
N ILE P 181 -78.32 -12.76 16.03
CA ILE P 181 -78.66 -12.25 17.34
C ILE P 181 -79.85 -11.31 17.22
N GLY P 182 -80.70 -11.34 18.24
CA GLY P 182 -81.86 -10.47 18.26
C GLY P 182 -81.46 -9.01 18.46
N ARG P 183 -82.14 -8.12 17.74
CA ARG P 183 -81.85 -6.69 17.80
C ARG P 183 -83.06 -5.92 18.29
N GLN P 184 -84.08 -5.70 17.46
CA GLN P 184 -85.16 -4.78 17.76
C GLN P 184 -86.51 -5.48 17.70
N ARG P 185 -87.35 -5.23 18.70
CA ARG P 185 -88.73 -5.69 18.65
C ARG P 185 -89.51 -4.89 17.60
N PHE P 186 -90.55 -5.50 17.05
CA PHE P 186 -91.32 -4.83 16.01
C PHE P 186 -92.75 -5.32 15.98
N LYS P 187 -93.64 -4.46 15.51
CA LYS P 187 -95.04 -4.80 15.28
C LYS P 187 -95.22 -5.17 13.82
N VAL P 188 -95.95 -6.25 13.58
CA VAL P 188 -96.18 -6.75 12.23
C VAL P 188 -97.27 -5.92 11.57
N LEU P 189 -96.92 -5.22 10.50
CA LEU P 189 -97.89 -4.44 9.74
C LEU P 189 -98.42 -5.17 8.51
N GLU P 190 -97.66 -6.13 7.98
CA GLU P 190 -98.08 -6.83 6.78
C GLU P 190 -97.15 -8.01 6.51
N LEU P 191 -97.72 -9.15 6.17
CA LEU P 191 -96.96 -10.35 5.81
C LEU P 191 -97.25 -10.67 4.35
N ARG P 192 -96.20 -10.66 3.53
CA ARG P 192 -96.38 -10.67 2.07
C ARG P 192 -95.43 -11.70 1.45
N THR P 193 -95.97 -12.87 1.08
CA THR P 193 -95.16 -13.97 0.59
C THR P 193 -95.04 -13.88 -0.94
N GLN P 194 -93.84 -13.60 -1.43
CA GLN P 194 -93.60 -13.41 -2.85
C GLN P 194 -93.83 -14.71 -3.62
N SER P 195 -93.86 -14.59 -4.95
CA SER P 195 -94.10 -15.74 -5.81
C SER P 195 -92.96 -16.75 -5.76
N ASP P 196 -91.82 -16.40 -5.17
CA ASP P 196 -90.73 -17.34 -4.98
C ASP P 196 -90.97 -18.29 -3.81
N GLY P 197 -91.99 -18.03 -2.99
CA GLY P 197 -92.24 -18.79 -1.79
C GLY P 197 -91.71 -18.15 -0.52
N ILE P 198 -90.80 -17.18 -0.64
CA ILE P 198 -90.23 -16.49 0.50
C ILE P 198 -91.05 -15.24 0.77
N GLN P 199 -91.29 -14.95 2.04
CA GLN P 199 -92.14 -13.85 2.42
C GLN P 199 -91.33 -12.71 3.05
N GLN P 200 -91.84 -11.50 2.84
CA GLN P 200 -91.35 -10.28 3.48
C GLN P 200 -92.35 -9.83 4.53
N ALA P 201 -91.92 -8.88 5.35
CA ALA P 201 -92.72 -8.34 6.44
C ALA P 201 -92.59 -6.84 6.42
N LYS P 202 -93.71 -6.15 6.19
CA LYS P 202 -93.87 -4.74 6.49
C LYS P 202 -94.03 -4.61 8.00
N VAL P 203 -93.10 -3.91 8.63
CA VAL P 203 -92.87 -3.98 10.06
C VAL P 203 -92.67 -2.57 10.61
N GLN P 204 -93.06 -2.36 11.86
CA GLN P 204 -92.87 -1.09 12.54
C GLN P 204 -92.03 -1.34 13.78
N ILE P 205 -90.88 -0.67 13.86
CA ILE P 205 -89.96 -0.89 14.98
C ILE P 205 -90.57 -0.33 16.25
N LEU P 206 -90.59 -1.14 17.30
CA LEU P 206 -91.10 -0.67 18.58
C LEU P 206 -89.97 0.01 19.36
N PRO P 207 -90.21 1.18 19.92
CA PRO P 207 -89.16 1.86 20.69
C PRO P 207 -89.02 1.28 22.10
N GLU P 208 -87.82 1.43 22.64
CA GLU P 208 -87.54 1.02 24.01
C GLU P 208 -87.83 2.19 24.93
N CYS P 209 -88.84 2.04 25.80
CA CYS P 209 -89.23 3.11 26.70
C CYS P 209 -88.28 3.18 27.88
N VAL P 210 -87.54 4.29 27.99
CA VAL P 210 -86.63 4.52 29.10
C VAL P 210 -87.27 5.56 30.01
N LEU P 211 -87.49 5.18 31.27
CA LEU P 211 -88.12 6.07 32.23
C LEU P 211 -87.10 6.57 33.25
N PRO P 212 -87.20 7.83 33.65
CA PRO P 212 -86.30 8.35 34.69
C PRO P 212 -86.69 7.80 36.05
N SER P 213 -85.81 8.04 37.02
CA SER P 213 -86.08 7.62 38.39
C SER P 213 -87.45 8.12 38.82
N THR P 214 -88.18 7.27 39.54
CA THR P 214 -89.49 7.69 40.05
C THR P 214 -89.36 8.89 40.98
N MET P 215 -88.18 9.12 41.56
CA MET P 215 -87.91 10.29 42.37
C MET P 215 -87.31 11.45 41.59
N SER P 216 -86.95 11.24 40.31
CA SER P 216 -86.26 12.28 39.56
C SER P 216 -87.06 13.58 39.52
N ALA P 217 -88.39 13.50 39.47
CA ALA P 217 -89.22 14.70 39.40
C ALA P 217 -89.29 15.41 40.74
N VAL P 218 -89.46 14.66 41.84
CA VAL P 218 -89.67 15.26 43.15
C VAL P 218 -88.38 15.50 43.91
N GLN P 219 -87.23 15.09 43.36
CA GLN P 219 -85.98 15.20 44.08
C GLN P 219 -85.60 16.65 44.31
N LEU P 220 -85.32 17.00 45.56
CA LEU P 220 -84.92 18.35 45.91
C LEU P 220 -83.54 18.68 45.33
N GLU P 221 -83.36 19.94 44.97
CA GLU P 221 -82.07 20.36 44.42
C GLU P 221 -80.94 20.17 45.44
N SER P 222 -81.23 20.38 46.73
CA SER P 222 -80.19 20.24 47.75
C SER P 222 -79.77 18.79 47.92
N LEU P 223 -80.69 17.85 47.76
CA LEU P 223 -80.39 16.44 47.94
C LEU P 223 -79.89 15.76 46.67
N ASN P 224 -79.77 16.49 45.56
CA ASN P 224 -79.29 15.88 44.32
C ASN P 224 -77.88 15.34 44.47
N LYS P 225 -77.01 16.09 45.15
CA LYS P 225 -75.64 15.64 45.34
C LYS P 225 -75.55 14.40 46.22
N CYS P 226 -76.60 14.09 46.98
CA CYS P 226 -76.62 12.95 47.88
C CYS P 226 -77.17 11.68 47.23
N GLN P 227 -77.66 11.77 46.00
CA GLN P 227 -78.29 10.61 45.36
C GLN P 227 -77.29 9.58 44.89
N ILE P 228 -76.03 9.97 44.67
CA ILE P 228 -75.01 9.03 44.22
C ILE P 228 -74.48 8.26 45.42
N PHE P 229 -74.40 6.90 45.28
CA PHE P 229 -73.90 6.03 46.33
C PHE P 229 -72.40 5.79 46.18
N PRO P 230 -71.70 5.57 47.27
CA PRO P 230 -70.24 5.32 47.22
C PRO P 230 -69.91 3.88 46.86
N SER P 231 -70.04 3.57 45.57
CA SER P 231 -69.69 2.25 45.06
C SER P 231 -70.57 1.16 45.67
N LYS P 232 -70.43 -0.06 45.16
CA LYS P 232 -71.15 -1.25 45.57
C LYS P 232 -70.28 -2.13 46.44
N PRO P 233 -70.88 -2.89 47.36
CA PRO P 233 -70.06 -3.78 48.20
C PRO P 233 -69.53 -4.98 47.45
N VAL P 234 -70.26 -5.47 46.43
CA VAL P 234 -69.91 -6.66 45.67
C VAL P 234 -69.21 -7.70 46.53
N SER P 235 -69.72 -7.90 47.74
CA SER P 235 -69.34 -9.01 48.60
C SER P 235 -70.61 -9.79 48.90
N ARG P 236 -70.69 -11.03 48.40
CA ARG P 236 -71.93 -11.81 48.46
C ARG P 236 -72.63 -11.66 49.81
N GLU P 237 -71.88 -11.81 50.90
CA GLU P 237 -72.49 -11.74 52.22
C GLU P 237 -72.98 -10.33 52.55
N ASP P 238 -72.18 -9.32 52.22
CA ASP P 238 -72.54 -7.95 52.56
C ASP P 238 -73.77 -7.48 51.79
N GLN P 239 -73.87 -7.83 50.50
CA GLN P 239 -75.01 -7.43 49.71
C GLN P 239 -76.25 -8.29 49.99
N CYS P 240 -76.06 -9.58 50.27
CA CYS P 240 -77.20 -10.41 50.68
C CYS P 240 -77.76 -9.98 52.02
N SER P 241 -76.96 -9.32 52.87
CA SER P 241 -77.47 -8.77 54.11
C SER P 241 -78.32 -7.54 53.83
N TYR P 242 -79.55 -7.54 54.36
CA TYR P 242 -80.53 -6.50 54.02
C TYR P 242 -80.23 -5.15 54.67
N LYS P 243 -79.13 -5.02 55.40
CA LYS P 243 -78.78 -3.72 55.96
C LYS P 243 -78.39 -2.74 54.86
N TRP P 244 -77.55 -3.18 53.92
CA TRP P 244 -77.17 -2.30 52.82
C TRP P 244 -78.39 -1.86 52.02
N TRP P 245 -79.36 -2.76 51.85
CA TRP P 245 -80.55 -2.39 51.10
C TRP P 245 -81.48 -1.49 51.90
N GLN P 246 -81.55 -1.66 53.22
CA GLN P 246 -82.21 -0.65 54.04
C GLN P 246 -81.60 0.72 53.80
N LYS P 247 -80.27 0.79 53.78
CA LYS P 247 -79.58 2.05 53.53
C LYS P 247 -79.92 2.60 52.14
N TYR P 248 -79.87 1.72 51.13
CA TYR P 248 -80.17 2.13 49.77
C TYR P 248 -81.58 2.70 49.66
N GLN P 249 -82.55 2.02 50.28
CA GLN P 249 -83.93 2.50 50.22
C GLN P 249 -84.08 3.83 50.95
N LYS P 250 -83.46 3.95 52.13
CA LYS P 250 -83.57 5.21 52.86
C LYS P 250 -82.98 6.36 52.05
N ARG P 251 -81.87 6.11 51.34
CA ARG P 251 -81.20 7.21 50.64
C ARG P 251 -81.89 7.55 49.32
N LYS P 252 -82.13 6.56 48.48
CA LYS P 252 -82.60 6.85 47.14
C LYS P 252 -84.02 7.39 47.14
N PHE P 253 -84.87 6.89 48.02
CA PHE P 253 -86.28 7.26 48.06
C PHE P 253 -86.62 8.12 49.28
N HIS P 254 -85.68 8.99 49.68
CA HIS P 254 -85.99 9.90 50.77
C HIS P 254 -87.14 10.81 50.41
N CYS P 255 -87.05 11.48 49.25
CA CYS P 255 -88.05 12.45 48.84
C CYS P 255 -89.42 11.81 48.67
N ALA P 256 -89.53 10.51 48.93
CA ALA P 256 -90.84 9.88 49.02
C ALA P 256 -91.70 10.54 50.08
N ASN P 257 -91.09 11.15 51.10
CA ASN P 257 -91.88 11.90 52.08
C ASN P 257 -92.63 13.06 51.43
N LEU P 258 -92.16 13.55 50.28
CA LEU P 258 -92.86 14.62 49.57
C LEU P 258 -94.13 14.13 48.90
N THR P 259 -94.16 12.87 48.46
CA THR P 259 -95.31 12.36 47.73
C THR P 259 -96.34 11.78 48.71
N SER P 260 -97.32 11.07 48.18
CA SER P 260 -98.39 10.48 48.98
C SER P 260 -98.21 8.98 49.17
N TRP P 261 -97.02 8.44 48.93
CA TRP P 261 -96.72 7.04 49.11
C TRP P 261 -95.42 6.88 49.86
N PRO P 262 -95.21 5.73 50.51
CA PRO P 262 -93.96 5.52 51.24
C PRO P 262 -92.83 5.05 50.33
N ARG P 263 -91.69 4.69 50.93
CA ARG P 263 -90.52 4.32 50.16
C ARG P 263 -90.62 2.91 49.61
N TRP P 264 -91.06 1.96 50.43
CA TRP P 264 -91.10 0.57 49.99
C TRP P 264 -91.99 0.39 48.77
N LEU P 265 -92.91 1.32 48.52
CA LEU P 265 -93.69 1.27 47.28
C LEU P 265 -92.81 1.59 46.08
N TYR P 266 -92.10 2.72 46.12
CA TYR P 266 -91.21 3.08 45.03
C TYR P 266 -90.13 2.03 44.82
N SER P 267 -89.74 1.33 45.90
CA SER P 267 -88.74 0.27 45.76
C SER P 267 -89.20 -0.80 44.78
N LEU P 268 -90.50 -1.08 44.75
CA LEU P 268 -91.03 -2.09 43.85
C LEU P 268 -90.99 -1.66 42.38
N TYR P 269 -90.75 -0.38 42.11
CA TYR P 269 -90.64 0.12 40.75
C TYR P 269 -89.27 0.73 40.48
N ASP P 270 -88.25 0.20 41.13
CA ASP P 270 -86.89 0.70 41.00
C ASP P 270 -86.06 -0.29 40.20
N ALA P 271 -85.40 0.20 39.15
CA ALA P 271 -84.66 -0.67 38.25
C ALA P 271 -83.58 -1.46 38.99
N GLU P 272 -82.79 -0.78 39.82
CA GLU P 272 -81.68 -1.45 40.49
C GLU P 272 -82.17 -2.43 41.54
N THR P 273 -83.18 -2.04 42.32
CA THR P 273 -83.73 -2.95 43.31
C THR P 273 -84.23 -4.23 42.64
N LEU P 274 -85.02 -4.09 41.58
CA LEU P 274 -85.54 -5.25 40.87
C LEU P 274 -84.40 -6.08 40.29
N MET P 275 -83.40 -5.41 39.70
CA MET P 275 -82.31 -6.16 39.08
C MET P 275 -81.55 -6.97 40.11
N ASP P 276 -81.35 -6.43 41.32
CA ASP P 276 -80.65 -7.21 42.33
C ASP P 276 -81.53 -8.31 42.91
N ARG P 277 -82.84 -8.06 43.03
CA ARG P 277 -83.74 -9.14 43.42
C ARG P 277 -83.66 -10.28 42.42
N ILE P 278 -83.48 -9.95 41.14
CA ILE P 278 -83.33 -11.00 40.13
C ILE P 278 -81.95 -11.65 40.24
N LYS P 279 -80.93 -10.86 40.59
CA LYS P 279 -79.60 -11.42 40.79
C LYS P 279 -79.60 -12.46 41.90
N LYS P 280 -80.37 -12.22 42.96
CA LYS P 280 -80.39 -13.18 44.06
C LYS P 280 -80.99 -14.52 43.65
N GLN P 281 -81.78 -14.56 42.57
CA GLN P 281 -82.25 -15.84 42.05
C GLN P 281 -81.25 -16.42 41.07
N LEU P 282 -80.72 -15.58 40.18
CA LEU P 282 -79.73 -16.05 39.22
C LEU P 282 -78.54 -16.69 39.93
N ARG P 283 -78.17 -16.16 41.11
CA ARG P 283 -77.11 -16.79 41.90
C ARG P 283 -77.56 -18.16 42.41
N GLU P 284 -78.84 -18.31 42.74
CA GLU P 284 -79.37 -19.64 43.03
C GLU P 284 -79.21 -20.58 41.84
N TRP P 285 -79.19 -20.03 40.62
CA TRP P 285 -79.00 -20.89 39.46
C TRP P 285 -77.53 -21.07 39.08
N ASP P 286 -76.71 -20.02 39.20
CA ASP P 286 -75.31 -20.07 38.78
C ASP P 286 -74.43 -19.46 39.86
N GLU P 287 -73.17 -19.88 39.88
CA GLU P 287 -72.20 -19.39 40.87
C GLU P 287 -71.29 -18.30 40.31
N ASN P 288 -71.55 -17.80 39.11
CA ASN P 288 -70.76 -16.72 38.53
C ASN P 288 -71.26 -15.38 39.04
N LEU P 289 -70.34 -14.57 39.57
CA LEU P 289 -70.72 -13.31 40.19
C LEU P 289 -71.28 -12.32 39.17
N LYS P 290 -72.15 -11.44 39.66
CA LYS P 290 -72.69 -10.34 38.85
C LYS P 290 -71.64 -9.31 38.49
N ASP P 291 -70.48 -9.35 39.15
CA ASP P 291 -69.45 -8.34 38.90
C ASP P 291 -69.11 -8.22 37.43
N ASP P 292 -69.23 -9.31 36.66
CA ASP P 292 -68.79 -9.28 35.28
C ASP P 292 -69.88 -9.79 34.34
N SER P 293 -70.42 -10.97 34.64
CA SER P 293 -71.31 -11.63 33.69
C SER P 293 -72.59 -10.82 33.46
N LEU P 294 -73.18 -10.29 34.52
CA LEU P 294 -74.49 -9.69 34.26
C LEU P 294 -74.36 -8.24 33.80
N PRO P 295 -75.24 -7.80 32.90
CA PRO P 295 -75.19 -6.42 32.43
C PRO P 295 -75.75 -5.44 33.44
N SER P 296 -75.26 -4.20 33.37
CA SER P 296 -75.68 -3.14 34.27
C SER P 296 -76.85 -2.33 33.75
N ASN P 297 -77.06 -2.30 32.44
CA ASN P 297 -78.17 -1.55 31.87
C ASN P 297 -79.48 -2.31 32.09
N PRO P 298 -80.53 -1.66 32.56
CA PRO P 298 -81.79 -2.38 32.83
C PRO P 298 -82.42 -3.00 31.60
N ILE P 299 -82.30 -2.36 30.43
CA ILE P 299 -82.85 -2.95 29.21
C ILE P 299 -82.14 -4.27 28.90
N ASP P 300 -80.80 -4.22 28.79
CA ASP P 300 -80.04 -5.43 28.50
C ASP P 300 -80.25 -6.49 29.57
N PHE P 301 -80.33 -6.08 30.83
CA PHE P 301 -80.54 -7.04 31.92
C PHE P 301 -81.91 -7.71 31.80
N SER P 302 -82.95 -6.93 31.53
CA SER P 302 -84.29 -7.48 31.38
C SER P 302 -84.36 -8.45 30.21
N TYR P 303 -83.72 -8.10 29.09
CA TYR P 303 -83.74 -9.00 27.95
C TYR P 303 -82.95 -10.27 28.22
N ARG P 304 -81.76 -10.14 28.82
CA ARG P 304 -80.98 -11.32 29.17
C ARG P 304 -81.76 -12.25 30.10
N VAL P 305 -82.53 -11.68 31.02
CA VAL P 305 -83.30 -12.51 31.93
C VAL P 305 -84.47 -13.17 31.22
N ALA P 306 -85.20 -12.40 30.41
CA ALA P 306 -86.33 -12.98 29.70
C ALA P 306 -85.89 -14.09 28.76
N ALA P 307 -84.67 -14.00 28.23
CA ALA P 307 -84.20 -14.99 27.26
C ALA P 307 -84.06 -16.38 27.88
N CYS P 308 -83.83 -16.45 29.19
CA CYS P 308 -83.59 -17.72 29.86
C CYS P 308 -84.70 -18.09 30.84
N LEU P 309 -85.90 -17.56 30.64
CA LEU P 309 -87.03 -17.93 31.48
C LEU P 309 -87.86 -18.99 30.77
N PRO P 310 -87.95 -20.21 31.32
CA PRO P 310 -88.71 -21.29 30.67
C PRO P 310 -90.22 -21.12 30.82
N ILE P 311 -90.79 -20.30 29.93
CA ILE P 311 -92.23 -20.07 29.89
C ILE P 311 -92.74 -20.48 28.52
N ASP P 312 -94.05 -20.63 28.43
CA ASP P 312 -94.68 -21.03 27.18
C ASP P 312 -94.74 -19.85 26.21
N ASP P 313 -95.13 -20.15 24.97
CA ASP P 313 -95.06 -19.14 23.92
C ASP P 313 -95.95 -17.94 24.20
N VAL P 314 -97.10 -18.15 24.86
CA VAL P 314 -98.00 -17.04 25.10
C VAL P 314 -97.42 -16.08 26.13
N LEU P 315 -96.84 -16.62 27.20
CA LEU P 315 -96.19 -15.76 28.19
C LEU P 315 -95.00 -15.04 27.58
N ARG P 316 -94.24 -15.72 26.73
CA ARG P 316 -93.11 -15.04 26.11
C ARG P 316 -93.57 -13.96 25.14
N ILE P 317 -94.70 -14.15 24.46
CA ILE P 317 -95.24 -13.09 23.61
C ILE P 317 -95.68 -11.90 24.45
N GLN P 318 -96.38 -12.17 25.55
CA GLN P 318 -96.78 -11.09 26.44
C GLN P 318 -95.56 -10.36 26.99
N LEU P 319 -94.49 -11.10 27.31
CA LEU P 319 -93.28 -10.49 27.83
C LEU P 319 -92.59 -9.65 26.76
N LEU P 320 -92.63 -10.11 25.51
CA LEU P 320 -92.05 -9.33 24.41
C LEU P 320 -92.88 -8.07 24.12
N LYS P 321 -94.17 -8.08 24.46
CA LYS P 321 -95.00 -6.89 24.27
C LYS P 321 -94.65 -5.76 25.23
N ILE P 322 -93.94 -6.06 26.32
CA ILE P 322 -93.59 -5.03 27.28
C ILE P 322 -92.52 -4.12 26.69
N GLY P 323 -92.73 -2.81 26.84
CA GLY P 323 -91.80 -1.84 26.30
C GLY P 323 -90.97 -1.13 27.36
N SER P 324 -91.41 -1.20 28.62
CA SER P 324 -90.71 -0.58 29.73
C SER P 324 -89.87 -1.63 30.46
N ALA P 325 -88.57 -1.35 30.62
CA ALA P 325 -87.70 -2.29 31.32
C ALA P 325 -88.15 -2.51 32.76
N ILE P 326 -88.77 -1.50 33.37
CA ILE P 326 -89.28 -1.67 34.73
C ILE P 326 -90.35 -2.76 34.76
N GLN P 327 -91.33 -2.66 33.86
CA GLN P 327 -92.39 -3.65 33.82
C GLN P 327 -91.85 -5.02 33.47
N ARG P 328 -90.91 -5.10 32.53
CA ARG P 328 -90.33 -6.39 32.16
C ARG P 328 -89.64 -7.03 33.35
N LEU P 329 -88.83 -6.26 34.08
CA LEU P 329 -88.17 -6.79 35.27
C LEU P 329 -89.19 -7.25 36.30
N ARG P 330 -90.25 -6.47 36.50
CA ARG P 330 -91.26 -6.83 37.50
C ARG P 330 -91.96 -8.13 37.11
N CYS P 331 -92.36 -8.23 35.84
CA CYS P 331 -93.04 -9.44 35.39
C CYS P 331 -92.11 -10.65 35.47
N GLU P 332 -90.83 -10.47 35.15
CA GLU P 332 -89.90 -11.58 35.24
C GLU P 332 -89.75 -12.04 36.69
N LEU P 333 -89.63 -11.10 37.63
CA LEU P 333 -89.57 -11.49 39.04
C LEU P 333 -90.83 -12.23 39.46
N ASP P 334 -91.99 -11.71 39.07
CA ASP P 334 -93.24 -12.37 39.44
C ASP P 334 -93.28 -13.79 38.89
N ILE P 335 -92.84 -13.96 37.64
CA ILE P 335 -92.81 -15.30 37.04
C ILE P 335 -91.87 -16.20 37.84
N MET P 336 -90.68 -15.69 38.18
CA MET P 336 -89.70 -16.50 38.88
C MET P 336 -90.19 -16.91 40.26
N ASN P 337 -91.07 -16.11 40.85
CA ASN P 337 -91.57 -16.44 42.18
C ASN P 337 -92.82 -17.32 42.15
N LYS P 338 -93.69 -17.14 41.16
CA LYS P 338 -94.94 -17.89 41.11
C LYS P 338 -94.73 -19.27 40.48
N CYS P 339 -94.29 -19.30 39.22
CA CYS P 339 -94.10 -20.56 38.50
C CYS P 339 -92.92 -21.31 39.12
N THR P 340 -93.20 -22.23 40.03
CA THR P 340 -92.17 -23.07 40.64
C THR P 340 -92.10 -24.46 40.04
N SER P 341 -93.14 -24.90 39.33
CA SER P 341 -93.21 -26.23 38.73
C SER P 341 -93.15 -26.12 37.22
N LEU P 342 -92.65 -27.20 36.59
CA LEU P 342 -92.58 -27.29 35.14
C LEU P 342 -93.20 -28.63 34.74
N CYS P 343 -94.35 -28.57 34.08
CA CYS P 343 -95.09 -29.76 33.70
C CYS P 343 -95.03 -29.99 32.20
N CYS P 344 -95.55 -31.13 31.79
CA CYS P 344 -95.61 -31.50 30.38
C CYS P 344 -96.72 -30.74 29.68
N LYS P 345 -96.38 -30.03 28.60
CA LYS P 345 -97.36 -29.17 27.94
C LYS P 345 -98.53 -29.97 27.39
N GLN P 346 -98.26 -31.18 26.89
CA GLN P 346 -99.35 -31.99 26.34
C GLN P 346 -100.24 -32.53 27.45
N CYS P 347 -99.64 -32.79 28.62
CA CYS P 347 -100.41 -33.31 29.75
C CYS P 347 -101.04 -32.17 30.53
N GLN P 348 -100.27 -31.11 30.76
CA GLN P 348 -100.69 -29.95 31.54
C GLN P 348 -100.71 -30.26 33.02
N GLU P 349 -100.72 -31.55 33.38
CA GLU P 349 -100.75 -31.95 34.78
C GLU P 349 -99.56 -32.82 35.19
N THR P 350 -98.89 -33.46 34.24
CA THR P 350 -97.75 -34.33 34.53
C THR P 350 -96.55 -33.46 34.89
N GLU P 351 -96.18 -33.44 36.16
CA GLU P 351 -95.05 -32.64 36.61
C GLU P 351 -93.75 -33.25 36.08
N ILE P 352 -92.87 -32.41 35.55
CA ILE P 352 -91.58 -32.84 35.02
C ILE P 352 -90.44 -32.42 35.94
N THR P 353 -90.42 -31.16 36.37
CA THR P 353 -89.34 -30.68 37.23
C THR P 353 -89.81 -29.45 37.99
N THR P 354 -88.90 -28.84 38.74
CA THR P 354 -89.20 -27.66 39.53
C THR P 354 -88.05 -26.67 39.42
N LYS P 355 -88.34 -25.41 39.76
CA LYS P 355 -87.33 -24.37 39.67
C LYS P 355 -86.15 -24.61 40.60
N ASN P 356 -86.33 -25.45 41.62
CA ASN P 356 -85.22 -25.75 42.53
C ASN P 356 -84.14 -26.58 41.86
N GLU P 357 -84.47 -27.25 40.76
CA GLU P 357 -83.49 -28.06 40.04
C GLU P 357 -82.82 -27.31 38.91
N ILE P 358 -83.33 -26.13 38.54
CA ILE P 358 -82.74 -25.38 37.44
C ILE P 358 -81.33 -24.96 37.83
N PHE P 359 -80.40 -25.12 36.90
CA PHE P 359 -79.03 -24.67 37.10
C PHE P 359 -78.44 -24.27 35.76
N SER P 360 -77.42 -23.42 35.81
CA SER P 360 -76.83 -22.82 34.61
C SER P 360 -75.57 -23.59 34.22
N LEU P 361 -75.61 -24.25 33.08
CA LEU P 361 -74.44 -24.90 32.51
C LEU P 361 -73.79 -24.07 31.42
N SER P 362 -74.35 -22.91 31.09
CA SER P 362 -73.80 -22.01 30.09
C SER P 362 -73.79 -20.59 30.63
N LEU P 363 -72.88 -19.78 30.09
CA LEU P 363 -72.79 -18.39 30.51
C LEU P 363 -74.10 -17.66 30.32
N CYS P 364 -74.86 -18.00 29.27
CA CYS P 364 -76.12 -17.33 29.01
C CYS P 364 -77.12 -17.55 30.13
N GLY P 365 -76.99 -18.66 30.85
CA GLY P 365 -77.90 -19.00 31.91
C GLY P 365 -78.30 -20.46 31.87
N PRO P 366 -79.49 -20.78 32.40
CA PRO P 366 -79.94 -22.17 32.38
C PRO P 366 -80.51 -22.62 31.05
N MET P 367 -81.02 -21.70 30.22
CA MET P 367 -81.68 -22.05 28.98
C MET P 367 -81.05 -21.32 27.81
N ALA P 368 -80.86 -22.04 26.71
CA ALA P 368 -80.28 -21.43 25.52
C ALA P 368 -80.79 -22.17 24.28
N ALA P 369 -80.70 -21.48 23.14
CA ALA P 369 -81.16 -22.04 21.88
C ALA P 369 -80.04 -22.81 21.20
N TYR P 370 -80.33 -24.04 20.77
CA TYR P 370 -79.40 -24.84 20.00
C TYR P 370 -80.10 -25.37 18.75
N VAL P 371 -79.30 -25.80 17.79
CA VAL P 371 -79.82 -26.33 16.52
C VAL P 371 -79.32 -27.75 16.35
N ASN P 372 -80.20 -28.62 15.88
CA ASN P 372 -79.87 -30.03 15.67
C ASN P 372 -79.37 -30.26 14.26
N PRO P 373 -78.89 -31.47 13.98
CA PRO P 373 -78.30 -31.72 12.66
C PRO P 373 -79.22 -31.43 11.50
N HIS P 374 -80.54 -31.40 11.71
CA HIS P 374 -81.48 -31.21 10.61
C HIS P 374 -82.11 -29.82 10.61
N GLY P 375 -81.53 -28.87 11.33
CA GLY P 375 -82.00 -27.50 11.31
C GLY P 375 -83.11 -27.18 12.29
N TYR P 376 -83.48 -28.11 13.16
CA TYR P 376 -84.49 -27.86 14.18
C TYR P 376 -83.84 -27.18 15.37
N VAL P 377 -84.49 -26.14 15.88
CA VAL P 377 -83.96 -25.34 16.99
C VAL P 377 -84.76 -25.65 18.24
N HIS P 378 -84.05 -26.03 19.30
CA HIS P 378 -84.64 -26.32 20.61
C HIS P 378 -84.07 -25.36 21.63
N GLU P 379 -84.94 -24.76 22.43
CA GLU P 379 -84.51 -23.96 23.57
C GLU P 379 -84.38 -24.90 24.75
N THR P 380 -83.14 -25.34 25.00
CA THR P 380 -82.86 -26.34 26.01
C THR P 380 -82.56 -25.70 27.35
N LEU P 381 -83.25 -26.18 28.38
CA LEU P 381 -83.07 -25.76 29.76
C LEU P 381 -82.42 -26.91 30.52
N THR P 382 -81.32 -26.62 31.20
CA THR P 382 -80.60 -27.65 31.95
C THR P 382 -81.10 -27.69 33.39
N VAL P 383 -81.40 -28.89 33.86
CA VAL P 383 -81.86 -29.12 35.22
C VAL P 383 -81.13 -30.33 35.79
N TYR P 384 -81.06 -30.38 37.12
CA TYR P 384 -80.36 -31.47 37.77
C TYR P 384 -81.18 -32.75 37.77
N LYS P 385 -82.44 -32.67 38.18
CA LYS P 385 -83.29 -33.84 38.31
C LYS P 385 -84.60 -33.62 37.57
N ALA P 386 -85.13 -34.72 37.05
CA ALA P 386 -86.44 -34.71 36.41
C ALA P 386 -87.12 -36.06 36.68
N CYS P 387 -88.44 -36.06 36.61
CA CYS P 387 -89.23 -37.25 36.88
C CYS P 387 -90.28 -37.44 35.81
N ASN P 388 -90.91 -38.61 35.82
CA ASN P 388 -91.97 -38.95 34.87
C ASN P 388 -91.45 -38.94 33.44
N LEU P 389 -90.22 -39.44 33.25
CA LEU P 389 -89.57 -39.45 31.95
C LEU P 389 -89.04 -40.85 31.65
N ASN P 390 -89.33 -41.33 30.44
CA ASN P 390 -88.78 -42.58 29.94
C ASN P 390 -87.64 -42.28 28.97
N LEU P 391 -86.59 -43.10 29.03
CA LEU P 391 -85.44 -42.96 28.14
C LEU P 391 -85.60 -43.92 26.96
N ILE P 392 -85.41 -43.39 25.75
CA ILE P 392 -85.58 -44.15 24.51
C ILE P 392 -84.20 -44.29 23.86
N GLY P 393 -83.86 -45.52 23.47
CA GLY P 393 -82.59 -45.79 22.84
C GLY P 393 -81.44 -45.80 23.83
N ARG P 394 -80.25 -45.52 23.30
CA ARG P 394 -79.05 -45.49 24.11
C ARG P 394 -78.34 -44.17 23.92
N PRO P 395 -77.56 -43.74 24.90
CA PRO P 395 -76.89 -42.44 24.80
C PRO P 395 -76.01 -42.37 23.56
N SER P 396 -75.79 -41.14 23.11
CA SER P 396 -74.94 -40.88 21.96
C SER P 396 -74.26 -39.53 22.12
N THR P 397 -73.05 -39.42 21.58
CA THR P 397 -72.29 -38.18 21.57
C THR P 397 -72.33 -37.49 20.22
N GLU P 398 -73.09 -38.02 19.27
CA GLU P 398 -73.16 -37.44 17.93
C GLU P 398 -73.92 -36.11 17.98
N HIS P 399 -73.23 -35.02 17.63
CA HIS P 399 -73.83 -33.69 17.56
C HIS P 399 -74.27 -33.19 18.94
N SER P 400 -73.51 -33.56 19.98
CA SER P 400 -73.90 -33.19 21.33
C SER P 400 -73.71 -31.68 21.55
N TRP P 401 -74.75 -31.02 22.04
CA TRP P 401 -74.68 -29.59 22.31
C TRP P 401 -73.80 -29.27 23.51
N PHE P 402 -73.54 -30.26 24.37
CA PHE P 402 -72.65 -30.09 25.52
C PHE P 402 -71.48 -31.05 25.36
N PRO P 403 -70.36 -30.60 24.80
CA PRO P 403 -69.23 -31.50 24.56
C PRO P 403 -68.81 -32.21 25.85
N GLY P 404 -68.64 -33.53 25.74
CA GLY P 404 -68.30 -34.35 26.88
C GLY P 404 -69.45 -35.13 27.46
N TYR P 405 -70.67 -34.82 27.06
CA TYR P 405 -71.85 -35.53 27.53
C TYR P 405 -72.52 -36.26 26.38
N ALA P 406 -73.23 -37.34 26.72
CA ALA P 406 -73.99 -38.11 25.75
C ALA P 406 -75.48 -37.97 26.04
N TRP P 407 -76.27 -37.80 25.00
CA TRP P 407 -77.69 -37.52 25.14
C TRP P 407 -78.53 -38.78 24.90
N THR P 408 -79.69 -38.81 25.54
CA THR P 408 -80.65 -39.89 25.36
C THR P 408 -82.05 -39.30 25.33
N VAL P 409 -82.82 -39.67 24.31
CA VAL P 409 -84.14 -39.08 24.14
C VAL P 409 -85.01 -39.38 25.34
N ALA P 410 -85.76 -38.37 25.78
CA ALA P 410 -86.60 -38.47 26.97
C ALA P 410 -88.04 -38.13 26.59
N GLN P 411 -88.96 -39.06 26.87
CA GLN P 411 -90.38 -38.88 26.61
C GLN P 411 -91.16 -38.83 27.90
N CYS P 412 -92.36 -38.26 27.83
CA CYS P 412 -93.23 -38.24 29.00
C CYS P 412 -93.81 -39.63 29.25
N LYS P 413 -93.90 -39.99 30.53
CA LYS P 413 -94.39 -41.31 30.87
C LYS P 413 -95.86 -41.52 30.50
N ILE P 414 -96.61 -40.44 30.32
CA ILE P 414 -98.05 -40.56 30.08
C ILE P 414 -98.35 -40.37 28.60
N CYS P 415 -97.88 -39.26 28.01
CA CYS P 415 -98.24 -38.89 26.65
C CYS P 415 -97.20 -39.29 25.62
N ALA P 416 -96.02 -39.75 26.05
CA ALA P 416 -94.92 -40.12 25.14
C ALA P 416 -94.42 -38.95 24.30
N SER P 417 -94.81 -37.72 24.65
CA SER P 417 -94.34 -36.54 23.91
C SER P 417 -92.92 -36.19 24.33
N HIS P 418 -92.05 -35.98 23.35
CA HIS P 418 -90.65 -35.68 23.62
C HIS P 418 -90.53 -34.46 24.52
N ILE P 419 -89.86 -34.62 25.66
CA ILE P 419 -89.69 -33.53 26.60
C ILE P 419 -88.26 -33.02 26.51
N GLY P 420 -87.34 -33.89 26.11
CA GLY P 420 -85.96 -33.47 25.95
C GLY P 420 -85.00 -34.64 25.90
N TRP P 421 -83.87 -34.50 26.58
CA TRP P 421 -82.83 -35.52 26.59
C TRP P 421 -82.22 -35.59 27.98
N LYS P 422 -81.57 -36.72 28.26
CA LYS P 422 -80.79 -36.90 29.47
C LYS P 422 -79.32 -36.95 29.07
N PHE P 423 -78.53 -36.02 29.60
CA PHE P 423 -77.11 -35.93 29.29
C PHE P 423 -76.30 -36.61 30.39
N THR P 424 -75.52 -37.61 30.00
CA THR P 424 -74.68 -38.38 30.91
C THR P 424 -73.22 -38.19 30.53
N ALA P 425 -72.38 -37.90 31.52
CA ALA P 425 -70.97 -37.65 31.26
C ALA P 425 -70.29 -38.87 30.67
N THR P 426 -69.25 -38.63 29.87
CA THR P 426 -68.47 -39.70 29.28
C THR P 426 -67.22 -40.05 30.08
N LYS P 427 -66.73 -39.13 30.91
CA LYS P 427 -65.59 -39.37 31.77
C LYS P 427 -66.02 -39.37 33.23
N LYS P 428 -65.41 -40.22 34.04
CA LYS P 428 -65.79 -40.31 35.44
C LYS P 428 -65.48 -39.03 36.20
N ASP P 429 -64.48 -38.27 35.77
CA ASP P 429 -64.04 -37.08 36.49
C ASP P 429 -64.92 -35.86 36.26
N MET P 430 -65.85 -35.92 35.31
CA MET P 430 -66.71 -34.78 35.03
C MET P 430 -67.78 -34.61 36.11
N SER P 431 -68.15 -33.36 36.35
CA SER P 431 -69.18 -33.02 37.32
C SER P 431 -69.96 -31.84 36.73
N PRO P 432 -71.29 -31.91 36.70
CA PRO P 432 -72.14 -33.01 37.18
C PRO P 432 -72.03 -34.25 36.29
N GLN P 433 -72.32 -35.42 36.84
CA GLN P 433 -72.24 -36.65 36.06
C GLN P 433 -73.44 -36.86 35.15
N LYS P 434 -74.58 -36.25 35.47
CA LYS P 434 -75.76 -36.38 34.63
C LYS P 434 -76.71 -35.23 34.92
N PHE P 435 -77.45 -34.83 33.89
CA PHE P 435 -78.45 -33.78 34.02
C PHE P 435 -79.47 -33.97 32.90
N TRP P 436 -80.44 -33.06 32.83
CA TRP P 436 -81.52 -33.15 31.87
C TRP P 436 -81.62 -31.85 31.07
N GLY P 437 -81.73 -31.98 29.75
CA GLY P 437 -82.00 -30.84 28.90
C GLY P 437 -83.40 -30.90 28.35
N LEU P 438 -84.27 -30.01 28.82
CA LEU P 438 -85.68 -30.00 28.44
C LEU P 438 -85.94 -28.92 27.41
N THR P 439 -86.69 -29.27 26.35
CA THR P 439 -87.01 -28.29 25.32
C THR P 439 -88.19 -27.43 25.76
N ARG P 440 -88.03 -26.11 25.65
CA ARG P 440 -89.04 -25.19 26.14
C ARG P 440 -90.40 -25.43 25.49
N SER P 441 -90.41 -25.81 24.21
CA SER P 441 -91.67 -25.98 23.51
C SER P 441 -92.56 -27.05 24.12
N ALA P 442 -91.98 -27.95 24.91
CA ALA P 442 -92.72 -29.06 25.50
C ALA P 442 -93.05 -28.85 26.97
N LEU P 443 -92.59 -27.75 27.57
CA LEU P 443 -92.81 -27.49 28.98
C LEU P 443 -93.94 -26.48 29.17
N LEU P 444 -94.49 -26.49 30.37
CA LEU P 444 -95.52 -25.54 30.77
C LEU P 444 -95.24 -25.08 32.19
N PRO P 445 -95.07 -23.77 32.41
CA PRO P 445 -94.88 -23.29 33.78
C PRO P 445 -96.15 -23.53 34.59
N THR P 446 -95.96 -23.75 35.90
CA THR P 446 -97.05 -24.15 36.76
C THR P 446 -96.82 -23.64 38.17
N ILE P 447 -97.89 -23.21 38.82
CA ILE P 447 -97.81 -22.80 40.23
C ILE P 447 -97.99 -24.05 41.08
N PRO P 448 -97.37 -24.12 42.25
CA PRO P 448 -97.48 -25.34 43.07
C PRO P 448 -98.79 -25.38 43.83
N ASP P 449 -99.35 -26.58 43.94
CA ASP P 449 -100.56 -26.77 44.73
C ASP P 449 -100.27 -26.44 46.20
N THR P 450 -101.14 -25.62 46.78
CA THR P 450 -100.91 -25.12 48.14
C THR P 450 -100.83 -26.27 49.13
N GLU P 451 -99.98 -26.09 50.15
CA GLU P 451 -99.87 -27.09 51.21
C GLU P 451 -101.19 -27.24 51.95
N ASP P 452 -101.89 -26.14 52.18
CA ASP P 452 -103.21 -26.16 52.80
C ASP P 452 -104.25 -25.98 51.71
N GLU P 453 -105.01 -27.05 51.43
CA GLU P 453 -106.03 -26.98 50.38
C GLU P 453 -107.13 -25.97 50.69
N ILE P 454 -107.38 -25.66 51.97
CA ILE P 454 -108.41 -24.69 52.33
C ILE P 454 -108.04 -23.27 51.92
N SER P 455 -106.75 -22.98 51.73
CA SER P 455 -106.26 -21.65 51.38
C SER P 455 -105.77 -21.65 49.93
N PRO P 456 -106.63 -21.28 48.96
CA PRO P 456 -106.19 -21.24 47.57
C PRO P 456 -106.23 -19.83 46.98
N ASP P 457 -105.39 -18.92 47.47
CA ASP P 457 -105.44 -17.54 47.03
C ASP P 457 -105.17 -17.44 45.53
N LYS P 458 -105.54 -16.29 44.96
CA LYS P 458 -105.37 -16.08 43.53
C LYS P 458 -103.91 -15.89 43.17
N VAL P 459 -103.44 -16.62 42.16
CA VAL P 459 -102.07 -16.53 41.67
C VAL P 459 -102.10 -16.09 40.21
N ILE P 460 -102.84 -15.01 39.92
CA ILE P 460 -102.94 -14.51 38.56
C ILE P 460 -101.62 -13.86 38.16
N LEU P 461 -101.33 -13.85 36.86
CA LEU P 461 -100.12 -13.20 36.37
C LEU P 461 -100.08 -11.75 36.82
N CYS P 462 -98.97 -11.34 37.42
CA CYS P 462 -98.80 -9.97 37.89
C CYS P 462 -97.63 -9.29 37.20
N LEU P 463 -97.80 -8.02 36.88
CA LEU P 463 -96.73 -7.23 36.27
C LEU P 463 -96.85 -5.80 36.76
N ASN Q 76 -6.26 33.52 -75.29
CA ASN Q 76 -6.65 34.92 -75.31
C ASN Q 76 -6.55 35.54 -73.92
N GLY Q 77 -5.81 36.63 -73.83
CA GLY Q 77 -5.72 37.38 -72.59
C GLY Q 77 -6.24 38.79 -72.77
N LYS Q 78 -7.43 39.05 -72.25
CA LYS Q 78 -8.11 40.32 -72.53
C LYS Q 78 -7.81 41.41 -71.53
N LEU Q 79 -7.29 41.07 -70.34
CA LEU Q 79 -6.99 42.06 -69.31
C LEU Q 79 -5.49 42.36 -69.33
N LYS Q 80 -5.15 43.61 -69.63
CA LYS Q 80 -3.77 44.07 -69.65
C LYS Q 80 -3.58 45.15 -68.59
N CYS Q 81 -2.44 45.09 -67.89
CA CYS Q 81 -2.16 46.06 -66.84
C CYS Q 81 -1.68 47.38 -67.43
N ASP Q 82 -2.08 48.48 -66.81
CA ASP Q 82 -1.65 49.79 -67.27
C ASP Q 82 -0.21 50.09 -66.85
N VAL Q 83 0.16 49.71 -65.63
CA VAL Q 83 1.49 50.02 -65.12
C VAL Q 83 2.55 49.23 -65.88
N CYS Q 84 2.47 47.90 -65.81
CA CYS Q 84 3.50 47.03 -66.36
C CYS Q 84 3.13 46.41 -67.69
N GLY Q 85 1.86 46.44 -68.08
CA GLY Q 85 1.46 45.89 -69.36
C GLY Q 85 1.45 44.38 -69.43
N MET Q 86 1.38 43.71 -68.29
CA MET Q 86 1.30 42.25 -68.29
C MET Q 86 -0.09 41.79 -68.72
N VAL Q 87 -0.15 40.60 -69.31
CA VAL Q 87 -1.40 40.02 -69.76
C VAL Q 87 -1.90 39.05 -68.70
N CYS Q 88 -3.20 39.11 -68.40
CA CYS Q 88 -3.80 38.26 -67.39
C CYS Q 88 -5.09 37.65 -67.93
N ILE Q 89 -5.55 36.61 -67.24
CA ILE Q 89 -6.71 35.85 -67.72
C ILE Q 89 -8.01 36.40 -67.16
N GLY Q 90 -8.08 36.61 -65.85
CA GLY Q 90 -9.29 37.11 -65.23
C GLY Q 90 -9.05 38.42 -64.51
N PRO Q 91 -10.13 39.16 -64.21
CA PRO Q 91 -9.97 40.43 -63.49
C PRO Q 91 -9.40 40.25 -62.09
N ASN Q 92 -9.64 39.10 -61.45
CA ASN Q 92 -9.05 38.85 -60.14
C ASN Q 92 -7.53 38.89 -60.20
N VAL Q 93 -6.96 38.22 -61.20
CA VAL Q 93 -5.50 38.19 -61.35
C VAL Q 93 -4.96 39.60 -61.54
N LEU Q 94 -5.66 40.41 -62.34
CA LEU Q 94 -5.19 41.78 -62.58
C LEU Q 94 -5.24 42.61 -61.31
N MET Q 95 -6.36 42.55 -60.59
CA MET Q 95 -6.48 43.30 -59.35
C MET Q 95 -5.41 42.89 -58.35
N VAL Q 96 -5.12 41.59 -58.25
CA VAL Q 96 -4.09 41.14 -57.31
C VAL Q 96 -2.72 41.60 -57.78
N HIS Q 97 -2.47 41.54 -59.09
CA HIS Q 97 -1.18 41.98 -59.63
C HIS Q 97 -0.94 43.44 -59.35
N LYS Q 98 -2.00 44.26 -59.41
CA LYS Q 98 -1.80 45.69 -59.18
C LYS Q 98 -1.29 45.97 -57.77
N ARG Q 99 -1.67 45.16 -56.78
CA ARG Q 99 -1.18 45.39 -55.42
C ARG Q 99 0.33 45.25 -55.31
N SER Q 100 0.94 44.34 -56.06
CA SER Q 100 2.40 44.22 -56.02
C SER Q 100 3.08 45.52 -56.42
N HIS Q 101 2.44 46.32 -57.29
CA HIS Q 101 2.98 47.62 -57.66
C HIS Q 101 2.99 48.62 -56.52
N THR Q 102 2.35 48.30 -55.39
CA THR Q 102 2.27 49.22 -54.25
C THR Q 102 3.67 49.59 -53.75
N GLY Q 103 4.22 50.66 -54.31
CA GLY Q 103 5.56 51.08 -53.93
C GLY Q 103 5.93 52.35 -54.65
N GLU Q 104 7.24 52.63 -54.69
CA GLU Q 104 7.77 53.82 -55.35
C GLU Q 104 8.68 53.52 -56.53
N ARG Q 105 9.26 52.32 -56.61
CA ARG Q 105 9.95 51.82 -57.80
C ARG Q 105 9.24 50.53 -58.22
N PRO Q 106 8.05 50.65 -58.80
CA PRO Q 106 7.10 49.53 -58.84
C PRO Q 106 7.15 48.62 -60.06
N PHE Q 107 8.03 48.87 -61.03
CA PHE Q 107 8.09 48.04 -62.23
C PHE Q 107 9.05 46.88 -61.98
N HIS Q 108 8.51 45.70 -61.75
CA HIS Q 108 9.31 44.53 -61.41
C HIS Q 108 9.34 43.55 -62.59
N CYS Q 109 10.43 42.78 -62.66
CA CYS Q 109 10.62 41.76 -63.68
C CYS Q 109 10.31 40.39 -63.09
N ASN Q 110 9.55 39.58 -63.82
CA ASN Q 110 9.14 38.27 -63.33
C ASN Q 110 10.23 37.21 -63.40
N GLN Q 111 11.31 37.45 -64.14
CA GLN Q 111 12.37 36.47 -64.29
C GLN Q 111 13.39 36.52 -63.16
N CYS Q 112 13.79 37.71 -62.72
CA CYS Q 112 14.82 37.83 -61.70
C CYS Q 112 14.44 38.75 -60.54
N GLY Q 113 13.40 39.57 -60.68
CA GLY Q 113 12.95 40.42 -59.61
C GLY Q 113 13.51 41.82 -59.58
N ALA Q 114 14.13 42.27 -60.67
CA ALA Q 114 14.68 43.61 -60.72
C ALA Q 114 13.55 44.64 -60.74
N SER Q 115 13.62 45.60 -59.83
CA SER Q 115 12.62 46.66 -59.73
C SER Q 115 13.12 47.90 -60.46
N PHE Q 116 12.20 48.59 -61.13
CA PHE Q 116 12.54 49.76 -61.93
C PHE Q 116 11.54 50.88 -61.66
N THR Q 117 12.02 52.12 -61.76
CA THR Q 117 11.20 53.28 -61.45
C THR Q 117 10.34 53.73 -62.62
N GLN Q 118 10.66 53.32 -63.84
CA GLN Q 118 9.86 53.65 -65.01
C GLN Q 118 9.67 52.39 -65.86
N LYS Q 119 8.55 52.35 -66.58
CA LYS Q 119 8.18 51.14 -67.31
C LYS Q 119 9.16 50.85 -68.44
N GLY Q 120 9.67 51.89 -69.10
CA GLY Q 120 10.63 51.66 -70.17
C GLY Q 120 11.87 50.91 -69.70
N ASN Q 121 12.38 51.28 -68.53
CA ASN Q 121 13.52 50.56 -67.96
C ASN Q 121 13.23 49.07 -67.85
N LEU Q 122 12.04 48.73 -67.38
CA LEU Q 122 11.70 47.33 -67.18
C LEU Q 122 11.54 46.61 -68.51
N LEU Q 123 10.89 47.24 -69.48
CA LEU Q 123 10.78 46.64 -70.82
C LEU Q 123 12.17 46.37 -71.39
N ARG Q 124 13.08 47.34 -71.23
CA ARG Q 124 14.43 47.18 -71.75
C ARG Q 124 15.17 46.05 -71.03
N HIS Q 125 14.96 45.93 -69.72
CA HIS Q 125 15.59 44.84 -68.97
C HIS Q 125 15.08 43.48 -69.44
N ILE Q 126 13.77 43.33 -69.54
CA ILE Q 126 13.20 42.05 -69.98
C ILE Q 126 13.64 41.73 -71.40
N LYS Q 127 13.85 42.76 -72.23
CA LYS Q 127 14.49 42.52 -73.51
C LYS Q 127 15.92 42.01 -73.32
N LEU Q 128 16.63 42.58 -72.33
CA LEU Q 128 17.96 42.09 -71.98
C LEU Q 128 17.94 40.60 -71.68
N HIS Q 129 16.84 40.09 -71.14
CA HIS Q 129 16.80 38.67 -70.78
C HIS Q 129 16.78 37.75 -72.01
N SER Q 130 15.89 38.02 -72.96
CA SER Q 130 15.69 37.11 -74.09
C SER Q 130 16.83 37.14 -75.10
N GLY Q 131 16.63 37.83 -76.24
CA GLY Q 131 17.71 37.97 -77.22
C GLY Q 131 18.93 38.68 -76.68
N GLU Q 132 18.77 39.48 -75.63
CA GLU Q 132 19.83 40.16 -74.89
C GLU Q 132 20.38 41.37 -75.66
N LYS Q 133 20.06 41.52 -76.93
CA LYS Q 133 20.37 42.76 -77.63
C LYS Q 133 19.49 43.86 -77.07
N PRO Q 134 20.04 44.87 -76.40
CA PRO Q 134 19.20 45.82 -75.67
C PRO Q 134 18.74 47.02 -76.49
N PHE Q 135 19.67 47.61 -77.25
CA PHE Q 135 19.39 48.87 -77.94
C PHE Q 135 19.71 48.70 -79.42
N LYS Q 136 18.69 48.82 -80.26
CA LYS Q 136 18.80 48.67 -81.69
C LYS Q 136 18.67 50.02 -82.38
N CYS Q 137 19.42 50.22 -83.46
CA CYS Q 137 19.34 51.44 -84.24
C CYS Q 137 18.13 51.38 -85.17
N PRO Q 138 17.36 52.47 -85.26
CA PRO Q 138 16.18 52.45 -86.13
C PRO Q 138 16.51 52.59 -87.60
N PHE Q 139 17.74 52.95 -87.95
CA PHE Q 139 18.11 53.20 -89.33
C PHE Q 139 18.96 52.12 -89.96
N CYS Q 140 19.66 51.32 -89.16
CA CYS Q 140 20.47 50.22 -89.70
C CYS Q 140 20.28 49.01 -88.79
N SER Q 141 21.13 48.01 -88.99
CA SER Q 141 21.05 46.76 -88.25
C SER Q 141 21.95 46.74 -87.01
N TYR Q 142 22.57 47.86 -86.68
CA TYR Q 142 23.47 47.90 -85.54
C TYR Q 142 22.70 47.87 -84.22
N ALA Q 143 23.17 47.06 -83.29
CA ALA Q 143 22.65 47.02 -81.93
C ALA Q 143 23.81 47.16 -80.97
N CYS Q 144 23.55 47.80 -79.84
CA CYS Q 144 24.58 48.08 -78.86
C CYS Q 144 24.14 47.62 -77.48
N ARG Q 145 25.13 47.35 -76.63
CA ARG Q 145 24.88 46.85 -75.28
C ARG Q 145 24.42 47.93 -74.32
N ARG Q 146 24.78 49.21 -74.55
CA ARG Q 146 24.35 50.29 -73.69
C ARG Q 146 23.84 51.45 -74.55
N ARG Q 147 23.26 52.46 -73.89
CA ARG Q 147 22.65 53.57 -74.61
C ARG Q 147 23.67 54.57 -75.13
N ASP Q 148 24.76 54.79 -74.40
CA ASP Q 148 25.73 55.82 -74.80
C ASP Q 148 26.34 55.50 -76.16
N ALA Q 149 26.74 54.24 -76.39
CA ALA Q 149 27.37 53.90 -77.65
C ALA Q 149 26.37 53.94 -78.80
N LEU Q 150 25.09 53.68 -78.54
CA LEU Q 150 24.08 53.85 -79.59
C LEU Q 150 23.88 55.31 -79.94
N THR Q 151 23.82 56.18 -78.93
CA THR Q 151 23.78 57.62 -79.19
C THR Q 151 24.99 58.04 -80.02
N GLY Q 152 26.16 57.51 -79.69
CA GLY Q 152 27.35 57.84 -80.47
C GLY Q 152 27.27 57.32 -81.89
N HIS Q 153 26.79 56.10 -82.07
CA HIS Q 153 26.64 55.54 -83.41
C HIS Q 153 25.67 56.38 -84.24
N LEU Q 154 24.67 56.98 -83.59
CA LEU Q 154 23.74 57.82 -84.34
C LEU Q 154 24.45 58.96 -85.07
N ARG Q 155 25.68 59.27 -84.70
CA ARG Q 155 26.43 60.31 -85.40
C ARG Q 155 26.89 59.87 -86.78
N THR Q 156 26.86 58.57 -87.08
CA THR Q 156 27.27 58.09 -88.39
C THR Q 156 26.17 58.19 -89.43
N HIS Q 157 24.93 58.42 -89.03
CA HIS Q 157 23.83 58.58 -89.97
C HIS Q 157 23.55 60.03 -90.33
N SER Q 158 23.76 60.94 -89.39
CA SER Q 158 23.52 62.35 -89.63
C SER Q 158 24.82 63.05 -90.04
N ASN R 76 -53.54 76.64 -58.90
CA ASN R 76 -53.80 78.03 -58.52
C ASN R 76 -52.63 78.60 -57.71
N GLY R 77 -52.12 79.74 -58.16
CA GLY R 77 -51.07 80.45 -57.45
C GLY R 77 -51.51 81.87 -57.12
N LYS R 78 -51.79 82.14 -55.85
CA LYS R 78 -52.35 83.42 -55.45
C LYS R 78 -51.31 84.44 -54.99
N LEU R 79 -50.10 84.01 -54.67
CA LEU R 79 -49.05 84.91 -54.21
C LEU R 79 -48.08 85.18 -55.36
N LYS R 80 -48.00 86.44 -55.77
CA LYS R 80 -47.12 86.86 -56.84
C LYS R 80 -46.08 87.83 -56.29
N CYS R 81 -44.88 87.75 -56.85
CA CYS R 81 -43.80 88.65 -56.45
C CYS R 81 -43.91 89.98 -57.18
N ASP R 82 -43.65 91.07 -56.45
CA ASP R 82 -43.71 92.40 -57.06
C ASP R 82 -42.53 92.64 -57.99
N VAL R 83 -41.33 92.20 -57.59
CA VAL R 83 -40.12 92.56 -58.32
C VAL R 83 -39.97 91.71 -59.58
N CYS R 84 -40.11 90.38 -59.47
CA CYS R 84 -39.92 89.50 -60.61
C CYS R 84 -41.20 88.90 -61.14
N GLY R 85 -42.32 89.02 -60.41
CA GLY R 85 -43.59 88.53 -60.91
C GLY R 85 -43.75 87.03 -60.91
N MET R 86 -42.94 86.31 -60.14
CA MET R 86 -43.06 84.87 -60.07
C MET R 86 -44.26 84.48 -59.22
N VAL R 87 -44.92 83.41 -59.62
CA VAL R 87 -46.09 82.89 -58.90
C VAL R 87 -45.64 81.83 -57.92
N CYS R 88 -46.20 81.85 -56.72
CA CYS R 88 -45.81 80.93 -55.66
C CYS R 88 -47.05 80.33 -55.00
N ILE R 89 -46.85 79.19 -54.35
CA ILE R 89 -47.96 78.47 -53.74
C ILE R 89 -48.30 79.04 -52.37
N GLY R 90 -47.29 79.17 -51.50
CA GLY R 90 -47.52 79.62 -50.15
C GLY R 90 -46.74 80.89 -49.81
N PRO R 91 -47.13 81.55 -48.71
CA PRO R 91 -46.43 82.79 -48.33
C PRO R 91 -44.99 82.57 -47.91
N ASN R 92 -44.66 81.41 -47.34
CA ASN R 92 -43.27 81.12 -46.99
C ASN R 92 -42.39 81.13 -48.24
N VAL R 93 -42.89 80.56 -49.33
CA VAL R 93 -42.13 80.53 -50.58
C VAL R 93 -41.85 81.95 -51.06
N LEU R 94 -42.85 82.83 -51.00
CA LEU R 94 -42.67 84.20 -51.47
C LEU R 94 -41.71 84.97 -50.57
N MET R 95 -41.82 84.79 -49.25
CA MET R 95 -40.93 85.47 -48.33
C MET R 95 -39.49 85.01 -48.51
N VAL R 96 -39.29 83.72 -48.81
CA VAL R 96 -37.94 83.23 -49.06
C VAL R 96 -37.43 83.75 -50.40
N HIS R 97 -38.31 83.82 -51.40
CA HIS R 97 -37.89 84.27 -52.73
C HIS R 97 -37.48 85.74 -52.71
N LYS R 98 -38.22 86.57 -51.97
CA LYS R 98 -37.86 87.99 -51.89
C LYS R 98 -36.48 88.20 -51.28
N ARG R 99 -35.99 87.25 -50.46
CA ARG R 99 -34.62 87.34 -49.97
C ARG R 99 -33.58 87.12 -51.06
N SER R 100 -33.99 86.70 -52.26
CA SER R 100 -33.07 86.68 -53.39
C SER R 100 -32.93 88.05 -54.02
N HIS R 101 -34.04 88.77 -54.17
CA HIS R 101 -34.01 90.07 -54.86
C HIS R 101 -33.17 91.07 -54.09
N THR R 102 -33.59 91.41 -52.87
CA THR R 102 -32.90 92.43 -52.09
C THR R 102 -33.19 92.20 -50.61
N GLY R 103 -32.16 92.34 -49.79
CA GLY R 103 -32.34 92.12 -48.36
C GLY R 103 -31.25 92.79 -47.55
N GLU R 104 -31.53 92.91 -46.24
CA GLU R 104 -30.55 93.43 -45.30
C GLU R 104 -29.30 92.56 -45.22
N ARG R 105 -29.34 91.37 -45.82
CA ARG R 105 -28.22 90.45 -45.86
C ARG R 105 -27.82 90.03 -44.45
N PRO R 106 -28.70 89.34 -43.72
CA PRO R 106 -28.37 88.93 -42.35
C PRO R 106 -27.56 87.65 -42.26
N PHE R 107 -27.49 86.87 -43.34
CA PHE R 107 -26.74 85.61 -43.34
C PHE R 107 -25.28 85.90 -43.66
N HIS R 108 -24.42 85.81 -42.66
CA HIS R 108 -23.01 86.11 -42.82
C HIS R 108 -22.19 84.83 -42.76
N CYS R 109 -21.01 84.86 -43.38
CA CYS R 109 -20.07 83.75 -43.36
C CYS R 109 -19.00 84.00 -42.29
N ASN R 110 -18.77 83.01 -41.44
CA ASN R 110 -17.82 83.17 -40.34
C ASN R 110 -16.37 83.20 -40.80
N GLN R 111 -16.09 82.70 -42.00
CA GLN R 111 -14.70 82.59 -42.44
C GLN R 111 -14.19 83.91 -43.00
N CYS R 112 -14.99 84.62 -43.79
CA CYS R 112 -14.56 85.85 -44.43
C CYS R 112 -15.51 87.03 -44.25
N GLY R 113 -16.68 86.83 -43.65
CA GLY R 113 -17.61 87.93 -43.42
C GLY R 113 -18.50 88.26 -44.58
N ALA R 114 -18.57 87.40 -45.59
CA ALA R 114 -19.42 87.65 -46.75
C ALA R 114 -20.88 87.64 -46.34
N SER R 115 -21.55 88.79 -46.47
CA SER R 115 -22.96 88.91 -46.12
C SER R 115 -23.82 88.51 -47.32
N PHE R 116 -24.86 87.73 -47.05
CA PHE R 116 -25.75 87.24 -48.09
C PHE R 116 -27.20 87.51 -47.71
N THR R 117 -28.01 87.78 -48.73
CA THR R 117 -29.43 88.08 -48.53
C THR R 117 -30.29 86.83 -48.37
N GLN R 118 -29.71 85.64 -48.58
CA GLN R 118 -30.44 84.39 -48.44
C GLN R 118 -29.54 83.37 -47.76
N LYS R 119 -30.17 82.39 -47.10
CA LYS R 119 -29.39 81.35 -46.45
C LYS R 119 -28.81 80.36 -47.43
N GLY R 120 -29.51 80.09 -48.54
CA GLY R 120 -28.98 79.19 -49.54
C GLY R 120 -27.73 79.74 -50.20
N ASN R 121 -27.73 81.03 -50.51
CA ASN R 121 -26.52 81.67 -51.04
C ASN R 121 -25.35 81.49 -50.08
N LEU R 122 -25.61 81.63 -48.77
CA LEU R 122 -24.55 81.49 -47.79
C LEU R 122 -24.05 80.06 -47.70
N LEU R 123 -24.96 79.08 -47.79
CA LEU R 123 -24.52 77.68 -47.84
C LEU R 123 -23.64 77.43 -49.05
N ARG R 124 -24.03 77.96 -50.20
CA ARG R 124 -23.21 77.84 -51.41
C ARG R 124 -21.84 78.47 -51.21
N HIS R 125 -21.79 79.65 -50.58
CA HIS R 125 -20.52 80.32 -50.37
C HIS R 125 -19.63 79.51 -49.43
N ILE R 126 -20.18 79.04 -48.32
CA ILE R 126 -19.38 78.28 -47.37
C ILE R 126 -18.92 76.97 -47.98
N LYS R 127 -19.69 76.42 -48.93
CA LYS R 127 -19.19 75.30 -49.73
C LYS R 127 -18.02 75.73 -50.59
N LEU R 128 -18.13 76.90 -51.24
CA LEU R 128 -17.00 77.47 -51.96
C LEU R 128 -15.74 77.51 -51.11
N HIS R 129 -15.89 77.77 -49.81
CA HIS R 129 -14.71 77.89 -48.96
C HIS R 129 -13.95 76.58 -48.82
N SER R 130 -14.67 75.45 -48.75
CA SER R 130 -14.00 74.16 -48.91
C SER R 130 -13.45 73.97 -50.31
N GLY R 131 -13.87 74.79 -51.27
CA GLY R 131 -13.29 74.82 -52.62
C GLY R 131 -13.45 73.48 -53.34
N GLU R 132 -14.63 72.89 -53.21
CA GLU R 132 -15.03 71.72 -53.97
C GLU R 132 -15.92 72.09 -55.16
N LYS R 133 -15.96 73.38 -55.55
CA LYS R 133 -16.82 73.91 -56.60
C LYS R 133 -18.23 74.13 -56.07
N PRO R 134 -19.01 75.00 -56.70
CA PRO R 134 -20.25 75.46 -56.06
C PRO R 134 -21.55 74.78 -56.49
N PHE R 135 -21.54 73.95 -57.53
CA PHE R 135 -22.80 73.41 -58.05
C PHE R 135 -22.61 72.02 -58.64
N LYS R 136 -23.45 71.08 -58.19
CA LYS R 136 -23.45 69.72 -58.69
C LYS R 136 -24.74 69.49 -59.48
N CYS R 137 -24.62 68.74 -60.57
CA CYS R 137 -25.76 68.48 -61.44
C CYS R 137 -26.63 67.37 -60.87
N PRO R 138 -27.94 67.56 -60.80
CA PRO R 138 -28.82 66.51 -60.26
C PRO R 138 -28.99 65.33 -61.20
N PHE R 139 -28.74 65.49 -62.50
CA PHE R 139 -28.99 64.42 -63.46
C PHE R 139 -27.75 63.63 -63.84
N CYS R 140 -26.55 64.21 -63.72
CA CYS R 140 -25.33 63.50 -64.07
C CYS R 140 -24.20 63.65 -63.06
N SER R 141 -24.39 64.41 -61.99
CA SER R 141 -23.44 64.56 -60.89
C SER R 141 -22.24 65.44 -61.25
N TYR R 142 -22.24 66.08 -62.42
CA TYR R 142 -21.14 66.96 -62.79
C TYR R 142 -21.24 68.30 -62.06
N ALA R 143 -20.10 68.87 -61.73
CA ALA R 143 -20.02 70.09 -60.94
C ALA R 143 -19.57 71.26 -61.80
N CYS R 144 -20.12 72.44 -61.52
CA CYS R 144 -19.80 73.67 -62.24
C CYS R 144 -19.54 74.79 -61.25
N ARG R 145 -18.74 75.77 -61.68
CA ARG R 145 -18.29 76.83 -60.79
C ARG R 145 -19.36 77.87 -60.49
N ARG R 146 -20.39 77.98 -61.33
CA ARG R 146 -21.40 79.00 -61.16
C ARG R 146 -22.79 78.40 -61.35
N ARG R 147 -23.80 79.16 -60.91
CA ARG R 147 -25.18 78.66 -60.97
C ARG R 147 -25.77 78.83 -62.37
N ASP R 148 -25.44 79.91 -63.07
CA ASP R 148 -25.93 80.08 -64.44
C ASP R 148 -25.28 79.09 -65.40
N ALA R 149 -24.01 78.72 -65.17
CA ALA R 149 -23.39 77.67 -65.96
C ALA R 149 -24.09 76.34 -65.76
N LEU R 150 -24.43 76.00 -64.50
CA LEU R 150 -25.18 74.78 -64.24
C LEU R 150 -26.57 74.84 -64.85
N THR R 151 -27.19 76.04 -64.86
CA THR R 151 -28.50 76.19 -65.48
C THR R 151 -28.42 75.95 -66.98
N GLY R 152 -27.33 76.40 -67.61
CA GLY R 152 -27.12 76.12 -69.02
C GLY R 152 -26.85 74.65 -69.28
N HIS R 153 -26.08 74.00 -68.42
CA HIS R 153 -25.84 72.56 -68.55
C HIS R 153 -27.13 71.76 -68.42
N LEU R 154 -28.00 72.13 -67.47
CA LEU R 154 -29.23 71.40 -67.25
C LEU R 154 -30.16 71.44 -68.46
N ARG R 155 -30.01 72.44 -69.34
CA ARG R 155 -30.80 72.49 -70.56
C ARG R 155 -30.32 71.49 -71.62
N THR R 156 -29.19 70.81 -71.38
CA THR R 156 -28.68 69.83 -72.31
C THR R 156 -29.20 68.42 -72.05
N HIS R 157 -29.84 68.20 -70.90
CA HIS R 157 -30.42 66.89 -70.59
C HIS R 157 -31.86 66.81 -71.08
N ASN S 76 -18.23 65.00 -88.09
CA ASN S 76 -17.80 63.71 -88.60
C ASN S 76 -17.60 62.70 -87.48
N GLY S 77 -18.29 61.57 -87.57
CA GLY S 77 -18.13 60.47 -86.63
C GLY S 77 -17.68 59.21 -87.32
N LYS S 78 -16.41 58.86 -87.15
CA LYS S 78 -15.81 57.77 -87.90
C LYS S 78 -15.85 56.43 -87.17
N LEU S 79 -16.03 56.44 -85.85
CA LEU S 79 -16.07 55.22 -85.06
C LEU S 79 -17.52 54.83 -84.79
N LYS S 80 -17.90 53.66 -85.29
CA LYS S 80 -19.27 53.16 -85.15
C LYS S 80 -19.25 51.88 -84.32
N CYS S 81 -20.25 51.73 -83.46
CA CYS S 81 -20.39 50.54 -82.63
C CYS S 81 -21.00 49.41 -83.44
N ASP S 82 -20.48 48.19 -83.24
CA ASP S 82 -21.00 47.04 -83.96
C ASP S 82 -22.36 46.58 -83.42
N VAL S 83 -22.54 46.65 -82.10
CA VAL S 83 -23.73 46.06 -81.49
C VAL S 83 -24.93 47.00 -81.61
N CYS S 84 -24.78 48.26 -81.18
CA CYS S 84 -25.89 49.20 -81.20
C CYS S 84 -25.76 50.28 -82.28
N GLY S 85 -24.65 50.30 -83.01
CA GLY S 85 -24.52 51.20 -84.14
C GLY S 85 -24.43 52.66 -83.81
N MET S 86 -24.09 53.02 -82.58
CA MET S 86 -23.96 54.42 -82.22
C MET S 86 -22.66 54.99 -82.80
N VAL S 87 -22.71 56.26 -83.15
CA VAL S 87 -21.57 56.97 -83.71
C VAL S 87 -20.86 57.70 -82.57
N CYS S 88 -19.53 57.68 -82.61
CA CYS S 88 -18.73 58.30 -81.56
C CYS S 88 -17.57 59.08 -82.18
N ILE S 89 -17.02 59.99 -81.37
CA ILE S 89 -15.98 60.89 -81.85
C ILE S 89 -14.60 60.24 -81.77
N GLY S 90 -14.26 59.71 -80.60
CA GLY S 90 -12.96 59.11 -80.38
C GLY S 90 -13.03 57.65 -79.99
N PRO S 91 -11.90 56.95 -80.08
CA PRO S 91 -11.90 55.51 -79.75
C PRO S 91 -12.13 55.23 -78.28
N ASN S 92 -11.73 56.13 -77.38
CA ASN S 92 -11.99 55.93 -75.96
C ASN S 92 -13.49 55.83 -75.69
N VAL S 93 -14.28 56.67 -76.37
CA VAL S 93 -15.73 56.65 -76.18
C VAL S 93 -16.30 55.29 -76.56
N LEU S 94 -15.88 54.76 -77.72
CA LEU S 94 -16.39 53.47 -78.17
C LEU S 94 -15.95 52.34 -77.24
N MET S 95 -14.70 52.39 -76.77
CA MET S 95 -14.22 51.35 -75.84
C MET S 95 -15.01 51.39 -74.54
N VAL S 96 -15.39 52.57 -74.08
CA VAL S 96 -16.17 52.66 -72.85
C VAL S 96 -17.61 52.23 -73.08
N HIS S 97 -18.15 52.46 -74.28
CA HIS S 97 -19.53 52.10 -74.58
C HIS S 97 -19.69 50.60 -74.73
N LYS S 98 -18.71 49.93 -75.34
CA LYS S 98 -18.81 48.48 -75.48
C LYS S 98 -18.84 47.80 -74.11
N ARG S 99 -18.24 48.42 -73.09
CA ARG S 99 -18.36 47.88 -71.74
C ARG S 99 -19.81 47.87 -71.30
N SER S 100 -20.55 48.95 -71.55
CA SER S 100 -21.99 48.93 -71.31
C SER S 100 -22.65 47.79 -72.08
N HIS S 101 -22.27 47.63 -73.34
CA HIS S 101 -22.88 46.58 -74.15
C HIS S 101 -22.74 45.20 -73.52
N THR S 102 -21.51 44.70 -73.40
CA THR S 102 -21.27 43.37 -72.84
C THR S 102 -20.84 43.49 -71.38
N GLY S 103 -21.35 42.59 -70.56
CA GLY S 103 -21.15 42.69 -69.12
C GLY S 103 -19.85 42.14 -68.60
N GLU S 104 -18.73 42.77 -68.95
CA GLU S 104 -17.47 42.39 -68.31
C GLU S 104 -17.48 42.68 -66.81
N ARG S 105 -18.27 43.66 -66.36
CA ARG S 105 -18.44 44.06 -64.96
C ARG S 105 -17.17 43.83 -64.15
N PRO S 106 -16.06 44.47 -64.51
CA PRO S 106 -14.83 44.33 -63.73
C PRO S 106 -14.72 45.32 -62.58
N PHE S 107 -15.63 46.29 -62.49
CA PHE S 107 -15.63 47.27 -61.40
C PHE S 107 -16.43 46.72 -60.24
N HIS S 108 -15.74 46.17 -59.26
CA HIS S 108 -16.38 45.54 -58.10
C HIS S 108 -16.31 46.47 -56.89
N CYS S 109 -17.29 46.30 -56.00
CA CYS S 109 -17.31 47.02 -54.74
C CYS S 109 -16.74 46.15 -53.63
N ASN S 110 -15.80 46.71 -52.87
CA ASN S 110 -15.15 45.93 -51.81
C ASN S 110 -16.05 45.71 -50.61
N GLN S 111 -17.14 46.48 -50.48
CA GLN S 111 -17.98 46.35 -49.29
C GLN S 111 -18.99 45.22 -49.45
N CYS S 112 -19.53 45.01 -50.65
CA CYS S 112 -20.54 43.99 -50.86
C CYS S 112 -20.29 43.10 -52.07
N GLY S 113 -19.34 43.44 -52.93
CA GLY S 113 -19.05 42.64 -54.11
C GLY S 113 -19.92 42.91 -55.31
N ALA S 114 -20.68 44.01 -55.32
CA ALA S 114 -21.53 44.34 -56.45
C ALA S 114 -20.67 44.65 -57.67
N SER S 115 -20.86 43.89 -58.74
CA SER S 115 -20.13 44.10 -59.99
C SER S 115 -20.91 45.04 -60.90
N PHE S 116 -20.18 45.93 -61.56
CA PHE S 116 -20.79 46.94 -62.43
C PHE S 116 -20.08 46.98 -63.77
N THR S 117 -20.80 47.50 -64.76
CA THR S 117 -20.31 47.52 -66.13
C THR S 117 -19.47 48.76 -66.43
N GLN S 118 -19.68 49.84 -65.72
CA GLN S 118 -18.88 51.05 -65.87
C GLN S 118 -18.46 51.57 -64.50
N LYS S 119 -17.31 52.25 -64.47
CA LYS S 119 -16.78 52.73 -63.19
C LYS S 119 -17.70 53.75 -62.54
N GLY S 120 -18.43 54.54 -63.33
CA GLY S 120 -19.30 55.53 -62.75
C GLY S 120 -20.44 54.93 -61.95
N ASN S 121 -21.02 53.83 -62.46
CA ASN S 121 -22.03 53.12 -61.71
C ASN S 121 -21.47 52.64 -60.38
N LEU S 122 -20.20 52.20 -60.37
CA LEU S 122 -19.58 51.73 -59.13
C LEU S 122 -19.36 52.87 -58.15
N LEU S 123 -18.97 54.05 -58.67
CA LEU S 123 -18.87 55.21 -57.80
C LEU S 123 -20.22 55.56 -57.19
N ARG S 124 -21.28 55.54 -58.01
CA ARG S 124 -22.62 55.80 -57.48
C ARG S 124 -22.97 54.80 -56.39
N HIS S 125 -22.65 53.53 -56.61
CA HIS S 125 -22.96 52.48 -55.64
C HIS S 125 -22.22 52.72 -54.32
N ILE S 126 -20.92 52.99 -54.41
CA ILE S 126 -20.14 53.20 -53.20
C ILE S 126 -20.59 54.48 -52.50
N LYS S 127 -21.12 55.45 -53.24
CA LYS S 127 -21.69 56.63 -52.59
C LYS S 127 -22.98 56.28 -51.86
N LEU S 128 -23.82 55.45 -52.47
CA LEU S 128 -25.03 55.00 -51.80
C LEU S 128 -24.70 54.22 -50.54
N HIS S 129 -23.55 53.56 -50.51
CA HIS S 129 -23.15 52.83 -49.31
C HIS S 129 -23.03 53.76 -48.10
N SER S 130 -22.54 54.98 -48.31
CA SER S 130 -22.28 55.92 -47.23
C SER S 130 -23.29 57.04 -47.14
N GLY S 131 -23.52 57.76 -48.25
CA GLY S 131 -24.44 58.88 -48.24
C GLY S 131 -25.89 58.44 -48.07
N GLU S 132 -26.75 59.43 -47.88
CA GLU S 132 -28.17 59.17 -47.64
C GLU S 132 -28.97 59.22 -48.93
N LYS S 133 -29.79 60.26 -49.09
CA LYS S 133 -30.68 60.34 -50.24
C LYS S 133 -29.88 60.33 -51.54
N PRO S 134 -30.42 59.74 -52.61
CA PRO S 134 -29.62 59.51 -53.81
C PRO S 134 -29.55 60.68 -54.79
N PHE S 135 -30.49 61.63 -54.74
CA PHE S 135 -30.54 62.71 -55.72
C PHE S 135 -30.89 64.01 -55.03
N LYS S 136 -29.93 64.94 -54.99
CA LYS S 136 -30.09 66.22 -54.32
C LYS S 136 -30.27 67.34 -55.34
N CYS S 137 -31.06 68.34 -54.97
CA CYS S 137 -31.29 69.52 -55.79
C CYS S 137 -30.19 70.56 -55.54
N PRO S 138 -29.69 71.19 -56.60
CA PRO S 138 -28.64 72.21 -56.42
C PRO S 138 -29.17 73.61 -56.15
N PHE S 139 -30.47 73.83 -56.32
CA PHE S 139 -31.05 75.15 -56.14
C PHE S 139 -31.70 75.35 -54.78
N CYS S 140 -32.09 74.26 -54.08
CA CYS S 140 -32.70 74.38 -52.77
C CYS S 140 -32.27 73.30 -51.79
N SER S 141 -31.40 72.39 -52.17
CA SER S 141 -30.77 71.39 -51.31
C SER S 141 -31.70 70.24 -50.92
N TYR S 142 -32.96 70.26 -51.33
CA TYR S 142 -33.84 69.13 -51.06
C TYR S 142 -33.46 67.94 -51.92
N ALA S 143 -33.63 66.75 -51.36
CA ALA S 143 -33.24 65.51 -52.02
C ALA S 143 -34.43 64.57 -52.17
N CYS S 144 -34.43 63.81 -53.26
CA CYS S 144 -35.52 62.90 -53.60
C CYS S 144 -34.98 61.49 -53.78
N ARG S 145 -35.90 60.51 -53.79
CA ARG S 145 -35.53 59.11 -53.88
C ARG S 145 -35.24 58.66 -55.31
N ARG S 146 -35.73 59.39 -56.31
CA ARG S 146 -35.59 58.99 -57.70
C ARG S 146 -35.14 60.18 -58.54
N ARG S 147 -34.68 59.88 -59.76
CA ARG S 147 -34.21 60.92 -60.66
C ARG S 147 -35.38 61.68 -61.29
N ASP S 148 -36.47 60.99 -61.62
CA ASP S 148 -37.61 61.64 -62.26
C ASP S 148 -38.38 62.52 -61.29
N ALA S 149 -38.52 62.09 -60.02
CA ALA S 149 -39.11 62.97 -59.02
C ALA S 149 -38.31 64.24 -58.87
N LEU S 150 -36.97 64.13 -58.89
CA LEU S 150 -36.13 65.32 -58.84
C LEU S 150 -36.26 66.16 -60.10
N THR S 151 -36.48 65.55 -61.27
CA THR S 151 -36.80 66.34 -62.47
C THR S 151 -38.05 67.17 -62.26
N GLY S 152 -39.12 66.51 -61.79
CA GLY S 152 -40.36 67.22 -61.52
C GLY S 152 -40.16 68.36 -60.53
N HIS S 153 -39.40 68.12 -59.46
CA HIS S 153 -39.13 69.18 -58.49
C HIS S 153 -38.36 70.33 -59.12
N LEU S 154 -37.29 70.02 -59.89
CA LEU S 154 -36.51 71.06 -60.52
C LEU S 154 -37.33 71.92 -61.47
N ARG S 155 -38.39 71.36 -62.06
CA ARG S 155 -39.26 72.19 -62.89
C ARG S 155 -40.14 73.15 -62.09
N THR S 156 -40.03 73.17 -60.75
CA THR S 156 -40.81 74.09 -59.94
C THR S 156 -40.07 75.37 -59.57
N HIS S 157 -38.75 75.44 -59.83
CA HIS S 157 -37.98 76.63 -59.54
C HIS S 157 -38.02 77.61 -60.71
N ASN T 76 107.11 10.47 26.80
CA ASN T 76 108.48 10.94 26.64
C ASN T 76 108.77 11.35 25.19
N GLY T 77 108.90 12.66 24.96
CA GLY T 77 109.26 13.19 23.66
C GLY T 77 110.64 13.82 23.71
N LYS T 78 111.43 13.59 22.67
CA LYS T 78 112.84 13.95 22.71
C LYS T 78 113.33 14.71 21.48
N LEU T 79 112.57 14.75 20.39
CA LEU T 79 113.03 15.37 19.15
C LEU T 79 112.43 16.77 19.02
N LYS T 80 113.28 17.78 19.02
CA LYS T 80 112.88 19.17 18.87
C LYS T 80 113.54 19.75 17.63
N CYS T 81 112.77 20.49 16.84
CA CYS T 81 113.29 21.08 15.60
C CYS T 81 114.14 22.31 15.91
N ASP T 82 115.19 22.50 15.11
CA ASP T 82 116.10 23.62 15.32
C ASP T 82 115.48 24.93 14.83
N VAL T 83 114.81 24.90 13.68
CA VAL T 83 114.28 26.14 13.09
C VAL T 83 113.06 26.63 13.87
N CYS T 84 112.01 25.81 13.97
CA CYS T 84 110.75 26.23 14.58
C CYS T 84 110.58 25.76 16.01
N GLY T 85 111.27 24.69 16.42
CA GLY T 85 111.18 24.24 17.79
C GLY T 85 109.95 23.42 18.12
N MET T 86 109.36 22.75 17.14
CA MET T 86 108.23 21.88 17.40
C MET T 86 108.71 20.55 17.99
N VAL T 87 107.85 19.94 18.79
CA VAL T 87 108.17 18.68 19.46
C VAL T 87 107.53 17.54 18.69
N CYS T 88 108.32 16.47 18.49
CA CYS T 88 107.87 15.30 17.74
C CYS T 88 108.12 14.05 18.56
N ILE T 89 107.50 12.96 18.12
CA ILE T 89 107.61 11.68 18.83
C ILE T 89 108.78 10.86 18.30
N GLY T 90 108.87 10.67 16.99
CA GLY T 90 109.93 9.87 16.41
C GLY T 90 110.81 10.65 15.45
N PRO T 91 111.94 10.06 15.07
CA PRO T 91 112.85 10.76 14.15
C PRO T 91 112.27 10.92 12.76
N ASN T 92 111.48 9.94 12.29
CA ASN T 92 110.84 10.07 10.99
C ASN T 92 109.97 11.32 10.92
N VAL T 93 109.21 11.57 11.98
CA VAL T 93 108.38 12.78 12.04
C VAL T 93 109.24 14.02 11.97
N LEU T 94 110.36 14.04 12.70
CA LEU T 94 111.22 15.22 12.70
C LEU T 94 111.78 15.48 11.30
N MET T 95 112.22 14.42 10.62
CA MET T 95 112.77 14.60 9.27
C MET T 95 111.70 15.09 8.30
N VAL T 96 110.54 14.43 8.28
CA VAL T 96 109.47 14.84 7.39
C VAL T 96 109.04 16.27 7.69
N HIS T 97 109.15 16.69 8.96
CA HIS T 97 108.81 18.06 9.31
C HIS T 97 109.85 19.03 8.75
N LYS T 98 111.13 18.77 9.01
CA LYS T 98 112.18 19.58 8.42
C LYS T 98 111.98 19.73 6.92
N ARG T 99 111.44 18.70 6.26
CA ARG T 99 111.20 18.81 4.82
C ARG T 99 110.19 19.89 4.46
N SER T 100 109.47 20.46 5.43
CA SER T 100 108.47 21.48 5.11
C SER T 100 109.04 22.89 5.12
N HIS T 101 110.14 23.12 5.83
CA HIS T 101 110.81 24.41 5.89
C HIS T 101 111.44 24.82 4.56
N THR T 102 111.15 24.11 3.48
CA THR T 102 111.77 24.33 2.17
C THR T 102 111.37 25.68 1.53
N GLY T 103 110.61 26.51 2.25
CA GLY T 103 110.18 27.79 1.71
C GLY T 103 110.53 28.94 2.65
N GLU T 104 110.65 30.13 2.06
CA GLU T 104 111.00 31.33 2.79
C GLU T 104 109.86 31.72 3.73
N ARG T 105 110.10 32.76 4.53
CA ARG T 105 109.22 33.13 5.62
C ARG T 105 108.76 31.84 6.32
N PRO T 106 109.70 31.04 6.82
CA PRO T 106 109.45 29.62 7.12
C PRO T 106 108.74 29.31 8.43
N PHE T 107 108.50 30.28 9.31
CA PHE T 107 107.85 30.03 10.59
C PHE T 107 106.33 30.05 10.39
N HIS T 108 105.71 28.88 10.41
CA HIS T 108 104.28 28.74 10.17
C HIS T 108 103.55 28.42 11.47
N CYS T 109 102.27 28.78 11.50
CA CYS T 109 101.38 28.46 12.61
C CYS T 109 100.54 27.25 12.23
N ASN T 110 100.46 26.27 13.14
CA ASN T 110 99.70 25.05 12.85
C ASN T 110 98.20 25.27 12.93
N GLN T 111 97.75 26.35 13.58
CA GLN T 111 96.32 26.55 13.77
C GLN T 111 95.66 27.13 12.52
N CYS T 112 96.32 28.08 11.85
CA CYS T 112 95.73 28.73 10.68
C CYS T 112 96.65 28.74 9.46
N GLY T 113 97.93 28.46 9.60
CA GLY T 113 98.85 28.50 8.48
C GLY T 113 99.52 29.84 8.25
N ALA T 114 99.51 30.73 9.24
CA ALA T 114 100.13 32.04 9.09
C ALA T 114 101.65 31.91 9.11
N SER T 115 102.29 32.37 8.05
CA SER T 115 103.75 32.33 7.94
C SER T 115 104.35 33.65 8.41
N PHE T 116 105.54 33.55 9.01
CA PHE T 116 106.23 34.72 9.53
C PHE T 116 107.71 34.62 9.22
N THR T 117 108.33 35.79 9.02
CA THR T 117 109.74 35.84 8.65
C THR T 117 110.66 35.63 9.85
N GLN T 118 110.15 35.81 11.07
CA GLN T 118 110.94 35.60 12.28
C GLN T 118 110.13 34.78 13.27
N LYS T 119 110.84 34.03 14.11
CA LYS T 119 110.17 33.14 15.06
C LYS T 119 109.41 33.92 16.14
N GLY T 120 109.94 35.06 16.57
CA GLY T 120 109.27 35.81 17.62
C GLY T 120 107.90 36.31 17.20
N ASN T 121 107.77 36.71 15.93
CA ASN T 121 106.46 37.08 15.41
C ASN T 121 105.50 35.90 15.47
N LEU T 122 105.98 34.70 15.12
CA LEU T 122 105.13 33.52 15.18
C LEU T 122 104.71 33.22 16.62
N LEU T 123 105.63 33.38 17.58
CA LEU T 123 105.28 33.19 18.97
C LEU T 123 104.20 34.16 19.41
N ARG T 124 104.33 35.43 19.01
CA ARG T 124 103.30 36.40 19.35
C ARG T 124 101.96 36.04 18.73
N HIS T 125 101.97 35.58 17.48
CA HIS T 125 100.73 35.19 16.81
C HIS T 125 100.06 34.03 17.55
N ILE T 126 100.82 32.98 17.85
CA ILE T 126 100.26 31.84 18.54
C ILE T 126 99.77 32.24 19.92
N LYS T 127 100.44 33.20 20.57
CA LYS T 127 99.94 33.71 21.83
C LYS T 127 98.61 34.42 21.65
N LEU T 128 98.47 35.16 20.56
CA LEU T 128 97.19 35.81 20.24
C LEU T 128 96.09 34.79 19.99
N HIS T 129 96.45 33.56 19.61
CA HIS T 129 95.43 32.53 19.44
C HIS T 129 94.79 32.14 20.77
N SER T 130 95.60 31.88 21.80
CA SER T 130 95.09 31.32 23.06
C SER T 130 94.42 32.39 23.91
N GLY T 131 95.12 32.88 24.94
CA GLY T 131 94.64 34.03 25.71
C GLY T 131 94.49 35.29 24.90
N GLU T 132 94.98 35.31 23.67
CA GLU T 132 94.79 36.42 22.73
C GLU T 132 95.10 37.75 23.40
N LYS T 133 94.07 38.47 23.84
CA LYS T 133 94.25 39.75 24.50
C LYS T 133 94.72 40.80 23.50
N ASN U 76 118.09 -130.86 34.55
CA ASN U 76 118.55 -130.45 33.23
C ASN U 76 117.80 -129.21 32.75
N GLY U 77 118.55 -128.19 32.34
CA GLY U 77 117.96 -126.97 31.83
C GLY U 77 117.28 -127.18 30.49
N LYS U 78 115.94 -127.12 30.49
CA LYS U 78 115.17 -127.33 29.28
C LYS U 78 115.42 -126.22 28.27
N LEU U 79 114.40 -125.42 27.97
CA LEU U 79 114.51 -124.34 27.01
C LEU U 79 114.30 -123.01 27.73
N LYS U 80 115.20 -122.07 27.54
CA LYS U 80 115.15 -120.76 28.17
C LYS U 80 115.39 -119.68 27.14
N CYS U 81 114.60 -118.61 27.22
CA CYS U 81 114.68 -117.53 26.25
C CYS U 81 115.92 -116.68 26.47
N ASP U 82 116.50 -116.21 25.37
CA ASP U 82 117.66 -115.32 25.48
C ASP U 82 117.26 -113.90 25.85
N VAL U 83 116.19 -113.39 25.25
CA VAL U 83 115.85 -111.98 25.40
C VAL U 83 115.22 -111.71 26.77
N CYS U 84 114.31 -112.56 27.23
CA CYS U 84 113.63 -112.34 28.51
C CYS U 84 113.97 -113.38 29.57
N GLY U 85 114.55 -114.50 29.19
CA GLY U 85 114.95 -115.49 30.16
C GLY U 85 113.84 -116.34 30.73
N MET U 86 112.70 -116.43 30.05
CA MET U 86 111.61 -117.28 30.53
C MET U 86 111.92 -118.74 30.27
N VAL U 87 111.51 -119.60 31.19
CA VAL U 87 111.71 -121.03 31.07
C VAL U 87 110.48 -121.65 30.42
N CYS U 88 110.70 -122.58 29.50
CA CYS U 88 109.62 -123.21 28.76
C CYS U 88 109.79 -124.73 28.78
N ILE U 89 108.69 -125.43 28.49
CA ILE U 89 108.69 -126.88 28.54
C ILE U 89 109.22 -127.46 27.22
N GLY U 90 108.64 -127.03 26.11
CA GLY U 90 109.00 -127.57 24.81
C GLY U 90 109.49 -126.52 23.83
N PRO U 91 110.11 -126.97 22.74
CA PRO U 91 110.66 -126.01 21.78
C PRO U 91 109.59 -125.19 21.06
N ASN U 92 108.41 -125.77 20.83
CA ASN U 92 107.33 -125.00 20.22
C ASN U 92 106.97 -123.80 21.07
N VAL U 93 106.91 -123.98 22.40
CA VAL U 93 106.57 -122.88 23.28
C VAL U 93 107.60 -121.77 23.16
N LEU U 94 108.88 -122.13 23.12
CA LEU U 94 109.93 -121.11 23.00
C LEU U 94 109.86 -120.39 21.67
N MET U 95 109.63 -121.14 20.58
CA MET U 95 109.55 -120.50 19.26
C MET U 95 108.34 -119.57 19.17
N VAL U 96 107.24 -119.91 19.85
CA VAL U 96 106.08 -119.02 19.85
C VAL U 96 106.34 -117.81 20.72
N HIS U 97 107.06 -118.01 21.84
CA HIS U 97 107.36 -116.90 22.74
C HIS U 97 108.30 -115.90 22.09
N LYS U 98 109.26 -116.37 21.28
CA LYS U 98 110.21 -115.45 20.66
C LYS U 98 109.53 -114.49 19.71
N ARG U 99 108.40 -114.88 19.11
CA ARG U 99 107.68 -113.96 18.25
C ARG U 99 107.13 -112.77 19.01
N SER U 100 106.97 -112.88 20.33
CA SER U 100 106.48 -111.77 21.13
C SER U 100 107.57 -110.71 21.34
N HIS U 101 108.81 -111.14 21.50
CA HIS U 101 109.89 -110.19 21.70
C HIS U 101 110.13 -109.36 20.44
N THR U 102 110.14 -110.00 19.27
CA THR U 102 110.47 -109.35 18.02
C THR U 102 109.21 -109.03 17.22
N GLY U 103 109.36 -108.81 15.92
CA GLY U 103 108.25 -108.55 15.04
C GLY U 103 107.96 -109.75 14.17
N GLU U 104 106.68 -109.92 13.84
CA GLU U 104 106.21 -111.04 13.03
C GLU U 104 104.69 -111.00 13.01
N ARG U 105 104.10 -111.16 14.19
CA ARG U 105 102.66 -110.98 14.42
C ARG U 105 101.85 -111.57 13.26
N PRO U 106 101.93 -112.89 13.04
CA PRO U 106 101.19 -113.51 11.94
C PRO U 106 99.71 -113.71 12.22
N PHE U 107 99.27 -113.56 13.46
CA PHE U 107 97.87 -113.74 13.83
C PHE U 107 97.13 -112.44 13.58
N HIS U 108 96.38 -112.38 12.49
CA HIS U 108 95.67 -111.18 12.08
C HIS U 108 94.16 -111.35 12.28
N CYS U 109 93.49 -110.24 12.58
CA CYS U 109 92.04 -110.22 12.70
C CYS U 109 91.42 -109.78 11.38
N ASN U 110 90.44 -110.55 10.90
CA ASN U 110 89.83 -110.26 9.60
C ASN U 110 88.89 -109.07 9.66
N GLN U 111 88.47 -108.64 10.85
CA GLN U 111 87.50 -107.56 10.93
C GLN U 111 88.16 -106.20 10.81
N CYS U 112 89.34 -106.03 11.42
CA CYS U 112 90.01 -104.74 11.44
C CYS U 112 91.50 -104.80 11.11
N GLY U 113 92.09 -105.98 10.95
CA GLY U 113 93.48 -106.08 10.60
C GLY U 113 94.46 -106.00 11.75
N ALA U 114 93.98 -106.09 12.98
CA ALA U 114 94.85 -106.02 14.15
C ALA U 114 95.76 -107.24 14.19
N SER U 115 97.06 -107.03 14.06
CA SER U 115 98.03 -108.11 14.11
C SER U 115 98.44 -108.37 15.56
N PHE U 116 98.57 -109.65 15.91
CA PHE U 116 98.95 -110.04 17.26
C PHE U 116 100.09 -111.04 17.21
N THR U 117 100.83 -111.12 18.32
CA THR U 117 102.01 -111.96 18.39
C THR U 117 101.72 -113.37 18.89
N GLN U 118 100.60 -113.58 19.56
CA GLN U 118 100.18 -114.92 19.97
C GLN U 118 98.70 -115.09 19.66
N LYS U 119 98.30 -116.35 19.44
CA LYS U 119 96.94 -116.60 18.99
C LYS U 119 95.92 -116.25 20.07
N GLY U 120 96.28 -116.46 21.34
CA GLY U 120 95.35 -116.17 22.42
C GLY U 120 94.98 -114.70 22.49
N ASN U 121 95.95 -113.82 22.25
CA ASN U 121 95.65 -112.39 22.19
C ASN U 121 94.68 -112.10 21.06
N LEU U 122 94.88 -112.72 19.89
CA LEU U 122 93.97 -112.50 18.78
C LEU U 122 92.57 -112.98 19.12
N LEU U 123 92.45 -114.11 19.81
CA LEU U 123 91.13 -114.60 20.22
C LEU U 123 90.46 -113.62 21.18
N ARG U 124 91.22 -113.11 22.16
CA ARG U 124 90.65 -112.11 23.07
C ARG U 124 90.20 -110.87 22.31
N HIS U 125 90.97 -110.46 21.30
CA HIS U 125 90.61 -109.30 20.51
C HIS U 125 89.31 -109.54 19.74
N ILE U 126 89.22 -110.67 19.05
CA ILE U 126 88.03 -110.97 18.26
C ILE U 126 86.83 -111.14 19.18
N LYS U 127 87.05 -111.58 20.42
CA LYS U 127 85.96 -111.61 21.39
C LYS U 127 85.53 -110.20 21.77
N LEU U 128 86.49 -109.30 21.95
CA LEU U 128 86.16 -107.90 22.20
C LEU U 128 85.29 -107.35 21.09
N HIS U 129 85.54 -107.78 19.86
CA HIS U 129 84.70 -107.32 18.75
C HIS U 129 83.24 -107.66 18.97
N SER U 130 82.94 -108.78 19.63
CA SER U 130 81.56 -109.19 19.81
C SER U 130 80.81 -108.23 20.72
N GLY U 131 81.41 -107.85 21.84
CA GLY U 131 80.78 -106.93 22.77
C GLY U 131 79.74 -107.58 23.67
N ASN V 76 -101.74 -59.88 -19.65
CA ASN V 76 -102.38 -58.57 -19.61
C ASN V 76 -101.40 -57.50 -19.14
N GLY V 77 -101.21 -56.46 -19.95
CA GLY V 77 -100.38 -55.33 -19.58
C GLY V 77 -101.17 -54.03 -19.58
N LYS V 78 -101.49 -53.50 -18.41
CA LYS V 78 -102.42 -52.39 -18.30
C LYS V 78 -101.74 -51.04 -18.29
N LEU V 79 -100.45 -50.96 -17.98
CA LEU V 79 -99.72 -49.70 -17.95
C LEU V 79 -98.91 -49.57 -19.23
N LYS V 80 -99.16 -48.49 -19.96
CA LYS V 80 -98.47 -48.20 -21.22
C LYS V 80 -97.82 -46.84 -21.14
N CYS V 81 -96.60 -46.74 -21.68
CA CYS V 81 -95.84 -45.50 -21.66
C CYS V 81 -96.36 -44.52 -22.70
N ASP V 82 -96.38 -43.23 -22.34
CA ASP V 82 -96.86 -42.21 -23.25
C ASP V 82 -95.86 -41.89 -24.34
N VAL V 83 -94.56 -42.01 -24.05
CA VAL V 83 -93.53 -41.59 -24.99
C VAL V 83 -93.29 -42.67 -26.05
N CYS V 84 -92.88 -43.86 -25.61
CA CYS V 84 -92.55 -44.92 -26.55
C CYS V 84 -93.66 -45.94 -26.75
N GLY V 85 -94.62 -46.02 -25.81
CA GLY V 85 -95.74 -46.92 -25.97
C GLY V 85 -95.49 -48.34 -25.50
N MET V 86 -94.44 -48.57 -24.72
CA MET V 86 -94.16 -49.91 -24.23
C MET V 86 -95.17 -50.34 -23.18
N VAL V 87 -95.41 -51.64 -23.11
CA VAL V 87 -96.36 -52.22 -22.16
C VAL V 87 -95.59 -52.77 -20.97
N CYS V 88 -96.11 -52.53 -19.77
CA CYS V 88 -95.48 -52.95 -18.53
C CYS V 88 -96.47 -53.65 -17.64
N ILE V 89 -95.94 -54.44 -16.69
CA ILE V 89 -96.80 -55.22 -15.79
C ILE V 89 -97.25 -54.37 -14.61
N GLY V 90 -96.31 -53.71 -13.94
CA GLY V 90 -96.62 -52.95 -12.75
C GLY V 90 -96.20 -51.49 -12.87
N PRO V 91 -96.77 -50.65 -11.99
CA PRO V 91 -96.44 -49.21 -12.08
C PRO V 91 -95.00 -48.92 -11.76
N ASN V 92 -94.34 -49.73 -10.93
CA ASN V 92 -92.93 -49.52 -10.67
C ASN V 92 -92.10 -49.64 -11.94
N VAL V 93 -92.43 -50.63 -12.78
CA VAL V 93 -91.69 -50.80 -14.04
C VAL V 93 -91.86 -49.58 -14.93
N LEU V 94 -93.08 -49.04 -15.01
CA LEU V 94 -93.32 -47.88 -15.87
C LEU V 94 -92.60 -46.64 -15.33
N MET V 95 -92.64 -46.43 -14.02
CA MET V 95 -91.95 -45.28 -13.42
C MET V 95 -90.44 -45.38 -13.61
N VAL V 96 -89.89 -46.60 -13.57
CA VAL V 96 -88.46 -46.78 -13.81
C VAL V 96 -88.15 -46.58 -15.29
N HIS V 97 -89.06 -47.00 -16.18
CA HIS V 97 -88.83 -46.87 -17.61
C HIS V 97 -88.88 -45.42 -18.06
N LYS V 98 -89.73 -44.61 -17.43
CA LYS V 98 -89.79 -43.19 -17.80
C LYS V 98 -88.51 -42.46 -17.43
N ARG V 99 -87.82 -42.90 -16.38
CA ARG V 99 -86.51 -42.33 -16.09
C ARG V 99 -85.53 -42.56 -17.24
N SER V 100 -85.79 -43.55 -18.09
CA SER V 100 -84.93 -43.78 -19.25
C SER V 100 -85.12 -42.70 -20.31
N HIS V 101 -86.36 -42.26 -20.53
CA HIS V 101 -86.65 -41.32 -21.60
C HIS V 101 -86.02 -39.96 -21.36
N THR V 102 -86.51 -39.24 -20.35
CA THR V 102 -86.15 -37.84 -20.17
C THR V 102 -84.81 -37.66 -19.47
N GLY V 103 -84.62 -36.52 -18.82
CA GLY V 103 -83.34 -36.18 -18.22
C GLY V 103 -83.09 -36.72 -16.83
N GLU V 104 -83.97 -37.57 -16.31
CA GLU V 104 -83.79 -38.15 -14.99
C GLU V 104 -82.67 -39.17 -15.06
N ARG V 105 -81.44 -38.67 -15.01
CA ARG V 105 -80.25 -39.51 -15.02
C ARG V 105 -79.72 -39.60 -13.59
N PRO V 106 -80.30 -40.46 -12.75
CA PRO V 106 -79.94 -40.49 -11.32
C PRO V 106 -78.86 -41.49 -10.96
N PHE V 107 -78.49 -42.40 -11.85
CA PHE V 107 -77.46 -43.40 -11.58
C PHE V 107 -76.10 -42.82 -11.95
N HIS V 108 -75.36 -42.33 -10.94
CA HIS V 108 -74.08 -41.69 -11.15
C HIS V 108 -72.94 -42.64 -10.81
N CYS V 109 -71.80 -42.44 -11.48
CA CYS V 109 -70.60 -43.21 -11.21
C CYS V 109 -69.73 -42.48 -10.21
N ASN V 110 -69.31 -43.17 -9.16
CA ASN V 110 -68.50 -42.55 -8.13
C ASN V 110 -67.06 -42.32 -8.56
N GLN V 111 -66.63 -42.92 -9.67
CA GLN V 111 -65.25 -42.79 -10.12
C GLN V 111 -65.04 -41.59 -11.03
N CYS V 112 -65.97 -41.33 -11.96
CA CYS V 112 -65.84 -40.22 -12.89
C CYS V 112 -67.03 -39.29 -12.94
N GLY V 113 -68.17 -39.65 -12.34
CA GLY V 113 -69.33 -38.79 -12.37
C GLY V 113 -70.24 -38.98 -13.57
N ALA V 114 -70.06 -40.05 -14.34
CA ALA V 114 -70.88 -40.31 -15.52
C ALA V 114 -72.32 -40.58 -15.10
N SER V 115 -73.23 -39.69 -15.48
CA SER V 115 -74.64 -39.85 -15.17
C SER V 115 -75.30 -40.72 -16.24
N PHE V 116 -76.14 -41.66 -15.81
CA PHE V 116 -76.82 -42.56 -16.72
C PHE V 116 -78.30 -42.57 -16.44
N THR V 117 -79.07 -43.01 -17.45
CA THR V 117 -80.52 -42.99 -17.37
C THR V 117 -81.10 -44.29 -16.85
N GLN V 118 -80.38 -45.40 -17.02
CA GLN V 118 -80.79 -46.69 -16.50
C GLN V 118 -79.64 -47.29 -15.70
N LYS V 119 -80.00 -48.06 -14.67
CA LYS V 119 -78.98 -48.64 -13.79
C LYS V 119 -78.08 -49.63 -14.53
N GLY V 120 -78.62 -50.35 -15.52
CA GLY V 120 -77.81 -51.30 -16.25
C GLY V 120 -76.71 -50.64 -17.05
N ASN V 121 -77.01 -49.47 -17.64
CA ASN V 121 -75.97 -48.71 -18.34
C ASN V 121 -74.86 -48.31 -17.37
N LEU V 122 -75.23 -47.91 -16.15
CA LEU V 122 -74.22 -47.57 -15.15
C LEU V 122 -73.39 -48.78 -14.78
N LEU V 123 -74.03 -49.96 -14.67
CA LEU V 123 -73.28 -51.17 -14.38
C LEU V 123 -72.27 -51.47 -15.48
N ARG V 124 -72.71 -51.36 -16.74
CA ARG V 124 -71.79 -51.56 -17.85
C ARG V 124 -70.64 -50.57 -17.81
N HIS V 125 -70.94 -49.31 -17.47
CA HIS V 125 -69.90 -48.28 -17.39
C HIS V 125 -68.88 -48.61 -16.30
N ILE V 126 -69.36 -48.96 -15.11
CA ILE V 126 -68.45 -49.27 -14.03
C ILE V 126 -67.68 -50.55 -14.31
N LYS V 127 -68.25 -51.45 -15.13
CA LYS V 127 -67.48 -52.61 -15.58
C LYS V 127 -66.38 -52.20 -16.54
N LEU V 128 -66.67 -51.23 -17.41
CA LEU V 128 -65.65 -50.69 -18.30
C LEU V 128 -64.50 -50.07 -17.54
N HIS V 129 -64.80 -49.47 -16.38
CA HIS V 129 -63.72 -48.90 -15.57
C HIS V 129 -62.69 -49.95 -15.15
N SER V 130 -63.12 -51.19 -14.92
CA SER V 130 -62.19 -52.20 -14.40
C SER V 130 -61.11 -52.54 -15.42
N GLY V 131 -61.51 -52.79 -16.66
CA GLY V 131 -60.56 -53.12 -17.72
C GLY V 131 -60.17 -54.59 -17.76
N ASN W 76 -94.27 -33.29 -9.42
CA ASN W 76 -94.08 -32.42 -8.27
C ASN W 76 -92.61 -31.99 -8.15
N GLY W 77 -91.75 -32.53 -9.00
CA GLY W 77 -90.33 -32.28 -8.89
C GLY W 77 -89.83 -32.68 -7.53
N LYS W 78 -90.02 -33.95 -7.19
CA LYS W 78 -89.84 -34.46 -5.83
C LYS W 78 -88.95 -35.70 -5.85
N LEU W 79 -88.11 -35.82 -4.82
CA LEU W 79 -87.36 -37.04 -4.55
C LEU W 79 -87.70 -37.52 -3.15
N LYS W 80 -88.27 -38.72 -3.05
CA LYS W 80 -88.71 -39.27 -1.78
C LYS W 80 -87.87 -40.49 -1.43
N CYS W 81 -87.42 -40.55 -0.18
CA CYS W 81 -86.63 -41.69 0.30
C CYS W 81 -87.53 -42.90 0.53
N ASP W 82 -86.99 -44.08 0.24
CA ASP W 82 -87.75 -45.32 0.44
C ASP W 82 -87.74 -45.76 1.90
N VAL W 83 -86.64 -45.54 2.61
CA VAL W 83 -86.53 -46.01 3.98
C VAL W 83 -87.39 -45.18 4.92
N CYS W 84 -87.26 -43.84 4.87
CA CYS W 84 -87.98 -42.99 5.79
C CYS W 84 -89.10 -42.19 5.15
N GLY W 85 -89.12 -42.08 3.83
CA GLY W 85 -90.16 -41.31 3.17
C GLY W 85 -89.99 -39.80 3.25
N MET W 86 -88.78 -39.32 3.50
CA MET W 86 -88.53 -37.89 3.56
C MET W 86 -88.51 -37.30 2.14
N VAL W 87 -88.98 -36.06 2.03
CA VAL W 87 -89.02 -35.37 0.74
C VAL W 87 -87.76 -34.54 0.60
N CYS W 88 -87.15 -34.60 -0.58
CA CYS W 88 -85.92 -33.88 -0.87
C CYS W 88 -86.08 -33.08 -2.16
N ILE W 89 -85.18 -32.13 -2.36
CA ILE W 89 -85.27 -31.22 -3.51
C ILE W 89 -84.41 -31.70 -4.67
N GLY W 90 -83.15 -32.07 -4.39
CA GLY W 90 -82.27 -32.57 -5.41
C GLY W 90 -81.83 -33.99 -5.15
N PRO W 91 -81.35 -34.68 -6.18
CA PRO W 91 -80.84 -36.05 -5.98
C PRO W 91 -79.62 -36.11 -5.06
N ASN W 92 -78.79 -35.06 -5.06
CA ASN W 92 -77.65 -35.05 -4.13
C ASN W 92 -78.12 -35.16 -2.69
N VAL W 93 -79.16 -34.40 -2.33
CA VAL W 93 -79.67 -34.42 -0.96
C VAL W 93 -80.13 -35.83 -0.60
N LEU W 94 -80.82 -36.50 -1.52
CA LEU W 94 -81.31 -37.85 -1.24
C LEU W 94 -80.16 -38.83 -1.08
N MET W 95 -79.19 -38.78 -2.00
CA MET W 95 -78.03 -39.66 -1.90
C MET W 95 -77.31 -39.46 -0.57
N VAL W 96 -77.14 -38.21 -0.14
CA VAL W 96 -76.44 -37.96 1.12
C VAL W 96 -77.28 -38.45 2.30
N HIS W 97 -78.60 -38.19 2.26
CA HIS W 97 -79.49 -38.66 3.33
C HIS W 97 -79.44 -40.17 3.48
N LYS W 98 -79.25 -40.89 2.38
CA LYS W 98 -79.30 -42.34 2.46
C LYS W 98 -78.13 -42.94 3.24
N ARG W 99 -76.99 -42.25 3.31
CA ARG W 99 -75.87 -42.81 4.08
C ARG W 99 -76.15 -42.79 5.58
N SER W 100 -76.84 -41.76 6.08
CA SER W 100 -77.15 -41.70 7.51
C SER W 100 -77.94 -42.92 7.98
N HIS W 101 -78.65 -43.60 7.08
CA HIS W 101 -79.45 -44.75 7.49
C HIS W 101 -78.57 -45.91 7.95
N THR W 102 -77.44 -46.13 7.27
CA THR W 102 -76.50 -47.21 7.55
C THR W 102 -77.22 -48.46 8.07
N GLY W 103 -77.03 -48.81 9.34
CA GLY W 103 -77.57 -50.06 9.85
C GLY W 103 -77.86 -50.03 11.34
N GLU W 104 -78.55 -51.09 11.77
CA GLU W 104 -78.97 -51.27 13.16
C GLU W 104 -79.81 -50.09 13.63
N ARG W 105 -81.10 -50.33 13.87
CA ARG W 105 -82.06 -49.26 14.17
C ARG W 105 -81.87 -48.10 13.18
N PRO W 106 -82.06 -48.35 11.89
CA PRO W 106 -81.72 -47.32 10.88
C PRO W 106 -82.78 -46.25 10.70
N PHE W 107 -83.97 -46.40 11.27
CA PHE W 107 -85.03 -45.42 11.13
C PHE W 107 -84.88 -44.36 12.23
N HIS W 108 -84.44 -43.17 11.85
CA HIS W 108 -84.18 -42.09 12.79
C HIS W 108 -85.23 -40.99 12.64
N CYS W 109 -85.42 -40.24 13.73
CA CYS W 109 -86.34 -39.11 13.76
C CYS W 109 -85.54 -37.82 13.67
N ASN W 110 -85.99 -36.90 12.80
CA ASN W 110 -85.28 -35.65 12.59
C ASN W 110 -85.52 -34.63 13.70
N GLN W 111 -86.57 -34.81 14.49
CA GLN W 111 -86.88 -33.82 15.51
C GLN W 111 -86.07 -34.04 16.79
N CYS W 112 -85.84 -35.30 17.17
CA CYS W 112 -85.12 -35.60 18.40
C CYS W 112 -84.04 -36.67 18.26
N GLY W 113 -83.98 -37.38 17.14
CA GLY W 113 -82.96 -38.38 16.90
C GLY W 113 -83.25 -39.77 17.45
N ALA W 114 -84.52 -40.07 17.77
CA ALA W 114 -84.86 -41.38 18.28
C ALA W 114 -84.71 -42.44 17.19
N SER W 115 -83.90 -43.45 17.47
CA SER W 115 -83.66 -44.52 16.50
C SER W 115 -84.62 -45.67 16.75
N PHE W 116 -85.06 -46.31 15.67
CA PHE W 116 -86.01 -47.40 15.77
C PHE W 116 -85.59 -48.54 14.85
N THR W 117 -86.01 -49.75 15.22
CA THR W 117 -85.66 -50.94 14.46
C THR W 117 -86.59 -51.17 13.28
N GLN W 118 -87.80 -50.60 13.29
CA GLN W 118 -88.75 -50.74 12.21
C GLN W 118 -89.34 -49.37 11.87
N LYS W 119 -89.80 -49.23 10.63
CA LYS W 119 -90.27 -47.94 10.16
C LYS W 119 -91.60 -47.55 10.81
N GLY W 120 -92.47 -48.52 11.07
CA GLY W 120 -93.75 -48.20 11.68
C GLY W 120 -93.60 -47.57 13.06
N ASN W 121 -92.64 -48.06 13.85
CA ASN W 121 -92.38 -47.45 15.14
C ASN W 121 -91.97 -45.99 14.97
N LEU W 122 -91.12 -45.70 13.98
CA LEU W 122 -90.71 -44.33 13.74
C LEU W 122 -91.89 -43.46 13.32
N LEU W 123 -92.79 -44.01 12.50
CA LEU W 123 -93.98 -43.25 12.12
C LEU W 123 -94.83 -42.93 13.34
N ARG W 124 -95.02 -43.92 14.23
CA ARG W 124 -95.78 -43.67 15.45
C ARG W 124 -95.11 -42.60 16.30
N HIS W 125 -93.78 -42.63 16.39
CA HIS W 125 -93.06 -41.63 17.17
C HIS W 125 -93.25 -40.24 16.59
N ILE W 126 -93.06 -40.10 15.28
CA ILE W 126 -93.20 -38.78 14.67
C ILE W 126 -94.63 -38.29 14.77
N LYS W 127 -95.61 -39.20 14.75
CA LYS W 127 -96.98 -38.79 15.03
C LYS W 127 -97.14 -38.33 16.48
N LEU W 128 -96.42 -38.97 17.41
CA LEU W 128 -96.41 -38.52 18.79
C LEU W 128 -95.90 -37.09 18.91
N HIS W 129 -94.97 -36.70 18.04
CA HIS W 129 -94.44 -35.33 18.11
C HIS W 129 -95.51 -34.29 17.86
N SER W 130 -96.41 -34.53 16.91
CA SER W 130 -97.48 -33.57 16.63
C SER W 130 -98.41 -33.40 17.82
N GLY W 131 -98.91 -34.52 18.36
CA GLY W 131 -99.75 -34.52 19.56
C GLY W 131 -99.77 -35.95 20.09
N GLU W 132 -100.72 -36.26 20.97
CA GLU W 132 -100.90 -37.64 21.40
C GLU W 132 -102.23 -38.19 20.88
N LYS W 133 -103.00 -38.84 21.76
CA LYS W 133 -104.29 -39.40 21.37
C LYS W 133 -104.09 -40.66 20.54
N PRO W 134 -103.95 -41.82 21.18
CA PRO W 134 -103.56 -43.03 20.44
C PRO W 134 -104.70 -43.78 19.80
N PHE W 135 -105.79 -44.00 20.54
CA PHE W 135 -106.87 -44.89 20.11
C PHE W 135 -108.18 -44.13 20.14
N LYS W 136 -108.77 -43.93 18.96
CA LYS W 136 -110.01 -43.20 18.80
C LYS W 136 -111.16 -44.15 18.50
N CYS W 137 -112.33 -43.83 19.02
CA CYS W 137 -113.52 -44.62 18.74
C CYS W 137 -114.10 -44.24 17.38
N PRO W 138 -114.47 -45.21 16.54
CA PRO W 138 -115.03 -44.88 15.22
C PRO W 138 -116.46 -44.39 15.24
N PHE W 139 -117.17 -44.52 16.38
CA PHE W 139 -118.58 -44.16 16.45
C PHE W 139 -118.86 -42.85 17.20
N CYS W 140 -117.94 -42.39 18.05
CA CYS W 140 -118.11 -41.14 18.79
C CYS W 140 -116.76 -40.44 18.85
N SER W 141 -116.66 -39.43 19.70
CA SER W 141 -115.47 -38.61 19.81
C SER W 141 -114.54 -39.04 20.94
N TYR W 142 -114.82 -40.18 21.59
CA TYR W 142 -114.00 -40.62 22.71
C TYR W 142 -112.68 -41.19 22.21
N ALA W 143 -111.60 -40.82 22.90
CA ALA W 143 -110.27 -41.34 22.63
C ALA W 143 -109.66 -41.83 23.94
N CYS W 144 -108.91 -42.92 23.86
CA CYS W 144 -108.35 -43.57 25.04
C CYS W 144 -106.85 -43.71 24.88
N ARG W 145 -106.16 -43.77 26.03
CA ARG W 145 -104.71 -43.91 26.06
C ARG W 145 -104.22 -45.32 25.77
N ARG W 146 -105.05 -46.35 26.01
CA ARG W 146 -104.67 -47.73 25.75
C ARG W 146 -105.82 -48.45 25.06
N ARG W 147 -105.51 -49.64 24.52
CA ARG W 147 -106.50 -50.39 23.75
C ARG W 147 -107.59 -51.00 24.62
N ASP W 148 -107.24 -51.47 25.82
CA ASP W 148 -108.20 -52.21 26.64
C ASP W 148 -109.41 -51.33 27.00
N ALA W 149 -109.17 -50.08 27.38
CA ALA W 149 -110.27 -49.21 27.76
C ALA W 149 -111.11 -48.81 26.56
N LEU W 150 -110.51 -48.74 25.37
CA LEU W 150 -111.29 -48.49 24.16
C LEU W 150 -112.18 -49.69 23.84
N THR W 151 -111.64 -50.90 23.98
CA THR W 151 -112.48 -52.09 23.79
C THR W 151 -113.61 -52.12 24.80
N GLY W 152 -113.34 -51.69 26.04
CA GLY W 152 -114.40 -51.62 27.03
C GLY W 152 -115.40 -50.52 26.78
N HIS W 153 -114.93 -49.40 26.24
CA HIS W 153 -115.85 -48.33 25.85
C HIS W 153 -116.78 -48.78 24.74
N LEU W 154 -116.33 -49.68 23.86
CA LEU W 154 -117.18 -50.17 22.79
C LEU W 154 -118.43 -50.87 23.30
N ARG W 155 -118.45 -51.25 24.58
CA ARG W 155 -119.65 -51.85 25.16
C ARG W 155 -120.78 -50.85 25.35
N THR W 156 -120.49 -49.55 25.27
CA THR W 156 -121.51 -48.52 25.44
C THR W 156 -122.27 -48.22 24.15
N HIS W 157 -121.76 -48.69 23.01
CA HIS W 157 -122.43 -48.47 21.73
C HIS W 157 -123.30 -49.66 21.33
N SER W 158 -122.91 -50.87 21.70
CA SER W 158 -123.67 -52.06 21.33
C SER W 158 -124.54 -52.52 22.49
N ASN X 76 -29.30 -23.62 120.40
CA ASN X 76 -29.85 -24.16 121.64
C ASN X 76 -31.37 -24.30 121.57
N GLY X 77 -31.85 -25.52 121.84
CA GLY X 77 -33.27 -25.77 121.90
C GLY X 77 -33.69 -26.29 123.26
N LYS X 78 -34.29 -25.42 124.07
CA LYS X 78 -34.57 -25.76 125.46
C LYS X 78 -35.93 -26.41 125.67
N LEU X 79 -36.87 -26.23 124.75
CA LEU X 79 -38.21 -26.80 124.87
C LEU X 79 -38.25 -28.13 124.12
N LYS X 80 -38.56 -29.20 124.83
CA LYS X 80 -38.65 -30.54 124.27
C LYS X 80 -40.03 -31.12 124.51
N CYS X 81 -40.57 -31.79 123.49
CA CYS X 81 -41.90 -32.37 123.60
C CYS X 81 -41.86 -33.67 124.39
N ASP X 82 -42.87 -33.85 125.24
CA ASP X 82 -42.96 -35.08 126.02
C ASP X 82 -43.34 -36.26 125.14
N VAL X 83 -44.26 -36.05 124.21
CA VAL X 83 -44.82 -37.16 123.45
C VAL X 83 -43.83 -37.67 122.40
N CYS X 84 -43.38 -36.77 121.51
CA CYS X 84 -42.49 -37.14 120.43
C CYS X 84 -41.04 -36.72 120.63
N GLY X 85 -40.77 -35.84 121.60
CA GLY X 85 -39.38 -35.53 121.90
C GLY X 85 -38.73 -34.57 120.93
N MET X 86 -39.49 -33.89 120.09
CA MET X 86 -38.90 -32.92 119.17
C MET X 86 -38.45 -31.68 119.92
N VAL X 87 -37.43 -31.03 119.38
CA VAL X 87 -36.86 -29.82 120.00
C VAL X 87 -37.43 -28.60 119.29
N CYS X 88 -37.79 -27.59 120.07
CA CYS X 88 -38.38 -26.37 119.56
C CYS X 88 -37.66 -25.17 120.16
N ILE X 89 -37.89 -24.00 119.55
CA ILE X 89 -37.19 -22.78 119.96
C ILE X 89 -37.97 -22.02 121.02
N GLY X 90 -39.26 -21.78 120.78
CA GLY X 90 -40.07 -21.03 121.71
C GLY X 90 -41.25 -21.84 122.22
N PRO X 91 -41.84 -21.39 123.33
CA PRO X 91 -43.01 -22.11 123.87
C PRO X 91 -44.19 -22.12 122.92
N ASN X 92 -44.33 -21.10 122.07
CA ASN X 92 -45.43 -21.10 121.11
C ASN X 92 -45.33 -22.27 120.15
N VAL X 93 -44.12 -22.54 119.66
CA VAL X 93 -43.93 -23.65 118.73
C VAL X 93 -44.33 -24.97 119.39
N LEU X 94 -43.91 -25.16 120.64
CA LEU X 94 -44.21 -26.41 121.33
C LEU X 94 -45.72 -26.55 121.56
N MET X 95 -46.37 -25.47 122.01
CA MET X 95 -47.80 -25.52 122.24
C MET X 95 -48.55 -25.87 120.97
N VAL X 96 -48.20 -25.23 119.86
CA VAL X 96 -48.87 -25.52 118.60
C VAL X 96 -48.56 -26.94 118.15
N HIS X 97 -47.33 -27.40 118.39
CA HIS X 97 -46.95 -28.76 118.02
C HIS X 97 -47.79 -29.78 118.76
N LYS X 98 -48.08 -29.51 120.02
CA LYS X 98 -48.81 -30.48 120.84
C LYS X 98 -50.22 -30.77 120.31
N ARG X 99 -50.85 -29.90 119.49
CA ARG X 99 -52.18 -30.26 118.98
C ARG X 99 -52.16 -31.22 117.81
N SER X 100 -51.09 -31.24 117.01
CA SER X 100 -51.02 -32.26 115.96
C SER X 100 -51.07 -33.66 116.55
N HIS X 101 -50.70 -33.82 117.81
CA HIS X 101 -50.76 -35.11 118.48
C HIS X 101 -52.21 -35.56 118.73
N THR X 102 -53.03 -34.68 119.32
CA THR X 102 -54.38 -35.03 119.73
C THR X 102 -55.12 -35.84 118.66
N GLY X 103 -55.14 -37.15 118.83
CA GLY X 103 -55.79 -38.03 117.89
C GLY X 103 -55.17 -39.41 117.89
N GLU X 104 -55.82 -40.32 117.16
CA GLU X 104 -55.31 -41.67 117.02
C GLU X 104 -54.05 -41.68 116.16
N ARG X 105 -53.08 -42.51 116.56
CA ARG X 105 -51.79 -42.53 115.88
C ARG X 105 -51.22 -41.13 115.85
N PRO X 106 -50.87 -40.55 117.01
CA PRO X 106 -50.46 -39.14 117.04
C PRO X 106 -49.04 -38.90 116.54
N PHE X 107 -48.20 -39.93 116.50
CA PHE X 107 -46.80 -39.75 116.13
C PHE X 107 -46.65 -39.74 114.61
N HIS X 108 -46.32 -38.59 114.06
CA HIS X 108 -46.18 -38.42 112.62
C HIS X 108 -44.71 -38.19 112.25
N CYS X 109 -44.34 -38.63 111.05
CA CYS X 109 -43.02 -38.35 110.50
C CYS X 109 -43.08 -37.11 109.61
N ASN X 110 -42.18 -36.17 109.85
CA ASN X 110 -42.18 -34.95 109.06
C ASN X 110 -41.70 -35.18 107.63
N GLN X 111 -40.98 -36.27 107.37
CA GLN X 111 -40.43 -36.47 106.04
C GLN X 111 -41.49 -37.00 105.07
N CYS X 112 -42.33 -37.95 105.51
CA CYS X 112 -43.33 -38.52 104.63
C CYS X 112 -44.74 -38.51 105.17
N GLY X 113 -44.94 -38.19 106.45
CA GLY X 113 -46.27 -38.16 107.03
C GLY X 113 -46.77 -39.47 107.59
N ALA X 114 -45.90 -40.46 107.75
CA ALA X 114 -46.33 -41.75 108.30
C ALA X 114 -46.73 -41.59 109.76
N SER X 115 -47.94 -42.03 110.08
CA SER X 115 -48.45 -41.97 111.43
C SER X 115 -48.23 -43.30 112.13
N PHE X 116 -48.03 -43.24 113.44
CA PHE X 116 -47.79 -44.42 114.24
C PHE X 116 -48.54 -44.31 115.56
N THR X 117 -48.83 -45.47 116.15
CA THR X 117 -49.55 -45.53 117.41
C THR X 117 -48.63 -45.39 118.63
N GLN X 118 -47.32 -45.53 118.45
CA GLN X 118 -46.37 -45.39 119.54
C GLN X 118 -45.12 -44.68 119.06
N LYS X 119 -44.45 -44.00 120.01
CA LYS X 119 -43.28 -43.19 119.67
C LYS X 119 -42.13 -44.04 119.15
N GLY X 120 -41.92 -45.21 119.76
CA GLY X 120 -40.81 -46.06 119.35
C GLY X 120 -40.91 -46.49 117.90
N ASN X 121 -42.12 -46.79 117.44
CA ASN X 121 -42.31 -47.13 116.03
C ASN X 121 -41.91 -45.96 115.14
N LEU X 122 -42.28 -44.74 115.53
CA LEU X 122 -41.92 -43.56 114.74
C LEU X 122 -40.42 -43.36 114.71
N LEU X 123 -39.74 -43.56 115.85
CA LEU X 123 -38.29 -43.44 115.86
C LEU X 123 -37.64 -44.46 114.95
N ARG X 124 -38.12 -45.70 115.01
CA ARG X 124 -37.61 -46.73 114.11
C ARG X 124 -37.81 -46.32 112.65
N HIS X 125 -38.97 -45.74 112.35
CA HIS X 125 -39.25 -45.31 110.98
C HIS X 125 -38.29 -44.21 110.54
N ILE X 126 -38.14 -43.19 111.38
CA ILE X 126 -37.26 -42.08 111.00
C ILE X 126 -35.82 -42.57 110.89
N LYS X 127 -35.45 -43.61 111.64
CA LYS X 127 -34.13 -44.20 111.48
C LYS X 127 -34.03 -44.92 110.14
N LEU X 128 -35.09 -45.64 109.75
CA LEU X 128 -35.12 -46.26 108.43
C LEU X 128 -35.00 -45.23 107.31
N HIS X 129 -35.35 -43.98 107.58
CA HIS X 129 -35.17 -42.96 106.56
C HIS X 129 -33.71 -42.65 106.26
N SER X 130 -32.84 -42.73 107.26
CA SER X 130 -31.44 -42.31 107.09
C SER X 130 -30.54 -43.43 106.57
N GLY X 131 -29.58 -43.87 107.39
CA GLY X 131 -28.75 -45.00 107.00
C GLY X 131 -29.58 -46.18 106.53
N GLU X 132 -30.76 -46.36 107.10
CA GLU X 132 -31.76 -47.33 106.65
C GLU X 132 -31.30 -48.78 106.79
N LYS X 133 -30.07 -49.02 107.25
CA LYS X 133 -29.61 -50.38 107.51
C LYS X 133 -30.52 -51.07 108.51
N PRO X 134 -31.17 -52.16 108.12
CA PRO X 134 -32.19 -52.75 108.98
C PRO X 134 -31.62 -53.33 110.26
N PHE X 135 -31.22 -54.60 110.21
CA PHE X 135 -30.67 -55.30 111.37
C PHE X 135 -29.15 -55.40 111.19
N LYS X 136 -28.43 -54.55 111.91
CA LYS X 136 -26.97 -54.50 111.85
C LYS X 136 -26.37 -55.43 112.90
N CYS X 137 -25.22 -55.99 112.56
CA CYS X 137 -24.49 -56.81 113.51
C CYS X 137 -23.64 -55.93 114.41
N PRO X 138 -23.70 -56.09 115.74
CA PRO X 138 -22.87 -55.28 116.63
C PRO X 138 -21.40 -55.68 116.65
N PHE X 139 -21.06 -56.86 116.12
CA PHE X 139 -19.70 -57.38 116.23
C PHE X 139 -18.90 -57.31 114.93
N CYS X 140 -19.55 -57.21 113.77
CA CYS X 140 -18.82 -57.10 112.50
C CYS X 140 -19.38 -56.05 111.56
N SER X 141 -20.60 -55.55 111.78
CA SER X 141 -21.16 -54.42 111.03
C SER X 141 -21.94 -54.87 109.80
N TYR X 142 -22.13 -56.18 109.61
CA TYR X 142 -22.89 -56.66 108.47
C TYR X 142 -24.38 -56.55 108.76
N ALA X 143 -25.14 -56.12 107.75
CA ALA X 143 -26.57 -55.89 107.86
C ALA X 143 -27.32 -57.01 107.17
N CYS X 144 -28.47 -57.38 107.74
CA CYS X 144 -29.32 -58.44 107.20
C CYS X 144 -30.73 -57.93 107.03
N ARG X 145 -31.45 -58.55 106.09
CA ARG X 145 -32.81 -58.11 105.78
C ARG X 145 -33.81 -58.48 106.86
N ARG X 146 -33.53 -59.52 107.65
CA ARG X 146 -34.47 -60.04 108.62
C ARG X 146 -33.80 -60.21 109.98
N ARG X 147 -34.63 -60.30 111.03
CA ARG X 147 -34.12 -60.45 112.38
C ARG X 147 -33.53 -61.85 112.59
N ASP X 148 -34.23 -62.88 112.11
CA ASP X 148 -33.76 -64.25 112.30
C ASP X 148 -32.48 -64.50 111.51
N ALA X 149 -32.36 -63.90 110.32
CA ALA X 149 -31.11 -64.00 109.57
C ALA X 149 -29.95 -63.40 110.37
N LEU X 150 -30.20 -62.27 111.02
CA LEU X 150 -29.16 -61.67 111.87
C LEU X 150 -28.83 -62.56 113.06
N THR X 151 -29.83 -63.23 113.66
CA THR X 151 -29.54 -64.15 114.75
C THR X 151 -28.65 -65.30 114.27
N GLY X 152 -29.00 -65.90 113.14
CA GLY X 152 -28.18 -66.94 112.56
C GLY X 152 -26.76 -66.49 112.29
N HIS X 153 -26.60 -65.27 111.77
CA HIS X 153 -25.27 -64.72 111.53
C HIS X 153 -24.52 -64.50 112.84
N LEU X 154 -25.19 -63.97 113.86
CA LEU X 154 -24.55 -63.76 115.16
C LEU X 154 -24.05 -65.06 115.76
N ARG X 155 -24.74 -66.16 115.50
CA ARG X 155 -24.25 -67.43 116.04
C ARG X 155 -22.97 -67.92 115.35
N THR X 156 -22.44 -67.20 114.36
CA THR X 156 -21.20 -67.62 113.70
C THR X 156 -19.96 -66.97 114.29
N HIS X 157 -20.11 -66.03 115.21
CA HIS X 157 -18.96 -65.39 115.82
C HIS X 157 -18.60 -66.04 117.16
#